data_2WSS
#
_entry.id   2WSS
#
_cell.length_a   158.244
_cell.length_b   231.245
_cell.length_c   286.361
_cell.angle_alpha   90.00
_cell.angle_beta   90.00
_cell.angle_gamma   90.00
#
_symmetry.space_group_name_H-M   'P 21 21 21'
#
loop_
_entity.id
_entity.type
_entity.pdbx_description
1 polymer 'ATP SYNTHASE SUBUNIT ALPHA, MITOCHONDRIAL'
2 polymer 'ATP SYNTHASE SUBUNIT BETA, MITOCHONDRIAL'
3 polymer 'ATP SYNTHASE SUBUNIT GAMMA, MITOCHONDRIAL'
4 polymer 'ATP SYNTHASE SUBUNIT DELTA, MITOCHONDRIAL'
5 polymer 'ATP SYNTHASE SUBUNIT EPSILON, MITOCHONDRIAL'
6 polymer 'ATP SYNTHASE SUBUNIT O, MITOCHONDRIAL'
7 polymer 'ATP SYNTHASE SUBUNIT B, MITOCHONDRIAL'
8 polymer 'ATP SYNTHASE SUBUNIT D, MITOCHONDRIAL'
9 polymer 'ATP SYNTHASE-COUPLING FACTOR 6, MITOCHONDRIAL'
10 non-polymer 'PHOSPHOAMINOPHOSPHONIC ACID-ADENYLATE ESTER'
11 non-polymer 'MAGNESIUM ION'
12 non-polymer "ADENOSINE-5'-DIPHOSPHATE"
#
loop_
_entity_poly.entity_id
_entity_poly.type
_entity_poly.pdbx_seq_one_letter_code
_entity_poly.pdbx_strand_id
1 'polypeptide(L)'
;QKTGTAEVSSILEERILGADTSVDLEETGRVLSIGDGIARVHGLRNVQAEEMVEFSSGLKGMSLNLEPDNVGVVVFGNDK
LIKEGDIVKRTGAIVDVPVGEELLGRVVDALGNAIDGKGPIGSKARRRVGLKAPGIIPRISVREPMQTGIKAVDSLVPIG
RGQRELIIGDRQTGKTSIAIDTIINQKRFNDGTDEKKKLYCIYVAIGQKRSTVAQLVKRLTDADAMKYTIVVSATASDAA
PLQYLAPYSGCSMGEYFRDNGKHALIIYDDLSKQAVAYRQMSLLLRRPPGREAYPGDVFYLHSRLLERAAKMNDAFGGGS
LTALPVIETQAGDVSAYIPTNVISITDGQIFLETELFYKGIRPAINVGLSVSRVGSAAQTRAMKQVAGTMKLELAQYREV
AAFAQFGSDLDAATQQLLSRGVRLTELLKQGQYSPMAIEEQVAVIYAGVRGYLDKLEPSKITKFENAFLSHVISQHQALL
GKIRTDGKISEESDAKLKEIVTNFLAGFEA
;
A,B,C,J,K,L
2 'polypeptide(L)'
;AAQASPSPKAGATTGRIVAVIGAVVDVQFDEGLPPILNALEVQGRETRLVLEVAQHLGESTVRTIAMDGTEGLVRGQKVL
DSGAPIRIPVGPETLGRIMNVIGEPIDERGPIKTKQFAAIHAEAPEFVEMSVEQEILVTGIKVVDLLAPYAKGGKIGLFG
GAGVGKTVLIMELINNVAKAHGGYSVFAGVGERTREGNDLYHEMIESGVINLKDATSKVALVYGQMNEPPGARARVALTG
LTVAEYFRDQEGQDVLLFIDNIFRFTQAGSEVSALLGRIPSAVGYQPTLATDMGTMQERITTTKKGSITSVQAIYVPADD
LTDPAPATTFAHLDATTVLSRAIAELGIYPAVDPLDSTSRIMDPNIVGSEHYDVARGVQKILQDYKSLQDIIAILGMDEL
SEEDKLTVSRARKIQRFLSQPFQVAEVFTGHLGKLVPLKETIKGFQQILAGEYDHLPEQAFYMVGPIEEAVAKADKLAEE
HS
;
D,E,F,M,N,O
3 'polypeptide(L)'
;ATLKDITRRLKSIKNIQKITKSMKMVAAAKYARAERELKPARVYGVGSLALYEKADIKTPEDKKKHLIIGVSSDRGLCGA
IHSSVAKQMKSEAANLAAAGKEVKIIGVGDKIRSILHRTHSDQFLVTFKEVGRRPPTFGDASVIALELLNSGYEFDEGSI
IFNRFRSVISYKTEEKPIFSLDTISSAESMSIYDDIDADVLRNYQEYSLANIIYYSLKESTTSEQSARMTAMDNASKNAS
EMIDKLTLTFNRTRQAVITKELIEIISGAAAL
;
G,P
4 'polypeptide(L)'
;AEAAAAQAPAAGPGQMSFTFASPTQVFFNSANVRQVDVPTQTGAFGILAAHVPTLQVLRPGLVVVHAEDGTTSKYFVSSG
SVTVNADSSVQLLAEEAVTLDMLDLGAAKANLEKAQSELLGAADEATRAEIQIRIEANEALVKALE
;
H,Q
5 'polypeptide(L)' VAYWRQAGLSYIRYSQICAKAVRDALKTEFKANAMKTSGSTIKIVKVKKE I,R
6 'polypeptide(L)'
;FAKLVRPPVQIYGIEGRYATALYSAASKQNKLEQVEKELLRVGQILKEPK(MSE)AASLLNPYVKRSVKVKSLSD(MSE)
TAKEKFSPLTSNLINLLAENGRLTNTPAVISAFST(MSE)(MSE)SVHRGEVPCTVTTASALDETTLTELKTVLKSFLSK
GQVLKLEVKIDPSI(MSE)GG(MSE)IVRIGEKYVD(MSE)SAKTKIQKLSRA(MSE)REIL
;
S,W
7 'polypeptide(L)'
;ASIKQIQDAID(MSE)EKSQQALVQKRHYLFDVQRNNIA(MSE)ALEVTYRERLHRVYREVKNRLDYHISVQN(MSE)
(MSE)RQKEQEH(MSE)INWVEKRVVQSISAQQEKETIAKCIADLKLLSKKAQAQPV(MSE)
;
T,X
8 'polypeptide(L)'
;AGRKLALKTIDWVAFGEIIPRNQKAVANSLKSWNETLTSRLATLPEKPPAIDWAYYKANVAKAGLVDDFEKKFNALKVPI
PEDKYTAQVDAEEKEDVKSCAEFLTQSKTRIQEYEKEL
;
U
9 'polypeptide(L)'
;NKELDPVQKLFVDKIREYRTKRQTSGGPVDAGPEYQQDLDRELFKLKQ(MSE)YGKAD(MSE)NTFPNFTFEDPKFEVVE
KPQS
;
V,Z
#
loop_
_chem_comp.id
_chem_comp.type
_chem_comp.name
_chem_comp.formula
ADP non-polymer ADENOSINE-5'-DIPHOSPHATE 'C10 H15 N5 O10 P2'
ANP non-polymer 'PHOSPHOAMINOPHOSPHONIC ACID-ADENYLATE ESTER' 'C10 H17 N6 O12 P3'
MG non-polymer 'MAGNESIUM ION' 'Mg 2'
#
# COMPACT_ATOMS: atom_id res chain seq x y z
N GLN A 1 56.33 17.24 3.44
CA GLN A 1 55.89 17.29 4.83
C GLN A 1 56.62 16.25 5.70
N LYS A 2 56.64 15.00 5.22
CA LYS A 2 57.43 13.89 5.79
C LYS A 2 56.93 13.25 7.10
N THR A 3 56.56 14.08 8.08
CA THR A 3 56.23 13.61 9.42
C THR A 3 54.99 12.71 9.52
N GLY A 4 53.97 13.17 10.23
CA GLY A 4 52.75 12.40 10.44
C GLY A 4 52.01 12.90 11.67
N THR A 5 50.68 12.96 11.61
CA THR A 5 49.88 13.49 12.71
C THR A 5 50.03 12.65 13.96
N ALA A 6 49.46 13.09 15.08
CA ALA A 6 49.61 12.40 16.36
C ALA A 6 51.06 12.48 16.85
N GLU A 7 51.97 12.15 15.94
CA GLU A 7 53.39 12.20 16.19
C GLU A 7 53.90 13.62 16.41
N VAL A 8 53.68 14.14 17.61
CA VAL A 8 54.44 15.29 18.06
C VAL A 8 54.11 15.78 19.47
N SER A 9 55.17 15.93 20.27
CA SER A 9 55.14 16.59 21.58
C SER A 9 53.95 16.24 22.43
N SER A 10 52.98 17.16 22.46
CA SER A 10 51.71 16.93 23.11
C SER A 10 51.49 15.43 23.24
N ILE A 11 51.41 14.74 22.12
CA ILE A 11 51.20 13.30 22.16
C ILE A 11 52.50 12.60 22.48
N LEU A 12 53.58 13.08 21.87
CA LEU A 12 54.86 12.38 21.95
C LEU A 12 55.36 12.27 23.38
N GLU A 13 55.65 13.41 24.01
CA GLU A 13 55.96 13.45 25.43
C GLU A 13 55.38 12.19 26.10
N GLU A 14 54.06 12.11 26.17
CA GLU A 14 53.35 11.18 27.05
C GLU A 14 53.44 9.70 26.71
N ARG A 15 54.09 9.36 25.62
CA ARG A 15 54.32 7.95 25.33
C ARG A 15 55.63 7.55 25.98
N ILE A 16 56.32 8.54 26.54
CA ILE A 16 57.56 8.34 27.26
C ILE A 16 57.25 8.20 28.75
N LEU A 17 56.63 9.22 29.33
CA LEU A 17 56.25 9.23 30.73
C LEU A 17 55.49 7.95 31.12
N GLY A 18 54.32 7.80 30.54
CA GLY A 18 53.41 6.74 30.92
C GLY A 18 52.05 7.36 31.16
N ALA A 19 51.24 7.42 30.10
CA ALA A 19 49.90 8.02 30.17
C ALA A 19 48.81 6.93 30.30
N ASP A 20 47.85 7.18 31.20
CA ASP A 20 46.83 6.17 31.54
C ASP A 20 45.41 6.73 31.71
N THR A 21 44.88 7.39 30.68
CA THR A 21 43.46 7.78 30.66
C THR A 21 42.60 6.57 30.28
N SER A 22 42.31 5.74 31.28
CA SER A 22 41.49 4.52 31.16
C SER A 22 41.18 4.05 29.73
N VAL A 23 40.16 4.64 29.10
CA VAL A 23 39.81 4.37 27.71
C VAL A 23 41.07 4.57 26.88
N ASP A 24 41.75 3.46 26.59
CA ASP A 24 42.99 3.45 25.82
C ASP A 24 42.75 4.11 24.47
N LEU A 25 41.90 5.14 24.50
CA LEU A 25 41.62 5.89 23.30
C LEU A 25 40.73 5.03 22.39
N GLU A 26 40.31 3.87 22.91
CA GLU A 26 39.38 3.03 22.17
C GLU A 26 38.03 3.74 22.05
N GLU A 27 37.47 4.12 23.19
CA GLU A 27 36.14 4.69 23.20
C GLU A 27 36.18 6.18 23.06
N THR A 28 37.37 6.76 23.19
CA THR A 28 37.46 8.21 23.00
C THR A 28 38.77 8.63 22.36
N GLY A 29 38.90 9.92 22.12
CA GLY A 29 40.12 10.45 21.57
C GLY A 29 40.12 11.93 21.83
N ARG A 30 41.19 12.60 21.42
CA ARG A 30 41.24 14.05 21.56
C ARG A 30 41.71 14.75 20.30
N VAL A 31 41.16 15.93 20.10
CA VAL A 31 41.32 16.70 18.90
C VAL A 31 42.76 17.12 18.67
N LEU A 32 43.41 16.53 17.67
CA LEU A 32 44.77 16.92 17.35
C LEU A 32 44.80 18.25 16.63
N SER A 33 43.71 18.59 15.97
CA SER A 33 43.64 19.81 15.18
C SER A 33 42.23 20.04 14.65
N ILE A 34 41.89 21.27 14.30
CA ILE A 34 40.57 21.56 13.80
C ILE A 34 40.47 22.87 13.05
N GLY A 35 39.91 22.78 11.84
CA GLY A 35 39.69 23.91 10.96
C GLY A 35 38.83 23.55 9.75
N ASP A 36 38.13 24.55 9.23
CA ASP A 36 37.31 24.39 8.04
C ASP A 36 36.39 23.18 8.15
N GLY A 37 35.88 22.91 9.35
CA GLY A 37 34.95 21.83 9.56
C GLY A 37 35.57 20.43 9.58
N ILE A 38 36.89 20.36 9.52
CA ILE A 38 37.54 19.09 9.76
C ILE A 38 38.25 19.01 11.09
N ALA A 39 38.04 17.91 11.80
CA ALA A 39 38.57 17.70 13.14
C ALA A 39 39.36 16.41 13.17
N ARG A 40 40.67 16.53 13.07
CA ARG A 40 41.56 15.37 13.15
C ARG A 40 41.68 14.95 14.59
N VAL A 41 41.57 13.66 14.85
CA VAL A 41 41.46 13.20 16.23
C VAL A 41 42.33 12.00 16.60
N HIS A 42 43.01 12.09 17.75
CA HIS A 42 43.79 10.97 18.21
C HIS A 42 42.95 9.99 19.01
N GLY A 43 43.14 8.71 18.74
CA GLY A 43 42.45 7.71 19.52
C GLY A 43 41.29 7.13 18.78
N LEU A 44 40.11 7.17 19.39
CA LEU A 44 38.92 6.53 18.85
C LEU A 44 39.28 5.21 18.21
N ARG A 45 40.32 4.59 18.74
CA ARG A 45 40.94 3.44 18.11
C ARG A 45 39.95 2.29 17.85
N ASN A 46 38.69 2.52 18.19
CA ASN A 46 37.68 1.51 17.96
C ASN A 46 36.49 2.01 17.13
N VAL A 47 36.53 3.26 16.66
CA VAL A 47 35.43 3.76 15.80
C VAL A 47 35.33 2.95 14.54
N GLN A 48 34.11 2.85 14.03
CA GLN A 48 33.87 2.25 12.74
C GLN A 48 33.88 3.32 11.68
N ALA A 49 34.05 2.91 10.44
CA ALA A 49 34.01 3.83 9.33
C ALA A 49 32.62 4.44 9.24
N GLU A 50 32.57 5.77 9.28
CA GLU A 50 31.33 6.52 9.14
C GLU A 50 30.49 6.61 10.42
N GLU A 51 31.08 6.20 11.55
CA GLU A 51 30.40 6.26 12.86
C GLU A 51 30.13 7.70 13.28
N MET A 52 29.11 7.90 14.11
CA MET A 52 28.83 9.25 14.63
C MET A 52 29.41 9.45 16.05
N VAL A 53 30.16 10.52 16.22
CA VAL A 53 30.80 10.75 17.49
C VAL A 53 30.33 12.05 18.10
N GLU A 54 30.54 12.18 19.40
CA GLU A 54 30.14 13.39 20.12
C GLU A 54 31.36 14.14 20.61
N PHE A 55 31.32 15.45 20.41
CA PHE A 55 32.39 16.33 20.85
C PHE A 55 32.14 16.78 22.27
N SER A 56 33.21 17.03 23.01
CA SER A 56 33.10 17.55 24.37
C SER A 56 32.05 18.65 24.41
N SER A 57 32.19 19.66 23.55
CA SER A 57 31.27 20.78 23.53
C SER A 57 29.88 20.43 23.01
N GLY A 58 29.59 19.14 22.86
CA GLY A 58 28.25 18.67 22.52
C GLY A 58 27.95 18.43 21.04
N LEU A 59 28.76 19.02 20.17
CA LEU A 59 28.58 18.90 18.73
C LEU A 59 28.66 17.48 18.21
N LYS A 60 28.07 17.28 17.04
CA LYS A 60 28.05 15.96 16.40
C LYS A 60 29.05 15.87 15.23
N GLY A 61 29.64 14.70 15.05
CA GLY A 61 30.62 14.53 13.99
C GLY A 61 30.62 13.17 13.31
N MET A 62 31.23 13.07 12.14
CA MET A 62 31.20 11.82 11.41
C MET A 62 32.57 11.37 10.97
N SER A 63 32.83 10.09 11.12
CA SER A 63 34.16 9.57 10.88
C SER A 63 34.36 9.07 9.47
N LEU A 64 34.80 9.95 8.57
CA LEU A 64 34.95 9.56 7.18
C LEU A 64 36.34 8.98 6.83
N ASN A 65 37.42 9.59 7.30
CA ASN A 65 38.74 8.97 7.16
C ASN A 65 39.15 8.29 8.45
N LEU A 66 39.31 6.97 8.39
CA LEU A 66 40.02 6.27 9.43
C LEU A 66 41.42 6.13 8.90
N GLU A 67 42.28 7.09 9.22
CA GLU A 67 43.69 7.03 8.85
C GLU A 67 44.47 6.21 9.88
N PRO A 68 45.75 5.94 9.64
CA PRO A 68 46.38 4.94 10.52
C PRO A 68 46.64 5.51 11.91
N ASP A 69 46.98 6.80 11.95
CA ASP A 69 47.48 7.43 13.16
C ASP A 69 46.51 8.48 13.67
N ASN A 70 45.28 8.47 13.15
CA ASN A 70 44.27 9.46 13.55
C ASN A 70 42.97 9.28 12.82
N VAL A 71 41.86 9.61 13.47
CA VAL A 71 40.59 9.68 12.77
C VAL A 71 40.24 11.10 12.31
N GLY A 72 39.91 11.20 11.04
CA GLY A 72 39.52 12.46 10.45
C GLY A 72 38.01 12.59 10.50
N VAL A 73 37.54 13.62 11.20
CA VAL A 73 36.13 13.76 11.48
C VAL A 73 35.57 15.05 10.97
N VAL A 74 34.41 14.97 10.33
CA VAL A 74 33.77 16.14 9.75
C VAL A 74 32.67 16.63 10.70
N VAL A 75 32.61 17.95 10.91
CA VAL A 75 31.85 18.55 12.01
C VAL A 75 30.44 18.99 11.66
N PHE A 76 29.43 18.32 12.22
CA PHE A 76 28.04 18.75 12.05
C PHE A 76 27.73 20.01 12.88
N GLY A 77 28.27 21.16 12.47
CA GLY A 77 27.94 22.42 13.11
C GLY A 77 29.12 23.39 13.12
N ASN A 78 28.87 24.63 13.57
CA ASN A 78 29.93 25.64 13.68
C ASN A 78 31.01 25.13 14.60
N ASP A 79 32.27 25.40 14.27
CA ASP A 79 33.37 24.77 15.01
C ASP A 79 34.15 25.67 15.97
N LYS A 80 33.71 26.92 16.13
CA LYS A 80 34.30 27.73 17.19
C LYS A 80 34.14 26.97 18.49
N LEU A 81 33.17 26.05 18.52
CA LEU A 81 32.91 25.28 19.71
C LEU A 81 33.87 24.13 19.86
N ILE A 82 34.83 24.02 18.95
CA ILE A 82 35.84 22.97 19.10
C ILE A 82 37.22 23.58 19.21
N LYS A 83 38.06 22.98 20.05
CA LYS A 83 39.45 23.43 20.20
C LYS A 83 40.41 22.25 20.37
N GLU A 84 41.69 22.46 20.04
CA GLU A 84 42.68 21.39 20.22
C GLU A 84 42.58 20.86 21.64
N GLY A 85 42.40 19.57 21.78
CA GLY A 85 42.28 18.99 23.10
C GLY A 85 40.94 18.33 23.42
N ASP A 86 39.84 19.04 23.14
CA ASP A 86 38.50 18.52 23.39
C ASP A 86 38.41 16.99 23.24
N ILE A 87 37.77 16.32 24.17
CA ILE A 87 37.70 14.87 24.12
C ILE A 87 36.56 14.43 23.21
N VAL A 88 36.84 13.48 22.34
CA VAL A 88 35.84 12.97 21.42
C VAL A 88 35.48 11.56 21.82
N LYS A 89 34.20 11.20 21.69
CA LYS A 89 33.74 9.97 22.33
C LYS A 89 32.80 9.13 21.46
N ARG A 90 33.14 7.86 21.26
CA ARG A 90 32.23 6.92 20.60
C ARG A 90 30.94 6.97 21.38
N THR A 91 29.81 7.13 20.71
CA THR A 91 28.52 7.10 21.41
C THR A 91 27.77 5.80 21.13
N GLY A 92 28.40 4.93 20.33
CA GLY A 92 27.76 3.73 19.82
C GLY A 92 26.66 4.12 18.87
N ALA A 93 26.84 5.28 18.24
CA ALA A 93 25.76 5.93 17.52
C ALA A 93 25.49 5.37 16.11
N ILE A 94 24.20 5.18 15.85
CA ILE A 94 23.69 4.80 14.54
C ILE A 94 23.10 6.06 13.89
N VAL A 95 23.54 6.40 12.67
CA VAL A 95 22.92 7.56 12.02
C VAL A 95 21.60 7.16 11.42
N ASP A 96 20.53 7.43 12.17
CA ASP A 96 19.18 7.04 11.78
C ASP A 96 18.21 8.22 11.89
N VAL A 97 17.05 8.12 11.23
CA VAL A 97 16.12 9.22 11.25
C VAL A 97 14.69 8.78 11.54
N PRO A 98 13.85 9.71 12.03
CA PRO A 98 12.45 9.48 12.39
C PRO A 98 11.64 9.08 11.17
N VAL A 99 10.78 8.09 11.32
CA VAL A 99 10.13 7.48 10.18
C VAL A 99 8.67 7.22 10.48
N GLY A 100 7.86 7.28 9.44
CA GLY A 100 6.46 6.95 9.60
C GLY A 100 5.60 8.18 9.51
N GLU A 101 4.29 7.97 9.55
CA GLU A 101 3.33 9.01 9.18
C GLU A 101 3.42 10.25 10.03
N GLU A 102 4.00 10.15 11.21
CA GLU A 102 3.96 11.22 12.17
C GLU A 102 4.76 12.44 11.72
N LEU A 103 5.27 12.41 10.49
CA LEU A 103 6.05 13.51 9.94
C LEU A 103 5.28 14.40 8.98
N LEU A 104 4.26 13.85 8.34
CA LEU A 104 3.48 14.60 7.39
C LEU A 104 3.07 15.88 8.07
N GLY A 105 3.25 17.01 7.39
CA GLY A 105 2.92 18.32 7.96
C GLY A 105 4.07 18.98 8.68
N ARG A 106 5.11 18.20 8.97
CA ARG A 106 6.24 18.72 9.72
C ARG A 106 7.32 19.30 8.82
N VAL A 107 8.21 20.07 9.41
CA VAL A 107 9.40 20.54 8.70
C VAL A 107 10.58 20.14 9.56
N VAL A 108 11.26 19.07 9.18
CA VAL A 108 12.41 18.67 9.94
C VAL A 108 13.67 19.20 9.29
N ASP A 109 14.80 19.06 10.00
CA ASP A 109 16.11 19.34 9.44
C ASP A 109 16.75 18.03 8.97
N ALA A 110 17.88 18.19 8.30
CA ALA A 110 18.64 17.09 7.76
C ALA A 110 18.67 15.81 8.62
N LEU A 111 18.55 15.94 9.92
CA LEU A 111 18.71 14.80 10.81
C LEU A 111 17.39 14.27 11.37
N GLY A 112 16.33 15.04 11.15
CA GLY A 112 15.00 14.60 11.54
C GLY A 112 14.33 15.45 12.60
N ASN A 113 15.01 16.50 13.04
CA ASN A 113 14.47 17.34 14.11
C ASN A 113 13.48 18.37 13.65
N ALA A 114 12.35 18.43 14.33
CA ALA A 114 11.42 19.50 14.05
C ALA A 114 12.19 20.80 14.07
N ILE A 115 11.82 21.72 13.19
CA ILE A 115 12.34 23.07 13.18
C ILE A 115 11.23 24.00 12.76
N ASP A 116 10.02 23.44 12.64
CA ASP A 116 8.83 24.23 12.34
C ASP A 116 8.32 24.90 13.59
N GLY A 117 8.94 24.58 14.71
CA GLY A 117 8.60 25.15 15.99
C GLY A 117 7.25 24.64 16.45
N LYS A 118 6.99 23.37 16.13
CA LYS A 118 5.75 22.73 16.52
C LYS A 118 6.07 21.58 17.44
N GLY A 119 7.24 21.62 18.05
CA GLY A 119 7.62 20.61 19.02
C GLY A 119 7.61 19.17 18.55
N PRO A 120 7.83 18.23 19.47
CA PRO A 120 8.12 16.81 19.27
C PRO A 120 7.51 16.19 18.02
N ILE A 121 8.22 15.24 17.44
CA ILE A 121 7.66 14.38 16.40
C ILE A 121 7.45 13.03 17.04
N GLY A 122 6.21 12.54 17.01
CA GLY A 122 5.90 11.28 17.65
C GLY A 122 6.45 10.08 16.90
N SER A 123 7.74 10.09 16.63
CA SER A 123 8.29 9.07 15.75
C SER A 123 8.22 7.69 16.40
N LYS A 124 7.28 6.88 15.95
CA LYS A 124 7.18 5.54 16.49
C LYS A 124 8.33 4.67 16.03
N ALA A 125 9.01 5.11 14.96
CA ALA A 125 10.02 4.27 14.34
C ALA A 125 11.26 5.02 13.91
N ARG A 126 12.38 4.30 13.87
CA ARG A 126 13.60 4.85 13.32
C ARG A 126 14.11 3.95 12.17
N ARG A 127 14.75 4.57 11.19
CA ARG A 127 15.34 3.87 10.07
C ARG A 127 16.67 4.51 9.78
N ARG A 128 17.67 3.71 9.41
CA ARG A 128 19.01 4.25 9.15
C ARG A 128 19.10 4.95 7.78
N VAL A 129 19.66 6.15 7.74
CA VAL A 129 19.78 6.87 6.48
C VAL A 129 20.64 6.13 5.49
N GLY A 130 21.55 5.28 5.97
CA GLY A 130 22.40 4.52 5.07
C GLY A 130 21.95 3.11 4.77
N LEU A 131 21.27 2.91 3.65
CA LEU A 131 20.71 1.61 3.30
C LEU A 131 20.87 1.24 1.85
N LYS A 132 21.12 -0.04 1.60
CA LYS A 132 21.15 -0.54 0.22
C LYS A 132 19.74 -0.40 -0.36
N ALA A 133 19.68 -0.26 -1.67
CA ALA A 133 18.41 -0.22 -2.38
C ALA A 133 18.00 -1.63 -2.72
N PRO A 134 16.69 -1.83 -2.93
CA PRO A 134 16.12 -3.11 -3.34
C PRO A 134 16.85 -3.60 -4.54
N GLY A 135 17.30 -4.85 -4.50
CA GLY A 135 17.98 -5.41 -5.65
C GLY A 135 17.12 -5.70 -6.87
N ILE A 136 17.64 -6.57 -7.72
CA ILE A 136 16.95 -6.96 -8.92
C ILE A 136 15.58 -7.57 -8.68
N ILE A 137 15.50 -8.55 -7.77
CA ILE A 137 14.31 -9.42 -7.65
C ILE A 137 13.08 -8.91 -6.91
N PRO A 138 13.27 -8.17 -5.81
CA PRO A 138 12.18 -7.52 -5.07
C PRO A 138 11.31 -6.63 -5.92
N ARG A 139 11.56 -6.51 -7.23
CA ARG A 139 10.96 -5.45 -8.03
C ARG A 139 10.03 -5.95 -9.09
N ILE A 140 9.11 -5.08 -9.50
CA ILE A 140 8.37 -5.29 -10.74
C ILE A 140 8.17 -4.04 -11.57
N SER A 141 8.19 -4.25 -12.89
CA SER A 141 8.26 -3.21 -13.91
C SER A 141 7.33 -2.03 -13.76
N VAL A 142 7.87 -0.83 -13.61
CA VAL A 142 7.06 0.35 -13.33
C VAL A 142 5.90 0.51 -14.29
N ARG A 143 4.68 0.58 -13.73
CA ARG A 143 3.47 0.63 -14.54
C ARG A 143 2.37 1.54 -14.03
N GLU A 144 2.26 1.74 -12.73
CA GLU A 144 1.21 2.63 -12.20
C GLU A 144 1.59 4.09 -12.42
N PRO A 145 0.68 4.90 -12.97
CA PRO A 145 0.94 6.33 -13.14
C PRO A 145 1.29 7.09 -11.86
N MET A 146 2.25 7.99 -11.95
CA MET A 146 2.50 9.02 -10.93
C MET A 146 2.19 10.34 -11.61
N GLN A 147 0.94 10.77 -11.57
CA GLN A 147 0.53 11.88 -12.42
C GLN A 147 0.78 13.22 -11.76
N THR A 148 1.64 14.03 -12.37
CA THR A 148 1.95 15.37 -11.91
C THR A 148 0.82 16.36 -12.14
N GLY A 149 0.00 16.06 -13.13
CA GLY A 149 -1.11 16.92 -13.42
C GLY A 149 -0.62 18.12 -14.19
N ILE A 150 0.47 17.93 -14.91
CA ILE A 150 0.95 18.96 -15.80
C ILE A 150 0.84 18.48 -17.23
N LYS A 151 0.11 19.20 -18.05
CA LYS A 151 -0.25 18.67 -19.36
C LYS A 151 0.97 18.22 -20.18
N ALA A 152 2.00 19.06 -20.20
CA ALA A 152 3.19 18.76 -20.98
C ALA A 152 3.81 17.45 -20.58
N VAL A 153 3.94 17.28 -19.27
CA VAL A 153 4.53 16.10 -18.66
C VAL A 153 3.67 14.84 -18.79
N ASP A 154 2.40 14.92 -18.39
CA ASP A 154 1.64 13.67 -18.27
C ASP A 154 1.31 13.04 -19.62
N SER A 155 1.54 13.80 -20.70
CA SER A 155 1.26 13.36 -22.06
C SER A 155 2.50 13.06 -22.84
N LEU A 156 3.52 13.88 -22.67
CA LEU A 156 4.72 13.78 -23.49
C LEU A 156 5.92 13.25 -22.76
N VAL A 157 5.85 13.24 -21.43
CA VAL A 157 6.94 12.77 -20.58
C VAL A 157 6.43 12.04 -19.32
N PRO A 158 5.64 11.00 -19.52
CA PRO A 158 4.97 10.22 -18.48
C PRO A 158 5.93 9.82 -17.40
N ILE A 159 5.55 9.96 -16.14
CA ILE A 159 6.35 9.38 -15.07
C ILE A 159 5.51 8.29 -14.43
N GLY A 160 6.12 7.15 -14.11
CA GLY A 160 5.41 6.08 -13.42
C GLY A 160 5.88 6.01 -11.99
N ARG A 161 5.29 5.13 -11.19
CA ARG A 161 5.69 5.02 -9.79
C ARG A 161 6.85 4.05 -9.67
N GLY A 162 7.93 4.47 -9.02
CA GLY A 162 9.16 3.72 -9.01
C GLY A 162 10.19 4.29 -9.95
N GLN A 163 9.79 5.28 -10.74
CA GLN A 163 10.67 5.85 -11.75
C GLN A 163 11.48 6.95 -11.13
N ARG A 164 12.60 7.29 -11.77
CA ARG A 164 13.39 8.45 -11.39
C ARG A 164 13.48 9.35 -12.59
N GLU A 165 12.67 10.40 -12.58
CA GLU A 165 12.68 11.37 -13.67
C GLU A 165 13.43 12.59 -13.20
N LEU A 166 14.26 13.18 -14.05
CA LEU A 166 15.09 14.29 -13.62
C LEU A 166 14.57 15.62 -14.15
N ILE A 167 14.33 16.54 -13.24
CA ILE A 167 14.00 17.90 -13.62
C ILE A 167 15.33 18.61 -13.76
N ILE A 168 15.68 19.02 -14.97
CA ILE A 168 16.99 19.55 -15.24
C ILE A 168 16.84 20.74 -16.15
N GLY A 169 17.57 21.81 -15.84
CA GLY A 169 17.49 23.05 -16.59
C GLY A 169 18.37 24.14 -15.99
N ASP A 170 18.63 25.17 -16.78
CA ASP A 170 19.32 26.35 -16.28
C ASP A 170 18.55 26.87 -15.06
N ARG A 171 19.11 27.86 -14.37
CA ARG A 171 18.43 28.45 -13.22
C ARG A 171 17.19 29.21 -13.68
N GLN A 172 16.23 29.41 -12.77
CA GLN A 172 15.08 30.27 -13.02
C GLN A 172 14.34 29.86 -14.26
N THR A 173 13.96 28.59 -14.33
CA THR A 173 13.20 28.12 -15.48
C THR A 173 11.99 27.28 -15.12
N GLY A 174 11.83 27.03 -13.82
CA GLY A 174 10.63 26.42 -13.32
C GLY A 174 10.85 25.00 -12.92
N LYS A 175 12.10 24.65 -12.63
CA LYS A 175 12.42 23.31 -12.21
C LYS A 175 11.68 22.98 -10.92
N THR A 176 11.71 23.91 -9.96
CA THR A 176 11.10 23.67 -8.67
C THR A 176 9.60 23.65 -8.76
N SER A 177 9.01 24.58 -9.51
CA SER A 177 7.55 24.54 -9.76
C SER A 177 7.05 23.18 -10.24
N ILE A 178 7.69 22.65 -11.27
CA ILE A 178 7.35 21.31 -11.73
C ILE A 178 7.21 20.36 -10.55
N ALA A 179 8.11 20.49 -9.57
CA ALA A 179 8.03 19.65 -8.39
C ALA A 179 6.82 20.05 -7.55
N ILE A 180 6.68 21.33 -7.26
CA ILE A 180 5.58 21.81 -6.40
C ILE A 180 4.23 21.35 -6.91
N ASP A 181 3.83 21.85 -8.07
CA ASP A 181 2.58 21.45 -8.66
C ASP A 181 2.37 19.94 -8.56
N THR A 182 3.39 19.14 -8.85
CA THR A 182 3.28 17.70 -8.68
C THR A 182 2.80 17.28 -7.29
N ILE A 183 3.40 17.83 -6.25
CA ILE A 183 2.98 17.57 -4.88
C ILE A 183 1.53 17.97 -4.74
N ILE A 184 1.22 19.23 -4.99
CA ILE A 184 -0.16 19.72 -4.99
C ILE A 184 -1.17 18.77 -5.65
N ASN A 185 -1.01 18.49 -6.94
CA ASN A 185 -1.87 17.53 -7.64
C ASN A 185 -2.10 16.22 -6.88
N GLN A 186 -1.14 15.80 -6.05
CA GLN A 186 -1.30 14.53 -5.34
C GLN A 186 -2.53 14.48 -4.47
N LYS A 187 -2.96 15.62 -3.97
CA LYS A 187 -4.07 15.66 -3.02
C LYS A 187 -5.38 15.03 -3.51
N ARG A 188 -5.85 15.46 -4.65
CA ARG A 188 -7.02 14.80 -5.22
C ARG A 188 -7.08 13.28 -5.05
N PHE A 189 -5.96 12.64 -4.77
CA PHE A 189 -5.96 11.20 -4.67
C PHE A 189 -6.00 10.85 -3.22
N ASN A 190 -5.37 11.71 -2.43
CA ASN A 190 -5.20 11.52 -1.00
C ASN A 190 -6.44 11.86 -0.22
N ASP A 191 -7.31 12.67 -0.79
CA ASP A 191 -8.56 12.99 -0.12
C ASP A 191 -9.68 12.12 -0.66
N GLY A 192 -8.98 10.97 -2.03
CA GLY A 192 -10.16 10.22 -2.38
C GLY A 192 -10.28 8.99 -1.52
N THR A 193 -10.91 7.99 -2.09
CA THR A 193 -11.24 6.81 -1.34
C THR A 193 -10.44 5.63 -1.83
N ASP A 194 -9.57 5.87 -2.83
CA ASP A 194 -8.75 4.81 -3.38
C ASP A 194 -7.35 4.84 -2.77
N GLU A 195 -6.98 3.79 -2.05
CA GLU A 195 -5.69 3.75 -1.38
C GLU A 195 -4.58 3.49 -2.37
N LYS A 196 -4.88 2.64 -3.34
CA LYS A 196 -3.99 2.31 -4.45
C LYS A 196 -3.47 3.56 -5.16
N LYS A 197 -4.22 4.66 -5.08
CA LYS A 197 -3.87 5.87 -5.81
C LYS A 197 -3.38 7.05 -4.95
N LYS A 198 -3.18 6.87 -3.66
CA LYS A 198 -2.70 7.99 -2.88
C LYS A 198 -1.19 8.06 -3.03
N LEU A 199 -0.61 9.23 -2.78
CA LEU A 199 0.85 9.41 -2.89
C LEU A 199 1.37 10.35 -1.79
N TYR A 200 2.32 9.89 -0.97
CA TYR A 200 2.87 10.75 0.09
C TYR A 200 4.15 11.43 -0.37
N CYS A 201 4.28 12.72 -0.08
CA CYS A 201 5.37 13.51 -0.64
C CYS A 201 6.47 13.97 0.32
N ILE A 202 7.70 13.49 0.15
CA ILE A 202 8.83 14.14 0.79
C ILE A 202 9.54 15.11 -0.17
N TYR A 203 9.65 16.37 0.22
CA TYR A 203 10.37 17.37 -0.57
C TYR A 203 11.62 17.87 0.15
N VAL A 204 12.80 17.37 -0.26
CA VAL A 204 14.08 17.72 0.39
C VAL A 204 14.76 18.98 -0.17
N ALA A 205 14.79 20.06 0.61
CA ALA A 205 15.44 21.30 0.22
C ALA A 205 16.92 21.29 0.60
N ILE A 206 17.79 21.28 -0.38
CA ILE A 206 19.21 21.32 -0.08
C ILE A 206 19.86 22.59 -0.56
N GLY A 207 20.49 23.28 0.36
CA GLY A 207 21.30 24.40 0.00
C GLY A 207 20.59 25.71 -0.25
N GLN A 208 19.27 25.75 -0.11
CA GLN A 208 18.54 27.00 -0.41
C GLN A 208 18.44 27.89 0.83
N LYS A 209 18.09 29.15 0.60
CA LYS A 209 17.92 30.04 1.72
C LYS A 209 16.60 29.80 2.43
N ARG A 210 16.55 30.12 3.72
CA ARG A 210 15.35 29.91 4.53
C ARG A 210 14.13 30.71 4.06
N SER A 211 14.32 32.01 3.82
CA SER A 211 13.29 32.87 3.22
C SER A 211 12.63 32.18 2.02
N THR A 212 13.27 31.14 1.52
CA THR A 212 12.72 30.41 0.40
C THR A 212 11.97 29.17 0.86
N VAL A 213 12.65 28.28 1.59
CA VAL A 213 11.99 27.07 2.06
C VAL A 213 10.72 27.43 2.81
N ALA A 214 10.78 28.54 3.56
CA ALA A 214 9.63 29.09 4.25
C ALA A 214 8.58 29.37 3.22
N GLN A 215 8.78 30.42 2.43
CA GLN A 215 7.88 30.75 1.33
C GLN A 215 7.24 29.51 0.74
N LEU A 216 8.09 28.55 0.39
CA LEU A 216 7.69 27.30 -0.18
C LEU A 216 6.62 26.59 0.63
N VAL A 217 6.88 26.36 1.92
CA VAL A 217 5.91 25.66 2.78
C VAL A 217 4.63 26.46 2.97
N LYS A 218 4.69 27.77 2.87
CA LYS A 218 3.48 28.57 2.96
C LYS A 218 2.63 28.19 1.76
N ARG A 219 3.25 28.13 0.60
CA ARG A 219 2.51 27.80 -0.61
C ARG A 219 1.95 26.40 -0.53
N LEU A 220 2.74 25.43 -0.06
CA LEU A 220 2.28 24.05 0.08
C LEU A 220 1.19 23.91 1.13
N THR A 221 1.18 24.85 2.08
CA THR A 221 0.13 24.92 3.10
C THR A 221 -1.16 25.53 2.53
N ASP A 222 -1.06 26.66 1.83
CA ASP A 222 -2.22 27.27 1.20
C ASP A 222 -2.94 26.31 0.24
N ALA A 223 -2.26 25.26 -0.18
CA ALA A 223 -2.87 24.36 -1.14
C ALA A 223 -3.42 23.21 -0.35
N ASP A 224 -3.12 23.25 0.93
CA ASP A 224 -3.46 22.17 1.84
C ASP A 224 -2.79 20.91 1.33
N ALA A 225 -1.53 21.05 0.94
CA ALA A 225 -0.73 19.92 0.51
C ALA A 225 0.18 19.45 1.64
N MET A 226 0.47 20.35 2.57
CA MET A 226 1.40 20.02 3.64
C MET A 226 0.92 18.85 4.42
N LYS A 227 -0.39 18.63 4.41
CA LYS A 227 -0.97 17.57 5.21
C LYS A 227 -0.45 16.17 4.82
N TYR A 228 0.04 16.01 3.59
CA TYR A 228 0.57 14.72 3.12
C TYR A 228 1.99 14.85 2.57
N THR A 229 2.73 15.83 3.11
CA THR A 229 4.05 16.14 2.64
C THR A 229 5.01 16.26 3.83
N ILE A 230 6.18 15.61 3.77
CA ILE A 230 7.27 15.89 4.71
C ILE A 230 8.23 16.84 4.02
N VAL A 231 8.70 17.87 4.74
CA VAL A 231 9.65 18.82 4.18
C VAL A 231 10.96 18.80 4.93
N VAL A 232 11.90 17.98 4.42
CA VAL A 232 13.25 17.89 5.00
C VAL A 232 14.07 19.02 4.42
N SER A 233 14.81 19.74 5.26
CA SER A 233 15.47 20.99 4.85
C SER A 233 16.84 21.18 5.50
N ALA A 234 17.88 21.14 4.66
CA ALA A 234 19.25 21.43 5.08
C ALA A 234 19.71 22.69 4.38
N THR A 235 19.39 23.84 4.95
CA THR A 235 19.53 25.12 4.26
C THR A 235 20.98 25.63 4.09
N ALA A 236 21.13 26.72 3.33
CA ALA A 236 22.43 27.27 2.94
C ALA A 236 23.46 27.46 4.04
N SER A 237 23.01 27.79 5.25
CA SER A 237 23.97 28.08 6.31
C SER A 237 24.10 26.91 7.26
N ASP A 238 23.49 25.78 6.91
CA ASP A 238 23.67 24.53 7.66
C ASP A 238 25.06 24.07 7.28
N ALA A 239 25.70 23.27 8.11
CA ALA A 239 27.03 22.79 7.78
C ALA A 239 26.99 21.77 6.65
N ALA A 240 28.15 21.42 6.12
CA ALA A 240 28.19 20.51 4.99
C ALA A 240 27.53 19.16 5.23
N PRO A 241 28.07 18.36 6.15
CA PRO A 241 27.60 16.98 6.28
C PRO A 241 26.09 16.90 6.43
N LEU A 242 25.48 17.97 6.90
CA LEU A 242 24.04 18.01 6.98
C LEU A 242 23.48 17.96 5.57
N GLN A 243 23.81 18.94 4.76
CA GLN A 243 23.40 18.95 3.36
C GLN A 243 23.75 17.63 2.69
N TYR A 244 24.95 17.13 2.93
CA TYR A 244 25.38 15.89 2.29
C TYR A 244 24.38 14.82 2.62
N LEU A 245 23.96 14.82 3.88
CA LEU A 245 23.10 13.78 4.42
C LEU A 245 21.62 13.94 4.04
N ALA A 246 21.10 15.16 4.11
CA ALA A 246 19.67 15.42 3.98
C ALA A 246 18.93 14.50 3.00
N PRO A 247 19.41 14.39 1.76
CA PRO A 247 18.69 13.56 0.79
C PRO A 247 18.56 12.10 1.21
N TYR A 248 19.56 11.54 1.89
CA TYR A 248 19.43 10.15 2.31
C TYR A 248 18.43 10.00 3.45
N SER A 249 18.32 11.02 4.30
CA SER A 249 17.26 11.04 5.30
C SER A 249 15.92 11.01 4.59
N GLY A 250 15.62 12.07 3.85
CA GLY A 250 14.49 12.10 2.93
C GLY A 250 14.20 10.77 2.25
N CYS A 251 15.18 10.17 1.59
CA CYS A 251 14.98 8.86 0.97
C CYS A 251 14.51 7.84 2.01
N SER A 252 15.10 7.87 3.20
CA SER A 252 14.75 6.91 4.20
C SER A 252 13.32 7.06 4.70
N MET A 253 12.84 8.30 4.81
CA MET A 253 11.50 8.53 5.34
C MET A 253 10.43 8.15 4.34
N GLY A 254 10.79 8.09 3.06
CA GLY A 254 9.84 7.70 2.04
C GLY A 254 10.01 6.21 1.88
N GLU A 255 11.23 5.75 2.08
CA GLU A 255 11.54 4.36 1.91
C GLU A 255 10.70 3.58 2.88
N TYR A 256 10.18 4.28 3.89
CA TYR A 256 9.27 3.66 4.85
C TYR A 256 7.96 3.36 4.16
N PHE A 257 7.26 4.40 3.71
CA PHE A 257 6.03 4.17 2.96
C PHE A 257 6.23 3.09 1.92
N ARG A 258 7.32 3.11 1.18
CA ARG A 258 7.57 2.10 0.15
C ARG A 258 7.43 0.69 0.66
N ASP A 259 8.01 0.46 1.83
CA ASP A 259 8.14 -0.89 2.36
C ASP A 259 6.94 -1.32 3.20
N ASN A 260 5.98 -0.42 3.35
CA ASN A 260 4.70 -0.70 4.00
C ASN A 260 3.54 -0.63 3.01
N GLY A 261 3.77 -1.12 1.79
CA GLY A 261 2.75 -1.13 0.76
C GLY A 261 2.21 0.22 0.33
N LYS A 262 2.80 1.30 0.80
CA LYS A 262 2.35 2.64 0.42
C LYS A 262 3.17 3.26 -0.71
N HIS A 263 2.88 4.50 -1.07
CA HIS A 263 3.48 5.11 -2.25
C HIS A 263 4.04 6.51 -1.99
N ALA A 264 5.35 6.68 -2.08
CA ALA A 264 5.91 8.00 -1.83
C ALA A 264 6.60 8.59 -3.05
N LEU A 265 6.67 9.91 -3.01
CA LEU A 265 7.31 10.70 -4.03
C LEU A 265 8.32 11.50 -3.28
N ILE A 266 9.59 11.40 -3.64
CA ILE A 266 10.57 12.31 -3.07
C ILE A 266 11.17 13.25 -4.12
N ILE A 267 11.24 14.53 -3.77
CA ILE A 267 11.95 15.55 -4.55
C ILE A 267 13.32 15.89 -3.90
N TYR A 268 14.40 15.67 -4.63
CA TYR A 268 15.68 16.21 -4.19
C TYR A 268 15.97 17.52 -4.94
N ASP A 269 15.61 18.65 -4.33
CA ASP A 269 15.85 19.99 -4.87
C ASP A 269 16.86 20.61 -3.90
N ASP A 270 18.15 20.45 -4.16
CA ASP A 270 18.72 20.52 -5.49
C ASP A 270 19.90 19.56 -5.41
N LEU A 271 19.97 18.52 -6.26
CA LEU A 271 21.05 17.51 -6.15
C LEU A 271 22.43 17.98 -6.58
N SER A 272 22.50 19.21 -7.08
CA SER A 272 23.76 19.81 -7.51
C SER A 272 24.43 20.44 -6.32
N LYS A 273 23.63 21.11 -5.50
CA LYS A 273 24.09 21.68 -4.24
C LYS A 273 24.50 20.66 -3.20
N GLN A 274 23.95 19.46 -3.25
CA GLN A 274 24.41 18.45 -2.35
C GLN A 274 25.80 18.05 -2.78
N ALA A 275 25.98 17.88 -4.09
CA ALA A 275 27.28 17.51 -4.64
C ALA A 275 28.30 18.48 -4.12
N VAL A 276 28.04 19.77 -4.31
CA VAL A 276 28.96 20.81 -3.87
C VAL A 276 29.44 20.53 -2.43
N ALA A 277 28.50 20.41 -1.51
CA ALA A 277 28.82 20.08 -0.11
C ALA A 277 29.71 18.86 0.04
N TYR A 278 29.31 17.74 -0.54
CA TYR A 278 30.14 16.57 -0.46
C TYR A 278 31.52 16.87 -1.01
N ARG A 279 31.59 17.63 -2.09
CA ARG A 279 32.90 17.99 -2.63
C ARG A 279 33.73 18.62 -1.55
N GLN A 280 33.20 19.68 -0.93
CA GLN A 280 33.87 20.40 0.15
C GLN A 280 34.42 19.46 1.20
N MET A 281 33.59 18.59 1.74
CA MET A 281 34.13 17.65 2.70
C MET A 281 35.29 16.88 2.08
N SER A 282 35.09 16.27 0.91
CA SER A 282 36.18 15.53 0.27
C SER A 282 37.49 16.33 0.11
N LEU A 283 37.40 17.60 -0.26
CA LEU A 283 38.60 18.36 -0.50
C LEU A 283 39.34 18.67 0.81
N LEU A 284 38.64 19.21 1.81
CA LEU A 284 39.25 19.51 3.10
C LEU A 284 39.75 18.24 3.76
N LEU A 285 39.09 17.11 3.52
CA LEU A 285 39.61 15.86 4.03
C LEU A 285 40.90 15.46 3.33
N ARG A 286 41.33 16.32 2.40
CA ARG A 286 42.42 16.04 1.47
C ARG A 286 42.33 14.69 0.73
N ARG A 287 41.25 14.55 -0.03
CA ARG A 287 41.03 13.41 -0.90
C ARG A 287 41.21 13.86 -2.35
N PRO A 288 41.89 13.04 -3.16
CA PRO A 288 42.25 13.35 -4.55
C PRO A 288 41.16 14.03 -5.38
N PRO A 289 41.41 15.27 -5.85
CA PRO A 289 40.52 16.03 -6.74
C PRO A 289 40.51 15.42 -8.12
N GLY A 290 39.35 15.47 -8.77
CA GLY A 290 39.20 15.00 -10.12
C GLY A 290 38.55 16.11 -10.92
N ARG A 291 37.70 15.76 -11.88
CA ARG A 291 37.12 16.76 -12.75
C ARG A 291 36.33 17.75 -11.94
N GLU A 292 36.33 19.02 -12.30
CA GLU A 292 35.62 20.04 -11.50
C GLU A 292 35.95 19.92 -10.00
N ALA A 293 37.01 19.19 -9.70
CA ALA A 293 37.44 18.99 -8.32
C ALA A 293 36.54 18.05 -7.49
N TYR A 294 35.56 17.42 -8.10
CA TYR A 294 34.72 16.46 -7.39
C TYR A 294 35.53 15.21 -7.24
N PRO A 295 35.25 14.44 -6.19
CA PRO A 295 35.82 13.16 -5.82
C PRO A 295 35.56 12.08 -6.85
N GLY A 296 36.06 10.88 -6.63
CA GLY A 296 35.81 9.80 -7.56
C GLY A 296 34.55 9.09 -7.18
N ASP A 297 33.96 9.49 -6.07
CA ASP A 297 32.74 8.86 -5.58
C ASP A 297 31.49 9.75 -5.70
N VAL A 298 31.61 10.88 -6.37
CA VAL A 298 30.46 11.76 -6.50
C VAL A 298 29.45 11.19 -7.53
N PHE A 299 29.84 10.10 -8.19
CA PHE A 299 28.86 9.35 -8.94
C PHE A 299 28.24 8.38 -7.97
N TYR A 300 29.04 7.42 -7.52
CA TYR A 300 28.70 6.52 -6.44
C TYR A 300 27.80 7.10 -5.36
N LEU A 301 27.97 8.39 -5.08
CA LEU A 301 27.16 9.15 -4.12
C LEU A 301 25.71 9.12 -4.54
N HIS A 302 25.43 9.77 -5.67
CA HIS A 302 24.11 9.86 -6.24
C HIS A 302 23.50 8.56 -6.74
N SER A 303 24.32 7.62 -7.16
CA SER A 303 23.76 6.37 -7.66
C SER A 303 23.34 5.46 -6.52
N ARG A 304 24.01 5.56 -5.36
CA ARG A 304 23.57 4.89 -4.13
C ARG A 304 22.17 5.37 -3.82
N LEU A 305 22.02 6.68 -3.70
CA LEU A 305 20.73 7.35 -3.41
C LEU A 305 19.54 7.07 -4.36
N LEU A 306 19.72 7.34 -5.65
CA LEU A 306 18.63 7.29 -6.63
C LEU A 306 18.22 5.87 -7.04
N GLU A 307 19.08 4.89 -6.77
CA GLU A 307 18.77 3.51 -7.12
C GLU A 307 17.90 2.96 -6.00
N ARG A 308 17.58 3.82 -5.03
CA ARG A 308 16.78 3.45 -3.86
C ARG A 308 15.32 3.76 -4.05
N ALA A 309 14.97 4.36 -5.18
CA ALA A 309 13.58 4.46 -5.52
C ALA A 309 13.25 3.22 -6.36
N ALA A 310 12.10 2.61 -6.11
CA ALA A 310 11.77 1.41 -6.85
C ALA A 310 10.30 1.12 -6.77
N LYS A 311 9.87 0.07 -7.45
CA LYS A 311 8.51 -0.44 -7.36
C LYS A 311 8.56 -1.90 -6.92
N MET A 312 8.27 -2.11 -5.64
CA MET A 312 8.33 -3.44 -5.05
C MET A 312 7.22 -4.32 -5.62
N ASN A 313 7.58 -5.52 -6.06
CA ASN A 313 6.60 -6.46 -6.58
C ASN A 313 5.62 -6.74 -5.48
N ASP A 314 4.54 -7.46 -5.79
CA ASP A 314 3.48 -7.69 -4.82
C ASP A 314 4.01 -8.30 -3.54
N ALA A 315 4.76 -9.39 -3.70
CA ALA A 315 5.33 -10.12 -2.59
C ALA A 315 6.06 -9.25 -1.56
N PHE A 316 6.15 -7.95 -1.79
CA PHE A 316 6.90 -7.07 -0.91
C PHE A 316 6.14 -5.82 -0.44
N GLY A 317 4.84 -5.82 -0.70
CA GLY A 317 4.00 -4.76 -0.19
C GLY A 317 3.27 -4.15 -1.34
N GLY A 318 3.91 -4.26 -2.50
CA GLY A 318 3.46 -3.55 -3.70
C GLY A 318 3.89 -2.09 -3.71
N GLY A 319 4.55 -1.62 -2.65
CA GLY A 319 4.85 -0.21 -2.48
C GLY A 319 5.76 0.43 -3.53
N SER A 320 6.00 1.72 -3.39
CA SER A 320 6.81 2.42 -4.36
C SER A 320 7.41 3.72 -3.81
N LEU A 321 8.68 3.96 -4.12
CA LEU A 321 9.26 5.30 -3.96
C LEU A 321 9.63 5.83 -5.33
N THR A 322 9.29 7.09 -5.60
CA THR A 322 9.50 7.70 -6.93
C THR A 322 10.32 8.96 -6.75
N ALA A 323 11.40 9.15 -7.52
CA ALA A 323 12.26 10.30 -7.27
C ALA A 323 12.35 11.28 -8.42
N LEU A 324 12.10 12.53 -8.08
CA LEU A 324 12.39 13.65 -8.97
C LEU A 324 13.57 14.47 -8.43
N PRO A 325 14.78 14.11 -8.86
CA PRO A 325 15.97 14.86 -8.48
C PRO A 325 15.98 16.07 -9.35
N VAL A 326 16.70 17.09 -8.92
CA VAL A 326 16.71 18.36 -9.62
C VAL A 326 18.15 18.82 -9.79
N ILE A 327 18.56 19.02 -11.03
CA ILE A 327 19.93 19.41 -11.32
C ILE A 327 19.95 20.80 -11.94
N GLU A 328 20.76 21.70 -11.42
CA GLU A 328 20.94 23.00 -12.06
C GLU A 328 22.09 22.90 -13.05
N THR A 329 21.85 23.30 -14.30
CA THR A 329 22.89 23.22 -15.32
C THR A 329 23.40 24.63 -15.59
N GLN A 330 24.61 24.74 -16.14
CA GLN A 330 25.17 26.07 -16.34
C GLN A 330 25.27 26.36 -17.80
N ALA A 331 24.55 27.38 -18.24
CA ALA A 331 24.53 27.71 -19.65
C ALA A 331 24.11 26.48 -20.45
N GLY A 332 23.25 25.68 -19.85
CA GLY A 332 22.68 24.52 -20.53
C GLY A 332 23.62 23.34 -20.76
N ASP A 333 24.75 23.32 -20.06
CA ASP A 333 25.73 22.27 -20.27
C ASP A 333 25.34 21.02 -19.49
N VAL A 334 24.86 20.04 -20.24
CA VAL A 334 24.34 18.84 -19.66
C VAL A 334 25.35 17.74 -19.85
N SER A 335 26.56 18.16 -20.21
CA SER A 335 27.70 17.26 -20.32
C SER A 335 28.72 17.51 -19.19
N ALA A 336 28.42 18.48 -18.33
CA ALA A 336 29.26 18.77 -17.18
C ALA A 336 29.24 17.59 -16.22
N TYR A 337 30.11 17.60 -15.22
CA TYR A 337 30.36 16.36 -14.50
C TYR A 337 29.10 15.86 -13.80
N ILE A 338 28.44 16.73 -13.06
CA ILE A 338 27.28 16.28 -12.30
C ILE A 338 26.07 15.97 -13.17
N PRO A 339 25.65 16.93 -14.03
CA PRO A 339 24.59 16.61 -14.98
C PRO A 339 24.84 15.25 -15.61
N THR A 340 25.94 15.11 -16.35
CA THR A 340 26.35 13.82 -16.91
C THR A 340 26.00 12.63 -16.01
N ASN A 341 26.47 12.67 -14.78
CA ASN A 341 26.25 11.60 -13.82
C ASN A 341 24.80 11.24 -13.50
N VAL A 342 24.04 12.25 -13.10
CA VAL A 342 22.64 12.07 -12.78
C VAL A 342 21.85 11.64 -14.04
N ILE A 343 21.94 12.42 -15.12
CA ILE A 343 21.29 12.07 -16.40
C ILE A 343 21.56 10.58 -16.72
N SER A 344 22.78 10.15 -16.40
CA SER A 344 23.21 8.77 -16.57
C SER A 344 22.46 7.81 -15.64
N ILE A 345 22.26 8.21 -14.38
CA ILE A 345 21.67 7.32 -13.39
C ILE A 345 20.19 7.16 -13.54
N THR A 346 19.53 8.28 -13.82
CA THR A 346 18.07 8.36 -13.92
C THR A 346 17.54 7.73 -15.22
N ASP A 347 16.21 7.64 -15.35
CA ASP A 347 15.63 7.09 -16.56
C ASP A 347 14.70 8.07 -17.24
N GLY A 348 15.01 9.35 -17.14
CA GLY A 348 14.32 10.35 -17.93
C GLY A 348 14.80 11.74 -17.59
N GLN A 349 14.47 12.70 -18.43
CA GLN A 349 14.84 14.09 -18.18
C GLN A 349 13.69 14.91 -18.67
N ILE A 350 13.38 15.94 -17.92
CA ILE A 350 12.49 16.99 -18.38
C ILE A 350 13.35 18.23 -18.46
N PHE A 351 13.77 18.66 -19.66
CA PHE A 351 14.65 19.84 -19.76
C PHE A 351 13.79 21.07 -19.89
N LEU A 352 14.14 22.13 -19.15
CA LEU A 352 13.43 23.40 -19.23
C LEU A 352 14.35 24.45 -19.79
N GLU A 353 13.82 25.36 -20.61
CA GLU A 353 14.64 26.36 -21.29
C GLU A 353 14.11 27.78 -21.16
N THR A 354 15.04 28.74 -21.03
CA THR A 354 14.67 30.13 -20.85
C THR A 354 14.04 30.79 -22.06
N GLU A 355 14.46 30.43 -23.27
CA GLU A 355 13.85 31.02 -24.46
C GLU A 355 12.43 30.54 -24.54
N LEU A 356 12.23 29.25 -24.28
CA LEU A 356 10.88 28.73 -24.24
C LEU A 356 10.09 29.60 -23.27
N PHE A 357 10.59 29.70 -22.06
CA PHE A 357 9.91 30.47 -21.02
C PHE A 357 9.37 31.82 -21.50
N TYR A 358 10.17 32.58 -22.24
CA TYR A 358 9.77 33.94 -22.53
C TYR A 358 8.98 34.05 -23.80
N LYS A 359 9.17 33.07 -24.68
CA LYS A 359 8.43 32.97 -25.91
C LYS A 359 6.99 32.78 -25.55
N GLY A 360 6.72 32.18 -24.39
CA GLY A 360 5.36 31.96 -23.93
C GLY A 360 5.10 30.59 -23.35
N ILE A 361 5.76 29.60 -23.95
CA ILE A 361 5.86 28.27 -23.41
C ILE A 361 6.18 28.22 -21.93
N ARG A 362 5.14 28.28 -21.10
CA ARG A 362 5.22 28.06 -19.66
C ARG A 362 4.11 27.09 -19.34
N PRO A 363 4.43 25.96 -18.69
CA PRO A 363 5.77 25.60 -18.25
C PRO A 363 6.66 25.54 -19.47
N ALA A 364 7.95 25.79 -19.27
CA ALA A 364 8.88 25.88 -20.35
C ALA A 364 9.57 24.53 -20.63
N ILE A 365 8.80 23.52 -20.95
CA ILE A 365 9.36 22.18 -21.18
C ILE A 365 9.75 21.94 -22.63
N ASN A 366 11.03 21.80 -22.90
CA ASN A 366 11.43 21.39 -24.24
C ASN A 366 11.03 19.94 -24.51
N VAL A 367 9.96 19.78 -25.28
CA VAL A 367 9.39 18.47 -25.49
C VAL A 367 10.21 17.63 -26.46
N GLY A 368 11.27 18.19 -27.00
CA GLY A 368 12.08 17.43 -27.93
C GLY A 368 13.19 16.72 -27.19
N LEU A 369 13.77 17.42 -26.24
CA LEU A 369 14.87 16.88 -25.49
C LEU A 369 14.32 16.01 -24.36
N SER A 370 13.24 16.47 -23.75
CA SER A 370 12.66 15.77 -22.63
C SER A 370 12.40 14.33 -23.02
N VAL A 371 12.48 13.44 -22.04
CA VAL A 371 12.17 12.04 -22.31
C VAL A 371 11.92 11.22 -21.03
N SER A 372 11.11 10.17 -21.16
CA SER A 372 10.94 9.18 -20.11
C SER A 372 11.08 7.79 -20.68
N ARG A 373 12.10 7.05 -20.25
CA ARG A 373 12.29 5.69 -20.76
C ARG A 373 11.19 4.70 -20.29
N VAL A 374 10.34 5.09 -19.35
CA VAL A 374 9.27 4.21 -18.89
C VAL A 374 8.16 4.37 -19.87
N GLY A 375 7.89 5.63 -20.16
CA GLY A 375 7.07 6.02 -21.27
C GLY A 375 5.62 5.67 -21.18
N SER A 376 5.14 5.11 -22.29
CA SER A 376 3.74 4.78 -22.50
C SER A 376 3.24 3.94 -21.33
N ALA A 377 4.13 3.12 -20.80
CA ALA A 377 3.79 2.15 -19.79
C ALA A 377 3.33 2.79 -18.52
N ALA A 378 3.64 4.06 -18.34
CA ALA A 378 3.30 4.74 -17.10
C ALA A 378 2.04 5.53 -17.27
N GLN A 379 1.35 5.30 -18.38
CA GLN A 379 0.22 6.15 -18.77
C GLN A 379 -1.08 5.37 -18.77
N THR A 380 -2.17 6.04 -18.40
CA THR A 380 -3.51 5.45 -18.51
C THR A 380 -3.90 5.34 -19.96
N ARG A 381 -4.84 4.44 -20.30
CA ARG A 381 -5.13 4.25 -21.72
C ARG A 381 -5.72 5.46 -22.41
N ALA A 382 -6.67 6.12 -21.76
CA ALA A 382 -7.21 7.36 -22.28
C ALA A 382 -6.06 8.23 -22.74
N MET A 383 -5.24 8.67 -21.78
CA MET A 383 -4.11 9.53 -22.10
C MET A 383 -3.30 8.99 -23.28
N LYS A 384 -2.97 7.71 -23.24
CA LYS A 384 -2.25 7.08 -24.33
C LYS A 384 -2.89 7.31 -25.72
N GLN A 385 -4.21 7.33 -25.82
CA GLN A 385 -4.86 7.40 -27.16
C GLN A 385 -5.06 8.79 -27.74
N VAL A 386 -4.59 9.80 -27.01
CA VAL A 386 -4.51 11.14 -27.56
C VAL A 386 -3.04 11.56 -27.53
N ALA A 387 -2.38 11.27 -26.43
CA ALA A 387 -0.98 11.68 -26.27
C ALA A 387 -0.12 11.16 -27.42
N GLY A 388 -0.29 9.89 -27.76
CA GLY A 388 0.41 9.33 -28.90
C GLY A 388 0.38 10.29 -30.06
N THR A 389 -0.81 10.52 -30.60
CA THR A 389 -0.98 11.40 -31.75
C THR A 389 -0.30 12.75 -31.58
N MET A 390 -0.72 13.49 -30.57
CA MET A 390 -0.07 14.74 -30.20
C MET A 390 1.46 14.75 -30.32
N LYS A 391 2.09 13.74 -29.74
CA LYS A 391 3.55 13.61 -29.78
C LYS A 391 4.04 13.67 -31.19
N LEU A 392 3.46 12.81 -32.01
CA LEU A 392 3.80 12.68 -33.41
C LEU A 392 3.55 13.98 -34.15
N GLU A 393 2.44 14.61 -33.85
CA GLU A 393 2.10 15.80 -34.57
C GLU A 393 3.05 16.91 -34.23
N LEU A 394 3.37 17.06 -32.95
CA LEU A 394 4.28 18.12 -32.53
C LEU A 394 5.63 17.85 -33.14
N ALA A 395 5.97 16.58 -33.25
CA ALA A 395 7.23 16.16 -33.86
C ALA A 395 7.35 16.65 -35.30
N GLN A 396 6.29 16.44 -36.10
CA GLN A 396 6.25 16.98 -37.45
C GLN A 396 6.26 18.50 -37.44
N TYR A 397 5.36 19.10 -36.67
CA TYR A 397 5.37 20.54 -36.48
C TYR A 397 6.75 21.08 -36.25
N ARG A 398 7.55 20.31 -35.51
CA ARG A 398 8.93 20.67 -35.19
C ARG A 398 9.79 20.63 -36.45
N GLU A 399 9.66 19.55 -37.25
CA GLU A 399 10.46 19.35 -38.46
C GLU A 399 10.31 20.46 -39.47
N VAL A 400 9.24 21.24 -39.34
CA VAL A 400 8.87 22.17 -40.40
C VAL A 400 8.74 23.57 -39.83
N ALA A 401 9.20 23.77 -38.60
CA ALA A 401 9.02 25.04 -37.92
C ALA A 401 9.71 26.18 -38.65
N ALA A 402 10.82 25.88 -39.31
CA ALA A 402 11.61 26.87 -40.03
C ALA A 402 10.76 27.78 -40.92
N PHE A 403 9.76 27.19 -41.57
CA PHE A 403 8.99 27.85 -42.62
C PHE A 403 7.88 28.65 -42.01
N ALA A 404 7.86 28.69 -40.68
CA ALA A 404 6.93 29.58 -40.00
C ALA A 404 7.08 30.95 -40.65
N GLN A 405 8.28 31.48 -40.58
CA GLN A 405 8.58 32.81 -41.08
C GLN A 405 8.54 32.84 -42.61
N PHE A 406 9.69 32.48 -43.20
CA PHE A 406 9.87 32.45 -44.65
C PHE A 406 9.04 31.37 -45.28
N GLY A 407 7.76 31.35 -44.89
CA GLY A 407 6.79 30.40 -45.41
C GLY A 407 5.34 30.79 -45.19
N SER A 408 4.97 31.95 -45.72
CA SER A 408 3.58 32.44 -45.70
C SER A 408 2.94 32.18 -47.08
N ASP A 409 3.33 31.05 -47.67
CA ASP A 409 3.00 30.69 -49.05
C ASP A 409 3.81 29.43 -49.36
N LEU A 410 3.27 28.30 -48.93
CA LEU A 410 3.93 27.01 -49.12
C LEU A 410 2.91 25.88 -49.07
N ASP A 411 3.31 24.70 -49.57
CA ASP A 411 2.37 23.61 -49.79
C ASP A 411 1.30 23.56 -48.72
N ALA A 412 0.06 23.75 -49.14
CA ALA A 412 -1.07 23.75 -48.21
C ALA A 412 -1.05 22.51 -47.32
N ALA A 413 -0.26 21.52 -47.73
CA ALA A 413 -0.02 20.29 -46.99
C ALA A 413 0.74 20.53 -45.67
N THR A 414 1.76 21.39 -45.71
CA THR A 414 2.57 21.71 -44.53
C THR A 414 2.12 23.00 -43.86
N GLN A 415 1.33 23.79 -44.58
CA GLN A 415 0.68 24.91 -43.94
C GLN A 415 -0.17 24.31 -42.83
N GLN A 416 -0.61 23.08 -43.07
CA GLN A 416 -1.41 22.34 -42.11
C GLN A 416 -0.66 22.10 -40.81
N LEU A 417 0.49 21.42 -40.93
CA LEU A 417 1.25 20.99 -39.74
C LEU A 417 1.61 22.17 -38.84
N LEU A 418 1.99 23.29 -39.46
CA LEU A 418 2.20 24.53 -38.73
C LEU A 418 0.99 24.89 -37.85
N SER A 419 -0.20 24.87 -38.43
CA SER A 419 -1.44 25.22 -37.73
C SER A 419 -1.72 24.28 -36.56
N ARG A 420 -1.79 22.99 -36.86
CA ARG A 420 -1.96 21.97 -35.84
C ARG A 420 -0.93 22.13 -34.75
N GLY A 421 0.32 22.28 -35.18
CA GLY A 421 1.45 22.47 -34.30
C GLY A 421 1.26 23.62 -33.32
N VAL A 422 1.00 24.82 -33.81
CA VAL A 422 0.97 25.93 -32.90
C VAL A 422 -0.17 25.77 -31.96
N ARG A 423 -1.16 24.99 -32.39
CA ARG A 423 -2.36 24.85 -31.60
C ARG A 423 -2.14 23.84 -30.50
N LEU A 424 -1.71 22.65 -30.87
CA LEU A 424 -1.25 21.66 -29.91
C LEU A 424 -0.32 22.32 -28.88
N THR A 425 0.56 23.18 -29.37
CA THR A 425 1.50 23.87 -28.50
C THR A 425 0.80 24.76 -27.47
N GLU A 426 -0.22 25.47 -27.92
CA GLU A 426 -0.95 26.28 -27.00
C GLU A 426 -1.59 25.41 -25.93
N LEU A 427 -1.94 24.19 -26.29
CA LEU A 427 -2.67 23.33 -25.36
C LEU A 427 -1.78 22.88 -24.22
N LEU A 428 -0.47 22.87 -24.47
CA LEU A 428 0.50 22.42 -23.49
C LEU A 428 0.95 23.53 -22.51
N LYS A 429 0.47 24.74 -22.75
CA LYS A 429 0.72 25.86 -21.86
C LYS A 429 -0.18 25.63 -20.70
N GLN A 430 0.24 26.03 -19.50
CA GLN A 430 -0.51 25.77 -18.27
C GLN A 430 -0.11 26.76 -17.21
N GLY A 431 -1.05 27.18 -16.39
CA GLY A 431 -0.75 28.18 -15.38
C GLY A 431 -0.09 27.57 -14.17
N GLN A 432 0.43 28.40 -13.30
CA GLN A 432 1.14 27.87 -12.15
C GLN A 432 0.21 27.41 -11.02
N TYR A 433 0.64 26.39 -10.31
CA TYR A 433 -0.12 25.87 -9.18
C TYR A 433 -1.53 25.45 -9.58
N SER A 434 -1.72 24.96 -10.81
CA SER A 434 -3.06 24.59 -11.28
C SER A 434 -3.08 23.22 -11.94
N PRO A 435 -2.73 22.18 -11.18
CA PRO A 435 -2.59 20.82 -11.72
C PRO A 435 -3.92 20.28 -12.12
N MET A 436 -4.02 19.73 -13.33
CA MET A 436 -5.27 19.21 -13.85
C MET A 436 -5.42 17.72 -13.64
N ALA A 437 -6.66 17.27 -13.50
CA ALA A 437 -6.98 15.86 -13.42
C ALA A 437 -6.78 15.17 -14.77
N ILE A 438 -6.40 13.90 -14.77
CA ILE A 438 -6.06 13.23 -16.01
C ILE A 438 -7.21 13.22 -17.05
N GLU A 439 -8.43 12.99 -16.59
CA GLU A 439 -9.56 12.95 -17.50
C GLU A 439 -9.80 14.34 -18.09
N GLU A 440 -9.62 15.36 -17.28
CA GLU A 440 -9.69 16.74 -17.76
C GLU A 440 -8.66 16.93 -18.88
N GLN A 441 -7.42 16.58 -18.59
CA GLN A 441 -6.34 16.66 -19.60
C GLN A 441 -6.73 15.98 -20.90
N VAL A 442 -7.06 14.71 -20.81
CA VAL A 442 -7.41 13.95 -21.99
C VAL A 442 -8.46 14.68 -22.83
N ALA A 443 -9.40 15.34 -22.15
CA ALA A 443 -10.45 16.09 -22.83
C ALA A 443 -9.89 17.23 -23.67
N VAL A 444 -9.21 18.16 -23.02
CA VAL A 444 -8.69 19.33 -23.68
C VAL A 444 -7.69 18.99 -24.75
N ILE A 445 -6.92 17.91 -24.56
CA ILE A 445 -6.02 17.49 -25.64
C ILE A 445 -6.84 16.88 -26.80
N TYR A 446 -7.80 16.04 -26.43
CA TYR A 446 -8.69 15.42 -27.42
C TYR A 446 -9.21 16.48 -28.37
N ALA A 447 -9.64 17.61 -27.80
CA ALA A 447 -10.18 18.71 -28.58
C ALA A 447 -9.25 19.08 -29.70
N GLY A 448 -8.01 19.39 -29.35
CA GLY A 448 -7.09 19.91 -30.35
C GLY A 448 -6.58 18.84 -31.27
N VAL A 449 -6.26 17.68 -30.68
CA VAL A 449 -5.55 16.62 -31.38
C VAL A 449 -6.43 15.96 -32.43
N ARG A 450 -7.72 16.29 -32.39
CA ARG A 450 -8.68 15.71 -33.32
C ARG A 450 -9.16 16.72 -34.36
N GLY A 451 -8.50 17.87 -34.43
CA GLY A 451 -8.87 18.87 -35.40
C GLY A 451 -9.66 20.02 -34.78
N TYR A 452 -10.77 19.70 -34.16
CA TYR A 452 -11.75 20.68 -33.72
C TYR A 452 -11.26 22.11 -33.41
N LEU A 453 -10.02 22.25 -32.95
CA LEU A 453 -9.51 23.58 -32.65
C LEU A 453 -8.83 24.32 -33.81
N ASP A 454 -8.80 23.70 -34.99
CA ASP A 454 -7.94 24.18 -36.07
C ASP A 454 -8.37 25.51 -36.62
N LYS A 455 -9.66 25.79 -36.50
CA LYS A 455 -10.19 27.02 -37.06
C LYS A 455 -10.53 28.01 -35.97
N LEU A 456 -9.63 28.15 -35.01
CA LEU A 456 -9.79 29.09 -33.91
C LEU A 456 -8.47 29.85 -33.80
N GLU A 457 -8.51 31.15 -33.56
CA GLU A 457 -7.25 31.88 -33.50
C GLU A 457 -6.47 31.50 -32.24
N PRO A 458 -5.26 31.00 -32.43
CA PRO A 458 -4.35 30.55 -31.37
C PRO A 458 -4.53 31.32 -30.08
N SER A 459 -4.61 32.64 -30.18
CA SER A 459 -4.79 33.49 -29.00
C SER A 459 -5.88 32.98 -28.08
N LYS A 460 -7.03 32.70 -28.68
CA LYS A 460 -8.23 32.32 -27.94
C LYS A 460 -8.14 30.93 -27.31
N ILE A 461 -7.26 30.08 -27.83
CA ILE A 461 -7.21 28.72 -27.34
C ILE A 461 -7.09 28.64 -25.82
N THR A 462 -6.14 29.32 -25.20
CA THR A 462 -6.00 29.19 -23.75
C THR A 462 -7.25 29.63 -23.00
N LYS A 463 -8.08 30.41 -23.67
CA LYS A 463 -9.33 30.89 -23.09
C LYS A 463 -10.43 29.88 -23.36
N PHE A 464 -10.52 29.44 -24.61
CA PHE A 464 -11.41 28.33 -24.94
C PHE A 464 -11.18 27.11 -24.03
N GLU A 465 -9.96 26.63 -23.92
CA GLU A 465 -9.74 25.46 -23.08
C GLU A 465 -10.15 25.83 -21.67
N ASN A 466 -9.99 27.09 -21.29
CA ASN A 466 -10.34 27.45 -19.94
C ASN A 466 -11.84 27.34 -19.70
N ALA A 467 -12.64 27.80 -20.65
CA ALA A 467 -14.10 27.72 -20.50
C ALA A 467 -14.63 26.34 -20.80
N PHE A 468 -14.05 25.69 -21.79
CA PHE A 468 -14.49 24.37 -22.22
C PHE A 468 -14.26 23.40 -21.10
N LEU A 469 -13.12 23.53 -20.43
CA LEU A 469 -12.83 22.64 -19.33
C LEU A 469 -13.92 22.81 -18.28
N SER A 470 -14.18 24.06 -17.93
CA SER A 470 -15.17 24.38 -16.92
C SER A 470 -16.54 23.83 -17.27
N HIS A 471 -16.95 24.01 -18.51
CA HIS A 471 -18.26 23.54 -18.94
C HIS A 471 -18.46 22.07 -18.61
N VAL A 472 -17.52 21.22 -19.01
CA VAL A 472 -17.70 19.79 -18.82
C VAL A 472 -17.62 19.44 -17.34
N ILE A 473 -16.75 20.12 -16.61
CA ILE A 473 -16.51 19.78 -15.22
C ILE A 473 -17.73 19.96 -14.35
N SER A 474 -18.59 20.92 -14.69
CA SER A 474 -19.82 21.10 -13.92
C SER A 474 -20.97 20.34 -14.58
N GLN A 475 -21.15 20.55 -15.88
CA GLN A 475 -22.14 19.77 -16.63
C GLN A 475 -21.79 18.30 -16.66
N HIS A 476 -21.11 17.87 -17.73
CA HIS A 476 -20.85 16.46 -17.93
C HIS A 476 -19.85 15.81 -16.98
N GLN A 477 -19.90 16.18 -15.70
CA GLN A 477 -19.24 15.39 -14.66
C GLN A 477 -19.64 13.92 -14.86
N ALA A 478 -20.69 13.75 -15.65
CA ALA A 478 -21.15 12.46 -16.19
C ALA A 478 -20.04 11.59 -16.80
N LEU A 479 -19.93 11.72 -18.12
CA LEU A 479 -18.98 10.95 -18.91
C LEU A 479 -17.73 11.77 -19.08
N LEU A 480 -17.16 12.09 -17.92
CA LEU A 480 -15.87 12.74 -17.69
C LEU A 480 -15.33 11.89 -16.61
N GLY A 481 -15.92 12.04 -15.43
CA GLY A 481 -15.74 11.09 -14.36
C GLY A 481 -15.84 9.65 -14.83
N LYS A 482 -16.46 9.41 -15.98
CA LYS A 482 -16.51 8.04 -16.50
C LYS A 482 -15.26 7.72 -17.30
N ILE A 483 -14.76 8.70 -18.05
CA ILE A 483 -13.48 8.55 -18.77
C ILE A 483 -12.34 8.17 -17.82
N ARG A 484 -12.39 8.69 -16.60
CA ARG A 484 -11.39 8.43 -15.58
C ARG A 484 -11.43 7.01 -15.05
N THR A 485 -12.55 6.63 -14.41
CA THR A 485 -12.68 5.31 -13.78
C THR A 485 -12.63 4.15 -14.78
N ASP A 486 -13.30 4.27 -15.91
CA ASP A 486 -13.14 3.29 -16.98
C ASP A 486 -11.71 3.26 -17.51
N GLY A 487 -11.00 4.37 -17.40
CA GLY A 487 -9.62 4.43 -17.87
C GLY A 487 -9.47 4.82 -19.33
N LYS A 488 -10.25 4.22 -20.21
CA LYS A 488 -10.15 4.51 -21.64
C LYS A 488 -11.13 5.57 -22.17
N ILE A 489 -11.09 5.77 -23.49
CA ILE A 489 -12.06 6.61 -24.16
C ILE A 489 -12.95 5.68 -24.97
N SER A 490 -14.15 5.46 -24.45
CA SER A 490 -15.11 4.51 -24.99
C SER A 490 -15.59 4.91 -26.37
N GLU A 491 -15.78 3.92 -27.22
CA GLU A 491 -16.46 4.13 -28.47
C GLU A 491 -17.56 5.16 -28.26
N GLU A 492 -18.21 5.08 -27.09
CA GLU A 492 -19.34 5.93 -26.75
C GLU A 492 -18.91 7.29 -26.25
N SER A 493 -17.91 7.32 -25.39
CA SER A 493 -17.38 8.57 -24.85
C SER A 493 -16.72 9.44 -25.92
N ASP A 494 -16.18 8.79 -26.95
CA ASP A 494 -15.61 9.52 -28.08
C ASP A 494 -16.68 10.45 -28.60
N ALA A 495 -17.83 9.88 -28.95
CA ALA A 495 -18.95 10.66 -29.47
C ALA A 495 -19.52 11.71 -28.48
N LYS A 496 -19.81 11.34 -27.23
CA LYS A 496 -20.35 12.35 -26.31
C LYS A 496 -19.33 13.53 -26.21
N LEU A 497 -18.06 13.29 -26.53
CA LEU A 497 -17.03 14.36 -26.57
C LEU A 497 -17.12 15.20 -27.81
N LYS A 498 -17.05 14.57 -28.96
CA LYS A 498 -17.20 15.30 -30.21
C LYS A 498 -18.45 16.15 -30.16
N GLU A 499 -19.50 15.66 -29.52
CA GLU A 499 -20.71 16.45 -29.42
C GLU A 499 -20.48 17.72 -28.59
N ILE A 500 -19.81 17.58 -27.45
CA ILE A 500 -19.60 18.72 -26.57
C ILE A 500 -18.55 19.67 -27.11
N VAL A 501 -17.51 19.14 -27.73
CA VAL A 501 -16.48 20.01 -28.24
C VAL A 501 -17.04 20.82 -29.38
N THR A 502 -17.56 20.18 -30.42
CA THR A 502 -17.83 20.95 -31.62
C THR A 502 -18.97 21.91 -31.39
N ASN A 503 -19.93 21.51 -30.59
CA ASN A 503 -21.10 22.37 -30.38
C ASN A 503 -20.83 23.49 -29.39
N PHE A 504 -19.72 23.41 -28.69
CA PHE A 504 -19.48 24.36 -27.65
C PHE A 504 -18.59 25.44 -28.23
N LEU A 505 -17.66 25.00 -29.05
CA LEU A 505 -16.83 25.89 -29.83
C LEU A 505 -17.76 26.72 -30.67
N ALA A 506 -18.57 26.04 -31.46
CA ALA A 506 -19.59 26.68 -32.25
C ALA A 506 -20.10 27.95 -31.58
N GLY A 507 -20.66 27.76 -30.39
CA GLY A 507 -21.33 28.84 -29.68
C GLY A 507 -20.34 29.75 -29.03
N PHE A 508 -19.13 29.26 -28.80
CA PHE A 508 -18.07 30.06 -28.18
C PHE A 508 -17.67 31.19 -29.10
N GLU A 509 -17.18 30.80 -30.28
CA GLU A 509 -16.74 31.77 -31.26
C GLU A 509 -17.91 32.29 -32.11
N ALA A 510 -18.94 32.77 -31.42
CA ALA A 510 -20.18 33.21 -32.07
C ALA A 510 -20.78 34.45 -31.39
N VAL B 23 72.00 -10.41 2.43
CA VAL B 23 73.29 -9.95 2.93
C VAL B 23 73.96 -8.91 2.02
N ASP B 24 73.77 -9.04 0.70
CA ASP B 24 74.35 -8.10 -0.27
C ASP B 24 73.45 -6.90 -0.51
N LEU B 25 74.05 -5.71 -0.56
CA LEU B 25 73.29 -4.48 -0.70
C LEU B 25 73.87 -3.55 -1.78
N GLU B 26 74.65 -4.13 -2.69
CA GLU B 26 75.43 -3.32 -3.63
C GLU B 26 75.29 -3.81 -5.07
N GLU B 27 74.99 -5.10 -5.19
CA GLU B 27 74.78 -5.70 -6.48
C GLU B 27 73.45 -6.39 -6.36
N THR B 28 72.55 -5.73 -5.64
CA THR B 28 71.36 -6.40 -5.18
C THR B 28 70.42 -5.44 -4.46
N GLY B 29 69.14 -5.76 -4.50
CA GLY B 29 68.16 -5.06 -3.71
C GLY B 29 66.93 -5.92 -3.47
N ARG B 30 66.17 -5.60 -2.44
CA ARG B 30 64.82 -6.09 -2.40
C ARG B 30 63.87 -4.91 -2.47
N VAL B 31 62.66 -5.16 -2.99
CA VAL B 31 61.70 -4.11 -3.32
C VAL B 31 61.06 -3.46 -2.11
N LEU B 32 61.07 -2.14 -2.06
CA LEU B 32 60.40 -1.48 -0.96
C LEU B 32 58.92 -1.43 -1.22
N SER B 33 58.53 -0.76 -2.30
CA SER B 33 57.13 -0.60 -2.67
C SER B 33 56.96 -0.72 -4.16
N ILE B 34 55.89 -1.40 -4.56
CA ILE B 34 55.59 -1.60 -5.96
C ILE B 34 54.18 -1.10 -6.20
N GLY B 35 54.06 0.10 -6.73
CA GLY B 35 52.77 0.74 -6.79
C GLY B 35 52.31 1.17 -8.17
N ASP B 36 52.41 2.46 -8.41
CA ASP B 36 51.93 3.03 -9.66
C ASP B 36 52.89 2.70 -10.79
N GLY B 37 53.34 1.44 -10.83
CA GLY B 37 54.20 0.99 -11.91
C GLY B 37 55.65 1.42 -11.77
N ILE B 38 55.99 2.02 -10.63
CA ILE B 38 57.38 2.15 -10.20
C ILE B 38 57.61 1.31 -8.97
N ALA B 39 58.55 0.40 -9.06
CA ALA B 39 59.03 -0.31 -7.90
C ALA B 39 60.15 0.53 -7.34
N ARG B 40 60.05 0.89 -6.07
CA ARG B 40 61.18 1.49 -5.38
C ARG B 40 61.94 0.33 -4.76
N VAL B 41 63.21 0.18 -5.14
CA VAL B 41 64.05 -0.89 -4.61
C VAL B 41 64.99 -0.34 -3.58
N HIS B 42 65.35 -1.19 -2.61
CA HIS B 42 66.41 -0.88 -1.67
C HIS B 42 67.58 -1.81 -1.92
N GLY B 43 68.78 -1.24 -1.98
CA GLY B 43 69.96 -2.00 -2.38
C GLY B 43 70.57 -1.41 -3.63
N LEU B 44 71.05 -2.28 -4.50
CA LEU B 44 71.60 -1.85 -5.77
C LEU B 44 72.36 -0.55 -5.60
N ARG B 45 73.48 -0.57 -4.91
CA ARG B 45 74.23 0.65 -4.67
C ARG B 45 75.02 1.06 -5.91
N ASN B 46 75.70 0.08 -6.47
CA ASN B 46 76.55 0.31 -7.61
C ASN B 46 75.75 0.48 -8.89
N VAL B 47 74.51 0.00 -8.92
CA VAL B 47 73.73 0.07 -10.16
C VAL B 47 73.66 1.49 -10.72
N GLN B 48 73.76 1.57 -12.04
CA GLN B 48 73.89 2.85 -12.73
C GLN B 48 72.60 3.32 -13.38
N ALA B 49 72.55 4.62 -13.68
CA ALA B 49 71.47 5.20 -14.45
C ALA B 49 71.22 4.39 -15.71
N GLU B 50 70.03 3.82 -15.80
CA GLU B 50 69.53 3.23 -17.02
C GLU B 50 70.07 1.84 -17.18
N GLU B 51 70.39 1.19 -16.08
CA GLU B 51 70.93 -0.15 -16.16
C GLU B 51 69.79 -1.13 -16.03
N MET B 52 69.71 -2.10 -16.93
CA MET B 52 68.66 -3.08 -16.78
C MET B 52 68.89 -3.94 -15.53
N VAL B 53 68.02 -3.80 -14.54
CA VAL B 53 68.04 -4.70 -13.39
C VAL B 53 67.17 -5.89 -13.73
N GLU B 54 67.07 -6.84 -12.80
CA GLU B 54 66.30 -8.05 -13.05
C GLU B 54 65.58 -8.48 -11.81
N PHE B 55 64.39 -9.03 -11.99
CA PHE B 55 63.55 -9.40 -10.87
C PHE B 55 63.51 -10.90 -10.67
N SER B 56 63.03 -11.31 -9.49
CA SER B 56 62.83 -12.70 -9.14
C SER B 56 62.08 -13.37 -10.27
N SER B 57 60.90 -12.81 -10.55
CA SER B 57 59.99 -13.33 -11.57
C SER B 57 60.67 -13.76 -12.88
N GLY B 58 61.71 -13.02 -13.29
CA GLY B 58 62.29 -13.17 -14.62
C GLY B 58 62.06 -11.88 -15.39
N LEU B 59 61.19 -11.06 -14.81
CA LEU B 59 60.86 -9.72 -15.29
C LEU B 59 62.07 -8.83 -15.32
N LYS B 60 62.18 -8.00 -16.34
CA LYS B 60 63.29 -7.05 -16.34
C LYS B 60 62.76 -5.66 -16.07
N GLY B 61 63.64 -4.77 -15.65
CA GLY B 61 63.29 -3.40 -15.32
C GLY B 61 64.42 -2.43 -15.65
N MET B 62 64.30 -1.19 -15.19
CA MET B 62 65.26 -0.19 -15.58
C MET B 62 65.48 0.80 -14.47
N SER B 63 66.70 0.87 -13.98
CA SER B 63 67.05 1.91 -13.04
C SER B 63 66.77 3.20 -13.77
N LEU B 64 66.02 4.10 -13.17
CA LEU B 64 65.73 5.36 -13.81
C LEU B 64 66.00 6.42 -12.80
N ASN B 65 65.55 6.14 -11.59
CA ASN B 65 65.72 7.05 -10.48
C ASN B 65 66.85 6.61 -9.55
N LEU B 66 67.92 7.40 -9.49
CA LEU B 66 68.97 7.17 -8.52
C LEU B 66 68.87 8.22 -7.44
N GLU B 67 68.15 7.90 -6.38
CA GLU B 67 68.04 8.78 -5.23
C GLU B 67 68.87 8.19 -4.11
N PRO B 68 69.22 8.99 -3.11
CA PRO B 68 70.00 8.59 -1.93
C PRO B 68 69.63 7.23 -1.34
N ASP B 69 68.43 7.08 -0.77
CA ASP B 69 68.03 5.83 -0.13
C ASP B 69 67.50 4.76 -1.11
N ASN B 70 66.72 5.18 -2.11
CA ASN B 70 66.11 4.23 -3.05
C ASN B 70 66.53 4.36 -4.53
N VAL B 71 66.20 3.34 -5.32
CA VAL B 71 66.37 3.39 -6.77
C VAL B 71 65.03 3.15 -7.45
N GLY B 72 64.61 4.07 -8.31
CA GLY B 72 63.36 3.92 -9.03
C GLY B 72 63.47 3.05 -10.27
N VAL B 73 62.78 1.91 -10.27
CA VAL B 73 62.80 1.02 -11.42
C VAL B 73 61.50 1.00 -12.22
N VAL B 74 61.60 1.36 -13.50
CA VAL B 74 60.57 1.17 -14.50
C VAL B 74 60.44 -0.31 -14.81
N VAL B 75 59.25 -0.90 -14.76
CA VAL B 75 59.15 -2.34 -15.03
C VAL B 75 58.76 -2.63 -16.44
N PHE B 76 59.50 -3.51 -17.11
CA PHE B 76 59.25 -3.89 -18.51
C PHE B 76 58.42 -5.14 -18.58
N GLY B 77 57.23 -5.04 -18.03
CA GLY B 77 56.30 -6.16 -17.97
C GLY B 77 55.17 -5.90 -16.98
N ASN B 78 54.48 -6.98 -16.62
CA ASN B 78 53.34 -6.87 -15.73
C ASN B 78 53.73 -6.75 -14.26
N ASP B 79 53.62 -5.55 -13.69
CA ASP B 79 54.01 -5.35 -12.32
C ASP B 79 52.94 -5.80 -11.30
N LYS B 80 52.29 -6.91 -11.56
CA LYS B 80 51.52 -7.57 -10.50
C LYS B 80 52.46 -8.56 -9.83
N LEU B 81 53.28 -9.19 -10.66
CA LEU B 81 54.25 -10.17 -10.24
C LEU B 81 55.23 -9.56 -9.23
N ILE B 82 55.36 -8.25 -9.22
CA ILE B 82 56.36 -7.65 -8.36
C ILE B 82 55.82 -7.46 -6.96
N LYS B 83 56.14 -8.42 -6.09
CA LYS B 83 55.72 -8.37 -4.69
C LYS B 83 56.67 -7.47 -3.90
N GLU B 84 56.28 -7.09 -2.68
CA GLU B 84 57.17 -6.29 -1.85
C GLU B 84 58.31 -7.15 -1.37
N GLY B 85 59.52 -6.59 -1.39
CA GLY B 85 60.69 -7.29 -0.90
C GLY B 85 61.11 -8.46 -1.77
N ASP B 86 61.16 -8.25 -3.07
CA ASP B 86 61.61 -9.29 -3.97
C ASP B 86 63.06 -9.00 -4.29
N ILE B 87 63.83 -10.06 -4.51
CA ILE B 87 65.23 -9.92 -4.90
C ILE B 87 65.36 -9.18 -6.23
N VAL B 88 66.35 -8.30 -6.33
CA VAL B 88 66.61 -7.57 -7.56
C VAL B 88 68.11 -7.51 -7.85
N LYS B 89 68.57 -8.28 -8.82
CA LYS B 89 69.99 -8.28 -9.17
C LYS B 89 70.32 -7.22 -10.23
N ARG B 90 71.53 -6.65 -10.18
CA ARG B 90 72.04 -5.84 -11.28
C ARG B 90 72.29 -6.71 -12.51
N THR B 91 72.77 -6.09 -13.58
CA THR B 91 73.33 -6.82 -14.73
C THR B 91 74.43 -6.02 -15.41
N GLY B 92 74.62 -4.80 -14.94
CA GLY B 92 75.71 -3.96 -15.42
C GLY B 92 75.54 -3.54 -16.87
N ALA B 93 74.52 -4.09 -17.51
CA ALA B 93 74.16 -3.74 -18.87
C ALA B 93 73.24 -2.53 -18.88
N ILE B 94 73.67 -1.44 -19.50
CA ILE B 94 72.71 -0.39 -19.86
C ILE B 94 71.61 -1.04 -20.74
N VAL B 95 70.38 -0.57 -20.64
CA VAL B 95 69.30 -1.22 -21.38
C VAL B 95 69.66 -1.38 -22.85
N ASP B 96 69.55 -2.62 -23.33
CA ASP B 96 69.94 -3.02 -24.68
C ASP B 96 69.14 -4.20 -25.28
N VAL B 97 69.06 -4.24 -26.60
CA VAL B 97 68.38 -5.34 -27.27
C VAL B 97 69.33 -6.12 -28.17
N PRO B 98 68.98 -7.35 -28.51
CA PRO B 98 69.69 -8.12 -29.52
C PRO B 98 69.53 -7.50 -30.86
N VAL B 99 70.62 -7.32 -31.62
CA VAL B 99 70.53 -6.85 -32.99
C VAL B 99 71.20 -7.89 -33.88
N GLY B 100 70.99 -7.76 -35.19
CA GLY B 100 71.72 -8.58 -36.15
C GLY B 100 70.86 -9.35 -37.13
N GLU B 101 71.50 -9.88 -38.17
CA GLU B 101 70.81 -10.54 -39.29
C GLU B 101 69.88 -11.66 -38.81
N GLU B 102 70.17 -12.18 -37.63
CA GLU B 102 69.43 -13.33 -37.11
C GLU B 102 67.96 -13.03 -36.80
N LEU B 103 67.64 -11.76 -36.60
CA LEU B 103 66.29 -11.32 -36.23
C LEU B 103 65.30 -11.29 -37.40
N LEU B 104 65.80 -11.06 -38.61
CA LEU B 104 64.96 -11.16 -39.78
C LEU B 104 64.05 -12.40 -39.70
N GLY B 105 62.86 -12.31 -40.26
CA GLY B 105 61.93 -13.42 -40.21
C GLY B 105 61.24 -13.68 -38.87
N ARG B 106 61.70 -13.02 -37.81
CA ARG B 106 61.16 -13.29 -36.48
C ARG B 106 60.25 -12.20 -35.93
N VAL B 107 59.31 -12.60 -35.08
CA VAL B 107 58.49 -11.68 -34.31
C VAL B 107 59.01 -11.63 -32.90
N VAL B 108 59.30 -10.43 -32.41
CA VAL B 108 59.87 -10.35 -31.07
C VAL B 108 59.25 -9.24 -30.23
N ASP B 109 59.20 -9.43 -28.92
CA ASP B 109 58.79 -8.34 -28.06
C ASP B 109 59.85 -7.23 -28.03
N ALA B 110 59.60 -6.17 -27.27
CA ALA B 110 60.48 -5.00 -27.26
C ALA B 110 61.78 -5.24 -26.51
N LEU B 111 61.90 -6.39 -25.86
CA LEU B 111 63.15 -6.71 -25.21
C LEU B 111 63.97 -7.61 -26.13
N GLY B 112 63.37 -8.02 -27.24
CA GLY B 112 64.04 -8.87 -28.18
C GLY B 112 63.64 -10.32 -28.07
N ASN B 113 63.06 -10.75 -26.95
CA ASN B 113 62.60 -12.14 -26.86
C ASN B 113 61.70 -12.53 -28.03
N ALA B 114 61.72 -13.80 -28.41
CA ALA B 114 60.94 -14.18 -29.57
C ALA B 114 59.60 -14.63 -29.05
N ILE B 115 58.54 -14.14 -29.69
CA ILE B 115 57.20 -14.47 -29.24
C ILE B 115 56.51 -15.23 -30.34
N ASP B 116 57.27 -15.55 -31.37
CA ASP B 116 56.70 -16.21 -32.53
C ASP B 116 56.81 -17.73 -32.44
N GLY B 117 57.29 -18.23 -31.31
CA GLY B 117 57.35 -19.66 -31.09
C GLY B 117 58.30 -20.44 -32.00
N LYS B 118 58.88 -19.77 -32.97
CA LYS B 118 59.87 -20.40 -33.84
C LYS B 118 61.23 -20.41 -33.13
N GLY B 119 61.51 -21.43 -32.34
CA GLY B 119 62.79 -21.50 -31.65
C GLY B 119 63.17 -20.23 -30.90
N PRO B 120 64.49 -20.05 -30.62
CA PRO B 120 65.08 -18.85 -30.03
C PRO B 120 65.91 -18.17 -31.09
N ILE B 121 66.41 -16.97 -30.80
CA ILE B 121 67.16 -16.21 -31.79
C ILE B 121 68.61 -16.23 -31.44
N GLY B 122 69.43 -16.73 -32.37
CA GLY B 122 70.84 -16.84 -32.11
C GLY B 122 71.53 -15.52 -32.33
N SER B 123 70.98 -14.47 -31.73
CA SER B 123 71.60 -13.15 -31.83
C SER B 123 73.03 -13.25 -31.37
N LYS B 124 73.91 -12.44 -31.95
CA LYS B 124 75.29 -12.48 -31.51
C LYS B 124 75.75 -11.13 -30.97
N ALA B 125 75.17 -10.06 -31.52
CA ALA B 125 75.50 -8.70 -31.08
C ALA B 125 74.43 -8.10 -30.17
N ARG B 126 74.75 -6.94 -29.58
CA ARG B 126 73.80 -6.23 -28.73
C ARG B 126 74.00 -4.72 -28.90
N ARG B 127 72.91 -3.95 -28.82
CA ARG B 127 73.01 -2.51 -28.89
C ARG B 127 72.24 -1.89 -27.76
N ARG B 128 72.74 -0.76 -27.27
CA ARG B 128 71.98 0.03 -26.31
C ARG B 128 70.75 0.56 -27.04
N VAL B 129 69.57 0.40 -26.45
CA VAL B 129 68.37 0.92 -27.08
C VAL B 129 68.51 2.43 -27.07
N GLY B 130 69.42 2.94 -26.26
CA GLY B 130 69.48 4.37 -26.03
C GLY B 130 70.65 5.09 -26.62
N LEU B 131 71.02 4.73 -27.84
CA LEU B 131 72.14 5.35 -28.50
C LEU B 131 71.85 6.81 -28.84
N LYS B 132 72.91 7.57 -29.08
CA LYS B 132 72.75 8.90 -29.63
C LYS B 132 72.75 8.81 -31.16
N ALA B 133 72.33 9.87 -31.83
CA ALA B 133 72.29 9.82 -33.29
C ALA B 133 73.56 10.35 -33.91
N PRO B 134 73.94 9.82 -35.06
CA PRO B 134 75.06 10.33 -35.85
C PRO B 134 75.09 11.85 -35.89
N GLY B 135 76.27 12.44 -35.67
CA GLY B 135 76.40 13.89 -35.68
C GLY B 135 76.32 14.50 -37.07
N ILE B 136 76.67 15.79 -37.16
CA ILE B 136 76.63 16.55 -38.41
C ILE B 136 77.53 15.96 -39.49
N ILE B 137 78.64 15.35 -39.06
CA ILE B 137 79.73 14.92 -39.94
C ILE B 137 79.55 13.59 -40.65
N PRO B 138 79.29 12.53 -39.87
CA PRO B 138 79.15 11.18 -40.40
C PRO B 138 78.00 11.03 -41.40
N ARG B 139 77.59 12.11 -42.03
CA ARG B 139 76.36 12.08 -42.80
C ARG B 139 76.53 12.54 -44.22
N ILE B 140 75.42 12.59 -44.94
CA ILE B 140 75.40 13.14 -46.28
C ILE B 140 74.03 13.03 -46.96
N SER B 141 73.70 14.11 -47.68
CA SER B 141 72.46 14.26 -48.46
C SER B 141 71.84 12.98 -49.03
N VAL B 142 70.55 12.77 -48.80
CA VAL B 142 69.86 11.59 -49.32
C VAL B 142 69.83 11.57 -50.84
N ARG B 143 70.31 10.48 -51.41
CA ARG B 143 70.50 10.45 -52.86
C ARG B 143 69.79 9.28 -53.50
N GLU B 144 69.72 8.17 -52.77
CA GLU B 144 69.19 6.92 -53.29
C GLU B 144 67.71 6.72 -52.96
N PRO B 145 66.91 6.19 -53.90
CA PRO B 145 65.46 6.00 -53.74
C PRO B 145 65.06 4.94 -52.73
N MET B 146 63.99 5.22 -51.97
CA MET B 146 63.29 4.22 -51.16
C MET B 146 61.93 4.09 -51.82
N GLN B 147 61.68 2.95 -52.45
CA GLN B 147 60.51 2.85 -53.34
C GLN B 147 59.33 2.17 -52.70
N THR B 148 58.27 2.92 -52.44
CA THR B 148 57.10 2.37 -51.80
C THR B 148 56.43 1.42 -52.75
N GLY B 149 56.58 1.67 -54.05
CA GLY B 149 55.88 0.91 -55.06
C GLY B 149 54.43 1.35 -55.13
N ILE B 150 54.14 2.48 -54.52
CA ILE B 150 52.80 3.05 -54.57
C ILE B 150 52.80 4.26 -55.50
N LYS B 151 52.20 4.10 -56.68
CA LYS B 151 52.16 5.15 -57.67
C LYS B 151 52.18 6.53 -57.04
N ALA B 152 51.19 6.82 -56.23
CA ALA B 152 51.05 8.19 -55.76
C ALA B 152 52.27 8.64 -54.96
N VAL B 153 52.78 7.79 -54.09
CA VAL B 153 53.87 8.23 -53.24
C VAL B 153 55.10 8.41 -54.09
N ASP B 154 55.43 7.38 -54.84
CA ASP B 154 56.68 7.34 -55.61
C ASP B 154 56.79 8.43 -56.66
N SER B 155 55.66 8.97 -57.11
CA SER B 155 55.66 10.02 -58.14
C SER B 155 55.64 11.44 -57.58
N LEU B 156 54.74 11.67 -56.61
CA LEU B 156 54.48 12.98 -56.03
C LEU B 156 55.01 13.22 -54.60
N VAL B 157 55.45 12.18 -53.92
CA VAL B 157 56.06 12.36 -52.60
C VAL B 157 57.19 11.39 -52.43
N PRO B 158 58.13 11.39 -53.38
CA PRO B 158 59.29 10.50 -53.38
C PRO B 158 60.06 10.52 -52.06
N ILE B 159 60.26 9.34 -51.51
CA ILE B 159 61.10 9.20 -50.34
C ILE B 159 62.49 8.73 -50.78
N GLY B 160 63.48 8.94 -49.93
CA GLY B 160 64.84 8.52 -50.22
C GLY B 160 65.50 7.86 -49.02
N ARG B 161 66.26 6.79 -49.25
CA ARG B 161 66.89 6.03 -48.16
C ARG B 161 67.63 6.99 -47.28
N GLY B 162 67.45 6.84 -45.97
CA GLY B 162 68.03 7.71 -44.99
C GLY B 162 67.11 8.83 -44.50
N GLN B 163 65.98 9.00 -45.18
CA GLN B 163 65.07 10.10 -44.88
C GLN B 163 63.99 9.70 -43.88
N ARG B 164 63.38 10.70 -43.22
CA ARG B 164 62.21 10.46 -42.38
C ARG B 164 60.95 11.07 -43.00
N GLU B 165 60.02 10.20 -43.40
CA GLU B 165 58.72 10.64 -43.95
C GLU B 165 57.57 10.24 -43.02
N LEU B 166 56.77 11.22 -42.61
CA LEU B 166 55.69 10.96 -41.68
C LEU B 166 54.44 10.49 -42.41
N ILE B 167 53.91 9.35 -42.01
CA ILE B 167 52.62 8.94 -42.52
C ILE B 167 51.56 9.33 -41.49
N ILE B 168 50.73 10.32 -41.80
CA ILE B 168 49.80 10.86 -40.81
C ILE B 168 48.40 11.04 -41.34
N GLY B 169 47.41 10.45 -40.67
CA GLY B 169 46.00 10.62 -41.05
C GLY B 169 45.01 10.24 -39.97
N ASP B 170 43.72 10.32 -40.24
CA ASP B 170 42.76 9.86 -39.23
C ASP B 170 42.80 8.35 -39.16
N ARG B 171 42.17 7.79 -38.12
CA ARG B 171 41.93 6.35 -38.01
C ARG B 171 41.32 5.76 -39.29
N GLN B 172 41.82 4.61 -39.71
CA GLN B 172 41.29 3.90 -40.89
C GLN B 172 41.28 4.72 -42.16
N THR B 173 42.45 5.21 -42.56
CA THR B 173 42.54 5.98 -43.77
C THR B 173 43.58 5.36 -44.69
N GLY B 174 44.26 4.36 -44.17
CA GLY B 174 45.19 3.60 -44.99
C GLY B 174 46.64 3.78 -44.59
N LYS B 175 46.86 4.37 -43.41
CA LYS B 175 48.21 4.63 -42.92
C LYS B 175 49.02 3.34 -42.93
N THR B 176 48.55 2.33 -42.22
CA THR B 176 49.31 1.10 -42.15
C THR B 176 49.44 0.47 -43.53
N SER B 177 48.34 0.23 -44.23
CA SER B 177 48.45 -0.32 -45.59
C SER B 177 49.70 0.21 -46.29
N ILE B 178 49.93 1.53 -46.24
CA ILE B 178 51.07 2.17 -46.91
C ILE B 178 52.41 1.58 -46.50
N ALA B 179 52.63 1.47 -45.19
CA ALA B 179 53.84 0.84 -44.69
C ALA B 179 53.90 -0.59 -45.18
N ILE B 180 52.87 -1.37 -44.93
CA ILE B 180 52.81 -2.78 -45.40
C ILE B 180 53.18 -2.97 -46.87
N ASP B 181 52.62 -2.16 -47.76
CA ASP B 181 52.96 -2.25 -49.18
C ASP B 181 54.44 -1.96 -49.37
N THR B 182 54.89 -0.84 -48.84
CA THR B 182 56.28 -0.48 -48.94
C THR B 182 57.18 -1.65 -48.52
N ILE B 183 56.83 -2.34 -47.44
CA ILE B 183 57.61 -3.50 -47.06
C ILE B 183 57.51 -4.58 -48.11
N ILE B 184 56.30 -4.88 -48.55
CA ILE B 184 56.12 -5.90 -49.55
C ILE B 184 56.90 -5.64 -50.85
N ASN B 185 57.02 -4.39 -51.23
CA ASN B 185 57.72 -4.01 -52.46
C ASN B 185 59.20 -4.40 -52.48
N GLN B 186 59.88 -4.36 -51.33
CA GLN B 186 61.32 -4.58 -51.32
C GLN B 186 61.75 -6.00 -51.71
N LYS B 187 60.78 -6.87 -52.01
CA LYS B 187 61.10 -8.21 -52.47
C LYS B 187 61.92 -8.09 -53.75
N ARG B 188 61.39 -7.38 -54.74
CA ARG B 188 62.05 -7.23 -56.04
C ARG B 188 63.50 -6.75 -56.01
N PHE B 189 64.00 -6.34 -54.85
CA PHE B 189 65.37 -5.85 -54.79
C PHE B 189 66.19 -6.84 -53.99
N ASN B 190 65.54 -7.50 -53.06
CA ASN B 190 66.26 -8.41 -52.19
C ASN B 190 66.46 -9.75 -52.86
N ASP B 191 65.55 -10.09 -53.76
CA ASP B 191 65.68 -11.26 -54.61
C ASP B 191 66.49 -10.88 -55.84
N GLY B 192 67.17 -9.75 -55.75
CA GLY B 192 67.92 -9.21 -56.86
C GLY B 192 69.39 -9.49 -56.70
N THR B 193 70.15 -9.14 -57.73
CA THR B 193 71.57 -9.43 -57.82
C THR B 193 72.37 -8.25 -57.30
N ASP B 194 71.75 -7.07 -57.35
CA ASP B 194 72.37 -5.82 -56.92
C ASP B 194 72.19 -5.59 -55.41
N GLU B 195 73.31 -5.39 -54.72
CA GLU B 195 73.35 -5.31 -53.25
C GLU B 195 73.11 -3.93 -52.64
N LYS B 196 73.29 -2.90 -53.45
CA LYS B 196 73.10 -1.52 -53.00
C LYS B 196 71.64 -1.12 -53.12
N LYS B 197 70.83 -2.03 -53.66
CA LYS B 197 69.41 -1.76 -53.81
C LYS B 197 68.62 -2.54 -52.78
N LYS B 198 69.30 -3.41 -52.04
CA LYS B 198 68.59 -4.20 -51.05
C LYS B 198 68.23 -3.36 -49.84
N LEU B 199 67.07 -3.66 -49.27
CA LEU B 199 66.50 -2.91 -48.16
C LEU B 199 65.91 -3.87 -47.15
N TYR B 200 66.34 -3.77 -45.91
CA TYR B 200 65.86 -4.67 -44.86
C TYR B 200 64.77 -3.96 -44.07
N CYS B 201 63.73 -4.70 -43.68
CA CYS B 201 62.52 -4.09 -43.13
C CYS B 201 62.26 -4.38 -41.67
N ILE B 202 61.84 -3.35 -40.94
CA ILE B 202 61.62 -3.39 -39.50
C ILE B 202 60.27 -2.76 -39.13
N TYR B 203 59.28 -3.58 -38.77
CA TYR B 203 57.97 -3.04 -38.44
C TYR B 203 57.80 -3.06 -36.92
N VAL B 204 57.56 -1.89 -36.33
CA VAL B 204 57.32 -1.83 -34.88
C VAL B 204 55.84 -1.56 -34.60
N ALA B 205 55.20 -2.48 -33.89
CA ALA B 205 53.82 -2.34 -33.53
C ALA B 205 53.70 -1.75 -32.13
N ILE B 206 53.27 -0.49 -32.04
CA ILE B 206 53.13 0.13 -30.74
C ILE B 206 51.67 0.33 -30.41
N GLY B 207 51.15 -0.46 -29.48
CA GLY B 207 49.80 -0.29 -28.97
C GLY B 207 48.65 -0.87 -29.79
N GLN B 208 48.96 -1.51 -30.91
CA GLN B 208 47.93 -2.13 -31.74
C GLN B 208 47.38 -3.43 -31.16
N LYS B 209 46.22 -3.85 -31.66
CA LYS B 209 45.66 -5.15 -31.29
C LYS B 209 46.66 -6.25 -31.64
N ARG B 210 46.79 -7.22 -30.76
CA ARG B 210 47.67 -8.34 -31.05
C ARG B 210 47.12 -9.09 -32.23
N SER B 211 45.80 -9.22 -32.27
CA SER B 211 45.16 -9.86 -33.43
C SER B 211 45.76 -9.27 -34.71
N THR B 212 45.94 -7.96 -34.72
CA THR B 212 46.34 -7.27 -35.94
C THR B 212 47.80 -7.53 -36.34
N VAL B 213 48.73 -7.34 -35.42
CA VAL B 213 50.11 -7.75 -35.66
C VAL B 213 50.12 -9.14 -36.31
N ALA B 214 49.41 -10.11 -35.73
CA ALA B 214 49.44 -11.49 -36.19
C ALA B 214 49.00 -11.67 -37.63
N GLN B 215 47.94 -10.96 -38.02
CA GLN B 215 47.48 -11.04 -39.40
C GLN B 215 48.50 -10.35 -40.27
N LEU B 216 48.95 -9.19 -39.80
CA LEU B 216 49.96 -8.40 -40.48
C LEU B 216 51.12 -9.33 -40.80
N VAL B 217 51.52 -10.12 -39.82
CA VAL B 217 52.65 -11.01 -39.98
C VAL B 217 52.34 -12.09 -41.00
N LYS B 218 51.22 -12.79 -40.85
CA LYS B 218 50.86 -13.78 -41.87
C LYS B 218 50.86 -13.17 -43.27
N ARG B 219 50.21 -12.02 -43.44
CA ARG B 219 50.17 -11.39 -44.76
C ARG B 219 51.55 -11.18 -45.30
N LEU B 220 52.45 -10.65 -44.48
CA LEU B 220 53.83 -10.47 -44.91
C LEU B 220 54.44 -11.78 -45.35
N THR B 221 54.09 -12.85 -44.63
CA THR B 221 54.62 -14.18 -44.87
C THR B 221 54.15 -14.76 -46.18
N ASP B 222 52.94 -14.41 -46.60
CA ASP B 222 52.43 -14.88 -47.87
C ASP B 222 53.10 -14.16 -49.02
N ALA B 223 53.52 -12.92 -48.80
CA ALA B 223 54.18 -12.17 -49.88
C ALA B 223 55.67 -12.49 -49.92
N ASP B 224 56.07 -13.41 -49.04
CA ASP B 224 57.47 -13.84 -48.95
C ASP B 224 58.29 -12.62 -48.64
N ALA B 225 57.78 -11.78 -47.74
CA ALA B 225 58.47 -10.54 -47.40
C ALA B 225 58.93 -10.63 -45.98
N MET B 226 58.35 -11.58 -45.25
CA MET B 226 58.73 -11.74 -43.86
C MET B 226 60.22 -12.03 -43.77
N LYS B 227 60.74 -12.87 -44.69
CA LYS B 227 62.15 -13.22 -44.71
C LYS B 227 63.15 -12.06 -44.56
N TYR B 228 62.80 -10.87 -45.04
CA TYR B 228 63.70 -9.73 -44.88
C TYR B 228 63.21 -8.71 -43.88
N THR B 229 62.45 -9.16 -42.89
CA THR B 229 61.69 -8.26 -42.03
C THR B 229 61.74 -8.60 -40.54
N ILE B 230 61.85 -7.59 -39.69
CA ILE B 230 61.73 -7.84 -38.27
C ILE B 230 60.47 -7.18 -37.78
N VAL B 231 59.63 -7.95 -37.09
CA VAL B 231 58.44 -7.40 -36.45
C VAL B 231 58.61 -7.37 -34.93
N VAL B 232 58.54 -6.17 -34.37
CA VAL B 232 58.73 -5.95 -32.94
C VAL B 232 57.37 -5.57 -32.39
N SER B 233 56.75 -6.39 -31.54
CA SER B 233 55.39 -6.05 -31.04
C SER B 233 55.26 -5.76 -29.54
N ALA B 234 54.82 -4.55 -29.25
CA ALA B 234 54.34 -4.18 -27.93
C ALA B 234 52.92 -3.75 -28.19
N THR B 235 52.00 -4.70 -28.03
CA THR B 235 50.60 -4.54 -28.43
C THR B 235 49.76 -3.92 -27.30
N ALA B 236 48.47 -3.73 -27.55
CA ALA B 236 47.63 -2.98 -26.64
C ALA B 236 47.61 -3.47 -25.20
N SER B 237 47.78 -4.77 -24.97
CA SER B 237 47.70 -5.32 -23.61
C SER B 237 49.03 -5.37 -22.87
N ASP B 238 50.10 -4.91 -23.52
CA ASP B 238 51.45 -4.97 -22.95
C ASP B 238 51.65 -3.76 -22.06
N ALA B 239 52.45 -3.91 -21.01
CA ALA B 239 52.68 -2.84 -20.04
C ALA B 239 53.19 -1.58 -20.71
N ALA B 240 52.78 -0.40 -20.24
CA ALA B 240 53.13 0.84 -20.97
C ALA B 240 54.60 1.00 -21.36
N PRO B 241 55.54 0.74 -20.41
CA PRO B 241 56.96 0.92 -20.74
C PRO B 241 57.41 0.05 -21.91
N LEU B 242 56.75 -1.09 -22.11
CA LEU B 242 57.07 -1.94 -23.26
C LEU B 242 56.84 -1.18 -24.56
N GLN B 243 55.65 -0.61 -24.68
CA GLN B 243 55.30 0.23 -25.83
C GLN B 243 56.19 1.47 -25.86
N TYR B 244 56.41 2.08 -24.71
CA TYR B 244 57.35 3.20 -24.58
C TYR B 244 58.74 2.84 -25.10
N LEU B 245 59.11 1.56 -24.96
CA LEU B 245 60.45 1.09 -25.30
C LEU B 245 60.57 0.72 -26.77
N ALA B 246 59.64 -0.11 -27.22
CA ALA B 246 59.72 -0.78 -28.53
C ALA B 246 60.34 0.04 -29.67
N PRO B 247 59.72 1.15 -30.07
CA PRO B 247 60.31 1.85 -31.21
C PRO B 247 61.83 2.07 -31.08
N TYR B 248 62.36 2.16 -29.86
CA TYR B 248 63.79 2.36 -29.68
C TYR B 248 64.56 1.06 -29.83
N SER B 249 63.99 0.00 -29.27
CA SER B 249 64.54 -1.33 -29.44
C SER B 249 64.66 -1.58 -30.92
N GLY B 250 63.55 -1.52 -31.61
CA GLY B 250 63.56 -1.64 -33.06
C GLY B 250 64.53 -0.73 -33.77
N CYS B 251 64.57 0.54 -33.39
CA CYS B 251 65.51 1.49 -34.02
C CYS B 251 66.93 0.98 -33.98
N SER B 252 67.34 0.48 -32.81
CA SER B 252 68.66 -0.15 -32.63
C SER B 252 68.89 -1.27 -33.63
N MET B 253 67.93 -2.20 -33.71
CA MET B 253 68.03 -3.35 -34.58
C MET B 253 68.33 -2.93 -36.00
N GLY B 254 67.84 -1.74 -36.35
CA GLY B 254 67.89 -1.25 -37.71
C GLY B 254 69.06 -0.35 -37.91
N GLU B 255 69.68 0.07 -36.82
CA GLU B 255 70.90 0.84 -36.93
C GLU B 255 72.03 -0.10 -37.36
N TYR B 256 72.04 -1.29 -36.78
CA TYR B 256 73.02 -2.30 -37.14
C TYR B 256 73.17 -2.37 -38.67
N PHE B 257 72.06 -2.38 -39.39
CA PHE B 257 72.14 -2.44 -40.84
C PHE B 257 72.65 -1.13 -41.43
N ARG B 258 72.35 -0.01 -40.78
CA ARG B 258 72.78 1.27 -41.31
C ARG B 258 74.27 1.37 -41.08
N ASP B 259 74.71 0.82 -39.96
CA ASP B 259 76.07 0.99 -39.51
C ASP B 259 77.09 0.00 -40.12
N ASN B 260 76.62 -1.11 -40.66
CA ASN B 260 77.49 -1.98 -41.46
C ASN B 260 77.25 -1.83 -42.95
N GLY B 261 77.15 -0.58 -43.40
CA GLY B 261 77.00 -0.30 -44.81
C GLY B 261 75.84 -0.98 -45.53
N LYS B 262 74.74 -1.23 -44.80
CA LYS B 262 73.49 -1.70 -45.42
C LYS B 262 72.35 -0.70 -45.27
N HIS B 263 71.20 -1.08 -45.79
CA HIS B 263 70.07 -0.17 -45.86
C HIS B 263 68.86 -0.74 -45.14
N ALA B 264 68.28 0.03 -44.22
CA ALA B 264 67.07 -0.44 -43.55
C ALA B 264 65.96 0.57 -43.60
N LEU B 265 64.76 0.07 -43.43
CA LEU B 265 63.54 0.87 -43.36
C LEU B 265 62.81 0.45 -42.10
N ILE B 266 62.54 1.41 -41.22
CA ILE B 266 61.83 1.11 -40.00
C ILE B 266 60.48 1.84 -39.99
N ILE B 267 59.43 1.12 -39.58
CA ILE B 267 58.09 1.70 -39.50
C ILE B 267 57.59 1.68 -38.05
N TYR B 268 57.20 2.86 -37.57
CA TYR B 268 56.72 3.00 -36.21
C TYR B 268 55.20 3.20 -36.28
N ASP B 269 54.47 2.19 -35.81
CA ASP B 269 53.03 2.15 -35.92
C ASP B 269 52.40 1.81 -34.59
N ASP B 270 52.03 2.85 -33.84
CA ASP B 270 52.31 4.21 -34.26
C ASP B 270 52.86 5.05 -33.13
N LEU B 271 53.48 6.16 -33.49
CA LEU B 271 54.06 7.05 -32.49
C LEU B 271 53.00 7.74 -31.61
N SER B 272 51.80 7.90 -32.12
CA SER B 272 50.74 8.51 -31.32
C SER B 272 50.43 7.67 -30.10
N LYS B 273 50.42 6.37 -30.28
CA LYS B 273 50.17 5.45 -29.18
C LYS B 273 51.35 5.34 -28.26
N GLN B 274 52.55 5.50 -28.80
CA GLN B 274 53.70 5.48 -27.92
C GLN B 274 53.66 6.70 -27.02
N ALA B 275 53.39 7.86 -27.61
CA ALA B 275 53.31 9.08 -26.82
C ALA B 275 52.31 8.88 -25.71
N VAL B 276 51.19 8.23 -26.05
CA VAL B 276 50.20 7.96 -25.02
C VAL B 276 50.77 7.14 -23.87
N ALA B 277 51.43 6.03 -24.20
CA ALA B 277 52.09 5.20 -23.21
C ALA B 277 53.05 6.04 -22.37
N TYR B 278 53.81 6.87 -23.03
CA TYR B 278 54.78 7.64 -22.29
C TYR B 278 54.06 8.57 -21.32
N ARG B 279 52.92 9.10 -21.74
CA ARG B 279 52.15 9.99 -20.90
C ARG B 279 51.65 9.28 -19.64
N GLN B 280 51.28 8.01 -19.78
CA GLN B 280 50.86 7.19 -18.63
C GLN B 280 51.97 7.22 -17.65
N MET B 281 53.16 6.81 -18.10
CA MET B 281 54.32 6.76 -17.21
C MET B 281 54.61 8.11 -16.57
N SER B 282 54.67 9.15 -17.39
CA SER B 282 54.90 10.48 -16.86
C SER B 282 53.92 10.88 -15.76
N LEU B 283 52.64 10.74 -16.04
CA LEU B 283 51.65 11.15 -15.08
C LEU B 283 51.69 10.31 -13.82
N LEU B 284 51.88 9.02 -13.98
CA LEU B 284 51.89 8.11 -12.86
C LEU B 284 53.01 8.37 -11.90
N LEU B 285 54.17 8.76 -12.45
CA LEU B 285 55.34 9.23 -11.71
C LEU B 285 55.16 10.69 -11.32
N ARG B 286 53.95 11.20 -11.40
CA ARG B 286 53.66 12.51 -10.85
C ARG B 286 54.37 13.66 -11.54
N ARG B 287 54.94 13.42 -12.72
CA ARG B 287 55.53 14.51 -13.48
C ARG B 287 54.50 15.57 -13.93
N PRO B 288 54.92 16.79 -14.28
CA PRO B 288 53.96 17.87 -14.59
C PRO B 288 53.38 17.88 -15.99
N PRO B 289 52.04 17.80 -16.11
CA PRO B 289 51.29 17.82 -17.36
C PRO B 289 51.26 19.20 -18.00
N GLY B 290 51.10 19.21 -19.33
CA GLY B 290 50.95 20.42 -20.10
C GLY B 290 49.93 20.16 -21.19
N ARG B 291 50.09 20.79 -22.35
CA ARG B 291 49.18 20.55 -23.46
C ARG B 291 48.66 19.12 -23.48
N GLU B 292 47.34 18.93 -23.38
CA GLU B 292 46.79 17.58 -23.44
C GLU B 292 47.34 16.63 -22.37
N ALA B 293 47.86 17.17 -21.27
CA ALA B 293 48.38 16.33 -20.22
C ALA B 293 49.66 15.55 -20.57
N TYR B 294 50.23 15.79 -21.74
CA TYR B 294 51.56 15.23 -22.04
C TYR B 294 52.64 15.88 -21.20
N PRO B 295 53.75 15.16 -20.94
CA PRO B 295 54.95 15.66 -20.28
C PRO B 295 55.60 16.74 -21.13
N GLY B 296 56.49 17.55 -20.56
CA GLY B 296 57.15 18.59 -21.34
C GLY B 296 58.12 18.02 -22.37
N ASP B 297 58.60 16.81 -22.09
CA ASP B 297 59.66 16.17 -22.85
C ASP B 297 59.14 15.15 -23.85
N VAL B 298 57.88 15.28 -24.25
CA VAL B 298 57.28 14.36 -25.20
C VAL B 298 57.71 14.70 -26.63
N PHE B 299 58.33 15.86 -26.79
CA PHE B 299 58.93 16.18 -28.07
C PHE B 299 60.27 15.51 -28.15
N TYR B 300 61.08 15.65 -27.13
CA TYR B 300 62.34 14.93 -27.05
C TYR B 300 62.14 13.44 -27.27
N LEU B 301 61.15 12.86 -26.58
CA LEU B 301 60.83 11.46 -26.73
C LEU B 301 60.84 11.04 -28.19
N HIS B 302 60.34 11.90 -29.07
CA HIS B 302 60.27 11.56 -30.50
C HIS B 302 61.42 12.06 -31.34
N SER B 303 61.95 13.23 -31.00
CA SER B 303 63.05 13.79 -31.77
C SER B 303 64.29 12.89 -31.67
N ARG B 304 64.47 12.24 -30.53
CA ARG B 304 65.69 11.48 -30.33
C ARG B 304 65.60 10.09 -30.88
N LEU B 305 64.38 9.63 -31.14
CA LEU B 305 64.17 8.35 -31.78
C LEU B 305 64.30 8.51 -33.27
N LEU B 306 63.88 9.66 -33.78
CA LEU B 306 63.82 9.83 -35.22
C LEU B 306 65.07 10.49 -35.80
N GLU B 307 65.95 11.01 -34.95
CA GLU B 307 67.28 11.47 -35.44
C GLU B 307 68.15 10.25 -35.75
N ARG B 308 67.93 9.17 -35.00
CA ARG B 308 68.72 7.98 -35.13
C ARG B 308 68.55 7.31 -36.49
N ALA B 309 67.82 7.98 -37.38
CA ALA B 309 67.76 7.51 -38.75
C ALA B 309 68.36 8.59 -39.63
N ALA B 310 69.35 8.20 -40.44
CA ALA B 310 69.83 9.06 -41.52
C ALA B 310 70.80 8.32 -42.40
N LYS B 311 71.49 9.10 -43.23
CA LYS B 311 72.30 8.59 -44.33
C LYS B 311 73.77 8.82 -44.05
N MET B 312 74.56 7.76 -44.04
CA MET B 312 75.98 7.90 -43.73
C MET B 312 76.81 8.22 -44.96
N ASN B 313 77.76 9.16 -44.83
CA ASN B 313 78.74 9.40 -45.89
C ASN B 313 79.58 8.14 -46.07
N ASP B 314 80.30 8.04 -47.19
CA ASP B 314 80.99 6.79 -47.50
C ASP B 314 82.05 6.44 -46.47
N ALA B 315 82.48 7.45 -45.73
CA ALA B 315 83.38 7.27 -44.59
C ALA B 315 82.90 6.26 -43.53
N PHE B 316 81.58 6.03 -43.45
CA PHE B 316 81.00 5.10 -42.47
C PHE B 316 80.11 4.09 -43.16
N GLY B 317 80.31 3.89 -44.45
CA GLY B 317 79.69 2.77 -45.11
C GLY B 317 78.46 3.16 -45.86
N GLY B 318 78.23 4.47 -45.95
CA GLY B 318 77.11 4.99 -46.73
C GLY B 318 75.82 4.20 -46.57
N GLY B 319 75.67 3.50 -45.44
CA GLY B 319 74.43 2.85 -45.10
C GLY B 319 73.36 3.86 -44.70
N SER B 320 72.13 3.39 -44.50
CA SER B 320 71.08 4.31 -44.16
C SER B 320 69.99 3.62 -43.40
N LEU B 321 69.39 4.36 -42.47
CA LEU B 321 68.13 3.99 -41.85
C LEU B 321 67.08 4.98 -42.35
N THR B 322 66.03 4.47 -42.99
CA THR B 322 64.89 5.33 -43.33
C THR B 322 63.75 5.10 -42.36
N ALA B 323 63.03 6.17 -42.03
CA ALA B 323 61.99 6.05 -41.03
C ALA B 323 60.62 6.54 -41.52
N LEU B 324 59.62 5.67 -41.42
CA LEU B 324 58.23 6.05 -41.65
C LEU B 324 57.47 5.86 -40.36
N PRO B 325 57.41 6.91 -39.52
CA PRO B 325 56.61 6.93 -38.30
C PRO B 325 55.15 7.27 -38.63
N VAL B 326 54.21 6.69 -37.89
CA VAL B 326 52.79 6.93 -38.12
C VAL B 326 52.18 7.72 -37.00
N ILE B 327 51.28 8.63 -37.33
CA ILE B 327 50.65 9.50 -36.35
C ILE B 327 49.14 9.52 -36.64
N GLU B 328 48.32 9.31 -35.63
CA GLU B 328 46.87 9.25 -35.79
C GLU B 328 46.19 10.56 -35.39
N THR B 329 45.78 11.36 -36.37
CA THR B 329 45.09 12.62 -36.10
C THR B 329 43.66 12.38 -35.70
N GLN B 330 43.09 13.31 -34.94
CA GLN B 330 41.70 13.15 -34.52
C GLN B 330 40.93 14.21 -35.25
N ALA B 331 39.95 13.77 -36.05
CA ALA B 331 39.17 14.66 -36.88
C ALA B 331 40.02 15.54 -37.78
N GLY B 332 41.10 14.98 -38.31
CA GLY B 332 41.92 15.68 -39.29
C GLY B 332 42.73 16.86 -38.78
N ASP B 333 42.83 16.96 -37.46
CA ASP B 333 43.59 18.01 -36.80
C ASP B 333 45.10 17.76 -36.81
N VAL B 334 45.74 18.27 -37.84
CA VAL B 334 47.18 18.16 -37.98
C VAL B 334 47.85 19.39 -37.40
N SER B 335 47.25 19.98 -36.38
CA SER B 335 47.95 21.04 -35.68
C SER B 335 47.67 20.93 -34.20
N ALA B 336 47.46 19.69 -33.76
CA ALA B 336 47.50 19.39 -32.33
C ALA B 336 48.93 19.46 -31.91
N TYR B 337 49.12 19.16 -30.63
CA TYR B 337 50.45 19.12 -30.08
C TYR B 337 51.23 18.00 -30.78
N ILE B 338 50.77 16.76 -30.68
CA ILE B 338 51.60 15.65 -31.14
C ILE B 338 51.83 15.60 -32.67
N PRO B 339 50.80 15.89 -33.47
CA PRO B 339 51.10 16.02 -34.89
C PRO B 339 52.11 17.13 -35.25
N THR B 340 52.01 18.33 -34.67
CA THR B 340 53.02 19.32 -35.02
C THR B 340 54.44 18.97 -34.52
N ASN B 341 54.55 18.36 -33.33
CA ASN B 341 55.85 17.89 -32.88
C ASN B 341 56.50 17.04 -33.95
N VAL B 342 55.84 15.95 -34.29
CA VAL B 342 56.42 14.98 -35.17
C VAL B 342 56.63 15.61 -36.55
N ILE B 343 55.71 16.47 -36.99
CA ILE B 343 55.88 17.11 -38.30
C ILE B 343 57.16 17.93 -38.34
N SER B 344 57.44 18.56 -37.20
CA SER B 344 58.60 19.42 -37.00
C SER B 344 59.90 18.63 -36.78
N ILE B 345 59.79 17.32 -36.75
CA ILE B 345 60.95 16.46 -36.66
C ILE B 345 61.22 15.96 -38.08
N THR B 346 60.29 15.14 -38.62
CA THR B 346 60.42 14.52 -39.96
C THR B 346 60.71 15.47 -41.10
N ASP B 347 61.16 14.90 -42.24
CA ASP B 347 61.47 15.66 -43.45
C ASP B 347 60.28 15.64 -44.43
N GLY B 348 59.10 15.95 -43.91
CA GLY B 348 57.89 15.94 -44.71
C GLY B 348 56.94 14.81 -44.33
N GLN B 349 55.74 14.84 -44.91
CA GLN B 349 54.69 13.92 -44.51
C GLN B 349 53.72 13.63 -45.64
N ILE B 350 53.17 12.43 -45.61
CA ILE B 350 52.10 12.02 -46.50
C ILE B 350 50.80 12.11 -45.70
N PHE B 351 49.97 13.08 -46.05
CA PHE B 351 48.72 13.30 -45.33
C PHE B 351 47.57 12.47 -45.93
N LEU B 352 46.93 11.63 -45.11
CA LEU B 352 45.76 10.88 -45.54
C LEU B 352 44.48 11.46 -44.98
N GLU B 353 43.50 11.49 -45.86
CA GLU B 353 42.29 12.25 -45.59
C GLU B 353 41.05 11.35 -45.52
N THR B 354 40.38 11.34 -44.37
CA THR B 354 39.19 10.50 -44.29
C THR B 354 38.21 10.78 -45.43
N GLU B 355 37.98 12.04 -45.79
CA GLU B 355 37.08 12.30 -46.92
C GLU B 355 37.46 11.53 -48.19
N LEU B 356 38.59 11.88 -48.76
CA LEU B 356 39.12 11.18 -49.93
C LEU B 356 38.94 9.67 -49.85
N PHE B 357 39.18 9.11 -48.66
CA PHE B 357 39.14 7.68 -48.51
C PHE B 357 37.72 7.24 -48.76
N TYR B 358 36.81 7.96 -48.12
CA TYR B 358 35.39 7.69 -48.24
C TYR B 358 34.94 7.74 -49.69
N LYS B 359 35.11 8.89 -50.33
CA LYS B 359 34.85 9.05 -51.75
C LYS B 359 35.35 7.86 -52.59
N GLY B 360 36.46 7.25 -52.19
CA GLY B 360 37.01 6.09 -52.89
C GLY B 360 38.44 6.29 -53.41
N ILE B 361 38.86 7.54 -53.42
CA ILE B 361 40.25 7.86 -53.66
C ILE B 361 41.15 7.13 -52.66
N ARG B 362 41.70 5.99 -53.05
CA ARG B 362 42.60 5.26 -52.17
C ARG B 362 43.77 4.68 -52.92
N PRO B 363 45.01 4.95 -52.48
CA PRO B 363 45.42 5.58 -51.22
C PRO B 363 44.85 6.97 -51.03
N ALA B 364 44.28 7.25 -49.87
CA ALA B 364 43.66 8.54 -49.64
C ALA B 364 44.68 9.65 -49.33
N ILE B 365 45.59 9.91 -50.27
CA ILE B 365 46.63 10.91 -50.05
C ILE B 365 46.17 12.30 -50.40
N ASN B 366 46.35 13.26 -49.49
CA ASN B 366 46.13 14.63 -49.90
C ASN B 366 47.37 15.16 -50.64
N VAL B 367 47.33 15.06 -51.96
CA VAL B 367 48.47 15.39 -52.76
C VAL B 367 48.91 16.84 -52.58
N GLY B 368 47.97 17.71 -52.23
CA GLY B 368 48.30 19.11 -52.08
C GLY B 368 48.96 19.39 -50.74
N LEU B 369 48.61 18.61 -49.74
CA LEU B 369 49.14 18.85 -48.41
C LEU B 369 50.39 18.03 -48.16
N SER B 370 50.48 16.88 -48.82
CA SER B 370 51.58 15.96 -48.58
C SER B 370 52.84 16.51 -49.19
N VAL B 371 53.97 16.29 -48.51
CA VAL B 371 55.24 16.80 -49.00
C VAL B 371 56.42 15.92 -48.66
N SER B 372 57.40 15.89 -49.56
CA SER B 372 58.71 15.40 -49.18
C SER B 372 59.76 16.43 -49.52
N ARG B 373 60.59 16.75 -48.54
CA ARG B 373 61.61 17.77 -48.71
C ARG B 373 62.84 17.15 -49.36
N VAL B 374 63.77 16.69 -48.51
CA VAL B 374 65.01 16.03 -48.95
C VAL B 374 64.85 15.06 -50.13
N GLY B 375 63.99 14.07 -49.96
CA GLY B 375 63.81 13.03 -50.95
C GLY B 375 63.43 13.48 -52.36
N SER B 376 63.27 14.77 -52.58
CA SER B 376 62.94 15.23 -53.92
C SER B 376 64.00 14.75 -54.92
N ALA B 377 65.26 14.76 -54.47
CA ALA B 377 66.44 14.52 -55.31
C ALA B 377 66.84 13.06 -55.33
N ALA B 378 66.05 12.20 -54.70
CA ALA B 378 66.32 10.77 -54.69
C ALA B 378 65.34 10.07 -55.62
N GLN B 379 64.64 10.87 -56.41
CA GLN B 379 63.68 10.32 -57.34
C GLN B 379 64.41 9.82 -58.57
N THR B 380 64.09 8.60 -58.99
CA THR B 380 64.58 8.09 -60.27
C THR B 380 64.25 9.02 -61.44
N ARG B 381 65.13 9.00 -62.45
CA ARG B 381 65.01 9.97 -63.54
C ARG B 381 63.86 9.59 -64.45
N ALA B 382 63.71 8.29 -64.64
CA ALA B 382 62.69 7.74 -65.51
C ALA B 382 61.32 8.34 -65.14
N MET B 383 61.02 8.24 -63.85
CA MET B 383 59.79 8.76 -63.28
C MET B 383 59.70 10.28 -63.46
N LYS B 384 60.72 10.98 -62.96
CA LYS B 384 60.83 12.45 -62.98
C LYS B 384 60.27 13.10 -64.23
N GLN B 385 60.63 12.58 -65.40
CA GLN B 385 60.04 13.04 -66.64
C GLN B 385 58.53 13.12 -66.47
N VAL B 386 57.88 11.96 -66.55
CA VAL B 386 56.43 11.85 -66.54
C VAL B 386 55.82 12.31 -65.23
N ALA B 387 56.53 12.10 -64.12
CA ALA B 387 56.07 12.53 -62.81
C ALA B 387 55.87 14.04 -62.74
N GLY B 388 56.94 14.79 -62.97
CA GLY B 388 56.91 16.22 -62.83
C GLY B 388 55.77 16.86 -63.59
N THR B 389 55.41 16.24 -64.71
CA THR B 389 54.37 16.83 -65.54
C THR B 389 52.98 16.39 -65.10
N MET B 390 52.94 15.44 -64.16
CA MET B 390 51.69 15.13 -63.46
C MET B 390 51.50 16.08 -62.28
N LYS B 391 52.54 16.25 -61.46
CA LYS B 391 52.48 17.17 -60.32
C LYS B 391 51.93 18.50 -60.76
N LEU B 392 52.22 18.83 -62.02
CA LEU B 392 51.87 20.12 -62.60
C LEU B 392 50.41 20.20 -63.06
N GLU B 393 49.93 19.18 -63.76
CA GLU B 393 48.55 19.22 -64.26
C GLU B 393 47.56 19.02 -63.12
N LEU B 394 47.97 18.23 -62.13
CA LEU B 394 47.18 18.01 -60.93
C LEU B 394 47.13 19.30 -60.14
N ALA B 395 48.21 20.06 -60.25
CA ALA B 395 48.26 21.39 -59.69
C ALA B 395 47.14 22.26 -60.26
N GLN B 396 47.15 22.44 -61.58
CA GLN B 396 46.18 23.31 -62.21
C GLN B 396 44.80 22.68 -62.23
N TYR B 397 44.64 21.59 -61.48
CA TYR B 397 43.36 20.92 -61.39
C TYR B 397 42.70 21.32 -60.10
N ARG B 398 43.52 21.61 -59.10
CA ARG B 398 43.09 21.71 -57.71
C ARG B 398 42.25 22.93 -57.39
N GLU B 399 42.51 24.05 -58.07
CA GLU B 399 41.64 25.20 -57.91
C GLU B 399 40.56 25.21 -58.97
N VAL B 400 40.94 25.04 -60.23
CA VAL B 400 39.95 25.06 -61.29
C VAL B 400 38.90 24.01 -60.97
N ALA B 401 39.07 23.32 -59.84
CA ALA B 401 38.09 22.36 -59.34
C ALA B 401 37.08 23.01 -58.40
N LEU B 410 31.87 26.47 -69.23
CA LEU B 410 33.23 26.90 -68.96
C LEU B 410 34.14 26.64 -70.17
N ASP B 411 35.16 27.48 -70.36
CA ASP B 411 35.92 27.50 -71.61
C ASP B 411 36.74 26.24 -71.92
N ALA B 412 37.04 26.05 -73.20
CA ALA B 412 37.72 24.85 -73.68
C ALA B 412 38.81 24.36 -72.71
N ALA B 413 39.73 25.26 -72.39
CA ALA B 413 40.95 24.86 -71.69
C ALA B 413 40.78 24.60 -70.20
N THR B 414 39.91 25.35 -69.54
CA THR B 414 39.71 25.11 -68.12
C THR B 414 38.87 23.86 -67.91
N GLN B 415 37.98 23.60 -68.87
CA GLN B 415 37.16 22.40 -68.78
C GLN B 415 38.02 21.23 -69.19
N GLN B 416 39.08 21.53 -69.92
CA GLN B 416 40.04 20.52 -70.29
C GLN B 416 40.86 20.17 -69.06
N LEU B 417 41.42 21.19 -68.43
CA LEU B 417 42.24 21.03 -67.25
C LEU B 417 41.56 20.21 -66.16
N LEU B 418 40.25 20.26 -66.14
CA LEU B 418 39.45 19.37 -65.30
C LEU B 418 39.50 17.94 -65.79
N SER B 419 38.95 17.70 -66.97
CA SER B 419 38.98 16.37 -67.59
C SER B 419 40.31 15.67 -67.33
N ARG B 420 41.39 16.31 -67.76
CA ARG B 420 42.72 15.79 -67.54
C ARG B 420 42.93 15.42 -66.07
N GLY B 421 42.40 16.25 -65.19
CA GLY B 421 42.61 16.08 -63.77
C GLY B 421 41.93 14.84 -63.24
N VAL B 422 40.62 14.76 -63.44
CA VAL B 422 39.85 13.68 -62.84
C VAL B 422 40.44 12.38 -63.30
N ARG B 423 41.11 12.42 -64.45
CA ARG B 423 41.69 11.22 -65.00
C ARG B 423 43.00 10.85 -64.32
N LEU B 424 43.91 11.81 -64.23
CA LEU B 424 45.20 11.61 -63.57
C LEU B 424 44.95 11.10 -62.16
N THR B 425 43.86 11.56 -61.58
CA THR B 425 43.52 11.15 -60.25
C THR B 425 43.20 9.67 -60.21
N GLU B 426 42.21 9.27 -61.02
CA GLU B 426 41.86 7.87 -61.17
C GLU B 426 43.09 7.00 -61.35
N LEU B 427 44.04 7.45 -62.17
CA LEU B 427 45.30 6.71 -62.37
C LEU B 427 46.06 6.43 -61.09
N LEU B 428 46.02 7.33 -60.13
CA LEU B 428 46.79 7.12 -58.91
C LEU B 428 46.10 6.31 -57.82
N LYS B 429 44.83 5.95 -58.03
CA LYS B 429 44.14 4.99 -57.14
C LYS B 429 44.83 3.67 -57.34
N GLN B 430 45.05 2.94 -56.25
CA GLN B 430 45.80 1.69 -56.32
C GLN B 430 45.42 0.75 -55.19
N GLY B 431 45.27 -0.52 -55.52
CA GLY B 431 44.82 -1.50 -54.55
C GLY B 431 45.88 -1.93 -53.57
N GLN B 432 45.41 -2.48 -52.47
CA GLN B 432 46.29 -2.94 -51.41
C GLN B 432 47.05 -4.18 -51.82
N TYR B 433 48.22 -4.37 -51.25
CA TYR B 433 49.02 -5.57 -51.46
C TYR B 433 49.55 -5.75 -52.90
N SER B 434 49.81 -4.65 -53.61
CA SER B 434 50.30 -4.73 -54.98
C SER B 434 51.24 -3.58 -55.30
N PRO B 435 52.43 -3.59 -54.72
CA PRO B 435 53.44 -2.59 -55.05
C PRO B 435 53.75 -2.69 -56.52
N MET B 436 54.05 -1.57 -57.17
CA MET B 436 54.41 -1.62 -58.58
C MET B 436 55.89 -1.35 -58.80
N ALA B 437 56.46 -2.06 -59.76
CA ALA B 437 57.80 -1.75 -60.22
C ALA B 437 57.80 -0.33 -60.72
N ILE B 438 58.87 0.38 -60.42
CA ILE B 438 58.96 1.79 -60.77
C ILE B 438 58.66 2.07 -62.26
N GLU B 439 59.04 1.16 -63.15
CA GLU B 439 58.82 1.35 -64.59
C GLU B 439 57.39 1.01 -65.00
N GLU B 440 56.86 -0.06 -64.41
CA GLU B 440 55.44 -0.36 -64.52
C GLU B 440 54.66 0.91 -64.17
N GLN B 441 55.14 1.67 -63.17
CA GLN B 441 54.51 2.93 -62.79
C GLN B 441 54.64 3.99 -63.88
N VAL B 442 55.86 4.21 -64.32
CA VAL B 442 56.14 5.26 -65.29
C VAL B 442 55.36 4.98 -66.56
N ALA B 443 55.06 3.71 -66.76
CA ALA B 443 54.31 3.25 -67.92
C ALA B 443 52.86 3.67 -67.87
N VAL B 444 52.15 3.26 -66.82
CA VAL B 444 50.73 3.57 -66.70
C VAL B 444 50.48 5.07 -66.46
N ILE B 445 51.47 5.76 -65.87
CA ILE B 445 51.37 7.21 -65.77
C ILE B 445 51.54 7.88 -67.13
N TYR B 446 52.58 7.48 -67.87
CA TYR B 446 52.76 7.93 -69.25
C TYR B 446 51.42 7.91 -69.98
N ALA B 447 50.67 6.84 -69.79
CA ALA B 447 49.39 6.63 -70.46
C ALA B 447 48.43 7.78 -70.26
N GLY B 448 48.54 8.47 -69.12
CA GLY B 448 47.58 9.49 -68.74
C GLY B 448 48.08 10.90 -68.98
N VAL B 449 49.37 11.13 -68.77
CA VAL B 449 49.97 12.43 -69.01
C VAL B 449 50.11 12.81 -70.49
N ARG B 450 50.11 11.82 -71.37
CA ARG B 450 50.05 12.09 -72.80
C ARG B 450 48.60 12.08 -73.26
N GLY B 451 47.68 11.88 -72.33
CA GLY B 451 46.26 12.02 -72.57
C GLY B 451 45.60 11.00 -73.49
N TYR B 452 45.98 9.74 -73.36
CA TYR B 452 45.28 8.70 -74.09
C TYR B 452 44.04 8.37 -73.30
N LEU B 453 44.08 8.71 -72.02
CA LEU B 453 42.98 8.43 -71.11
C LEU B 453 41.81 9.39 -71.23
N ASP B 454 42.01 10.49 -71.96
CA ASP B 454 41.07 11.61 -71.94
C ASP B 454 39.63 11.35 -72.40
N LYS B 455 39.45 10.49 -73.40
CA LYS B 455 38.12 10.28 -73.94
C LYS B 455 37.38 9.08 -73.36
N LEU B 456 38.09 8.30 -72.53
CA LEU B 456 37.50 7.26 -71.69
C LEU B 456 36.67 7.89 -70.60
N GLU B 457 35.49 7.36 -70.32
CA GLU B 457 34.81 7.83 -69.10
C GLU B 457 35.53 7.26 -67.90
N PRO B 458 35.60 8.03 -66.82
CA PRO B 458 36.48 7.78 -65.68
C PRO B 458 36.16 6.50 -64.92
N SER B 459 34.88 6.12 -64.86
CA SER B 459 34.54 4.85 -64.24
C SER B 459 35.42 3.73 -64.81
N LYS B 460 35.75 3.86 -66.09
CA LYS B 460 36.42 2.81 -66.82
C LYS B 460 37.93 2.89 -66.70
N ILE B 461 38.42 4.02 -66.23
CA ILE B 461 39.86 4.27 -66.16
C ILE B 461 40.61 3.18 -65.44
N THR B 462 40.11 2.73 -64.30
CA THR B 462 40.86 1.71 -63.57
C THR B 462 40.79 0.33 -64.23
N LYS B 463 39.67 0.03 -64.90
CA LYS B 463 39.62 -1.20 -65.72
C LYS B 463 40.76 -1.17 -66.73
N PHE B 464 40.75 -0.12 -67.53
CA PHE B 464 41.79 0.15 -68.51
C PHE B 464 43.16 -0.01 -67.93
N GLU B 465 43.40 0.62 -66.77
CA GLU B 465 44.74 0.65 -66.22
C GLU B 465 45.18 -0.77 -65.96
N ASN B 466 44.33 -1.53 -65.30
CA ASN B 466 44.74 -2.87 -64.90
C ASN B 466 45.02 -3.77 -66.09
N ALA B 467 44.21 -3.63 -67.13
CA ALA B 467 44.44 -4.38 -68.34
C ALA B 467 45.75 -3.89 -68.97
N PHE B 468 45.78 -2.61 -69.30
CA PHE B 468 46.97 -2.04 -69.92
C PHE B 468 48.25 -2.44 -69.16
N LEU B 469 48.25 -2.38 -67.85
CA LEU B 469 49.50 -2.66 -67.15
C LEU B 469 49.82 -4.13 -67.27
N SER B 470 48.87 -4.99 -66.93
CA SER B 470 49.14 -6.42 -66.97
C SER B 470 49.51 -6.85 -68.40
N HIS B 471 49.05 -6.08 -69.38
CA HIS B 471 49.43 -6.34 -70.75
C HIS B 471 50.89 -6.05 -71.04
N VAL B 472 51.30 -4.79 -70.92
CA VAL B 472 52.70 -4.48 -71.17
C VAL B 472 53.60 -5.39 -70.33
N ILE B 473 53.15 -5.74 -69.13
CA ILE B 473 53.96 -6.57 -68.26
C ILE B 473 54.16 -7.96 -68.84
N SER B 474 53.08 -8.57 -69.34
CA SER B 474 53.17 -9.89 -69.94
C SER B 474 54.02 -9.91 -71.21
N GLN B 475 53.58 -9.12 -72.18
CA GLN B 475 54.25 -9.08 -73.48
C GLN B 475 55.49 -8.21 -73.49
N HIS B 476 55.33 -6.91 -73.31
CA HIS B 476 56.46 -6.00 -73.44
C HIS B 476 57.46 -5.92 -72.29
N GLN B 477 57.79 -7.05 -71.67
CA GLN B 477 58.84 -7.06 -70.68
C GLN B 477 60.09 -6.39 -71.26
N ALA B 478 60.11 -6.30 -72.59
CA ALA B 478 61.17 -5.64 -73.35
C ALA B 478 61.27 -4.20 -72.93
N LEU B 479 60.20 -3.48 -73.26
CA LEU B 479 60.06 -2.06 -72.99
C LEU B 479 60.28 -1.75 -71.53
N LEU B 480 59.63 -2.51 -70.64
CA LEU B 480 59.83 -2.28 -69.21
C LEU B 480 61.30 -2.41 -68.87
N GLY B 481 61.85 -3.61 -69.02
CA GLY B 481 63.28 -3.82 -68.85
C GLY B 481 64.15 -2.68 -69.37
N LYS B 482 63.77 -2.09 -70.51
CA LYS B 482 64.57 -1.01 -71.09
C LYS B 482 64.43 0.34 -70.37
N ILE B 483 63.21 0.72 -69.97
CA ILE B 483 62.97 1.97 -69.24
C ILE B 483 63.68 1.98 -67.91
N ARG B 484 63.75 0.82 -67.26
CA ARG B 484 64.55 0.67 -66.06
C ARG B 484 66.02 0.89 -66.36
N THR B 485 66.49 0.31 -67.47
CA THR B 485 67.89 0.37 -67.89
C THR B 485 68.40 1.74 -68.36
N ASP B 486 67.84 2.30 -69.43
CA ASP B 486 68.15 3.68 -69.82
C ASP B 486 67.77 4.63 -68.68
N GLY B 487 67.18 4.08 -67.61
CA GLY B 487 66.65 4.88 -66.50
C GLY B 487 65.96 6.16 -66.97
N LYS B 488 65.06 6.03 -67.94
CA LYS B 488 64.60 7.15 -68.74
C LYS B 488 63.66 6.66 -69.84
N ILE B 489 62.69 7.47 -70.21
CA ILE B 489 61.88 7.09 -71.34
C ILE B 489 62.62 7.60 -72.55
N SER B 490 63.35 6.67 -73.16
CA SER B 490 64.14 6.91 -74.36
C SER B 490 63.28 7.35 -75.56
N GLU B 491 63.87 8.08 -76.49
CA GLU B 491 63.12 8.52 -77.66
C GLU B 491 62.48 7.36 -78.39
N GLU B 492 63.18 6.24 -78.46
CA GLU B 492 62.65 4.99 -78.99
C GLU B 492 61.57 4.49 -78.06
N SER B 493 61.95 4.14 -76.82
CA SER B 493 61.00 3.73 -75.79
C SER B 493 59.71 4.49 -75.96
N ASP B 494 59.79 5.80 -75.94
CA ASP B 494 58.59 6.59 -76.03
C ASP B 494 57.72 6.22 -77.24
N ALA B 495 58.31 6.20 -78.43
CA ALA B 495 57.53 6.00 -79.64
C ALA B 495 57.01 4.57 -79.68
N LYS B 496 57.75 3.66 -79.06
CA LYS B 496 57.35 2.26 -78.92
C LYS B 496 56.07 2.19 -78.09
N LEU B 497 56.21 2.74 -76.89
CA LEU B 497 55.13 2.91 -75.94
C LEU B 497 53.92 3.63 -76.55
N LYS B 498 54.18 4.62 -77.39
CA LYS B 498 53.08 5.34 -78.01
C LYS B 498 52.23 4.34 -78.76
N GLU B 499 52.88 3.47 -79.50
CA GLU B 499 52.15 2.58 -80.37
C GLU B 499 51.35 1.58 -79.57
N ILE B 500 51.99 0.99 -78.57
CA ILE B 500 51.29 0.11 -77.64
C ILE B 500 49.98 0.74 -77.17
N VAL B 501 50.07 1.81 -76.41
CA VAL B 501 48.87 2.46 -75.89
C VAL B 501 47.82 2.91 -76.93
N THR B 502 48.25 3.27 -78.12
CA THR B 502 47.36 3.93 -79.08
C THR B 502 46.41 2.93 -79.68
N ASN B 503 46.96 1.75 -79.91
CA ASN B 503 46.22 0.64 -80.48
C ASN B 503 45.45 -0.06 -79.37
N PHE B 504 46.01 -0.06 -78.17
CA PHE B 504 45.34 -0.74 -77.06
C PHE B 504 44.07 -0.03 -76.74
N LEU B 505 44.06 1.27 -76.94
CA LEU B 505 42.88 2.05 -76.61
C LEU B 505 41.98 2.22 -77.81
N ALA B 506 42.32 1.60 -78.93
CA ALA B 506 41.27 1.34 -79.92
C ALA B 506 40.59 0.05 -79.48
N GLY B 507 41.42 -0.94 -79.14
CA GLY B 507 40.98 -2.21 -78.60
C GLY B 507 40.07 -2.08 -77.39
N PHE B 508 40.08 -0.93 -76.75
CA PHE B 508 39.12 -0.72 -75.68
C PHE B 508 37.70 -0.49 -76.23
N GLU B 509 36.96 -1.59 -76.22
CA GLU B 509 35.52 -1.59 -76.29
C GLU B 509 34.99 -1.53 -74.82
N ALA B 510 33.74 -1.08 -74.64
CA ALA B 510 33.16 -0.75 -73.33
C ALA B 510 32.16 -1.79 -72.80
N GLU C 27 73.97 40.39 14.46
CA GLU C 27 73.42 41.39 13.54
C GLU C 27 72.65 40.70 12.39
N THR C 28 72.81 39.38 12.30
CA THR C 28 72.16 38.53 11.28
C THR C 28 72.96 37.27 10.97
N GLY C 29 72.38 36.34 10.18
CA GLY C 29 72.96 34.99 10.05
C GLY C 29 73.16 34.28 8.66
N ARG C 30 73.09 32.95 8.73
CA ARG C 30 73.52 31.96 7.72
C ARG C 30 72.70 31.89 6.43
N VAL C 31 73.20 31.14 5.43
CA VAL C 31 72.40 30.76 4.27
C VAL C 31 72.23 29.26 4.22
N LEU C 32 70.99 28.81 4.28
CA LEU C 32 70.66 27.40 4.35
C LEU C 32 70.82 26.73 3.00
N SER C 33 70.41 27.44 1.94
CA SER C 33 70.34 26.92 0.58
C SER C 33 69.98 28.04 -0.38
N ILE C 34 70.49 27.97 -1.61
CA ILE C 34 70.20 29.00 -2.59
C ILE C 34 70.02 28.39 -3.96
N GLY C 35 69.08 28.98 -4.70
CA GLY C 35 68.69 28.56 -6.05
C GLY C 35 67.55 29.44 -6.58
N ASP C 36 67.67 29.81 -7.85
CA ASP C 36 66.59 30.48 -8.58
C ASP C 36 66.15 31.82 -8.00
N GLY C 37 67.04 32.45 -7.26
CA GLY C 37 66.75 33.75 -6.68
C GLY C 37 66.06 33.59 -5.35
N ILE C 38 66.04 32.36 -4.84
CA ILE C 38 65.44 32.10 -3.54
C ILE C 38 66.42 31.52 -2.54
N ALA C 39 66.79 32.36 -1.58
CA ALA C 39 67.72 31.95 -0.54
C ALA C 39 66.99 31.64 0.75
N ARG C 40 67.16 30.42 1.24
CA ARG C 40 66.70 30.04 2.56
C ARG C 40 67.79 30.43 3.55
N VAL C 41 67.41 30.89 4.73
CA VAL C 41 68.37 31.41 5.70
C VAL C 41 68.11 30.92 7.11
N HIS C 42 69.10 30.26 7.72
CA HIS C 42 68.95 29.75 9.10
C HIS C 42 69.55 30.67 10.14
N GLY C 43 68.74 31.61 10.61
CA GLY C 43 69.21 32.64 11.50
C GLY C 43 68.30 33.84 11.40
N LEU C 44 68.87 35.02 11.24
CA LEU C 44 68.09 36.26 11.18
C LEU C 44 66.92 36.35 12.19
N ARG C 45 67.02 35.66 13.31
CA ARG C 45 65.87 35.38 14.20
C ARG C 45 64.99 36.58 14.58
N ASN C 46 65.52 37.80 14.46
CA ASN C 46 64.74 38.98 14.79
C ASN C 46 64.45 39.83 13.58
N VAL C 47 64.47 39.23 12.39
CA VAL C 47 64.27 39.97 11.15
C VAL C 47 62.81 40.29 10.92
N GLN C 48 62.53 41.52 10.54
CA GLN C 48 61.17 41.90 10.18
C GLN C 48 60.73 41.23 8.88
N ALA C 49 59.48 40.80 8.84
CA ALA C 49 58.88 40.37 7.59
C ALA C 49 58.80 41.55 6.63
N GLU C 50 59.29 41.36 5.41
CA GLU C 50 59.28 42.40 4.39
C GLU C 50 60.46 43.33 4.57
N GLU C 51 61.29 43.03 5.56
CA GLU C 51 62.52 43.79 5.80
C GLU C 51 63.58 43.28 4.86
N MET C 52 64.34 44.21 4.29
CA MET C 52 65.41 43.87 3.36
C MET C 52 66.69 43.46 4.10
N VAL C 53 67.25 42.32 3.75
CA VAL C 53 68.50 41.90 4.34
C VAL C 53 69.58 42.32 3.36
N GLU C 54 70.83 42.08 3.74
CA GLU C 54 71.96 42.27 2.84
C GLU C 54 72.82 41.02 2.82
N PHE C 55 73.49 40.80 1.69
CA PHE C 55 74.21 39.56 1.51
C PHE C 55 75.72 39.68 1.69
N SER C 56 76.34 38.57 2.05
CA SER C 56 77.79 38.49 2.05
C SER C 56 78.38 39.37 0.94
N SER C 57 78.15 39.01 -0.31
CA SER C 57 78.75 39.71 -1.44
C SER C 57 78.31 41.18 -1.64
N GLY C 58 77.54 41.71 -0.70
CA GLY C 58 77.10 43.08 -0.76
C GLY C 58 75.78 43.26 -1.49
N LEU C 59 75.03 42.17 -1.57
CA LEU C 59 73.79 42.09 -2.35
C LEU C 59 72.56 42.29 -1.48
N LYS C 60 71.75 43.27 -1.85
CA LYS C 60 70.51 43.54 -1.13
C LYS C 60 69.46 42.48 -1.48
N GLY C 61 68.94 41.79 -0.46
CA GLY C 61 67.89 40.80 -0.65
C GLY C 61 66.53 41.26 -0.13
N MET C 62 65.73 40.31 0.34
CA MET C 62 64.44 40.63 0.98
C MET C 62 63.66 39.48 1.60
N SER C 63 63.18 39.74 2.81
CA SER C 63 62.43 38.74 3.55
C SER C 63 60.99 38.80 3.12
N LEU C 64 60.40 37.62 2.94
CA LEU C 64 59.04 37.47 2.48
C LEU C 64 58.40 36.25 3.10
N ASN C 65 59.20 35.23 3.35
CA ASN C 65 58.67 34.08 4.08
C ASN C 65 59.31 33.99 5.48
N LEU C 66 58.62 34.46 6.50
CA LEU C 66 59.12 34.25 7.85
C LEU C 66 58.56 32.93 8.37
N GLU C 67 59.33 31.87 8.25
CA GLU C 67 58.88 30.57 8.70
C GLU C 67 59.65 30.20 9.96
N PRO C 68 59.18 29.18 10.69
CA PRO C 68 59.76 28.71 11.94
C PRO C 68 61.26 28.65 11.92
N ASP C 69 61.80 27.96 10.93
CA ASP C 69 63.20 27.57 10.94
C ASP C 69 63.98 28.17 9.79
N ASN C 70 63.51 29.28 9.24
CA ASN C 70 64.26 29.91 8.19
C ASN C 70 63.54 31.06 7.56
N VAL C 71 64.30 31.99 7.00
CA VAL C 71 63.72 33.07 6.22
C VAL C 71 64.02 32.87 4.74
N GLY C 72 62.99 32.58 3.95
CA GLY C 72 63.12 32.60 2.51
C GLY C 72 63.27 34.05 2.08
N VAL C 73 64.29 34.33 1.28
CA VAL C 73 64.61 35.70 0.88
C VAL C 73 64.69 35.84 -0.62
N VAL C 74 63.96 36.79 -1.19
CA VAL C 74 64.05 37.00 -2.63
C VAL C 74 65.27 37.88 -3.00
N VAL C 75 66.27 37.28 -3.61
CA VAL C 75 67.48 38.01 -3.99
C VAL C 75 67.23 39.12 -5.01
N PHE C 76 67.69 40.34 -4.76
CA PHE C 76 67.53 41.41 -5.76
C PHE C 76 68.66 41.48 -6.80
N GLY C 77 69.07 40.33 -7.33
CA GLY C 77 70.06 40.27 -8.40
C GLY C 77 70.62 38.88 -8.65
N ASN C 78 71.68 38.80 -9.45
CA ASN C 78 72.27 37.52 -9.79
C ASN C 78 72.67 36.69 -8.58
N ASP C 79 71.96 35.60 -8.33
CA ASP C 79 72.29 34.72 -7.22
C ASP C 79 73.33 33.65 -7.58
N LYS C 80 74.36 34.03 -8.32
CA LYS C 80 75.50 33.15 -8.56
C LYS C 80 76.51 33.37 -7.42
N LEU C 81 76.66 34.64 -7.07
CA LEU C 81 77.56 35.11 -6.04
C LEU C 81 77.24 34.47 -4.70
N ILE C 82 75.97 34.15 -4.49
CA ILE C 82 75.55 33.51 -3.26
C ILE C 82 75.88 32.04 -3.31
N LYS C 83 76.13 31.47 -2.13
CA LYS C 83 76.57 30.10 -2.01
C LYS C 83 75.98 29.66 -0.72
N GLU C 84 75.84 28.35 -0.51
CA GLU C 84 75.41 27.90 0.80
C GLU C 84 76.37 28.50 1.80
N GLY C 85 75.90 28.80 3.00
CA GLY C 85 76.80 29.24 4.06
C GLY C 85 77.16 30.72 4.13
N ASP C 86 77.02 31.45 3.03
CA ASP C 86 77.28 32.90 3.04
C ASP C 86 76.68 33.60 4.27
N ILE C 87 76.89 34.90 4.36
CA ILE C 87 76.39 35.63 5.51
C ILE C 87 75.33 36.65 5.13
N VAL C 88 74.20 36.61 5.82
CA VAL C 88 73.15 37.56 5.58
C VAL C 88 72.99 38.41 6.81
N LYS C 89 72.93 39.72 6.60
CA LYS C 89 72.90 40.70 7.69
C LYS C 89 71.69 41.63 7.58
N ARG C 90 71.04 41.91 8.70
CA ARG C 90 69.87 42.79 8.69
C ARG C 90 70.19 44.22 8.27
N THR C 91 69.16 44.93 7.84
CA THR C 91 69.28 46.34 7.50
C THR C 91 68.43 47.05 8.49
N GLY C 92 67.43 46.33 9.00
CA GLY C 92 66.43 46.90 9.89
C GLY C 92 65.31 47.57 9.12
N ALA C 93 65.60 47.98 7.90
CA ALA C 93 64.68 48.81 7.11
C ALA C 93 63.75 48.01 6.18
N ILE C 94 62.48 48.43 6.13
CA ILE C 94 61.58 48.01 5.06
C ILE C 94 62.02 48.79 3.81
N VAL C 95 61.81 48.22 2.64
CA VAL C 95 62.47 48.71 1.43
C VAL C 95 62.04 50.10 0.98
N ASP C 96 63.01 50.91 0.53
CA ASP C 96 62.76 52.31 0.23
C ASP C 96 63.58 52.84 -0.94
N VAL C 97 63.24 54.05 -1.40
CA VAL C 97 63.88 54.59 -2.60
C VAL C 97 63.97 56.12 -2.62
N PRO C 98 64.97 56.65 -3.35
CA PRO C 98 65.15 58.05 -3.71
C PRO C 98 63.87 58.75 -4.17
N VAL C 99 63.72 60.04 -3.87
CA VAL C 99 62.48 60.76 -4.17
C VAL C 99 62.78 62.20 -4.57
N GLY C 100 61.80 62.89 -5.14
CA GLY C 100 61.93 64.33 -5.29
C GLY C 100 62.51 64.81 -6.61
N GLU C 101 62.49 66.12 -6.82
CA GLU C 101 62.87 66.72 -8.10
C GLU C 101 64.29 66.34 -8.56
N GLU C 102 65.12 65.93 -7.59
CA GLU C 102 66.49 65.47 -7.81
C GLU C 102 66.53 64.22 -8.68
N LEU C 103 65.34 63.79 -9.14
CA LEU C 103 65.22 62.58 -9.94
C LEU C 103 64.80 62.91 -11.35
N LEU C 104 64.08 64.01 -11.51
CA LEU C 104 63.62 64.40 -12.84
C LEU C 104 64.76 64.30 -13.85
N GLY C 105 64.43 64.02 -15.11
CA GLY C 105 65.39 63.98 -16.19
C GLY C 105 66.36 62.80 -16.17
N ARG C 106 66.31 62.05 -15.07
CA ARG C 106 67.16 60.89 -14.92
C ARG C 106 66.52 59.58 -15.43
N VAL C 107 67.18 58.46 -15.11
CA VAL C 107 66.75 57.14 -15.53
C VAL C 107 67.31 56.24 -14.44
N VAL C 108 66.45 55.72 -13.59
CA VAL C 108 66.96 54.93 -12.49
C VAL C 108 66.42 53.50 -12.52
N ASP C 109 67.22 52.55 -12.05
CA ASP C 109 66.74 51.20 -11.92
C ASP C 109 65.66 51.14 -10.84
N ALA C 110 65.14 49.95 -10.61
CA ALA C 110 64.02 49.75 -9.71
C ALA C 110 64.30 50.13 -8.24
N LEU C 111 65.56 50.33 -7.88
CA LEU C 111 65.87 50.70 -6.51
C LEU C 111 66.24 52.16 -6.34
N GLY C 112 66.22 52.91 -7.43
CA GLY C 112 66.55 54.33 -7.40
C GLY C 112 67.90 54.66 -8.01
N ASN C 113 68.82 53.70 -7.99
CA ASN C 113 70.17 53.86 -8.56
C ASN C 113 70.13 54.38 -9.98
N ALA C 114 71.06 55.26 -10.32
CA ALA C 114 71.06 55.84 -11.63
C ALA C 114 71.76 54.88 -12.57
N ILE C 115 71.36 54.89 -13.83
CA ILE C 115 71.92 53.96 -14.78
C ILE C 115 72.09 54.62 -16.14
N ASP C 116 71.91 55.94 -16.20
CA ASP C 116 72.12 56.66 -17.45
C ASP C 116 73.53 57.24 -17.53
N GLY C 117 74.37 56.80 -16.58
CA GLY C 117 75.74 57.23 -16.50
C GLY C 117 75.79 58.74 -16.45
N LYS C 118 75.43 59.28 -15.30
CA LYS C 118 75.48 60.71 -15.06
C LYS C 118 75.74 60.96 -13.58
N GLY C 119 76.19 59.92 -12.89
CA GLY C 119 76.59 60.04 -11.50
C GLY C 119 75.41 60.37 -10.62
N PRO C 120 75.34 59.73 -9.45
CA PRO C 120 74.21 59.72 -8.51
C PRO C 120 73.25 60.93 -8.58
N ILE C 121 72.07 60.73 -8.01
CA ILE C 121 71.07 61.77 -7.93
C ILE C 121 71.21 62.45 -6.57
N GLY C 122 70.67 63.66 -6.42
CA GLY C 122 70.76 64.40 -5.16
C GLY C 122 69.72 63.99 -4.11
N SER C 123 69.69 62.70 -3.76
CA SER C 123 68.58 62.10 -3.04
C SER C 123 68.52 62.37 -1.55
N LYS C 124 68.19 63.61 -1.18
CA LYS C 124 67.98 63.93 0.22
C LYS C 124 66.68 63.26 0.69
N ALA C 125 65.67 63.29 -0.17
CA ALA C 125 64.38 62.66 0.11
C ALA C 125 64.36 61.15 -0.14
N ARG C 126 63.99 60.38 0.88
CA ARG C 126 63.99 58.93 0.78
C ARG C 126 62.69 58.26 1.29
N ARG C 127 61.74 58.02 0.38
CA ARG C 127 60.41 57.47 0.70
C ARG C 127 60.36 55.94 0.64
N ARG C 128 59.46 55.36 1.43
CA ARG C 128 59.32 53.90 1.47
C ARG C 128 58.43 53.38 0.33
N VAL C 129 58.78 52.23 -0.24
CA VAL C 129 57.95 51.67 -1.32
C VAL C 129 56.62 51.18 -0.77
N GLY C 130 56.68 50.41 0.33
CA GLY C 130 55.52 49.77 0.92
C GLY C 130 54.50 50.64 1.64
N LEU C 131 54.14 51.76 1.02
CA LEU C 131 53.19 52.70 1.60
C LEU C 131 51.78 52.30 1.21
N LYS C 132 50.86 52.31 2.16
CA LYS C 132 49.46 52.07 1.82
C LYS C 132 48.84 53.32 1.23
N ALA C 133 47.69 53.16 0.62
CA ALA C 133 47.10 54.26 -0.12
C ALA C 133 46.20 55.13 0.77
N PRO C 134 45.99 56.38 0.36
CA PRO C 134 45.05 57.32 0.96
C PRO C 134 43.63 56.78 1.13
N GLY C 135 43.17 56.67 2.38
CA GLY C 135 41.80 56.34 2.71
C GLY C 135 40.76 57.33 2.17
N ILE C 136 39.60 57.44 2.82
CA ILE C 136 38.48 58.20 2.25
C ILE C 136 38.55 59.71 2.33
N ILE C 137 38.97 60.22 3.49
CA ILE C 137 38.94 61.64 3.81
C ILE C 137 39.97 62.49 3.05
N PRO C 138 41.24 62.03 3.03
CA PRO C 138 42.32 62.78 2.37
C PRO C 138 42.05 63.15 0.92
N ARG C 139 40.83 62.96 0.43
CA ARG C 139 40.63 63.06 -1.00
C ARG C 139 39.48 63.95 -1.38
N ILE C 140 39.28 64.12 -2.68
CA ILE C 140 38.19 64.90 -3.21
C ILE C 140 37.92 64.49 -4.66
N SER C 141 36.64 64.42 -5.02
CA SER C 141 36.22 64.11 -6.38
C SER C 141 37.19 64.66 -7.43
N VAL C 142 37.52 63.82 -8.40
CA VAL C 142 38.44 64.20 -9.48
C VAL C 142 37.83 65.22 -10.44
N ARG C 143 38.38 66.43 -10.41
CA ARG C 143 37.80 67.55 -11.12
C ARG C 143 38.80 68.14 -12.10
N GLU C 144 40.08 67.80 -11.89
CA GLU C 144 41.20 68.42 -12.60
C GLU C 144 41.58 67.75 -13.94
N PRO C 145 41.26 68.40 -15.08
CA PRO C 145 41.58 67.91 -16.43
C PRO C 145 43.04 67.53 -16.67
N MET C 146 43.30 66.24 -16.82
CA MET C 146 44.63 65.74 -17.19
C MET C 146 44.67 65.51 -18.69
N GLN C 147 45.15 66.49 -19.45
CA GLN C 147 45.05 66.43 -20.92
C GLN C 147 46.10 65.52 -21.56
N THR C 148 45.68 64.79 -22.60
CA THR C 148 46.56 63.87 -23.31
C THR C 148 46.96 64.46 -24.64
N GLY C 149 46.17 65.42 -25.10
CA GLY C 149 46.45 66.06 -26.37
C GLY C 149 46.07 65.12 -27.48
N ILE C 150 45.33 64.07 -27.14
CA ILE C 150 44.82 63.16 -28.15
C ILE C 150 43.31 63.33 -28.32
N LYS C 151 42.91 63.89 -29.47
CA LYS C 151 41.50 64.18 -29.72
C LYS C 151 40.61 63.06 -29.20
N ALA C 152 40.86 61.85 -29.70
CA ALA C 152 40.17 60.63 -29.28
C ALA C 152 39.95 60.52 -27.76
N VAL C 153 41.01 60.61 -26.99
CA VAL C 153 40.93 60.47 -25.55
C VAL C 153 40.28 61.68 -24.91
N ASP C 154 40.73 62.88 -25.28
CA ASP C 154 40.33 64.10 -24.56
C ASP C 154 38.86 64.49 -24.77
N SER C 155 38.22 63.90 -25.77
CA SER C 155 36.82 64.16 -26.02
C SER C 155 35.92 63.01 -25.55
N LEU C 156 36.25 61.77 -25.91
CA LEU C 156 35.37 60.63 -25.65
C LEU C 156 35.70 59.79 -24.42
N VAL C 157 36.96 59.78 -24.01
CA VAL C 157 37.32 59.17 -22.73
C VAL C 157 38.33 60.01 -22.00
N PRO C 158 37.88 61.13 -21.43
CA PRO C 158 38.76 62.15 -20.83
C PRO C 158 39.29 61.72 -19.47
N ILE C 159 40.58 61.88 -19.25
CA ILE C 159 41.16 61.55 -17.98
C ILE C 159 41.20 62.82 -17.14
N GLY C 160 41.33 62.65 -15.83
CA GLY C 160 41.47 63.75 -14.90
C GLY C 160 42.45 63.42 -13.79
N ARG C 161 43.07 64.44 -13.22
CA ARG C 161 44.11 64.23 -12.22
C ARG C 161 43.60 63.50 -10.97
N GLY C 162 44.08 62.28 -10.78
CA GLY C 162 43.69 61.45 -9.65
C GLY C 162 43.03 60.17 -10.13
N GLN C 163 42.73 60.15 -11.42
CA GLN C 163 42.05 59.04 -12.08
C GLN C 163 43.04 57.92 -12.38
N ARG C 164 42.57 56.67 -12.42
CA ARG C 164 43.35 55.56 -13.00
C ARG C 164 42.65 55.16 -14.31
N GLU C 165 43.25 55.43 -15.44
CA GLU C 165 42.65 55.04 -16.71
C GLU C 165 43.56 54.02 -17.34
N LEU C 166 43.04 52.82 -17.54
CA LEU C 166 43.80 51.71 -18.11
C LEU C 166 43.93 51.74 -19.64
N ILE C 167 45.15 51.59 -20.11
CA ILE C 167 45.36 51.34 -21.53
C ILE C 167 45.55 49.85 -21.71
N ILE C 168 44.61 49.23 -22.44
CA ILE C 168 44.62 47.78 -22.66
C ILE C 168 44.51 47.45 -24.14
N GLY C 169 45.18 46.39 -24.58
CA GLY C 169 45.17 46.01 -25.98
C GLY C 169 46.21 44.97 -26.34
N ASP C 170 45.98 44.33 -27.49
CA ASP C 170 46.94 43.42 -28.08
C ASP C 170 48.26 44.14 -28.25
N ARG C 171 49.36 43.38 -28.38
CA ARG C 171 50.67 43.97 -28.66
C ARG C 171 50.63 44.73 -29.99
N GLN C 172 51.58 45.64 -30.19
CA GLN C 172 51.65 46.53 -31.37
C GLN C 172 50.33 47.11 -31.89
N THR C 173 49.57 47.71 -30.96
CA THR C 173 48.29 48.35 -31.27
C THR C 173 48.39 49.85 -31.06
N GLY C 174 49.41 50.26 -30.32
CA GLY C 174 49.61 51.67 -30.05
C GLY C 174 49.51 51.99 -28.57
N LYS C 175 49.58 50.96 -27.74
CA LYS C 175 49.40 51.14 -26.29
C LYS C 175 50.38 52.14 -25.66
N THR C 176 51.58 52.22 -26.22
CA THR C 176 52.60 53.06 -25.63
C THR C 176 52.57 54.42 -26.26
N SER C 177 52.42 54.48 -27.57
CA SER C 177 52.36 55.77 -28.24
C SER C 177 51.19 56.59 -27.72
N ILE C 178 50.47 56.03 -26.75
CA ILE C 178 49.46 56.78 -26.01
C ILE C 178 50.22 57.48 -24.91
N ALA C 179 50.80 56.69 -24.01
CA ALA C 179 51.45 57.24 -22.82
C ALA C 179 52.58 58.18 -23.16
N ILE C 180 53.26 57.93 -24.28
CA ILE C 180 54.34 58.81 -24.71
C ILE C 180 53.75 60.11 -25.24
N ASP C 181 52.81 60.02 -26.18
CA ASP C 181 52.20 61.23 -26.72
C ASP C 181 51.63 62.13 -25.61
N THR C 182 51.36 61.55 -24.45
CA THR C 182 50.76 62.32 -23.37
C THR C 182 51.80 63.11 -22.56
N ILE C 183 52.90 62.48 -22.19
CA ILE C 183 53.99 63.19 -21.52
C ILE C 183 54.53 64.30 -22.43
N ILE C 184 54.79 63.94 -23.69
CA ILE C 184 55.23 64.91 -24.69
C ILE C 184 54.23 66.06 -24.85
N ASN C 185 53.03 65.88 -24.32
CA ASN C 185 52.04 66.95 -24.35
C ASN C 185 52.25 67.92 -23.20
N GLN C 186 52.80 67.42 -22.10
CA GLN C 186 52.96 68.21 -20.87
C GLN C 186 54.08 69.27 -20.94
N LYS C 187 54.79 69.32 -22.06
CA LYS C 187 55.74 70.40 -22.32
C LYS C 187 54.98 71.70 -22.08
N ARG C 188 54.11 72.04 -23.02
CA ARG C 188 53.23 73.19 -22.93
C ARG C 188 52.97 73.74 -21.52
N PHE C 189 52.61 72.86 -20.59
CA PHE C 189 52.25 73.34 -19.25
C PHE C 189 53.46 73.51 -18.35
N ASN C 190 54.49 72.69 -18.55
CA ASN C 190 55.66 72.70 -17.67
C ASN C 190 56.66 73.76 -18.06
N ASP C 191 56.44 74.35 -19.23
CA ASP C 191 57.24 75.48 -19.71
C ASP C 191 56.36 76.72 -19.76
N GLY C 192 55.85 77.08 -18.59
CA GLY C 192 54.95 78.21 -18.46
C GLY C 192 54.92 78.69 -17.03
N THR C 193 53.83 79.37 -16.67
CA THR C 193 53.71 80.03 -15.38
C THR C 193 52.73 79.33 -14.45
N ASP C 194 51.53 79.04 -14.98
CA ASP C 194 50.42 78.48 -14.19
C ASP C 194 50.85 77.23 -13.46
N GLU C 195 50.88 77.30 -12.13
CA GLU C 195 51.51 76.27 -11.31
C GLU C 195 50.58 75.08 -11.02
N LYS C 196 49.33 75.20 -11.44
CA LYS C 196 48.39 74.09 -11.33
C LYS C 196 48.45 73.21 -12.57
N LYS C 197 48.42 73.84 -13.76
CA LYS C 197 48.50 73.08 -15.01
C LYS C 197 49.78 72.26 -15.20
N LYS C 198 50.71 72.32 -14.24
CA LYS C 198 51.99 71.61 -14.37
C LYS C 198 51.88 70.15 -13.94
N LEU C 199 52.52 69.27 -14.72
CA LEU C 199 52.44 67.83 -14.50
C LEU C 199 53.79 67.10 -14.68
N TYR C 200 54.39 66.69 -13.57
CA TYR C 200 55.64 65.95 -13.61
C TYR C 200 55.33 64.48 -13.92
N CYS C 201 56.15 63.83 -14.72
CA CYS C 201 55.86 62.47 -15.18
C CYS C 201 56.84 61.41 -14.73
N ILE C 202 56.35 60.35 -14.09
CA ILE C 202 57.14 59.14 -13.92
C ILE C 202 56.75 58.11 -14.99
N TYR C 203 57.68 57.24 -15.39
CA TYR C 203 57.40 56.20 -16.39
C TYR C 203 58.08 54.89 -16.03
N VAL C 204 57.37 54.02 -15.31
CA VAL C 204 57.95 52.72 -15.01
C VAL C 204 58.01 51.95 -16.32
N ALA C 205 59.04 51.13 -16.48
CA ALA C 205 59.19 50.27 -17.65
C ALA C 205 59.49 48.88 -17.13
N ILE C 206 58.43 48.08 -16.96
CA ILE C 206 58.60 46.72 -16.44
C ILE C 206 58.67 45.73 -17.59
N GLY C 207 59.63 44.81 -17.49
CA GLY C 207 59.73 43.72 -18.43
C GLY C 207 60.29 43.98 -19.83
N GLN C 208 60.30 45.23 -20.30
CA GLN C 208 60.74 45.51 -21.68
C GLN C 208 62.23 45.21 -21.93
N LYS C 209 62.70 45.44 -23.15
CA LYS C 209 64.13 45.29 -23.45
C LYS C 209 64.87 46.63 -23.43
N ARG C 210 66.09 46.66 -22.87
CA ARG C 210 66.83 47.91 -22.76
C ARG C 210 66.86 48.62 -24.11
N SER C 211 67.12 47.85 -25.17
CA SER C 211 67.14 48.40 -26.53
C SER C 211 65.94 49.35 -26.77
N THR C 212 64.89 49.19 -25.98
CA THR C 212 63.64 49.95 -26.16
C THR C 212 63.53 51.07 -25.16
N VAL C 213 63.58 50.73 -23.86
CA VAL C 213 63.61 51.74 -22.80
C VAL C 213 64.39 52.94 -23.32
N ALA C 214 65.60 52.66 -23.80
CA ALA C 214 66.51 53.66 -24.36
C ALA C 214 65.93 54.43 -25.55
N GLN C 215 65.67 53.70 -26.63
CA GLN C 215 65.07 54.25 -27.85
C GLN C 215 63.88 55.16 -27.49
N LEU C 216 63.34 54.96 -26.31
CA LEU C 216 62.15 55.65 -25.85
C LEU C 216 62.54 56.94 -25.15
N VAL C 217 63.57 56.85 -24.32
CA VAL C 217 64.14 58.01 -23.63
C VAL C 217 64.61 58.97 -24.70
N LYS C 218 65.39 58.43 -25.65
CA LYS C 218 65.77 59.18 -26.84
C LYS C 218 64.57 59.88 -27.48
N ARG C 219 63.44 59.21 -27.57
CA ARG C 219 62.25 59.85 -28.13
C ARG C 219 61.76 61.01 -27.24
N LEU C 220 61.69 60.76 -25.94
CA LEU C 220 61.34 61.80 -24.99
C LEU C 220 62.29 62.99 -25.14
N THR C 221 63.56 62.77 -24.82
CA THR C 221 64.65 63.75 -25.00
C THR C 221 64.47 64.61 -26.27
N ASP C 222 64.48 64.00 -27.44
CA ASP C 222 64.31 64.73 -28.70
C ASP C 222 63.18 65.74 -28.58
N ALA C 223 61.96 65.27 -28.41
CA ALA C 223 60.80 66.16 -28.31
C ALA C 223 60.90 67.10 -27.11
N ASP C 224 61.91 66.87 -26.28
CA ASP C 224 62.21 67.69 -25.11
C ASP C 224 61.14 67.61 -24.05
N ALA C 225 61.14 66.53 -23.31
CA ALA C 225 60.13 66.30 -22.30
C ALA C 225 60.82 65.55 -21.20
N MET C 226 61.99 65.02 -21.53
CA MET C 226 62.74 64.19 -20.62
C MET C 226 63.01 64.97 -19.34
N LYS C 227 63.09 66.29 -19.46
CA LYS C 227 63.41 67.13 -18.31
C LYS C 227 62.46 66.98 -17.10
N TYR C 228 61.14 66.91 -17.36
CA TYR C 228 60.13 66.75 -16.29
C TYR C 228 59.71 65.33 -15.98
N THR C 229 60.60 64.37 -16.18
CA THR C 229 60.19 62.97 -16.26
C THR C 229 61.16 61.98 -15.64
N ILE C 230 60.84 61.47 -14.45
CA ILE C 230 61.57 60.30 -13.98
C ILE C 230 61.28 59.17 -14.97
N VAL C 231 62.17 58.19 -15.05
CA VAL C 231 61.97 57.00 -15.87
C VAL C 231 62.58 55.78 -15.14
N VAL C 232 61.87 55.19 -14.17
CA VAL C 232 62.35 53.98 -13.49
C VAL C 232 62.26 52.83 -14.46
N SER C 233 63.31 52.00 -14.53
CA SER C 233 63.39 50.94 -15.54
C SER C 233 63.92 49.64 -14.97
N ALA C 234 63.03 48.66 -14.80
CA ALA C 234 63.43 47.29 -14.47
C ALA C 234 63.10 46.36 -15.64
N THR C 235 64.12 45.91 -16.37
CA THR C 235 63.87 45.21 -17.63
C THR C 235 64.19 43.71 -17.64
N ALA C 236 63.79 43.09 -18.76
CA ALA C 236 64.01 41.68 -19.07
C ALA C 236 65.09 40.98 -18.25
N SER C 237 66.29 41.53 -18.27
CA SER C 237 67.47 40.90 -17.70
C SER C 237 67.57 41.13 -16.21
N ASP C 238 66.89 42.17 -15.71
CA ASP C 238 66.87 42.50 -14.28
C ASP C 238 66.24 41.33 -13.52
N ALA C 239 66.63 41.16 -12.26
CA ALA C 239 66.13 40.03 -11.49
C ALA C 239 64.63 40.07 -11.35
N ALA C 240 64.06 39.02 -10.79
CA ALA C 240 62.61 38.89 -10.70
C ALA C 240 61.98 39.89 -9.71
N PRO C 241 62.46 39.89 -8.44
CA PRO C 241 61.91 40.82 -7.45
C PRO C 241 62.11 42.27 -7.86
N LEU C 242 63.03 42.51 -8.77
CA LEU C 242 63.24 43.86 -9.24
C LEU C 242 62.14 44.36 -10.18
N GLN C 243 61.48 43.47 -10.88
CA GLN C 243 60.33 43.87 -11.68
C GLN C 243 59.10 43.88 -10.81
N TYR C 244 59.08 43.00 -9.82
CA TYR C 244 58.00 42.95 -8.86
C TYR C 244 57.85 44.33 -8.27
N LEU C 245 58.99 44.89 -7.87
CA LEU C 245 59.05 46.12 -7.06
C LEU C 245 58.97 47.40 -7.88
N ALA C 246 59.57 47.37 -9.06
CA ALA C 246 59.70 48.56 -9.89
C ALA C 246 58.47 49.46 -9.91
N PRO C 247 57.27 48.91 -10.14
CA PRO C 247 56.24 49.91 -10.34
C PRO C 247 55.86 50.53 -9.01
N TYR C 248 56.18 49.87 -7.90
CA TYR C 248 55.93 50.44 -6.58
C TYR C 248 56.86 51.62 -6.30
N SER C 249 58.15 51.37 -6.43
CA SER C 249 59.19 52.40 -6.35
C SER C 249 58.78 53.63 -7.12
N GLY C 250 58.48 53.44 -8.39
CA GLY C 250 58.08 54.52 -9.27
C GLY C 250 56.82 55.21 -8.80
N CYS C 251 56.11 54.54 -7.90
CA CYS C 251 54.92 55.12 -7.31
C CYS C 251 55.32 56.07 -6.16
N SER C 252 56.10 55.56 -5.22
CA SER C 252 56.55 56.38 -4.11
C SER C 252 57.05 57.71 -4.64
N MET C 253 57.94 57.65 -5.62
CA MET C 253 58.45 58.86 -6.29
C MET C 253 57.36 59.82 -6.77
N GLY C 254 56.18 59.30 -7.06
CA GLY C 254 55.08 60.11 -7.57
C GLY C 254 54.17 60.48 -6.42
N GLU C 255 54.27 59.72 -5.33
CA GLU C 255 53.52 60.02 -4.12
C GLU C 255 54.02 61.32 -3.50
N TYR C 256 55.34 61.47 -3.45
CA TYR C 256 55.93 62.73 -3.02
C TYR C 256 55.31 63.94 -3.73
N PHE C 257 55.44 64.01 -5.05
CA PHE C 257 54.85 65.11 -5.84
C PHE C 257 53.39 65.47 -5.50
N ARG C 258 52.61 64.51 -5.03
CA ARG C 258 51.21 64.77 -4.65
C ARG C 258 51.10 65.17 -3.19
N ASP C 259 51.77 64.42 -2.33
CA ASP C 259 51.77 64.69 -0.89
C ASP C 259 52.43 66.04 -0.57
N ASN C 260 53.12 66.61 -1.56
CA ASN C 260 53.70 67.93 -1.44
C ASN C 260 53.11 68.85 -2.50
N GLY C 261 51.79 68.85 -2.61
CA GLY C 261 51.08 69.85 -3.38
C GLY C 261 51.36 70.03 -4.87
N LYS C 262 51.94 69.02 -5.51
CA LYS C 262 52.19 69.06 -6.96
C LYS C 262 51.51 67.92 -7.76
N HIS C 263 51.64 67.93 -9.08
CA HIS C 263 50.87 67.01 -9.94
C HIS C 263 51.67 65.96 -10.72
N ALA C 264 51.48 64.68 -10.38
CA ALA C 264 52.23 63.59 -11.01
C ALA C 264 51.37 62.71 -11.91
N LEU C 265 51.99 62.19 -12.97
CA LEU C 265 51.40 61.22 -13.90
C LEU C 265 52.36 60.06 -14.09
N ILE C 266 52.11 58.94 -13.42
CA ILE C 266 52.97 57.77 -13.52
C ILE C 266 52.36 56.77 -14.48
N ILE C 267 53.17 56.11 -15.30
CA ILE C 267 52.69 55.18 -16.31
C ILE C 267 53.37 53.85 -16.15
N TYR C 268 52.66 52.83 -15.71
CA TYR C 268 53.25 51.49 -15.54
C TYR C 268 53.10 50.70 -16.85
N ASP C 269 54.23 50.32 -17.43
CA ASP C 269 54.23 49.73 -18.76
C ASP C 269 55.21 48.58 -18.75
N ASP C 270 54.70 47.39 -18.49
CA ASP C 270 53.28 47.21 -18.25
C ASP C 270 53.04 46.29 -17.06
N LEU C 271 51.82 46.36 -16.52
CA LEU C 271 51.48 45.56 -15.35
C LEU C 271 51.41 44.07 -15.69
N SER C 272 51.18 43.76 -16.96
CA SER C 272 51.11 42.40 -17.43
C SER C 272 52.40 41.69 -17.13
N LYS C 273 53.51 42.30 -17.57
CA LYS C 273 54.85 41.76 -17.34
C LYS C 273 55.20 41.73 -15.85
N GLN C 274 54.73 42.72 -15.10
CA GLN C 274 54.98 42.74 -13.67
C GLN C 274 54.37 41.55 -13.00
N ALA C 275 53.09 41.32 -13.29
CA ALA C 275 52.35 40.23 -12.69
C ALA C 275 53.12 38.93 -12.87
N VAL C 276 53.65 38.77 -14.09
CA VAL C 276 54.33 37.53 -14.45
C VAL C 276 55.50 37.31 -13.52
N ALA C 277 56.24 38.39 -13.31
CA ALA C 277 57.36 38.45 -12.39
C ALA C 277 56.93 38.05 -10.98
N TYR C 278 55.88 38.71 -10.44
CA TYR C 278 55.36 38.37 -9.11
C TYR C 278 55.03 36.88 -9.01
N ARG C 279 54.44 36.35 -10.08
CA ARG C 279 54.20 34.92 -10.18
C ARG C 279 55.47 34.10 -9.96
N GLN C 280 56.56 34.48 -10.63
CA GLN C 280 57.80 33.73 -10.48
C GLN C 280 58.27 33.67 -9.05
N MET C 281 58.37 34.83 -8.43
CA MET C 281 58.81 34.88 -7.05
C MET C 281 57.98 33.92 -6.25
N SER C 282 56.67 34.10 -6.41
CA SER C 282 55.68 33.40 -5.63
C SER C 282 55.80 31.89 -5.79
N LEU C 283 55.98 31.45 -7.02
CA LEU C 283 56.07 30.02 -7.27
C LEU C 283 57.37 29.40 -6.74
N LEU C 284 58.45 30.16 -6.87
CA LEU C 284 59.77 29.74 -6.41
C LEU C 284 59.82 29.73 -4.90
N LEU C 285 59.02 30.61 -4.30
CA LEU C 285 58.83 30.65 -2.86
C LEU C 285 57.95 29.50 -2.36
N ARG C 286 57.47 28.66 -3.28
CA ARG C 286 56.62 27.50 -2.94
C ARG C 286 55.20 27.84 -2.42
N ARG C 287 54.73 29.04 -2.75
CA ARG C 287 53.35 29.44 -2.49
C ARG C 287 52.42 28.84 -3.55
N PRO C 288 51.63 27.80 -3.17
CA PRO C 288 50.77 26.99 -4.05
C PRO C 288 50.10 27.86 -5.09
N PRO C 289 50.10 27.41 -6.36
CA PRO C 289 49.67 28.26 -7.48
C PRO C 289 48.18 28.21 -7.73
N GLY C 290 47.65 29.30 -8.27
CA GLY C 290 46.25 29.40 -8.60
C GLY C 290 45.95 29.41 -10.10
N ARG C 291 45.13 30.37 -10.53
CA ARG C 291 44.70 30.40 -11.92
C ARG C 291 45.81 30.83 -12.84
N GLU C 292 45.99 30.10 -13.91
CA GLU C 292 47.05 30.44 -14.85
C GLU C 292 48.36 30.50 -14.08
N ALA C 293 48.43 29.78 -12.96
CA ALA C 293 49.66 29.64 -12.19
C ALA C 293 49.98 30.79 -11.24
N TYR C 294 49.40 31.96 -11.50
CA TYR C 294 49.54 33.13 -10.63
C TYR C 294 49.20 32.79 -9.21
N PRO C 295 49.55 33.67 -8.27
CA PRO C 295 49.26 33.38 -6.86
C PRO C 295 47.96 34.05 -6.46
N GLY C 296 47.39 33.67 -5.32
CA GLY C 296 46.13 34.24 -4.88
C GLY C 296 46.04 35.76 -4.91
N ASP C 297 46.99 36.42 -4.27
CA ASP C 297 46.93 37.87 -4.13
C ASP C 297 47.28 38.64 -5.40
N VAL C 298 47.35 37.95 -6.54
CA VAL C 298 47.76 38.60 -7.78
C VAL C 298 46.78 39.72 -8.10
N PHE C 299 45.62 39.71 -7.46
CA PHE C 299 44.72 40.84 -7.56
C PHE C 299 45.16 41.95 -6.63
N TYR C 300 45.36 41.59 -5.37
CA TYR C 300 45.80 42.53 -4.36
C TYR C 300 46.98 43.34 -4.89
N LEU C 301 47.95 42.64 -5.47
CA LEU C 301 49.08 43.27 -6.14
C LEU C 301 48.70 44.51 -6.94
N HIS C 302 47.87 44.37 -7.97
CA HIS C 302 47.49 45.52 -8.78
C HIS C 302 46.48 46.45 -8.13
N SER C 303 45.61 45.88 -7.30
CA SER C 303 44.65 46.68 -6.57
C SER C 303 45.43 47.71 -5.75
N ARG C 304 46.26 47.23 -4.82
CA ARG C 304 46.90 48.14 -3.86
C ARG C 304 47.74 49.18 -4.55
N LEU C 305 48.68 48.75 -5.39
CA LEU C 305 49.44 49.68 -6.21
C LEU C 305 48.56 50.78 -6.84
N LEU C 306 47.48 50.35 -7.48
CA LEU C 306 46.72 51.27 -8.29
C LEU C 306 45.81 52.23 -7.51
N GLU C 307 45.59 51.93 -6.22
CA GLU C 307 44.79 52.77 -5.33
C GLU C 307 45.59 54.00 -4.92
N ARG C 308 46.90 53.81 -4.81
CA ARG C 308 47.84 54.85 -4.39
C ARG C 308 47.85 56.07 -5.31
N ALA C 309 47.09 56.03 -6.38
CA ALA C 309 46.93 57.23 -7.18
C ALA C 309 45.62 57.85 -6.71
N ALA C 310 45.66 59.13 -6.37
CA ALA C 310 44.48 59.81 -5.84
C ALA C 310 44.46 61.28 -6.20
N LYS C 311 43.35 61.93 -5.91
CA LYS C 311 43.27 63.39 -5.98
C LYS C 311 43.13 63.86 -4.55
N MET C 312 44.26 64.25 -3.98
CA MET C 312 44.28 64.74 -2.62
C MET C 312 43.37 65.99 -2.49
N ASN C 313 42.68 66.11 -1.36
CA ASN C 313 41.84 67.27 -1.09
C ASN C 313 42.67 68.43 -0.58
N ASP C 314 42.12 69.63 -0.66
CA ASP C 314 42.88 70.83 -0.35
C ASP C 314 43.63 70.71 0.97
N ALA C 315 42.90 70.35 2.02
CA ALA C 315 43.48 70.13 3.34
C ALA C 315 44.71 69.20 3.37
N PHE C 316 45.18 68.77 2.20
CA PHE C 316 46.28 67.82 2.12
C PHE C 316 47.29 68.16 1.03
N GLY C 317 47.01 69.21 0.26
CA GLY C 317 47.96 69.70 -0.71
C GLY C 317 47.30 70.12 -2.02
N GLY C 318 46.17 69.51 -2.33
CA GLY C 318 45.53 69.70 -3.61
C GLY C 318 46.23 68.87 -4.68
N GLY C 319 47.29 68.19 -4.27
CA GLY C 319 48.16 67.47 -5.20
C GLY C 319 47.60 66.17 -5.71
N SER C 320 48.04 65.73 -6.88
CA SER C 320 47.43 64.56 -7.51
C SER C 320 48.44 63.50 -7.95
N LEU C 321 47.92 62.35 -8.34
CA LEU C 321 48.69 61.28 -8.98
C LEU C 321 47.83 60.50 -9.96
N THR C 322 47.72 60.99 -11.20
CA THR C 322 47.05 60.26 -12.27
C THR C 322 47.89 59.06 -12.68
N ALA C 323 47.27 57.89 -12.83
CA ALA C 323 48.01 56.66 -13.17
C ALA C 323 47.48 55.92 -14.40
N LEU C 324 48.31 55.80 -15.42
CA LEU C 324 47.95 55.04 -16.59
C LEU C 324 48.62 53.66 -16.52
N PRO C 325 47.89 52.65 -16.02
CA PRO C 325 48.48 51.33 -16.05
C PRO C 325 48.30 50.82 -17.45
N VAL C 326 49.14 49.87 -17.85
CA VAL C 326 49.06 49.27 -19.17
C VAL C 326 49.02 47.76 -19.11
N ILE C 327 48.10 47.19 -19.89
CA ILE C 327 47.86 45.76 -19.93
C ILE C 327 47.91 45.27 -21.38
N GLU C 328 48.41 44.07 -21.56
CA GLU C 328 48.56 43.51 -22.88
C GLU C 328 47.79 42.21 -22.95
N THR C 329 46.90 42.12 -23.94
CA THR C 329 45.99 40.99 -24.07
C THR C 329 46.45 39.99 -25.12
N GLN C 330 45.95 38.76 -25.03
CA GLN C 330 46.26 37.74 -26.03
C GLN C 330 45.07 37.49 -26.98
N ALA C 331 45.24 37.84 -28.25
CA ALA C 331 44.17 37.62 -29.22
C ALA C 331 42.91 38.38 -28.84
N GLY C 332 43.04 39.29 -27.89
CA GLY C 332 41.92 40.13 -27.49
C GLY C 332 41.23 39.64 -26.24
N ASP C 333 41.55 38.41 -25.84
CA ASP C 333 40.97 37.78 -24.64
C ASP C 333 41.04 38.65 -23.38
N VAL C 334 39.95 39.37 -23.08
CA VAL C 334 39.86 40.16 -21.84
C VAL C 334 39.21 39.35 -20.69
N SER C 335 39.26 38.02 -20.83
CA SER C 335 38.81 37.12 -19.77
C SER C 335 40.03 36.65 -19.02
N ALA C 336 41.18 36.79 -19.68
CA ALA C 336 42.43 36.40 -19.08
C ALA C 336 42.43 36.88 -17.63
N TYR C 337 42.80 36.01 -16.71
CA TYR C 337 42.87 36.36 -15.30
C TYR C 337 43.14 37.85 -15.18
N ILE C 338 44.36 38.23 -15.55
CA ILE C 338 44.82 39.58 -15.31
C ILE C 338 43.98 40.71 -15.94
N PRO C 339 43.87 40.74 -17.27
CA PRO C 339 43.16 41.85 -17.90
C PRO C 339 41.79 42.14 -17.31
N THR C 340 41.17 41.12 -16.71
CA THR C 340 39.85 41.31 -16.12
C THR C 340 39.99 41.94 -14.76
N ASN C 341 41.07 41.60 -14.05
CA ASN C 341 41.37 42.15 -12.75
C ASN C 341 41.65 43.63 -12.83
N VAL C 342 42.66 43.98 -13.62
CA VAL C 342 43.01 45.38 -13.78
C VAL C 342 41.85 46.25 -14.30
N ILE C 343 40.99 45.73 -15.16
CA ILE C 343 39.83 46.52 -15.58
C ILE C 343 38.84 46.77 -14.44
N SER C 344 38.76 45.83 -13.51
CA SER C 344 37.82 45.96 -12.40
C SER C 344 38.33 47.00 -11.43
N ILE C 345 39.60 47.35 -11.59
CA ILE C 345 40.29 48.21 -10.65
C ILE C 345 40.29 49.65 -11.10
N THR C 346 40.78 49.89 -12.30
CA THR C 346 40.90 51.26 -12.80
C THR C 346 39.56 51.97 -13.01
N ASP C 347 39.60 53.30 -13.00
CA ASP C 347 38.43 54.15 -13.22
C ASP C 347 38.05 54.26 -14.69
N GLY C 348 38.13 53.15 -15.42
CA GLY C 348 37.77 53.13 -16.83
C GLY C 348 38.94 52.64 -17.66
N GLN C 349 38.82 52.66 -18.99
CA GLN C 349 39.94 52.25 -19.85
C GLN C 349 39.81 52.57 -21.34
N ILE C 350 40.95 52.61 -22.02
CA ILE C 350 40.98 52.66 -23.47
C ILE C 350 41.40 51.34 -24.03
N PHE C 351 40.59 50.79 -24.94
CA PHE C 351 40.89 49.54 -25.65
C PHE C 351 41.56 49.85 -26.94
N LEU C 352 42.41 48.94 -27.44
CA LEU C 352 43.10 49.27 -28.66
C LEU C 352 42.71 48.57 -29.98
N GLU C 353 42.85 47.25 -30.12
CA GLU C 353 42.32 46.62 -31.36
C GLU C 353 43.09 46.86 -32.69
N THR C 354 43.95 45.90 -33.03
CA THR C 354 44.66 45.87 -34.30
C THR C 354 43.72 46.01 -35.50
N GLU C 355 42.52 45.46 -35.37
CA GLU C 355 41.57 45.53 -36.47
C GLU C 355 41.33 46.97 -36.92
N LEU C 356 41.00 47.84 -35.97
CA LEU C 356 40.72 49.21 -36.33
C LEU C 356 42.01 49.77 -36.87
N PHE C 357 43.10 49.51 -36.16
CA PHE C 357 44.39 50.06 -36.57
C PHE C 357 44.61 49.98 -38.09
N TYR C 358 44.69 48.78 -38.65
CA TYR C 358 45.01 48.65 -40.06
C TYR C 358 43.92 49.22 -40.94
N LYS C 359 42.70 49.22 -40.41
CA LYS C 359 41.50 49.74 -41.08
C LYS C 359 41.62 51.24 -41.36
N GLY C 360 42.57 51.88 -40.69
CA GLY C 360 42.84 53.29 -40.86
C GLY C 360 42.64 54.14 -39.61
N ILE C 361 41.89 53.59 -38.64
CA ILE C 361 41.54 54.30 -37.43
C ILE C 361 42.71 54.37 -36.48
N ARG C 362 43.70 55.17 -36.83
CA ARG C 362 44.87 55.38 -35.96
C ARG C 362 44.73 56.77 -35.35
N PRO C 363 44.74 56.86 -34.00
CA PRO C 363 44.97 55.83 -32.99
C PRO C 363 43.78 54.90 -32.86
N ALA C 364 44.03 53.60 -33.03
CA ALA C 364 42.98 52.57 -32.91
C ALA C 364 42.41 52.48 -31.48
N ILE C 365 41.16 52.90 -31.28
CA ILE C 365 40.63 53.09 -29.93
C ILE C 365 39.40 52.25 -29.56
N ASN C 366 38.49 52.11 -30.50
CA ASN C 366 37.20 51.53 -30.19
C ASN C 366 36.53 52.42 -29.16
N VAL C 367 35.86 53.44 -29.67
CA VAL C 367 35.12 54.35 -28.82
C VAL C 367 34.14 53.56 -27.96
N GLY C 368 33.09 53.07 -28.59
CA GLY C 368 32.05 52.32 -27.89
C GLY C 368 32.48 51.43 -26.74
N LEU C 369 33.71 50.93 -26.77
CA LEU C 369 34.16 50.02 -25.72
C LEU C 369 35.10 50.67 -24.71
N SER C 370 35.58 51.87 -25.03
CA SER C 370 36.36 52.65 -24.08
C SER C 370 35.44 53.49 -23.15
N VAL C 371 35.67 53.40 -21.84
CA VAL C 371 34.97 54.26 -20.89
C VAL C 371 35.88 55.05 -19.95
N SER C 372 35.41 56.23 -19.58
CA SER C 372 36.02 57.08 -18.57
C SER C 372 35.04 57.29 -17.40
N ARG C 373 35.27 56.61 -16.29
CA ARG C 373 34.32 56.66 -15.17
C ARG C 373 34.27 58.02 -14.44
N VAL C 374 34.76 59.07 -15.10
CA VAL C 374 34.76 60.41 -14.53
C VAL C 374 34.11 61.39 -15.50
N GLY C 375 33.90 60.92 -16.72
CA GLY C 375 33.09 61.65 -17.66
C GLY C 375 33.57 63.07 -17.84
N SER C 376 32.63 64.00 -18.00
CA SER C 376 32.94 65.40 -18.26
C SER C 376 33.53 66.08 -17.04
N ALA C 377 33.25 65.54 -15.85
CA ALA C 377 33.79 66.05 -14.61
C ALA C 377 35.30 66.30 -14.69
N ALA C 378 35.88 65.99 -15.85
CA ALA C 378 37.31 66.11 -16.08
C ALA C 378 37.66 66.71 -17.44
N GLN C 379 36.77 67.54 -17.97
CA GLN C 379 37.09 68.33 -19.15
C GLN C 379 36.97 69.82 -18.85
N THR C 380 37.39 70.64 -19.81
CA THR C 380 37.03 72.04 -19.78
C THR C 380 35.57 72.11 -20.20
N ARG C 381 34.87 73.17 -19.79
CA ARG C 381 33.52 73.41 -20.28
C ARG C 381 33.58 73.84 -21.74
N ALA C 382 34.78 73.74 -22.32
CA ALA C 382 34.98 74.06 -23.73
C ALA C 382 34.82 72.79 -24.53
N MET C 383 35.43 71.71 -24.05
CA MET C 383 35.27 70.42 -24.69
C MET C 383 33.83 69.98 -24.43
N LYS C 384 33.47 69.90 -23.16
CA LYS C 384 32.14 69.43 -22.79
C LYS C 384 31.05 69.89 -23.77
N GLN C 385 31.16 71.12 -24.27
CA GLN C 385 30.10 71.69 -25.11
C GLN C 385 30.10 71.15 -26.54
N VAL C 386 31.22 70.56 -26.95
CA VAL C 386 31.35 70.00 -28.30
C VAL C 386 31.30 68.47 -28.31
N ALA C 387 31.25 67.86 -27.12
CA ALA C 387 31.42 66.43 -27.02
C ALA C 387 31.03 65.88 -25.65
N GLY C 388 29.78 66.08 -25.26
CA GLY C 388 29.36 65.66 -23.93
C GLY C 388 28.23 64.64 -24.00
N THR C 389 27.65 64.54 -25.17
CA THR C 389 26.60 63.57 -25.46
C THR C 389 26.89 62.98 -26.84
N MET C 390 28.17 63.08 -27.24
CA MET C 390 28.63 62.50 -28.49
C MET C 390 29.33 61.17 -28.24
N LYS C 391 29.47 60.82 -26.96
CA LYS C 391 30.01 59.51 -26.58
C LYS C 391 28.91 58.43 -26.53
N LEU C 392 27.69 58.86 -26.20
CA LEU C 392 26.49 58.02 -26.27
C LEU C 392 25.82 58.13 -27.65
N GLU C 393 26.46 58.89 -28.56
CA GLU C 393 26.02 59.05 -29.96
C GLU C 393 26.86 58.16 -30.89
N LEU C 394 28.14 58.03 -30.57
CA LEU C 394 29.01 57.10 -31.29
C LEU C 394 29.07 55.76 -30.54
N ALA C 395 27.92 55.41 -29.97
CA ALA C 395 27.64 54.07 -29.46
C ALA C 395 26.20 53.75 -29.87
N GLN C 396 25.58 54.68 -30.58
CA GLN C 396 24.27 54.48 -31.24
C GLN C 396 24.36 54.66 -32.77
N TYR C 397 25.08 55.67 -33.25
CA TYR C 397 25.39 55.75 -34.68
C TYR C 397 26.19 54.52 -35.09
N ARG C 398 26.94 53.99 -34.13
CA ARG C 398 27.62 52.72 -34.29
C ARG C 398 26.58 51.64 -34.62
N GLU C 399 25.74 51.33 -33.64
CA GLU C 399 24.74 50.27 -33.76
C GLU C 399 23.72 50.57 -34.86
N VAL C 400 23.59 51.84 -35.24
CA VAL C 400 22.63 52.21 -36.26
C VAL C 400 23.30 52.46 -37.62
N ALA C 401 24.29 51.63 -37.91
CA ALA C 401 24.94 51.59 -39.22
C ALA C 401 25.42 50.17 -39.34
N ALA C 402 25.23 49.43 -38.26
CA ALA C 402 25.48 48.00 -38.22
C ALA C 402 24.17 47.25 -38.36
N PHE C 403 23.05 47.99 -38.24
CA PHE C 403 21.71 47.41 -38.42
C PHE C 403 21.28 47.61 -39.87
N ALA C 404 21.35 48.86 -40.31
CA ALA C 404 21.09 49.18 -41.71
C ALA C 404 22.42 49.26 -42.46
N GLN C 405 23.15 48.15 -42.47
CA GLN C 405 24.38 48.05 -43.24
C GLN C 405 24.02 47.95 -44.71
N PHE C 406 22.99 47.16 -44.99
CA PHE C 406 22.57 46.84 -46.36
C PHE C 406 21.82 47.98 -47.07
N GLY C 407 21.90 47.99 -48.40
CA GLY C 407 21.34 49.06 -49.20
C GLY C 407 19.83 49.02 -49.42
N SER C 408 19.09 49.53 -48.44
CA SER C 408 17.65 49.64 -48.52
C SER C 408 17.15 51.03 -48.12
N ASP C 409 16.04 51.09 -47.38
CA ASP C 409 15.45 52.36 -46.98
C ASP C 409 15.21 52.49 -45.46
N LEU C 410 15.42 53.69 -44.94
CA LEU C 410 15.23 53.95 -43.51
C LEU C 410 14.64 55.35 -43.30
N ASP C 411 13.80 55.49 -42.28
CA ASP C 411 12.97 56.69 -42.12
C ASP C 411 13.73 58.02 -42.04
N ALA C 412 13.00 59.09 -41.71
CA ALA C 412 13.54 60.45 -41.71
C ALA C 412 14.55 60.70 -40.58
N ALA C 413 14.46 59.90 -39.53
CA ALA C 413 15.29 60.09 -38.34
C ALA C 413 16.69 59.53 -38.48
N THR C 414 16.80 58.28 -38.95
CA THR C 414 18.08 57.57 -38.98
C THR C 414 18.78 57.61 -40.35
N GLN C 415 18.42 58.59 -41.18
CA GLN C 415 19.10 58.74 -42.47
C GLN C 415 20.33 59.62 -42.28
N GLN C 416 20.22 60.51 -41.28
CA GLN C 416 21.23 61.52 -41.03
C GLN C 416 22.38 61.03 -40.16
N LEU C 417 22.08 60.34 -39.07
CA LEU C 417 23.09 59.91 -38.11
C LEU C 417 24.33 59.35 -38.84
N LEU C 418 24.09 58.55 -39.89
CA LEU C 418 25.19 57.99 -40.68
C LEU C 418 25.82 59.06 -41.55
N SER C 419 24.96 59.87 -42.17
CA SER C 419 25.36 60.96 -43.05
C SER C 419 26.32 61.91 -42.34
N ARG C 420 26.52 61.68 -41.05
CA ARG C 420 27.37 62.51 -40.20
C ARG C 420 28.62 61.75 -39.79
N GLY C 421 28.38 60.73 -38.97
CA GLY C 421 29.43 59.97 -38.31
C GLY C 421 30.67 59.72 -39.13
N VAL C 422 30.49 59.18 -40.34
CA VAL C 422 31.64 58.85 -41.18
C VAL C 422 32.65 59.99 -41.21
N ARG C 423 32.14 61.23 -41.26
CA ARG C 423 32.99 62.41 -41.29
C ARG C 423 33.62 62.64 -39.93
N LEU C 424 32.80 62.55 -38.89
CA LEU C 424 33.25 62.70 -37.51
C LEU C 424 34.45 61.82 -37.13
N THR C 425 34.43 60.56 -37.58
CA THR C 425 35.50 59.63 -37.22
C THR C 425 36.80 60.06 -37.88
N GLU C 426 36.70 60.51 -39.13
CA GLU C 426 37.84 61.06 -39.83
C GLU C 426 38.47 62.20 -39.03
N LEU C 427 37.80 62.62 -37.97
CA LEU C 427 38.32 63.68 -37.12
C LEU C 427 39.27 63.19 -36.04
N LEU C 428 38.89 62.12 -35.34
CA LEU C 428 39.73 61.59 -34.26
C LEU C 428 40.92 60.82 -34.82
N LYS C 429 40.95 60.67 -36.15
CA LYS C 429 42.12 60.18 -36.84
C LYS C 429 43.27 61.16 -36.63
N GLN C 430 44.32 60.71 -35.96
CA GLN C 430 45.36 61.63 -35.49
C GLN C 430 46.77 61.12 -35.72
N GLY C 431 47.67 62.04 -36.02
CA GLY C 431 49.06 61.70 -36.21
C GLY C 431 49.67 61.25 -34.90
N GLN C 432 50.96 60.94 -34.95
CA GLN C 432 51.66 60.40 -33.82
C GLN C 432 52.72 61.41 -33.37
N TYR C 433 53.06 61.36 -32.09
CA TYR C 433 54.04 62.29 -31.51
C TYR C 433 53.69 63.73 -31.92
N SER C 434 52.41 64.07 -31.83
CA SER C 434 51.94 65.41 -32.16
C SER C 434 50.65 65.76 -31.46
N PRO C 435 50.71 65.84 -30.11
CA PRO C 435 49.53 66.19 -29.34
C PRO C 435 48.89 67.45 -29.89
N MET C 436 47.78 67.84 -29.29
CA MET C 436 47.15 69.13 -29.58
C MET C 436 46.76 69.78 -28.27
N ALA C 437 46.80 71.11 -28.23
CA ALA C 437 46.33 71.81 -27.04
C ALA C 437 44.82 71.87 -27.10
N ILE C 438 44.19 71.74 -25.93
CA ILE C 438 42.74 71.63 -25.82
C ILE C 438 42.00 72.64 -26.68
N GLU C 439 42.53 73.85 -26.79
CA GLU C 439 41.89 74.88 -27.57
C GLU C 439 41.65 74.41 -29.01
N GLU C 440 42.72 73.97 -29.67
CA GLU C 440 42.65 73.52 -31.06
C GLU C 440 41.71 72.33 -31.20
N GLN C 441 41.72 71.44 -30.22
CA GLN C 441 40.85 70.28 -30.25
C GLN C 441 39.40 70.76 -30.33
N VAL C 442 39.07 71.74 -29.51
CA VAL C 442 37.73 72.30 -29.52
C VAL C 442 37.41 72.92 -30.87
N ALA C 443 38.46 73.40 -31.55
CA ALA C 443 38.30 74.06 -32.84
C ALA C 443 37.73 73.12 -33.90
N VAL C 444 38.42 72.01 -34.13
CA VAL C 444 38.03 71.04 -35.14
C VAL C 444 36.78 70.29 -34.76
N ILE C 445 36.75 69.76 -33.54
CA ILE C 445 35.53 69.15 -33.01
C ILE C 445 34.30 70.05 -33.29
N TYR C 446 34.46 71.36 -33.11
CA TYR C 446 33.38 72.29 -33.42
C TYR C 446 32.97 72.19 -34.89
N ALA C 447 33.99 72.23 -35.77
CA ALA C 447 33.77 72.16 -37.20
C ALA C 447 32.65 71.18 -37.55
N GLY C 448 32.84 69.93 -37.19
CA GLY C 448 31.82 68.93 -37.44
C GLY C 448 30.61 69.00 -36.54
N VAL C 449 30.83 68.91 -35.22
CA VAL C 449 29.73 68.63 -34.29
C VAL C 449 28.57 69.59 -34.48
N ARG C 450 28.88 70.81 -34.88
CA ARG C 450 27.83 71.81 -35.09
C ARG C 450 27.29 71.74 -36.51
N GLY C 451 27.92 70.88 -37.32
CA GLY C 451 27.41 70.57 -38.64
C GLY C 451 27.96 71.48 -39.71
N TYR C 452 29.27 71.73 -39.66
CA TYR C 452 29.92 72.54 -40.67
C TYR C 452 30.75 71.66 -41.60
N LEU C 453 30.53 70.36 -41.46
CA LEU C 453 31.18 69.37 -42.30
C LEU C 453 30.14 68.41 -42.85
N ASP C 454 28.92 68.52 -42.33
CA ASP C 454 27.84 67.57 -42.65
C ASP C 454 27.59 67.43 -44.15
N LYS C 455 28.38 68.14 -44.96
CA LYS C 455 28.31 68.03 -46.42
C LYS C 455 29.70 68.00 -47.08
N LEU C 456 30.53 67.04 -46.68
CA LEU C 456 31.85 66.87 -47.29
C LEU C 456 32.27 65.40 -47.41
N GLU C 457 32.87 65.06 -48.56
CA GLU C 457 33.39 63.71 -48.80
C GLU C 457 34.52 63.37 -47.83
N PRO C 458 34.28 62.38 -46.96
CA PRO C 458 35.25 61.98 -45.93
C PRO C 458 36.70 61.87 -46.41
N SER C 459 36.94 61.50 -47.67
CA SER C 459 38.30 61.26 -48.16
C SER C 459 39.16 62.52 -48.19
N LYS C 460 38.60 63.63 -47.71
CA LYS C 460 39.26 64.92 -47.73
C LYS C 460 39.36 65.52 -46.32
N ILE C 461 38.52 65.02 -45.42
CA ILE C 461 38.36 65.61 -44.08
C ILE C 461 39.67 65.66 -43.29
N THR C 462 40.77 65.27 -43.94
CA THR C 462 42.07 65.39 -43.31
C THR C 462 42.92 66.52 -43.89
N LYS C 463 42.99 66.62 -45.22
CA LYS C 463 43.67 67.77 -45.84
C LYS C 463 42.97 69.03 -45.39
N PHE C 464 41.70 68.88 -45.03
CA PHE C 464 40.90 69.98 -44.52
C PHE C 464 41.39 70.44 -43.16
N GLU C 465 41.23 69.58 -42.16
CA GLU C 465 41.65 69.90 -40.80
C GLU C 465 43.08 70.43 -40.77
N ASN C 466 43.99 69.74 -41.47
CA ASN C 466 45.40 70.14 -41.53
C ASN C 466 45.62 71.56 -42.05
N ALA C 467 44.55 72.16 -42.58
CA ALA C 467 44.60 73.55 -43.05
C ALA C 467 43.81 74.47 -42.12
N PHE C 468 42.53 74.17 -41.94
CA PHE C 468 41.65 75.00 -41.12
C PHE C 468 42.14 75.19 -39.68
N LEU C 469 43.19 74.46 -39.30
CA LEU C 469 43.73 74.63 -37.96
C LEU C 469 45.05 75.42 -37.93
N SER C 470 45.76 75.46 -39.07
CA SER C 470 46.95 76.29 -39.18
C SER C 470 46.54 77.64 -39.75
N HIS C 471 45.28 77.71 -40.19
CA HIS C 471 44.69 78.93 -40.70
C HIS C 471 44.08 79.74 -39.56
N VAL C 472 43.59 79.03 -38.54
CA VAL C 472 43.05 79.68 -37.35
C VAL C 472 44.02 79.57 -36.18
N ILE C 473 45.31 79.57 -36.50
CA ILE C 473 46.35 79.83 -35.51
C ILE C 473 47.17 80.99 -36.02
N SER C 474 47.23 81.10 -37.35
CA SER C 474 47.93 82.20 -38.02
C SER C 474 47.07 83.45 -38.06
N GLN C 475 45.75 83.26 -38.03
CA GLN C 475 44.83 84.39 -38.06
C GLN C 475 44.34 84.79 -36.67
N HIS C 476 43.64 83.88 -35.99
CA HIS C 476 43.04 84.20 -34.71
C HIS C 476 43.70 83.52 -33.52
N GLN C 477 44.90 83.94 -33.15
CA GLN C 477 45.40 83.56 -31.83
C GLN C 477 44.42 84.15 -30.83
N ALA C 478 43.57 85.02 -31.35
CA ALA C 478 42.50 85.66 -30.61
C ALA C 478 41.64 84.65 -29.87
N LEU C 479 40.74 84.01 -30.61
CA LEU C 479 39.77 83.08 -30.05
C LEU C 479 40.40 82.02 -29.15
N LEU C 480 41.50 81.42 -29.61
CA LEU C 480 42.22 80.42 -28.82
C LEU C 480 42.56 81.01 -27.45
N GLY C 481 43.11 82.21 -27.46
CA GLY C 481 43.41 82.92 -26.23
C GLY C 481 42.32 82.77 -25.19
N LYS C 482 41.08 83.06 -25.56
CA LYS C 482 40.01 83.05 -24.58
C LYS C 482 39.73 81.64 -24.08
N ILE C 483 39.37 80.76 -25.03
CA ILE C 483 38.93 79.40 -24.70
C ILE C 483 40.01 78.64 -23.94
N ARG C 484 41.25 78.89 -24.31
CA ARG C 484 42.39 78.27 -23.67
C ARG C 484 42.45 78.66 -22.19
N THR C 485 42.06 79.89 -21.89
CA THR C 485 42.27 80.47 -20.57
C THR C 485 41.10 80.26 -19.62
N ASP C 486 39.95 80.77 -20.02
CA ASP C 486 38.73 80.61 -19.23
C ASP C 486 38.20 79.20 -19.41
N GLY C 487 38.73 78.51 -20.41
CA GLY C 487 38.31 77.15 -20.69
C GLY C 487 36.82 77.06 -20.88
N LYS C 488 36.30 77.87 -21.80
CA LYS C 488 34.89 77.78 -22.17
C LYS C 488 34.62 78.57 -23.44
N ILE C 489 33.48 78.30 -24.06
CA ILE C 489 33.09 79.02 -25.27
C ILE C 489 31.84 79.86 -25.01
N SER C 490 32.04 81.10 -24.57
CA SER C 490 30.94 82.05 -24.38
C SER C 490 30.30 82.37 -25.72
N GLU C 491 29.04 82.81 -25.70
CA GLU C 491 28.35 83.13 -26.94
C GLU C 491 29.21 84.07 -27.76
N GLU C 492 30.10 84.76 -27.06
CA GLU C 492 31.12 85.60 -27.67
C GLU C 492 32.00 84.74 -28.57
N SER C 493 32.91 84.01 -27.93
CA SER C 493 33.82 83.11 -28.61
C SER C 493 33.08 82.33 -29.71
N ASP C 494 31.95 81.73 -29.34
CA ASP C 494 31.12 80.96 -30.26
C ASP C 494 30.78 81.74 -31.51
N ALA C 495 30.37 82.98 -31.34
CA ALA C 495 29.97 83.84 -32.45
C ALA C 495 31.09 83.98 -33.47
N LYS C 496 32.29 84.34 -33.00
CA LYS C 496 33.46 84.47 -33.88
C LYS C 496 33.63 83.18 -34.71
N LEU C 497 33.73 82.04 -34.02
CA LEU C 497 33.78 80.75 -34.69
C LEU C 497 32.75 80.68 -35.80
N LYS C 498 31.48 80.90 -35.43
CA LYS C 498 30.35 80.72 -36.34
C LYS C 498 30.57 81.35 -37.71
N GLU C 499 31.54 82.24 -37.81
CA GLU C 499 31.91 82.80 -39.09
C GLU C 499 33.25 82.26 -39.62
N ILE C 500 34.27 82.20 -38.76
CA ILE C 500 35.59 81.72 -39.19
C ILE C 500 35.45 80.39 -39.93
N VAL C 501 34.53 79.57 -39.45
CA VAL C 501 34.17 78.31 -40.10
C VAL C 501 33.60 78.62 -41.47
N THR C 502 32.28 78.84 -41.50
CA THR C 502 31.56 79.23 -42.69
C THR C 502 32.48 79.89 -43.72
N ASN C 503 33.33 80.80 -43.23
CA ASN C 503 34.34 81.45 -44.05
C ASN C 503 35.38 80.49 -44.61
N PHE C 504 34.97 79.26 -44.92
CA PHE C 504 35.92 78.27 -45.39
C PHE C 504 35.30 77.17 -46.27
N LEU C 505 34.11 76.69 -45.91
CA LEU C 505 33.45 75.66 -46.69
C LEU C 505 33.06 76.23 -48.05
N ALA C 506 32.51 77.43 -48.02
CA ALA C 506 32.13 78.13 -49.25
C ALA C 506 33.36 78.52 -50.04
N GLY C 507 34.52 78.51 -49.38
CA GLY C 507 35.78 78.86 -50.01
C GLY C 507 36.64 77.65 -50.31
N PHE C 508 36.12 76.77 -51.16
CA PHE C 508 36.77 75.51 -51.44
C PHE C 508 35.92 74.67 -52.40
N GLU C 509 34.71 74.32 -51.94
CA GLU C 509 33.75 73.58 -52.74
C GLU C 509 32.78 74.53 -53.46
N ALA C 510 32.13 75.39 -52.67
CA ALA C 510 31.13 76.32 -53.19
C ALA C 510 31.75 77.64 -53.59
N THR D 13 45.41 34.07 26.78
CA THR D 13 46.61 34.54 27.47
C THR D 13 47.52 35.33 26.50
N THR D 14 48.83 35.11 26.62
CA THR D 14 49.80 35.74 25.70
C THR D 14 50.37 34.74 24.72
N GLY D 15 50.61 35.19 23.50
CA GLY D 15 51.07 34.30 22.46
C GLY D 15 52.14 34.96 21.63
N ARG D 16 52.89 34.14 20.92
CA ARG D 16 54.08 34.58 20.20
C ARG D 16 54.01 34.15 18.74
N ILE D 17 54.14 35.10 17.83
CA ILE D 17 54.15 34.75 16.42
C ILE D 17 55.20 33.68 16.06
N VAL D 18 54.80 32.58 15.42
CA VAL D 18 55.74 31.53 15.03
C VAL D 18 56.17 31.62 13.58
N ALA D 19 55.30 32.16 12.73
CA ALA D 19 55.57 32.24 11.31
C ALA D 19 54.65 33.22 10.62
N VAL D 20 55.07 33.75 9.49
CA VAL D 20 54.30 34.76 8.80
C VAL D 20 54.51 34.69 7.31
N ILE D 21 53.42 34.41 6.58
CA ILE D 21 53.42 34.56 5.13
C ILE D 21 52.30 35.49 4.68
N GLY D 22 52.65 36.41 3.78
CA GLY D 22 51.68 37.35 3.25
C GLY D 22 50.63 37.88 4.22
N ALA D 23 49.54 37.13 4.37
CA ALA D 23 48.39 37.56 5.14
C ALA D 23 47.97 36.53 6.19
N VAL D 24 48.79 35.52 6.38
CA VAL D 24 48.43 34.42 7.25
C VAL D 24 49.53 34.25 8.27
N VAL D 25 49.22 34.53 9.53
CA VAL D 25 50.22 34.41 10.59
C VAL D 25 49.86 33.27 11.54
N ASP D 26 50.76 32.33 11.72
CA ASP D 26 50.57 31.32 12.76
C ASP D 26 51.10 31.88 14.10
N VAL D 27 50.49 31.47 15.22
CA VAL D 27 50.85 31.95 16.56
C VAL D 27 50.84 30.81 17.56
N GLN D 28 51.70 30.87 18.58
CA GLN D 28 51.83 29.77 19.55
C GLN D 28 51.48 30.23 20.96
N PHE D 29 50.72 29.41 21.67
CA PHE D 29 50.26 29.81 22.98
C PHE D 29 50.66 28.87 24.08
N ASP D 30 51.53 29.37 24.95
CA ASP D 30 51.84 28.76 26.23
C ASP D 30 50.66 28.02 26.87
N GLU D 31 49.53 28.71 27.02
CA GLU D 31 48.37 28.13 27.70
C GLU D 31 47.03 28.38 26.98
N GLY D 32 46.67 29.65 26.80
CA GLY D 32 45.34 30.00 26.33
C GLY D 32 45.07 29.95 24.82
N LEU D 33 44.95 28.74 24.27
CA LEU D 33 44.57 28.54 22.86
C LEU D 33 43.22 29.16 22.54
N PRO D 34 43.19 30.26 21.76
CA PRO D 34 41.96 31.00 21.44
C PRO D 34 41.06 30.19 20.49
N PRO D 35 39.74 30.14 20.74
CA PRO D 35 38.81 29.43 19.85
C PRO D 35 38.76 30.07 18.46
N ILE D 36 38.55 29.24 17.46
CA ILE D 36 38.47 29.75 16.11
C ILE D 36 37.51 30.93 16.09
N LEU D 37 37.85 31.95 15.33
CA LEU D 37 37.02 33.15 15.21
C LEU D 37 37.42 34.27 16.18
N ASN D 38 37.97 33.85 17.33
CA ASN D 38 38.47 34.74 18.39
C ASN D 38 39.44 35.79 17.89
N ALA D 39 39.13 37.07 18.07
CA ALA D 39 40.06 38.12 17.62
C ALA D 39 41.30 38.21 18.51
N LEU D 40 42.49 38.21 17.91
CA LEU D 40 43.73 38.24 18.67
C LEU D 40 44.39 39.58 18.50
N GLU D 41 45.27 39.92 19.46
CA GLU D 41 45.90 41.24 19.50
C GLU D 41 47.41 41.24 19.36
N VAL D 42 47.89 41.93 18.33
CA VAL D 42 49.30 42.02 18.08
C VAL D 42 49.87 43.16 18.87
N GLN D 43 50.72 42.81 19.84
CA GLN D 43 51.35 43.81 20.69
C GLN D 43 52.57 44.41 20.01
N GLY D 44 52.54 45.72 19.80
CA GLY D 44 53.74 46.44 19.40
C GLY D 44 53.65 47.20 18.09
N ARG D 45 52.44 47.59 17.72
CA ARG D 45 52.21 48.19 16.41
C ARG D 45 51.89 49.67 16.51
N GLU D 46 52.31 50.43 15.51
CA GLU D 46 52.01 51.84 15.49
C GLU D 46 50.56 52.10 15.06
N THR D 47 49.87 51.01 14.70
CA THR D 47 48.44 51.01 14.36
C THR D 47 47.89 49.61 14.64
N ARG D 48 46.67 49.51 15.15
CA ARG D 48 46.14 48.24 15.67
C ARG D 48 46.08 47.11 14.64
N LEU D 49 46.55 45.93 15.04
CA LEU D 49 46.56 44.79 14.14
C LEU D 49 45.83 43.62 14.80
N VAL D 50 44.71 43.22 14.22
CA VAL D 50 43.97 42.07 14.73
C VAL D 50 44.15 40.84 13.86
N LEU D 51 44.11 39.68 14.51
CA LEU D 51 44.26 38.41 13.80
C LEU D 51 43.08 37.49 14.11
N GLU D 52 42.06 37.47 13.25
CA GLU D 52 40.96 36.55 13.44
C GLU D 52 41.52 35.14 13.38
N VAL D 53 41.37 34.38 14.46
CA VAL D 53 41.81 32.98 14.47
C VAL D 53 41.05 32.21 13.40
N ALA D 54 41.73 31.24 12.78
CA ALA D 54 41.14 30.45 11.70
C ALA D 54 41.26 28.93 11.86
N GLN D 55 42.27 28.44 12.55
CA GLN D 55 42.33 26.99 12.81
C GLN D 55 43.32 26.56 13.91
N HIS D 56 43.18 25.36 14.43
CA HIS D 56 44.17 24.85 15.38
C HIS D 56 45.04 23.80 14.74
N LEU D 57 46.22 24.20 14.29
CA LEU D 57 47.15 23.28 13.65
C LEU D 57 47.62 22.27 14.70
N GLY D 58 47.35 22.60 15.96
CA GLY D 58 47.76 21.73 17.04
C GLY D 58 48.97 22.31 17.74
N GLU D 59 49.64 21.48 18.54
CA GLU D 59 50.76 21.94 19.34
C GLU D 59 50.62 23.42 19.72
N SER D 60 49.49 23.71 20.35
CA SER D 60 49.20 25.05 20.85
C SER D 60 49.57 26.16 19.86
N THR D 61 49.21 25.96 18.60
CA THR D 61 49.43 26.97 17.57
C THR D 61 48.17 27.23 16.78
N VAL D 62 47.96 28.48 16.39
CA VAL D 62 46.77 28.82 15.61
C VAL D 62 47.04 29.70 14.40
N ARG D 63 46.57 29.24 13.25
CA ARG D 63 46.69 29.99 12.01
C ARG D 63 45.60 31.03 11.96
N THR D 64 45.90 32.20 11.39
CA THR D 64 44.98 33.33 11.46
C THR D 64 45.09 34.27 10.27
N ILE D 65 44.01 35.01 10.00
CA ILE D 65 44.03 36.02 8.94
C ILE D 65 44.25 37.36 9.62
N ALA D 66 45.03 38.22 8.99
CA ALA D 66 45.27 39.57 9.53
C ALA D 66 44.24 40.58 8.98
N MET D 67 43.68 41.42 9.85
CA MET D 67 42.76 42.48 9.39
C MET D 67 43.51 43.74 8.99
N ASP D 68 44.83 43.58 8.83
CA ASP D 68 45.69 44.53 8.12
C ASP D 68 47.07 43.94 7.80
N GLY D 69 47.89 44.69 7.06
CA GLY D 69 49.11 44.18 6.47
C GLY D 69 50.15 43.78 7.47
N THR D 70 50.87 42.68 7.20
CA THR D 70 51.81 42.14 8.20
C THR D 70 53.25 42.65 8.03
N GLU D 71 53.42 43.65 7.19
CA GLU D 71 54.69 44.34 7.02
C GLU D 71 55.21 44.70 8.40
N GLY D 72 56.30 44.09 8.81
CA GLY D 72 56.92 44.48 10.05
C GLY D 72 56.98 43.41 11.14
N LEU D 73 55.95 42.58 11.23
CA LEU D 73 55.93 41.55 12.26
C LEU D 73 57.27 40.82 12.38
N VAL D 74 57.50 40.17 13.51
CA VAL D 74 58.73 39.44 13.66
C VAL D 74 58.56 38.19 14.49
N ARG D 75 59.22 37.11 14.06
CA ARG D 75 59.09 35.83 14.73
C ARG D 75 59.28 35.95 16.23
N GLY D 76 58.18 35.85 16.96
CA GLY D 76 58.20 35.92 18.42
C GLY D 76 57.42 37.10 18.98
N GLN D 77 57.05 38.04 18.10
CA GLN D 77 56.30 39.22 18.48
C GLN D 77 55.10 38.85 19.37
N LYS D 78 54.70 39.78 20.22
CA LYS D 78 53.76 39.49 21.31
C LYS D 78 52.31 39.59 20.86
N VAL D 79 51.54 38.51 21.06
CA VAL D 79 50.13 38.47 20.69
C VAL D 79 49.24 38.10 21.88
N LEU D 80 48.13 38.83 22.03
CA LEU D 80 47.25 38.66 23.18
C LEU D 80 45.83 38.21 22.83
N ASP D 81 45.39 37.11 23.45
CA ASP D 81 44.05 36.54 23.23
C ASP D 81 42.94 37.47 23.68
N SER D 82 42.45 38.34 22.80
CA SER D 82 41.38 39.26 23.14
C SER D 82 40.14 38.55 23.68
N GLY D 83 40.22 37.23 23.87
CA GLY D 83 39.20 36.46 24.57
C GLY D 83 37.90 36.18 23.83
N ALA D 84 37.60 37.02 22.84
CA ALA D 84 36.39 36.89 22.03
C ALA D 84 36.47 37.57 20.65
N PRO D 85 35.75 37.01 19.65
CA PRO D 85 35.54 37.49 18.29
C PRO D 85 35.64 39.00 18.12
N ILE D 86 36.04 39.45 16.93
CA ILE D 86 36.06 40.88 16.67
C ILE D 86 34.78 41.47 17.18
N ARG D 87 34.85 42.64 17.81
CA ARG D 87 33.64 43.34 18.30
C ARG D 87 33.55 44.79 17.77
N ILE D 88 32.33 45.23 17.43
CA ILE D 88 32.20 46.55 16.82
C ILE D 88 31.19 47.48 17.50
N PRO D 89 31.32 48.77 17.20
CA PRO D 89 30.41 49.86 17.54
C PRO D 89 29.06 49.70 16.86
N VAL D 90 28.36 48.63 17.25
CA VAL D 90 26.96 48.52 16.88
C VAL D 90 26.25 49.53 17.74
N GLY D 91 25.21 50.14 17.18
CA GLY D 91 24.45 51.10 17.94
C GLY D 91 24.11 52.30 17.10
N PRO D 92 23.25 53.18 17.63
CA PRO D 92 22.69 54.35 16.93
C PRO D 92 23.70 55.46 16.67
N GLU D 93 24.79 55.49 17.44
CA GLU D 93 25.81 56.52 17.29
C GLU D 93 26.80 56.24 16.15
N THR D 94 26.38 55.41 15.19
CA THR D 94 27.23 55.09 14.06
C THR D 94 26.82 55.90 12.86
N LEU D 95 25.58 56.38 12.87
CA LEU D 95 25.09 57.19 11.76
C LEU D 95 26.09 58.29 11.43
N GLY D 96 26.08 58.78 10.20
CA GLY D 96 27.03 59.78 9.74
C GLY D 96 28.52 59.45 9.90
N ARG D 97 28.82 58.33 10.53
CA ARG D 97 30.21 57.96 10.84
C ARG D 97 30.78 56.84 9.95
N ILE D 98 32.00 57.01 9.47
CA ILE D 98 32.66 56.00 8.63
C ILE D 98 33.44 55.02 9.50
N MET D 99 32.87 53.85 9.72
CA MET D 99 33.53 52.83 10.51
C MET D 99 34.53 52.05 9.67
N ASN D 100 34.87 50.84 10.11
CA ASN D 100 35.73 49.98 9.31
C ASN D 100 35.76 48.53 9.80
N VAL D 101 36.46 47.69 9.07
CA VAL D 101 36.70 46.30 9.44
C VAL D 101 36.59 45.94 10.94
N ILE D 102 37.17 46.78 11.82
CA ILE D 102 37.28 46.44 13.24
C ILE D 102 36.62 47.43 14.22
N GLY D 103 35.90 48.42 13.69
CA GLY D 103 35.19 49.35 14.53
C GLY D 103 35.80 50.73 14.44
N GLU D 104 37.12 50.78 14.57
CA GLU D 104 37.85 52.05 14.46
C GLU D 104 37.29 53.02 13.41
N PRO D 105 37.00 54.23 13.86
CA PRO D 105 36.44 55.28 13.02
C PRO D 105 37.48 55.85 12.09
N ILE D 106 37.09 56.25 10.90
CA ILE D 106 38.07 56.80 9.98
C ILE D 106 37.50 57.90 9.11
N ASP D 107 36.80 58.83 9.74
CA ASP D 107 36.46 60.10 9.12
C ASP D 107 37.19 61.14 9.93
N GLU D 108 37.93 60.64 10.92
CA GLU D 108 38.66 61.48 11.86
C GLU D 108 37.69 62.27 12.72
N ARG D 109 37.12 61.62 13.72
CA ARG D 109 36.15 62.26 14.60
C ARG D 109 36.12 61.55 15.94
N GLY D 110 37.24 60.90 16.27
CA GLY D 110 37.44 60.37 17.61
C GLY D 110 36.37 59.41 18.06
N PRO D 111 36.79 58.37 18.80
CA PRO D 111 35.99 57.20 19.15
C PRO D 111 34.50 57.32 18.88
N ILE D 112 33.93 56.27 18.32
CA ILE D 112 32.49 56.12 18.24
C ILE D 112 32.02 55.76 19.64
N LYS D 113 31.04 56.51 20.12
CA LYS D 113 30.67 56.52 21.53
C LYS D 113 29.40 55.71 21.84
N THR D 114 29.57 54.43 22.17
CA THR D 114 28.43 53.61 22.60
C THR D 114 28.86 52.54 23.60
N LYS D 115 27.94 52.12 24.46
CA LYS D 115 28.24 51.01 25.38
C LYS D 115 27.44 49.76 25.03
N GLN D 116 27.27 49.52 23.74
CA GLN D 116 26.72 48.28 23.25
C GLN D 116 27.59 47.82 22.09
N PHE D 117 28.08 46.60 22.23
CA PHE D 117 28.98 45.99 21.25
C PHE D 117 28.56 44.57 20.91
N ALA D 118 28.65 44.23 19.63
CA ALA D 118 28.32 42.88 19.17
C ALA D 118 29.41 42.28 18.26
N ALA D 119 29.64 40.99 18.47
CA ALA D 119 30.55 40.24 17.63
C ALA D 119 29.98 40.22 16.22
N ILE D 120 30.86 40.29 15.22
CA ILE D 120 30.46 40.26 13.82
C ILE D 120 30.25 38.83 13.31
N HIS D 121 30.62 37.84 14.12
CA HIS D 121 30.37 36.43 13.79
C HIS D 121 29.19 35.86 14.55
N ALA D 122 27.99 36.13 14.05
CA ALA D 122 26.76 35.65 14.66
C ALA D 122 26.36 34.29 14.06
N GLU D 123 25.31 33.66 14.62
CA GLU D 123 24.65 32.54 13.94
C GLU D 123 23.63 33.14 13.00
N ALA D 124 22.69 32.34 12.53
CA ALA D 124 21.75 32.88 11.55
C ALA D 124 20.31 32.61 11.92
N PRO D 125 19.46 33.63 11.78
CA PRO D 125 18.00 33.61 11.94
C PRO D 125 17.36 32.26 11.61
N GLU D 126 17.00 31.49 12.64
CA GLU D 126 16.44 30.13 12.49
C GLU D 126 15.19 30.08 11.60
N PHE D 127 14.70 28.88 11.33
CA PHE D 127 13.64 28.71 10.35
C PHE D 127 12.41 29.48 10.73
N VAL D 128 12.08 29.36 12.02
CA VAL D 128 10.80 29.79 12.56
C VAL D 128 10.68 31.29 12.60
N GLU D 129 11.82 31.98 12.46
CA GLU D 129 11.82 33.43 12.46
C GLU D 129 11.58 34.04 11.08
N MET D 130 11.37 33.20 10.08
CA MET D 130 11.30 33.67 8.71
C MET D 130 9.99 34.39 8.43
N SER D 131 10.09 35.58 7.85
CA SER D 131 8.91 36.30 7.42
C SER D 131 8.50 35.99 5.98
N VAL D 132 7.22 35.70 5.76
CA VAL D 132 6.75 35.33 4.43
C VAL D 132 5.99 36.45 3.74
N GLU D 133 6.06 37.65 4.30
CA GLU D 133 5.32 38.75 3.72
C GLU D 133 6.17 39.50 2.74
N GLN D 134 5.65 39.69 1.53
CA GLN D 134 6.37 40.39 0.47
C GLN D 134 5.47 41.41 -0.24
N GLU D 135 5.86 42.68 -0.22
CA GLU D 135 5.07 43.69 -0.92
C GLU D 135 5.92 44.62 -1.76
N ILE D 136 5.36 45.02 -2.90
CA ILE D 136 6.16 45.64 -3.94
C ILE D 136 6.74 46.98 -3.57
N LEU D 137 8.07 47.03 -3.45
CA LEU D 137 8.80 48.30 -3.33
C LEU D 137 9.07 48.89 -4.72
N VAL D 138 8.38 49.97 -5.02
CA VAL D 138 8.57 50.66 -6.29
C VAL D 138 9.85 51.48 -6.21
N THR D 139 10.61 51.51 -7.31
CA THR D 139 11.88 52.20 -7.34
C THR D 139 11.86 53.37 -8.32
N GLY D 140 10.81 53.41 -9.15
CA GLY D 140 10.68 54.47 -10.12
C GLY D 140 11.59 54.27 -11.31
N ILE D 141 12.49 53.29 -11.20
CA ILE D 141 13.23 52.89 -12.38
C ILE D 141 12.33 51.94 -13.15
N LYS D 142 11.95 52.36 -14.36
CA LYS D 142 10.95 51.66 -15.18
C LYS D 142 11.22 50.18 -15.39
N VAL D 143 12.40 49.86 -15.89
CA VAL D 143 12.78 48.47 -16.19
C VAL D 143 12.63 47.52 -15.01
N VAL D 144 13.13 47.91 -13.84
CA VAL D 144 12.99 47.07 -12.65
C VAL D 144 11.54 46.89 -12.23
N ASP D 145 10.79 47.98 -12.20
CA ASP D 145 9.41 47.95 -11.71
C ASP D 145 8.47 47.23 -12.65
N LEU D 146 8.63 47.48 -13.94
CA LEU D 146 7.80 46.83 -14.93
C LEU D 146 8.03 45.33 -14.89
N LEU D 147 9.29 44.92 -15.08
CA LEU D 147 9.65 43.52 -15.32
C LEU D 147 10.16 42.72 -14.13
N ALA D 148 10.64 43.37 -13.08
CA ALA D 148 11.17 42.60 -11.96
C ALA D 148 11.21 43.37 -10.63
N PRO D 149 10.05 43.88 -10.19
CA PRO D 149 9.99 44.81 -9.06
C PRO D 149 10.70 44.25 -7.84
N TYR D 150 11.39 45.11 -7.08
CA TYR D 150 11.98 44.67 -5.81
C TYR D 150 10.90 44.57 -4.75
N ALA D 151 11.14 43.85 -3.66
CA ALA D 151 10.12 43.75 -2.60
C ALA D 151 10.54 44.32 -1.26
N LYS D 152 9.73 45.22 -0.73
CA LYS D 152 9.97 45.74 0.61
C LYS D 152 10.51 44.67 1.54
N GLY D 153 11.77 44.83 1.93
CA GLY D 153 12.36 44.03 2.98
C GLY D 153 12.89 42.72 2.47
N GLY D 154 13.27 42.68 1.19
CA GLY D 154 13.77 41.47 0.58
C GLY D 154 15.19 41.56 0.04
N LYS D 155 15.83 40.41 -0.10
CA LYS D 155 17.17 40.30 -0.68
C LYS D 155 17.14 40.62 -2.18
N ILE D 156 17.77 41.73 -2.57
CA ILE D 156 17.91 42.11 -3.97
C ILE D 156 19.39 42.01 -4.34
N GLY D 157 19.66 41.60 -5.58
CA GLY D 157 21.01 41.48 -6.11
C GLY D 157 21.20 42.19 -7.44
N LEU D 158 22.31 42.91 -7.58
CA LEU D 158 22.61 43.64 -8.82
C LEU D 158 23.79 42.99 -9.56
N PHE D 159 23.49 42.16 -10.55
CA PHE D 159 24.51 41.43 -11.30
C PHE D 159 25.11 42.24 -12.43
N GLY D 160 26.41 42.13 -12.60
CA GLY D 160 27.10 42.97 -13.54
C GLY D 160 28.53 42.53 -13.77
N GLY D 161 28.93 42.58 -15.03
CA GLY D 161 30.32 42.45 -15.40
C GLY D 161 30.96 43.81 -15.18
N ALA D 162 32.26 43.94 -15.42
CA ALA D 162 32.89 45.21 -15.09
C ALA D 162 32.48 46.31 -16.05
N GLY D 163 31.97 47.40 -15.50
CA GLY D 163 31.77 48.63 -16.26
C GLY D 163 30.42 48.80 -16.90
N VAL D 164 29.47 47.98 -16.46
CA VAL D 164 28.19 47.91 -17.16
C VAL D 164 27.13 48.75 -16.46
N GLY D 165 27.50 49.30 -15.31
CA GLY D 165 26.64 50.24 -14.64
C GLY D 165 26.07 49.73 -13.33
N LYS D 166 26.76 48.77 -12.73
CA LYS D 166 26.36 48.15 -11.48
C LYS D 166 26.34 49.19 -10.39
N THR D 167 27.47 49.85 -10.20
CA THR D 167 27.62 50.81 -9.10
C THR D 167 26.73 52.05 -9.28
N VAL D 168 26.71 52.63 -10.48
CA VAL D 168 25.83 53.75 -10.74
C VAL D 168 24.40 53.41 -10.39
N LEU D 169 23.94 52.23 -10.79
CA LEU D 169 22.59 51.80 -10.46
C LEU D 169 22.36 51.90 -8.95
N ILE D 170 23.24 51.31 -8.16
CA ILE D 170 23.07 51.32 -6.72
C ILE D 170 23.10 52.73 -6.15
N MET D 171 23.71 53.68 -6.86
CA MET D 171 23.67 55.08 -6.41
C MET D 171 22.25 55.57 -6.63
N GLU D 172 21.84 55.67 -7.89
CA GLU D 172 20.46 56.06 -8.21
C GLU D 172 19.44 55.26 -7.40
N LEU D 173 19.86 54.17 -6.79
CA LEU D 173 18.97 53.45 -5.90
C LEU D 173 18.97 54.10 -4.52
N ILE D 174 20.15 54.31 -3.96
CA ILE D 174 20.27 55.00 -2.68
C ILE D 174 19.76 56.44 -2.75
N ASN D 175 19.78 57.00 -3.95
CA ASN D 175 19.22 58.33 -4.14
C ASN D 175 17.69 58.26 -4.03
N ASN D 176 17.08 57.42 -4.85
CA ASN D 176 15.64 57.30 -4.85
C ASN D 176 15.14 56.63 -3.58
N VAL D 177 15.23 55.31 -3.55
CA VAL D 177 14.71 54.51 -2.42
C VAL D 177 15.11 54.98 -1.01
N ALA D 178 16.36 55.41 -0.83
CA ALA D 178 16.86 55.66 0.53
C ALA D 178 16.70 57.10 1.04
N LYS D 179 16.18 57.96 0.18
CA LYS D 179 15.92 59.37 0.53
C LYS D 179 14.48 59.53 1.03
N ALA D 180 13.51 59.10 0.21
CA ALA D 180 12.11 59.08 0.61
C ALA D 180 11.85 57.96 1.62
N HIS D 181 12.85 57.69 2.44
CA HIS D 181 12.76 56.65 3.46
C HIS D 181 13.10 57.24 4.82
N GLY D 182 12.23 56.99 5.80
CA GLY D 182 12.38 57.58 7.12
C GLY D 182 12.98 56.61 8.13
N GLY D 183 13.58 55.53 7.64
CA GLY D 183 14.24 54.57 8.49
C GLY D 183 15.75 54.71 8.42
N TYR D 184 16.46 53.64 8.74
CA TYR D 184 17.91 53.69 8.77
C TYR D 184 18.56 52.96 7.59
N SER D 185 19.59 53.54 7.00
CA SER D 185 20.30 52.90 5.89
C SER D 185 21.76 52.60 6.26
N VAL D 186 22.29 51.46 5.84
CA VAL D 186 23.71 51.10 6.09
C VAL D 186 24.45 50.69 4.81
N PHE D 187 25.24 51.58 4.23
CA PHE D 187 25.94 51.29 2.97
C PHE D 187 27.35 50.85 3.29
N ALA D 188 27.73 49.68 2.82
CA ALA D 188 29.03 49.12 3.15
C ALA D 188 29.80 48.75 1.89
N GLY D 189 30.82 49.53 1.57
CA GLY D 189 31.64 49.29 0.40
C GLY D 189 32.70 48.24 0.66
N VAL D 190 32.38 46.98 0.39
CA VAL D 190 33.37 45.92 0.53
C VAL D 190 34.19 45.80 -0.74
N GLY D 191 35.51 45.84 -0.59
CA GLY D 191 36.43 45.60 -1.69
C GLY D 191 36.43 46.45 -2.96
N GLU D 192 35.54 47.42 -3.13
CA GLU D 192 35.70 48.23 -4.33
C GLU D 192 36.58 49.51 -4.20
N ARG D 193 36.22 50.57 -4.93
CA ARG D 193 37.09 51.73 -5.13
C ARG D 193 37.01 52.77 -4.01
N THR D 194 38.16 53.10 -3.42
CA THR D 194 38.22 54.12 -2.35
C THR D 194 37.77 55.48 -2.86
N ARG D 195 38.18 55.80 -4.07
CA ARG D 195 37.68 57.00 -4.74
C ARG D 195 36.17 57.12 -4.64
N GLU D 196 35.47 55.99 -4.69
CA GLU D 196 34.01 55.98 -4.82
C GLU D 196 33.31 56.11 -3.47
N GLY D 197 34.08 55.93 -2.40
CA GLY D 197 33.60 56.15 -1.05
C GLY D 197 33.63 57.63 -0.71
N ASN D 198 34.83 58.19 -0.71
CA ASN D 198 34.95 59.64 -0.71
C ASN D 198 33.89 60.27 -1.62
N ASP D 199 33.66 59.68 -2.78
CA ASP D 199 32.72 60.27 -3.74
C ASP D 199 31.29 60.33 -3.21
N LEU D 200 30.94 59.34 -2.40
CA LEU D 200 29.57 59.19 -1.90
C LEU D 200 29.37 59.93 -0.59
N TYR D 201 30.36 59.84 0.30
CA TYR D 201 30.36 60.66 1.50
C TYR D 201 29.84 62.04 1.17
N HIS D 202 30.46 62.69 0.20
CA HIS D 202 30.17 64.10 -0.08
C HIS D 202 28.83 64.31 -0.79
N GLU D 203 28.39 63.35 -1.58
CA GLU D 203 27.05 63.46 -2.17
C GLU D 203 26.04 63.25 -1.06
N MET D 204 26.43 62.45 -0.07
CA MET D 204 25.55 62.07 1.04
C MET D 204 25.74 63.02 2.22
N ILE D 205 26.07 64.25 1.90
CA ILE D 205 26.30 65.27 2.89
C ILE D 205 25.81 66.53 2.23
N GLU D 206 25.82 66.50 0.91
CA GLU D 206 25.17 67.49 0.08
C GLU D 206 23.67 67.29 0.21
N SER D 207 23.26 66.03 0.23
CA SER D 207 21.86 65.67 0.43
C SER D 207 21.62 65.63 1.93
N GLY D 208 22.70 65.45 2.66
CA GLY D 208 22.63 65.39 4.10
C GLY D 208 21.74 64.27 4.59
N VAL D 209 21.99 63.07 4.09
CA VAL D 209 21.49 61.91 4.78
C VAL D 209 22.50 61.74 5.90
N ILE D 210 23.71 62.24 5.65
CA ILE D 210 24.71 62.45 6.67
C ILE D 210 24.74 63.93 6.94
N ASN D 211 24.53 64.32 8.19
CA ASN D 211 24.66 65.71 8.61
C ASN D 211 25.73 65.82 9.70
N LEU D 212 26.74 66.63 9.42
CA LEU D 212 27.90 66.76 10.30
C LEU D 212 27.56 67.50 11.57
N LYS D 213 26.53 68.35 11.50
CA LYS D 213 26.16 69.20 12.62
C LYS D 213 25.29 68.47 13.66
N ASP D 214 23.98 68.40 13.41
CA ASP D 214 23.04 67.76 14.32
C ASP D 214 23.31 66.27 14.56
N ALA D 215 22.24 65.49 14.71
CA ALA D 215 22.34 64.03 14.81
C ALA D 215 21.26 63.38 13.95
N THR D 216 20.85 64.09 12.91
CA THR D 216 19.84 63.61 11.96
C THR D 216 20.38 62.66 10.88
N SER D 217 21.58 62.12 11.09
CA SER D 217 22.19 61.18 10.14
C SER D 217 21.40 59.87 10.06
N LYS D 218 21.00 59.49 8.85
CA LYS D 218 20.24 58.26 8.61
C LYS D 218 21.06 57.14 7.96
N VAL D 219 22.39 57.18 8.05
CA VAL D 219 23.21 56.30 7.24
C VAL D 219 24.52 55.88 7.86
N ALA D 220 24.63 54.64 8.31
CA ALA D 220 25.93 54.13 8.80
C ALA D 220 26.82 53.67 7.64
N LEU D 221 28.09 54.11 7.63
CA LEU D 221 29.05 53.68 6.61
C LEU D 221 30.11 52.75 7.18
N VAL D 222 30.21 51.53 6.65
CA VAL D 222 31.35 50.65 6.89
C VAL D 222 32.13 50.49 5.58
N TYR D 223 33.47 50.48 5.67
CA TYR D 223 34.34 50.52 4.48
C TYR D 223 35.63 49.68 4.58
N GLY D 224 35.94 48.96 3.51
CA GLY D 224 37.15 48.17 3.41
C GLY D 224 37.40 47.90 1.95
N GLN D 225 38.17 48.79 1.31
CA GLN D 225 38.31 48.84 -0.16
C GLN D 225 39.44 48.01 -0.80
N MET D 226 39.59 48.14 -2.12
CA MET D 226 40.49 47.25 -2.86
C MET D 226 41.94 47.54 -2.56
N ASN D 227 42.18 48.48 -1.65
CA ASN D 227 43.54 48.81 -1.22
C ASN D 227 43.96 48.06 0.04
N GLU D 228 43.01 47.44 0.73
CA GLU D 228 43.29 46.73 1.97
C GLU D 228 43.58 45.27 1.66
N PRO D 229 44.23 44.55 2.59
CA PRO D 229 44.48 43.11 2.56
C PRO D 229 43.29 42.21 2.35
N PRO D 230 43.55 40.92 2.12
CA PRO D 230 42.51 39.89 2.03
C PRO D 230 41.80 39.72 3.36
N GLY D 231 42.55 39.68 4.46
CA GLY D 231 41.90 39.68 5.76
C GLY D 231 40.76 40.70 5.87
N ALA D 232 41.07 41.99 5.71
CA ALA D 232 40.07 43.03 5.73
C ALA D 232 38.88 42.67 4.85
N ARG D 233 39.12 42.62 3.54
CA ARG D 233 38.02 42.45 2.60
C ARG D 233 37.13 41.24 2.95
N ALA D 234 37.77 40.18 3.43
CA ALA D 234 37.04 38.97 3.81
C ALA D 234 36.05 39.18 4.93
N ARG D 235 36.12 40.31 5.61
CA ARG D 235 35.32 40.50 6.82
C ARG D 235 34.61 41.84 6.90
N VAL D 236 35.02 42.79 6.07
CA VAL D 236 34.35 44.09 5.98
C VAL D 236 32.84 43.93 5.84
N ALA D 237 32.42 42.90 5.12
CA ALA D 237 31.01 42.68 4.91
C ALA D 237 30.37 42.04 6.14
N LEU D 238 31.14 41.24 6.86
CA LEU D 238 30.67 40.72 8.12
C LEU D 238 30.36 41.82 9.13
N THR D 239 31.15 42.90 9.09
CA THR D 239 30.97 44.08 9.95
C THR D 239 29.74 44.90 9.56
N GLY D 240 29.78 45.53 8.38
CA GLY D 240 28.65 46.30 7.90
C GLY D 240 27.27 45.64 8.03
N LEU D 241 27.24 44.32 8.18
CA LEU D 241 25.95 43.69 8.35
C LEU D 241 25.64 43.49 9.83
N THR D 242 26.67 43.32 10.65
CA THR D 242 26.47 43.33 12.10
C THR D 242 25.86 44.68 12.49
N VAL D 243 26.24 45.72 11.76
CA VAL D 243 25.79 47.07 12.03
C VAL D 243 24.33 47.21 11.69
N ALA D 244 23.92 46.62 10.58
CA ALA D 244 22.55 46.79 10.13
C ALA D 244 21.66 45.74 10.77
N GLU D 245 22.28 44.75 11.39
CA GLU D 245 21.57 43.69 12.10
C GLU D 245 21.01 44.16 13.43
N TYR D 246 21.73 45.09 14.05
CA TYR D 246 21.26 45.79 15.22
C TYR D 246 20.01 46.61 14.87
N PHE D 247 20.14 47.57 13.97
CA PHE D 247 19.02 48.43 13.59
C PHE D 247 17.78 47.67 13.19
N ARG D 248 17.91 46.38 12.91
CA ARG D 248 16.76 45.56 12.57
C ARG D 248 16.14 44.99 13.82
N ASP D 249 16.90 44.10 14.46
CA ASP D 249 16.41 43.35 15.61
C ASP D 249 15.83 44.23 16.73
N GLN D 250 16.43 45.40 16.95
CA GLN D 250 15.99 46.33 17.98
C GLN D 250 14.75 47.09 17.54
N GLU D 251 14.98 48.15 16.77
CA GLU D 251 13.94 49.06 16.30
C GLU D 251 12.65 48.37 15.80
N GLY D 252 12.80 47.16 15.25
CA GLY D 252 11.73 46.55 14.46
C GLY D 252 11.69 47.28 13.14
N GLN D 253 12.71 48.11 12.94
CA GLN D 253 12.76 49.15 11.90
C GLN D 253 12.90 48.63 10.48
N ASP D 254 12.85 49.57 9.54
CA ASP D 254 13.04 49.29 8.13
C ASP D 254 14.45 49.69 7.71
N VAL D 255 15.38 48.75 7.88
CA VAL D 255 16.79 49.00 7.58
C VAL D 255 17.09 48.73 6.12
N LEU D 256 17.67 49.72 5.45
CA LEU D 256 18.19 49.56 4.10
C LEU D 256 19.67 49.27 4.20
N LEU D 257 20.09 48.07 3.81
CA LEU D 257 21.50 47.69 3.79
C LEU D 257 22.00 47.58 2.35
N PHE D 258 22.86 48.50 1.92
CA PHE D 258 23.48 48.37 0.62
C PHE D 258 24.91 47.81 0.74
N ILE D 259 25.26 46.85 -0.10
CA ILE D 259 26.65 46.42 -0.21
C ILE D 259 27.18 46.62 -1.64
N ASP D 260 28.47 46.92 -1.72
CA ASP D 260 29.16 47.09 -3.00
C ASP D 260 30.62 46.89 -2.63
N ASN D 261 31.15 45.68 -2.83
CA ASN D 261 30.59 44.68 -3.75
C ASN D 261 30.70 43.26 -3.15
N ILE D 262 29.56 42.65 -2.84
CA ILE D 262 29.53 41.40 -2.10
C ILE D 262 30.39 40.34 -2.76
N PHE D 263 30.87 40.63 -3.96
CA PHE D 263 31.74 39.70 -4.65
C PHE D 263 33.10 39.65 -3.99
N ARG D 264 33.60 40.83 -3.65
CA ARG D 264 34.94 40.97 -3.09
C ARG D 264 35.11 40.17 -1.82
N PHE D 265 33.99 39.71 -1.26
CA PHE D 265 34.00 38.86 -0.08
C PHE D 265 34.52 37.49 -0.41
N THR D 266 34.05 36.91 -1.50
CA THR D 266 34.48 35.55 -1.83
C THR D 266 35.86 35.61 -2.49
N GLN D 267 36.13 36.68 -3.22
CA GLN D 267 37.45 36.85 -3.83
C GLN D 267 38.50 36.95 -2.74
N ALA D 268 38.30 37.89 -1.84
CA ALA D 268 39.11 38.00 -0.64
C ALA D 268 39.30 36.67 0.05
N GLY D 269 38.22 35.93 0.20
CA GLY D 269 38.33 34.60 0.78
C GLY D 269 39.25 33.74 -0.07
N SER D 270 39.19 33.95 -1.38
CA SER D 270 40.01 33.19 -2.29
C SER D 270 41.51 33.37 -2.00
N GLU D 271 41.93 34.64 -1.95
CA GLU D 271 43.33 35.05 -1.85
C GLU D 271 44.08 34.39 -0.71
N VAL D 272 43.43 34.26 0.43
CA VAL D 272 44.09 33.59 1.54
C VAL D 272 43.90 32.07 1.52
N SER D 273 42.82 31.58 0.92
CA SER D 273 42.47 30.17 0.96
C SER D 273 43.67 29.26 0.67
N ALA D 274 44.43 29.65 -0.34
CA ALA D 274 45.63 28.93 -0.73
C ALA D 274 46.54 28.69 0.47
N LEU D 275 46.99 29.80 1.06
CA LEU D 275 47.88 29.86 2.23
C LEU D 275 47.28 29.28 3.51
N LEU D 276 46.02 28.87 3.45
CA LEU D 276 45.32 28.31 4.60
C LEU D 276 45.32 26.78 4.57
N GLY D 277 45.73 26.21 3.44
CA GLY D 277 45.85 24.77 3.30
C GLY D 277 44.76 24.07 2.52
N ARG D 278 44.27 24.70 1.46
CA ARG D 278 43.15 24.19 0.69
C ARG D 278 43.50 23.67 -0.70
N ILE D 279 43.24 22.41 -0.98
CA ILE D 279 43.27 21.98 -2.37
C ILE D 279 42.27 22.87 -3.03
N PRO D 280 42.59 23.42 -4.20
CA PRO D 280 41.62 24.38 -4.75
C PRO D 280 40.50 23.63 -5.42
N SER D 281 39.32 24.25 -5.58
CA SER D 281 38.24 23.58 -6.32
C SER D 281 38.03 24.16 -7.71
N ALA D 282 36.87 23.94 -8.29
CA ALA D 282 36.65 24.38 -9.66
C ALA D 282 36.80 25.88 -9.84
N VAL D 283 37.36 26.27 -10.98
CA VAL D 283 37.72 27.66 -11.28
C VAL D 283 38.73 28.22 -10.24
N GLY D 284 39.14 27.35 -9.32
CA GLY D 284 40.12 27.71 -8.33
C GLY D 284 39.61 28.61 -7.23
N TYR D 285 38.37 28.41 -6.85
CA TYR D 285 37.87 29.07 -5.67
C TYR D 285 38.07 28.14 -4.48
N GLN D 286 37.81 28.66 -3.29
CA GLN D 286 37.98 27.89 -2.07
C GLN D 286 37.06 26.71 -2.17
N PRO D 287 37.43 25.61 -1.55
CA PRO D 287 36.54 24.45 -1.52
C PRO D 287 35.31 24.80 -0.71
N THR D 288 35.27 26.02 -0.19
CA THR D 288 34.23 26.40 0.71
C THR D 288 33.41 27.58 0.17
N LEU D 289 33.61 27.93 -1.08
CA LEU D 289 32.92 29.09 -1.61
C LEU D 289 31.46 29.05 -1.22
N ALA D 290 30.88 27.85 -1.30
CA ALA D 290 29.47 27.54 -1.03
C ALA D 290 28.93 27.94 0.36
N THR D 291 29.48 27.32 1.40
CA THR D 291 29.07 27.56 2.79
C THR D 291 29.52 28.92 3.33
N ASP D 292 30.72 29.35 2.94
CA ASP D 292 31.22 30.69 3.27
C ASP D 292 30.14 31.69 2.94
N MET D 293 29.56 31.56 1.75
CA MET D 293 28.46 32.42 1.31
C MET D 293 27.21 32.18 2.16
N GLY D 294 26.86 30.91 2.35
CA GLY D 294 25.68 30.55 3.12
C GLY D 294 25.62 31.15 4.51
N THR D 295 26.58 30.81 5.36
CA THR D 295 26.58 31.32 6.71
C THR D 295 26.97 32.78 6.68
N MET D 296 26.26 33.58 5.89
CA MET D 296 26.60 34.97 5.79
C MET D 296 25.56 35.66 4.96
N GLN D 297 25.02 34.99 3.96
CA GLN D 297 23.86 35.53 3.28
C GLN D 297 22.65 35.28 4.18
N GLU D 298 22.62 34.08 4.76
CA GLU D 298 21.60 33.66 5.72
C GLU D 298 21.45 34.56 6.93
N ARG D 299 22.34 35.54 7.06
CA ARG D 299 22.21 36.55 8.08
C ARG D 299 21.62 37.82 7.51
N ILE D 300 21.94 38.15 6.26
CA ILE D 300 21.40 39.36 5.65
C ILE D 300 19.97 39.13 5.22
N THR D 301 19.07 39.12 6.20
CA THR D 301 17.72 38.63 5.98
C THR D 301 16.69 39.51 6.68
N THR D 302 15.46 39.05 6.70
CA THR D 302 14.38 39.71 7.42
C THR D 302 13.69 38.73 8.38
N THR D 303 13.80 39.00 9.68
CA THR D 303 13.11 38.21 10.69
C THR D 303 11.72 38.78 10.97
N LYS D 304 10.95 38.08 11.77
CA LYS D 304 9.72 38.64 12.30
C LYS D 304 10.04 39.94 13.07
N LYS D 305 11.09 39.91 13.90
CA LYS D 305 11.51 41.06 14.70
C LYS D 305 11.75 42.36 13.92
N GLY D 306 12.35 42.25 12.75
CA GLY D 306 12.60 43.43 11.94
C GLY D 306 12.73 43.10 10.47
N SER D 307 12.92 44.11 9.66
CA SER D 307 13.07 43.91 8.23
C SER D 307 14.31 44.62 7.68
N ILE D 308 15.02 43.96 6.76
CA ILE D 308 16.16 44.55 6.07
C ILE D 308 15.96 44.40 4.58
N THR D 309 15.62 45.48 3.89
CA THR D 309 15.76 45.49 2.44
C THR D 309 17.25 45.48 2.12
N SER D 310 17.73 44.49 1.36
CA SER D 310 19.15 44.40 1.01
C SER D 310 19.44 44.60 -0.48
N VAL D 311 20.32 45.50 -0.82
CA VAL D 311 20.70 45.64 -2.21
C VAL D 311 22.18 45.40 -2.43
N GLN D 312 22.55 44.14 -2.70
CA GLN D 312 23.90 43.78 -3.06
C GLN D 312 24.23 44.03 -4.54
N ALA D 313 25.48 44.35 -4.83
CA ALA D 313 25.94 44.35 -6.21
C ALA D 313 27.02 43.29 -6.39
N ILE D 314 26.83 42.39 -7.37
CA ILE D 314 27.75 41.28 -7.58
C ILE D 314 28.59 41.44 -8.87
N TYR D 315 29.91 41.36 -8.74
CA TYR D 315 30.76 41.32 -9.91
C TYR D 315 30.60 39.96 -10.51
N VAL D 316 30.49 39.92 -11.83
CA VAL D 316 30.50 38.69 -12.60
C VAL D 316 31.87 38.54 -13.28
N PRO D 317 32.76 37.70 -12.74
CA PRO D 317 34.12 37.62 -13.27
C PRO D 317 34.15 37.36 -14.77
N ALA D 318 34.43 38.38 -15.55
CA ALA D 318 34.56 38.25 -17.00
C ALA D 318 33.20 38.10 -17.67
N ASP D 319 32.16 38.44 -16.93
CA ASP D 319 30.78 38.41 -17.41
C ASP D 319 30.23 37.00 -17.43
N ASP D 320 31.01 36.03 -16.98
CA ASP D 320 30.51 34.69 -17.00
C ASP D 320 29.60 34.40 -15.81
N LEU D 321 28.32 34.63 -16.03
CA LEU D 321 27.29 34.40 -15.02
C LEU D 321 27.31 33.00 -14.41
N THR D 322 28.21 32.14 -14.88
CA THR D 322 28.28 30.77 -14.39
C THR D 322 29.49 30.60 -13.49
N ASP D 323 30.33 31.62 -13.47
CA ASP D 323 31.50 31.59 -12.61
C ASP D 323 31.01 31.34 -11.19
N PRO D 324 31.50 30.28 -10.53
CA PRO D 324 31.01 29.82 -9.24
C PRO D 324 30.69 30.93 -8.20
N ALA D 325 31.22 32.13 -8.37
CA ALA D 325 30.90 33.21 -7.44
C ALA D 325 29.50 33.82 -7.68
N PRO D 326 29.31 34.54 -8.80
CA PRO D 326 27.96 35.07 -9.04
C PRO D 326 26.93 33.95 -9.14
N ALA D 327 27.36 32.77 -9.59
CA ALA D 327 26.44 31.65 -9.76
C ALA D 327 25.77 31.24 -8.47
N THR D 328 26.57 31.08 -7.43
CA THR D 328 26.07 30.66 -6.12
C THR D 328 25.27 31.76 -5.40
N THR D 329 25.53 33.01 -5.76
CA THR D 329 24.84 34.15 -5.22
C THR D 329 23.35 34.14 -5.56
N PHE D 330 22.97 33.68 -6.76
CA PHE D 330 21.56 33.66 -7.21
C PHE D 330 20.53 32.95 -6.28
N ALA D 331 20.94 31.83 -5.71
CA ALA D 331 20.12 31.12 -4.77
C ALA D 331 19.64 32.04 -3.65
N HIS D 332 20.51 32.96 -3.22
CA HIS D 332 20.26 33.81 -2.08
C HIS D 332 19.48 35.09 -2.40
N LEU D 333 18.72 35.12 -3.46
CA LEU D 333 18.04 36.35 -3.81
C LEU D 333 16.52 36.16 -3.97
N ASP D 334 15.78 37.27 -3.95
CA ASP D 334 14.33 37.28 -4.06
C ASP D 334 13.99 38.07 -5.30
N ALA D 335 14.94 38.85 -5.76
CA ALA D 335 14.75 39.65 -6.96
C ALA D 335 16.12 39.99 -7.46
N THR D 336 16.38 39.66 -8.72
CA THR D 336 17.70 39.86 -9.29
C THR D 336 17.59 40.72 -10.53
N THR D 337 18.31 41.82 -10.53
CA THR D 337 18.49 42.63 -11.72
C THR D 337 19.84 42.28 -12.32
N VAL D 338 19.81 41.75 -13.55
CA VAL D 338 21.04 41.35 -14.21
C VAL D 338 21.42 42.30 -15.36
N LEU D 339 22.64 42.81 -15.30
CA LEU D 339 23.12 43.81 -16.24
C LEU D 339 23.89 43.22 -17.43
N SER D 340 23.63 43.77 -18.61
CA SER D 340 24.18 43.22 -19.84
C SER D 340 25.17 44.14 -20.52
N ARG D 341 26.37 43.63 -20.82
CA ARG D 341 27.33 44.44 -21.57
C ARG D 341 26.79 44.77 -22.96
N ALA D 342 26.27 43.77 -23.65
CA ALA D 342 25.74 44.03 -24.98
C ALA D 342 24.65 45.10 -25.00
N ILE D 343 23.87 45.23 -23.93
CA ILE D 343 22.86 46.27 -23.89
C ILE D 343 23.55 47.60 -23.66
N ALA D 344 24.44 47.65 -22.68
CA ALA D 344 25.11 48.90 -22.34
C ALA D 344 25.81 49.41 -23.58
N GLU D 345 26.51 48.51 -24.25
CA GLU D 345 27.27 48.85 -25.45
C GLU D 345 26.41 49.53 -26.51
N LEU D 346 25.10 49.29 -26.46
CA LEU D 346 24.15 49.94 -27.38
C LEU D 346 23.67 51.29 -26.85
N GLY D 347 24.21 51.70 -25.71
CA GLY D 347 23.84 52.98 -25.12
C GLY D 347 22.61 52.91 -24.24
N ILE D 348 21.99 51.73 -24.19
CA ILE D 348 20.80 51.56 -23.37
C ILE D 348 21.15 51.32 -21.91
N TYR D 349 21.45 52.41 -21.22
CA TYR D 349 21.58 52.39 -19.78
C TYR D 349 20.19 52.70 -19.22
N PRO D 350 19.83 52.12 -18.05
CA PRO D 350 20.64 51.15 -17.30
C PRO D 350 20.59 49.82 -18.04
N ALA D 351 21.75 49.25 -18.37
CA ALA D 351 21.78 48.03 -19.16
C ALA D 351 21.17 46.78 -18.48
N VAL D 352 19.88 46.83 -18.16
CA VAL D 352 19.20 45.68 -17.56
C VAL D 352 18.73 44.74 -18.64
N ASP D 353 19.05 43.46 -18.47
CA ASP D 353 18.62 42.44 -19.41
C ASP D 353 17.19 42.09 -19.09
N PRO D 354 16.27 42.55 -19.92
CA PRO D 354 14.86 42.35 -19.60
C PRO D 354 14.48 40.88 -19.69
N LEU D 355 15.44 40.01 -20.00
CA LEU D 355 15.17 38.58 -20.12
C LEU D 355 16.09 37.72 -19.24
N ASP D 356 16.80 38.35 -18.30
CA ASP D 356 17.61 37.62 -17.34
C ASP D 356 17.33 38.19 -15.94
N SER D 357 16.40 39.13 -15.89
CA SER D 357 16.05 39.77 -14.65
C SER D 357 14.75 39.20 -14.13
N THR D 358 14.70 38.98 -12.82
CA THR D 358 13.62 38.20 -12.24
C THR D 358 13.26 38.65 -10.83
N SER D 359 11.98 38.62 -10.53
CA SER D 359 11.48 38.91 -9.19
C SER D 359 10.58 37.78 -8.70
N ARG D 360 10.53 37.58 -7.39
CA ARG D 360 9.70 36.55 -6.81
C ARG D 360 8.24 36.98 -6.81
N ILE D 361 8.01 38.28 -6.72
CA ILE D 361 6.68 38.85 -6.65
C ILE D 361 6.17 39.25 -8.03
N MET D 362 6.72 38.70 -9.10
CA MET D 362 6.11 38.91 -10.39
C MET D 362 5.07 37.81 -10.55
N ASP D 363 3.99 37.95 -9.77
CA ASP D 363 2.88 36.98 -9.71
C ASP D 363 1.63 37.80 -9.87
N PRO D 364 0.76 37.44 -10.82
CA PRO D 364 -0.45 38.22 -11.07
C PRO D 364 -1.25 38.39 -9.80
N ASN D 365 -1.16 37.43 -8.89
CA ASN D 365 -1.83 37.53 -7.61
C ASN D 365 -1.05 38.32 -6.61
N ILE D 366 -0.21 39.25 -7.08
CA ILE D 366 0.64 40.04 -6.19
C ILE D 366 0.82 41.43 -6.77
N VAL D 367 0.84 41.48 -8.10
CA VAL D 367 1.09 42.71 -8.81
C VAL D 367 -0.07 43.01 -9.73
N GLY D 368 -1.01 42.08 -9.78
CA GLY D 368 -2.21 42.30 -10.54
C GLY D 368 -2.07 41.82 -11.96
N SER D 369 -3.18 41.45 -12.57
CA SER D 369 -3.13 40.89 -13.91
C SER D 369 -2.75 41.94 -14.96
N GLU D 370 -2.93 43.21 -14.62
CA GLU D 370 -2.63 44.25 -15.58
C GLU D 370 -1.13 44.36 -15.66
N HIS D 371 -0.52 44.59 -14.50
CA HIS D 371 0.94 44.64 -14.37
C HIS D 371 1.55 43.40 -15.02
N TYR D 372 1.36 42.25 -14.38
CA TYR D 372 1.88 40.98 -14.88
C TYR D 372 1.65 40.84 -16.37
N ASP D 373 0.39 40.73 -16.78
CA ASP D 373 0.11 40.48 -18.20
C ASP D 373 0.90 41.46 -19.10
N VAL D 374 1.14 42.68 -18.63
CA VAL D 374 1.88 43.69 -19.40
C VAL D 374 3.39 43.48 -19.42
N ALA D 375 3.97 43.13 -18.27
CA ALA D 375 5.38 42.79 -18.21
C ALA D 375 5.64 41.65 -19.18
N ARG D 376 4.96 40.53 -18.96
CA ARG D 376 5.19 39.33 -19.74
C ARG D 376 5.01 39.55 -21.25
N GLY D 377 4.11 40.47 -21.60
CA GLY D 377 3.92 40.84 -22.99
C GLY D 377 5.12 41.54 -23.62
N VAL D 378 5.74 42.43 -22.84
CA VAL D 378 6.99 43.09 -23.20
C VAL D 378 8.11 42.06 -23.27
N GLN D 379 8.26 41.28 -22.21
CA GLN D 379 9.25 40.24 -22.22
C GLN D 379 9.11 39.42 -23.51
N LYS D 380 7.88 39.00 -23.83
CA LYS D 380 7.66 38.19 -25.03
C LYS D 380 8.15 38.86 -26.29
N ILE D 381 7.62 40.03 -26.62
CA ILE D 381 7.98 40.72 -27.86
C ILE D 381 9.48 40.98 -28.02
N LEU D 382 10.15 41.30 -26.91
CA LEU D 382 11.59 41.46 -26.97
C LEU D 382 12.21 40.12 -27.32
N GLN D 383 11.74 39.05 -26.70
CA GLN D 383 12.27 37.74 -27.03
C GLN D 383 12.04 37.39 -28.49
N ASP D 384 10.87 37.73 -29.03
CA ASP D 384 10.56 37.40 -30.43
C ASP D 384 11.49 38.18 -31.36
N TYR D 385 11.73 39.44 -31.01
CA TYR D 385 12.62 40.26 -31.81
C TYR D 385 14.04 39.66 -31.82
N LYS D 386 14.46 39.15 -30.67
CA LYS D 386 15.76 38.53 -30.53
C LYS D 386 15.84 37.35 -31.50
N SER D 387 14.68 36.77 -31.79
CA SER D 387 14.61 35.57 -32.62
C SER D 387 14.76 35.88 -34.08
N LEU D 388 14.15 36.97 -34.53
CA LEU D 388 14.31 37.39 -35.92
C LEU D 388 15.69 37.96 -36.18
N GLN D 389 16.54 38.01 -35.16
CA GLN D 389 17.70 38.88 -35.21
C GLN D 389 18.79 38.47 -36.17
N ASP D 390 18.92 37.18 -36.45
CA ASP D 390 19.95 36.77 -37.40
C ASP D 390 19.36 36.25 -38.70
N ILE D 391 18.04 36.28 -38.81
CA ILE D 391 17.43 36.24 -40.12
C ILE D 391 17.79 37.59 -40.76
N ILE D 392 17.22 38.64 -40.18
CA ILE D 392 17.16 39.95 -40.82
C ILE D 392 18.52 40.55 -41.16
N ALA D 393 19.41 40.60 -40.17
CA ALA D 393 20.66 41.33 -40.31
C ALA D 393 21.68 40.65 -41.25
N ILE D 394 21.33 39.45 -41.74
CA ILE D 394 22.14 38.79 -42.76
C ILE D 394 21.33 38.32 -44.00
N LEU D 395 20.00 38.40 -43.96
CA LEU D 395 19.21 37.97 -45.11
C LEU D 395 18.06 38.89 -45.52
N GLY D 396 18.33 40.20 -45.54
CA GLY D 396 17.39 41.20 -46.03
C GLY D 396 16.22 41.49 -45.11
N MET D 397 16.21 42.70 -44.54
CA MET D 397 15.15 43.08 -43.62
C MET D 397 13.74 42.91 -44.16
N ASP D 398 13.41 43.60 -45.25
CA ASP D 398 12.03 43.64 -45.75
C ASP D 398 11.48 42.29 -46.23
N GLU D 399 12.28 41.24 -46.03
CA GLU D 399 11.88 39.86 -46.33
C GLU D 399 11.04 39.31 -45.16
N LEU D 400 10.70 40.18 -44.22
CA LEU D 400 9.96 39.79 -43.02
C LEU D 400 8.48 39.80 -43.30
N SER D 401 7.72 39.12 -42.44
CA SER D 401 6.26 39.15 -42.50
C SER D 401 5.79 40.59 -42.41
N GLU D 402 4.48 40.79 -42.45
CA GLU D 402 3.90 42.07 -42.05
C GLU D 402 3.83 42.06 -40.54
N GLU D 403 3.38 40.93 -40.01
CA GLU D 403 3.35 40.71 -38.57
C GLU D 403 4.70 40.99 -37.91
N ASP D 404 5.79 40.71 -38.62
CA ASP D 404 7.11 40.72 -38.01
C ASP D 404 7.81 42.07 -38.07
N LYS D 405 7.75 42.75 -39.21
CA LYS D 405 8.30 44.11 -39.27
C LYS D 405 7.58 44.95 -38.22
N LEU D 406 6.37 44.51 -37.87
CA LEU D 406 5.60 45.15 -36.82
C LEU D 406 6.15 44.82 -35.43
N THR D 407 6.40 43.54 -35.16
CA THR D 407 6.93 43.15 -33.86
C THR D 407 8.39 43.54 -33.71
N VAL D 408 9.05 43.88 -34.83
CA VAL D 408 10.37 44.48 -34.74
C VAL D 408 10.24 45.95 -34.37
N SER D 409 9.53 46.69 -35.21
CA SER D 409 9.22 48.10 -34.96
C SER D 409 8.94 48.37 -33.48
N ARG D 410 7.84 47.81 -32.99
CA ARG D 410 7.42 48.04 -31.61
C ARG D 410 8.51 47.62 -30.63
N ALA D 411 9.15 46.49 -30.92
CA ALA D 411 10.15 45.95 -30.00
C ALA D 411 11.24 46.97 -29.77
N ARG D 412 11.82 47.48 -30.85
CA ARG D 412 12.91 48.42 -30.71
C ARG D 412 12.49 49.69 -29.96
N LYS D 413 11.23 50.07 -30.11
CA LYS D 413 10.68 51.16 -29.33
C LYS D 413 10.66 50.78 -27.85
N ILE D 414 9.90 49.74 -27.53
CA ILE D 414 9.86 49.16 -26.18
C ILE D 414 11.26 49.04 -25.59
N GLN D 415 12.20 48.62 -26.42
CA GLN D 415 13.53 48.31 -25.97
C GLN D 415 14.28 49.56 -25.55
N ARG D 416 13.92 50.68 -26.16
CA ARG D 416 14.60 51.93 -25.91
C ARG D 416 13.88 52.72 -24.82
N PHE D 417 12.55 52.64 -24.86
CA PHE D 417 11.75 53.29 -23.84
C PHE D 417 12.11 52.73 -22.45
N LEU D 418 12.85 51.62 -22.46
CA LEU D 418 13.26 50.96 -21.23
C LEU D 418 14.47 51.64 -20.60
N SER D 419 15.11 52.51 -21.35
CA SER D 419 16.24 53.27 -20.82
C SER D 419 15.69 54.41 -20.00
N GLN D 420 16.54 54.94 -19.13
CA GLN D 420 16.17 56.02 -18.23
C GLN D 420 17.35 56.95 -17.98
N PRO D 421 17.12 58.26 -18.11
CA PRO D 421 18.19 59.16 -17.70
C PRO D 421 18.20 59.06 -16.20
N PHE D 422 19.28 58.56 -15.61
CA PHE D 422 19.39 58.49 -14.17
C PHE D 422 19.83 59.84 -13.62
N GLN D 423 19.38 60.16 -12.42
CA GLN D 423 19.75 61.43 -11.77
C GLN D 423 21.20 61.50 -11.34
N VAL D 424 21.79 60.36 -10.99
CA VAL D 424 23.19 60.34 -10.62
C VAL D 424 24.09 60.15 -11.86
N ALA D 425 23.46 60.05 -13.02
CA ALA D 425 24.19 59.87 -14.26
C ALA D 425 24.10 61.03 -15.24
N GLU D 426 23.56 62.17 -14.81
CA GLU D 426 23.50 63.32 -15.69
C GLU D 426 24.89 63.62 -16.23
N VAL D 427 25.89 63.48 -15.36
CA VAL D 427 27.29 63.70 -15.72
C VAL D 427 27.69 62.97 -17.01
N PHE D 428 27.09 61.79 -17.22
CA PHE D 428 27.34 60.99 -18.41
C PHE D 428 26.28 61.22 -19.50
N THR D 429 25.04 60.86 -19.20
CA THR D 429 23.94 60.99 -20.15
C THR D 429 23.97 62.34 -20.85
N GLY D 430 23.51 63.37 -20.17
CA GLY D 430 23.43 64.70 -20.74
C GLY D 430 22.04 65.25 -20.59
N HIS D 431 21.13 64.39 -20.12
CA HIS D 431 19.74 64.77 -19.90
C HIS D 431 19.49 64.87 -18.41
N LEU D 432 18.56 65.73 -18.01
CA LEU D 432 18.23 65.86 -16.60
C LEU D 432 17.62 64.55 -16.12
N GLY D 433 17.96 64.16 -14.89
CA GLY D 433 17.46 62.93 -14.27
C GLY D 433 16.00 62.63 -14.55
N LYS D 434 15.52 61.50 -14.05
CA LYS D 434 14.12 61.13 -14.21
C LYS D 434 13.68 60.04 -13.26
N LEU D 435 12.39 59.74 -13.30
CA LEU D 435 11.82 58.84 -12.33
C LEU D 435 10.32 58.70 -12.62
N VAL D 436 9.91 57.47 -12.90
CA VAL D 436 8.54 57.20 -13.31
C VAL D 436 7.77 56.35 -12.28
N PRO D 437 6.58 56.81 -11.87
CA PRO D 437 5.72 56.10 -10.93
C PRO D 437 5.15 54.84 -11.57
N LEU D 438 5.14 53.74 -10.82
CA LEU D 438 4.80 52.43 -11.36
C LEU D 438 3.69 52.45 -12.42
N LYS D 439 2.58 53.12 -12.11
CA LYS D 439 1.41 53.02 -12.96
C LYS D 439 1.54 53.75 -14.30
N GLU D 440 2.50 54.67 -14.38
CA GLU D 440 2.77 55.36 -15.63
C GLU D 440 3.75 54.57 -16.48
N THR D 441 4.40 53.60 -15.85
CA THR D 441 5.28 52.67 -16.53
C THR D 441 4.42 51.61 -17.20
N ILE D 442 3.63 50.93 -16.39
CA ILE D 442 2.68 49.96 -16.90
C ILE D 442 1.89 50.53 -18.06
N LYS D 443 1.40 51.76 -17.88
CA LYS D 443 0.59 52.40 -18.89
C LYS D 443 1.40 52.67 -20.14
N GLY D 444 2.59 53.22 -19.94
CA GLY D 444 3.46 53.56 -21.04
C GLY D 444 3.67 52.38 -21.96
N PHE D 445 4.08 51.26 -21.38
CA PHE D 445 4.36 50.08 -22.20
C PHE D 445 3.08 49.50 -22.78
N GLN D 446 2.09 49.27 -21.92
CA GLN D 446 0.79 48.80 -22.38
C GLN D 446 0.41 49.47 -23.70
N GLN D 447 0.61 50.78 -23.76
CA GLN D 447 0.36 51.56 -24.97
C GLN D 447 1.28 51.14 -26.12
N ILE D 448 2.57 51.39 -26.00
CA ILE D 448 3.51 51.03 -27.06
C ILE D 448 3.17 49.67 -27.61
N LEU D 449 2.91 48.74 -26.69
CA LEU D 449 2.56 47.36 -27.01
C LEU D 449 1.31 47.28 -27.84
N ALA D 450 0.34 48.13 -27.47
CA ALA D 450 -1.00 48.14 -28.06
C ALA D 450 -1.05 48.66 -29.51
N GLY D 451 0.05 49.25 -29.98
CA GLY D 451 0.14 49.78 -31.33
C GLY D 451 -0.20 51.26 -31.47
N GLU D 452 -0.09 52.00 -30.37
CA GLU D 452 -0.54 53.38 -30.32
C GLU D 452 0.53 54.38 -30.72
N TYR D 453 1.76 53.92 -30.89
CA TYR D 453 2.81 54.86 -31.27
C TYR D 453 3.64 54.38 -32.45
N ASP D 454 3.08 53.48 -33.23
CA ASP D 454 3.82 52.90 -34.33
C ASP D 454 4.21 53.97 -35.34
N HIS D 455 3.72 55.19 -35.11
CA HIS D 455 4.01 56.31 -36.02
C HIS D 455 5.23 57.17 -35.59
N LEU D 456 5.38 57.39 -34.28
CA LEU D 456 6.53 58.12 -33.74
C LEU D 456 7.81 57.33 -34.02
N PRO D 457 8.91 58.03 -34.34
CA PRO D 457 10.15 57.32 -34.70
C PRO D 457 10.91 56.84 -33.47
N GLU D 458 11.90 55.98 -33.69
CA GLU D 458 12.61 55.30 -32.62
C GLU D 458 13.06 56.20 -31.48
N GLN D 459 13.98 57.11 -31.81
CA GLN D 459 14.77 57.86 -30.82
C GLN D 459 13.92 58.57 -29.77
N ALA D 460 12.63 58.69 -30.06
CA ALA D 460 11.73 59.42 -29.18
C ALA D 460 11.49 58.73 -27.83
N PHE D 461 11.79 57.44 -27.78
CA PHE D 461 11.60 56.70 -26.54
C PHE D 461 12.94 56.55 -25.84
N TYR D 462 14.01 56.75 -26.59
CA TYR D 462 15.35 56.69 -26.03
C TYR D 462 15.56 57.77 -24.98
N MET D 463 15.63 57.36 -23.74
CA MET D 463 16.06 58.25 -22.66
C MET D 463 15.05 59.36 -22.43
N VAL D 464 13.82 58.98 -22.11
CA VAL D 464 12.85 59.92 -21.61
C VAL D 464 12.28 59.32 -20.34
N GLY D 465 11.46 60.08 -19.62
CA GLY D 465 10.87 59.59 -18.40
C GLY D 465 9.51 58.96 -18.65
N PRO D 466 8.44 59.60 -18.17
CA PRO D 466 7.07 59.13 -18.39
C PRO D 466 6.76 59.11 -19.88
N ILE D 467 5.87 58.22 -20.29
CA ILE D 467 5.66 57.97 -21.71
C ILE D 467 5.45 59.25 -22.55
N GLU D 468 4.75 60.23 -21.99
CA GLU D 468 4.43 61.45 -22.74
C GLU D 468 5.68 62.21 -23.17
N GLU D 469 6.69 62.18 -22.32
CA GLU D 469 7.95 62.87 -22.56
C GLU D 469 8.65 62.31 -23.80
N ALA D 470 8.08 61.25 -24.35
CA ALA D 470 8.54 60.70 -25.60
C ALA D 470 7.75 61.33 -26.72
N VAL D 471 6.47 61.58 -26.49
CA VAL D 471 5.68 62.28 -27.49
C VAL D 471 6.25 63.69 -27.63
N ALA D 472 6.91 64.15 -26.56
CA ALA D 472 7.62 65.42 -26.57
C ALA D 472 8.79 65.39 -27.56
N LYS D 473 9.75 64.51 -27.30
CA LYS D 473 10.87 64.30 -28.18
C LYS D 473 10.39 63.90 -29.58
N ALA D 474 9.10 63.61 -29.71
CA ALA D 474 8.50 63.13 -30.96
C ALA D 474 8.33 64.23 -32.00
N ASP D 475 8.32 65.47 -31.51
CA ASP D 475 8.12 66.65 -32.35
C ASP D 475 9.41 67.45 -32.34
N LYS D 476 10.05 67.48 -31.18
CA LYS D 476 11.35 68.12 -31.01
C LYS D 476 12.36 67.56 -32.01
N LEU D 477 12.26 66.27 -32.29
CA LEU D 477 13.09 65.62 -33.31
C LEU D 477 12.49 65.87 -34.69
N ALA D 478 11.16 65.99 -34.76
CA ALA D 478 10.47 66.35 -35.99
C ALA D 478 10.90 67.75 -36.43
N GLU D 479 10.03 68.74 -36.21
CA GLU D 479 10.37 70.11 -36.55
C GLU D 479 10.31 71.03 -35.34
N THR E 13 47.45 -16.08 4.94
CA THR E 13 47.27 -15.80 6.36
C THR E 13 46.41 -14.55 6.61
N THR E 14 46.42 -14.09 7.86
CA THR E 14 45.54 -13.02 8.30
C THR E 14 46.26 -11.68 8.34
N GLY E 15 45.52 -10.61 7.98
CA GLY E 15 46.02 -9.25 8.02
C GLY E 15 45.06 -8.33 8.78
N ARG E 16 45.30 -7.03 8.73
CA ARG E 16 44.45 -6.11 9.49
C ARG E 16 44.16 -4.75 8.84
N ILE E 17 42.96 -4.24 9.05
CA ILE E 17 42.61 -2.93 8.51
C ILE E 17 43.33 -1.80 9.25
N VAL E 18 44.06 -0.99 8.52
CA VAL E 18 44.87 0.02 9.16
C VAL E 18 44.50 1.42 8.69
N ALA E 19 43.76 1.48 7.59
CA ALA E 19 43.06 2.70 7.20
C ALA E 19 41.87 2.44 6.29
N VAL E 20 40.78 3.16 6.52
CA VAL E 20 39.62 3.10 5.65
C VAL E 20 39.19 4.50 5.33
N ILE E 21 39.66 5.00 4.18
CA ILE E 21 39.13 6.22 3.58
C ILE E 21 38.28 5.79 2.40
N GLY E 22 37.00 6.19 2.40
CA GLY E 22 36.13 5.89 1.27
C GLY E 22 36.09 4.44 0.86
N ALA E 23 36.15 4.18 -0.44
CA ALA E 23 36.07 2.80 -0.87
C ALA E 23 37.48 2.26 -1.07
N VAL E 24 38.47 2.93 -0.49
CA VAL E 24 39.86 2.47 -0.54
C VAL E 24 40.35 2.09 0.83
N VAL E 25 40.77 0.83 0.99
CA VAL E 25 41.16 0.34 2.29
C VAL E 25 42.63 -0.02 2.30
N ASP E 26 43.33 0.35 3.37
CA ASP E 26 44.71 -0.07 3.59
C ASP E 26 44.83 -1.18 4.68
N VAL E 27 45.59 -2.23 4.37
CA VAL E 27 45.62 -3.47 5.16
C VAL E 27 47.04 -3.98 5.43
N GLN E 28 47.39 -4.14 6.71
CA GLN E 28 48.70 -4.66 7.16
C GLN E 28 48.74 -6.19 7.28
N PHE E 29 49.83 -6.78 6.83
CA PHE E 29 50.01 -8.20 6.96
C PHE E 29 51.26 -8.50 7.74
N ASP E 30 51.21 -9.51 8.59
CA ASP E 30 52.38 -9.82 9.38
C ASP E 30 53.39 -10.67 8.61
N GLU E 31 53.00 -11.86 8.19
CA GLU E 31 53.95 -12.75 7.48
C GLU E 31 53.98 -12.57 5.96
N GLY E 32 53.18 -13.38 5.25
CA GLY E 32 53.13 -13.28 3.80
C GLY E 32 52.51 -11.96 3.36
N LEU E 33 52.61 -11.65 2.07
CA LEU E 33 51.96 -10.46 1.52
C LEU E 33 51.18 -10.84 0.26
N PRO E 34 49.90 -10.41 0.15
CA PRO E 34 49.12 -10.82 -1.00
C PRO E 34 49.56 -10.02 -2.21
N PRO E 35 49.83 -10.70 -3.33
CA PRO E 35 50.34 -10.04 -4.54
C PRO E 35 49.40 -8.92 -4.92
N ILE E 36 49.82 -8.03 -5.81
CA ILE E 36 48.85 -7.13 -6.37
C ILE E 36 47.76 -8.01 -6.97
N LEU E 37 46.52 -7.52 -6.93
CA LEU E 37 45.41 -8.19 -7.61
C LEU E 37 44.78 -9.32 -6.84
N ASN E 38 45.12 -9.47 -5.57
CA ASN E 38 44.58 -10.58 -4.80
C ASN E 38 43.28 -10.24 -4.12
N ALA E 39 42.48 -11.26 -3.87
CA ALA E 39 41.20 -11.08 -3.21
C ALA E 39 41.31 -11.27 -1.70
N LEU E 40 41.32 -10.17 -0.96
CA LEU E 40 41.23 -10.23 0.49
C LEU E 40 39.76 -10.23 0.83
N GLU E 41 39.37 -10.94 1.88
CA GLU E 41 37.96 -11.00 2.28
C GLU E 41 37.75 -10.53 3.71
N VAL E 42 37.42 -9.25 3.85
CA VAL E 42 37.21 -8.64 5.16
C VAL E 42 36.31 -9.49 6.00
N GLN E 43 36.68 -9.66 7.26
CA GLN E 43 36.01 -10.60 8.14
C GLN E 43 34.95 -9.95 9.03
N GLY E 44 33.93 -10.73 9.34
CA GLY E 44 32.93 -10.30 10.30
C GLY E 44 31.94 -9.33 9.74
N ARG E 45 31.24 -9.74 8.69
CA ARG E 45 30.20 -8.93 8.11
C ARG E 45 29.08 -9.79 7.56
N GLU E 46 27.89 -9.18 7.52
CA GLU E 46 26.70 -9.86 7.04
C GLU E 46 26.81 -10.24 5.56
N THR E 47 27.47 -9.39 4.77
CA THR E 47 27.69 -9.67 3.34
C THR E 47 29.15 -9.53 2.91
N ARG E 48 29.61 -10.54 2.18
CA ARG E 48 30.98 -10.65 1.66
C ARG E 48 31.54 -9.33 1.13
N LEU E 49 32.47 -8.77 1.87
CA LEU E 49 33.12 -7.56 1.43
C LEU E 49 34.49 -7.93 0.96
N VAL E 50 34.64 -8.16 -0.34
CA VAL E 50 35.95 -8.43 -0.91
C VAL E 50 36.71 -7.12 -1.15
N LEU E 51 37.99 -7.12 -0.82
CA LEU E 51 38.87 -6.02 -1.16
C LEU E 51 39.81 -6.58 -2.21
N GLU E 52 40.26 -5.75 -3.16
CA GLU E 52 41.16 -6.20 -4.21
C GLU E 52 42.41 -5.38 -4.10
N VAL E 53 43.56 -6.05 -4.14
CA VAL E 53 44.85 -5.42 -3.84
C VAL E 53 45.29 -4.53 -4.96
N ALA E 54 45.57 -3.26 -4.63
CA ALA E 54 45.93 -2.26 -5.63
C ALA E 54 47.43 -1.97 -5.70
N GLN E 55 48.03 -1.57 -4.58
CA GLN E 55 49.46 -1.28 -4.52
C GLN E 55 50.07 -2.00 -3.32
N HIS E 56 51.37 -2.35 -3.38
CA HIS E 56 52.11 -2.64 -2.16
C HIS E 56 52.74 -1.35 -1.66
N LEU E 57 52.42 -1.03 -0.41
CA LEU E 57 52.73 0.27 0.15
C LEU E 57 54.07 0.28 0.89
N GLY E 58 54.48 -0.89 1.36
CA GLY E 58 55.67 -1.02 2.20
C GLY E 58 55.25 -1.13 3.65
N GLU E 59 56.13 -1.67 4.49
CA GLU E 59 55.77 -1.92 5.87
C GLU E 59 54.66 -2.94 5.88
N SER E 60 54.84 -3.95 5.05
CA SER E 60 53.90 -5.05 4.96
C SER E 60 52.44 -4.58 4.84
N THR E 61 52.25 -3.39 4.28
CA THR E 61 50.91 -2.85 4.02
C THR E 61 50.59 -2.88 2.52
N VAL E 62 49.34 -3.18 2.20
CA VAL E 62 48.86 -3.11 0.83
C VAL E 62 47.70 -2.14 0.79
N ARG E 63 47.46 -1.56 -0.38
CA ARG E 63 46.29 -0.71 -0.58
C ARG E 63 45.24 -1.47 -1.38
N THR E 64 43.97 -1.14 -1.21
CA THR E 64 42.98 -1.86 -1.97
C THR E 64 41.78 -1.00 -2.31
N ILE E 65 41.06 -1.45 -3.33
CA ILE E 65 39.76 -0.92 -3.64
C ILE E 65 38.71 -1.96 -3.23
N ALA E 66 37.57 -1.49 -2.75
CA ALA E 66 36.54 -2.34 -2.18
C ALA E 66 35.56 -2.71 -3.26
N MET E 67 35.14 -3.97 -3.26
CA MET E 67 34.07 -4.39 -4.16
C MET E 67 32.68 -4.18 -3.54
N ASP E 68 32.59 -3.23 -2.62
CA ASP E 68 31.34 -2.90 -1.94
C ASP E 68 31.60 -1.93 -0.80
N GLY E 69 30.54 -1.29 -0.30
CA GLY E 69 30.64 -0.25 0.70
C GLY E 69 31.50 -0.59 1.89
N THR E 70 32.00 0.44 2.55
CA THR E 70 32.97 0.24 3.61
C THR E 70 32.45 0.64 4.98
N GLU E 71 31.24 1.16 5.06
CA GLU E 71 30.73 1.55 6.38
C GLU E 71 30.94 0.46 7.43
N GLY E 72 31.39 0.88 8.62
CA GLY E 72 31.45 -0.03 9.75
C GLY E 72 32.66 -0.94 9.86
N LEU E 73 33.65 -0.73 9.03
CA LEU E 73 34.94 -1.34 9.24
C LEU E 73 35.60 -0.61 10.38
N VAL E 74 36.29 -1.33 11.25
CA VAL E 74 37.12 -0.68 12.24
C VAL E 74 38.58 -0.99 11.98
N ARG E 75 39.45 -0.03 12.25
CA ARG E 75 40.87 -0.25 12.07
C ARG E 75 41.27 -1.32 13.07
N GLY E 76 41.77 -2.45 12.57
CA GLY E 76 42.06 -3.59 13.40
C GLY E 76 41.27 -4.79 12.96
N GLN E 77 40.22 -4.56 12.18
CA GLN E 77 39.39 -5.63 11.66
C GLN E 77 40.20 -6.69 10.94
N LYS E 78 39.91 -7.95 11.22
CA LYS E 78 40.67 -9.04 10.63
C LYS E 78 40.34 -9.13 9.16
N VAL E 79 41.36 -9.24 8.32
CA VAL E 79 41.18 -9.46 6.89
C VAL E 79 41.86 -10.74 6.48
N LEU E 80 41.21 -11.52 5.64
CA LEU E 80 41.74 -12.82 5.29
C LEU E 80 42.08 -12.92 3.79
N ASP E 81 43.36 -13.04 3.47
CA ASP E 81 43.80 -13.22 2.08
C ASP E 81 43.30 -14.55 1.48
N SER E 82 42.65 -14.50 0.34
CA SER E 82 42.14 -15.71 -0.30
C SER E 82 43.17 -16.43 -1.20
N GLY E 83 44.31 -15.79 -1.43
CA GLY E 83 45.41 -16.43 -2.15
C GLY E 83 45.27 -16.48 -3.67
N ALA E 84 44.41 -15.62 -4.19
CA ALA E 84 44.17 -15.47 -5.62
C ALA E 84 43.42 -14.18 -5.92
N PRO E 85 43.29 -13.85 -7.20
CA PRO E 85 42.45 -12.70 -7.49
C PRO E 85 41.00 -13.10 -7.29
N ILE E 86 40.06 -12.25 -7.69
CA ILE E 86 38.66 -12.61 -7.58
C ILE E 86 38.39 -13.85 -8.44
N ARG E 87 37.72 -14.85 -7.87
CA ARG E 87 37.38 -16.07 -8.61
C ARG E 87 35.88 -16.32 -8.67
N ILE E 88 35.39 -16.73 -9.82
CA ILE E 88 33.95 -16.87 -10.00
C ILE E 88 33.61 -18.19 -10.66
N PRO E 89 32.38 -18.69 -10.46
CA PRO E 89 31.99 -19.97 -11.04
C PRO E 89 31.93 -19.85 -12.56
N VAL E 90 32.14 -20.94 -13.27
CA VAL E 90 32.01 -20.87 -14.72
C VAL E 90 31.52 -22.22 -15.22
N GLY E 91 31.12 -22.25 -16.49
CA GLY E 91 30.55 -23.45 -17.04
C GLY E 91 29.06 -23.29 -17.20
N PRO E 92 28.40 -24.36 -17.65
CA PRO E 92 27.03 -24.21 -18.13
C PRO E 92 26.05 -23.85 -17.03
N GLU E 93 26.46 -24.05 -15.79
CA GLU E 93 25.58 -23.76 -14.66
C GLU E 93 25.39 -22.26 -14.46
N THR E 94 26.06 -21.44 -15.26
CA THR E 94 25.90 -20.00 -15.15
C THR E 94 24.78 -19.53 -16.07
N LEU E 95 24.62 -20.19 -17.20
CA LEU E 95 23.53 -19.93 -18.12
C LEU E 95 22.17 -19.85 -17.43
N GLY E 96 21.51 -18.71 -17.53
CA GLY E 96 20.19 -18.54 -16.94
C GLY E 96 20.30 -17.88 -15.58
N ARG E 97 21.49 -17.94 -15.01
CA ARG E 97 21.74 -17.33 -13.72
C ARG E 97 22.16 -15.85 -13.83
N ILE E 98 22.11 -15.16 -12.70
CA ILE E 98 22.53 -13.78 -12.65
C ILE E 98 23.53 -13.65 -11.51
N MET E 99 24.82 -13.59 -11.83
CA MET E 99 25.82 -13.41 -10.78
C MET E 99 26.34 -11.97 -10.71
N ASN E 100 26.76 -11.54 -9.53
CA ASN E 100 27.36 -10.20 -9.38
C ASN E 100 28.86 -10.19 -9.67
N VAL E 101 29.51 -9.05 -9.40
CA VAL E 101 30.90 -8.89 -9.82
C VAL E 101 31.85 -9.95 -9.27
N ILE E 102 31.56 -10.44 -8.05
CA ILE E 102 32.37 -11.49 -7.42
C ILE E 102 31.80 -12.93 -7.40
N GLY E 103 30.86 -13.23 -8.29
CA GLY E 103 30.39 -14.60 -8.45
C GLY E 103 29.17 -15.03 -7.65
N GLU E 104 28.71 -14.18 -6.72
CA GLU E 104 27.53 -14.53 -5.94
C GLU E 104 26.32 -14.50 -6.82
N PRO E 105 25.45 -15.48 -6.70
CA PRO E 105 24.24 -15.45 -7.52
C PRO E 105 23.31 -14.46 -6.87
N ILE E 106 22.63 -13.65 -7.67
CA ILE E 106 21.78 -12.61 -7.13
C ILE E 106 20.38 -12.73 -7.69
N ASP E 107 20.07 -13.89 -8.24
CA ASP E 107 18.75 -14.14 -8.80
C ASP E 107 17.91 -14.89 -7.81
N GLU E 108 18.42 -14.96 -6.58
CA GLU E 108 17.71 -15.60 -5.47
C GLU E 108 17.34 -17.03 -5.82
N ARG E 109 17.99 -17.60 -6.82
CA ARG E 109 17.67 -18.94 -7.22
C ARG E 109 18.71 -19.91 -6.71
N GLY E 110 19.15 -19.71 -5.48
CA GLY E 110 20.06 -20.66 -4.90
C GLY E 110 21.48 -20.38 -5.33
N PRO E 111 22.34 -21.40 -5.29
CA PRO E 111 23.75 -21.17 -5.59
C PRO E 111 24.07 -21.72 -6.95
N ILE E 112 25.14 -21.23 -7.55
CA ILE E 112 25.56 -21.64 -8.87
C ILE E 112 26.48 -22.85 -8.73
N LYS E 113 25.89 -24.03 -8.82
CA LYS E 113 26.59 -25.25 -8.45
C LYS E 113 27.56 -25.74 -9.54
N THR E 114 28.82 -25.30 -9.48
CA THR E 114 29.82 -25.80 -10.42
C THR E 114 31.12 -26.22 -9.79
N LYS E 115 31.78 -27.15 -10.47
CA LYS E 115 33.09 -27.61 -10.09
C LYS E 115 34.10 -26.50 -10.35
N GLN E 116 34.17 -26.06 -11.60
CA GLN E 116 35.19 -25.09 -11.99
C GLN E 116 34.94 -23.65 -11.49
N PHE E 117 36.03 -22.98 -11.10
CA PHE E 117 36.06 -21.54 -10.87
C PHE E 117 37.14 -20.95 -11.76
N ALA E 118 37.23 -19.62 -11.82
CA ALA E 118 38.27 -18.97 -12.63
C ALA E 118 38.55 -17.59 -12.13
N ALA E 119 39.77 -17.14 -12.33
CA ALA E 119 40.18 -15.83 -11.85
C ALA E 119 39.73 -14.82 -12.85
N ILE E 120 39.17 -13.71 -12.38
CA ILE E 120 38.60 -12.76 -13.32
C ILE E 120 39.71 -12.07 -14.10
N HIS E 121 40.83 -11.77 -13.44
CA HIS E 121 41.99 -11.20 -14.16
C HIS E 121 42.74 -12.31 -14.86
N ALA E 122 43.45 -11.96 -15.93
CA ALA E 122 44.10 -12.96 -16.75
C ALA E 122 44.66 -12.30 -18.00
N GLU E 123 45.48 -13.05 -18.73
CA GLU E 123 46.27 -12.44 -19.78
C GLU E 123 45.75 -12.72 -21.18
N ALA E 124 45.92 -11.73 -22.05
CA ALA E 124 45.57 -11.87 -23.44
C ALA E 124 46.19 -13.10 -24.04
N PRO E 125 45.45 -13.78 -24.92
CA PRO E 125 46.07 -14.86 -25.68
C PRO E 125 47.49 -14.49 -26.11
N GLU E 126 48.40 -15.45 -26.02
CA GLU E 126 49.78 -15.26 -26.46
C GLU E 126 49.81 -15.12 -27.98
N PHE E 127 50.85 -14.46 -28.50
CA PHE E 127 50.93 -14.24 -29.94
C PHE E 127 50.76 -15.50 -30.78
N VAL E 128 51.27 -16.61 -30.27
CA VAL E 128 51.30 -17.85 -31.03
C VAL E 128 49.93 -18.50 -31.01
N GLU E 129 49.04 -18.01 -30.16
CA GLU E 129 47.72 -18.61 -30.01
C GLU E 129 46.67 -17.93 -30.84
N MET E 130 47.04 -16.82 -31.48
CA MET E 130 46.07 -16.03 -32.22
C MET E 130 45.80 -16.72 -33.52
N SER E 131 44.53 -16.79 -33.93
CA SER E 131 44.22 -17.22 -35.29
C SER E 131 44.40 -16.04 -36.25
N VAL E 132 44.99 -16.28 -37.41
CA VAL E 132 45.22 -15.21 -38.35
C VAL E 132 44.11 -15.09 -39.40
N GLU E 133 43.09 -15.93 -39.26
CA GLU E 133 42.01 -15.91 -40.24
C GLU E 133 40.92 -14.98 -39.79
N GLN E 134 40.30 -14.32 -40.75
CA GLN E 134 39.14 -13.50 -40.47
C GLN E 134 37.96 -14.04 -41.24
N GLU E 135 36.94 -14.47 -40.53
CA GLU E 135 35.73 -14.96 -41.19
C GLU E 135 34.54 -14.41 -40.43
N ILE E 136 33.41 -14.33 -41.11
CA ILE E 136 32.24 -13.70 -40.53
C ILE E 136 31.46 -14.67 -39.64
N LEU E 137 31.28 -14.28 -38.38
CA LEU E 137 30.32 -14.93 -37.52
C LEU E 137 28.93 -14.52 -38.02
N VAL E 138 28.13 -15.48 -38.45
CA VAL E 138 26.89 -15.10 -39.08
C VAL E 138 25.79 -14.92 -38.06
N THR E 139 25.01 -13.86 -38.23
CA THR E 139 23.92 -13.59 -37.33
C THR E 139 22.59 -13.99 -37.95
N GLY E 140 22.60 -14.22 -39.26
CA GLY E 140 21.36 -14.56 -39.91
C GLY E 140 20.43 -13.37 -40.00
N ILE E 141 20.89 -12.23 -39.51
CA ILE E 141 20.16 -10.99 -39.72
C ILE E 141 20.65 -10.35 -41.02
N LYS E 142 19.71 -10.08 -41.91
CA LYS E 142 20.06 -9.64 -43.26
C LYS E 142 20.86 -8.35 -43.28
N VAL E 143 20.36 -7.32 -42.59
CA VAL E 143 20.99 -6.00 -42.56
C VAL E 143 22.46 -6.07 -42.21
N VAL E 144 22.74 -6.75 -41.09
CA VAL E 144 24.08 -6.91 -40.57
C VAL E 144 25.01 -7.75 -41.46
N ASP E 145 24.61 -8.99 -41.69
CA ASP E 145 25.41 -9.92 -42.49
C ASP E 145 25.75 -9.41 -43.87
N LEU E 146 24.84 -8.67 -44.49
CA LEU E 146 25.09 -8.16 -45.83
C LEU E 146 26.02 -6.95 -45.86
N LEU E 147 25.71 -5.90 -45.08
CA LEU E 147 26.42 -4.61 -45.17
C LEU E 147 27.50 -4.34 -44.13
N ALA E 148 27.33 -4.87 -42.92
CA ALA E 148 28.29 -4.59 -41.86
C ALA E 148 28.46 -5.79 -40.96
N PRO E 149 29.03 -6.88 -41.51
CA PRO E 149 29.07 -8.22 -40.93
C PRO E 149 29.97 -8.30 -39.73
N TYR E 150 29.52 -8.98 -38.68
CA TYR E 150 30.34 -9.15 -37.49
C TYR E 150 31.48 -10.13 -37.76
N ALA E 151 32.67 -9.84 -37.25
CA ALA E 151 33.78 -10.74 -37.49
C ALA E 151 34.03 -11.64 -36.30
N LYS E 152 34.28 -12.92 -36.53
CA LYS E 152 34.53 -13.82 -35.42
C LYS E 152 35.61 -13.24 -34.57
N GLY E 153 35.32 -13.05 -33.30
CA GLY E 153 36.28 -12.56 -32.33
C GLY E 153 36.55 -11.07 -32.44
N GLY E 154 35.69 -10.35 -33.13
CA GLY E 154 35.85 -8.92 -33.22
C GLY E 154 34.95 -8.25 -32.22
N LYS E 155 35.16 -6.97 -32.01
CA LYS E 155 34.33 -6.17 -31.13
C LYS E 155 33.39 -5.31 -31.99
N ILE E 156 32.13 -5.19 -31.60
CA ILE E 156 31.21 -4.35 -32.37
C ILE E 156 30.60 -3.22 -31.54
N GLY E 157 30.72 -2.00 -32.03
CA GLY E 157 30.11 -0.85 -31.38
C GLY E 157 28.65 -0.73 -31.77
N LEU E 158 27.80 -0.53 -30.77
CA LEU E 158 26.35 -0.55 -30.98
C LEU E 158 25.74 0.74 -30.50
N PHE E 159 25.25 1.52 -31.45
CA PHE E 159 24.85 2.90 -31.16
C PHE E 159 23.33 3.09 -31.12
N GLY E 160 22.90 4.26 -30.61
CA GLY E 160 21.49 4.56 -30.44
C GLY E 160 20.99 4.03 -29.12
N GLY E 161 20.18 4.84 -28.45
CA GLY E 161 19.80 4.54 -27.08
C GLY E 161 18.64 3.58 -26.90
N ALA E 162 17.55 4.10 -26.37
CA ALA E 162 16.38 3.30 -26.05
C ALA E 162 15.40 3.25 -27.20
N GLY E 163 14.63 2.16 -27.28
CA GLY E 163 13.56 2.08 -28.25
C GLY E 163 14.07 2.28 -29.66
N VAL E 164 14.84 1.31 -30.13
CA VAL E 164 15.40 1.30 -31.48
C VAL E 164 15.62 -0.17 -31.80
N GLY E 165 15.43 -0.99 -30.77
CA GLY E 165 15.44 -2.43 -30.93
C GLY E 165 16.56 -3.06 -30.13
N LYS E 166 17.37 -2.20 -29.52
CA LYS E 166 18.59 -2.61 -28.84
C LYS E 166 18.41 -3.90 -28.02
N THR E 167 17.41 -3.93 -27.14
CA THR E 167 17.24 -5.08 -26.27
C THR E 167 16.90 -6.31 -27.07
N VAL E 168 16.01 -6.14 -28.04
CA VAL E 168 15.65 -7.24 -28.95
C VAL E 168 16.76 -7.65 -29.92
N LEU E 169 17.50 -6.69 -30.48
CA LEU E 169 18.58 -7.03 -31.40
C LEU E 169 19.57 -7.93 -30.71
N ILE E 170 19.74 -7.70 -29.42
CA ILE E 170 20.59 -8.52 -28.58
C ILE E 170 19.97 -9.89 -28.45
N MET E 171 18.78 -9.97 -27.88
CA MET E 171 18.12 -11.27 -27.72
C MET E 171 18.16 -12.11 -28.99
N GLU E 172 17.83 -11.52 -30.13
CA GLU E 172 17.77 -12.29 -31.37
C GLU E 172 19.16 -12.74 -31.74
N LEU E 173 20.16 -11.93 -31.39
CA LEU E 173 21.55 -12.33 -31.60
C LEU E 173 21.90 -13.48 -30.67
N ILE E 174 21.56 -13.36 -29.39
CA ILE E 174 21.84 -14.45 -28.44
C ILE E 174 21.25 -15.71 -28.99
N ASN E 175 20.04 -15.55 -29.54
CA ASN E 175 19.25 -16.65 -30.01
C ASN E 175 19.84 -17.35 -31.21
N ASN E 176 20.20 -16.58 -32.24
CA ASN E 176 20.67 -17.19 -33.48
C ASN E 176 22.06 -17.79 -33.37
N VAL E 177 22.99 -17.04 -32.82
CA VAL E 177 24.35 -17.52 -32.70
C VAL E 177 24.30 -18.80 -31.90
N ALA E 178 23.32 -18.90 -31.02
CA ALA E 178 23.05 -20.14 -30.32
C ALA E 178 22.50 -21.19 -31.31
N LYS E 179 21.30 -20.95 -31.83
CA LYS E 179 20.69 -21.82 -32.83
C LYS E 179 21.69 -22.28 -33.91
N ALA E 180 22.16 -21.37 -34.75
CA ALA E 180 22.87 -21.79 -35.95
C ALA E 180 24.36 -22.01 -35.78
N HIS E 181 24.85 -22.06 -34.55
CA HIS E 181 26.27 -22.28 -34.33
C HIS E 181 26.54 -23.06 -33.06
N GLY E 182 25.65 -22.93 -32.08
CA GLY E 182 25.89 -23.54 -30.79
C GLY E 182 26.89 -22.69 -30.03
N GLY E 183 26.52 -21.43 -29.83
CA GLY E 183 27.36 -20.50 -29.11
C GLY E 183 26.55 -19.87 -28.01
N TYR E 184 26.91 -20.17 -26.78
CA TYR E 184 26.27 -19.51 -25.67
C TYR E 184 26.68 -18.03 -25.67
N SER E 185 26.03 -17.24 -24.82
CA SER E 185 26.35 -15.84 -24.75
C SER E 185 26.42 -15.37 -23.30
N VAL E 186 27.33 -14.42 -23.02
CA VAL E 186 27.33 -13.72 -21.74
C VAL E 186 26.93 -12.24 -21.91
N PHE E 187 26.07 -11.76 -21.03
CA PHE E 187 25.74 -10.34 -20.98
C PHE E 187 26.32 -9.72 -19.73
N ALA E 188 27.18 -8.73 -19.94
CA ALA E 188 27.82 -8.04 -18.85
C ALA E 188 27.21 -6.67 -18.75
N GLY E 189 26.48 -6.42 -17.67
CA GLY E 189 25.83 -5.16 -17.46
C GLY E 189 26.71 -4.25 -16.64
N VAL E 190 27.53 -3.44 -17.31
CA VAL E 190 28.44 -2.57 -16.58
C VAL E 190 27.75 -1.29 -16.17
N GLY E 191 27.38 -1.22 -14.92
CA GLY E 191 26.59 -0.10 -14.47
C GLY E 191 25.14 -0.26 -14.89
N GLU E 192 24.60 -1.47 -14.78
CA GLU E 192 23.20 -1.71 -15.04
C GLU E 192 22.36 -0.91 -14.05
N ARG E 193 21.24 -0.35 -14.52
CA ARG E 193 20.31 0.25 -13.60
C ARG E 193 19.49 -0.87 -12.99
N THR E 194 19.35 -0.85 -11.68
CA THR E 194 18.67 -1.94 -11.02
C THR E 194 17.31 -2.17 -11.65
N ARG E 195 16.58 -1.11 -11.97
CA ARG E 195 15.30 -1.28 -12.64
C ARG E 195 15.45 -2.05 -13.94
N GLU E 196 16.21 -1.51 -14.86
CA GLU E 196 16.31 -2.14 -16.17
C GLU E 196 16.86 -3.54 -16.06
N GLY E 197 17.66 -3.78 -15.04
CA GLY E 197 18.27 -5.09 -14.92
C GLY E 197 17.22 -6.13 -14.60
N ASN E 198 16.29 -5.76 -13.75
CA ASN E 198 15.14 -6.60 -13.45
C ASN E 198 14.37 -6.86 -14.73
N ASP E 199 14.05 -5.79 -15.45
CA ASP E 199 13.25 -5.87 -16.67
C ASP E 199 13.97 -6.71 -17.73
N LEU E 200 15.27 -6.52 -17.88
CA LEU E 200 15.99 -7.25 -18.91
C LEU E 200 15.94 -8.71 -18.57
N TYR E 201 15.97 -9.01 -17.27
CA TYR E 201 15.84 -10.39 -16.80
C TYR E 201 14.56 -10.98 -17.39
N HIS E 202 13.43 -10.40 -16.98
CA HIS E 202 12.15 -10.94 -17.39
C HIS E 202 12.00 -11.00 -18.90
N GLU E 203 12.44 -9.98 -19.62
CA GLU E 203 12.31 -10.02 -21.08
C GLU E 203 13.01 -11.20 -21.72
N MET E 204 14.15 -11.57 -21.17
CA MET E 204 14.88 -12.72 -21.69
C MET E 204 14.16 -14.01 -21.35
N ILE E 205 13.57 -14.07 -20.16
CA ILE E 205 12.72 -15.23 -19.85
C ILE E 205 11.53 -15.25 -20.79
N GLU E 206 10.68 -14.23 -20.74
CA GLU E 206 9.53 -14.10 -21.63
C GLU E 206 9.81 -14.43 -23.10
N SER E 207 11.04 -14.17 -23.55
CA SER E 207 11.30 -14.28 -24.98
C SER E 207 11.81 -15.65 -25.35
N GLY E 208 12.57 -16.26 -24.44
CA GLY E 208 13.09 -17.59 -24.68
C GLY E 208 14.46 -17.82 -24.13
N VAL E 209 15.37 -16.89 -24.40
CA VAL E 209 16.80 -17.10 -24.16
C VAL E 209 17.21 -17.41 -22.73
N ILE E 210 16.36 -17.11 -21.76
CA ILE E 210 16.53 -17.64 -20.40
C ILE E 210 15.36 -18.58 -20.13
N ASN E 211 15.62 -19.67 -19.41
CA ASN E 211 14.57 -20.63 -19.12
C ASN E 211 14.66 -21.16 -17.70
N LEU E 212 13.69 -20.81 -16.87
CA LEU E 212 13.78 -21.15 -15.46
C LEU E 212 13.36 -22.60 -15.18
N LYS E 213 12.93 -23.30 -16.22
CA LYS E 213 12.50 -24.69 -16.08
C LYS E 213 13.66 -25.61 -16.49
N ASP E 214 13.72 -25.97 -17.78
CA ASP E 214 14.80 -26.82 -18.28
C ASP E 214 16.15 -26.10 -18.19
N ALA E 215 17.18 -26.68 -18.79
CA ALA E 215 18.49 -26.05 -18.72
C ALA E 215 18.86 -25.46 -20.07
N THR E 216 17.86 -25.41 -20.95
CA THR E 216 18.05 -24.92 -22.31
C THR E 216 18.31 -23.42 -22.38
N SER E 217 18.64 -22.85 -21.22
CA SER E 217 19.07 -21.47 -21.10
C SER E 217 20.34 -21.18 -21.91
N LYS E 218 20.42 -19.98 -22.49
CA LYS E 218 21.47 -19.68 -23.48
C LYS E 218 22.41 -18.46 -23.19
N VAL E 219 22.30 -17.86 -22.00
CA VAL E 219 22.95 -16.59 -21.71
C VAL E 219 23.24 -16.44 -20.25
N ALA E 220 24.50 -16.44 -19.84
CA ALA E 220 24.80 -16.14 -18.46
C ALA E 220 24.73 -14.63 -18.25
N LEU E 221 24.20 -14.18 -17.10
CA LEU E 221 24.16 -12.75 -16.79
C LEU E 221 25.11 -12.33 -15.65
N VAL E 222 25.97 -11.33 -15.91
CA VAL E 222 26.75 -10.70 -14.86
C VAL E 222 26.35 -9.23 -14.74
N TYR E 223 25.93 -8.80 -13.55
CA TYR E 223 25.55 -7.38 -13.37
C TYR E 223 26.42 -6.68 -12.34
N GLY E 224 26.88 -5.49 -12.68
CA GLY E 224 27.56 -4.62 -11.72
C GLY E 224 26.85 -3.29 -11.69
N GLN E 225 25.88 -3.15 -10.81
CA GLN E 225 24.90 -2.10 -10.95
C GLN E 225 25.40 -0.72 -10.51
N MET E 226 24.62 0.29 -10.84
CA MET E 226 25.05 1.65 -10.67
C MET E 226 25.30 2.06 -9.25
N ASN E 227 24.79 1.30 -8.29
CA ASN E 227 24.99 1.68 -6.90
C ASN E 227 26.08 0.88 -6.17
N GLU E 228 26.68 -0.08 -6.86
CA GLU E 228 27.91 -0.68 -6.35
C GLU E 228 29.02 0.37 -6.47
N PRO E 229 30.14 0.18 -5.75
CA PRO E 229 31.24 1.14 -5.79
C PRO E 229 32.12 1.06 -7.05
N PRO E 230 32.98 2.05 -7.23
CA PRO E 230 33.85 2.09 -8.41
C PRO E 230 34.55 0.76 -8.67
N GLY E 231 35.16 0.17 -7.66
CA GLY E 231 35.84 -1.09 -7.86
C GLY E 231 35.02 -2.12 -8.61
N ALA E 232 33.76 -2.25 -8.22
CA ALA E 232 32.91 -3.34 -8.70
C ALA E 232 32.49 -3.10 -10.13
N ARG E 233 32.04 -1.89 -10.40
CA ARG E 233 31.66 -1.53 -11.75
C ARG E 233 32.87 -1.70 -12.65
N ALA E 234 34.04 -1.32 -12.16
CA ALA E 234 35.24 -1.38 -12.99
C ALA E 234 35.70 -2.79 -13.30
N ARG E 235 35.27 -3.78 -12.52
CA ARG E 235 35.80 -5.12 -12.72
C ARG E 235 34.74 -6.06 -13.26
N VAL E 236 33.50 -5.58 -13.31
CA VAL E 236 32.39 -6.47 -13.66
C VAL E 236 32.49 -6.97 -15.09
N ALA E 237 33.02 -6.14 -15.98
CA ALA E 237 33.19 -6.59 -17.36
C ALA E 237 34.09 -7.79 -17.36
N LEU E 238 35.13 -7.75 -16.56
CA LEU E 238 36.09 -8.83 -16.55
C LEU E 238 35.47 -10.14 -16.08
N THR E 239 34.61 -10.07 -15.07
CA THR E 239 33.82 -11.23 -14.68
C THR E 239 33.05 -11.79 -15.87
N GLY E 240 32.31 -10.94 -16.55
CA GLY E 240 31.58 -11.38 -17.73
C GLY E 240 32.49 -12.00 -18.77
N LEU E 241 33.62 -11.34 -19.01
CA LEU E 241 34.69 -11.87 -19.84
C LEU E 241 35.10 -13.29 -19.41
N THR E 242 35.46 -13.44 -18.15
CA THR E 242 35.85 -14.73 -17.59
C THR E 242 34.85 -15.85 -17.88
N VAL E 243 33.57 -15.55 -17.68
CA VAL E 243 32.54 -16.55 -17.90
C VAL E 243 32.52 -16.99 -19.34
N ALA E 244 32.79 -16.06 -20.24
CA ALA E 244 32.74 -16.36 -21.67
C ALA E 244 33.96 -17.15 -22.05
N GLU E 245 35.08 -16.88 -21.39
CA GLU E 245 36.34 -17.54 -21.67
C GLU E 245 36.23 -19.07 -21.47
N TYR E 246 35.67 -19.50 -20.33
CA TYR E 246 35.41 -20.93 -20.16
C TYR E 246 34.79 -21.59 -21.40
N PHE E 247 33.81 -20.93 -22.01
CA PHE E 247 33.14 -21.50 -23.17
C PHE E 247 34.03 -21.52 -24.41
N ARG E 248 34.89 -20.53 -24.56
CA ARG E 248 35.80 -20.55 -25.69
C ARG E 248 36.83 -21.62 -25.40
N ASP E 249 37.53 -21.47 -24.28
CA ASP E 249 38.76 -22.21 -24.04
C ASP E 249 38.58 -23.68 -23.68
N GLN E 250 37.58 -23.99 -22.88
CA GLN E 250 37.40 -25.36 -22.46
C GLN E 250 36.38 -26.07 -23.35
N GLU E 251 35.45 -25.32 -23.93
CA GLU E 251 34.42 -25.97 -24.73
C GLU E 251 34.44 -25.53 -26.18
N GLY E 252 35.51 -24.87 -26.60
CA GLY E 252 35.76 -24.58 -28.01
C GLY E 252 34.64 -23.93 -28.79
N GLN E 253 33.90 -23.02 -28.15
CA GLN E 253 32.71 -22.40 -28.72
C GLN E 253 32.97 -21.07 -29.38
N ASP E 254 32.03 -20.64 -30.21
CA ASP E 254 32.06 -19.27 -30.71
C ASP E 254 31.03 -18.46 -29.94
N VAL E 255 31.54 -17.73 -28.95
CA VAL E 255 30.77 -17.17 -27.86
C VAL E 255 30.35 -15.74 -28.20
N LEU E 256 29.36 -15.21 -27.49
CA LEU E 256 29.00 -13.81 -27.57
C LEU E 256 29.16 -13.11 -26.21
N LEU E 257 29.90 -12.02 -26.21
CA LEU E 257 30.02 -11.18 -25.03
C LEU E 257 29.36 -9.82 -25.26
N PHE E 258 28.25 -9.58 -24.55
CA PHE E 258 27.60 -8.28 -24.55
C PHE E 258 28.09 -7.44 -23.38
N ILE E 259 28.54 -6.23 -23.69
CA ILE E 259 28.89 -5.27 -22.67
C ILE E 259 28.07 -4.03 -22.86
N ASP E 260 27.31 -3.72 -21.82
CA ASP E 260 26.40 -2.59 -21.82
C ASP E 260 26.54 -2.02 -20.41
N ASN E 261 27.28 -0.93 -20.33
CA ASN E 261 27.78 -0.33 -21.54
C ASN E 261 29.18 0.21 -21.32
N ILE E 262 30.05 -0.09 -22.30
CA ILE E 262 31.50 0.20 -22.28
C ILE E 262 31.94 1.58 -21.77
N PHE E 263 31.18 2.63 -22.00
CA PHE E 263 31.54 3.91 -21.43
C PHE E 263 31.56 3.92 -19.92
N ARG E 264 30.71 3.12 -19.30
CA ARG E 264 30.67 3.09 -17.84
C ARG E 264 31.84 2.27 -17.32
N PHE E 265 32.27 1.32 -18.14
CA PHE E 265 33.47 0.58 -17.88
C PHE E 265 34.69 1.48 -17.80
N THR E 266 34.76 2.45 -18.71
CA THR E 266 35.85 3.43 -18.71
C THR E 266 35.75 4.34 -17.50
N GLN E 267 34.56 4.85 -17.27
CA GLN E 267 34.36 5.75 -16.17
C GLN E 267 34.68 5.11 -14.84
N ALA E 268 34.42 3.83 -14.73
CA ALA E 268 34.58 3.15 -13.46
C ALA E 268 36.06 3.15 -13.18
N GLY E 269 36.80 2.82 -14.23
CA GLY E 269 38.24 3.01 -14.22
C GLY E 269 38.55 4.42 -13.74
N SER E 270 38.18 5.41 -14.54
CA SER E 270 38.56 6.79 -14.27
C SER E 270 38.29 7.18 -12.83
N GLU E 271 37.33 6.50 -12.23
CA GLU E 271 36.94 6.76 -10.84
C GLU E 271 37.94 6.08 -9.94
N VAL E 272 37.95 4.76 -9.98
CA VAL E 272 38.90 3.96 -9.23
C VAL E 272 40.27 4.56 -9.26
N SER E 273 40.66 5.11 -10.41
CA SER E 273 42.01 5.68 -10.56
C SER E 273 42.16 6.99 -9.82
N ALA E 274 41.08 7.72 -9.61
CA ALA E 274 41.24 8.97 -8.90
C ALA E 274 41.20 8.69 -7.42
N LEU E 275 40.67 7.54 -7.06
CA LEU E 275 40.57 7.14 -5.66
C LEU E 275 41.92 6.70 -5.10
N LEU E 276 42.71 6.05 -5.94
CA LEU E 276 44.07 5.72 -5.60
C LEU E 276 44.90 6.98 -5.82
N GLY E 277 44.19 8.06 -6.16
CA GLY E 277 44.81 9.36 -6.34
C GLY E 277 45.94 9.42 -7.33
N ARG E 278 45.90 8.61 -8.37
CA ARG E 278 46.81 8.81 -9.46
C ARG E 278 46.41 10.07 -10.19
N ILE E 279 47.39 10.91 -10.47
CA ILE E 279 47.13 12.14 -11.22
C ILE E 279 46.33 11.86 -12.49
N PRO E 280 45.31 12.66 -12.75
CA PRO E 280 44.44 12.45 -13.88
C PRO E 280 44.98 13.02 -15.19
N SER E 281 44.75 12.23 -16.24
CA SER E 281 45.19 12.49 -17.60
C SER E 281 44.36 13.56 -18.27
N ALA E 282 44.47 13.64 -19.59
CA ALA E 282 43.75 14.65 -20.34
C ALA E 282 42.25 14.47 -20.22
N VAL E 283 41.59 15.59 -20.00
CA VAL E 283 40.15 15.69 -20.05
C VAL E 283 39.43 14.94 -18.94
N GLY E 284 40.20 14.34 -18.03
CA GLY E 284 39.66 13.78 -16.81
C GLY E 284 39.96 12.33 -16.61
N TYR E 285 40.12 11.58 -17.69
CA TYR E 285 40.28 10.12 -17.64
C TYR E 285 41.53 9.62 -16.89
N GLN E 286 41.60 8.33 -16.64
CA GLN E 286 42.78 7.76 -15.99
C GLN E 286 44.00 7.86 -16.86
N PRO E 287 45.18 7.85 -16.25
CA PRO E 287 46.35 7.82 -17.12
C PRO E 287 46.47 6.43 -17.66
N THR E 288 45.78 5.52 -16.99
CA THR E 288 45.77 4.12 -17.33
C THR E 288 44.83 3.87 -18.51
N LEU E 289 44.15 4.92 -18.98
CA LEU E 289 43.04 4.79 -19.94
C LEU E 289 43.24 3.79 -21.04
N ALA E 290 44.34 3.94 -21.77
CA ALA E 290 44.60 3.12 -22.95
C ALA E 290 44.79 1.67 -22.63
N THR E 291 45.56 1.40 -21.59
CA THR E 291 45.94 0.04 -21.26
C THR E 291 44.89 -0.64 -20.40
N ASP E 292 44.19 0.13 -19.56
CA ASP E 292 42.98 -0.38 -18.89
C ASP E 292 42.08 -1.00 -19.95
N MET E 293 41.85 -0.25 -21.02
CA MET E 293 40.99 -0.70 -22.10
C MET E 293 41.67 -1.85 -22.84
N GLY E 294 42.95 -1.70 -23.13
CA GLY E 294 43.67 -2.70 -23.90
C GLY E 294 43.63 -4.09 -23.29
N THR E 295 43.89 -4.19 -22.00
CA THR E 295 44.08 -5.48 -21.36
C THR E 295 42.76 -6.17 -21.08
N MET E 296 41.69 -5.57 -21.54
CA MET E 296 40.42 -6.26 -21.48
C MET E 296 40.11 -6.58 -22.91
N GLN E 297 40.03 -5.56 -23.75
CA GLN E 297 39.69 -5.72 -25.15
C GLN E 297 40.56 -6.75 -25.85
N GLU E 298 41.71 -7.08 -25.28
CA GLU E 298 42.62 -8.01 -25.95
C GLU E 298 42.35 -9.45 -25.62
N ARG E 299 41.44 -9.71 -24.69
CA ARG E 299 41.11 -11.08 -24.28
C ARG E 299 40.03 -11.57 -25.18
N ILE E 300 39.35 -10.59 -25.77
CA ILE E 300 38.26 -10.86 -26.67
C ILE E 300 38.87 -11.06 -28.02
N THR E 301 38.93 -12.31 -28.49
CA THR E 301 39.53 -12.59 -29.79
C THR E 301 39.40 -14.07 -30.22
N THR E 302 39.82 -14.38 -31.44
CA THR E 302 39.83 -15.77 -31.93
C THR E 302 41.12 -16.44 -31.55
N THR E 303 41.04 -17.46 -30.71
CA THR E 303 42.20 -18.27 -30.40
C THR E 303 42.03 -19.54 -31.19
N LYS E 304 43.03 -20.40 -31.15
CA LYS E 304 42.99 -21.67 -31.86
C LYS E 304 41.81 -22.51 -31.37
N LYS E 305 41.54 -22.43 -30.08
CA LYS E 305 40.52 -23.25 -29.45
C LYS E 305 39.10 -22.82 -29.82
N GLY E 306 38.91 -21.55 -30.14
CA GLY E 306 37.59 -21.00 -30.38
C GLY E 306 37.58 -19.48 -30.49
N SER E 307 36.49 -18.83 -30.06
CA SER E 307 36.38 -17.38 -30.22
C SER E 307 35.24 -16.66 -29.48
N ILE E 308 35.61 -15.65 -28.69
CA ILE E 308 34.66 -14.67 -28.15
C ILE E 308 34.51 -13.46 -29.12
N THR E 309 33.32 -13.27 -29.67
CA THR E 309 32.95 -12.08 -30.44
C THR E 309 32.07 -11.18 -29.57
N SER E 310 32.35 -9.90 -29.48
CA SER E 310 31.62 -9.08 -28.51
C SER E 310 30.95 -7.81 -29.04
N VAL E 311 29.69 -7.61 -28.67
CA VAL E 311 28.91 -6.42 -29.05
C VAL E 311 28.84 -5.48 -27.85
N GLN E 312 29.28 -4.26 -28.03
CA GLN E 312 29.42 -3.37 -26.90
C GLN E 312 28.69 -2.07 -27.17
N ALA E 313 27.74 -1.72 -26.31
CA ALA E 313 27.02 -0.48 -26.48
C ALA E 313 27.97 0.67 -26.18
N ILE E 314 27.95 1.76 -26.96
CA ILE E 314 28.75 2.96 -26.63
C ILE E 314 28.01 4.26 -26.39
N TYR E 315 28.37 4.95 -25.33
CA TYR E 315 27.90 6.31 -25.10
C TYR E 315 29.02 7.20 -25.63
N VAL E 316 28.67 8.27 -26.30
CA VAL E 316 29.66 9.21 -26.71
C VAL E 316 29.50 10.51 -25.96
N PRO E 317 30.29 10.68 -24.92
CA PRO E 317 30.33 11.88 -24.11
C PRO E 317 30.21 13.09 -25.00
N ALA E 318 29.23 13.95 -24.79
CA ALA E 318 29.20 15.21 -25.53
C ALA E 318 29.09 15.08 -27.07
N ASP E 319 28.65 13.93 -27.53
CA ASP E 319 28.60 13.66 -28.97
C ASP E 319 29.92 14.09 -29.57
N ASP E 320 30.99 13.66 -28.92
CA ASP E 320 32.31 14.06 -29.32
C ASP E 320 33.06 12.81 -29.61
N LEU E 321 33.10 12.46 -30.89
CA LEU E 321 33.75 11.20 -31.23
C LEU E 321 35.24 11.21 -30.93
N THR E 322 35.74 12.39 -30.56
CA THR E 322 37.16 12.57 -30.35
C THR E 322 37.48 12.65 -28.86
N ASP E 323 36.44 12.80 -28.05
CA ASP E 323 36.63 12.68 -26.61
C ASP E 323 37.37 11.36 -26.40
N PRO E 324 38.28 11.32 -25.44
CA PRO E 324 39.22 10.21 -25.25
C PRO E 324 38.50 8.90 -25.11
N ALA E 325 37.39 8.91 -24.37
CA ALA E 325 36.72 7.68 -24.02
C ALA E 325 36.37 6.92 -25.29
N PRO E 326 35.53 7.51 -26.16
CA PRO E 326 35.10 6.85 -27.39
C PRO E 326 36.31 6.53 -28.23
N ALA E 327 37.12 7.55 -28.46
CA ALA E 327 38.34 7.43 -29.24
C ALA E 327 39.25 6.24 -28.84
N THR E 328 39.46 6.02 -27.55
CA THR E 328 40.23 4.86 -27.16
C THR E 328 39.46 3.61 -27.55
N THR E 329 38.16 3.60 -27.29
CA THR E 329 37.37 2.42 -27.52
C THR E 329 37.44 2.00 -28.98
N PHE E 330 37.12 2.94 -29.88
CA PHE E 330 37.14 2.69 -31.32
C PHE E 330 38.38 2.00 -31.86
N ALA E 331 39.54 2.24 -31.26
CA ALA E 331 40.75 1.55 -31.72
C ALA E 331 40.54 0.04 -31.70
N HIS E 332 39.71 -0.43 -30.79
CA HIS E 332 39.50 -1.87 -30.68
C HIS E 332 38.29 -2.36 -31.47
N LEU E 333 37.55 -1.44 -32.09
CA LEU E 333 36.31 -1.85 -32.77
C LEU E 333 36.50 -2.36 -34.20
N ASP E 334 35.77 -3.42 -34.52
CA ASP E 334 35.86 -4.07 -35.82
C ASP E 334 34.65 -3.84 -36.74
N ALA E 335 33.64 -3.13 -36.25
CA ALA E 335 32.37 -2.99 -36.97
C ALA E 335 31.44 -2.15 -36.16
N THR E 336 30.47 -1.55 -36.85
CA THR E 336 29.41 -0.82 -36.16
C THR E 336 28.01 -1.22 -36.58
N THR E 337 27.13 -1.15 -35.60
CA THR E 337 25.73 -1.39 -35.84
C THR E 337 25.01 -0.21 -35.23
N VAL E 338 24.45 0.61 -36.10
CA VAL E 338 23.81 1.83 -35.67
C VAL E 338 22.30 1.75 -35.77
N LEU E 339 21.65 1.82 -34.60
CA LEU E 339 20.20 1.85 -34.52
C LEU E 339 19.76 3.28 -34.66
N SER E 340 18.69 3.51 -35.42
CA SER E 340 18.19 4.84 -35.74
C SER E 340 16.74 4.97 -35.30
N ARG E 341 16.44 5.93 -34.41
CA ARG E 341 15.04 6.23 -34.09
C ARG E 341 14.45 6.62 -35.41
N ALA E 342 15.25 7.36 -36.16
CA ALA E 342 14.96 7.73 -37.53
C ALA E 342 14.37 6.57 -38.34
N ILE E 343 15.21 5.59 -38.65
CA ILE E 343 14.80 4.40 -39.35
C ILE E 343 13.61 3.72 -38.72
N ALA E 344 13.60 3.60 -37.39
CA ALA E 344 12.57 2.83 -36.73
C ALA E 344 11.20 3.42 -37.00
N GLU E 345 11.20 4.73 -37.21
CA GLU E 345 9.97 5.48 -37.48
C GLU E 345 9.36 5.07 -38.82
N LEU E 346 10.23 4.81 -39.78
CA LEU E 346 9.80 4.43 -41.10
C LEU E 346 9.43 2.96 -41.10
N GLY E 347 9.23 2.41 -39.88
CA GLY E 347 8.80 1.04 -39.69
C GLY E 347 9.70 -0.07 -40.21
N ILE E 348 11.00 0.18 -40.23
CA ILE E 348 11.96 -0.83 -40.64
C ILE E 348 12.54 -1.51 -39.40
N TYR E 349 12.39 -2.82 -39.29
CA TYR E 349 12.93 -3.53 -38.14
C TYR E 349 13.86 -4.66 -38.56
N PRO E 350 15.10 -4.67 -38.05
CA PRO E 350 15.61 -3.79 -36.99
C PRO E 350 16.07 -2.48 -37.60
N ALA E 351 16.03 -1.40 -36.82
CA ALA E 351 16.29 -0.07 -37.33
C ALA E 351 17.77 0.23 -37.48
N VAL E 352 18.45 -0.60 -38.26
CA VAL E 352 19.85 -0.36 -38.54
C VAL E 352 19.94 0.59 -39.73
N ASP E 353 20.65 1.70 -39.52
CA ASP E 353 20.96 2.60 -40.62
C ASP E 353 21.99 1.86 -41.46
N PRO E 354 21.62 1.50 -42.70
CA PRO E 354 22.45 0.63 -43.54
C PRO E 354 23.58 1.40 -44.23
N LEU E 355 23.67 2.69 -43.94
CA LEU E 355 24.76 3.49 -44.43
C LEU E 355 25.74 3.83 -43.30
N ASP E 356 25.19 4.31 -42.18
CA ASP E 356 25.98 4.63 -40.98
C ASP E 356 26.70 3.43 -40.35
N SER E 357 26.06 2.28 -40.41
CA SER E 357 26.58 1.04 -39.89
C SER E 357 27.58 0.54 -40.84
N THR E 358 28.69 0.02 -40.32
CA THR E 358 29.81 -0.40 -41.17
C THR E 358 30.75 -1.44 -40.51
N SER E 359 31.49 -2.16 -41.35
CA SER E 359 32.37 -3.22 -40.88
C SER E 359 33.72 -3.21 -41.58
N ARG E 360 34.76 -3.49 -40.81
CA ARG E 360 36.13 -3.46 -41.30
C ARG E 360 36.43 -4.70 -42.13
N ILE E 361 35.54 -5.68 -42.11
CA ILE E 361 35.74 -6.84 -42.98
C ILE E 361 34.93 -6.76 -44.28
N MET E 362 34.46 -5.56 -44.61
CA MET E 362 33.95 -5.29 -45.94
C MET E 362 35.11 -5.06 -46.88
N ASP E 363 36.08 -5.96 -46.81
CA ASP E 363 37.17 -6.00 -47.75
C ASP E 363 36.77 -7.14 -48.67
N PRO E 364 36.82 -6.91 -49.99
CA PRO E 364 36.49 -8.02 -50.88
C PRO E 364 37.50 -9.13 -50.62
N ASN E 365 38.71 -8.69 -50.25
CA ASN E 365 39.78 -9.57 -49.82
C ASN E 365 39.39 -10.58 -48.74
N ILE E 366 38.48 -10.17 -47.85
CA ILE E 366 38.19 -10.92 -46.63
C ILE E 366 36.88 -11.71 -46.64
N VAL E 367 35.84 -11.15 -47.25
CA VAL E 367 34.62 -11.89 -47.53
C VAL E 367 34.64 -12.20 -49.01
N GLY E 368 33.46 -12.29 -49.63
CA GLY E 368 33.41 -12.50 -51.08
C GLY E 368 34.08 -11.42 -51.94
N SER E 369 34.08 -11.63 -53.26
CA SER E 369 34.26 -10.53 -54.21
C SER E 369 32.84 -10.34 -54.67
N GLU E 370 32.06 -11.40 -54.48
CA GLU E 370 30.64 -11.39 -54.70
C GLU E 370 30.04 -10.64 -53.52
N HIS E 371 30.28 -11.14 -52.31
CA HIS E 371 29.71 -10.55 -51.10
C HIS E 371 29.99 -9.08 -51.07
N TYR E 372 31.24 -8.73 -51.37
CA TYR E 372 31.65 -7.34 -51.40
C TYR E 372 30.94 -6.51 -52.47
N ASP E 373 31.07 -6.94 -53.72
CA ASP E 373 30.48 -6.25 -54.85
C ASP E 373 28.98 -6.03 -54.68
N VAL E 374 28.28 -7.04 -54.14
CA VAL E 374 26.84 -6.94 -53.92
C VAL E 374 26.58 -5.85 -52.90
N ALA E 375 27.23 -5.96 -51.75
CA ALA E 375 27.08 -4.98 -50.67
C ALA E 375 27.36 -3.55 -51.16
N ARG E 376 28.51 -3.33 -51.78
CA ARG E 376 28.80 -2.03 -52.39
C ARG E 376 27.67 -1.58 -53.31
N GLY E 377 26.93 -2.55 -53.88
CA GLY E 377 25.81 -2.26 -54.74
C GLY E 377 24.61 -1.75 -53.97
N VAL E 378 24.22 -2.49 -52.95
CA VAL E 378 23.13 -2.09 -52.07
C VAL E 378 23.45 -0.75 -51.46
N GLN E 379 24.73 -0.51 -51.18
CA GLN E 379 25.13 0.78 -50.63
C GLN E 379 24.90 1.87 -51.64
N LYS E 380 25.53 1.73 -52.80
CA LYS E 380 25.48 2.76 -53.85
C LYS E 380 24.04 3.17 -54.19
N ILE E 381 23.19 2.17 -54.46
CA ILE E 381 21.80 2.43 -54.80
C ILE E 381 21.13 3.23 -53.69
N LEU E 382 21.43 2.89 -52.45
CA LEU E 382 20.79 3.53 -51.30
C LEU E 382 21.15 5.01 -51.11
N GLN E 383 22.42 5.37 -51.36
CA GLN E 383 22.82 6.77 -51.36
C GLN E 383 22.21 7.48 -52.54
N ASP E 384 22.39 6.90 -53.73
CA ASP E 384 21.82 7.42 -54.96
C ASP E 384 20.35 7.85 -54.76
N TYR E 385 19.57 6.95 -54.18
CA TYR E 385 18.16 7.22 -53.88
C TYR E 385 18.04 8.43 -52.98
N LYS E 386 18.79 8.42 -51.88
CA LYS E 386 18.65 9.48 -50.89
C LYS E 386 18.97 10.85 -51.48
N SER E 387 19.33 10.90 -52.76
CA SER E 387 19.62 12.15 -53.47
C SER E 387 18.41 12.60 -54.27
N LEU E 388 17.86 11.68 -55.05
CA LEU E 388 16.63 11.95 -55.80
C LEU E 388 15.53 12.34 -54.83
N GLN E 389 15.66 11.86 -53.60
CA GLN E 389 14.70 12.13 -52.54
C GLN E 389 14.61 13.61 -52.24
N ASP E 390 15.65 14.35 -52.62
CA ASP E 390 15.70 15.79 -52.40
C ASP E 390 15.16 16.53 -53.62
N ILE E 391 15.23 15.86 -54.76
CA ILE E 391 14.64 16.35 -56.00
C ILE E 391 13.14 16.06 -55.98
N ILE E 392 12.81 14.78 -56.00
CA ILE E 392 11.43 14.33 -55.86
C ILE E 392 10.65 15.14 -54.84
N ALA E 393 11.35 15.62 -53.81
CA ALA E 393 10.71 16.35 -52.71
C ALA E 393 10.27 17.76 -53.12
N ILE E 394 11.18 18.52 -53.72
CA ILE E 394 10.84 19.83 -54.32
C ILE E 394 11.37 20.00 -55.75
N LEU E 395 10.65 19.43 -56.71
CA LEU E 395 11.02 19.52 -58.12
C LEU E 395 10.02 18.78 -59.00
N GLY E 396 9.63 17.58 -58.57
CA GLY E 396 8.69 16.78 -59.34
C GLY E 396 8.86 15.30 -59.10
N MET E 397 7.75 14.58 -59.05
CA MET E 397 7.76 13.15 -58.76
C MET E 397 8.09 12.34 -60.03
N ASP E 398 7.87 12.96 -61.18
CA ASP E 398 8.16 12.35 -62.48
C ASP E 398 9.39 13.00 -63.11
N GLU E 399 10.04 13.85 -62.34
CA GLU E 399 11.21 14.60 -62.81
C GLU E 399 12.44 13.72 -63.05
N LEU E 400 12.31 12.43 -62.84
CA LEU E 400 13.43 11.52 -63.03
C LEU E 400 13.26 10.74 -64.32
N SER E 401 14.36 10.44 -64.99
CA SER E 401 14.32 9.60 -66.19
C SER E 401 13.67 8.25 -65.89
N GLU E 402 13.44 7.44 -66.93
CA GLU E 402 12.89 6.10 -66.74
C GLU E 402 14.00 5.23 -66.20
N GLU E 403 15.15 5.85 -66.02
CA GLU E 403 16.30 5.21 -65.42
C GLU E 403 16.24 5.40 -63.91
N ASP E 404 16.18 6.66 -63.48
CA ASP E 404 16.04 7.01 -62.07
C ASP E 404 14.72 6.52 -61.48
N LYS E 405 13.63 6.77 -62.20
CA LYS E 405 12.32 6.28 -61.78
C LYS E 405 12.48 4.79 -61.45
N LEU E 406 13.51 4.19 -62.04
CA LEU E 406 13.83 2.79 -61.83
C LEU E 406 14.67 2.56 -60.57
N THR E 407 15.80 3.25 -60.43
CA THR E 407 16.67 3.07 -59.25
C THR E 407 15.99 3.55 -57.96
N VAL E 408 14.96 4.38 -58.08
CA VAL E 408 14.11 4.66 -56.94
C VAL E 408 13.21 3.44 -56.70
N SER E 409 12.76 2.81 -57.78
CA SER E 409 11.90 1.64 -57.63
C SER E 409 12.67 0.58 -56.87
N ARG E 410 13.83 0.21 -57.41
CA ARG E 410 14.66 -0.87 -56.86
C ARG E 410 15.06 -0.58 -55.41
N ALA E 411 15.52 0.65 -55.16
CA ALA E 411 15.99 1.05 -53.82
C ALA E 411 14.91 0.94 -52.78
N ARG E 412 13.75 1.52 -53.04
CA ARG E 412 12.63 1.38 -52.12
C ARG E 412 12.32 -0.07 -51.83
N LYS E 413 12.67 -0.96 -52.75
CA LYS E 413 12.43 -2.38 -52.53
C LYS E 413 13.50 -3.01 -51.65
N ILE E 414 14.75 -2.58 -51.87
CA ILE E 414 15.85 -3.07 -51.04
C ILE E 414 15.70 -2.59 -49.61
N GLN E 415 15.29 -1.34 -49.46
CA GLN E 415 15.06 -0.79 -48.13
C GLN E 415 14.22 -1.80 -47.39
N ARG E 416 13.20 -2.31 -48.06
CA ARG E 416 12.22 -3.18 -47.43
C ARG E 416 12.78 -4.56 -47.16
N PHE E 417 13.58 -5.08 -48.09
CA PHE E 417 14.12 -6.43 -47.90
C PHE E 417 15.17 -6.49 -46.79
N LEU E 418 15.70 -5.33 -46.40
CA LEU E 418 16.58 -5.25 -45.23
C LEU E 418 15.80 -5.26 -43.92
N SER E 419 14.47 -5.36 -44.04
CA SER E 419 13.60 -5.56 -42.88
C SER E 419 13.59 -7.03 -42.50
N GLN E 420 12.99 -7.39 -41.38
CA GLN E 420 13.07 -8.77 -40.96
C GLN E 420 12.35 -9.01 -39.63
N PRO E 421 11.66 -10.14 -39.54
CA PRO E 421 10.93 -10.42 -38.31
C PRO E 421 11.87 -11.19 -37.43
N PHE E 422 11.92 -10.89 -36.13
CA PHE E 422 12.73 -11.73 -35.23
C PHE E 422 11.90 -12.78 -34.51
N GLN E 423 12.51 -13.94 -34.26
CA GLN E 423 11.88 -15.02 -33.51
C GLN E 423 11.52 -14.59 -32.09
N VAL E 424 12.24 -13.63 -31.55
CA VAL E 424 12.02 -13.24 -30.18
C VAL E 424 10.86 -12.26 -30.13
N ALA E 425 10.28 -12.03 -31.30
CA ALA E 425 9.07 -11.24 -31.43
C ALA E 425 7.96 -12.03 -32.15
N GLU E 426 7.92 -13.35 -31.92
CA GLU E 426 6.86 -14.21 -32.45
C GLU E 426 5.80 -14.28 -31.37
N VAL E 427 6.26 -14.47 -30.15
CA VAL E 427 5.39 -14.50 -28.99
C VAL E 427 4.57 -13.22 -28.93
N PHE E 428 4.79 -12.32 -29.90
CA PHE E 428 4.18 -10.98 -29.84
C PHE E 428 3.66 -10.40 -31.15
N THR E 429 4.31 -10.69 -32.27
CA THR E 429 3.75 -10.27 -33.56
C THR E 429 2.90 -11.36 -34.20
N GLY E 430 3.05 -12.59 -33.70
CA GLY E 430 2.49 -13.76 -34.34
C GLY E 430 3.41 -14.17 -35.48
N HIS E 431 3.83 -13.16 -36.26
CA HIS E 431 4.77 -13.33 -37.38
C HIS E 431 5.92 -14.28 -37.07
N LEU E 432 6.06 -15.32 -37.90
CA LEU E 432 7.15 -16.26 -37.76
C LEU E 432 8.48 -15.54 -38.01
N GLY E 433 9.52 -15.99 -37.33
CA GLY E 433 10.78 -15.29 -37.39
C GLY E 433 11.78 -15.93 -38.30
N LYS E 434 12.42 -15.12 -39.13
CA LYS E 434 13.35 -15.66 -40.09
C LYS E 434 14.81 -15.53 -39.71
N LEU E 435 15.51 -16.66 -39.69
CA LEU E 435 16.96 -16.64 -39.60
C LEU E 435 17.51 -17.01 -40.98
N VAL E 436 18.09 -16.01 -41.65
CA VAL E 436 18.45 -16.10 -43.06
C VAL E 436 19.92 -16.41 -43.34
N PRO E 437 20.23 -17.65 -43.74
CA PRO E 437 21.64 -18.04 -43.88
C PRO E 437 22.32 -17.07 -44.82
N LEU E 438 23.64 -17.05 -44.76
CA LEU E 438 24.37 -16.03 -45.46
C LEU E 438 24.06 -16.03 -46.96
N LYS E 439 24.42 -17.13 -47.64
CA LYS E 439 24.35 -17.26 -49.11
C LYS E 439 23.07 -16.71 -49.74
N GLU E 440 21.94 -17.06 -49.11
CA GLU E 440 20.62 -16.61 -49.49
C GLU E 440 20.49 -15.10 -49.48
N THR E 441 21.06 -14.47 -48.46
CA THR E 441 20.96 -13.04 -48.26
C THR E 441 21.79 -12.32 -49.31
N ILE E 442 22.83 -12.99 -49.75
CA ILE E 442 23.75 -12.35 -50.64
C ILE E 442 23.08 -12.29 -52.00
N LYS E 443 22.43 -13.39 -52.39
CA LYS E 443 21.75 -13.47 -53.68
C LYS E 443 20.42 -12.74 -53.68
N GLY E 444 19.71 -12.80 -52.56
CA GLY E 444 18.51 -12.02 -52.41
C GLY E 444 18.67 -10.62 -52.98
N PHE E 445 19.68 -9.89 -52.50
CA PHE E 445 19.90 -8.50 -52.91
C PHE E 445 20.54 -8.42 -54.30
N GLN E 446 21.28 -9.46 -54.65
CA GLN E 446 21.93 -9.61 -55.95
C GLN E 446 20.91 -9.51 -57.08
N GLN E 447 19.72 -10.01 -56.80
CA GLN E 447 18.66 -10.06 -57.77
C GLN E 447 17.96 -8.73 -57.83
N ILE E 448 17.14 -8.45 -56.83
CA ILE E 448 16.53 -7.12 -56.68
C ILE E 448 17.37 -6.01 -57.31
N LEU E 449 18.68 -6.14 -57.21
CA LEU E 449 19.61 -5.20 -57.86
C LEU E 449 19.52 -5.25 -59.40
N ALA E 450 19.88 -6.39 -59.97
CA ALA E 450 19.74 -6.56 -61.43
C ALA E 450 18.26 -6.77 -61.81
N GLY E 451 17.38 -6.09 -61.07
CA GLY E 451 16.01 -5.87 -61.48
C GLY E 451 15.11 -7.07 -61.64
N GLU E 452 15.56 -8.24 -61.21
CA GLU E 452 14.73 -9.44 -61.28
C GLU E 452 13.40 -9.35 -60.51
N TYR E 453 12.96 -8.16 -60.13
CA TYR E 453 11.67 -8.05 -59.45
C TYR E 453 10.98 -6.72 -59.70
N ASP E 454 11.49 -5.95 -60.66
CA ASP E 454 10.86 -4.69 -60.99
C ASP E 454 9.38 -4.92 -61.26
N HIS E 455 9.08 -6.11 -61.78
CA HIS E 455 7.71 -6.55 -62.04
C HIS E 455 6.93 -6.66 -60.73
N LEU E 456 7.35 -7.57 -59.86
CA LEU E 456 6.78 -7.67 -58.52
C LEU E 456 6.53 -6.28 -57.92
N PRO E 457 5.61 -6.19 -56.95
CA PRO E 457 5.18 -4.94 -56.29
C PRO E 457 6.28 -4.18 -55.55
N GLU E 458 6.08 -4.01 -54.23
CA GLU E 458 7.04 -3.36 -53.34
C GLU E 458 6.85 -4.01 -51.99
N GLN E 459 5.80 -3.54 -51.30
CA GLN E 459 5.52 -3.94 -49.94
C GLN E 459 5.31 -5.43 -49.75
N ALA E 460 5.78 -6.23 -50.69
CA ALA E 460 5.83 -7.67 -50.46
C ALA E 460 7.28 -8.04 -50.20
N PHE E 461 8.15 -7.03 -50.26
CA PHE E 461 9.54 -7.17 -49.85
C PHE E 461 9.74 -6.87 -48.35
N TYR E 462 8.76 -6.15 -47.79
CA TYR E 462 8.78 -5.76 -46.37
C TYR E 462 8.41 -6.89 -45.39
N MET E 463 9.39 -7.30 -44.60
CA MET E 463 9.20 -8.19 -43.47
C MET E 463 9.13 -9.67 -43.84
N VAL E 464 10.11 -10.11 -44.62
CA VAL E 464 10.16 -11.51 -44.99
C VAL E 464 11.51 -12.15 -44.70
N GLY E 465 11.57 -13.47 -44.81
CA GLY E 465 12.80 -14.22 -44.63
C GLY E 465 13.69 -14.09 -45.85
N PRO E 466 13.89 -15.22 -46.57
CA PRO E 466 14.70 -15.22 -47.80
C PRO E 466 13.94 -14.51 -48.92
N ILE E 467 14.47 -14.44 -50.14
CA ILE E 467 13.77 -13.73 -51.22
C ILE E 467 12.51 -14.44 -51.69
N GLU E 468 12.56 -15.77 -51.67
CA GLU E 468 11.47 -16.61 -52.11
C GLU E 468 10.28 -16.57 -51.16
N GLU E 469 10.33 -15.71 -50.17
CA GLU E 469 9.16 -15.43 -49.36
C GLU E 469 8.48 -14.17 -49.89
N ALA E 470 9.29 -13.30 -50.50
CA ALA E 470 8.79 -12.04 -51.04
C ALA E 470 8.14 -12.29 -52.38
N VAL E 471 8.69 -13.27 -53.11
CA VAL E 471 8.06 -13.72 -54.34
C VAL E 471 6.72 -14.38 -54.03
N ALA E 472 6.74 -15.29 -53.06
CA ALA E 472 5.54 -16.01 -52.64
C ALA E 472 4.68 -15.19 -51.67
N LYS E 473 4.78 -13.87 -51.74
CA LYS E 473 4.02 -13.01 -50.86
C LYS E 473 3.24 -12.04 -51.70
N ALA E 474 3.78 -11.74 -52.89
CA ALA E 474 3.11 -10.89 -53.87
C ALA E 474 1.97 -11.67 -54.53
N ASP E 475 2.27 -12.92 -54.88
CA ASP E 475 1.27 -13.86 -55.40
C ASP E 475 0.13 -13.99 -54.38
N LYS E 476 0.49 -14.17 -53.11
CA LYS E 476 -0.47 -14.19 -52.02
C LYS E 476 -1.06 -12.81 -51.75
N LEU E 477 -1.12 -11.96 -52.79
CA LEU E 477 -1.86 -10.70 -52.70
C LEU E 477 -3.01 -10.69 -53.72
N ALA E 478 -3.74 -11.81 -53.77
CA ALA E 478 -4.89 -12.00 -54.64
C ALA E 478 -6.16 -11.52 -53.95
N THR F 13 87.97 20.84 -5.47
CA THR F 13 88.21 19.54 -4.83
C THR F 13 87.39 18.42 -5.44
N THR F 14 86.91 17.55 -4.55
CA THR F 14 86.15 16.37 -4.94
C THR F 14 84.84 16.17 -4.16
N GLY F 15 83.85 15.64 -4.86
CA GLY F 15 82.59 15.27 -4.26
C GLY F 15 81.98 14.16 -5.09
N ARG F 16 80.80 13.71 -4.66
CA ARG F 16 80.18 12.54 -5.28
C ARG F 16 78.72 12.70 -5.68
N ILE F 17 78.41 12.09 -6.82
CA ILE F 17 77.05 11.82 -7.19
C ILE F 17 76.33 11.10 -6.03
N VAL F 18 75.25 11.70 -5.55
CA VAL F 18 74.35 11.04 -4.61
C VAL F 18 72.94 10.84 -5.15
N ALA F 19 72.55 11.67 -6.14
CA ALA F 19 71.31 11.47 -6.91
C ALA F 19 71.42 11.83 -8.42
N VAL F 20 70.77 11.03 -9.24
CA VAL F 20 70.81 11.14 -10.67
C VAL F 20 69.39 10.96 -11.11
N ILE F 21 68.88 11.88 -11.91
CA ILE F 21 67.64 11.63 -12.64
C ILE F 21 67.60 12.45 -13.90
N GLY F 22 67.52 11.76 -15.03
CA GLY F 22 67.55 12.47 -16.29
C GLY F 22 68.81 13.30 -16.42
N ALA F 23 68.64 14.57 -16.73
CA ALA F 23 69.78 15.44 -16.78
C ALA F 23 69.96 16.20 -15.48
N VAL F 24 69.43 15.68 -14.38
CA VAL F 24 69.64 16.39 -13.13
C VAL F 24 70.35 15.50 -12.14
N VAL F 25 71.48 16.01 -11.65
CA VAL F 25 72.36 15.22 -10.81
C VAL F 25 72.77 15.99 -9.60
N ASP F 26 72.94 15.25 -8.52
CA ASP F 26 73.15 15.82 -7.21
C ASP F 26 74.49 15.36 -6.65
N VAL F 27 75.37 16.34 -6.47
CA VAL F 27 76.73 16.06 -6.05
C VAL F 27 76.97 16.58 -4.63
N GLN F 28 77.73 15.80 -3.86
CA GLN F 28 78.10 16.14 -2.49
C GLN F 28 79.58 16.43 -2.24
N PHE F 29 79.85 17.68 -1.91
CA PHE F 29 81.19 18.12 -1.62
C PHE F 29 81.33 18.32 -0.12
N ASP F 30 82.25 17.58 0.48
CA ASP F 30 82.56 17.69 1.90
C ASP F 30 83.45 18.91 2.14
N GLU F 31 84.48 19.03 1.30
CA GLU F 31 85.35 20.18 1.34
C GLU F 31 84.93 21.11 0.21
N GLY F 32 84.66 22.37 0.55
CA GLY F 32 84.37 23.40 -0.45
C GLY F 32 83.05 23.18 -1.16
N LEU F 33 82.66 24.12 -2.02
CA LEU F 33 81.38 23.99 -2.70
C LEU F 33 81.32 25.01 -3.81
N PRO F 34 81.03 24.55 -5.03
CA PRO F 34 81.19 25.35 -6.26
C PRO F 34 80.12 26.40 -6.38
N PRO F 35 80.48 27.61 -6.79
CA PRO F 35 79.48 28.66 -7.01
C PRO F 35 78.40 28.15 -7.94
N ILE F 36 77.21 28.72 -7.87
CA ILE F 36 76.19 28.37 -8.82
C ILE F 36 76.62 28.85 -10.19
N LEU F 37 76.89 27.90 -11.09
CA LEU F 37 77.28 28.18 -12.48
C LEU F 37 78.61 27.52 -12.84
N ASN F 38 79.24 26.86 -11.88
CA ASN F 38 80.52 26.22 -12.12
C ASN F 38 80.36 24.91 -12.85
N ALA F 39 80.95 24.83 -14.03
CA ALA F 39 81.03 23.59 -14.76
C ALA F 39 81.77 22.55 -13.90
N LEU F 40 81.13 21.44 -13.59
CA LEU F 40 81.84 20.35 -12.92
C LEU F 40 82.34 19.39 -13.99
N GLU F 41 83.14 18.40 -13.60
CA GLU F 41 83.70 17.46 -14.54
C GLU F 41 83.63 16.07 -13.98
N VAL F 42 82.83 15.21 -14.62
CA VAL F 42 82.67 13.85 -14.11
C VAL F 42 83.92 13.05 -14.40
N GLN F 43 84.34 12.32 -13.39
CA GLN F 43 85.55 11.52 -13.47
C GLN F 43 85.18 10.08 -13.51
N GLY F 44 85.20 9.49 -14.70
CA GLY F 44 84.98 8.05 -14.78
C GLY F 44 84.40 7.55 -16.09
N ARG F 45 84.37 8.40 -17.11
CA ARG F 45 83.77 8.01 -18.39
C ARG F 45 84.64 8.40 -19.54
N GLU F 46 84.46 7.67 -20.63
CA GLU F 46 85.24 7.92 -21.82
C GLU F 46 84.74 9.18 -22.53
N THR F 47 83.99 10.03 -21.83
CA THR F 47 83.33 11.14 -22.50
C THR F 47 83.13 12.38 -21.64
N ARG F 48 83.70 13.51 -22.04
CA ARG F 48 83.64 14.70 -21.20
C ARG F 48 82.18 14.93 -20.79
N LEU F 49 81.88 14.66 -19.53
CA LEU F 49 80.53 14.86 -19.04
C LEU F 49 80.46 16.06 -18.10
N VAL F 50 80.39 17.26 -18.66
CA VAL F 50 80.29 18.45 -17.84
C VAL F 50 78.95 18.44 -17.09
N LEU F 51 78.95 18.70 -15.78
CA LEU F 51 77.70 19.09 -15.13
C LEU F 51 77.76 20.59 -14.97
N GLU F 52 76.65 21.20 -14.60
CA GLU F 52 76.68 22.63 -14.36
C GLU F 52 75.84 22.95 -13.15
N VAL F 53 76.50 23.39 -12.10
CA VAL F 53 75.78 23.65 -10.89
C VAL F 53 74.70 24.66 -11.21
N ALA F 54 73.50 24.46 -10.66
CA ALA F 54 72.43 25.43 -10.74
C ALA F 54 71.76 25.71 -9.38
N GLN F 55 71.96 24.82 -8.41
CA GLN F 55 71.42 25.00 -7.06
C GLN F 55 72.31 24.51 -5.90
N HIS F 56 72.24 25.19 -4.74
CA HIS F 56 72.78 24.64 -3.48
C HIS F 56 71.63 24.14 -2.61
N LEU F 57 71.49 22.83 -2.50
CA LEU F 57 70.37 22.26 -1.76
C LEU F 57 70.61 22.36 -0.28
N GLY F 58 71.83 22.71 0.08
CA GLY F 58 72.26 22.67 1.47
C GLY F 58 72.93 21.35 1.80
N GLU F 59 73.07 21.05 3.09
CA GLU F 59 73.78 19.87 3.54
C GLU F 59 74.96 19.57 2.61
N SER F 60 75.61 20.64 2.18
CA SER F 60 76.76 20.58 1.28
C SER F 60 76.53 19.62 0.12
N THR F 61 75.45 19.88 -0.60
CA THR F 61 75.13 19.21 -1.83
C THR F 61 74.68 20.27 -2.80
N VAL F 62 74.97 20.04 -4.08
CA VAL F 62 74.56 20.96 -5.10
C VAL F 62 73.72 20.21 -6.13
N ARG F 63 72.91 20.97 -6.87
CA ARG F 63 72.15 20.37 -7.95
C ARG F 63 72.57 20.92 -9.30
N THR F 64 72.77 20.01 -10.24
CA THR F 64 73.39 20.31 -11.51
C THR F 64 72.61 19.79 -12.71
N ILE F 65 72.74 20.52 -13.82
CA ILE F 65 72.21 20.11 -15.12
C ILE F 65 73.29 19.52 -16.05
N ALA F 66 73.15 18.24 -16.42
CA ALA F 66 74.15 17.61 -17.29
C ALA F 66 74.30 18.36 -18.60
N MET F 67 75.30 17.97 -19.38
CA MET F 67 75.43 18.53 -20.72
C MET F 67 75.56 17.37 -21.66
N ASP F 68 75.22 16.19 -21.16
CA ASP F 68 75.10 15.00 -22.00
C ASP F 68 74.44 13.81 -21.29
N GLY F 69 74.32 12.71 -22.04
CA GLY F 69 73.67 11.54 -21.52
C GLY F 69 74.24 11.22 -20.16
N THR F 70 73.40 10.66 -19.29
CA THR F 70 73.82 10.28 -17.96
C THR F 70 73.64 8.78 -17.72
N GLU F 71 73.40 8.00 -18.76
CA GLU F 71 73.40 6.56 -18.58
C GLU F 71 74.75 6.29 -17.97
N GLY F 72 74.82 5.32 -17.06
CA GLY F 72 76.11 4.97 -16.49
C GLY F 72 76.46 5.53 -15.14
N LEU F 73 76.29 6.83 -14.93
CA LEU F 73 76.59 7.47 -13.64
C LEU F 73 76.16 6.56 -12.51
N VAL F 74 76.88 6.62 -11.40
CA VAL F 74 76.49 5.85 -10.22
C VAL F 74 76.54 6.64 -8.94
N ARG F 75 75.71 6.26 -8.01
CA ARG F 75 75.78 6.81 -6.68
C ARG F 75 77.14 6.37 -6.13
N GLY F 76 78.00 7.36 -5.90
CA GLY F 76 79.43 7.16 -5.74
C GLY F 76 80.16 8.12 -6.68
N GLN F 77 80.84 7.58 -7.69
CA GLN F 77 81.42 8.35 -8.80
C GLN F 77 81.88 9.77 -8.47
N LYS F 78 83.15 10.08 -8.71
CA LYS F 78 83.71 11.35 -8.28
C LYS F 78 83.46 12.49 -9.26
N VAL F 79 83.49 13.72 -8.75
CA VAL F 79 83.33 14.87 -9.60
C VAL F 79 84.32 15.95 -9.19
N LEU F 80 84.99 16.58 -10.16
CA LEU F 80 85.94 17.66 -9.85
C LEU F 80 85.37 19.01 -10.19
N ASP F 81 85.51 19.96 -9.28
CA ASP F 81 85.12 21.34 -9.61
C ASP F 81 86.08 21.89 -10.69
N SER F 82 85.59 22.65 -11.65
CA SER F 82 86.47 23.31 -12.62
C SER F 82 86.85 24.72 -12.19
N GLY F 83 86.24 25.18 -11.09
CA GLY F 83 86.49 26.52 -10.58
C GLY F 83 85.96 27.62 -11.46
N ALA F 84 85.37 27.23 -12.59
CA ALA F 84 84.79 28.21 -13.48
C ALA F 84 83.52 27.68 -14.12
N PRO F 85 82.71 28.58 -14.70
CA PRO F 85 81.64 28.33 -15.66
C PRO F 85 82.08 27.40 -16.79
N ILE F 86 81.14 26.95 -17.59
CA ILE F 86 81.49 26.37 -18.87
C ILE F 86 82.08 27.48 -19.70
N ARG F 87 83.33 27.27 -20.12
CA ARG F 87 84.11 28.19 -20.95
C ARG F 87 84.52 27.53 -22.29
N ILE F 88 84.45 28.32 -23.36
CA ILE F 88 84.67 27.82 -24.72
C ILE F 88 85.63 28.70 -25.50
N PRO F 89 86.21 28.16 -26.58
CA PRO F 89 87.00 28.91 -27.55
C PRO F 89 86.25 30.10 -28.07
N VAL F 90 86.90 31.24 -28.17
CA VAL F 90 86.34 32.36 -28.89
C VAL F 90 87.49 33.02 -29.65
N GLY F 91 87.19 33.89 -30.59
CA GLY F 91 88.27 34.49 -31.36
C GLY F 91 88.10 34.10 -32.80
N PRO F 92 89.08 34.46 -33.66
CA PRO F 92 88.91 34.21 -35.08
C PRO F 92 89.27 32.80 -35.47
N GLU F 93 89.96 32.08 -34.60
CA GLU F 93 90.26 30.67 -34.88
C GLU F 93 89.03 29.76 -34.70
N THR F 94 87.84 30.35 -34.64
CA THR F 94 86.59 29.59 -34.63
C THR F 94 85.97 29.59 -36.03
N LEU F 95 86.04 30.72 -36.73
CA LEU F 95 85.46 30.82 -38.08
C LEU F 95 85.80 29.63 -38.98
N GLY F 96 84.79 28.91 -39.42
CA GLY F 96 84.98 27.79 -40.32
C GLY F 96 84.85 26.46 -39.61
N ARG F 97 84.87 26.52 -38.28
CA ARG F 97 84.80 25.33 -37.44
C ARG F 97 83.41 25.10 -36.84
N ILE F 98 83.02 23.85 -36.73
CA ILE F 98 81.77 23.52 -36.08
C ILE F 98 82.13 23.15 -34.67
N MET F 99 81.54 23.85 -33.70
CA MET F 99 81.78 23.46 -32.34
C MET F 99 80.48 23.18 -31.57
N ASN F 100 80.56 22.27 -30.61
CA ASN F 100 79.40 21.94 -29.79
C ASN F 100 79.22 22.84 -28.60
N VAL F 101 78.30 22.45 -27.72
CA VAL F 101 77.86 23.30 -26.61
C VAL F 101 78.92 23.63 -25.59
N ILE F 102 79.89 22.74 -25.38
CA ILE F 102 81.00 23.05 -24.46
C ILE F 102 82.32 23.48 -25.14
N GLY F 103 82.25 23.85 -26.42
CA GLY F 103 83.43 24.32 -27.12
C GLY F 103 84.13 23.23 -27.89
N GLU F 104 84.08 21.98 -27.40
CA GLU F 104 84.66 20.87 -28.14
C GLU F 104 84.38 21.03 -29.65
N PRO F 105 85.34 20.66 -30.50
CA PRO F 105 85.01 20.80 -31.92
C PRO F 105 84.43 19.50 -32.46
N ILE F 106 83.64 19.60 -33.51
CA ILE F 106 82.92 18.45 -34.03
C ILE F 106 82.91 18.40 -35.54
N ASP F 107 83.82 19.15 -36.18
CA ASP F 107 84.01 18.97 -37.62
C ASP F 107 85.19 18.06 -37.89
N GLU F 108 85.57 17.29 -36.87
CA GLU F 108 86.68 16.34 -36.96
C GLU F 108 87.94 16.96 -37.58
N ARG F 109 88.11 18.26 -37.38
CA ARG F 109 89.31 18.95 -37.84
C ARG F 109 90.16 19.39 -36.65
N GLY F 110 90.67 18.41 -35.91
CA GLY F 110 91.57 18.70 -34.81
C GLY F 110 90.97 19.59 -33.74
N PRO F 111 91.84 20.29 -32.99
CA PRO F 111 91.33 21.15 -31.91
C PRO F 111 91.21 22.56 -32.42
N ILE F 112 90.63 23.42 -31.62
CA ILE F 112 90.50 24.82 -31.98
C ILE F 112 91.48 25.58 -31.13
N LYS F 113 92.71 25.65 -31.61
CA LYS F 113 93.76 26.37 -30.93
C LYS F 113 93.39 27.85 -30.98
N THR F 114 93.19 28.44 -29.80
CA THR F 114 92.75 29.82 -29.72
C THR F 114 93.35 30.50 -28.50
N LYS F 115 93.65 31.77 -28.64
CA LYS F 115 94.27 32.53 -27.57
C LYS F 115 93.42 32.42 -26.33
N GLN F 116 92.25 33.07 -26.39
CA GLN F 116 91.41 33.30 -25.23
C GLN F 116 90.23 32.37 -25.11
N PHE F 117 89.51 32.53 -24.02
CA PHE F 117 88.26 31.81 -23.76
C PHE F 117 87.21 32.79 -23.24
N ALA F 118 85.94 32.36 -23.30
CA ALA F 118 84.83 33.06 -22.66
C ALA F 118 83.91 32.05 -21.97
N ALA F 119 83.10 32.52 -21.03
CA ALA F 119 82.11 31.64 -20.44
C ALA F 119 80.82 31.84 -21.20
N ILE F 120 79.95 30.84 -21.15
CA ILE F 120 78.69 30.89 -21.88
C ILE F 120 77.69 31.82 -21.21
N HIS F 121 77.71 31.89 -19.88
CA HIS F 121 76.91 32.88 -19.15
C HIS F 121 77.67 34.21 -19.04
N ALA F 122 76.93 35.29 -18.84
CA ALA F 122 77.52 36.62 -18.81
C ALA F 122 76.45 37.67 -18.58
N GLU F 123 76.73 38.67 -17.76
CA GLU F 123 75.74 39.73 -17.56
C GLU F 123 75.47 40.48 -18.85
N ALA F 124 74.40 41.26 -18.90
CA ALA F 124 73.99 41.84 -20.17
C ALA F 124 74.24 43.33 -20.24
N PRO F 125 74.62 43.81 -21.43
CA PRO F 125 74.85 45.23 -21.82
C PRO F 125 74.01 46.29 -21.08
N GLU F 126 74.65 46.98 -20.12
CA GLU F 126 74.04 48.07 -19.34
C GLU F 126 73.36 49.15 -20.18
N PHE F 127 72.48 49.93 -19.56
CA PHE F 127 71.58 50.80 -20.33
C PHE F 127 72.32 51.84 -21.16
N VAL F 128 73.46 52.27 -20.63
CA VAL F 128 74.27 53.31 -21.25
C VAL F 128 74.86 52.86 -22.57
N GLU F 129 75.03 51.53 -22.70
CA GLU F 129 75.66 50.93 -23.87
C GLU F 129 74.70 50.76 -25.03
N MET F 130 73.42 50.93 -24.78
CA MET F 130 72.45 50.77 -25.85
C MET F 130 72.66 51.82 -26.93
N SER F 131 72.22 51.50 -28.15
CA SER F 131 72.33 52.39 -29.28
C SER F 131 71.01 52.47 -30.02
N VAL F 132 70.57 53.67 -30.36
CA VAL F 132 69.28 53.86 -31.04
C VAL F 132 69.42 54.00 -32.55
N GLU F 133 70.48 53.41 -33.09
CA GLU F 133 70.77 53.52 -34.51
C GLU F 133 69.79 52.70 -35.32
N GLN F 134 68.81 53.38 -35.93
CA GLN F 134 67.85 52.67 -36.76
C GLN F 134 67.99 52.94 -38.25
N GLU F 135 68.63 52.01 -38.94
CA GLU F 135 68.76 52.08 -40.38
C GLU F 135 68.18 50.81 -41.03
N ILE F 136 67.40 51.00 -42.07
CA ILE F 136 66.75 49.88 -42.75
C ILE F 136 67.69 48.86 -43.41
N LEU F 137 67.33 47.60 -43.27
CA LEU F 137 68.05 46.50 -43.89
C LEU F 137 67.15 45.81 -44.93
N VAL F 138 67.37 46.11 -46.21
CA VAL F 138 66.59 45.48 -47.26
C VAL F 138 66.93 43.99 -47.49
N THR F 139 65.88 43.17 -47.62
CA THR F 139 66.03 41.72 -47.83
C THR F 139 65.78 41.30 -49.29
N GLY F 140 65.07 42.12 -50.02
CA GLY F 140 64.67 41.75 -51.36
C GLY F 140 63.54 40.75 -51.28
N ILE F 141 62.92 40.63 -50.12
CA ILE F 141 61.67 39.87 -49.98
C ILE F 141 60.50 40.86 -49.88
N LYS F 142 59.60 40.81 -50.86
CA LYS F 142 58.59 41.86 -51.00
C LYS F 142 57.78 42.19 -49.74
N VAL F 143 57.17 41.17 -49.10
CA VAL F 143 56.40 41.36 -47.86
C VAL F 143 57.21 41.98 -46.76
N VAL F 144 58.42 41.48 -46.54
CA VAL F 144 59.22 41.94 -45.42
C VAL F 144 59.57 43.40 -45.64
N ASP F 145 60.10 43.70 -46.81
CA ASP F 145 60.49 45.06 -47.12
C ASP F 145 59.30 46.03 -47.08
N LEU F 146 58.30 45.78 -47.91
CA LEU F 146 57.15 46.68 -47.98
C LEU F 146 56.39 46.90 -46.65
N LEU F 147 56.21 45.86 -45.83
CA LEU F 147 55.29 45.98 -44.68
C LEU F 147 55.90 46.03 -43.30
N ALA F 148 57.06 45.39 -43.12
CA ALA F 148 57.69 45.34 -41.81
C ALA F 148 59.18 45.11 -41.93
N PRO F 149 59.91 46.15 -42.35
CA PRO F 149 61.29 45.95 -42.79
C PRO F 149 62.20 45.59 -41.64
N TYR F 150 63.22 44.79 -41.94
CA TYR F 150 64.24 44.43 -40.96
C TYR F 150 65.14 45.64 -40.72
N ALA F 151 65.74 45.74 -39.54
CA ALA F 151 66.60 46.87 -39.25
C ALA F 151 68.04 46.43 -38.99
N LYS F 152 69.01 47.06 -39.65
CA LYS F 152 70.43 46.76 -39.42
C LYS F 152 70.79 46.72 -37.93
N GLY F 153 71.40 45.63 -37.50
CA GLY F 153 71.78 45.47 -36.10
C GLY F 153 70.59 45.31 -35.17
N GLY F 154 69.44 45.01 -35.77
CA GLY F 154 68.21 44.77 -35.05
C GLY F 154 67.97 43.31 -34.67
N LYS F 155 67.06 43.09 -33.73
CA LYS F 155 66.62 41.74 -33.44
C LYS F 155 65.47 41.41 -34.36
N ILE F 156 65.56 40.26 -35.01
CA ILE F 156 64.53 39.81 -35.94
C ILE F 156 64.00 38.45 -35.49
N GLY F 157 62.68 38.27 -35.62
CA GLY F 157 62.02 37.03 -35.21
C GLY F 157 61.16 36.45 -36.33
N LEU F 158 61.33 35.16 -36.57
CA LEU F 158 60.57 34.42 -37.55
C LEU F 158 59.65 33.43 -36.84
N PHE F 159 58.35 33.75 -36.74
CA PHE F 159 57.40 32.89 -36.04
C PHE F 159 56.71 31.92 -36.98
N GLY F 160 56.65 30.66 -36.60
CA GLY F 160 55.96 29.70 -37.45
C GLY F 160 55.62 28.42 -36.74
N GLY F 161 54.50 27.81 -37.14
CA GLY F 161 54.18 26.47 -36.64
C GLY F 161 54.89 25.39 -37.45
N ALA F 162 54.74 24.13 -37.06
CA ALA F 162 55.49 23.09 -37.75
C ALA F 162 55.22 23.13 -39.24
N GLY F 163 56.24 23.46 -40.04
CA GLY F 163 56.14 23.34 -41.49
C GLY F 163 55.68 24.54 -42.31
N VAL F 164 55.67 25.74 -41.72
CA VAL F 164 55.17 26.89 -42.46
CA VAL F 164 55.17 26.92 -42.41
C VAL F 164 56.30 27.61 -43.18
N GLY F 165 57.52 27.22 -42.89
CA GLY F 165 58.63 27.71 -43.68
C GLY F 165 59.56 28.71 -43.04
N LYS F 166 59.78 28.55 -41.74
CA LYS F 166 60.76 29.32 -41.03
C LYS F 166 62.11 28.99 -41.61
N THR F 167 62.52 27.74 -41.48
CA THR F 167 63.86 27.37 -41.92
C THR F 167 64.20 27.82 -43.35
N VAL F 168 63.30 27.63 -44.30
CA VAL F 168 63.50 28.16 -45.67
C VAL F 168 63.75 29.65 -45.66
N LEU F 169 62.91 30.37 -44.94
CA LEU F 169 63.02 31.81 -44.89
C LEU F 169 64.34 32.26 -44.22
N ILE F 170 64.78 31.56 -43.19
CA ILE F 170 66.03 31.97 -42.57
C ILE F 170 67.15 31.74 -43.57
N MET F 171 67.01 30.68 -44.37
CA MET F 171 68.00 30.35 -45.38
C MET F 171 68.07 31.38 -46.49
N GLU F 172 66.92 31.73 -47.04
CA GLU F 172 66.86 32.77 -48.04
C GLU F 172 67.51 34.06 -47.54
N LEU F 173 67.37 34.35 -46.25
CA LEU F 173 67.91 35.58 -45.68
C LEU F 173 69.41 35.47 -45.59
N ILE F 174 69.86 34.33 -45.09
CA ILE F 174 71.27 34.01 -45.09
C ILE F 174 71.89 34.17 -46.48
N ASN F 175 71.09 33.95 -47.51
CA ASN F 175 71.59 34.04 -48.88
C ASN F 175 71.56 35.46 -49.43
N ASN F 176 70.39 36.10 -49.36
CA ASN F 176 70.24 37.49 -49.83
C ASN F 176 70.95 38.50 -48.95
N VAL F 177 71.58 38.01 -47.88
CA VAL F 177 72.18 38.90 -46.89
C VAL F 177 73.65 38.55 -46.63
N ALA F 178 73.92 37.36 -46.07
CA ALA F 178 75.27 37.04 -45.56
C ALA F 178 76.28 36.54 -46.59
N LYS F 179 75.89 36.59 -47.87
CA LYS F 179 76.76 36.16 -48.97
C LYS F 179 77.62 37.34 -49.43
N ALA F 180 76.98 38.47 -49.69
CA ALA F 180 77.68 39.73 -49.98
C ALA F 180 77.69 40.61 -48.73
N HIS F 181 78.47 40.19 -47.74
CA HIS F 181 78.50 40.87 -46.45
C HIS F 181 79.90 40.86 -45.87
N GLY F 182 80.57 42.01 -45.94
CA GLY F 182 81.86 42.17 -45.29
C GLY F 182 81.66 42.17 -43.79
N GLY F 183 81.88 41.02 -43.17
CA GLY F 183 81.70 40.90 -41.74
C GLY F 183 81.38 39.48 -41.29
N TYR F 184 81.63 39.22 -40.01
CA TYR F 184 81.48 37.90 -39.45
C TYR F 184 80.01 37.52 -39.19
N SER F 185 79.68 36.24 -39.44
CA SER F 185 78.36 35.70 -39.16
C SER F 185 78.49 34.46 -38.28
N VAL F 186 77.65 34.36 -37.26
CA VAL F 186 77.59 33.16 -36.44
C VAL F 186 76.24 32.45 -36.57
N PHE F 187 76.27 31.13 -36.78
CA PHE F 187 75.03 30.37 -36.88
C PHE F 187 74.92 29.34 -35.77
N ALA F 188 73.99 29.59 -34.84
CA ALA F 188 73.66 28.65 -33.78
C ALA F 188 72.42 27.83 -34.14
N GLY F 189 72.64 26.54 -34.40
CA GLY F 189 71.57 25.58 -34.51
C GLY F 189 71.19 25.05 -33.12
N VAL F 190 70.08 25.54 -32.59
CA VAL F 190 69.59 25.08 -31.31
C VAL F 190 68.43 24.12 -31.48
N GLY F 191 68.63 22.90 -30.98
CA GLY F 191 67.67 21.81 -31.06
C GLY F 191 66.81 21.63 -32.30
N GLU F 192 67.37 21.76 -33.50
CA GLU F 192 66.60 21.40 -34.68
C GLU F 192 67.22 20.18 -35.35
N ARG F 193 67.11 20.07 -36.68
CA ARG F 193 67.45 18.83 -37.38
C ARG F 193 68.95 18.63 -37.63
N THR F 194 69.51 17.51 -37.18
CA THR F 194 70.94 17.32 -37.37
C THR F 194 71.29 17.35 -38.85
N ARG F 195 70.46 16.71 -39.67
CA ARG F 195 70.68 16.72 -41.11
C ARG F 195 70.60 18.14 -41.71
N GLU F 196 70.07 19.08 -40.97
CA GLU F 196 70.01 20.45 -41.50
C GLU F 196 71.39 21.10 -41.35
N GLY F 197 72.21 20.49 -40.51
CA GLY F 197 73.49 21.05 -40.18
C GLY F 197 74.45 20.57 -41.22
N ASN F 198 74.57 19.24 -41.31
CA ASN F 198 75.28 18.60 -42.41
C ASN F 198 74.97 19.35 -43.68
N ASP F 199 73.71 19.69 -43.89
CA ASP F 199 73.28 20.41 -45.09
C ASP F 199 73.85 21.82 -45.17
N LEU F 200 73.89 22.51 -44.03
CA LEU F 200 74.38 23.86 -44.05
C LEU F 200 75.85 23.82 -44.36
N TYR F 201 76.57 23.07 -43.54
CA TYR F 201 78.00 22.91 -43.69
C TYR F 201 78.36 22.78 -45.16
N HIS F 202 77.99 21.68 -45.78
CA HIS F 202 78.29 21.50 -47.19
C HIS F 202 77.87 22.71 -48.03
N GLU F 203 76.66 23.22 -47.84
CA GLU F 203 76.17 24.31 -48.67
C GLU F 203 77.04 25.57 -48.55
N MET F 204 77.74 25.70 -47.43
CA MET F 204 78.54 26.89 -47.13
C MET F 204 80.01 26.69 -47.46
N ILE F 205 80.38 25.45 -47.74
CA ILE F 205 81.73 25.13 -48.17
C ILE F 205 81.78 25.32 -49.68
N GLU F 206 80.85 24.69 -50.39
CA GLU F 206 80.69 24.92 -51.82
C GLU F 206 80.64 26.42 -52.10
N SER F 207 79.71 27.13 -51.47
CA SER F 207 79.55 28.55 -51.72
C SER F 207 80.77 29.30 -51.22
N GLY F 208 81.50 28.65 -50.32
CA GLY F 208 82.76 29.17 -49.83
C GLY F 208 82.68 30.26 -48.79
N VAL F 209 81.74 30.20 -47.87
CA VAL F 209 81.76 31.13 -46.76
C VAL F 209 82.65 30.49 -45.72
N ILE F 210 82.63 29.16 -45.70
CA ILE F 210 83.57 28.40 -44.91
C ILE F 210 84.63 27.93 -45.86
N ASN F 211 85.88 27.97 -45.44
CA ASN F 211 86.96 27.45 -46.27
C ASN F 211 87.90 26.59 -45.47
N LEU F 212 87.99 25.32 -45.86
CA LEU F 212 88.79 24.37 -45.12
C LEU F 212 90.26 24.66 -45.32
N LYS F 213 90.57 25.25 -46.47
CA LYS F 213 91.94 25.54 -46.84
C LYS F 213 92.55 26.68 -46.02
N ASP F 214 91.81 27.76 -45.85
CA ASP F 214 92.35 29.00 -45.27
C ASP F 214 91.94 29.30 -43.85
N ALA F 215 92.00 30.60 -43.57
CA ALA F 215 91.36 31.23 -42.44
C ALA F 215 90.60 32.41 -43.03
N THR F 216 90.21 32.25 -44.30
CA THR F 216 89.37 33.22 -44.99
C THR F 216 87.88 33.02 -44.70
N SER F 217 87.57 32.11 -43.79
CA SER F 217 86.19 31.79 -43.43
C SER F 217 85.50 32.91 -42.66
N LYS F 218 84.23 33.13 -42.99
CA LYS F 218 83.49 34.29 -42.52
C LYS F 218 82.39 33.92 -41.54
N VAL F 219 82.34 32.66 -41.12
CA VAL F 219 81.22 32.17 -40.34
C VAL F 219 81.65 31.19 -39.27
N ALA F 220 81.04 31.26 -38.10
CA ALA F 220 81.27 30.24 -37.08
C ALA F 220 80.00 29.44 -36.89
N LEU F 221 80.16 28.14 -36.65
CA LEU F 221 79.01 27.27 -36.45
C LEU F 221 79.00 26.67 -35.05
N VAL F 222 77.88 26.86 -34.34
CA VAL F 222 77.63 26.23 -33.05
C VAL F 222 76.37 25.37 -33.13
N TYR F 223 76.48 24.08 -32.83
CA TYR F 223 75.35 23.18 -33.00
C TYR F 223 75.08 22.30 -31.81
N GLY F 224 73.84 22.34 -31.33
CA GLY F 224 73.33 21.37 -30.36
C GLY F 224 71.88 20.98 -30.71
N GLN F 225 71.71 19.89 -31.46
CA GLN F 225 70.44 19.60 -32.10
C GLN F 225 69.42 18.78 -31.29
N MET F 226 68.27 18.49 -31.91
CA MET F 226 67.14 17.85 -31.25
C MET F 226 67.38 16.40 -30.90
N ASN F 227 68.63 15.97 -30.85
CA ASN F 227 68.94 14.62 -30.44
C ASN F 227 69.67 14.60 -29.10
N GLU F 228 70.13 15.79 -28.70
CA GLU F 228 70.90 15.92 -27.47
C GLU F 228 69.96 16.24 -26.33
N PRO F 229 70.32 15.78 -25.13
CA PRO F 229 69.68 16.01 -23.83
C PRO F 229 69.19 17.43 -23.61
N PRO F 230 68.29 17.61 -22.64
CA PRO F 230 67.73 18.92 -22.33
C PRO F 230 68.87 19.88 -22.06
N GLY F 231 69.72 19.53 -21.09
CA GLY F 231 70.82 20.38 -20.66
C GLY F 231 71.48 20.99 -21.86
N ALA F 232 71.95 20.14 -22.77
CA ALA F 232 72.67 20.57 -23.97
C ALA F 232 71.87 21.54 -24.83
N ARG F 233 70.59 21.24 -25.04
CA ARG F 233 69.75 22.12 -25.84
C ARG F 233 69.50 23.38 -25.04
N ALA F 234 69.39 23.18 -23.74
CA ALA F 234 69.19 24.25 -22.78
C ALA F 234 70.24 25.35 -22.96
N ARG F 235 71.48 24.94 -23.22
CA ARG F 235 72.65 25.80 -23.08
C ARG F 235 73.24 26.26 -24.39
N VAL F 236 73.48 25.32 -25.29
CA VAL F 236 74.04 25.63 -26.59
C VAL F 236 73.55 26.95 -27.19
N ALA F 237 72.32 27.35 -26.89
CA ALA F 237 71.85 28.63 -27.41
C ALA F 237 72.80 29.73 -27.00
N LEU F 238 73.44 29.52 -25.85
CA LEU F 238 74.33 30.48 -25.25
C LEU F 238 75.75 30.36 -25.74
N THR F 239 76.22 29.12 -25.94
CA THR F 239 77.53 28.92 -26.55
C THR F 239 77.62 29.84 -27.77
N GLY F 240 76.90 29.51 -28.83
CA GLY F 240 76.83 30.36 -30.01
C GLY F 240 76.59 31.83 -29.71
N LEU F 241 75.88 32.10 -28.64
CA LEU F 241 75.70 33.46 -28.17
C LEU F 241 77.06 34.08 -27.88
N THR F 242 77.79 33.49 -26.93
CA THR F 242 79.11 33.97 -26.50
C THR F 242 80.05 34.29 -27.68
N VAL F 243 80.15 33.36 -28.61
CA VAL F 243 80.90 33.57 -29.84
C VAL F 243 80.55 34.89 -30.51
N ALA F 244 79.30 35.07 -30.89
CA ALA F 244 78.91 36.31 -31.55
C ALA F 244 79.30 37.51 -30.68
N GLU F 245 79.24 37.32 -29.37
CA GLU F 245 79.48 38.39 -28.44
C GLU F 245 80.88 38.94 -28.64
N TYR F 246 81.87 38.05 -28.62
CA TYR F 246 83.26 38.42 -28.88
C TYR F 246 83.43 39.23 -30.16
N PHE F 247 83.10 38.64 -31.30
CA PHE F 247 83.18 39.33 -32.58
C PHE F 247 82.57 40.73 -32.58
N ARG F 248 81.70 41.02 -31.63
CA ARG F 248 81.09 42.34 -31.52
C ARG F 248 82.00 43.24 -30.73
N ASP F 249 82.37 42.76 -29.55
CA ASP F 249 83.14 43.55 -28.58
C ASP F 249 84.65 43.67 -28.87
N GLN F 250 85.40 42.59 -28.65
CA GLN F 250 86.82 42.54 -29.00
C GLN F 250 87.01 42.43 -30.52
N GLU F 251 86.43 43.38 -31.26
CA GLU F 251 86.63 43.47 -32.70
C GLU F 251 85.78 44.60 -33.25
N GLY F 252 84.94 45.18 -32.38
CA GLY F 252 84.00 46.22 -32.79
C GLY F 252 83.59 46.01 -34.23
N GLN F 253 82.95 44.87 -34.50
CA GLN F 253 82.73 44.40 -35.86
C GLN F 253 81.23 44.28 -36.18
N ASP F 254 80.90 43.99 -37.43
CA ASP F 254 79.51 43.77 -37.84
C ASP F 254 79.17 42.30 -37.76
N VAL F 255 78.46 41.90 -36.70
CA VAL F 255 78.14 40.50 -36.51
C VAL F 255 76.73 40.13 -36.98
N LEU F 256 76.62 38.98 -37.62
CA LEU F 256 75.34 38.42 -38.03
C LEU F 256 75.08 37.15 -37.24
N LEU F 257 74.07 37.18 -36.37
CA LEU F 257 73.74 36.01 -35.57
C LEU F 257 72.46 35.38 -36.06
N PHE F 258 72.54 34.15 -36.56
CA PHE F 258 71.36 33.40 -36.94
C PHE F 258 71.11 32.25 -35.95
N ILE F 259 69.93 32.21 -35.36
CA ILE F 259 69.59 31.04 -34.56
C ILE F 259 68.38 30.34 -35.14
N ASP F 260 68.35 29.01 -35.00
CA ASP F 260 67.26 28.17 -35.46
C ASP F 260 67.44 26.91 -34.62
N ASN F 261 66.63 26.70 -33.58
CA ASN F 261 65.40 27.44 -33.31
C ASN F 261 65.33 27.90 -31.87
N ILE F 262 65.24 29.20 -31.65
CA ILE F 262 65.34 29.76 -30.31
C ILE F 262 64.29 29.17 -29.36
N PHE F 263 63.20 28.69 -29.93
CA PHE F 263 62.17 28.06 -29.12
C PHE F 263 62.70 26.88 -28.37
N ARG F 264 63.54 26.10 -29.03
CA ARG F 264 63.94 24.83 -28.46
C ARG F 264 64.69 25.07 -27.18
N PHE F 265 65.06 26.33 -26.95
CA PHE F 265 65.77 26.77 -25.73
C PHE F 265 64.89 26.81 -24.51
N THR F 266 63.73 27.44 -24.69
CA THR F 266 62.71 27.46 -23.65
C THR F 266 62.13 26.06 -23.44
N GLN F 267 61.95 25.33 -24.55
CA GLN F 267 61.40 24.00 -24.46
C GLN F 267 62.28 23.15 -23.56
N ALA F 268 63.56 23.12 -23.90
CA ALA F 268 64.53 22.32 -23.15
C ALA F 268 64.50 22.73 -21.71
N GLY F 269 64.42 24.04 -21.46
CA GLY F 269 64.22 24.52 -20.11
C GLY F 269 63.12 23.72 -19.43
N SER F 270 61.92 23.79 -20.02
CA SER F 270 60.78 23.06 -19.54
C SER F 270 61.09 21.61 -19.16
N GLU F 271 61.85 20.91 -19.99
CA GLU F 271 62.11 19.49 -19.76
C GLU F 271 62.85 19.23 -18.43
N VAL F 272 63.65 20.21 -18.02
CA VAL F 272 64.51 20.07 -16.84
C VAL F 272 63.88 20.68 -15.60
N SER F 273 63.15 21.78 -15.80
CA SER F 273 62.53 22.52 -14.69
C SER F 273 61.74 21.57 -13.81
N ALA F 274 61.21 20.53 -14.44
CA ALA F 274 60.45 19.51 -13.74
C ALA F 274 61.25 18.86 -12.59
N LEU F 275 62.47 18.42 -12.89
CA LEU F 275 63.28 17.65 -11.95
C LEU F 275 64.27 18.48 -11.14
N LEU F 276 64.62 19.67 -11.64
CA LEU F 276 65.23 20.69 -10.81
C LEU F 276 64.39 20.94 -9.57
N GLY F 277 63.08 20.69 -9.66
CA GLY F 277 62.21 20.77 -8.51
C GLY F 277 61.44 22.06 -8.34
N ARG F 278 61.44 22.92 -9.36
CA ARG F 278 60.52 24.06 -9.39
C ARG F 278 59.04 23.58 -9.42
N ILE F 279 58.12 24.44 -8.97
CA ILE F 279 56.70 24.18 -9.18
C ILE F 279 56.29 24.71 -10.56
N PRO F 280 55.62 23.86 -11.35
CA PRO F 280 55.13 24.11 -12.71
C PRO F 280 54.35 25.39 -12.81
N SER F 281 54.50 26.10 -13.91
CA SER F 281 53.75 27.32 -14.15
C SER F 281 52.69 27.11 -15.24
N ALA F 282 52.22 28.18 -15.86
CA ALA F 282 51.13 28.07 -16.82
C ALA F 282 51.50 27.11 -17.93
N VAL F 283 50.55 26.24 -18.26
CA VAL F 283 50.72 25.33 -19.38
C VAL F 283 51.89 24.37 -19.17
N GLY F 284 52.35 24.25 -17.92
CA GLY F 284 53.36 23.28 -17.57
C GLY F 284 54.80 23.78 -17.68
N TYR F 285 54.97 24.98 -18.20
CA TYR F 285 56.30 25.54 -18.44
C TYR F 285 57.00 25.81 -17.13
N GLN F 286 58.30 26.11 -17.22
CA GLN F 286 59.11 26.48 -16.06
C GLN F 286 58.65 27.81 -15.47
N PRO F 287 58.73 27.95 -14.14
CA PRO F 287 58.29 29.15 -13.45
C PRO F 287 59.05 30.34 -14.00
N THR F 288 60.22 30.05 -14.56
CA THR F 288 61.19 31.09 -14.86
C THR F 288 61.29 31.34 -16.32
N LEU F 289 60.19 31.29 -17.05
CA LEU F 289 60.28 31.34 -18.50
C LEU F 289 60.66 32.73 -19.04
N ALA F 290 60.29 33.78 -18.30
CA ALA F 290 60.42 35.14 -18.79
C ALA F 290 61.81 35.70 -18.64
N THR F 291 62.48 35.29 -17.58
CA THR F 291 63.82 35.74 -17.25
C THR F 291 64.89 34.76 -17.79
N ASP F 292 64.79 33.47 -17.44
CA ASP F 292 65.53 32.43 -18.16
C ASP F 292 65.73 32.94 -19.59
N MET F 293 64.64 33.38 -20.22
CA MET F 293 64.71 33.91 -21.58
C MET F 293 65.39 35.26 -21.59
N GLY F 294 64.67 36.32 -21.20
CA GLY F 294 65.24 37.65 -21.07
C GLY F 294 66.71 37.88 -20.69
N THR F 295 67.31 37.06 -19.83
CA THR F 295 68.75 37.19 -19.62
C THR F 295 69.44 36.86 -20.95
N MET F 296 69.53 35.56 -21.24
CA MET F 296 69.90 35.08 -22.57
C MET F 296 69.52 36.03 -23.71
N GLN F 297 68.27 36.50 -23.75
CA GLN F 297 67.83 37.27 -24.91
C GLN F 297 68.48 38.64 -25.03
N GLU F 298 68.62 39.31 -23.89
CA GLU F 298 69.11 40.67 -23.88
C GLU F 298 70.63 40.77 -24.11
N ARG F 299 71.33 39.63 -24.12
CA ARG F 299 72.72 39.61 -24.54
C ARG F 299 72.84 39.72 -26.04
N ILE F 300 71.89 39.13 -26.76
CA ILE F 300 71.81 39.28 -28.20
C ILE F 300 71.40 40.70 -28.44
N THR F 301 72.35 41.59 -28.64
CA THR F 301 72.03 42.99 -28.93
C THR F 301 73.16 43.80 -29.56
N THR F 302 72.78 44.87 -30.26
CA THR F 302 73.73 45.80 -30.82
C THR F 302 74.05 46.86 -29.78
N THR F 303 75.33 46.98 -29.42
CA THR F 303 75.77 48.01 -28.48
C THR F 303 76.56 49.10 -29.18
N LYS F 304 77.03 50.07 -28.39
CA LYS F 304 77.84 51.16 -28.93
C LYS F 304 79.08 50.58 -29.58
N LYS F 305 79.69 49.59 -28.93
CA LYS F 305 80.92 48.96 -29.40
C LYS F 305 80.73 48.24 -30.74
N GLY F 306 80.29 46.98 -30.69
CA GLY F 306 79.98 46.23 -31.89
C GLY F 306 78.54 46.35 -32.38
N SER F 307 78.11 45.39 -33.20
CA SER F 307 76.79 45.48 -33.83
C SER F 307 76.30 44.12 -34.30
N ILE F 308 75.29 43.57 -33.63
CA ILE F 308 74.70 42.31 -34.04
C ILE F 308 73.32 42.45 -34.67
N THR F 309 73.23 42.07 -35.95
CA THR F 309 71.93 41.87 -36.58
C THR F 309 71.52 40.42 -36.36
N SER F 310 70.53 40.22 -35.48
CA SER F 310 70.08 38.88 -35.11
C SER F 310 68.82 38.46 -35.87
N VAL F 311 68.77 37.19 -36.27
CA VAL F 311 67.60 36.60 -36.92
C VAL F 311 67.25 35.25 -36.28
N GLN F 312 66.22 35.22 -35.44
CA GLN F 312 65.87 33.99 -34.74
C GLN F 312 64.56 33.39 -35.22
N ALA F 313 64.62 32.14 -35.66
CA ALA F 313 63.43 31.37 -35.96
C ALA F 313 62.79 30.86 -34.67
N ILE F 314 61.49 31.06 -34.58
CA ILE F 314 60.77 30.79 -33.36
C ILE F 314 59.64 29.83 -33.67
N TYR F 315 59.71 28.62 -33.12
CA TYR F 315 58.68 27.62 -33.35
C TYR F 315 57.48 27.95 -32.48
N VAL F 316 56.28 27.64 -32.97
CA VAL F 316 55.06 27.89 -32.24
C VAL F 316 54.26 26.61 -32.04
N PRO F 317 54.16 26.14 -30.78
CA PRO F 317 53.60 24.81 -30.55
C PRO F 317 52.12 24.75 -30.88
N ALA F 318 51.71 23.73 -31.60
CA ALA F 318 50.31 23.56 -31.95
C ALA F 318 49.77 24.81 -32.54
N ASP F 319 50.60 25.55 -33.24
CA ASP F 319 50.20 26.82 -33.84
C ASP F 319 49.61 27.81 -32.84
N ASP F 320 49.92 27.65 -31.56
CA ASP F 320 49.34 28.54 -30.56
C ASP F 320 50.17 29.79 -30.30
N LEU F 321 49.84 30.87 -30.99
CA LEU F 321 50.65 32.07 -30.84
C LEU F 321 50.59 32.66 -29.45
N THR F 322 49.83 32.02 -28.56
CA THR F 322 49.70 32.55 -27.20
C THR F 322 50.42 31.66 -26.24
N ASP F 323 50.88 30.52 -26.73
CA ASP F 323 51.70 29.66 -25.90
C ASP F 323 52.80 30.54 -25.33
N PRO F 324 52.97 30.56 -23.99
CA PRO F 324 54.01 31.32 -23.30
C PRO F 324 55.31 31.48 -24.12
N ALA F 325 55.88 30.39 -24.61
CA ALA F 325 57.09 30.45 -25.43
C ALA F 325 57.01 31.51 -26.53
N PRO F 326 56.26 31.27 -27.60
CA PRO F 326 56.23 32.32 -28.61
C PRO F 326 55.77 33.62 -27.98
N ALA F 327 54.75 33.53 -27.14
CA ALA F 327 54.09 34.69 -26.54
C ALA F 327 55.03 35.68 -25.85
N THR F 328 55.93 35.15 -25.04
CA THR F 328 56.87 35.97 -24.29
C THR F 328 57.92 36.64 -25.20
N THR F 329 58.47 35.84 -26.10
CA THR F 329 59.51 36.21 -27.06
C THR F 329 59.25 37.48 -27.86
N PHE F 330 57.98 37.78 -28.11
CA PHE F 330 57.60 38.93 -28.95
C PHE F 330 58.16 40.22 -28.42
N ALA F 331 58.14 40.33 -27.10
CA ALA F 331 58.71 41.47 -26.37
C ALA F 331 60.10 41.84 -26.88
N HIS F 332 60.86 40.84 -27.33
CA HIS F 332 62.29 40.98 -27.57
C HIS F 332 62.71 41.35 -28.98
N LEU F 333 61.76 41.67 -29.85
CA LEU F 333 62.12 41.83 -31.24
C LEU F 333 61.84 43.25 -31.70
N ASP F 334 62.46 43.62 -32.82
CA ASP F 334 62.33 44.96 -33.38
C ASP F 334 61.56 44.84 -34.66
N ALA F 335 61.71 43.68 -35.29
CA ALA F 335 60.89 43.35 -36.44
C ALA F 335 60.48 41.90 -36.27
N THR F 336 59.22 41.61 -36.59
CA THR F 336 58.72 40.24 -36.55
C THR F 336 58.06 39.83 -37.86
N THR F 337 58.32 38.59 -38.26
CA THR F 337 57.63 37.99 -39.37
C THR F 337 56.88 36.73 -38.90
N VAL F 338 55.56 36.74 -39.05
CA VAL F 338 54.75 35.66 -38.54
C VAL F 338 54.21 34.86 -39.71
N LEU F 339 54.38 33.55 -39.62
CA LEU F 339 53.97 32.67 -40.70
C LEU F 339 52.71 31.89 -40.31
N SER F 340 51.70 31.86 -41.18
CA SER F 340 50.45 31.15 -40.85
C SER F 340 50.27 29.92 -41.70
N ARG F 341 49.90 28.81 -41.08
CA ARG F 341 49.63 27.62 -41.86
C ARG F 341 48.57 27.97 -42.89
N ALA F 342 47.57 28.73 -42.43
CA ALA F 342 46.42 29.15 -43.23
C ALA F 342 46.83 29.68 -44.60
N ILE F 343 47.84 30.55 -44.58
CA ILE F 343 48.34 31.14 -45.81
C ILE F 343 49.09 30.09 -46.60
N ALA F 344 50.09 29.47 -45.97
CA ALA F 344 50.88 28.46 -46.66
C ALA F 344 49.99 27.43 -47.37
N GLU F 345 48.90 27.03 -46.72
CA GLU F 345 47.99 26.04 -47.30
C GLU F 345 47.31 26.57 -48.55
N LEU F 346 47.39 27.88 -48.80
CA LEU F 346 46.87 28.42 -50.05
C LEU F 346 48.00 28.65 -51.01
N GLY F 347 49.11 27.95 -50.80
CA GLY F 347 50.26 28.09 -51.67
C GLY F 347 50.85 29.49 -51.75
N ILE F 348 50.44 30.39 -50.85
CA ILE F 348 51.07 31.70 -50.74
C ILE F 348 52.37 31.68 -49.93
N TYR F 349 53.48 31.38 -50.59
CA TYR F 349 54.80 31.47 -49.96
C TYR F 349 55.52 32.77 -50.38
N PRO F 350 56.31 33.36 -49.48
CA PRO F 350 56.52 32.90 -48.11
C PRO F 350 55.25 33.17 -47.33
N ALA F 351 54.95 32.30 -46.38
CA ALA F 351 53.66 32.35 -45.70
C ALA F 351 53.49 33.51 -44.70
N VAL F 352 53.72 34.74 -45.13
CA VAL F 352 53.72 35.83 -44.18
C VAL F 352 52.33 36.42 -43.93
N ASP F 353 51.94 36.49 -42.67
CA ASP F 353 50.72 37.18 -42.29
C ASP F 353 50.97 38.69 -42.35
N PRO F 354 50.35 39.35 -43.31
CA PRO F 354 50.59 40.78 -43.53
C PRO F 354 50.01 41.63 -42.44
N LEU F 355 49.08 41.08 -41.67
CA LEU F 355 48.45 41.89 -40.65
C LEU F 355 48.92 41.44 -39.27
N ASP F 356 50.05 40.75 -39.21
CA ASP F 356 50.46 40.27 -37.92
C ASP F 356 51.98 40.38 -37.81
N SER F 357 52.62 40.60 -38.96
CA SER F 357 54.05 40.89 -38.96
C SER F 357 54.22 42.39 -38.82
N THR F 358 55.16 42.79 -37.96
CA THR F 358 55.35 44.20 -37.66
C THR F 358 56.84 44.56 -37.54
N SER F 359 57.18 45.85 -37.74
CA SER F 359 58.51 46.37 -37.42
C SER F 359 58.46 47.70 -36.68
N ARG F 360 59.31 47.86 -35.68
CA ARG F 360 59.41 49.10 -34.94
C ARG F 360 60.10 50.20 -35.76
N ILE F 361 60.04 50.12 -37.09
CA ILE F 361 60.60 51.18 -37.92
C ILE F 361 59.71 51.47 -39.13
N MET F 362 58.54 50.85 -39.17
CA MET F 362 57.55 51.27 -40.14
C MET F 362 57.05 52.61 -39.65
N ASP F 363 57.67 53.66 -40.17
CA ASP F 363 57.58 55.01 -39.65
C ASP F 363 58.08 55.96 -40.73
N PRO F 364 57.25 56.92 -41.16
CA PRO F 364 57.56 57.73 -42.36
C PRO F 364 58.88 58.44 -42.20
N ASN F 365 59.14 58.93 -40.99
CA ASN F 365 60.39 59.59 -40.65
C ASN F 365 61.60 58.68 -40.84
N ILE F 366 61.38 57.38 -40.89
CA ILE F 366 62.48 56.42 -41.08
C ILE F 366 62.48 55.75 -42.47
N VAL F 367 61.31 55.58 -43.07
CA VAL F 367 61.22 54.86 -44.33
C VAL F 367 60.69 55.74 -45.44
N GLY F 368 60.31 56.96 -45.09
CA GLY F 368 59.86 57.91 -46.08
C GLY F 368 58.43 57.70 -46.51
N SER F 369 57.57 58.64 -46.13
CA SER F 369 56.13 58.47 -46.28
C SER F 369 55.60 58.24 -47.69
N GLU F 370 56.39 57.60 -48.55
CA GLU F 370 55.79 56.99 -49.74
C GLU F 370 55.70 55.52 -49.40
N HIS F 371 56.78 55.01 -48.80
CA HIS F 371 56.85 53.67 -48.26
C HIS F 371 55.73 53.51 -47.23
N TYR F 372 55.72 54.37 -46.22
CA TYR F 372 54.76 54.21 -45.15
C TYR F 372 53.35 54.31 -45.67
N ASP F 373 53.17 54.96 -46.81
CA ASP F 373 51.82 55.17 -47.33
C ASP F 373 51.31 54.02 -48.18
N VAL F 374 52.18 53.41 -48.98
CA VAL F 374 51.81 52.24 -49.79
C VAL F 374 51.64 51.03 -48.86
N ALA F 375 52.52 50.93 -47.87
CA ALA F 375 52.37 49.92 -46.84
C ALA F 375 50.95 49.98 -46.28
N ARG F 376 50.68 50.95 -45.39
CA ARG F 376 49.39 51.04 -44.70
C ARG F 376 48.20 51.06 -45.64
N GLY F 377 48.46 51.30 -46.92
CA GLY F 377 47.41 51.20 -47.93
C GLY F 377 47.11 49.77 -48.36
N VAL F 378 48.17 48.98 -48.55
CA VAL F 378 48.03 47.54 -48.65
C VAL F 378 47.44 46.96 -47.37
N GLN F 379 48.12 47.22 -46.25
CA GLN F 379 47.65 46.75 -44.96
C GLN F 379 46.17 47.08 -44.71
N LYS F 380 45.65 48.09 -45.39
CA LYS F 380 44.25 48.49 -45.22
C LYS F 380 43.30 47.66 -46.09
N ILE F 381 43.49 47.73 -47.40
CA ILE F 381 42.67 46.96 -48.31
C ILE F 381 42.63 45.50 -47.86
N LEU F 382 43.78 44.93 -47.50
CA LEU F 382 43.81 43.57 -46.98
C LEU F 382 42.84 43.40 -45.81
N GLN F 383 43.03 44.18 -44.75
CA GLN F 383 42.18 44.12 -43.56
C GLN F 383 40.73 44.56 -43.84
N ASP F 384 40.46 45.02 -45.04
CA ASP F 384 39.09 45.35 -45.42
C ASP F 384 38.50 44.12 -46.08
N TYR F 385 39.30 43.49 -46.93
CA TYR F 385 38.96 42.20 -47.49
C TYR F 385 38.62 41.25 -46.34
N LYS F 386 39.53 41.20 -45.36
CA LYS F 386 39.42 40.26 -44.24
C LYS F 386 38.12 40.39 -43.48
N SER F 387 37.53 41.57 -43.49
CA SER F 387 36.27 41.80 -42.78
C SER F 387 35.07 41.24 -43.55
N LEU F 388 35.10 41.39 -44.86
CA LEU F 388 34.10 40.77 -45.71
C LEU F 388 34.20 39.25 -45.66
N GLN F 389 35.33 38.73 -45.20
CA GLN F 389 35.66 37.30 -45.24
C GLN F 389 34.52 36.40 -44.79
N ASP F 390 33.68 36.93 -43.90
CA ASP F 390 32.59 36.16 -43.32
C ASP F 390 31.32 36.06 -44.17
N ILE F 391 30.90 37.19 -44.74
CA ILE F 391 29.71 37.25 -45.56
C ILE F 391 29.94 36.54 -46.90
N ILE F 392 31.19 36.53 -47.34
CA ILE F 392 31.55 35.92 -48.61
C ILE F 392 31.49 34.42 -48.46
N ALA F 393 31.59 33.96 -47.21
CA ALA F 393 31.67 32.54 -46.92
C ALA F 393 30.29 31.93 -46.74
N ILE F 394 29.33 32.75 -46.34
CA ILE F 394 27.97 32.28 -46.10
C ILE F 394 26.96 32.56 -47.23
N LEU F 395 27.05 33.75 -47.85
CA LEU F 395 26.09 34.19 -48.88
C LEU F 395 26.68 34.16 -50.27
N GLY F 396 27.99 34.35 -50.36
CA GLY F 396 28.69 34.24 -51.62
C GLY F 396 29.09 35.58 -52.14
N MET F 397 29.90 35.58 -53.20
CA MET F 397 30.47 36.81 -53.74
C MET F 397 29.42 37.80 -54.22
N ASP F 398 28.36 37.26 -54.80
CA ASP F 398 27.33 38.07 -55.40
C ASP F 398 26.66 39.06 -54.44
N GLU F 399 26.42 38.65 -53.21
CA GLU F 399 25.73 39.55 -52.29
C GLU F 399 26.62 40.75 -51.92
N LEU F 400 27.83 40.74 -52.46
CA LEU F 400 28.77 41.83 -52.22
C LEU F 400 28.43 43.09 -53.02
N SER F 401 28.31 44.21 -52.32
CA SER F 401 28.07 45.49 -52.97
C SER F 401 29.10 45.69 -54.08
N GLU F 402 28.82 46.61 -54.98
CA GLU F 402 29.70 46.81 -56.13
C GLU F 402 31.08 47.33 -55.68
N GLU F 403 31.05 48.34 -54.82
CA GLU F 403 32.28 48.88 -54.29
C GLU F 403 33.09 47.70 -53.74
N ASP F 404 32.44 46.89 -52.92
CA ASP F 404 33.10 45.79 -52.22
C ASP F 404 33.61 44.69 -53.14
N LYS F 405 32.90 44.46 -54.25
CA LYS F 405 33.32 43.43 -55.19
C LYS F 405 34.74 43.76 -55.63
N LEU F 406 35.02 45.06 -55.75
CA LEU F 406 36.34 45.52 -56.12
C LEU F 406 37.36 45.30 -54.99
N THR F 407 37.09 45.89 -53.83
CA THR F 407 37.98 45.83 -52.66
C THR F 407 38.53 44.44 -52.52
N VAL F 408 37.69 43.46 -52.78
CA VAL F 408 38.15 42.09 -52.90
C VAL F 408 39.18 41.96 -54.03
N SER F 409 38.73 42.05 -55.28
CA SER F 409 39.60 41.78 -56.42
C SER F 409 41.00 42.41 -56.31
N ARG F 410 41.04 43.70 -55.97
CA ARG F 410 42.32 44.38 -55.75
C ARG F 410 43.11 43.71 -54.62
N ALA F 411 42.48 43.65 -53.45
CA ALA F 411 43.11 43.01 -52.32
C ALA F 411 43.66 41.66 -52.74
N ARG F 412 42.80 40.79 -53.28
CA ARG F 412 43.23 39.46 -53.70
C ARG F 412 44.50 39.46 -54.56
N LYS F 413 44.72 40.55 -55.30
CA LYS F 413 45.93 40.67 -56.11
C LYS F 413 47.11 40.93 -55.19
N ILE F 414 46.96 41.93 -54.33
CA ILE F 414 47.97 42.23 -53.33
C ILE F 414 48.36 40.94 -52.62
N GLN F 415 47.36 40.27 -52.07
CA GLN F 415 47.54 38.97 -51.41
C GLN F 415 48.49 38.11 -52.20
N ARG F 416 48.36 38.18 -53.51
CA ARG F 416 49.03 37.25 -54.44
C ARG F 416 50.39 37.77 -54.87
N PHE F 417 50.53 39.09 -54.85
CA PHE F 417 51.75 39.72 -55.32
C PHE F 417 52.74 39.85 -54.16
N LEU F 418 52.37 39.39 -52.98
CA LEU F 418 53.31 39.34 -51.86
C LEU F 418 54.04 37.99 -51.85
N SER F 419 53.49 37.05 -52.62
CA SER F 419 54.13 35.77 -52.84
C SER F 419 55.34 36.09 -53.66
N GLN F 420 56.41 35.32 -53.48
CA GLN F 420 57.68 35.62 -54.15
C GLN F 420 58.53 34.37 -54.15
N PRO F 421 58.91 33.89 -55.34
CA PRO F 421 59.54 32.56 -55.41
C PRO F 421 60.96 32.64 -54.91
N PHE F 422 61.27 31.98 -53.81
CA PHE F 422 62.61 32.11 -53.21
C PHE F 422 63.64 31.32 -53.99
N GLN F 423 64.88 31.78 -53.87
CA GLN F 423 66.00 31.27 -54.62
C GLN F 423 66.46 29.93 -54.04
N VAL F 424 65.82 29.54 -52.95
CA VAL F 424 66.06 28.25 -52.33
C VAL F 424 65.07 27.24 -52.90
N ALA F 425 63.81 27.33 -52.47
CA ALA F 425 62.79 26.40 -52.94
C ALA F 425 62.58 26.52 -54.46
N GLU F 426 63.65 26.79 -55.20
CA GLU F 426 63.61 26.69 -56.65
C GLU F 426 63.21 25.25 -56.98
N VAL F 427 63.19 24.44 -55.93
CA VAL F 427 63.00 23.01 -56.02
C VAL F 427 61.53 22.64 -55.80
N PHE F 428 60.87 23.37 -54.91
CA PHE F 428 59.45 23.16 -54.65
C PHE F 428 58.61 24.04 -55.59
N THR F 429 59.03 25.29 -55.75
CA THR F 429 58.33 26.20 -56.67
C THR F 429 58.66 25.84 -58.11
N GLY F 430 59.83 25.21 -58.31
CA GLY F 430 60.33 24.92 -59.64
C GLY F 430 60.75 26.21 -60.33
N HIS F 431 59.99 27.27 -60.03
CA HIS F 431 60.18 28.64 -60.55
C HIS F 431 61.49 29.31 -60.11
N LEU F 432 62.00 30.17 -60.99
CA LEU F 432 63.30 30.82 -60.82
C LEU F 432 63.36 31.88 -59.71
N GLY F 433 64.34 31.75 -58.84
CA GLY F 433 64.41 32.55 -57.62
C GLY F 433 64.64 34.04 -57.76
N LYS F 434 63.57 34.83 -57.57
CA LYS F 434 63.59 36.31 -57.65
C LYS F 434 63.96 37.04 -56.34
N LEU F 435 64.57 38.20 -56.52
CA LEU F 435 64.85 39.11 -55.41
C LEU F 435 64.57 40.56 -55.83
N VAL F 436 63.55 41.13 -55.20
CA VAL F 436 62.99 42.43 -55.56
C VAL F 436 63.43 43.56 -54.63
N PRO F 437 64.04 44.60 -55.22
CA PRO F 437 64.59 45.81 -54.59
C PRO F 437 63.51 46.77 -54.13
N LEU F 438 63.77 47.45 -53.02
CA LEU F 438 62.76 48.27 -52.34
C LEU F 438 61.95 49.14 -53.28
N LYS F 439 62.63 49.83 -54.18
CA LYS F 439 61.98 50.64 -55.18
C LYS F 439 60.84 49.85 -55.83
N GLU F 440 61.17 48.86 -56.64
CA GLU F 440 60.13 48.17 -57.42
C GLU F 440 59.10 47.45 -56.56
N THR F 441 59.47 47.11 -55.33
CA THR F 441 58.48 46.66 -54.38
C THR F 441 57.49 47.79 -54.19
N ILE F 442 57.92 48.86 -53.53
CA ILE F 442 57.02 49.98 -53.28
C ILE F 442 56.22 50.41 -54.51
N LYS F 443 56.88 50.49 -55.66
CA LYS F 443 56.22 50.89 -56.90
C LYS F 443 55.05 49.97 -57.25
N GLY F 444 55.38 48.72 -57.57
CA GLY F 444 54.41 47.75 -58.01
C GLY F 444 53.11 47.74 -57.21
N PHE F 445 53.22 47.66 -55.90
CA PHE F 445 52.03 47.75 -55.06
C PHE F 445 51.28 49.05 -55.33
N GLN F 446 52.00 50.17 -55.25
CA GLN F 446 51.35 51.45 -55.48
C GLN F 446 50.45 51.37 -56.69
N GLN F 447 51.01 50.87 -57.78
CA GLN F 447 50.22 50.70 -59.01
C GLN F 447 49.01 49.80 -58.79
N ILE F 448 49.23 48.62 -58.22
CA ILE F 448 48.16 47.66 -57.98
C ILE F 448 47.07 48.32 -57.20
N LEU F 449 47.47 49.02 -56.14
CA LEU F 449 46.58 49.82 -55.31
C LEU F 449 45.80 50.92 -56.04
N ALA F 450 46.46 51.63 -56.96
CA ALA F 450 45.80 52.66 -57.77
C ALA F 450 45.07 52.01 -58.94
N GLY F 451 45.00 50.69 -58.89
CA GLY F 451 44.23 49.94 -59.84
C GLY F 451 44.60 50.24 -61.28
N GLU F 452 45.86 50.00 -61.61
CA GLU F 452 46.23 50.06 -63.01
C GLU F 452 45.96 48.68 -63.57
N TYR F 453 45.81 47.70 -62.69
CA TYR F 453 45.83 46.32 -63.14
C TYR F 453 44.53 45.55 -63.04
N ASP F 454 43.45 46.23 -62.68
CA ASP F 454 42.15 45.59 -62.54
C ASP F 454 41.75 44.86 -63.83
N HIS F 455 42.63 44.90 -64.83
CA HIS F 455 42.34 44.26 -66.09
C HIS F 455 43.11 42.95 -66.26
N LEU F 456 43.94 42.63 -65.27
CA LEU F 456 44.73 41.41 -65.32
C LEU F 456 44.18 40.28 -64.44
N PRO F 457 44.38 39.03 -64.88
CA PRO F 457 43.90 37.90 -64.09
C PRO F 457 44.62 37.84 -62.74
N GLU F 458 44.02 37.18 -61.76
CA GLU F 458 44.67 37.08 -60.46
C GLU F 458 46.03 36.47 -60.64
N GLN F 459 46.06 35.24 -61.11
CA GLN F 459 47.30 34.48 -61.16
C GLN F 459 48.49 35.35 -61.59
N ALA F 460 48.25 36.21 -62.56
CA ALA F 460 49.31 37.06 -63.09
C ALA F 460 50.26 37.63 -62.03
N PHE F 461 49.82 37.76 -60.78
CA PHE F 461 50.69 38.36 -59.76
C PHE F 461 51.23 37.34 -58.77
N TYR F 462 50.77 36.09 -58.91
CA TYR F 462 51.18 35.03 -57.99
C TYR F 462 52.58 34.55 -58.37
N MET F 463 53.51 34.58 -57.41
CA MET F 463 54.86 34.05 -57.64
C MET F 463 55.69 34.78 -58.70
N VAL F 464 55.97 36.07 -58.50
CA VAL F 464 56.76 36.82 -59.46
C VAL F 464 57.73 37.77 -58.79
N GLY F 465 58.51 38.43 -59.62
CA GLY F 465 59.46 39.44 -59.15
C GLY F 465 58.83 40.82 -59.10
N PRO F 466 59.28 41.71 -60.00
CA PRO F 466 58.72 43.06 -60.02
C PRO F 466 57.38 43.05 -60.74
N ILE F 467 56.73 44.20 -60.81
CA ILE F 467 55.38 44.20 -61.31
C ILE F 467 55.35 43.91 -62.80
N GLU F 468 56.50 44.03 -63.46
CA GLU F 468 56.62 43.68 -64.87
C GLU F 468 56.29 42.21 -65.06
N GLU F 469 57.01 41.34 -64.35
CA GLU F 469 56.81 39.92 -64.48
C GLU F 469 55.33 39.61 -64.31
N ALA F 470 54.66 40.45 -63.54
CA ALA F 470 53.23 40.34 -63.39
C ALA F 470 52.56 40.60 -64.73
N VAL F 471 52.55 41.87 -65.15
CA VAL F 471 51.87 42.27 -66.38
C VAL F 471 52.34 41.42 -67.54
N ALA F 472 53.62 41.05 -67.46
CA ALA F 472 54.25 40.17 -68.44
C ALA F 472 53.56 38.81 -68.47
N LYS F 473 53.48 38.17 -67.31
CA LYS F 473 52.78 36.90 -67.17
C LYS F 473 51.41 36.97 -67.84
N ALA F 474 50.60 37.94 -67.40
CA ALA F 474 49.22 38.12 -67.86
C ALA F 474 49.04 37.92 -69.37
N ASP F 475 50.11 38.18 -70.14
CA ASP F 475 50.08 38.06 -71.59
C ASP F 475 50.20 36.61 -72.05
N LYS F 476 51.20 35.92 -71.51
CA LYS F 476 51.51 34.54 -71.89
C LYS F 476 50.29 33.65 -71.70
N LEU F 477 49.44 34.02 -70.76
CA LEU F 477 48.16 33.34 -70.61
C LEU F 477 47.28 33.64 -71.84
N ALA F 478 47.00 34.91 -72.08
CA ALA F 478 46.24 35.33 -73.26
C ALA F 478 46.90 34.89 -74.57
N ALA G 1 38.97 32.04 -28.89
CA ALA G 1 38.03 30.93 -28.97
C ALA G 1 37.47 30.61 -27.59
N THR G 2 36.47 31.35 -27.14
CA THR G 2 35.78 30.95 -25.92
C THR G 2 34.63 30.01 -26.19
N LEU G 3 34.43 29.04 -25.30
CA LEU G 3 33.26 28.21 -25.43
C LEU G 3 32.09 29.11 -25.70
N LYS G 4 31.83 30.03 -24.78
CA LYS G 4 30.70 30.96 -24.94
C LYS G 4 30.55 31.48 -26.37
N ASP G 5 31.67 31.82 -27.02
CA ASP G 5 31.60 32.46 -28.34
C ASP G 5 31.30 31.46 -29.42
N ILE G 6 32.12 30.41 -29.50
CA ILE G 6 31.84 29.31 -30.40
C ILE G 6 30.35 29.05 -30.30
N THR G 7 29.81 28.96 -29.09
CA THR G 7 28.38 28.63 -28.99
C THR G 7 27.54 29.71 -29.64
N ARG G 8 27.84 30.96 -29.34
CA ARG G 8 27.14 32.04 -29.99
C ARG G 8 27.20 31.81 -31.49
N ARG G 9 28.38 31.97 -32.09
CA ARG G 9 28.50 31.85 -33.54
C ARG G 9 27.82 30.61 -34.06
N LEU G 10 27.88 29.52 -33.30
CA LEU G 10 27.23 28.28 -33.72
C LEU G 10 25.77 28.54 -33.97
N LYS G 11 25.10 29.10 -32.96
CA LYS G 11 23.65 29.37 -33.02
C LYS G 11 23.31 30.26 -34.21
N SER G 12 24.05 31.35 -34.37
CA SER G 12 23.87 32.24 -35.51
C SER G 12 23.89 31.46 -36.80
N ILE G 13 24.96 30.72 -37.06
CA ILE G 13 25.07 29.99 -38.32
C ILE G 13 24.01 28.91 -38.50
N LYS G 14 23.68 28.23 -37.41
CA LYS G 14 22.69 27.15 -37.46
C LYS G 14 21.31 27.65 -37.95
N ASN G 15 21.06 28.94 -37.77
CA ASN G 15 19.81 29.54 -38.23
C ASN G 15 19.92 29.94 -39.69
N ILE G 16 20.94 30.73 -40.00
CA ILE G 16 21.23 31.06 -41.38
C ILE G 16 21.08 29.84 -42.26
N GLN G 17 21.41 28.68 -41.69
CA GLN G 17 21.36 27.43 -42.43
C GLN G 17 19.93 27.01 -42.68
N LYS G 18 19.11 27.13 -41.65
CA LYS G 18 17.68 26.76 -41.72
C LYS G 18 16.89 27.74 -42.58
N ILE G 19 17.10 29.03 -42.35
CA ILE G 19 16.44 30.08 -43.13
C ILE G 19 16.74 29.91 -44.59
N THR G 20 17.98 29.54 -44.87
CA THR G 20 18.42 29.32 -46.23
C THR G 20 17.78 28.09 -46.82
N LYS G 21 17.92 26.96 -46.14
CA LYS G 21 17.31 25.74 -46.66
C LYS G 21 15.82 25.92 -46.88
N SER G 22 15.18 26.73 -46.04
CA SER G 22 13.74 26.95 -46.13
C SER G 22 13.46 27.79 -47.37
N MET G 23 14.09 28.96 -47.40
CA MET G 23 13.97 29.90 -48.50
C MET G 23 14.33 29.26 -49.83
N LYS G 24 15.21 28.26 -49.80
CA LYS G 24 15.54 27.56 -51.03
C LYS G 24 14.32 26.86 -51.57
N MET G 25 13.55 26.26 -50.67
CA MET G 25 12.45 25.42 -51.10
C MET G 25 11.20 26.23 -51.40
N VAL G 26 11.18 27.48 -50.94
CA VAL G 26 10.21 28.45 -51.43
C VAL G 26 10.53 28.73 -52.91
N ALA G 27 11.67 29.37 -53.16
CA ALA G 27 12.05 29.64 -54.53
C ALA G 27 11.88 28.36 -55.37
N ALA G 28 12.13 27.20 -54.78
CA ALA G 28 12.09 25.96 -55.54
C ALA G 28 10.74 25.72 -56.21
N ALA G 29 9.67 25.77 -55.44
CA ALA G 29 8.35 25.63 -56.03
C ALA G 29 8.02 26.86 -56.86
N LYS G 30 8.28 28.06 -56.32
CA LYS G 30 8.08 29.29 -57.11
C LYS G 30 8.64 29.18 -58.53
N TYR G 31 9.81 28.56 -58.66
CA TYR G 31 10.40 28.37 -59.97
C TYR G 31 9.66 27.32 -60.76
N ALA G 32 9.22 26.25 -60.09
CA ALA G 32 8.63 25.11 -60.77
C ALA G 32 7.28 25.44 -61.39
N ARG G 33 6.69 26.55 -60.97
CA ARG G 33 5.49 27.06 -61.60
C ARG G 33 5.85 28.07 -62.69
N ALA G 34 6.66 29.05 -62.36
CA ALA G 34 7.07 30.03 -63.36
C ALA G 34 7.70 29.36 -64.58
N GLU G 35 7.90 28.06 -64.51
CA GLU G 35 8.42 27.32 -65.66
C GLU G 35 7.27 26.67 -66.42
N ARG G 36 6.35 26.03 -65.71
CA ARG G 36 5.12 25.55 -66.34
C ARG G 36 4.41 26.70 -67.06
N GLU G 37 4.18 27.80 -66.35
CA GLU G 37 3.63 29.01 -66.95
C GLU G 37 4.54 29.62 -68.02
N LEU G 38 5.66 28.96 -68.33
CA LEU G 38 6.59 29.47 -69.34
C LEU G 38 6.48 28.71 -70.66
N LYS G 39 6.27 27.41 -70.57
CA LYS G 39 6.14 26.56 -71.76
C LYS G 39 5.30 27.28 -72.85
N PRO G 40 4.04 27.60 -72.53
CA PRO G 40 3.31 28.57 -73.36
C PRO G 40 4.11 29.83 -73.61
N ALA G 41 4.09 30.76 -72.64
CA ALA G 41 4.69 32.09 -72.80
C ALA G 41 5.96 32.21 -73.68
N ARG G 42 6.59 31.07 -73.94
CA ARG G 42 7.71 31.03 -74.87
C ARG G 42 7.18 30.90 -76.30
N VAL G 43 6.62 29.75 -76.64
CA VAL G 43 6.06 29.52 -77.97
C VAL G 43 5.49 30.82 -78.45
N TYR G 44 4.60 31.37 -77.65
CA TYR G 44 4.02 32.68 -77.89
C TYR G 44 5.10 33.72 -78.08
N GLY G 45 5.72 34.16 -76.98
CA GLY G 45 6.70 35.23 -77.03
C GLY G 45 7.68 35.12 -78.19
N VAL G 46 8.03 33.88 -78.55
CA VAL G 46 8.96 33.60 -79.65
C VAL G 46 8.41 34.04 -81.00
N GLY G 47 7.23 33.52 -81.35
CA GLY G 47 6.56 33.87 -82.59
C GLY G 47 6.40 35.36 -82.77
N SER G 48 6.33 36.10 -81.67
CA SER G 48 6.27 37.56 -81.73
C SER G 48 7.53 38.08 -82.39
N LEU G 49 8.51 37.20 -82.50
CA LEU G 49 9.80 37.54 -83.11
C LEU G 49 9.90 36.96 -84.51
N ALA G 50 9.08 35.96 -84.82
CA ALA G 50 9.09 35.33 -86.13
C ALA G 50 9.24 36.38 -87.23
N LEU G 51 8.54 37.49 -87.09
CA LEU G 51 8.67 38.62 -87.99
C LEU G 51 10.09 39.19 -87.96
N TYR G 52 10.31 40.20 -87.14
CA TYR G 52 11.61 40.86 -87.02
C TYR G 52 12.80 39.98 -87.45
N GLU G 53 12.83 38.73 -86.97
CA GLU G 53 13.93 37.80 -87.27
C GLU G 53 13.71 37.02 -88.57
N LYS G 54 13.40 37.76 -89.63
CA LYS G 54 13.33 37.28 -91.00
C LYS G 54 13.38 38.52 -91.88
N ALA G 55 14.19 39.48 -91.45
CA ALA G 55 14.35 40.77 -92.11
C ALA G 55 15.04 41.74 -91.13
N ASP G 56 16.33 41.51 -90.90
CA ASP G 56 17.12 42.34 -90.01
C ASP G 56 16.91 43.81 -90.30
N ILE G 57 17.28 44.68 -89.37
CA ILE G 57 17.09 46.12 -89.57
C ILE G 57 18.13 46.97 -88.83
N LYS G 58 18.89 47.75 -89.58
CA LYS G 58 19.80 48.73 -88.99
C LYS G 58 19.04 50.01 -88.66
N THR G 59 19.77 51.12 -88.58
CA THR G 59 19.20 52.41 -88.25
C THR G 59 20.24 53.52 -88.45
N PRO G 60 20.11 54.28 -89.55
CA PRO G 60 21.05 55.38 -89.82
C PRO G 60 21.34 56.27 -88.58
N GLU G 61 20.32 56.50 -87.76
CA GLU G 61 20.47 57.36 -86.57
C GLU G 61 21.39 56.74 -85.53
N GLY G 70 16.61 46.56 -69.51
CA GLY G 70 16.91 46.03 -68.20
C GLY G 70 15.73 45.37 -67.49
N VAL G 71 15.82 44.04 -67.32
CA VAL G 71 14.71 43.26 -66.75
C VAL G 71 15.16 42.24 -65.69
N SER G 72 14.51 42.28 -64.53
CA SER G 72 14.84 41.38 -63.43
C SER G 72 13.76 41.34 -62.34
N SER G 73 14.03 42.02 -61.23
CA SER G 73 13.19 41.99 -60.04
C SER G 73 13.63 42.97 -58.95
N ASP G 74 13.03 42.83 -57.78
CA ASP G 74 13.31 43.66 -56.61
C ASP G 74 14.04 42.85 -55.53
N ARG G 75 13.60 41.61 -55.36
CA ARG G 75 14.19 40.67 -54.40
C ARG G 75 15.55 40.24 -54.93
N GLY G 76 16.60 40.50 -54.16
CA GLY G 76 17.95 40.13 -54.56
C GLY G 76 18.24 38.67 -54.23
N LEU G 77 19.35 38.43 -53.55
CA LEU G 77 19.61 37.11 -53.00
C LEU G 77 19.39 35.99 -54.00
N CYS G 78 19.77 36.23 -55.26
CA CYS G 78 19.72 35.18 -56.28
C CYS G 78 21.08 35.15 -56.99
N GLY G 79 21.98 36.00 -56.51
CA GLY G 79 23.36 36.02 -56.97
C GLY G 79 23.60 36.60 -58.35
N ALA G 80 23.81 35.70 -59.30
CA ALA G 80 24.29 36.07 -60.62
C ALA G 80 23.33 36.99 -61.42
N ILE G 81 22.02 36.78 -61.26
CA ILE G 81 20.99 37.49 -62.02
C ILE G 81 21.17 38.98 -62.25
N HIS G 82 21.25 39.76 -61.17
CA HIS G 82 21.19 41.22 -61.28
C HIS G 82 22.44 41.89 -61.78
N SER G 83 23.59 41.24 -61.62
CA SER G 83 24.80 41.80 -62.18
C SER G 83 24.76 41.71 -63.71
N SER G 84 24.33 40.57 -64.23
CA SER G 84 24.41 40.27 -65.67
C SER G 84 23.60 41.18 -66.59
N VAL G 85 22.71 42.00 -66.04
CA VAL G 85 22.07 43.03 -66.85
C VAL G 85 22.72 44.39 -66.57
N ALA G 86 23.87 44.36 -65.92
CA ALA G 86 24.70 45.56 -65.74
C ALA G 86 26.00 45.38 -66.50
N LYS G 87 26.40 44.11 -66.69
CA LYS G 87 27.52 43.75 -67.57
C LYS G 87 27.01 43.86 -69.00
N GLN G 88 26.04 44.74 -69.18
CA GLN G 88 25.41 44.93 -70.47
C GLN G 88 24.51 46.16 -70.35
N MET G 89 24.83 47.02 -69.40
CA MET G 89 24.13 48.29 -69.26
C MET G 89 25.07 49.47 -68.96
N LYS G 90 26.00 49.28 -68.03
CA LYS G 90 27.07 50.27 -67.86
C LYS G 90 28.09 50.01 -68.96
N SER G 91 28.03 48.81 -69.54
CA SER G 91 28.91 48.39 -70.63
C SER G 91 28.25 48.65 -71.99
N GLU G 92 27.01 49.16 -71.96
CA GLU G 92 26.33 49.61 -73.16
C GLU G 92 25.84 51.06 -72.99
N ALA G 93 26.30 51.70 -71.92
CA ALA G 93 26.03 53.11 -71.66
C ALA G 93 27.23 53.93 -72.11
N ALA G 94 28.32 53.22 -72.38
CA ALA G 94 29.56 53.83 -72.86
C ALA G 94 29.82 53.46 -74.32
N ASN G 95 29.18 52.39 -74.80
CA ASN G 95 29.24 52.02 -76.21
C ASN G 95 28.35 52.93 -77.06
N LEU G 96 27.12 53.13 -76.62
CA LEU G 96 26.16 53.98 -77.33
C LEU G 96 26.35 55.46 -77.00
N LYS G 101 24.94 58.44 -79.68
CA LYS G 101 23.51 58.67 -79.49
C LYS G 101 23.22 58.95 -78.01
N GLU G 102 21.97 58.74 -77.60
CA GLU G 102 21.58 58.94 -76.19
C GLU G 102 20.20 58.38 -75.82
N VAL G 103 20.16 57.12 -75.40
CA VAL G 103 18.95 56.52 -74.82
C VAL G 103 18.98 56.78 -73.32
N LYS G 104 17.80 56.89 -72.70
CA LYS G 104 17.73 57.14 -71.26
C LYS G 104 17.34 55.87 -70.49
N ILE G 105 17.51 55.91 -69.17
CA ILE G 105 17.32 54.73 -68.33
C ILE G 105 15.89 54.23 -68.30
N ILE G 106 15.62 53.13 -69.00
CA ILE G 106 14.33 52.46 -68.87
C ILE G 106 14.47 50.95 -68.67
N GLY G 107 14.28 50.57 -67.42
CA GLY G 107 14.34 49.19 -67.00
C GLY G 107 13.39 48.94 -65.84
N VAL G 108 12.91 47.69 -65.77
CA VAL G 108 12.04 47.28 -64.71
C VAL G 108 12.90 46.59 -63.66
N GLY G 109 12.48 46.66 -62.40
CA GLY G 109 13.22 46.03 -61.33
C GLY G 109 13.90 47.04 -60.43
N ASP G 110 13.27 47.33 -59.30
CA ASP G 110 13.82 48.28 -58.34
C ASP G 110 15.30 47.99 -58.07
N LYS G 111 15.67 46.72 -58.13
CA LYS G 111 17.03 46.32 -57.85
C LYS G 111 18.01 46.90 -58.88
N ILE G 112 17.46 47.58 -59.88
CA ILE G 112 18.31 48.30 -60.81
C ILE G 112 18.49 49.73 -60.32
N ARG G 113 17.45 50.26 -59.67
CA ARG G 113 17.57 51.56 -59.00
C ARG G 113 18.70 51.49 -57.99
N SER G 114 18.85 50.33 -57.35
CA SER G 114 19.92 50.14 -56.37
C SER G 114 21.31 50.04 -57.03
N ILE G 115 21.47 49.09 -57.94
CA ILE G 115 22.77 48.84 -58.56
C ILE G 115 23.01 49.77 -59.76
N LEU G 116 22.22 50.84 -59.84
CA LEU G 116 22.39 51.84 -60.89
C LEU G 116 21.72 53.17 -60.54
N HIS G 117 22.26 53.85 -59.54
CA HIS G 117 21.76 55.17 -59.11
C HIS G 117 22.89 55.99 -58.51
N ARG G 118 23.90 55.32 -57.99
CA ARG G 118 25.10 55.99 -57.50
C ARG G 118 26.08 56.22 -58.64
N THR G 119 25.82 55.59 -59.79
CA THR G 119 26.74 55.63 -60.92
C THR G 119 26.11 56.16 -62.21
N HIS G 120 24.78 56.02 -62.35
CA HIS G 120 24.06 56.58 -63.48
C HIS G 120 22.74 57.17 -63.00
N SER G 121 22.83 58.23 -62.20
CA SER G 121 21.65 58.79 -61.51
C SER G 121 20.86 59.79 -62.34
N ASP G 122 21.40 60.17 -63.50
CA ASP G 122 20.79 61.22 -64.31
C ASP G 122 19.82 60.73 -65.38
N GLN G 123 20.33 59.91 -66.31
CA GLN G 123 19.55 59.44 -67.45
C GLN G 123 18.25 58.74 -67.06
N PHE G 124 18.00 58.62 -65.76
CA PHE G 124 16.77 57.99 -65.27
C PHE G 124 15.55 58.40 -66.08
N LEU G 125 14.64 57.45 -66.30
CA LEU G 125 13.42 57.71 -67.05
C LEU G 125 12.18 57.18 -66.33
N VAL G 126 12.07 55.85 -66.22
CA VAL G 126 10.95 55.22 -65.51
C VAL G 126 11.30 53.82 -64.96
N THR G 127 11.29 53.69 -63.64
CA THR G 127 11.58 52.41 -62.99
C THR G 127 10.29 51.80 -62.45
N PHE G 128 10.35 50.51 -62.11
CA PHE G 128 9.16 49.80 -61.64
C PHE G 128 9.43 49.03 -60.36
N LYS G 129 8.36 48.51 -59.75
CA LYS G 129 8.45 47.83 -58.47
C LYS G 129 7.46 46.66 -58.42
N GLU G 130 7.52 45.88 -57.35
CA GLU G 130 6.67 44.69 -57.19
C GLU G 130 6.87 43.69 -58.32
N VAL G 131 8.06 43.70 -58.90
CA VAL G 131 8.42 42.74 -59.92
C VAL G 131 8.99 41.50 -59.24
N GLY G 132 8.41 40.34 -59.50
CA GLY G 132 8.96 39.10 -59.01
C GLY G 132 8.19 38.49 -57.84
N ARG G 133 7.63 39.35 -57.00
CA ARG G 133 6.82 38.88 -55.89
C ARG G 133 5.75 37.94 -56.43
N ARG G 134 4.87 38.50 -57.25
CA ARG G 134 3.86 37.70 -57.94
C ARG G 134 4.24 37.47 -59.41
N PRO G 135 4.05 36.23 -59.89
CA PRO G 135 4.42 35.78 -61.23
C PRO G 135 3.88 36.69 -62.33
N PRO G 136 4.75 37.43 -63.05
CA PRO G 136 4.25 38.40 -64.01
C PRO G 136 3.45 37.71 -65.10
N THR G 137 2.29 38.25 -65.45
CA THR G 137 1.57 37.81 -66.64
C THR G 137 1.21 39.02 -67.50
N PHE G 138 0.72 38.74 -68.70
CA PHE G 138 0.70 39.72 -69.78
C PHE G 138 0.49 41.17 -69.33
N GLY G 139 -0.61 41.43 -68.62
CA GLY G 139 -0.93 42.76 -68.18
C GLY G 139 0.33 43.43 -67.69
N ASP G 140 1.06 42.73 -66.84
CA ASP G 140 2.32 43.23 -66.29
C ASP G 140 3.16 43.86 -67.39
N ALA G 141 3.27 43.14 -68.51
CA ALA G 141 4.10 43.59 -69.62
C ALA G 141 3.52 44.84 -70.23
N SER G 142 2.32 44.71 -70.79
CA SER G 142 1.66 45.81 -71.46
C SER G 142 1.77 47.09 -70.64
N VAL G 143 1.48 47.00 -69.35
CA VAL G 143 1.47 48.18 -68.49
C VAL G 143 2.81 48.90 -68.43
N ILE G 144 3.81 48.33 -69.09
CA ILE G 144 5.10 48.99 -69.21
C ILE G 144 5.19 49.62 -70.58
N ALA G 145 4.61 48.94 -71.57
CA ALA G 145 4.56 49.46 -72.92
C ALA G 145 3.56 50.61 -72.97
N LEU G 146 2.43 50.42 -72.29
CA LEU G 146 1.38 51.42 -72.17
C LEU G 146 1.93 52.69 -71.55
N GLU G 147 3.07 52.58 -70.87
CA GLU G 147 3.66 53.70 -70.18
C GLU G 147 4.94 54.18 -70.88
N LEU G 148 5.25 53.59 -72.03
CA LEU G 148 6.36 54.06 -72.85
C LEU G 148 5.83 54.88 -74.03
N LEU G 149 4.51 54.87 -74.19
CA LEU G 149 3.81 55.74 -75.13
C LEU G 149 3.18 56.92 -74.38
N ASN G 150 2.36 56.61 -73.38
CA ASN G 150 1.81 57.64 -72.51
C ASN G 150 2.90 58.65 -72.14
N SER G 151 3.84 58.23 -71.29
CA SER G 151 4.99 59.06 -71.00
C SER G 151 5.80 59.24 -72.29
N GLY G 152 5.32 60.14 -73.14
CA GLY G 152 5.90 60.32 -74.45
C GLY G 152 7.39 60.55 -74.41
N TYR G 153 8.16 59.50 -74.65
CA TYR G 153 9.58 59.67 -74.89
C TYR G 153 9.84 59.53 -76.37
N GLU G 154 10.77 60.33 -76.88
CA GLU G 154 11.11 60.29 -78.30
C GLU G 154 11.81 58.97 -78.63
N PHE G 155 11.04 58.01 -79.15
CA PHE G 155 11.57 56.68 -79.45
C PHE G 155 12.35 56.63 -80.78
N ASP G 156 13.45 55.87 -80.79
CA ASP G 156 14.26 55.69 -82.00
C ASP G 156 14.58 54.21 -82.30
N GLU G 157 15.31 53.57 -81.40
CA GLU G 157 15.59 52.12 -81.51
C GLU G 157 15.72 51.48 -80.12
N GLY G 158 15.64 50.15 -80.08
CA GLY G 158 15.46 49.44 -78.83
C GLY G 158 16.58 48.61 -78.22
N SER G 159 16.74 48.80 -76.91
CA SER G 159 17.68 48.02 -76.11
C SER G 159 16.99 47.45 -74.85
N ILE G 160 16.52 46.20 -74.93
CA ILE G 160 15.94 45.52 -73.75
C ILE G 160 16.53 44.13 -73.53
N ILE G 161 17.22 44.00 -72.41
CA ILE G 161 17.94 42.79 -72.04
C ILE G 161 17.29 42.07 -70.86
N PHE G 162 17.52 40.76 -70.79
CA PHE G 162 16.89 39.90 -69.82
C PHE G 162 17.62 38.57 -69.79
N ASN G 163 17.25 37.68 -68.88
CA ASN G 163 18.00 36.44 -68.73
C ASN G 163 17.26 35.23 -69.24
N ARG G 164 17.57 34.84 -70.47
CA ARG G 164 16.96 33.64 -71.02
C ARG G 164 17.27 32.50 -70.09
N PHE G 165 16.33 31.59 -69.96
CA PHE G 165 16.49 30.46 -69.06
C PHE G 165 16.98 29.25 -69.85
N ARG G 166 18.16 28.72 -69.49
CA ARG G 166 18.62 27.47 -70.07
C ARG G 166 18.30 26.30 -69.13
N SER G 167 18.90 26.32 -67.94
CA SER G 167 18.68 25.27 -66.93
C SER G 167 18.45 25.88 -65.56
N VAL G 168 17.97 25.05 -64.64
CA VAL G 168 17.85 25.46 -63.26
C VAL G 168 19.20 25.94 -62.72
N ILE G 169 20.28 25.32 -63.19
CA ILE G 169 21.60 25.63 -62.70
C ILE G 169 22.33 26.67 -63.55
N SER G 170 21.68 27.08 -64.65
CA SER G 170 22.27 28.05 -65.57
C SER G 170 21.26 28.73 -66.52
N TYR G 171 21.55 29.97 -66.88
CA TYR G 171 20.64 30.68 -67.76
C TYR G 171 21.24 31.29 -69.05
N LYS G 172 21.75 32.53 -68.93
CA LYS G 172 22.39 33.27 -70.04
C LYS G 172 21.68 34.60 -70.27
N THR G 173 22.39 35.70 -70.02
CA THR G 173 21.90 37.02 -70.36
C THR G 173 21.63 37.08 -71.86
N GLU G 174 20.84 38.06 -72.31
CA GLU G 174 20.52 38.22 -73.73
C GLU G 174 20.17 39.67 -74.14
N GLU G 175 20.76 40.12 -75.24
CA GLU G 175 20.39 41.41 -75.81
C GLU G 175 19.47 41.17 -76.99
N LYS G 176 18.27 41.72 -76.90
CA LYS G 176 17.37 41.73 -78.04
C LYS G 176 17.08 43.18 -78.37
N PRO G 177 16.88 43.47 -79.66
CA PRO G 177 16.54 44.81 -80.13
C PRO G 177 15.10 44.87 -80.63
N ILE G 178 14.32 45.83 -80.15
CA ILE G 178 13.01 46.12 -80.73
C ILE G 178 12.98 47.58 -81.17
N PHE G 179 12.45 47.80 -82.36
CA PHE G 179 12.57 49.10 -83.01
C PHE G 179 11.48 50.05 -82.56
N SER G 180 11.87 50.90 -81.60
CA SER G 180 10.95 51.71 -80.82
C SER G 180 10.19 52.76 -81.64
N LEU G 181 10.77 53.19 -82.75
CA LEU G 181 10.10 54.15 -83.64
C LEU G 181 9.63 53.43 -84.90
N ASP G 182 8.33 53.50 -85.18
CA ASP G 182 7.75 52.87 -86.36
C ASP G 182 8.43 53.41 -87.62
N THR G 183 9.01 54.61 -87.49
CA THR G 183 9.80 55.21 -88.56
C THR G 183 10.92 54.25 -88.95
N ILE G 184 11.77 53.94 -87.99
CA ILE G 184 12.87 53.02 -88.21
C ILE G 184 12.33 51.63 -88.54
N SER G 185 11.16 51.32 -88.01
CA SER G 185 10.55 50.00 -88.21
C SER G 185 10.22 49.74 -89.68
N SER G 186 9.46 50.64 -90.29
CA SER G 186 9.16 50.52 -91.71
C SER G 186 10.35 50.96 -92.54
N ALA G 187 11.48 50.32 -92.31
CA ALA G 187 12.70 50.61 -93.06
C ALA G 187 12.56 50.08 -94.48
N GLU G 188 13.69 49.87 -95.14
CA GLU G 188 13.68 49.42 -96.52
C GLU G 188 13.34 47.94 -96.67
N SER G 189 14.22 47.05 -96.21
CA SER G 189 14.04 45.61 -96.41
C SER G 189 12.65 45.13 -96.04
N MET G 190 11.91 45.96 -95.31
CA MET G 190 10.51 45.69 -95.03
C MET G 190 9.61 46.35 -96.07
N SER G 191 9.59 45.75 -97.25
CA SER G 191 8.71 46.18 -98.33
C SER G 191 8.13 44.92 -98.96
N ILE G 192 8.72 43.78 -98.58
CA ILE G 192 8.27 42.48 -99.01
C ILE G 192 6.82 42.28 -98.60
N TYR G 193 6.27 43.26 -97.89
CA TYR G 193 4.94 43.17 -97.29
C TYR G 193 3.97 44.26 -97.79
N ASP G 194 2.68 43.95 -97.74
CA ASP G 194 1.62 44.80 -98.28
C ASP G 194 0.98 45.70 -97.23
N ASP G 195 -0.08 46.39 -97.66
CA ASP G 195 -0.90 47.22 -96.78
C ASP G 195 -0.10 47.87 -95.66
N ILE G 196 1.02 48.50 -96.01
CA ILE G 196 1.90 49.13 -95.04
C ILE G 196 1.30 50.45 -94.53
N ASP G 197 0.05 50.40 -94.10
CA ASP G 197 -0.64 51.58 -93.56
C ASP G 197 0.06 52.04 -92.29
N ALA G 198 0.39 53.32 -92.21
CA ALA G 198 1.05 53.85 -91.01
C ALA G 198 0.17 53.68 -89.77
N ASP G 199 -1.00 53.06 -89.96
CA ASP G 199 -1.95 52.86 -88.87
C ASP G 199 -2.31 51.39 -88.58
N VAL G 200 -1.87 50.47 -89.44
CA VAL G 200 -1.98 49.06 -89.10
C VAL G 200 -0.61 48.57 -88.64
N LEU G 201 0.38 49.45 -88.74
CA LEU G 201 1.70 49.22 -88.17
C LEU G 201 1.83 49.92 -86.81
N ARG G 202 1.24 51.11 -86.73
CA ARG G 202 1.10 51.78 -85.44
C ARG G 202 0.39 50.82 -84.50
N ASN G 203 -0.34 49.87 -85.07
CA ASN G 203 -1.02 48.82 -84.32
C ASN G 203 -0.42 47.44 -84.58
N TYR G 204 0.89 47.32 -84.39
CA TYR G 204 1.57 46.04 -84.53
C TYR G 204 2.99 46.18 -84.05
N GLN G 205 3.58 47.36 -84.27
CA GLN G 205 4.85 47.69 -83.64
C GLN G 205 4.54 48.01 -82.19
N GLU G 206 3.30 48.36 -81.93
CA GLU G 206 2.86 48.64 -80.56
C GLU G 206 2.52 47.35 -79.81
N TYR G 207 1.97 46.36 -80.51
CA TYR G 207 1.57 45.12 -79.87
C TYR G 207 2.70 44.09 -79.89
N SER G 208 3.77 44.40 -80.61
CA SER G 208 4.94 43.55 -80.58
C SER G 208 5.84 43.99 -79.43
N LEU G 209 5.76 45.26 -79.04
CA LEU G 209 6.54 45.76 -77.89
C LEU G 209 6.08 45.11 -76.60
N ALA G 210 4.79 45.26 -76.30
CA ALA G 210 4.21 44.56 -75.18
C ALA G 210 3.96 43.13 -75.61
N ASN G 211 4.92 42.58 -76.34
CA ASN G 211 4.91 41.19 -76.72
C ASN G 211 6.33 40.67 -76.63
N ILE G 212 7.28 41.60 -76.68
CA ILE G 212 8.66 41.28 -76.39
C ILE G 212 8.81 41.39 -74.87
N ILE G 213 8.56 42.58 -74.34
CA ILE G 213 8.56 42.86 -72.92
C ILE G 213 7.92 41.71 -72.15
N TYR G 214 6.77 41.24 -72.61
CA TYR G 214 6.13 40.10 -71.97
C TYR G 214 6.98 38.84 -72.06
N TYR G 215 7.59 38.59 -73.22
CA TYR G 215 8.47 37.43 -73.33
C TYR G 215 9.71 37.59 -72.47
N SER G 216 10.26 38.80 -72.43
CA SER G 216 11.43 39.05 -71.59
C SER G 216 11.14 38.77 -70.12
N LEU G 217 10.02 39.29 -69.61
CA LEU G 217 9.65 39.01 -68.23
C LEU G 217 9.51 37.53 -67.96
N LYS G 218 8.60 36.86 -68.64
CA LYS G 218 8.36 35.45 -68.35
C LYS G 218 9.57 34.51 -68.49
N GLU G 219 10.69 35.03 -68.99
CA GLU G 219 11.98 34.33 -68.89
C GLU G 219 12.65 34.78 -67.60
N SER G 220 13.05 36.05 -67.57
CA SER G 220 13.72 36.64 -66.40
C SER G 220 13.31 36.09 -65.02
N THR G 221 12.02 35.90 -64.78
CA THR G 221 11.62 35.40 -63.46
C THR G 221 11.41 33.89 -63.43
N THR G 222 11.93 33.16 -64.43
CA THR G 222 12.11 31.72 -64.31
C THR G 222 13.59 31.54 -64.04
N SER G 223 14.38 32.35 -64.75
CA SER G 223 15.82 32.37 -64.61
C SER G 223 16.24 33.09 -63.35
N GLU G 224 15.29 33.56 -62.57
CA GLU G 224 15.61 34.21 -61.31
C GLU G 224 15.15 33.30 -60.18
N GLN G 225 13.98 32.70 -60.35
CA GLN G 225 13.51 31.75 -59.37
C GLN G 225 14.51 30.62 -59.33
N SER G 226 14.68 29.92 -60.45
CA SER G 226 15.67 28.86 -60.59
C SER G 226 17.03 29.31 -60.04
N ALA G 227 17.37 30.57 -60.28
CA ALA G 227 18.68 31.08 -59.90
C ALA G 227 18.90 31.08 -58.39
N ARG G 228 17.92 31.60 -57.65
CA ARG G 228 18.03 31.75 -56.19
C ARG G 228 17.67 30.47 -55.46
N MET G 229 16.86 29.62 -56.08
CA MET G 229 16.65 28.28 -55.55
C MET G 229 18.01 27.64 -55.40
N THR G 230 18.89 27.94 -56.36
CA THR G 230 20.23 27.38 -56.33
C THR G 230 21.17 28.12 -55.35
N ALA G 231 21.25 29.44 -55.42
CA ALA G 231 22.08 30.20 -54.49
C ALA G 231 21.75 29.86 -53.05
N MET G 232 20.47 29.58 -52.80
CA MET G 232 20.06 29.22 -51.45
C MET G 232 20.53 27.84 -51.12
N ASP G 233 20.18 26.86 -51.94
CA ASP G 233 20.73 25.53 -51.75
C ASP G 233 22.20 25.62 -51.33
N ASN G 234 23.01 26.35 -52.11
CA ASN G 234 24.43 26.56 -51.79
C ASN G 234 24.68 27.21 -50.45
N ALA G 235 24.21 28.44 -50.30
CA ALA G 235 24.33 29.14 -49.05
C ALA G 235 24.11 28.20 -47.87
N SER G 236 23.10 27.33 -47.95
CA SER G 236 22.83 26.51 -46.79
C SER G 236 23.84 25.36 -46.67
N LYS G 237 24.35 24.85 -47.78
CA LYS G 237 25.39 23.83 -47.72
C LYS G 237 26.63 24.40 -47.05
N ASN G 238 27.08 25.57 -47.54
CA ASN G 238 28.14 26.31 -46.87
C ASN G 238 27.86 26.48 -45.41
N ALA G 239 26.66 26.94 -45.11
CA ALA G 239 26.29 27.14 -43.72
C ALA G 239 26.55 25.84 -42.97
N SER G 240 26.06 24.75 -43.55
CA SER G 240 26.13 23.46 -42.90
C SER G 240 27.56 22.97 -42.71
N GLU G 241 28.49 23.51 -43.48
CA GLU G 241 29.85 23.05 -43.28
C GLU G 241 30.48 23.88 -42.18
N MET G 242 30.39 25.20 -42.30
CA MET G 242 30.79 26.05 -41.21
C MET G 242 30.36 25.36 -39.91
N ILE G 243 29.09 24.96 -39.83
CA ILE G 243 28.53 24.35 -38.62
C ILE G 243 29.36 23.20 -38.11
N ASP G 244 29.66 22.26 -39.01
CA ASP G 244 30.43 21.08 -38.66
C ASP G 244 31.84 21.43 -38.26
N LYS G 245 32.47 22.28 -39.07
CA LYS G 245 33.83 22.72 -38.80
C LYS G 245 33.91 23.47 -37.47
N LEU G 246 32.86 24.21 -37.15
CA LEU G 246 32.81 25.02 -35.94
C LEU G 246 32.50 24.15 -34.72
N THR G 247 31.52 23.29 -34.88
CA THR G 247 31.23 22.29 -33.86
C THR G 247 32.52 21.55 -33.50
N LEU G 248 33.44 21.54 -34.44
CA LEU G 248 34.61 20.73 -34.23
C LEU G 248 35.59 21.42 -33.29
N THR G 249 35.81 22.70 -33.54
CA THR G 249 36.70 23.43 -32.69
C THR G 249 35.99 23.58 -31.35
N PHE G 250 34.66 23.60 -31.38
CA PHE G 250 33.98 23.73 -30.12
C PHE G 250 34.45 22.64 -29.18
N ASN G 251 34.36 21.41 -29.65
CA ASN G 251 34.82 20.28 -28.86
C ASN G 251 36.29 20.34 -28.54
N ARG G 252 37.13 20.71 -29.49
CA ARG G 252 38.51 20.84 -29.08
C ARG G 252 38.59 21.83 -27.88
N THR G 253 38.07 23.03 -28.06
CA THR G 253 38.05 23.99 -26.98
C THR G 253 37.47 23.40 -25.70
N ARG G 254 36.41 22.65 -25.85
CA ARG G 254 35.75 21.96 -24.75
C ARG G 254 36.69 21.09 -23.91
N GLN G 255 37.32 20.12 -24.56
CA GLN G 255 38.24 19.20 -23.89
C GLN G 255 39.37 19.99 -23.23
N ALA G 256 39.85 20.97 -23.97
CA ALA G 256 40.99 21.75 -23.54
C ALA G 256 40.70 22.37 -22.20
N VAL G 257 39.53 22.93 -22.12
CA VAL G 257 39.15 23.67 -20.97
C VAL G 257 39.02 22.75 -19.79
N ILE G 258 38.40 21.59 -20.01
CA ILE G 258 38.23 20.62 -18.94
C ILE G 258 39.57 20.34 -18.29
N THR G 259 40.57 20.06 -19.14
CA THR G 259 41.91 19.71 -18.71
C THR G 259 42.64 20.87 -18.03
N LYS G 260 42.75 21.99 -18.74
CA LYS G 260 43.38 23.18 -18.17
C LYS G 260 42.91 23.48 -16.74
N GLU G 261 41.65 23.21 -16.44
CA GLU G 261 41.12 23.43 -15.12
C GLU G 261 41.56 22.32 -14.18
N LEU G 262 41.65 21.11 -14.70
CA LEU G 262 41.98 19.98 -13.86
C LEU G 262 43.47 20.06 -13.58
N ILE G 263 44.21 20.58 -14.53
CA ILE G 263 45.67 20.68 -14.34
C ILE G 263 45.97 21.74 -13.26
N GLU G 264 45.16 22.82 -13.20
CA GLU G 264 45.32 23.90 -12.20
C GLU G 264 44.98 23.39 -10.79
N ILE G 265 43.95 22.57 -10.68
CA ILE G 265 43.60 21.95 -9.41
C ILE G 265 44.75 21.07 -8.95
N ILE G 266 45.00 19.99 -9.68
CA ILE G 266 46.05 19.03 -9.35
C ILE G 266 47.32 19.71 -8.90
N SER G 267 47.66 20.77 -9.64
CA SER G 267 48.91 21.50 -9.46
C SER G 267 48.99 22.16 -8.08
N GLY G 268 48.03 23.02 -7.78
CA GLY G 268 47.98 23.66 -6.50
C GLY G 268 47.74 22.69 -5.36
N ALA G 269 47.46 21.44 -5.67
CA ALA G 269 47.06 20.51 -4.62
C ALA G 269 48.27 19.73 -4.27
N ALA G 270 49.18 19.65 -5.23
CA ALA G 270 50.44 18.99 -5.02
C ALA G 270 51.31 19.88 -4.15
N ALA G 271 51.11 21.19 -4.27
CA ALA G 271 51.96 22.20 -3.65
C ALA G 271 51.67 22.44 -2.17
N LEU G 272 51.10 21.46 -1.48
CA LEU G 272 50.77 21.61 -0.05
C LEU G 272 51.63 20.73 0.84
N GLN H 15 -0.70 25.42 -98.11
CA GLN H 15 0.40 24.73 -97.45
C GLN H 15 1.30 25.69 -96.66
N MET H 16 1.30 25.53 -95.34
CA MET H 16 2.12 26.36 -94.45
C MET H 16 2.12 25.85 -93.01
N SER H 17 3.20 26.13 -92.28
CA SER H 17 3.28 25.77 -90.87
C SER H 17 2.60 26.86 -90.05
N PHE H 18 1.56 26.48 -89.33
CA PHE H 18 0.76 27.44 -88.58
C PHE H 18 0.99 27.36 -87.08
N THR H 19 1.20 28.52 -86.46
CA THR H 19 1.43 28.60 -85.03
C THR H 19 0.48 29.61 -84.40
N PHE H 20 -0.33 29.16 -83.46
CA PHE H 20 -1.26 30.06 -82.78
C PHE H 20 -1.45 29.74 -81.30
N ALA H 21 -1.14 30.71 -80.45
CA ALA H 21 -1.26 30.55 -79.01
C ALA H 21 -1.41 31.90 -78.35
N SER H 22 -1.48 31.87 -77.03
CA SER H 22 -1.70 33.06 -76.24
C SER H 22 -0.79 33.01 -75.04
N PRO H 23 -0.57 34.15 -74.37
CA PRO H 23 0.30 34.17 -73.20
C PRO H 23 0.02 32.98 -72.26
N THR H 24 -1.23 32.55 -72.20
CA THR H 24 -1.65 31.50 -71.27
C THR H 24 -1.50 30.08 -71.82
N GLN H 25 -1.76 29.89 -73.11
CA GLN H 25 -1.75 28.54 -73.65
C GLN H 25 -1.46 28.47 -75.14
N VAL H 26 -0.99 27.30 -75.56
CA VAL H 26 -0.61 27.06 -76.94
C VAL H 26 -1.62 26.09 -77.59
N PHE H 27 -2.28 26.55 -78.64
CA PHE H 27 -3.35 25.78 -79.29
C PHE H 27 -2.89 24.94 -80.49
N PHE H 28 -2.15 25.55 -81.41
CA PHE H 28 -1.58 24.81 -82.54
C PHE H 28 -0.14 25.22 -82.85
N ASN H 29 0.81 24.30 -82.64
CA ASN H 29 2.24 24.61 -82.79
C ASN H 29 2.83 24.16 -84.11
N SER H 30 3.33 25.13 -84.88
CA SER H 30 3.93 24.87 -86.18
C SER H 30 3.30 23.67 -86.87
N ALA H 31 2.00 23.74 -87.09
CA ALA H 31 1.24 22.60 -87.63
C ALA H 31 0.83 22.81 -89.09
N ASN H 32 0.70 21.70 -89.81
CA ASN H 32 0.31 21.72 -91.22
C ASN H 32 -1.11 22.25 -91.43
N VAL H 33 -1.22 23.48 -91.93
CA VAL H 33 -2.53 24.08 -92.17
C VAL H 33 -2.65 24.63 -93.58
N ARG H 34 -3.78 24.34 -94.23
CA ARG H 34 -4.02 24.82 -95.59
C ARG H 34 -4.55 26.26 -95.60
N GLN H 35 -5.41 26.60 -94.64
CA GLN H 35 -5.93 27.95 -94.51
C GLN H 35 -6.56 28.17 -93.15
N VAL H 36 -6.62 29.43 -92.74
CA VAL H 36 -7.25 29.80 -91.47
C VAL H 36 -8.09 31.05 -91.63
N ASP H 37 -8.78 31.45 -90.56
CA ASP H 37 -9.78 32.51 -90.67
C ASP H 37 -9.78 33.46 -89.48
N VAL H 38 -9.61 34.75 -89.77
CA VAL H 38 -9.35 35.74 -88.71
C VAL H 38 -10.20 36.99 -88.80
N PRO H 39 -10.62 37.49 -87.64
CA PRO H 39 -11.24 38.81 -87.50
C PRO H 39 -10.19 39.91 -87.58
N THR H 40 -10.24 40.72 -88.63
CA THR H 40 -9.29 41.81 -88.82
C THR H 40 -9.93 43.17 -88.55
N GLN H 41 -9.11 44.20 -88.43
CA GLN H 41 -9.61 45.57 -88.31
C GLN H 41 -10.12 46.06 -89.66
N THR H 42 -10.58 45.11 -90.47
CA THR H 42 -11.23 45.39 -91.75
C THR H 42 -11.96 44.13 -92.21
N GLY H 43 -13.13 43.88 -91.62
CA GLY H 43 -13.94 42.73 -91.96
C GLY H 43 -13.28 41.42 -91.57
N ALA H 44 -13.37 40.42 -92.45
CA ALA H 44 -12.67 39.17 -92.26
C ALA H 44 -11.47 39.12 -93.21
N PHE H 45 -10.65 38.09 -93.11
CA PHE H 45 -9.45 37.99 -93.93
C PHE H 45 -8.86 36.58 -93.92
N GLY H 46 -9.37 35.71 -94.76
CA GLY H 46 -8.84 34.36 -94.88
C GLY H 46 -7.34 34.34 -95.13
N ILE H 47 -6.77 33.15 -95.23
CA ILE H 47 -5.34 32.99 -95.42
C ILE H 47 -5.00 32.05 -96.57
N LEU H 48 -4.63 32.62 -97.72
CA LEU H 48 -4.30 31.84 -98.90
C LEU H 48 -3.16 30.89 -98.59
N ALA H 49 -3.29 29.63 -99.02
CA ALA H 49 -2.28 28.61 -98.81
C ALA H 49 -0.94 29.02 -99.43
N ALA H 50 -0.88 30.26 -99.91
CA ALA H 50 0.33 30.86 -100.42
C ALA H 50 0.01 32.33 -100.65
N HIS H 51 -0.23 33.04 -99.56
CA HIS H 51 -0.77 34.39 -99.65
C HIS H 51 0.31 35.45 -99.79
N VAL H 52 -0.11 36.66 -100.17
CA VAL H 52 0.78 37.79 -100.24
C VAL H 52 1.18 38.23 -98.83
N PRO H 53 2.42 38.71 -98.67
CA PRO H 53 2.91 39.22 -97.38
C PRO H 53 2.13 40.45 -96.90
N THR H 54 1.59 40.41 -95.69
CA THR H 54 0.89 41.56 -95.12
C THR H 54 0.89 41.51 -93.58
N LEU H 55 0.59 42.66 -92.97
CA LEU H 55 0.57 42.77 -91.51
C LEU H 55 -0.62 43.61 -91.02
N GLN H 56 -1.59 42.96 -90.41
CA GLN H 56 -2.77 43.66 -89.89
C GLN H 56 -3.13 43.17 -88.49
N VAL H 57 -3.76 44.05 -87.71
CA VAL H 57 -4.08 43.76 -86.31
C VAL H 57 -5.30 42.86 -86.16
N LEU H 58 -6.02 43.01 -85.06
CA LEU H 58 -7.23 42.22 -84.83
C LEU H 58 -8.38 43.04 -84.22
N ARG H 59 -9.61 42.62 -84.52
CA ARG H 59 -10.82 43.23 -83.96
C ARG H 59 -11.73 42.10 -83.45
N PRO H 60 -12.15 42.19 -82.17
CA PRO H 60 -12.80 41.09 -81.45
C PRO H 60 -13.71 40.23 -82.34
N GLY H 61 -13.53 38.91 -82.29
CA GLY H 61 -14.30 38.02 -83.15
C GLY H 61 -13.83 36.58 -83.14
N LEU H 62 -14.53 35.71 -83.88
CA LEU H 62 -14.25 34.28 -83.88
C LEU H 62 -13.17 33.88 -84.86
N VAL H 63 -12.80 32.60 -84.83
CA VAL H 63 -11.75 32.08 -85.69
C VAL H 63 -11.94 30.59 -85.95
N VAL H 64 -11.62 30.16 -87.16
CA VAL H 64 -11.69 28.74 -87.52
C VAL H 64 -10.51 28.35 -88.40
N VAL H 65 -10.06 27.11 -88.23
CA VAL H 65 -8.91 26.62 -88.98
C VAL H 65 -9.32 25.47 -89.88
N HIS H 66 -8.64 25.36 -91.03
CA HIS H 66 -8.90 24.28 -91.97
C HIS H 66 -7.81 23.20 -91.88
N ALA H 67 -8.18 22.06 -91.32
CA ALA H 67 -7.22 21.05 -90.90
C ALA H 67 -6.42 20.40 -92.03
N GLU H 68 -5.61 19.42 -91.64
CA GLU H 68 -4.87 18.59 -92.58
C GLU H 68 -5.67 17.32 -92.83
N ASP H 69 -6.71 17.12 -92.03
CA ASP H 69 -7.64 16.01 -92.21
C ASP H 69 -9.03 16.51 -92.56
N GLY H 70 -9.18 17.83 -92.56
CA GLY H 70 -10.43 18.46 -92.97
C GLY H 70 -11.31 18.86 -91.80
N THR H 71 -10.77 18.82 -90.60
CA THR H 71 -11.53 19.17 -89.41
C THR H 71 -11.64 20.68 -89.24
N THR H 72 -12.77 21.14 -88.74
CA THR H 72 -12.98 22.56 -88.46
C THR H 72 -13.68 22.76 -87.13
N SER H 73 -12.89 22.97 -86.08
CA SER H 73 -13.41 23.32 -84.77
C SER H 73 -13.22 24.82 -84.57
N LYS H 74 -14.22 25.45 -83.97
CA LYS H 74 -14.23 26.91 -83.84
C LYS H 74 -13.47 27.37 -82.60
N TYR H 75 -12.87 28.55 -82.70
CA TYR H 75 -12.17 29.16 -81.58
C TYR H 75 -12.57 30.63 -81.53
N PHE H 76 -11.94 31.39 -80.65
CA PHE H 76 -12.34 32.78 -80.46
C PHE H 76 -11.19 33.66 -79.99
N VAL H 77 -11.11 34.87 -80.50
CA VAL H 77 -10.04 35.80 -80.15
C VAL H 77 -10.55 37.12 -79.61
N SER H 78 -9.79 37.70 -78.69
CA SER H 78 -10.14 38.98 -78.11
C SER H 78 -9.56 40.11 -78.95
N SER H 79 -8.27 40.01 -79.23
CA SER H 79 -7.56 41.07 -79.92
C SER H 79 -6.06 40.85 -79.82
N GLY H 80 -5.43 40.49 -80.93
CA GLY H 80 -4.02 40.17 -80.92
C GLY H 80 -3.33 40.52 -82.23
N SER H 81 -2.22 39.83 -82.51
CA SER H 81 -1.48 40.06 -83.74
C SER H 81 -1.50 38.85 -84.65
N VAL H 82 -1.76 39.11 -85.93
CA VAL H 82 -1.65 38.08 -86.95
C VAL H 82 -0.53 38.49 -87.89
N THR H 83 0.27 37.52 -88.32
CA THR H 83 1.43 37.82 -89.15
C THR H 83 1.74 36.74 -90.15
N VAL H 84 1.52 37.06 -91.44
CA VAL H 84 1.87 36.18 -92.54
C VAL H 84 3.27 36.50 -93.06
N ASN H 85 4.24 35.65 -92.72
CA ASN H 85 5.61 35.86 -93.16
C ASN H 85 5.84 35.45 -94.61
N ALA H 86 6.84 36.07 -95.24
CA ALA H 86 7.16 35.79 -96.63
C ALA H 86 7.01 34.31 -96.97
N ASP H 87 7.86 33.48 -96.36
CA ASP H 87 7.83 32.04 -96.61
C ASP H 87 6.49 31.42 -96.22
N SER H 88 6.49 30.11 -96.02
CA SER H 88 5.27 29.39 -95.68
C SER H 88 5.11 29.26 -94.17
N SER H 89 4.91 30.39 -93.50
CA SER H 89 4.75 30.38 -92.05
C SER H 89 3.86 31.52 -91.59
N VAL H 90 2.81 31.18 -90.85
CA VAL H 90 1.91 32.20 -90.31
C VAL H 90 1.48 31.86 -88.90
N GLN H 91 1.37 32.89 -88.07
CA GLN H 91 1.01 32.68 -86.67
C GLN H 91 0.03 33.72 -86.15
N LEU H 92 -0.72 33.35 -85.12
CA LEU H 92 -1.66 34.25 -84.49
C LEU H 92 -1.35 34.41 -83.01
N LEU H 93 -1.24 35.66 -82.56
CA LEU H 93 -0.87 35.97 -81.18
C LEU H 93 -2.02 36.64 -80.43
N ALA H 94 -2.79 35.85 -79.70
CA ALA H 94 -3.99 36.35 -79.03
C ALA H 94 -3.72 36.83 -77.60
N GLU H 95 -4.42 37.88 -77.19
CA GLU H 95 -4.42 38.29 -75.80
C GLU H 95 -5.20 37.30 -74.95
N GLU H 96 -6.22 36.67 -75.56
CA GLU H 96 -6.98 35.57 -74.94
C GLU H 96 -7.59 34.67 -76.03
N ALA H 97 -7.96 33.45 -75.69
CA ALA H 97 -8.50 32.51 -76.68
C ALA H 97 -9.34 31.37 -76.09
N VAL H 98 -10.66 31.57 -76.04
CA VAL H 98 -11.59 30.59 -75.47
C VAL H 98 -12.15 29.61 -76.50
N THR H 99 -12.26 28.34 -76.11
CA THR H 99 -12.71 27.28 -77.02
C THR H 99 -13.37 26.11 -76.30
N LEU H 100 -13.96 25.21 -77.09
CA LEU H 100 -14.51 23.94 -76.60
C LEU H 100 -15.80 24.03 -75.75
N ASP H 101 -15.75 24.76 -74.64
CA ASP H 101 -16.90 24.83 -73.74
C ASP H 101 -16.85 26.00 -72.75
N MET H 102 -15.65 26.44 -72.40
CA MET H 102 -15.47 27.43 -71.32
C MET H 102 -16.39 28.65 -71.42
N LEU H 103 -16.73 29.07 -72.63
CA LEU H 103 -17.78 30.06 -72.81
C LEU H 103 -19.10 29.43 -72.34
N ASP H 104 -19.73 30.03 -71.34
CA ASP H 104 -20.95 29.47 -70.73
C ASP H 104 -22.23 30.12 -71.27
N LEU H 105 -22.65 29.68 -72.46
CA LEU H 105 -23.80 30.24 -73.17
C LEU H 105 -23.92 31.76 -73.00
N GLY H 106 -25.12 32.29 -73.19
CA GLY H 106 -25.32 33.72 -73.14
C GLY H 106 -25.04 34.39 -71.80
N ALA H 107 -24.30 33.72 -70.93
CA ALA H 107 -24.03 34.23 -69.59
C ALA H 107 -23.46 35.65 -69.61
N ALA H 108 -22.85 36.03 -70.72
CA ALA H 108 -22.21 37.34 -70.82
C ALA H 108 -22.93 38.26 -71.79
N LYS H 109 -23.98 37.75 -72.42
CA LYS H 109 -24.81 38.59 -73.26
C LYS H 109 -25.44 39.65 -72.38
N ALA H 110 -25.23 39.51 -71.07
CA ALA H 110 -25.70 40.49 -70.10
C ALA H 110 -24.67 41.60 -69.94
N ASN H 111 -23.40 41.23 -69.99
CA ASN H 111 -22.30 42.20 -69.98
C ASN H 111 -22.42 43.11 -71.17
N LEU H 112 -23.25 42.68 -72.12
CA LEU H 112 -23.55 43.45 -73.30
C LEU H 112 -24.38 44.67 -72.88
N GLU H 113 -25.15 44.52 -71.82
CA GLU H 113 -25.98 45.61 -71.31
C GLU H 113 -25.18 46.60 -70.46
N LYS H 114 -24.50 46.11 -69.43
CA LYS H 114 -23.68 46.96 -68.57
C LYS H 114 -22.55 47.58 -69.38
N ALA H 115 -22.77 47.70 -70.68
CA ALA H 115 -21.81 48.31 -71.57
C ALA H 115 -22.50 49.39 -72.39
N GLN H 116 -23.56 49.01 -73.10
CA GLN H 116 -24.35 49.96 -73.85
C GLN H 116 -24.86 51.01 -72.89
N SER H 117 -25.39 50.55 -71.77
CA SER H 117 -25.91 51.42 -70.73
C SER H 117 -24.86 52.46 -70.34
N GLU H 118 -23.64 52.00 -70.13
CA GLU H 118 -22.57 52.87 -69.67
C GLU H 118 -22.23 53.97 -70.69
N LEU H 119 -22.30 53.64 -71.97
CA LEU H 119 -22.06 54.60 -73.04
C LEU H 119 -22.65 55.97 -72.67
N LEU H 120 -23.85 55.94 -72.12
CA LEU H 120 -24.57 57.14 -71.74
C LEU H 120 -23.96 57.76 -70.49
N GLY H 121 -23.81 56.95 -69.45
CA GLY H 121 -23.36 57.43 -68.16
C GLY H 121 -21.96 58.04 -68.11
N ALA H 122 -21.48 58.50 -69.25
CA ALA H 122 -20.18 59.18 -69.31
C ALA H 122 -20.19 60.26 -70.38
N ALA H 123 -20.43 61.50 -69.96
CA ALA H 123 -20.42 62.63 -70.87
C ALA H 123 -18.97 63.03 -71.21
N ASP H 124 -18.04 62.13 -70.89
CA ASP H 124 -16.62 62.34 -71.16
C ASP H 124 -16.23 61.85 -72.56
N GLU H 125 -14.93 61.69 -72.77
CA GLU H 125 -14.39 61.19 -74.04
C GLU H 125 -13.34 60.12 -73.77
N ALA H 126 -12.55 60.37 -72.73
CA ALA H 126 -11.63 59.36 -72.23
C ALA H 126 -12.45 58.13 -71.84
N THR H 127 -13.11 58.20 -70.69
CA THR H 127 -13.99 57.12 -70.23
C THR H 127 -15.24 57.06 -71.11
N ARG H 128 -15.05 57.17 -72.42
CA ARG H 128 -16.11 57.03 -73.39
C ARG H 128 -15.64 56.21 -74.59
N ALA H 129 -14.62 56.70 -75.27
CA ALA H 129 -14.02 55.96 -76.36
C ALA H 129 -13.80 54.52 -75.90
N GLU H 130 -13.23 54.39 -74.72
CA GLU H 130 -12.98 53.07 -74.11
C GLU H 130 -14.26 52.24 -74.09
N ILE H 131 -15.34 52.83 -73.63
CA ILE H 131 -16.58 52.10 -73.42
C ILE H 131 -17.08 51.47 -74.72
N GLN H 132 -17.31 52.30 -75.74
CA GLN H 132 -17.86 51.83 -77.00
C GLN H 132 -17.16 50.57 -77.49
N ILE H 133 -15.85 50.52 -77.29
CA ILE H 133 -15.08 49.35 -77.69
C ILE H 133 -15.71 48.11 -77.07
N ARG H 134 -15.92 48.19 -75.76
CA ARG H 134 -16.50 47.08 -75.02
C ARG H 134 -17.85 46.69 -75.59
N ILE H 135 -18.51 47.66 -76.22
CA ILE H 135 -19.79 47.39 -76.88
C ILE H 135 -19.60 46.42 -78.03
N GLU H 136 -18.86 46.84 -79.06
CA GLU H 136 -18.65 45.98 -80.20
C GLU H 136 -17.94 44.71 -79.77
N ALA H 137 -17.06 44.86 -78.80
CA ALA H 137 -16.39 43.72 -78.21
C ALA H 137 -17.46 42.73 -77.74
N ASN H 138 -18.00 42.98 -76.56
CA ASN H 138 -19.07 42.15 -76.02
C ASN H 138 -20.09 41.75 -77.09
N GLU H 139 -20.58 42.72 -77.84
CA GLU H 139 -21.60 42.46 -78.86
C GLU H 139 -21.18 41.35 -79.81
N ALA H 140 -20.04 41.54 -80.45
CA ALA H 140 -19.52 40.53 -81.37
C ALA H 140 -19.57 39.16 -80.73
N LEU H 141 -19.37 39.09 -79.43
CA LEU H 141 -19.36 37.83 -78.69
C LEU H 141 -20.66 37.04 -78.88
N VAL H 142 -21.80 37.73 -78.91
CA VAL H 142 -23.10 37.06 -79.05
C VAL H 142 -23.11 36.13 -80.26
N LYS H 143 -22.13 36.33 -81.14
CA LYS H 143 -21.96 35.48 -82.31
C LYS H 143 -21.25 34.18 -81.94
N ALA H 144 -21.63 33.62 -80.78
CA ALA H 144 -21.10 32.33 -80.35
C ALA H 144 -22.24 31.32 -80.29
N LEU H 145 -22.78 31.12 -79.09
CA LEU H 145 -23.97 30.30 -78.91
C LEU H 145 -25.14 31.16 -78.43
N VAL I 1 -6.99 57.69 -87.73
CA VAL I 1 -7.73 57.69 -86.47
C VAL I 1 -9.04 56.90 -86.61
N ALA I 2 -9.37 56.13 -85.57
CA ALA I 2 -10.59 55.33 -85.57
C ALA I 2 -11.47 55.60 -84.35
N TYR I 3 -12.37 54.67 -84.03
CA TYR I 3 -13.40 54.91 -83.02
C TYR I 3 -12.95 54.67 -81.58
N TRP I 4 -11.64 54.57 -81.38
CA TRP I 4 -11.10 54.48 -80.03
C TRP I 4 -9.85 55.35 -79.88
N ARG I 5 -9.21 55.64 -81.01
CA ARG I 5 -8.11 56.60 -81.03
C ARG I 5 -8.68 57.98 -80.77
N GLN I 6 -8.13 58.97 -81.45
CA GLN I 6 -8.63 60.32 -81.38
C GLN I 6 -8.26 61.01 -80.07
N ALA I 7 -8.64 60.41 -78.96
CA ALA I 7 -8.39 60.99 -77.64
C ALA I 7 -6.93 60.86 -77.21
N GLY I 8 -6.29 59.78 -77.64
CA GLY I 8 -4.92 59.48 -77.23
C GLY I 8 -4.89 58.18 -76.46
N LEU I 9 -5.42 57.13 -77.07
CA LEU I 9 -5.59 55.85 -76.41
C LEU I 9 -4.92 54.74 -77.23
N SER I 10 -3.82 54.19 -76.73
CA SER I 10 -3.01 53.22 -77.46
C SER I 10 -3.73 51.90 -77.70
N TYR I 11 -3.44 51.26 -78.82
CA TYR I 11 -4.03 49.96 -79.15
C TYR I 11 -3.98 49.06 -77.94
N ILE I 12 -2.90 49.17 -77.17
CA ILE I 12 -2.75 48.40 -75.95
C ILE I 12 -4.09 48.37 -75.24
N ARG I 13 -4.50 49.53 -74.73
CA ARG I 13 -5.74 49.64 -73.96
C ARG I 13 -6.90 48.98 -74.70
N TYR I 14 -6.92 49.14 -76.02
CA TYR I 14 -7.94 48.48 -76.84
C TYR I 14 -7.86 46.99 -76.55
N SER I 15 -6.78 46.36 -77.02
CA SER I 15 -6.57 44.95 -76.80
C SER I 15 -6.91 44.56 -75.37
N GLN I 16 -6.60 45.45 -74.44
CA GLN I 16 -6.82 45.17 -73.03
C GLN I 16 -8.30 44.98 -72.72
N ILE I 17 -9.09 46.06 -72.81
CA ILE I 17 -10.48 46.01 -72.40
C ILE I 17 -11.22 44.86 -73.09
N CYS I 18 -10.67 44.40 -74.20
CA CYS I 18 -11.21 43.25 -74.92
C CYS I 18 -11.27 42.06 -73.99
N ALA I 19 -10.10 41.61 -73.58
CA ALA I 19 -10.00 40.51 -72.64
C ALA I 19 -11.02 40.66 -71.52
N LYS I 20 -11.18 41.87 -71.02
CA LYS I 20 -12.05 42.10 -69.87
C LYS I 20 -13.48 41.63 -70.10
N ALA I 21 -13.75 41.17 -71.32
CA ALA I 21 -15.08 40.66 -71.64
C ALA I 21 -15.05 39.15 -71.88
N VAL I 22 -13.96 38.67 -72.48
CA VAL I 22 -13.81 37.25 -72.74
C VAL I 22 -13.71 36.50 -71.41
N ARG I 23 -13.03 37.12 -70.44
CA ARG I 23 -12.88 36.53 -69.12
C ARG I 23 -14.20 36.60 -68.37
N ASP I 24 -14.96 37.65 -68.63
CA ASP I 24 -16.27 37.80 -68.01
C ASP I 24 -17.22 36.77 -68.61
N ALA I 25 -16.88 36.31 -69.80
CA ALA I 25 -17.69 35.31 -70.51
C ALA I 25 -17.21 33.89 -70.26
N LEU I 26 -17.22 33.46 -68.99
CA LEU I 26 -16.83 32.11 -68.63
C LEU I 26 -17.61 31.61 -67.42
N LYS I 27 -17.35 30.38 -67.00
CA LYS I 27 -18.05 29.81 -65.84
C LYS I 27 -17.10 29.32 -64.75
N THR I 28 -17.53 28.32 -64.00
CA THR I 28 -16.75 27.82 -62.88
C THR I 28 -15.89 26.60 -63.25
N GLU I 29 -16.28 25.87 -64.29
CA GLU I 29 -15.52 24.69 -64.73
C GLU I 29 -14.25 25.10 -65.46
N PHE I 30 -14.29 26.25 -66.11
CA PHE I 30 -13.14 26.81 -66.79
C PHE I 30 -13.03 28.29 -66.48
N LYS I 31 -12.10 28.62 -65.58
CA LYS I 31 -11.92 30.00 -65.11
C LYS I 31 -10.72 30.06 -64.14
N ALA I 32 -10.31 28.88 -63.65
CA ALA I 32 -9.23 28.77 -62.67
C ALA I 32 -7.87 29.22 -63.20
N ASN I 33 -7.84 29.62 -64.47
CA ASN I 33 -6.62 30.07 -65.10
C ASN I 33 -6.71 31.52 -65.58
N ALA I 34 -7.92 32.06 -65.61
CA ALA I 34 -8.15 33.42 -66.11
C ALA I 34 -8.16 34.42 -64.98
N MET I 35 -8.42 33.94 -63.78
CA MET I 35 -8.31 34.78 -62.61
C MET I 35 -6.83 34.84 -62.28
N LYS I 36 -6.19 33.68 -62.19
CA LYS I 36 -4.76 33.59 -61.90
C LYS I 36 -3.96 34.49 -62.83
N THR I 37 -4.18 34.34 -64.14
CA THR I 37 -3.56 35.20 -65.14
C THR I 37 -4.16 36.59 -65.07
N SER I 38 -3.56 37.54 -65.78
CA SER I 38 -4.03 38.93 -65.80
C SER I 38 -3.75 39.64 -64.50
N GLY I 39 -3.43 40.93 -64.59
CA GLY I 39 -3.15 41.70 -63.40
C GLY I 39 -2.03 42.68 -63.65
N SER I 40 -2.03 43.77 -62.90
CA SER I 40 -1.04 44.82 -63.05
C SER I 40 -0.13 44.87 -61.85
N THR I 41 0.46 43.72 -61.52
CA THR I 41 1.26 43.57 -60.32
C THR I 41 2.51 44.47 -60.32
N ILE I 42 2.54 45.45 -61.20
CA ILE I 42 3.65 46.39 -61.23
C ILE I 42 3.29 47.67 -60.48
N LYS I 43 4.30 48.46 -60.12
CA LYS I 43 4.08 49.75 -59.50
C LYS I 43 4.60 50.82 -60.44
N ILE I 44 4.44 52.08 -60.06
CA ILE I 44 4.80 53.20 -60.92
C ILE I 44 5.72 54.17 -60.18
N VAL I 45 6.99 53.79 -60.01
CA VAL I 45 7.90 54.58 -59.20
C VAL I 45 8.49 55.79 -59.93
N LYS I 46 7.99 56.96 -59.56
CA LYS I 46 8.53 58.24 -60.00
C LYS I 46 8.77 59.03 -58.72
N VAL I 47 8.45 58.38 -57.60
CA VAL I 47 8.58 58.93 -56.25
C VAL I 47 9.69 59.97 -56.14
N ASP J 24 -37.53 11.21 -15.47
CA ASP J 24 -36.30 10.47 -15.16
C ASP J 24 -36.50 9.55 -13.98
N LEU J 25 -36.90 8.29 -14.24
CA LEU J 25 -36.84 7.28 -13.18
C LEU J 25 -35.40 6.78 -13.01
N GLU J 26 -34.79 7.17 -11.88
CA GLU J 26 -33.36 7.02 -11.65
C GLU J 26 -32.96 7.86 -10.44
N GLU J 27 -33.87 8.70 -9.97
CA GLU J 27 -33.66 9.52 -8.79
C GLU J 27 -35.05 9.84 -8.32
N THR J 28 -36.02 9.47 -9.14
CA THR J 28 -37.40 9.40 -8.68
C THR J 28 -37.83 7.99 -8.92
N GLY J 29 -38.96 7.65 -8.32
CA GLY J 29 -39.59 6.38 -8.56
C GLY J 29 -41.01 6.61 -8.12
N ARG J 30 -41.88 5.65 -8.39
CA ARG J 30 -43.23 5.78 -7.87
C ARG J 30 -43.70 4.52 -7.18
N VAL J 31 -44.54 4.76 -6.17
CA VAL J 31 -45.04 3.74 -5.26
C VAL J 31 -45.88 2.65 -5.94
N LEU J 32 -45.30 1.46 -6.11
CA LEU J 32 -46.06 0.38 -6.71
C LEU J 32 -47.12 -0.14 -5.76
N SER J 33 -46.87 0.01 -4.47
CA SER J 33 -47.75 -0.53 -3.43
C SER J 33 -47.28 -0.11 -2.06
N ILE J 34 -48.20 -0.16 -1.10
CA ILE J 34 -47.90 0.30 0.25
C ILE J 34 -48.87 -0.19 1.30
N GLY J 35 -48.28 -0.82 2.33
CA GLY J 35 -48.97 -1.28 3.51
C GLY J 35 -48.03 -1.67 4.65
N ASP J 36 -48.58 -1.65 5.88
CA ASP J 36 -47.83 -2.08 7.07
C ASP J 36 -46.44 -1.45 7.11
N GLY J 37 -46.34 -0.22 6.66
CA GLY J 37 -45.07 0.49 6.76
C GLY J 37 -44.06 0.09 5.72
N ILE J 38 -44.46 -0.78 4.79
CA ILE J 38 -43.59 -1.02 3.64
C ILE J 38 -44.09 -0.40 2.34
N ALA J 39 -43.16 0.24 1.64
CA ALA J 39 -43.48 0.94 0.40
C ALA J 39 -42.60 0.42 -0.72
N ARG J 40 -43.17 -0.46 -1.55
CA ARG J 40 -42.47 -0.98 -2.71
C ARG J 40 -42.49 0.08 -3.81
N VAL J 41 -41.35 0.29 -4.45
CA VAL J 41 -41.25 1.45 -5.33
C VAL J 41 -40.58 1.14 -6.66
N HIS J 42 -41.19 1.60 -7.75
CA HIS J 42 -40.54 1.49 -9.05
C HIS J 42 -39.53 2.62 -9.31
N GLY J 43 -38.38 2.25 -9.87
CA GLY J 43 -37.41 3.24 -10.26
C GLY J 43 -36.31 3.37 -9.24
N LEU J 44 -36.08 4.59 -8.75
CA LEU J 44 -34.97 4.86 -7.87
C LEU J 44 -33.74 4.10 -8.34
N ARG J 45 -33.68 3.88 -9.65
CA ARG J 45 -32.69 2.97 -10.20
C ARG J 45 -31.25 3.35 -9.87
N ASN J 46 -31.08 4.40 -9.09
CA ASN J 46 -29.76 4.82 -8.68
C ASN J 46 -29.59 4.93 -7.18
N VAL J 47 -30.62 4.56 -6.40
CA VAL J 47 -30.47 4.58 -4.92
C VAL J 47 -29.40 3.63 -4.47
N GLN J 48 -28.75 4.00 -3.38
CA GLN J 48 -27.81 3.13 -2.70
C GLN J 48 -28.54 2.30 -1.64
N ALA J 49 -27.91 1.20 -1.26
CA ALA J 49 -28.41 0.38 -0.20
C ALA J 49 -28.46 1.20 1.07
N GLU J 50 -29.67 1.33 1.62
CA GLU J 50 -29.89 1.98 2.91
C GLU J 50 -30.00 3.51 2.81
N GLU J 51 -30.14 4.02 1.59
CA GLU J 51 -30.26 5.46 1.37
C GLU J 51 -31.57 6.01 1.94
N MET J 52 -31.57 7.29 2.29
CA MET J 52 -32.80 7.91 2.76
C MET J 52 -33.53 8.65 1.65
N VAL J 53 -34.80 8.35 1.49
CA VAL J 53 -35.58 8.96 0.43
C VAL J 53 -36.75 9.80 0.96
N GLU J 54 -37.25 10.70 0.10
CA GLU J 54 -38.37 11.53 0.47
C GLU J 54 -39.60 11.17 -0.34
N PHE J 55 -40.71 11.07 0.39
CA PHE J 55 -41.99 10.80 -0.23
C PHE J 55 -42.67 12.10 -0.67
N SER J 56 -43.46 11.99 -1.75
CA SER J 56 -44.22 13.13 -2.23
C SER J 56 -44.84 13.84 -1.04
N SER J 57 -45.58 13.09 -0.23
CA SER J 57 -46.27 13.66 0.92
C SER J 57 -45.33 14.14 2.04
N GLY J 58 -44.03 14.17 1.76
CA GLY J 58 -43.07 14.75 2.69
C GLY J 58 -42.36 13.78 3.64
N LEU J 59 -42.96 12.61 3.80
CA LEU J 59 -42.45 11.59 4.71
C LEU J 59 -41.06 11.06 4.34
N LYS J 60 -40.39 10.51 5.35
CA LYS J 60 -39.05 9.98 5.16
C LYS J 60 -39.03 8.44 5.08
N GLY J 61 -38.14 7.89 4.26
CA GLY J 61 -38.08 6.45 4.10
C GLY J 61 -36.69 5.88 3.96
N MET J 62 -36.53 4.58 4.20
CA MET J 62 -35.21 3.97 4.07
C MET J 62 -35.20 2.79 3.11
N SER J 63 -34.14 2.70 2.32
CA SER J 63 -34.06 1.69 1.28
C SER J 63 -33.31 0.44 1.73
N LEU J 64 -34.04 -0.51 2.31
CA LEU J 64 -33.42 -1.72 2.85
C LEU J 64 -33.30 -2.90 1.83
N ASN J 65 -34.38 -3.16 1.07
CA ASN J 65 -34.28 -4.08 -0.05
C ASN J 65 -34.11 -3.34 -1.38
N LEU J 66 -32.94 -3.47 -2.00
CA LEU J 66 -32.78 -3.17 -3.41
C LEU J 66 -33.04 -4.47 -4.17
N GLU J 67 -34.29 -4.72 -4.52
CA GLU J 67 -34.64 -5.89 -5.33
C GLU J 67 -34.39 -5.59 -6.82
N PRO J 68 -34.53 -6.59 -7.70
CA PRO J 68 -34.08 -6.32 -9.07
C PRO J 68 -35.04 -5.40 -9.79
N ASP J 69 -36.34 -5.52 -9.48
CA ASP J 69 -37.38 -4.87 -10.24
C ASP J 69 -38.13 -3.82 -9.43
N ASN J 70 -37.56 -3.45 -8.28
CA ASN J 70 -38.19 -2.47 -7.40
C ASN J 70 -37.36 -2.25 -6.15
N VAL J 71 -37.47 -1.05 -5.58
CA VAL J 71 -36.92 -0.82 -4.25
C VAL J 71 -37.98 -0.93 -3.15
N GLY J 72 -37.66 -1.76 -2.16
CA GLY J 72 -38.50 -1.95 -0.99
C GLY J 72 -38.10 -0.94 0.07
N VAL J 73 -39.03 -0.06 0.41
CA VAL J 73 -38.74 1.03 1.33
C VAL J 73 -39.60 1.01 2.59
N VAL J 74 -38.94 1.22 3.72
CA VAL J 74 -39.61 1.24 5.01
C VAL J 74 -39.87 2.69 5.46
N VAL J 75 -41.10 2.92 5.91
CA VAL J 75 -41.65 4.26 6.10
C VAL J 75 -41.45 4.87 7.51
N PHE J 76 -40.64 5.92 7.60
CA PHE J 76 -40.51 6.65 8.87
C PHE J 76 -41.73 7.54 9.17
N GLY J 77 -42.85 6.94 9.56
CA GLY J 77 -44.03 7.70 9.90
C GLY J 77 -45.31 7.02 9.47
N ASN J 78 -46.47 7.54 9.92
CA ASN J 78 -47.77 6.98 9.54
C ASN J 78 -47.93 7.01 8.02
N ASP J 79 -48.52 5.97 7.44
CA ASP J 79 -48.52 5.84 5.98
C ASP J 79 -49.85 6.10 5.26
N LYS J 80 -50.86 6.55 6.00
CA LYS J 80 -52.08 7.02 5.36
C LYS J 80 -51.68 8.16 4.41
N LEU J 81 -50.53 8.79 4.70
CA LEU J 81 -49.99 9.85 3.86
C LEU J 81 -49.31 9.34 2.61
N ILE J 82 -49.33 8.02 2.42
CA ILE J 82 -48.78 7.48 1.19
C ILE J 82 -49.87 6.71 0.43
N LYS J 83 -49.85 6.83 -0.90
CA LYS J 83 -50.77 6.11 -1.77
C LYS J 83 -50.08 5.60 -3.05
N GLU J 84 -50.65 4.57 -3.67
CA GLU J 84 -50.06 4.06 -4.93
C GLU J 84 -49.88 5.21 -5.90
N GLY J 85 -48.66 5.41 -6.39
CA GLY J 85 -48.40 6.48 -7.33
C GLY J 85 -47.43 7.53 -6.83
N ASP J 86 -47.62 8.02 -5.60
CA ASP J 86 -46.74 9.06 -5.05
C ASP J 86 -45.29 8.94 -5.54
N ILE J 87 -44.70 10.06 -5.90
CA ILE J 87 -43.35 10.03 -6.44
C ILE J 87 -42.33 10.03 -5.31
N VAL J 88 -41.37 9.13 -5.42
CA VAL J 88 -40.32 9.03 -4.41
C VAL J 88 -39.01 9.53 -5.01
N LYS J 89 -38.19 10.19 -4.19
CA LYS J 89 -37.08 10.94 -4.75
C LYS J 89 -35.79 10.82 -3.97
N ARG J 90 -34.73 10.40 -4.64
CA ARG J 90 -33.39 10.43 -4.05
C ARG J 90 -33.17 11.84 -3.57
N THR J 91 -32.75 12.02 -2.32
CA THR J 91 -32.44 13.35 -1.81
C THR J 91 -30.92 13.56 -1.65
N GLY J 92 -30.16 12.54 -2.04
CA GLY J 92 -28.72 12.50 -1.83
C GLY J 92 -28.46 12.45 -0.35
N ALA J 93 -29.42 11.87 0.38
CA ALA J 93 -29.46 11.98 1.83
C ALA J 93 -28.53 11.03 2.59
N ILE J 94 -27.81 11.63 3.53
CA ILE J 94 -26.97 10.93 4.50
C ILE J 94 -27.75 10.80 5.84
N VAL J 95 -27.90 9.58 6.37
CA VAL J 95 -28.55 9.47 7.67
C VAL J 95 -27.56 9.82 8.75
N ASP J 96 -27.64 11.07 9.21
CA ASP J 96 -26.70 11.59 10.21
C ASP J 96 -27.46 12.29 11.33
N VAL J 97 -26.77 12.51 12.45
CA VAL J 97 -27.44 13.16 13.57
C VAL J 97 -26.63 14.29 14.21
N PRO J 98 -27.33 15.21 14.90
CA PRO J 98 -26.72 16.35 15.61
C PRO J 98 -25.76 15.89 16.69
N VAL J 99 -24.59 16.50 16.73
CA VAL J 99 -23.55 16.00 17.60
C VAL J 99 -22.83 17.11 18.36
N GLY J 100 -22.31 16.79 19.55
CA GLY J 100 -21.60 17.78 20.33
C GLY J 100 -22.42 18.31 21.49
N GLU J 101 -21.78 19.13 22.31
CA GLU J 101 -22.30 19.46 23.65
C GLU J 101 -23.68 20.08 23.64
N GLU J 102 -24.07 20.64 22.49
CA GLU J 102 -25.28 21.47 22.44
C GLU J 102 -26.55 20.68 22.71
N LEU J 103 -26.38 19.39 23.02
CA LEU J 103 -27.52 18.48 23.23
C LEU J 103 -27.83 18.25 24.71
N LEU J 104 -26.78 18.30 25.54
CA LEU J 104 -26.94 18.10 26.97
C LEU J 104 -28.15 18.93 27.41
N GLY J 105 -29.05 18.33 28.18
CA GLY J 105 -30.23 19.05 28.64
C GLY J 105 -31.42 18.91 27.70
N ARG J 106 -31.14 18.44 26.48
CA ARG J 106 -32.17 18.29 25.46
C ARG J 106 -32.89 16.94 25.47
N VAL J 107 -34.05 16.89 24.84
CA VAL J 107 -34.73 15.64 24.60
C VAL J 107 -34.98 15.58 23.10
N VAL J 108 -34.13 14.86 22.40
CA VAL J 108 -34.36 14.68 20.97
C VAL J 108 -35.15 13.40 20.66
N ASP J 109 -35.57 13.25 19.41
CA ASP J 109 -36.19 12.01 18.94
C ASP J 109 -35.15 11.21 18.22
N ALA J 110 -35.53 9.99 17.85
CA ALA J 110 -34.65 9.05 17.17
C ALA J 110 -33.69 9.67 16.13
N LEU J 111 -34.10 10.75 15.50
CA LEU J 111 -33.33 11.33 14.40
C LEU J 111 -32.49 12.54 14.79
N GLY J 112 -32.77 13.11 15.96
CA GLY J 112 -32.00 14.24 16.48
C GLY J 112 -32.79 15.50 16.72
N ASN J 113 -34.09 15.45 16.47
CA ASN J 113 -34.95 16.62 16.61
C ASN J 113 -35.39 16.90 18.04
N ALA J 114 -35.18 18.13 18.50
CA ALA J 114 -35.83 18.56 19.72
C ALA J 114 -37.30 18.14 19.71
N ILE J 115 -37.80 17.72 20.86
CA ILE J 115 -39.21 17.41 21.03
C ILE J 115 -39.56 17.81 22.45
N ASP J 116 -38.58 18.42 23.13
CA ASP J 116 -38.78 18.95 24.48
C ASP J 116 -39.53 20.26 24.41
N GLY J 117 -39.74 20.74 23.19
CA GLY J 117 -40.43 21.99 22.95
C GLY J 117 -39.60 23.16 23.41
N LYS J 118 -38.29 23.03 23.25
CA LYS J 118 -37.37 24.07 23.64
C LYS J 118 -36.64 24.58 22.41
N GLY J 119 -37.26 24.35 21.24
CA GLY J 119 -36.74 24.82 19.97
C GLY J 119 -35.32 24.40 19.64
N PRO J 120 -34.77 24.98 18.56
CA PRO J 120 -33.51 24.64 17.90
C PRO J 120 -32.40 24.06 18.77
N ILE J 121 -31.66 23.12 18.18
CA ILE J 121 -30.46 22.60 18.79
C ILE J 121 -29.31 23.19 18.00
N GLY J 122 -28.44 23.91 18.67
CA GLY J 122 -27.34 24.56 17.98
C GLY J 122 -26.27 23.59 17.52
N SER J 123 -26.68 22.59 16.76
CA SER J 123 -25.74 21.53 16.41
C SER J 123 -24.61 22.04 15.53
N LYS J 124 -23.44 22.23 16.11
CA LYS J 124 -22.31 22.69 15.32
C LYS J 124 -21.81 21.59 14.39
N ALA J 125 -22.17 20.34 14.70
CA ALA J 125 -21.61 19.21 13.98
C ALA J 125 -22.62 18.11 13.68
N ARG J 126 -22.37 17.39 12.59
CA ARG J 126 -23.18 16.21 12.27
C ARG J 126 -22.28 14.98 12.21
N ARG J 127 -22.86 13.84 12.58
CA ARG J 127 -22.16 12.56 12.53
C ARG J 127 -23.13 11.51 12.02
N ARG J 128 -22.64 10.60 11.20
CA ARG J 128 -23.51 9.57 10.64
C ARG J 128 -23.80 8.48 11.66
N VAL J 129 -25.09 8.16 11.82
CA VAL J 129 -25.48 7.09 12.75
C VAL J 129 -24.84 5.74 12.39
N GLY J 130 -24.51 5.53 11.12
CA GLY J 130 -23.93 4.28 10.68
C GLY J 130 -22.42 4.29 10.57
N LEU J 131 -21.74 3.86 11.62
CA LEU J 131 -20.28 3.88 11.62
C LEU J 131 -19.64 2.62 12.17
N LYS J 132 -18.53 2.19 11.56
CA LYS J 132 -17.76 1.09 12.14
C LYS J 132 -17.26 1.50 13.53
N ALA J 133 -17.00 0.50 14.36
CA ALA J 133 -16.40 0.78 15.65
C ALA J 133 -14.89 0.76 15.54
N PRO J 134 -14.22 1.41 16.48
CA PRO J 134 -12.77 1.39 16.56
C PRO J 134 -12.27 -0.03 16.56
N GLY J 135 -11.32 -0.33 15.69
CA GLY J 135 -10.80 -1.68 15.63
C GLY J 135 -9.94 -2.08 16.82
N ILE J 136 -9.10 -3.08 16.56
CA ILE J 136 -8.20 -3.60 17.58
C ILE J 136 -7.21 -2.60 18.14
N ILE J 137 -6.53 -1.86 17.26
CA ILE J 137 -5.36 -1.08 17.67
C ILE J 137 -5.60 0.31 18.31
N PRO J 138 -6.63 1.05 17.84
CA PRO J 138 -7.04 2.32 18.46
C PRO J 138 -7.31 2.23 19.94
N ARG J 139 -7.15 1.04 20.54
CA ARG J 139 -7.68 0.80 21.91
C ARG J 139 -6.63 0.52 22.95
N ILE J 140 -6.99 0.83 24.19
CA ILE J 140 -6.23 0.33 25.33
C ILE J 140 -7.11 -0.18 26.48
N SER J 141 -6.61 -1.24 27.12
CA SER J 141 -7.31 -2.07 28.11
C SER J 141 -8.09 -1.34 29.19
N VAL J 142 -9.43 -1.45 29.19
CA VAL J 142 -10.27 -0.70 30.11
C VAL J 142 -9.75 -0.75 31.53
N ARG J 143 -9.49 0.42 32.12
CA ARG J 143 -8.91 0.53 33.48
C ARG J 143 -9.50 1.66 34.37
N GLU J 144 -9.96 2.74 33.77
CA GLU J 144 -10.53 3.82 34.57
C GLU J 144 -11.93 3.43 35.06
N PRO J 145 -12.18 3.61 36.35
CA PRO J 145 -13.53 3.35 36.88
C PRO J 145 -14.66 4.17 36.25
N MET J 146 -15.77 3.51 35.96
CA MET J 146 -17.05 4.17 35.67
C MET J 146 -17.96 3.85 36.85
N GLN J 147 -17.90 4.66 37.91
CA GLN J 147 -18.58 4.31 39.17
C GLN J 147 -20.02 4.73 39.23
N THR J 148 -20.91 3.74 39.28
CA THR J 148 -22.36 3.94 39.33
C THR J 148 -22.78 4.51 40.67
N GLY J 149 -21.95 4.27 41.69
CA GLY J 149 -22.27 4.69 43.03
C GLY J 149 -23.38 3.82 43.59
N ILE J 150 -23.38 2.55 43.22
CA ILE J 150 -24.30 1.60 43.81
C ILE J 150 -23.44 0.56 44.48
N LYS J 151 -23.62 0.39 45.78
CA LYS J 151 -22.68 -0.42 46.54
C LYS J 151 -22.52 -1.81 45.95
N ALA J 152 -23.64 -2.47 45.62
CA ALA J 152 -23.62 -3.85 45.13
C ALA J 152 -22.75 -3.96 43.89
N VAL J 153 -22.97 -3.03 42.97
CA VAL J 153 -22.23 -2.97 41.69
C VAL J 153 -20.76 -2.58 41.82
N ASP J 154 -20.47 -1.47 42.48
CA ASP J 154 -19.11 -0.92 42.42
C ASP J 154 -18.12 -1.78 43.21
N SER J 155 -18.64 -2.75 43.96
CA SER J 155 -17.79 -3.64 44.74
C SER J 155 -17.74 -5.04 44.15
N LEU J 156 -18.88 -5.51 43.67
CA LEU J 156 -19.00 -6.91 43.27
C LEU J 156 -19.13 -7.09 41.78
N VAL J 157 -19.38 -6.01 41.07
CA VAL J 157 -19.60 -6.05 39.64
C VAL J 157 -19.11 -4.75 39.02
N PRO J 158 -17.84 -4.42 39.25
CA PRO J 158 -17.14 -3.24 38.78
C PRO J 158 -17.40 -3.00 37.31
N ILE J 159 -17.70 -1.77 36.91
CA ILE J 159 -17.71 -1.43 35.49
C ILE J 159 -16.57 -0.46 35.25
N GLY J 160 -15.81 -0.63 34.17
CA GLY J 160 -14.79 0.34 33.79
C GLY J 160 -15.27 1.20 32.63
N ARG J 161 -14.45 2.13 32.16
CA ARG J 161 -14.86 3.00 31.05
C ARG J 161 -14.40 2.35 29.76
N GLY J 162 -15.30 2.28 28.80
CA GLY J 162 -15.08 1.47 27.61
C GLY J 162 -15.73 0.07 27.67
N GLN J 163 -16.28 -0.27 28.83
CA GLN J 163 -16.87 -1.58 29.04
C GLN J 163 -18.32 -1.60 28.60
N ARG J 164 -18.83 -2.80 28.32
CA ARG J 164 -20.25 -2.96 28.08
C ARG J 164 -20.78 -3.94 29.12
N GLU J 165 -21.45 -3.39 30.12
CA GLU J 165 -22.07 -4.21 31.13
C GLU J 165 -23.56 -4.27 30.86
N LEU J 166 -24.17 -5.42 31.05
CA LEU J 166 -25.56 -5.57 30.66
C LEU J 166 -26.45 -5.60 31.88
N ILE J 167 -27.41 -4.71 31.93
CA ILE J 167 -28.44 -4.79 32.95
C ILE J 167 -29.51 -5.73 32.40
N ILE J 168 -29.69 -6.87 33.05
CA ILE J 168 -30.60 -7.87 32.52
C ILE J 168 -31.43 -8.48 33.63
N GLY J 169 -32.71 -8.67 33.38
CA GLY J 169 -33.61 -9.17 34.40
C GLY J 169 -35.04 -9.21 33.92
N ASP J 170 -35.86 -9.98 34.64
CA ASP J 170 -37.30 -9.95 34.43
C ASP J 170 -37.82 -8.51 34.48
N ARG J 171 -39.06 -8.30 34.07
CA ARG J 171 -39.67 -6.97 34.14
C ARG J 171 -39.81 -6.54 35.59
N GLN J 172 -39.89 -5.23 35.83
CA GLN J 172 -40.20 -4.67 37.15
C GLN J 172 -39.24 -5.18 38.23
N THR J 173 -37.94 -5.00 38.01
CA THR J 173 -36.98 -5.48 38.99
C THR J 173 -35.90 -4.47 39.26
N GLY J 174 -35.92 -3.38 38.53
CA GLY J 174 -35.02 -2.27 38.82
C GLY J 174 -33.90 -2.12 37.82
N LYS J 175 -34.14 -2.63 36.61
CA LYS J 175 -33.15 -2.55 35.55
C LYS J 175 -32.90 -1.10 35.21
N THR J 176 -33.99 -0.36 35.00
CA THR J 176 -33.86 1.04 34.59
C THR J 176 -33.27 1.91 35.69
N SER J 177 -33.73 1.74 36.94
CA SER J 177 -33.13 2.45 38.09
C SER J 177 -31.62 2.30 38.19
N ILE J 178 -31.11 1.09 38.01
CA ILE J 178 -29.68 0.91 37.99
C ILE J 178 -29.07 1.90 37.00
N ALA J 179 -29.75 2.10 35.86
CA ALA J 179 -29.23 3.05 34.88
C ALA J 179 -29.33 4.47 35.44
N ILE J 180 -30.54 4.86 35.88
CA ILE J 180 -30.80 6.18 36.42
C ILE J 180 -29.76 6.59 37.45
N ASP J 181 -29.80 5.93 38.60
CA ASP J 181 -28.86 6.25 39.65
C ASP J 181 -27.45 6.41 39.11
N THR J 182 -27.07 5.60 38.14
CA THR J 182 -25.75 5.73 37.55
C THR J 182 -25.51 7.09 36.94
N ILE J 183 -26.50 7.56 36.18
CA ILE J 183 -26.43 8.88 35.57
C ILE J 183 -26.31 9.91 36.66
N ILE J 184 -27.32 9.97 37.54
CA ILE J 184 -27.25 10.82 38.74
C ILE J 184 -25.84 10.88 39.36
N ASN J 185 -25.38 9.77 39.93
CA ASN J 185 -24.05 9.72 40.51
C ASN J 185 -23.02 10.45 39.71
N GLN J 186 -23.18 10.49 38.39
CA GLN J 186 -22.15 11.07 37.52
C GLN J 186 -21.83 12.52 37.86
N LYS J 187 -22.86 13.25 38.29
CA LYS J 187 -22.71 14.69 38.61
C LYS J 187 -21.52 15.07 39.53
N ARG J 188 -21.45 14.47 40.72
CA ARG J 188 -20.31 14.73 41.61
C ARG J 188 -18.93 14.86 40.92
N PHE J 189 -18.84 14.38 39.69
CA PHE J 189 -17.56 14.41 38.98
C PHE J 189 -17.56 15.57 38.01
N ASN J 190 -18.75 15.79 37.45
CA ASN J 190 -19.03 16.81 36.46
C ASN J 190 -19.06 18.24 37.01
N ASP J 191 -19.40 18.37 38.29
CA ASP J 191 -19.38 19.66 38.97
C ASP J 191 -18.00 19.82 39.61
N GLY J 192 -17.19 18.75 39.57
CA GLY J 192 -15.87 18.77 40.16
C GLY J 192 -14.90 19.49 39.25
N THR J 193 -13.63 19.40 39.60
CA THR J 193 -12.59 20.15 38.91
C THR J 193 -11.66 19.25 38.14
N ASP J 194 -11.94 17.94 38.19
CA ASP J 194 -11.13 16.98 37.45
C ASP J 194 -11.85 16.61 36.16
N GLU J 195 -11.20 16.88 35.02
CA GLU J 195 -11.79 16.61 33.71
C GLU J 195 -11.70 15.12 33.39
N LYS J 196 -10.57 14.54 33.75
CA LYS J 196 -10.32 13.11 33.65
C LYS J 196 -11.48 12.28 34.24
N LYS J 197 -12.24 12.85 35.16
CA LYS J 197 -13.24 12.07 35.86
C LYS J 197 -14.68 12.48 35.56
N LYS J 198 -14.89 13.35 34.59
CA LYS J 198 -16.27 13.69 34.27
C LYS J 198 -16.83 12.60 33.34
N LEU J 199 -18.16 12.48 33.31
CA LEU J 199 -18.81 11.51 32.44
C LEU J 199 -20.14 12.03 31.84
N TYR J 200 -20.21 12.12 30.50
CA TYR J 200 -21.45 12.61 29.84
C TYR J 200 -22.41 11.48 29.52
N CYS J 201 -23.70 11.69 29.80
CA CYS J 201 -24.66 10.59 29.73
C CYS J 201 -25.71 10.65 28.60
N ILE J 202 -25.64 9.72 27.65
CA ILE J 202 -26.79 9.55 26.75
C ILE J 202 -27.68 8.40 27.23
N TYR J 203 -28.96 8.68 27.45
CA TYR J 203 -29.93 7.65 27.84
C TYR J 203 -30.99 7.46 26.79
N VAL J 204 -30.88 6.40 25.98
CA VAL J 204 -31.78 6.13 24.86
C VAL J 204 -33.01 5.30 25.20
N ALA J 205 -34.17 5.94 25.25
CA ALA J 205 -35.43 5.25 25.51
C ALA J 205 -35.99 4.63 24.25
N ILE J 206 -36.05 3.31 24.20
CA ILE J 206 -36.68 2.68 23.08
C ILE J 206 -37.96 2.00 23.47
N GLY J 207 -39.03 2.33 22.77
CA GLY J 207 -40.23 1.55 22.87
C GLY J 207 -41.07 1.80 24.09
N GLN J 208 -40.69 2.75 24.94
CA GLN J 208 -41.49 3.02 26.15
C GLN J 208 -42.54 4.06 25.92
N LYS J 209 -43.50 4.16 26.83
CA LYS J 209 -44.56 5.15 26.68
C LYS J 209 -44.05 6.50 27.09
N ARG J 210 -44.68 7.55 26.58
CA ARG J 210 -44.26 8.92 26.84
C ARG J 210 -44.45 9.34 28.30
N SER J 211 -45.61 9.03 28.85
CA SER J 211 -45.90 9.23 30.27
C SER J 211 -44.77 8.69 31.13
N THR J 212 -43.90 7.88 30.54
CA THR J 212 -42.77 7.31 31.26
C THR J 212 -41.49 8.07 30.98
N VAL J 213 -41.09 8.20 29.72
CA VAL J 213 -39.90 8.96 29.38
C VAL J 213 -39.96 10.35 29.99
N ALA J 214 -41.17 10.91 29.99
CA ALA J 214 -41.44 12.19 30.63
C ALA J 214 -41.05 12.09 32.09
N GLN J 215 -41.89 11.41 32.87
CA GLN J 215 -41.60 11.10 34.27
C GLN J 215 -40.10 10.98 34.55
N LEU J 216 -39.45 10.18 33.71
CA LEU J 216 -38.04 9.90 33.76
C LEU J 216 -37.22 11.19 33.76
N VAL J 217 -37.46 12.03 32.76
CA VAL J 217 -36.67 13.26 32.61
C VAL J 217 -36.95 14.20 33.76
N LYS J 218 -38.18 14.17 34.29
CA LYS J 218 -38.50 15.00 35.44
C LYS J 218 -37.57 14.61 36.58
N ARG J 219 -37.46 13.30 36.80
CA ARG J 219 -36.59 12.78 37.85
C ARG J 219 -35.10 13.13 37.58
N LEU J 220 -34.66 13.03 36.33
CA LEU J 220 -33.27 13.36 36.02
C LEU J 220 -33.02 14.84 36.14
N THR J 221 -34.10 15.61 36.01
CA THR J 221 -34.06 17.06 36.17
C THR J 221 -34.01 17.43 37.65
N ASP J 222 -34.92 16.87 38.46
CA ASP J 222 -34.90 17.12 39.89
C ASP J 222 -33.54 16.81 40.52
N ALA J 223 -32.71 16.03 39.85
CA ALA J 223 -31.46 15.63 40.46
C ALA J 223 -30.42 16.54 39.89
N ASP J 224 -30.89 17.38 38.99
CA ASP J 224 -30.01 18.26 38.23
C ASP J 224 -28.97 17.42 37.51
N ALA J 225 -29.46 16.37 36.86
CA ALA J 225 -28.61 15.47 36.11
C ALA J 225 -28.76 15.78 34.62
N MET J 226 -29.95 16.26 34.24
CA MET J 226 -30.23 16.59 32.85
C MET J 226 -29.17 17.50 32.24
N LYS J 227 -28.54 18.32 33.07
CA LYS J 227 -27.53 19.23 32.57
C LYS J 227 -26.32 18.56 31.85
N TYR J 228 -26.08 17.28 32.12
CA TYR J 228 -24.97 16.57 31.47
C TYR J 228 -25.44 15.27 30.81
N THR J 229 -26.71 15.27 30.41
CA THR J 229 -27.37 14.08 29.91
C THR J 229 -28.11 14.39 28.61
N ILE J 230 -27.91 13.57 27.56
CA ILE J 230 -28.78 13.66 26.40
C ILE J 230 -29.81 12.56 26.50
N VAL J 231 -31.06 12.89 26.20
CA VAL J 231 -32.12 11.89 26.26
C VAL J 231 -32.74 11.66 24.89
N VAL J 232 -32.20 10.68 24.15
CA VAL J 232 -32.75 10.24 22.87
C VAL J 232 -33.95 9.32 23.11
N SER J 233 -35.06 9.55 22.42
CA SER J 233 -36.31 8.88 22.73
C SER J 233 -37.12 8.53 21.50
N ALA J 234 -37.25 7.21 21.24
CA ALA J 234 -38.09 6.71 20.16
C ALA J 234 -39.22 5.90 20.79
N THR J 235 -40.28 6.59 21.15
CA THR J 235 -41.33 5.99 22.00
C THR J 235 -42.25 4.99 21.30
N ALA J 236 -43.09 4.32 22.10
CA ALA J 236 -43.98 3.22 21.65
C ALA J 236 -44.82 3.44 20.38
N SER J 237 -45.23 4.68 20.11
CA SER J 237 -46.08 4.94 18.98
C SER J 237 -45.28 5.56 17.85
N ASP J 238 -43.96 5.71 18.04
CA ASP J 238 -43.10 6.07 16.91
C ASP J 238 -43.12 4.88 15.94
N ALA J 239 -42.74 5.13 14.69
CA ALA J 239 -42.71 4.04 13.72
C ALA J 239 -41.48 3.17 13.92
N ALA J 240 -41.50 1.99 13.31
CA ALA J 240 -40.42 1.05 13.48
C ALA J 240 -39.01 1.64 13.24
N PRO J 241 -38.71 2.05 12.01
CA PRO J 241 -37.30 2.39 11.67
C PRO J 241 -36.73 3.41 12.61
N LEU J 242 -37.62 4.14 13.27
CA LEU J 242 -37.19 5.12 14.26
C LEU J 242 -36.56 4.42 15.46
N GLN J 243 -37.38 3.60 16.11
CA GLN J 243 -36.88 2.73 17.17
C GLN J 243 -35.61 1.97 16.71
N TYR J 244 -35.70 1.29 15.57
CA TYR J 244 -34.56 0.52 15.06
C TYR J 244 -33.31 1.40 15.10
N LEU J 245 -33.50 2.65 14.68
CA LEU J 245 -32.40 3.57 14.52
C LEU J 245 -31.91 4.21 15.83
N ALA J 246 -32.86 4.58 16.68
CA ALA J 246 -32.56 5.38 17.87
C ALA J 246 -31.20 5.07 18.57
N PRO J 247 -30.99 3.81 18.94
CA PRO J 247 -29.75 3.45 19.62
C PRO J 247 -28.51 3.83 18.82
N TYR J 248 -28.54 3.78 17.48
CA TYR J 248 -27.32 4.13 16.73
C TYR J 248 -27.09 5.65 16.70
N SER J 249 -28.18 6.41 16.74
CA SER J 249 -28.06 7.86 16.94
C SER J 249 -27.38 8.14 18.26
N GLY J 250 -28.06 7.75 19.35
CA GLY J 250 -27.48 7.71 20.68
C GLY J 250 -26.00 7.35 20.69
N CYS J 251 -25.63 6.19 20.13
CA CYS J 251 -24.24 5.78 20.08
C CYS J 251 -23.39 6.87 19.40
N SER J 252 -23.92 7.43 18.33
CA SER J 252 -23.17 8.42 17.57
C SER J 252 -22.95 9.71 18.37
N MET J 253 -23.93 10.11 19.16
CA MET J 253 -23.81 11.35 19.91
C MET J 253 -22.80 11.23 21.02
N GLY J 254 -22.59 10.00 21.49
CA GLY J 254 -21.66 9.77 22.57
C GLY J 254 -20.33 9.50 21.93
N GLU J 255 -20.41 8.90 20.74
CA GLU J 255 -19.20 8.53 20.02
C GLU J 255 -18.42 9.80 19.74
N TYR J 256 -19.14 10.92 19.81
CA TYR J 256 -18.52 12.22 19.65
C TYR J 256 -17.58 12.44 20.82
N PHE J 257 -18.15 12.56 22.02
CA PHE J 257 -17.33 12.76 23.21
C PHE J 257 -16.14 11.80 23.20
N ARG J 258 -16.40 10.52 22.88
CA ARG J 258 -15.32 9.53 22.85
C ARG J 258 -14.12 9.99 22.06
N ASP J 259 -14.41 10.57 20.89
CA ASP J 259 -13.38 10.84 19.92
C ASP J 259 -12.75 12.23 20.12
N ASN J 260 -13.30 12.97 21.09
CA ASN J 260 -12.75 14.26 21.48
C ASN J 260 -12.16 14.20 22.90
N GLY J 261 -11.46 13.11 23.19
CA GLY J 261 -10.83 12.92 24.48
C GLY J 261 -11.79 12.94 25.66
N LYS J 262 -13.10 13.00 25.42
CA LYS J 262 -14.06 13.02 26.54
C LYS J 262 -14.60 11.63 26.92
N HIS J 263 -15.52 11.59 27.89
CA HIS J 263 -16.00 10.32 28.42
C HIS J 263 -17.54 10.24 28.45
N ALA J 264 -18.11 9.34 27.65
CA ALA J 264 -19.57 9.19 27.67
C ALA J 264 -20.03 7.84 28.18
N LEU J 265 -21.26 7.86 28.65
CA LEU J 265 -21.94 6.68 29.09
C LEU J 265 -23.21 6.66 28.29
N ILE J 266 -23.49 5.55 27.61
CA ILE J 266 -24.80 5.41 26.98
C ILE J 266 -25.60 4.26 27.56
N ILE J 267 -26.88 4.51 27.80
CA ILE J 267 -27.82 3.48 28.22
C ILE J 267 -28.79 3.15 27.08
N TYR J 268 -28.79 1.91 26.59
CA TYR J 268 -29.85 1.51 25.66
C TYR J 268 -30.93 0.79 26.45
N ASP J 269 -32.00 1.52 26.81
CA ASP J 269 -33.13 0.98 27.56
C ASP J 269 -34.30 1.10 26.60
N ASP J 270 -34.52 0.10 25.76
CA ASP J 270 -34.47 -1.30 26.13
C ASP J 270 -34.07 -2.01 24.82
N LEU J 271 -32.91 -2.68 24.81
CA LEU J 271 -32.41 -3.31 23.56
C LEU J 271 -33.26 -4.49 23.05
N SER J 272 -34.24 -4.89 23.83
CA SER J 272 -35.11 -5.98 23.46
C SER J 272 -36.18 -5.45 22.55
N LYS J 273 -36.68 -4.27 22.90
CA LYS J 273 -37.74 -3.59 22.12
C LYS J 273 -37.22 -3.09 20.79
N GLN J 274 -35.92 -2.84 20.74
CA GLN J 274 -35.35 -2.41 19.49
C GLN J 274 -35.42 -3.62 18.57
N ALA J 275 -34.91 -4.74 19.07
CA ALA J 275 -34.98 -6.00 18.33
C ALA J 275 -36.37 -6.22 17.75
N VAL J 276 -37.40 -6.13 18.59
CA VAL J 276 -38.75 -6.37 18.13
C VAL J 276 -39.02 -5.53 16.88
N ALA J 277 -38.77 -4.22 16.98
CA ALA J 277 -38.92 -3.32 15.85
C ALA J 277 -38.20 -3.82 14.58
N TYR J 278 -36.89 -3.98 14.68
CA TYR J 278 -36.16 -4.51 13.56
C TYR J 278 -36.79 -5.78 13.01
N ARG J 279 -37.24 -6.65 13.89
CA ARG J 279 -37.87 -7.88 13.46
C ARG J 279 -39.00 -7.52 12.52
N GLN J 280 -39.95 -6.72 13.01
CA GLN J 280 -41.11 -6.28 12.23
C GLN J 280 -40.72 -5.80 10.84
N MET J 281 -39.79 -4.88 10.74
CA MET J 281 -39.36 -4.48 9.41
C MET J 281 -38.95 -5.73 8.62
N SER J 282 -38.02 -6.53 9.15
CA SER J 282 -37.55 -7.72 8.42
C SER J 282 -38.68 -8.62 7.96
N LEU J 283 -39.72 -8.78 8.77
CA LEU J 283 -40.79 -9.70 8.43
C LEU J 283 -41.67 -9.19 7.30
N LEU J 284 -42.15 -7.95 7.43
CA LEU J 284 -42.94 -7.34 6.39
C LEU J 284 -42.13 -7.15 5.08
N LEU J 285 -40.84 -6.87 5.21
CA LEU J 285 -39.99 -6.87 4.03
C LEU J 285 -39.89 -8.27 3.40
N ARG J 286 -40.61 -9.22 3.98
CA ARG J 286 -40.52 -10.66 3.65
C ARG J 286 -39.08 -11.23 3.55
N ARG J 287 -38.38 -11.14 4.67
CA ARG J 287 -37.05 -11.71 4.82
C ARG J 287 -37.18 -12.94 5.71
N PRO J 288 -36.45 -14.01 5.36
CA PRO J 288 -36.51 -15.32 6.04
C PRO J 288 -36.54 -15.24 7.55
N PRO J 289 -37.64 -15.69 8.19
CA PRO J 289 -37.80 -15.83 9.64
C PRO J 289 -36.89 -16.90 10.19
N GLY J 290 -36.32 -16.64 11.36
CA GLY J 290 -35.50 -17.62 12.06
C GLY J 290 -36.11 -17.89 13.43
N ARG J 291 -35.25 -18.13 14.41
CA ARG J 291 -35.76 -18.46 15.74
C ARG J 291 -36.59 -17.31 16.29
N GLU J 292 -37.67 -17.61 17.00
CA GLU J 292 -38.53 -16.54 17.51
C GLU J 292 -38.91 -15.55 16.39
N ALA J 293 -38.73 -15.98 15.12
CA ALA J 293 -39.02 -15.15 13.95
C ALA J 293 -38.06 -13.95 13.73
N TYR J 294 -37.01 -13.84 14.54
CA TYR J 294 -35.99 -12.83 14.26
C TYR J 294 -35.20 -13.22 13.02
N PRO J 295 -34.68 -12.23 12.30
CA PRO J 295 -33.77 -12.31 11.17
C PRO J 295 -32.46 -13.02 11.48
N GLY J 296 -31.60 -13.17 10.47
CA GLY J 296 -30.31 -13.80 10.64
C GLY J 296 -29.31 -12.75 11.06
N ASP J 297 -29.76 -11.50 11.04
CA ASP J 297 -28.88 -10.37 11.35
C ASP J 297 -29.16 -9.67 12.69
N VAL J 298 -30.10 -10.20 13.46
CA VAL J 298 -30.45 -9.59 14.74
C VAL J 298 -29.32 -9.80 15.77
N PHE J 299 -28.32 -10.59 15.40
CA PHE J 299 -27.14 -10.57 16.20
C PHE J 299 -26.29 -9.45 15.65
N TYR J 300 -25.86 -9.62 14.41
CA TYR J 300 -25.16 -8.59 13.64
C TYR J 300 -25.63 -7.17 13.93
N LEU J 301 -26.93 -7.02 14.16
CA LEU J 301 -27.55 -5.75 14.55
C LEU J 301 -26.88 -5.18 15.79
N HIS J 302 -27.08 -5.89 16.91
CA HIS J 302 -26.54 -5.53 18.24
C HIS J 302 -25.03 -5.63 18.38
N SER J 303 -24.38 -6.47 17.60
CA SER J 303 -22.94 -6.54 17.75
C SER J 303 -22.24 -5.41 17.01
N ARG J 304 -22.91 -4.87 15.98
CA ARG J 304 -22.45 -3.68 15.26
C ARG J 304 -22.45 -2.52 16.24
N LEU J 305 -23.62 -2.29 16.84
CA LEU J 305 -23.85 -1.27 17.88
C LEU J 305 -22.94 -1.27 19.15
N LEU J 306 -22.90 -2.39 19.86
CA LEU J 306 -22.21 -2.51 21.17
C LEU J 306 -20.69 -2.61 21.08
N GLU J 307 -20.19 -2.92 19.90
CA GLU J 307 -18.75 -3.06 19.73
C GLU J 307 -18.19 -1.65 19.50
N ARG J 308 -19.12 -0.69 19.50
CA ARG J 308 -18.79 0.71 19.25
C ARG J 308 -18.52 1.48 20.52
N ALA J 309 -18.67 0.82 21.66
CA ALA J 309 -18.17 1.41 22.87
C ALA J 309 -16.74 0.93 23.04
N ALA J 310 -15.84 1.82 23.45
CA ALA J 310 -14.46 1.43 23.62
C ALA J 310 -13.69 2.43 24.47
N LYS J 311 -12.43 2.09 24.72
CA LYS J 311 -11.47 2.98 25.37
C LYS J 311 -10.29 3.26 24.45
N MET J 312 -10.31 4.44 23.84
CA MET J 312 -9.30 4.84 22.89
C MET J 312 -7.99 5.06 23.61
N ASN J 313 -6.92 4.46 23.13
CA ASN J 313 -5.59 4.64 23.72
C ASN J 313 -5.26 6.11 23.64
N ASP J 314 -4.14 6.50 24.25
CA ASP J 314 -3.79 7.93 24.35
C ASP J 314 -3.74 8.62 23.00
N ALA J 315 -2.95 8.03 22.11
CA ALA J 315 -2.80 8.47 20.73
C ALA J 315 -4.12 8.84 19.99
N PHE J 316 -5.27 8.71 20.65
CA PHE J 316 -6.55 8.93 19.99
C PHE J 316 -7.51 9.82 20.78
N GLY J 317 -6.98 10.43 21.83
CA GLY J 317 -7.81 11.34 22.60
C GLY J 317 -7.81 10.89 24.03
N GLY J 318 -7.66 9.57 24.21
CA GLY J 318 -7.85 8.90 25.50
C GLY J 318 -9.32 8.63 25.82
N GLY J 319 -10.21 9.12 24.95
CA GLY J 319 -11.64 9.13 25.24
C GLY J 319 -12.27 7.77 25.48
N SER J 320 -13.58 7.76 25.71
CA SER J 320 -14.28 6.52 26.05
C SER J 320 -15.79 6.58 25.91
N LEU J 321 -16.35 5.54 25.31
CA LEU J 321 -17.79 5.34 25.39
C LEU J 321 -18.05 4.04 26.13
N THR J 322 -19.00 4.07 27.06
CA THR J 322 -19.31 2.95 27.92
C THR J 322 -20.79 2.59 27.83
N ALA J 323 -21.11 1.32 27.60
CA ALA J 323 -22.51 0.99 27.33
C ALA J 323 -23.17 0.07 28.33
N LEU J 324 -24.33 0.54 28.81
CA LEU J 324 -25.22 -0.26 29.61
C LEU J 324 -26.49 -0.54 28.83
N PRO J 325 -26.48 -1.61 28.04
CA PRO J 325 -27.68 -2.04 27.33
C PRO J 325 -28.57 -2.69 28.34
N VAL J 326 -29.85 -2.75 28.06
CA VAL J 326 -30.78 -3.31 28.98
C VAL J 326 -31.65 -4.34 28.24
N ILE J 327 -31.60 -5.59 28.70
CA ILE J 327 -32.44 -6.66 28.14
C ILE J 327 -33.56 -7.07 29.09
N GLU J 328 -34.78 -7.13 28.59
CA GLU J 328 -35.87 -7.73 29.38
C GLU J 328 -35.93 -9.24 29.10
N THR J 329 -35.93 -10.06 30.15
CA THR J 329 -35.99 -11.51 29.99
C THR J 329 -37.36 -12.00 30.38
N GLN J 330 -37.74 -13.18 29.89
CA GLN J 330 -39.09 -13.65 30.18
C GLN J 330 -39.03 -14.85 31.07
N ALA J 331 -39.62 -14.74 32.26
CA ALA J 331 -39.53 -15.80 33.26
C ALA J 331 -38.07 -16.20 33.45
N GLY J 332 -37.19 -15.23 33.36
CA GLY J 332 -35.77 -15.43 33.62
C GLY J 332 -35.02 -16.21 32.59
N ASP J 333 -35.60 -16.38 31.41
CA ASP J 333 -34.92 -17.15 30.37
C ASP J 333 -33.85 -16.33 29.68
N VAL J 334 -32.60 -16.69 29.99
CA VAL J 334 -31.46 -15.94 29.51
C VAL J 334 -30.76 -16.74 28.45
N SER J 335 -31.50 -17.72 27.93
CA SER J 335 -31.03 -18.57 26.87
C SER J 335 -31.88 -18.31 25.63
N ALA J 336 -32.91 -17.48 25.78
CA ALA J 336 -33.74 -17.06 24.63
C ALA J 336 -32.87 -16.31 23.63
N TYR J 337 -33.44 -16.04 22.45
CA TYR J 337 -32.63 -15.66 21.30
C TYR J 337 -31.88 -14.31 21.57
N ILE J 338 -32.63 -13.32 22.03
CA ILE J 338 -32.00 -12.03 22.20
C ILE J 338 -31.05 -11.99 23.40
N PRO J 339 -31.55 -12.35 24.60
CA PRO J 339 -30.66 -12.47 25.76
C PRO J 339 -29.38 -13.18 25.38
N THR J 340 -29.50 -14.42 24.92
CA THR J 340 -28.34 -15.16 24.42
C THR J 340 -27.34 -14.29 23.64
N ASN J 341 -27.84 -13.60 22.62
CA ASN J 341 -27.03 -12.74 21.77
C ASN J 341 -26.29 -11.64 22.49
N VAL J 342 -27.04 -10.82 23.23
CA VAL J 342 -26.48 -9.68 23.94
C VAL J 342 -25.47 -10.16 24.98
N ILE J 343 -25.93 -11.08 25.84
CA ILE J 343 -25.10 -11.70 26.88
C ILE J 343 -23.79 -12.15 26.28
N SER J 344 -23.90 -12.66 25.05
CA SER J 344 -22.75 -13.08 24.24
C SER J 344 -21.82 -11.93 23.85
N ILE J 345 -22.41 -10.81 23.41
CA ILE J 345 -21.63 -9.69 22.87
C ILE J 345 -20.94 -8.87 23.94
N THR J 346 -21.66 -8.64 25.06
CA THR J 346 -21.20 -7.81 26.18
C THR J 346 -20.14 -8.49 27.04
N ASP J 347 -19.55 -7.77 27.99
CA ASP J 347 -18.55 -8.42 28.84
C ASP J 347 -18.92 -8.37 30.31
N GLY J 348 -20.21 -8.45 30.58
CA GLY J 348 -20.67 -8.57 31.94
C GLY J 348 -22.18 -8.56 32.03
N GLN J 349 -22.71 -9.05 33.15
CA GLN J 349 -24.15 -9.06 33.35
C GLN J 349 -24.39 -8.65 34.79
N ILE J 350 -25.43 -7.87 34.99
CA ILE J 350 -25.94 -7.62 36.32
C ILE J 350 -27.34 -8.20 36.34
N PHE J 351 -27.56 -9.37 36.91
CA PHE J 351 -28.91 -9.98 36.86
C PHE J 351 -29.72 -9.47 38.03
N LEU J 352 -30.97 -9.09 37.79
CA LEU J 352 -31.86 -8.69 38.87
C LEU J 352 -33.01 -9.67 39.03
N GLU J 353 -33.41 -9.96 40.26
CA GLU J 353 -34.43 -10.99 40.51
C GLU J 353 -35.58 -10.52 41.40
N THR J 354 -36.78 -10.98 41.09
CA THR J 354 -37.96 -10.55 41.83
C THR J 354 -38.04 -11.09 43.25
N GLU J 355 -37.58 -12.32 43.48
CA GLU J 355 -37.59 -12.88 44.84
C GLU J 355 -36.62 -12.09 45.69
N LEU J 356 -35.44 -11.80 45.15
CA LEU J 356 -34.52 -10.92 45.85
C LEU J 356 -35.25 -9.64 46.21
N PHE J 357 -35.80 -8.97 45.19
CA PHE J 357 -36.52 -7.73 45.41
C PHE J 357 -37.45 -7.75 46.62
N TYR J 358 -38.26 -8.79 46.77
CA TYR J 358 -39.27 -8.76 47.83
C TYR J 358 -38.76 -9.25 49.17
N LYS J 359 -37.72 -10.08 49.11
CA LYS J 359 -37.05 -10.57 50.31
C LYS J 359 -36.46 -9.38 51.04
N GLY J 360 -36.14 -8.33 50.29
CA GLY J 360 -35.59 -7.12 50.89
C GLY J 360 -34.41 -6.57 50.12
N ILE J 361 -33.60 -7.49 49.60
CA ILE J 361 -32.54 -7.17 48.68
C ILE J 361 -32.99 -6.19 47.59
N ARG J 362 -32.85 -4.91 47.88
CA ARG J 362 -33.05 -3.84 46.91
C ARG J 362 -31.85 -2.90 47.08
N PRO J 363 -31.11 -2.62 46.00
CA PRO J 363 -31.36 -3.12 44.65
C PRO J 363 -31.34 -4.64 44.69
N ALA J 364 -32.03 -5.27 43.75
CA ALA J 364 -32.20 -6.70 43.79
C ALA J 364 -31.17 -7.37 42.88
N ILE J 365 -29.89 -7.10 43.12
CA ILE J 365 -28.83 -7.70 42.31
C ILE J 365 -28.39 -9.07 42.77
N ASN J 366 -28.64 -10.11 41.96
CA ASN J 366 -28.08 -11.41 42.27
C ASN J 366 -26.56 -11.42 42.06
N VAL J 367 -25.85 -11.41 43.17
CA VAL J 367 -24.41 -11.25 43.18
C VAL J 367 -23.69 -12.53 42.82
N GLY J 368 -24.43 -13.61 42.64
CA GLY J 368 -23.81 -14.86 42.26
C GLY J 368 -23.76 -14.98 40.76
N LEU J 369 -24.82 -14.54 40.11
CA LEU J 369 -24.93 -14.66 38.67
C LEU J 369 -24.27 -13.47 38.02
N SER J 370 -24.48 -12.29 38.60
CA SER J 370 -23.85 -11.08 38.11
C SER J 370 -22.34 -11.26 37.92
N VAL J 371 -21.78 -10.58 36.94
CA VAL J 371 -20.33 -10.65 36.69
C VAL J 371 -19.83 -9.54 35.78
N SER J 372 -18.56 -9.16 35.96
CA SER J 372 -17.91 -8.24 35.05
C SER J 372 -16.53 -8.76 34.64
N ARG J 373 -16.32 -9.07 33.37
CA ARG J 373 -15.05 -9.64 32.97
C ARG J 373 -13.91 -8.63 33.05
N VAL J 374 -14.21 -7.37 33.32
CA VAL J 374 -13.13 -6.37 33.37
C VAL J 374 -12.65 -6.43 34.79
N GLY J 375 -13.64 -6.46 35.66
CA GLY J 375 -13.43 -6.77 37.07
C GLY J 375 -12.57 -5.82 37.86
N SER J 376 -11.64 -6.42 38.60
CA SER J 376 -10.77 -5.77 39.57
C SER J 376 -10.12 -4.59 38.93
N ALA J 377 -9.82 -4.74 37.65
CA ALA J 377 -9.10 -3.71 36.90
C ALA J 377 -9.89 -2.43 36.73
N ALA J 378 -11.20 -2.48 36.90
CA ALA J 378 -12.01 -1.28 36.76
C ALA J 378 -12.21 -0.58 38.09
N GLN J 379 -11.44 -0.98 39.11
CA GLN J 379 -11.71 -0.60 40.49
C GLN J 379 -10.56 0.18 41.08
N THR J 380 -10.88 1.19 41.88
CA THR J 380 -9.87 1.90 42.65
C THR J 380 -9.26 1.02 43.75
N ARG J 381 -8.03 1.29 44.20
CA ARG J 381 -7.40 0.33 45.11
C ARG J 381 -8.12 0.17 46.42
N ALA J 382 -8.57 1.29 47.00
CA ALA J 382 -9.35 1.27 48.21
C ALA J 382 -10.44 0.22 48.06
N MET J 383 -11.34 0.47 47.14
CA MET J 383 -12.45 -0.45 46.91
C MET J 383 -11.94 -1.89 46.81
N LYS J 384 -10.89 -2.08 46.03
CA LYS J 384 -10.32 -3.40 45.82
C LYS J 384 -9.96 -4.10 47.15
N GLN J 385 -9.51 -3.35 48.15
CA GLN J 385 -9.01 -4.00 49.38
C GLN J 385 -10.06 -4.28 50.46
N VAL J 386 -11.30 -3.99 50.15
CA VAL J 386 -12.41 -4.45 50.98
C VAL J 386 -13.29 -5.34 50.11
N ALA J 387 -13.56 -4.89 48.89
CA ALA J 387 -14.46 -5.62 48.01
C ALA J 387 -13.99 -7.05 47.85
N GLY J 388 -12.69 -7.22 47.66
CA GLY J 388 -12.13 -8.54 47.55
C GLY J 388 -12.74 -9.42 48.61
N THR J 389 -12.41 -9.13 49.86
CA THR J 389 -12.86 -9.91 51.00
C THR J 389 -14.37 -10.18 51.00
N MET J 390 -15.14 -9.10 51.03
CA MET J 390 -16.58 -9.17 50.91
C MET J 390 -17.08 -10.20 49.91
N LYS J 391 -16.52 -10.18 48.71
CA LYS J 391 -16.91 -11.11 47.66
C LYS J 391 -16.79 -12.54 48.14
N LEU J 392 -15.60 -12.82 48.64
CA LEU J 392 -15.25 -14.13 49.12
C LEU J 392 -16.16 -14.55 50.27
N GLU J 393 -16.43 -13.61 51.18
CA GLU J 393 -17.21 -13.94 52.36
C GLU J 393 -18.65 -14.22 51.97
N LEU J 394 -19.19 -13.39 51.09
CA LEU J 394 -20.54 -13.61 50.63
C LEU J 394 -20.61 -14.94 49.93
N ALA J 395 -19.58 -15.24 49.15
CA ALA J 395 -19.50 -16.52 48.46
C ALA J 395 -19.62 -17.73 49.42
N GLN J 396 -18.91 -17.69 50.53
CA GLN J 396 -19.04 -18.73 51.53
C GLN J 396 -20.41 -18.66 52.16
N TYR J 397 -20.83 -17.48 52.60
CA TYR J 397 -22.18 -17.32 53.12
C TYR J 397 -23.20 -18.00 52.24
N ARG J 398 -22.96 -17.89 50.94
CA ARG J 398 -23.84 -18.50 49.98
C ARG J 398 -23.79 -20.03 50.10
N GLU J 399 -22.59 -20.60 50.11
CA GLU J 399 -22.39 -22.06 50.18
C GLU J 399 -23.08 -22.73 51.35
N VAL J 400 -23.45 -21.95 52.36
CA VAL J 400 -23.91 -22.54 53.60
C VAL J 400 -25.25 -21.99 53.98
N ALA J 401 -25.87 -21.28 53.05
CA ALA J 401 -27.15 -20.61 53.30
C ALA J 401 -28.23 -21.58 53.75
N ALA J 402 -28.17 -22.79 53.23
CA ALA J 402 -29.16 -23.83 53.51
C ALA J 402 -29.48 -23.99 54.99
N PHE J 403 -28.43 -23.88 55.81
CA PHE J 403 -28.52 -24.19 57.22
C PHE J 403 -29.04 -22.99 57.99
N ALA J 404 -29.37 -21.93 57.27
CA ALA J 404 -30.01 -20.80 57.90
C ALA J 404 -31.13 -21.38 58.75
N GLN J 405 -32.05 -22.08 58.09
CA GLN J 405 -33.23 -22.62 58.74
C GLN J 405 -32.88 -23.80 59.66
N PHE J 406 -32.80 -24.96 59.03
CA PHE J 406 -32.48 -26.21 59.73
C PHE J 406 -31.07 -26.22 60.24
N GLY J 407 -30.68 -25.13 60.89
CA GLY J 407 -29.36 -24.97 61.46
C GLY J 407 -29.25 -23.90 62.52
N SER J 408 -30.05 -24.04 63.58
CA SER J 408 -30.01 -23.15 64.74
C SER J 408 -29.20 -23.81 65.88
N ASP J 409 -28.17 -24.54 65.47
CA ASP J 409 -27.39 -25.45 66.31
C ASP J 409 -26.46 -26.24 65.38
N LEU J 410 -25.36 -25.61 65.02
CA LEU J 410 -24.39 -26.21 64.11
C LEU J 410 -23.03 -25.54 64.28
N ASP J 411 -21.98 -26.22 63.82
CA ASP J 411 -20.62 -25.82 64.15
C ASP J 411 -20.45 -24.32 64.27
N ALA J 412 -20.05 -23.87 65.45
CA ALA J 412 -19.90 -22.45 65.72
C ALA J 412 -19.00 -21.81 64.67
N ALA J 413 -18.30 -22.65 63.92
CA ALA J 413 -17.47 -22.23 62.80
C ALA J 413 -18.27 -21.66 61.60
N THR J 414 -19.41 -22.30 61.28
CA THR J 414 -20.27 -21.86 60.18
C THR J 414 -21.43 -21.01 60.68
N GLN J 415 -21.69 -21.07 61.98
CA GLN J 415 -22.65 -20.14 62.56
C GLN J 415 -22.10 -18.78 62.24
N GLN J 416 -20.76 -18.73 62.17
CA GLN J 416 -20.04 -17.51 61.88
C GLN J 416 -20.40 -16.97 60.50
N LEU J 417 -20.18 -17.78 59.47
CA LEU J 417 -20.32 -17.33 58.10
C LEU J 417 -21.72 -16.83 57.84
N LEU J 418 -22.71 -17.51 58.40
CA LEU J 418 -24.08 -17.04 58.36
C LEU J 418 -24.19 -15.58 58.87
N SER J 419 -23.61 -15.31 60.03
CA SER J 419 -23.69 -13.97 60.61
C SER J 419 -23.04 -12.91 59.74
N ARG J 420 -21.77 -13.13 59.41
CA ARG J 420 -21.05 -12.20 58.54
C ARG J 420 -21.85 -11.98 57.27
N GLY J 421 -22.32 -13.09 56.72
CA GLY J 421 -23.06 -13.08 55.48
C GLY J 421 -24.26 -12.19 55.52
N VAL J 422 -25.16 -12.40 56.48
CA VAL J 422 -26.38 -11.62 56.47
C VAL J 422 -26.02 -10.17 56.67
N ARG J 423 -24.88 -9.93 57.31
CA ARG J 423 -24.55 -8.57 57.65
C ARG J 423 -24.03 -7.88 56.42
N LEU J 424 -23.03 -8.50 55.80
CA LEU J 424 -22.52 -8.06 54.50
C LEU J 424 -23.67 -7.83 53.54
N THR J 425 -24.64 -8.73 53.58
CA THR J 425 -25.78 -8.61 52.73
C THR J 425 -26.57 -7.34 53.00
N GLU J 426 -26.74 -7.01 54.28
CA GLU J 426 -27.46 -5.82 54.64
C GLU J 426 -26.71 -4.60 54.12
N LEU J 427 -25.38 -4.70 54.10
CA LEU J 427 -24.58 -3.57 53.66
C LEU J 427 -24.78 -3.22 52.19
N LEU J 428 -25.14 -4.23 51.39
CA LEU J 428 -25.33 -4.05 49.95
C LEU J 428 -26.73 -3.57 49.57
N LYS J 429 -27.61 -3.43 50.56
CA LYS J 429 -28.92 -2.82 50.38
C LYS J 429 -28.65 -1.35 50.22
N GLN J 430 -29.46 -0.68 49.40
CA GLN J 430 -29.28 0.74 49.10
C GLN J 430 -30.59 1.38 48.65
N GLY J 431 -30.83 2.62 49.03
CA GLY J 431 -32.09 3.24 48.69
C GLY J 431 -32.05 3.75 47.27
N GLN J 432 -33.23 4.11 46.77
CA GLN J 432 -33.31 4.58 45.41
C GLN J 432 -32.84 6.03 45.26
N TYR J 433 -32.26 6.30 44.09
CA TYR J 433 -31.80 7.65 43.76
C TYR J 433 -30.77 8.20 44.76
N SER J 434 -29.97 7.33 45.37
CA SER J 434 -29.07 7.80 46.43
C SER J 434 -27.66 7.27 46.26
N PRO J 435 -27.06 7.56 45.11
CA PRO J 435 -25.73 7.05 44.75
C PRO J 435 -24.65 7.56 45.68
N MET J 436 -23.86 6.64 46.23
CA MET J 436 -22.82 7.00 47.18
C MET J 436 -21.49 7.21 46.50
N ALA J 437 -20.66 8.04 47.12
CA ALA J 437 -19.29 8.28 46.67
C ALA J 437 -18.41 7.11 47.03
N ILE J 438 -17.40 6.85 46.21
CA ILE J 438 -16.59 5.64 46.40
C ILE J 438 -15.93 5.52 47.79
N GLU J 439 -15.39 6.63 48.28
CA GLU J 439 -14.74 6.63 49.58
C GLU J 439 -15.78 6.36 50.70
N GLU J 440 -16.96 6.95 50.57
CA GLU J 440 -18.06 6.62 51.46
C GLU J 440 -18.31 5.12 51.45
N GLN J 441 -18.51 4.54 50.27
CA GLN J 441 -18.75 3.09 50.12
C GLN J 441 -17.69 2.29 50.82
N VAL J 442 -16.43 2.53 50.45
CA VAL J 442 -15.33 1.79 51.06
C VAL J 442 -15.41 1.78 52.59
N ALA J 443 -15.84 2.92 53.14
CA ALA J 443 -15.99 3.08 54.59
C ALA J 443 -17.01 2.11 55.14
N VAL J 444 -18.24 2.25 54.69
CA VAL J 444 -19.32 1.42 55.18
C VAL J 444 -19.09 -0.08 54.94
N ILE J 445 -18.44 -0.44 53.84
CA ILE J 445 -18.09 -1.85 53.67
C ILE J 445 -16.97 -2.25 54.64
N TYR J 446 -15.96 -1.39 54.75
CA TYR J 446 -14.84 -1.62 55.67
C TYR J 446 -15.39 -2.03 57.04
N ALA J 447 -16.37 -1.28 57.50
CA ALA J 447 -17.00 -1.53 58.79
C ALA J 447 -17.40 -2.99 58.92
N GLY J 448 -18.22 -3.45 58.00
CA GLY J 448 -18.74 -4.79 58.12
C GLY J 448 -17.72 -5.86 57.81
N VAL J 449 -16.93 -5.61 56.78
CA VAL J 449 -16.05 -6.63 56.23
C VAL J 449 -14.91 -6.94 57.18
N ARG J 450 -14.77 -6.10 58.21
CA ARG J 450 -13.67 -6.24 59.17
C ARG J 450 -14.16 -6.67 60.51
N GLY J 451 -15.40 -7.16 60.56
CA GLY J 451 -15.99 -7.68 61.77
C GLY J 451 -16.88 -6.69 62.49
N TYR J 452 -16.35 -5.50 62.77
CA TYR J 452 -16.98 -4.52 63.66
C TYR J 452 -18.50 -4.54 63.73
N LEU J 453 -19.17 -4.97 62.67
CA LEU J 453 -20.63 -5.02 62.70
C LEU J 453 -21.24 -6.33 63.21
N ASP J 454 -20.42 -7.28 63.62
CA ASP J 454 -20.91 -8.66 63.81
C ASP J 454 -21.84 -8.76 64.99
N LYS J 455 -21.66 -7.90 65.96
CA LYS J 455 -22.44 -7.99 67.18
C LYS J 455 -23.51 -6.91 67.21
N LEU J 456 -24.15 -6.70 66.07
CA LEU J 456 -25.20 -5.70 65.95
C LEU J 456 -26.38 -6.37 65.26
N GLU J 457 -27.59 -6.17 65.75
CA GLU J 457 -28.71 -6.89 65.16
C GLU J 457 -28.99 -6.40 63.76
N PRO J 458 -28.94 -7.30 62.78
CA PRO J 458 -29.08 -7.03 61.36
C PRO J 458 -30.05 -5.90 61.04
N SER J 459 -31.18 -5.89 61.72
CA SER J 459 -32.18 -4.82 61.54
C SER J 459 -31.54 -3.44 61.54
N LYS J 460 -30.75 -3.19 62.58
CA LYS J 460 -30.18 -1.89 62.86
C LYS J 460 -29.15 -1.50 61.82
N ILE J 461 -28.59 -2.48 61.11
CA ILE J 461 -27.48 -2.17 60.23
C ILE J 461 -27.79 -1.04 59.27
N THR J 462 -28.89 -1.13 58.56
CA THR J 462 -29.18 -0.07 57.59
C THR J 462 -29.30 1.30 58.23
N LYS J 463 -29.55 1.30 59.53
CA LYS J 463 -29.67 2.54 60.30
C LYS J 463 -28.32 2.98 60.79
N PHE J 464 -27.56 2.03 61.33
CA PHE J 464 -26.19 2.30 61.68
C PHE J 464 -25.41 2.85 60.48
N GLU J 465 -25.47 2.17 59.34
CA GLU J 465 -24.67 2.65 58.21
C GLU J 465 -25.16 4.04 57.83
N ASN J 466 -26.45 4.29 58.04
CA ASN J 466 -27.01 5.60 57.73
C ASN J 466 -26.48 6.74 58.61
N ALA J 467 -26.40 6.49 59.93
CA ALA J 467 -25.81 7.48 60.82
C ALA J 467 -24.29 7.50 60.72
N PHE J 468 -23.68 6.32 60.65
CA PHE J 468 -22.23 6.24 60.60
C PHE J 468 -21.71 6.97 59.39
N LEU J 469 -22.42 6.82 58.27
CA LEU J 469 -21.96 7.45 57.05
C LEU J 469 -21.96 8.93 57.30
N SER J 470 -23.10 9.42 57.80
CA SER J 470 -23.27 10.84 58.05
C SER J 470 -22.21 11.41 59.00
N HIS J 471 -21.96 10.72 60.10
CA HIS J 471 -20.97 11.17 61.05
C HIS J 471 -19.65 11.50 60.35
N VAL J 472 -19.11 10.56 59.57
CA VAL J 472 -17.79 10.79 58.98
C VAL J 472 -17.83 11.90 57.89
N ILE J 473 -18.93 11.94 57.16
CA ILE J 473 -19.07 12.89 56.06
C ILE J 473 -19.00 14.35 56.50
N SER J 474 -19.52 14.65 57.68
CA SER J 474 -19.41 16.02 58.21
C SER J 474 -18.15 16.16 59.08
N GLN J 475 -17.97 15.24 60.02
CA GLN J 475 -16.75 15.23 60.81
C GLN J 475 -15.54 14.95 59.95
N HIS J 476 -15.13 13.69 59.88
CA HIS J 476 -13.87 13.38 59.24
C HIS J 476 -13.86 13.47 57.71
N GLN J 477 -14.53 14.49 57.16
CA GLN J 477 -14.28 14.90 55.78
C GLN J 477 -12.76 14.95 55.55
N ALA J 478 -12.03 15.01 56.66
CA ALA J 478 -10.61 14.83 56.77
C ALA J 478 -10.08 13.63 55.97
N LEU J 479 -9.87 12.54 56.71
CA LEU J 479 -9.35 11.29 56.17
C LEU J 479 -10.52 10.43 55.74
N LEU J 480 -11.28 11.02 54.82
CA LEU J 480 -12.33 10.39 54.04
C LEU J 480 -12.00 10.89 52.67
N GLY J 481 -12.23 12.18 52.48
CA GLY J 481 -11.69 12.89 51.34
C GLY J 481 -10.24 12.52 51.05
N LYS J 482 -9.50 12.02 52.04
CA LYS J 482 -8.12 11.57 51.78
C LYS J 482 -8.06 10.14 51.26
N ILE J 483 -8.95 9.28 51.74
CA ILE J 483 -9.09 7.94 51.17
C ILE J 483 -9.37 7.97 49.65
N ARG J 484 -10.14 8.97 49.23
CA ARG J 484 -10.49 9.15 47.82
C ARG J 484 -9.31 9.56 46.95
N THR J 485 -8.77 10.74 47.19
CA THR J 485 -7.67 11.25 46.38
C THR J 485 -6.38 10.42 46.44
N ASP J 486 -5.99 9.97 47.62
CA ASP J 486 -4.90 9.00 47.70
C ASP J 486 -5.26 7.70 46.99
N GLY J 487 -6.57 7.41 46.87
CA GLY J 487 -7.02 6.18 46.22
C GLY J 487 -7.04 4.94 47.10
N LYS J 488 -5.98 4.73 47.89
CA LYS J 488 -5.90 3.58 48.78
C LYS J 488 -6.40 3.79 50.22
N ILE J 489 -6.31 2.73 51.01
CA ILE J 489 -6.54 2.83 52.44
C ILE J 489 -5.20 2.70 53.12
N SER J 490 -4.72 3.84 53.58
CA SER J 490 -3.38 3.99 54.12
C SER J 490 -3.20 3.22 55.41
N GLU J 491 -2.01 2.64 55.61
CA GLU J 491 -1.64 2.06 56.89
C GLU J 491 -2.21 2.92 58.02
N GLU J 492 -2.23 4.23 57.77
CA GLU J 492 -2.70 5.24 58.73
C GLU J 492 -4.23 5.38 58.73
N SER J 493 -4.83 5.51 57.55
CA SER J 493 -6.27 5.64 57.42
C SER J 493 -7.04 4.40 57.93
N ASP J 494 -6.39 3.25 57.87
CA ASP J 494 -6.95 2.01 58.40
C ASP J 494 -7.28 2.28 59.85
N ALA J 495 -6.27 2.71 60.60
CA ALA J 495 -6.43 3.00 62.00
C ALA J 495 -7.43 4.15 62.27
N LYS J 496 -7.29 5.30 61.60
CA LYS J 496 -8.25 6.37 61.85
C LYS J 496 -9.72 5.88 61.61
N LEU J 497 -9.89 4.80 60.83
CA LEU J 497 -11.22 4.20 60.57
C LEU J 497 -11.63 3.30 61.69
N LYS J 498 -10.78 2.34 62.06
CA LYS J 498 -11.09 1.45 63.17
C LYS J 498 -11.44 2.26 64.41
N GLU J 499 -10.78 3.40 64.60
CA GLU J 499 -11.09 4.28 65.73
C GLU J 499 -12.52 4.86 65.61
N ILE J 500 -12.91 5.32 64.43
CA ILE J 500 -14.23 5.90 64.29
C ILE J 500 -15.32 4.86 64.31
N VAL J 501 -15.04 3.63 63.92
CA VAL J 501 -16.12 2.66 63.84
C VAL J 501 -16.41 2.01 65.19
N THR J 502 -15.38 1.46 65.82
CA THR J 502 -15.62 0.76 67.08
C THR J 502 -16.24 1.71 68.08
N ASN J 503 -15.83 2.98 68.05
CA ASN J 503 -16.33 3.93 69.04
C ASN J 503 -17.74 4.42 68.74
N PHE J 504 -18.00 4.79 67.49
CA PHE J 504 -19.34 5.21 67.11
C PHE J 504 -20.36 4.11 67.32
N LEU J 505 -19.91 2.88 67.11
CA LEU J 505 -20.86 1.80 67.14
C LEU J 505 -21.24 1.53 68.56
N ALA J 506 -20.36 1.86 69.49
CA ALA J 506 -20.60 1.54 70.90
C ALA J 506 -21.60 2.50 71.48
N GLY J 507 -21.59 3.73 70.99
CA GLY J 507 -22.54 4.73 71.39
C GLY J 507 -23.88 4.46 70.76
N PHE J 508 -23.86 3.89 69.55
CA PHE J 508 -25.07 3.54 68.81
C PHE J 508 -25.93 2.53 69.56
N GLU J 509 -25.38 1.36 69.83
CA GLU J 509 -26.09 0.42 70.65
C GLU J 509 -25.69 0.59 72.11
N ALA J 510 -26.60 1.17 72.88
CA ALA J 510 -26.46 1.49 74.31
C ALA J 510 -26.39 3.01 74.50
N VAL K 23 -26.20 -30.17 -28.95
CA VAL K 23 -27.47 -29.56 -29.36
C VAL K 23 -28.69 -30.46 -29.10
N ASP K 24 -28.54 -31.47 -28.24
CA ASP K 24 -29.61 -32.44 -27.97
C ASP K 24 -30.37 -32.11 -26.68
N LEU K 25 -31.70 -32.24 -26.70
CA LEU K 25 -32.52 -31.96 -25.51
C LEU K 25 -33.52 -33.07 -25.17
N GLU K 26 -33.05 -34.31 -25.13
CA GLU K 26 -33.90 -35.47 -24.77
C GLU K 26 -33.05 -36.53 -24.13
N GLU K 27 -31.74 -36.41 -24.35
CA GLU K 27 -30.71 -37.36 -23.91
C GLU K 27 -29.61 -36.52 -23.34
N THR K 28 -29.95 -35.30 -23.00
CA THR K 28 -28.97 -34.31 -22.61
C THR K 28 -29.74 -33.16 -22.04
N GLY K 29 -29.04 -32.30 -21.33
CA GLY K 29 -29.59 -31.07 -20.81
C GLY K 29 -28.46 -30.16 -20.35
N ARG K 30 -28.77 -28.88 -20.17
CA ARG K 30 -27.86 -28.03 -19.43
C ARG K 30 -28.57 -27.46 -18.19
N VAL K 31 -27.78 -27.16 -17.16
CA VAL K 31 -28.31 -26.81 -15.86
C VAL K 31 -28.96 -25.43 -15.81
N LEU K 32 -30.17 -25.34 -15.27
CA LEU K 32 -30.82 -24.05 -15.12
C LEU K 32 -30.27 -23.32 -13.91
N SER K 33 -30.48 -23.91 -12.74
CA SER K 33 -29.99 -23.34 -11.48
C SER K 33 -29.42 -24.43 -10.58
N ILE K 34 -28.34 -24.11 -9.90
CA ILE K 34 -27.71 -25.05 -8.99
C ILE K 34 -27.61 -24.37 -7.64
N GLY K 35 -28.54 -24.69 -6.75
CA GLY K 35 -28.63 -23.93 -5.53
C GLY K 35 -28.49 -24.72 -4.24
N ASP K 36 -29.63 -24.92 -3.59
CA ASP K 36 -29.67 -25.60 -2.32
C ASP K 36 -29.45 -27.11 -2.52
N GLY K 37 -28.43 -27.46 -3.30
CA GLY K 37 -28.08 -28.84 -3.53
C GLY K 37 -29.03 -29.60 -4.45
N ILE K 38 -29.98 -28.88 -5.05
CA ILE K 38 -30.68 -29.41 -6.22
C ILE K 38 -30.29 -28.60 -7.43
N ALA K 39 -29.80 -29.30 -8.44
CA ALA K 39 -29.63 -28.70 -9.74
C ALA K 39 -30.94 -28.91 -10.51
N ARG K 40 -31.54 -27.82 -10.97
CA ARG K 40 -32.65 -27.94 -11.88
C ARG K 40 -32.00 -27.95 -13.26
N VAL K 41 -32.26 -29.02 -14.01
CA VAL K 41 -31.74 -29.15 -15.37
C VAL K 41 -32.85 -28.88 -16.36
N HIS K 42 -32.45 -28.37 -17.52
CA HIS K 42 -33.32 -28.27 -18.68
C HIS K 42 -32.84 -29.22 -19.77
N GLY K 43 -33.77 -29.98 -20.33
CA GLY K 43 -33.41 -31.03 -21.25
C GLY K 43 -33.85 -32.38 -20.74
N LEU K 44 -33.03 -33.39 -20.98
CA LEU K 44 -33.29 -34.72 -20.46
C LEU K 44 -34.78 -35.03 -20.52
N ARG K 45 -35.33 -35.18 -21.72
CA ARG K 45 -36.78 -35.40 -21.84
C ARG K 45 -37.15 -36.83 -21.53
N ASN K 46 -36.37 -37.72 -22.13
CA ASN K 46 -36.58 -39.15 -21.98
C ASN K 46 -36.12 -39.69 -20.63
N VAL K 47 -35.22 -38.97 -19.94
CA VAL K 47 -34.71 -39.44 -18.66
C VAL K 47 -35.83 -39.82 -17.68
N GLN K 48 -35.60 -40.92 -16.97
CA GLN K 48 -36.63 -41.51 -16.12
C GLN K 48 -36.45 -41.21 -14.63
N ALA K 49 -37.54 -41.38 -13.87
CA ALA K 49 -37.48 -41.29 -12.42
C ALA K 49 -36.36 -42.17 -11.90
N GLU K 50 -35.39 -41.54 -11.25
CA GLU K 50 -34.38 -42.24 -10.47
C GLU K 50 -33.29 -42.74 -11.36
N GLU K 51 -33.08 -42.03 -12.46
CA GLU K 51 -32.04 -42.43 -13.41
C GLU K 51 -30.77 -41.66 -13.12
N MET K 52 -29.66 -42.37 -12.99
CA MET K 52 -28.43 -41.65 -12.73
C MET K 52 -28.05 -40.82 -13.94
N VAL K 53 -28.09 -39.50 -13.81
CA VAL K 53 -27.57 -38.66 -14.89
C VAL K 53 -26.10 -38.44 -14.63
N GLU K 54 -25.46 -37.67 -15.48
CA GLU K 54 -24.03 -37.40 -15.32
C GLU K 54 -23.69 -35.97 -15.73
N PHE K 55 -22.69 -35.40 -15.06
CA PHE K 55 -22.36 -34.00 -15.24
C PHE K 55 -21.06 -33.88 -15.99
N SER K 56 -20.80 -32.67 -16.48
CA SER K 56 -19.55 -32.33 -17.15
C SER K 56 -18.39 -32.78 -16.30
N SER K 57 -18.40 -32.30 -15.07
CA SER K 57 -17.37 -32.55 -14.04
C SER K 57 -16.88 -34.01 -13.95
N GLY K 58 -17.81 -34.95 -14.11
CA GLY K 58 -17.57 -36.36 -13.87
C GLY K 58 -18.49 -36.78 -12.73
N LEU K 59 -19.04 -35.77 -12.06
CA LEU K 59 -19.99 -35.90 -10.98
C LEU K 59 -21.23 -36.66 -11.43
N LYS K 60 -21.78 -37.51 -10.57
CA LYS K 60 -23.03 -38.15 -10.95
C LYS K 60 -24.16 -37.57 -10.14
N GLY K 61 -25.39 -37.81 -10.58
CA GLY K 61 -26.56 -37.23 -9.95
C GLY K 61 -27.75 -38.15 -10.10
N MET K 62 -28.93 -37.67 -9.71
CA MET K 62 -30.11 -38.52 -9.73
C MET K 62 -31.38 -37.76 -10.09
N SER K 63 -31.98 -38.13 -11.21
CA SER K 63 -33.28 -37.58 -11.55
C SER K 63 -34.16 -37.95 -10.39
N LEU K 64 -34.84 -36.97 -9.80
CA LEU K 64 -35.71 -37.27 -8.69
C LEU K 64 -37.01 -36.59 -8.96
N ASN K 65 -36.89 -35.38 -9.48
CA ASN K 65 -38.04 -34.58 -9.81
C ASN K 65 -38.27 -34.53 -11.31
N LEU K 66 -39.37 -35.13 -11.75
CA LEU K 66 -39.80 -35.03 -13.14
C LEU K 66 -40.99 -34.10 -13.22
N GLU K 67 -40.70 -32.82 -13.47
CA GLU K 67 -41.72 -31.82 -13.64
C GLU K 67 -41.77 -31.45 -15.13
N PRO K 68 -42.90 -30.87 -15.58
CA PRO K 68 -43.08 -30.38 -16.93
C PRO K 68 -41.83 -29.74 -17.56
N ASP K 69 -41.43 -28.56 -17.10
CA ASP K 69 -40.30 -27.86 -17.75
C ASP K 69 -38.92 -28.35 -17.31
N ASN K 70 -38.77 -28.67 -16.02
CA ASN K 70 -37.47 -29.03 -15.47
C ASN K 70 -37.37 -30.45 -14.87
N VAL K 71 -36.13 -30.87 -14.64
CA VAL K 71 -35.88 -32.12 -13.93
C VAL K 71 -34.99 -31.89 -12.72
N GLY K 72 -35.49 -32.30 -11.54
CA GLY K 72 -34.75 -32.17 -10.29
C GLY K 72 -33.67 -33.23 -10.07
N VAL K 73 -32.41 -32.82 -10.13
CA VAL K 73 -31.31 -33.74 -9.87
C VAL K 73 -30.63 -33.53 -8.51
N VAL K 74 -30.67 -34.60 -7.70
CA VAL K 74 -29.89 -34.75 -6.49
C VAL K 74 -28.44 -34.96 -6.88
N VAL K 75 -27.50 -34.19 -6.34
CA VAL K 75 -26.11 -34.42 -6.72
C VAL K 75 -25.37 -35.35 -5.75
N PHE K 76 -24.66 -36.33 -6.29
CA PHE K 76 -23.88 -37.28 -5.51
C PHE K 76 -22.43 -36.83 -5.44
N GLY K 77 -22.24 -35.64 -4.89
CA GLY K 77 -20.93 -35.08 -4.76
C GLY K 77 -21.01 -33.62 -4.36
N ASN K 78 -19.88 -32.94 -4.54
CA ASN K 78 -19.76 -31.54 -4.19
C ASN K 78 -20.36 -30.64 -5.26
N ASP K 79 -21.54 -30.09 -4.97
CA ASP K 79 -22.21 -29.23 -5.93
C ASP K 79 -21.67 -27.78 -5.98
N LYS K 80 -20.36 -27.62 -5.88
CA LYS K 80 -19.76 -26.33 -6.18
C LYS K 80 -19.36 -26.41 -7.63
N LEU K 81 -18.94 -27.60 -8.02
CA LEU K 81 -18.49 -27.89 -9.35
C LEU K 81 -19.61 -27.69 -10.36
N ILE K 82 -20.85 -27.77 -9.88
CA ILE K 82 -21.96 -27.63 -10.80
C ILE K 82 -22.27 -26.17 -11.13
N LYS K 83 -21.77 -25.71 -12.27
CA LYS K 83 -22.00 -24.36 -12.74
C LYS K 83 -23.34 -24.29 -13.46
N GLU K 84 -23.83 -23.08 -13.72
CA GLU K 84 -25.07 -22.93 -14.46
C GLU K 84 -24.83 -23.26 -15.91
N GLY K 85 -25.77 -23.99 -16.50
CA GLY K 85 -25.69 -24.35 -17.90
C GLY K 85 -24.55 -25.31 -18.20
N ASP K 86 -24.44 -26.37 -17.40
CA ASP K 86 -23.45 -27.39 -17.68
C ASP K 86 -24.15 -28.52 -18.41
N ILE K 87 -23.40 -29.21 -19.25
CA ILE K 87 -23.94 -30.36 -19.95
C ILE K 87 -24.30 -31.50 -18.98
N VAL K 88 -25.44 -32.14 -19.23
CA VAL K 88 -25.91 -33.26 -18.40
C VAL K 88 -26.44 -34.40 -19.26
N LYS K 89 -25.66 -35.47 -19.41
CA LYS K 89 -26.08 -36.63 -20.21
C LYS K 89 -26.88 -37.67 -19.41
N ARG K 90 -27.85 -38.32 -20.06
CA ARG K 90 -28.51 -39.48 -19.46
C ARG K 90 -27.52 -40.63 -19.32
N THR K 91 -28.00 -41.76 -18.81
CA THR K 91 -27.24 -43.01 -18.83
C THR K 91 -28.19 -44.19 -18.85
N GLY K 92 -29.48 -43.89 -18.73
CA GLY K 92 -30.52 -44.90 -18.83
C GLY K 92 -30.45 -45.93 -17.72
N ALA K 93 -29.43 -45.84 -16.89
CA ALA K 93 -29.29 -46.72 -15.72
C ALA K 93 -30.01 -46.12 -14.54
N ILE K 94 -31.03 -46.82 -14.03
CA ILE K 94 -31.56 -46.47 -12.71
C ILE K 94 -30.38 -46.52 -11.73
N VAL K 95 -30.39 -45.68 -10.69
CA VAL K 95 -29.22 -45.63 -9.82
C VAL K 95 -28.84 -47.02 -9.31
N ASP K 96 -27.56 -47.35 -9.48
CA ASP K 96 -27.01 -48.68 -9.17
C ASP K 96 -25.51 -48.68 -8.79
N VAL K 97 -25.09 -49.70 -8.06
CA VAL K 97 -23.69 -49.80 -7.64
C VAL K 97 -23.16 -51.10 -8.17
N PRO K 98 -21.82 -51.22 -8.26
CA PRO K 98 -21.14 -52.48 -8.51
C PRO K 98 -21.33 -53.44 -7.36
N VAL K 99 -21.71 -54.69 -7.63
CA VAL K 99 -21.73 -55.71 -6.60
C VAL K 99 -20.82 -56.86 -6.99
N GLY K 100 -20.58 -57.78 -6.05
CA GLY K 100 -19.84 -58.98 -6.38
C GLY K 100 -18.58 -59.25 -5.57
N GLU K 101 -18.08 -60.48 -5.66
CA GLU K 101 -16.96 -60.97 -4.85
C GLU K 101 -15.71 -60.07 -4.97
N GLU K 102 -15.62 -59.34 -6.07
CA GLU K 102 -14.46 -58.52 -6.34
C GLU K 102 -14.30 -57.37 -5.32
N LEU K 103 -15.40 -56.94 -4.69
CA LEU K 103 -15.37 -55.82 -3.75
C LEU K 103 -14.70 -56.12 -2.40
N LEU K 104 -14.85 -57.35 -1.92
CA LEU K 104 -14.18 -57.77 -0.70
C LEU K 104 -12.76 -57.20 -0.65
N GLY K 105 -12.26 -56.91 0.54
CA GLY K 105 -10.93 -56.32 0.68
C GLY K 105 -10.79 -54.85 0.29
N ARG K 106 -11.80 -54.29 -0.37
CA ARG K 106 -11.67 -52.91 -0.82
C ARG K 106 -12.46 -51.88 -0.01
N VAL K 107 -11.96 -50.65 0.01
CA VAL K 107 -12.71 -49.53 0.55
C VAL K 107 -13.30 -48.73 -0.62
N VAL K 108 -14.59 -48.46 -0.58
CA VAL K 108 -15.20 -47.74 -1.69
C VAL K 108 -16.17 -46.67 -1.25
N ASP K 109 -16.30 -45.60 -2.04
CA ASP K 109 -17.34 -44.65 -1.75
C ASP K 109 -18.71 -45.24 -2.03
N ALA K 110 -19.77 -44.47 -1.80
CA ALA K 110 -21.15 -44.96 -1.94
C ALA K 110 -21.60 -45.21 -3.39
N LEU K 111 -20.78 -44.82 -4.35
CA LEU K 111 -21.11 -45.07 -5.74
C LEU K 111 -20.35 -46.29 -6.18
N GLY K 112 -19.49 -46.78 -5.29
CA GLY K 112 -18.73 -47.98 -5.56
C GLY K 112 -17.30 -47.71 -5.95
N ASN K 113 -17.00 -46.49 -6.39
CA ASN K 113 -15.62 -46.16 -6.75
C ASN K 113 -14.65 -46.54 -5.64
N ALA K 114 -13.42 -46.88 -5.97
CA ALA K 114 -12.52 -47.34 -4.94
C ALA K 114 -11.76 -46.13 -4.49
N ILE K 115 -11.67 -45.95 -3.19
CA ILE K 115 -10.99 -44.79 -2.63
C ILE K 115 -9.79 -45.28 -1.83
N ASP K 116 -9.50 -46.56 -1.96
CA ASP K 116 -8.44 -47.14 -1.17
C ASP K 116 -7.14 -47.21 -1.95
N GLY K 117 -7.15 -46.64 -3.15
CA GLY K 117 -5.95 -46.55 -3.96
C GLY K 117 -5.36 -47.86 -4.48
N LYS K 118 -5.92 -48.96 -4.02
CA LYS K 118 -5.48 -50.25 -4.52
C LYS K 118 -6.15 -50.52 -5.88
N GLY K 119 -5.53 -50.07 -6.95
CA GLY K 119 -6.09 -50.30 -8.29
C GLY K 119 -7.56 -49.94 -8.40
N PRO K 120 -8.26 -50.52 -9.40
CA PRO K 120 -9.69 -50.38 -9.63
C PRO K 120 -10.36 -51.72 -9.35
N ILE K 121 -11.68 -51.76 -9.32
CA ILE K 121 -12.38 -52.98 -8.96
C ILE K 121 -12.98 -53.59 -10.21
N GLY K 122 -12.60 -54.84 -10.47
CA GLY K 122 -13.06 -55.52 -11.67
C GLY K 122 -14.45 -56.07 -11.45
N SER K 123 -15.35 -55.22 -10.96
CA SER K 123 -16.74 -55.62 -10.77
C SER K 123 -17.27 -56.16 -12.07
N LYS K 124 -18.18 -57.12 -12.00
CA LYS K 124 -18.75 -57.64 -13.22
C LYS K 124 -20.27 -57.43 -13.25
N ALA K 125 -20.88 -57.48 -12.06
CA ALA K 125 -22.33 -57.30 -11.94
C ALA K 125 -22.71 -55.91 -11.43
N ARG K 126 -24.00 -55.62 -11.47
CA ARG K 126 -24.51 -54.34 -10.98
C ARG K 126 -25.90 -54.54 -10.40
N ARG K 127 -26.22 -53.80 -9.35
CA ARG K 127 -27.54 -53.86 -8.75
C ARG K 127 -28.11 -52.48 -8.59
N ARG K 128 -29.43 -52.36 -8.68
CA ARG K 128 -30.10 -51.12 -8.37
C ARG K 128 -29.99 -50.91 -6.88
N VAL K 129 -29.52 -49.74 -6.45
CA VAL K 129 -29.39 -49.48 -5.02
C VAL K 129 -30.78 -49.47 -4.46
N GLY K 130 -31.77 -49.34 -5.34
CA GLY K 130 -33.14 -49.21 -4.88
C GLY K 130 -34.08 -50.40 -5.05
N LEU K 131 -33.60 -51.61 -4.75
CA LEU K 131 -34.42 -52.80 -4.93
C LEU K 131 -35.49 -52.88 -3.89
N LYS K 132 -36.48 -53.70 -4.16
CA LYS K 132 -37.52 -53.94 -3.18
C LYS K 132 -37.07 -55.15 -2.40
N ALA K 133 -37.70 -55.40 -1.26
CA ALA K 133 -37.31 -56.53 -0.42
C ALA K 133 -38.09 -57.79 -0.76
N PRO K 134 -37.46 -58.94 -0.59
CA PRO K 134 -38.12 -60.24 -0.70
C PRO K 134 -39.47 -60.24 -0.02
N GLY K 135 -40.48 -60.77 -0.70
CA GLY K 135 -41.83 -60.83 -0.18
C GLY K 135 -42.05 -61.88 0.89
N ILE K 136 -43.30 -62.11 1.25
CA ILE K 136 -43.65 -63.04 2.32
C ILE K 136 -43.18 -64.45 2.05
N ILE K 137 -43.13 -64.80 0.76
CA ILE K 137 -42.91 -66.17 0.30
C ILE K 137 -41.47 -66.65 0.24
N PRO K 138 -40.60 -65.91 -0.47
CA PRO K 138 -39.20 -66.31 -0.66
C PRO K 138 -38.43 -66.38 0.65
N ARG K 139 -39.12 -66.59 1.76
CA ARG K 139 -38.49 -66.47 3.06
C ARG K 139 -38.61 -67.70 3.95
N ILE K 140 -38.03 -67.61 5.14
CA ILE K 140 -38.23 -68.62 6.14
C ILE K 140 -37.47 -68.34 7.45
N SER K 141 -38.12 -68.67 8.56
CA SER K 141 -37.62 -68.50 9.91
C SER K 141 -36.10 -68.61 10.11
N VAL K 142 -35.51 -67.66 10.83
CA VAL K 142 -34.05 -67.65 11.06
C VAL K 142 -33.65 -68.82 11.92
N ARG K 143 -32.72 -69.61 11.41
CA ARG K 143 -32.41 -70.85 12.10
C ARG K 143 -30.95 -70.98 12.47
N GLU K 144 -30.10 -70.37 11.65
CA GLU K 144 -28.65 -70.51 11.76
C GLU K 144 -28.00 -69.34 12.52
N PRO K 145 -27.03 -69.61 13.39
CA PRO K 145 -26.39 -68.60 14.23
C PRO K 145 -25.51 -67.60 13.48
N MET K 146 -25.58 -66.33 13.92
CA MET K 146 -24.64 -65.26 13.58
C MET K 146 -23.87 -64.97 14.85
N GLN K 147 -22.59 -65.35 14.88
CA GLN K 147 -21.84 -65.37 16.13
C GLN K 147 -20.96 -64.14 16.30
N THR K 148 -21.33 -63.28 17.25
CA THR K 148 -20.57 -62.07 17.47
C THR K 148 -19.24 -62.46 18.05
N GLY K 149 -19.22 -63.57 18.78
CA GLY K 149 -18.04 -63.97 19.51
C GLY K 149 -17.91 -63.11 20.75
N ILE K 150 -18.98 -62.41 21.09
CA ILE K 150 -18.97 -61.62 22.29
C ILE K 150 -19.78 -62.30 23.38
N LYS K 151 -19.13 -62.78 24.42
CA LYS K 151 -19.84 -63.55 25.43
C LYS K 151 -21.23 -63.05 25.67
N ALA K 152 -21.35 -61.78 26.01
CA ALA K 152 -22.64 -61.29 26.45
C ALA K 152 -23.72 -61.39 25.38
N VAL K 153 -23.38 -61.02 24.14
CA VAL K 153 -24.36 -61.04 23.06
C VAL K 153 -24.77 -62.45 22.73
N ASP K 154 -23.78 -63.31 22.48
CA ASP K 154 -24.00 -64.69 22.02
C ASP K 154 -24.73 -65.58 23.04
N SER K 155 -24.67 -65.23 24.32
CA SER K 155 -25.39 -65.99 25.34
C SER K 155 -26.80 -65.45 25.64
N LEU K 156 -26.90 -64.14 25.86
CA LEU K 156 -28.15 -63.49 26.27
C LEU K 156 -28.91 -62.69 25.21
N VAL K 157 -28.33 -62.49 24.03
CA VAL K 157 -29.00 -61.78 22.96
C VAL K 157 -28.56 -62.38 21.65
N PRO K 158 -28.68 -63.69 21.53
CA PRO K 158 -28.32 -64.40 20.31
C PRO K 158 -28.89 -63.79 19.05
N ILE K 159 -28.03 -63.52 18.08
CA ILE K 159 -28.52 -63.15 16.79
C ILE K 159 -28.51 -64.37 15.87
N GLY K 160 -29.28 -64.31 14.77
CA GLY K 160 -29.31 -65.39 13.80
C GLY K 160 -29.22 -64.88 12.38
N ARG K 161 -28.44 -65.54 11.52
CA ARG K 161 -28.29 -65.09 10.13
C ARG K 161 -29.66 -64.81 9.53
N GLY K 162 -29.78 -63.70 8.83
CA GLY K 162 -31.02 -63.26 8.24
C GLY K 162 -31.77 -62.25 9.10
N GLN K 163 -31.35 -62.08 10.35
CA GLN K 163 -32.10 -61.24 11.29
C GLN K 163 -31.60 -59.81 11.31
N ARG K 164 -32.41 -58.89 11.84
CA ARG K 164 -31.96 -57.52 12.07
C ARG K 164 -31.92 -57.20 13.56
N GLU K 165 -30.72 -56.93 14.07
CA GLU K 165 -30.50 -56.60 15.48
C GLU K 165 -29.96 -55.18 15.59
N LEU K 166 -30.65 -54.33 16.34
CA LEU K 166 -30.27 -52.92 16.49
C LEU K 166 -29.23 -52.76 17.57
N ILE K 167 -28.09 -52.16 17.23
CA ILE K 167 -27.11 -51.78 18.24
C ILE K 167 -27.35 -50.32 18.57
N ILE K 168 -27.89 -50.01 19.75
CA ILE K 168 -28.27 -48.64 20.08
C ILE K 168 -27.83 -48.19 21.48
N GLY K 169 -27.10 -47.08 21.56
CA GLY K 169 -26.63 -46.52 22.83
C GLY K 169 -26.19 -45.04 22.72
N ASP K 170 -25.79 -44.44 23.82
CA ASP K 170 -25.24 -43.09 23.73
C ASP K 170 -23.91 -43.13 23.02
N ARG K 171 -23.41 -41.95 22.64
CA ARG K 171 -22.07 -41.76 22.09
C ARG K 171 -20.98 -42.36 22.99
N GLN K 172 -20.02 -43.06 22.40
CA GLN K 172 -18.93 -43.70 23.13
C GLN K 172 -19.34 -44.67 24.22
N THR K 173 -20.12 -45.68 23.83
CA THR K 173 -20.55 -46.71 24.75
C THR K 173 -20.17 -48.11 24.22
N GLY K 174 -19.64 -48.14 23.01
CA GLY K 174 -19.08 -49.37 22.50
C GLY K 174 -19.87 -49.93 21.35
N LYS K 175 -20.76 -49.11 20.82
CA LYS K 175 -21.57 -49.53 19.68
C LYS K 175 -20.69 -50.10 18.59
N THR K 176 -19.78 -49.28 18.07
CA THR K 176 -18.97 -49.72 16.95
C THR K 176 -18.11 -50.91 17.33
N SER K 177 -17.36 -50.81 18.41
CA SER K 177 -16.54 -51.93 18.85
C SER K 177 -17.31 -53.24 18.64
N ILE K 178 -18.57 -53.31 19.07
CA ILE K 178 -19.38 -54.52 18.87
C ILE K 178 -19.43 -55.01 17.44
N ALA K 179 -19.73 -54.11 16.51
CA ALA K 179 -19.72 -54.44 15.11
C ALA K 179 -18.33 -54.94 14.71
N ILE K 180 -17.31 -54.14 14.99
CA ILE K 180 -15.95 -54.51 14.64
C ILE K 180 -15.57 -55.91 15.10
N ASP K 181 -15.90 -56.25 16.34
CA ASP K 181 -15.54 -57.57 16.85
C ASP K 181 -16.28 -58.64 16.09
N THR K 182 -17.58 -58.44 15.92
CA THR K 182 -18.38 -59.38 15.16
C THR K 182 -17.78 -59.63 13.79
N ILE K 183 -17.33 -58.57 13.11
CA ILE K 183 -16.63 -58.78 11.85
C ILE K 183 -15.36 -59.59 12.02
N ILE K 184 -14.54 -59.21 12.99
CA ILE K 184 -13.29 -59.94 13.24
C ILE K 184 -13.51 -61.42 13.55
N ASN K 185 -14.62 -61.75 14.22
CA ASN K 185 -14.89 -63.14 14.60
C ASN K 185 -15.08 -64.10 13.43
N GLN K 186 -15.63 -63.62 12.31
CA GLN K 186 -15.96 -64.51 11.19
C GLN K 186 -14.73 -65.12 10.49
N LYS K 187 -13.53 -64.77 10.94
CA LYS K 187 -12.32 -65.36 10.40
C LYS K 187 -12.40 -66.87 10.59
N ARG K 188 -12.61 -67.29 11.82
CA ARG K 188 -12.66 -68.70 12.14
C ARG K 188 -13.63 -69.55 11.30
N PHE K 189 -14.48 -68.93 10.51
CA PHE K 189 -15.40 -69.74 9.74
C PHE K 189 -15.00 -69.65 8.28
N ASN K 190 -14.39 -68.54 7.92
CA ASN K 190 -14.05 -68.30 6.52
C ASN K 190 -12.75 -68.98 6.18
N ASP K 191 -11.94 -69.17 7.20
CA ASP K 191 -10.71 -69.95 7.07
C ASP K 191 -11.05 -71.42 7.35
N GLY K 192 -12.33 -71.71 7.37
CA GLY K 192 -12.80 -73.05 7.66
C GLY K 192 -13.12 -73.82 6.39
N THR K 193 -13.45 -75.10 6.59
CA THR K 193 -13.69 -76.03 5.49
C THR K 193 -15.16 -76.07 5.17
N ASP K 194 -15.98 -75.70 6.15
CA ASP K 194 -17.44 -75.68 6.02
C ASP K 194 -17.96 -74.39 5.40
N GLU K 195 -18.70 -74.51 4.30
CA GLU K 195 -19.12 -73.38 3.49
C GLU K 195 -20.43 -72.72 3.90
N LYS K 196 -21.24 -73.45 4.66
CA LYS K 196 -22.53 -72.95 5.16
C LYS K 196 -22.35 -72.14 6.45
N LYS K 197 -21.10 -72.05 6.91
CA LYS K 197 -20.80 -71.29 8.11
C LYS K 197 -20.04 -70.03 7.76
N LYS K 198 -19.70 -69.88 6.48
CA LYS K 198 -18.95 -68.70 6.10
C LYS K 198 -19.89 -67.50 6.04
N LEU K 199 -19.35 -66.34 6.38
CA LEU K 199 -20.11 -65.11 6.52
C LEU K 199 -19.28 -63.98 5.93
N TYR K 200 -19.84 -63.25 4.96
CA TYR K 200 -19.12 -62.17 4.32
C TYR K 200 -19.55 -60.85 4.96
N CYS K 201 -18.61 -59.92 5.12
CA CYS K 201 -18.87 -58.73 5.92
C CYS K 201 -18.87 -57.41 5.16
N ILE K 202 -19.78 -56.53 5.54
CA ILE K 202 -20.02 -55.27 4.85
C ILE K 202 -20.22 -54.12 5.85
N TYR K 203 -19.21 -53.28 6.01
CA TYR K 203 -19.29 -52.18 6.95
C TYR K 203 -19.58 -50.87 6.22
N VAL K 204 -20.71 -50.24 6.53
CA VAL K 204 -21.02 -48.94 5.93
C VAL K 204 -20.79 -47.84 6.94
N ALA K 205 -19.89 -46.93 6.62
CA ALA K 205 -19.62 -45.77 7.47
C ALA K 205 -20.44 -44.54 7.02
N ILE K 206 -21.48 -44.20 7.77
CA ILE K 206 -22.31 -43.06 7.42
C ILE K 206 -22.05 -41.89 8.35
N GLY K 207 -21.36 -40.87 7.85
CA GLY K 207 -21.13 -39.65 8.59
C GLY K 207 -19.99 -39.62 9.62
N GLN K 208 -19.27 -40.71 9.78
CA GLN K 208 -18.13 -40.76 10.70
C GLN K 208 -16.90 -39.98 10.21
N LYS K 209 -15.96 -39.71 11.10
CA LYS K 209 -14.72 -39.07 10.69
C LYS K 209 -14.01 -40.00 9.70
N ARG K 210 -13.41 -39.44 8.67
CA ARG K 210 -12.65 -40.26 7.74
C ARG K 210 -11.45 -40.85 8.49
N SER K 211 -10.91 -40.10 9.42
CA SER K 211 -9.80 -40.61 10.21
C SER K 211 -10.19 -41.94 10.77
N THR K 212 -11.44 -42.05 11.17
CA THR K 212 -11.89 -43.22 11.91
C THR K 212 -12.06 -44.42 11.01
N VAL K 213 -12.79 -44.25 9.91
CA VAL K 213 -12.87 -45.31 8.91
C VAL K 213 -11.47 -45.87 8.63
N ALA K 214 -10.50 -45.00 8.40
CA ALA K 214 -9.15 -45.43 8.04
C ALA K 214 -8.49 -46.33 9.09
N GLN K 215 -8.68 -46.00 10.36
CA GLN K 215 -8.11 -46.80 11.43
C GLN K 215 -8.86 -48.09 11.49
N LEU K 216 -10.17 -47.95 11.45
CA LEU K 216 -11.06 -49.09 11.44
C LEU K 216 -10.55 -50.07 10.40
N VAL K 217 -10.18 -49.53 9.24
CA VAL K 217 -9.77 -50.38 8.13
C VAL K 217 -8.47 -51.06 8.47
N LYS K 218 -7.49 -50.29 8.90
CA LYS K 218 -6.21 -50.90 9.25
C LYS K 218 -6.43 -51.97 10.32
N ARG K 219 -7.19 -51.66 11.34
CA ARG K 219 -7.42 -52.64 12.38
C ARG K 219 -7.97 -53.93 11.80
N LEU K 220 -8.98 -53.81 10.95
CA LEU K 220 -9.52 -55.00 10.29
C LEU K 220 -8.43 -55.77 9.53
N THR K 221 -7.51 -55.01 8.96
CA THR K 221 -6.47 -55.55 8.11
C THR K 221 -5.45 -56.31 8.91
N ASP K 222 -5.26 -55.90 10.16
CA ASP K 222 -4.34 -56.61 11.04
C ASP K 222 -4.94 -57.93 11.52
N ALA K 223 -6.26 -57.99 11.62
CA ALA K 223 -6.88 -59.20 12.11
C ALA K 223 -7.14 -60.14 10.93
N ASP K 224 -6.67 -59.73 9.76
CA ASP K 224 -6.81 -60.52 8.54
C ASP K 224 -8.29 -60.72 8.30
N ALA K 225 -9.07 -59.68 8.53
CA ALA K 225 -10.50 -59.79 8.41
C ALA K 225 -10.92 -58.96 7.25
N MET K 226 -10.03 -58.08 6.82
CA MET K 226 -10.38 -57.23 5.71
C MET K 226 -10.70 -58.06 4.45
N LYS K 227 -9.94 -59.14 4.26
CA LYS K 227 -10.11 -60.02 3.10
C LYS K 227 -11.53 -60.48 2.84
N TYR K 228 -12.35 -60.63 3.87
CA TYR K 228 -13.74 -61.02 3.66
C TYR K 228 -14.74 -59.87 3.91
N THR K 229 -14.31 -58.64 3.66
CA THR K 229 -15.08 -57.47 4.10
C THR K 229 -15.11 -56.34 3.08
N ILE K 230 -16.26 -55.70 2.95
CA ILE K 230 -16.35 -54.50 2.13
C ILE K 230 -16.60 -53.33 3.04
N VAL K 231 -15.76 -52.31 2.93
CA VAL K 231 -16.00 -51.07 3.65
C VAL K 231 -16.50 -49.99 2.69
N VAL K 232 -17.67 -49.44 2.96
CA VAL K 232 -18.29 -48.41 2.11
C VAL K 232 -18.26 -47.15 2.92
N SER K 233 -17.52 -46.11 2.51
CA SER K 233 -17.45 -44.87 3.32
C SER K 233 -18.04 -43.59 2.69
N ALA K 234 -19.09 -43.09 3.33
CA ALA K 234 -19.56 -41.73 3.14
C ALA K 234 -19.35 -41.02 4.46
N THR K 235 -18.18 -40.39 4.62
CA THR K 235 -17.75 -39.84 5.88
C THR K 235 -18.31 -38.42 6.11
N ALA K 236 -17.93 -37.80 7.22
CA ALA K 236 -18.51 -36.53 7.67
C ALA K 236 -18.43 -35.39 6.66
N SER K 237 -17.36 -35.35 5.87
CA SER K 237 -17.16 -34.28 4.90
C SER K 237 -17.82 -34.51 3.54
N ASP K 238 -18.44 -35.68 3.34
CA ASP K 238 -19.00 -36.03 2.04
C ASP K 238 -20.38 -35.40 1.90
N ALA K 239 -20.75 -35.00 0.68
CA ALA K 239 -22.09 -34.42 0.44
C ALA K 239 -23.24 -35.23 1.06
N ALA K 240 -24.30 -34.57 1.50
CA ALA K 240 -25.35 -35.32 2.21
C ALA K 240 -25.92 -36.55 1.49
N PRO K 241 -26.28 -36.38 0.23
CA PRO K 241 -26.82 -37.51 -0.52
C PRO K 241 -25.89 -38.73 -0.54
N LEU K 242 -24.58 -38.52 -0.48
CA LEU K 242 -23.66 -39.64 -0.44
C LEU K 242 -23.93 -40.50 0.77
N GLN K 243 -24.03 -39.86 1.93
CA GLN K 243 -24.36 -40.55 3.18
C GLN K 243 -25.79 -41.05 3.12
N TYR K 244 -26.69 -40.25 2.56
CA TYR K 244 -28.05 -40.70 2.34
C TYR K 244 -28.11 -41.99 1.52
N LEU K 245 -27.16 -42.11 0.59
CA LEU K 245 -27.17 -43.22 -0.37
C LEU K 245 -26.50 -44.47 0.21
N ALA K 246 -25.30 -44.29 0.77
CA ALA K 246 -24.43 -45.40 1.16
C ALA K 246 -25.12 -46.65 1.69
N PRO K 247 -25.81 -46.54 2.82
CA PRO K 247 -26.34 -47.79 3.37
C PRO K 247 -27.08 -48.62 2.31
N TYR K 248 -27.67 -47.97 1.32
CA TYR K 248 -28.41 -48.71 0.30
C TYR K 248 -27.45 -49.33 -0.70
N SER K 249 -26.41 -48.60 -1.07
CA SER K 249 -25.40 -49.10 -1.96
C SER K 249 -24.83 -50.35 -1.34
N GLY K 250 -24.33 -50.20 -0.13
CA GLY K 250 -23.88 -51.32 0.68
C GLY K 250 -24.87 -52.45 0.81
N CYS K 251 -26.13 -52.15 1.13
CA CYS K 251 -27.16 -53.19 1.19
C CYS K 251 -27.18 -54.04 -0.08
N SER K 252 -27.20 -53.40 -1.25
CA SER K 252 -27.18 -54.09 -2.53
C SER K 252 -25.99 -55.04 -2.62
N MET K 253 -24.81 -54.54 -2.29
CA MET K 253 -23.60 -55.31 -2.41
C MET K 253 -23.73 -56.60 -1.65
N GLY K 254 -24.54 -56.56 -0.60
CA GLY K 254 -24.65 -57.66 0.33
C GLY K 254 -25.84 -58.52 0.02
N GLU K 255 -26.70 -58.04 -0.86
CA GLU K 255 -27.82 -58.84 -1.31
C GLU K 255 -27.30 -59.88 -2.28
N TYR K 256 -26.37 -59.46 -3.12
CA TYR K 256 -25.70 -60.37 -4.04
C TYR K 256 -25.29 -61.67 -3.33
N PHE K 257 -24.67 -61.55 -2.16
CA PHE K 257 -24.34 -62.74 -1.39
C PHE K 257 -25.57 -63.49 -0.89
N ARG K 258 -26.62 -62.77 -0.53
CA ARG K 258 -27.82 -63.41 0.01
C ARG K 258 -28.49 -64.12 -1.12
N ASP K 259 -28.40 -63.53 -2.30
CA ASP K 259 -29.16 -64.00 -3.44
C ASP K 259 -28.49 -65.12 -4.23
N ASN K 260 -27.19 -65.32 -4.03
CA ASN K 260 -26.53 -66.49 -4.59
C ASN K 260 -26.19 -67.51 -3.52
N GLY K 261 -27.15 -67.78 -2.64
CA GLY K 261 -27.01 -68.83 -1.64
C GLY K 261 -25.85 -68.68 -0.68
N LYS K 262 -25.38 -67.46 -0.48
CA LYS K 262 -24.37 -67.18 0.54
C LYS K 262 -24.90 -66.34 1.71
N HIS K 263 -24.01 -66.01 2.64
CA HIS K 263 -24.40 -65.39 3.87
C HIS K 263 -23.65 -64.09 4.09
N ALA K 264 -24.37 -63.00 4.32
CA ALA K 264 -23.71 -61.73 4.59
C ALA K 264 -24.23 -61.05 5.84
N LEU K 265 -23.38 -60.18 6.36
CA LEU K 265 -23.65 -59.36 7.53
C LEU K 265 -23.29 -57.94 7.15
N ILE K 266 -24.26 -57.04 7.26
CA ILE K 266 -24.01 -55.66 6.92
C ILE K 266 -24.17 -54.81 8.20
N ILE K 267 -23.27 -53.84 8.42
CA ILE K 267 -23.36 -52.98 9.58
C ILE K 267 -23.52 -51.56 9.10
N TYR K 268 -24.55 -50.89 9.61
CA TYR K 268 -24.83 -49.52 9.23
C TYR K 268 -24.46 -48.59 10.39
N ASP K 269 -23.41 -47.80 10.20
CA ASP K 269 -22.82 -47.03 11.27
C ASP K 269 -22.61 -45.60 10.81
N ASP K 270 -23.58 -44.75 11.11
CA ASP K 270 -24.80 -45.22 11.77
C ASP K 270 -26.05 -44.65 11.12
N LEU K 271 -27.18 -45.30 11.36
CA LEU K 271 -28.42 -44.84 10.76
C LEU K 271 -28.90 -43.50 11.30
N SER K 272 -28.48 -43.13 12.51
CA SER K 272 -28.83 -41.83 13.06
C SER K 272 -28.25 -40.70 12.25
N LYS K 273 -27.01 -40.85 11.80
CA LYS K 273 -26.40 -39.84 10.97
C LYS K 273 -27.00 -39.83 9.58
N GLN K 274 -27.40 -40.99 9.08
CA GLN K 274 -27.98 -40.98 7.74
C GLN K 274 -29.29 -40.22 7.82
N ALA K 275 -30.08 -40.48 8.85
CA ALA K 275 -31.36 -39.80 8.96
C ALA K 275 -31.10 -38.32 8.97
N VAL K 276 -29.99 -37.92 9.58
CA VAL K 276 -29.67 -36.51 9.65
C VAL K 276 -29.41 -35.97 8.28
N ALA K 277 -28.57 -36.67 7.51
CA ALA K 277 -28.31 -36.31 6.12
C ALA K 277 -29.62 -36.20 5.34
N TYR K 278 -30.52 -37.14 5.56
CA TYR K 278 -31.74 -37.18 4.79
C TYR K 278 -32.55 -35.94 5.13
N ARG K 279 -32.51 -35.54 6.40
CA ARG K 279 -33.23 -34.36 6.85
C ARG K 279 -32.70 -33.10 6.21
N GLN K 280 -31.39 -33.06 6.00
CA GLN K 280 -30.78 -31.92 5.32
C GLN K 280 -31.47 -31.81 3.98
N MET K 281 -31.42 -32.90 3.21
CA MET K 281 -31.99 -32.89 1.87
C MET K 281 -33.46 -32.53 1.90
N SER K 282 -34.24 -33.21 2.73
CA SER K 282 -35.66 -32.88 2.86
C SER K 282 -35.96 -31.40 3.10
N LEU K 283 -35.32 -30.84 4.12
CA LEU K 283 -35.55 -29.46 4.46
C LEU K 283 -35.11 -28.52 3.35
N LEU K 284 -33.94 -28.80 2.76
CA LEU K 284 -33.40 -27.96 1.72
C LEU K 284 -34.29 -27.87 0.50
N LEU K 285 -34.98 -28.99 0.22
CA LEU K 285 -35.99 -29.10 -0.85
C LEU K 285 -37.33 -28.63 -0.32
N ARG K 286 -37.30 -27.95 0.81
CA ARG K 286 -38.50 -27.30 1.29
C ARG K 286 -39.61 -28.26 1.69
N ARG K 287 -39.31 -29.55 1.82
CA ARG K 287 -40.33 -30.48 2.27
C ARG K 287 -40.80 -30.13 3.71
N PRO K 288 -41.99 -30.60 4.13
CA PRO K 288 -42.54 -30.28 5.47
C PRO K 288 -41.96 -31.05 6.67
N PRO K 289 -41.40 -30.32 7.66
CA PRO K 289 -40.87 -30.86 8.92
C PRO K 289 -41.97 -31.31 9.89
N GLY K 290 -41.60 -32.28 10.73
CA GLY K 290 -42.42 -32.75 11.82
C GLY K 290 -41.54 -32.98 13.04
N ARG K 291 -41.90 -33.94 13.88
CA ARG K 291 -41.04 -34.27 15.02
C ARG K 291 -39.55 -33.99 14.72
N GLU K 292 -38.91 -33.16 15.53
CA GLU K 292 -37.50 -32.88 15.37
C GLU K 292 -37.12 -32.42 13.98
N ALA K 293 -38.07 -31.88 13.24
CA ALA K 293 -37.76 -31.35 11.91
C ALA K 293 -37.45 -32.42 10.84
N TYR K 294 -37.57 -33.70 11.20
CA TYR K 294 -37.46 -34.78 10.21
C TYR K 294 -38.67 -34.76 9.26
N PRO K 295 -38.48 -35.27 8.04
CA PRO K 295 -39.53 -35.43 7.04
C PRO K 295 -40.52 -36.45 7.52
N GLY K 296 -41.68 -36.57 6.89
CA GLY K 296 -42.68 -37.56 7.29
C GLY K 296 -42.30 -38.98 6.93
N ASP K 297 -41.40 -39.08 5.94
CA ASP K 297 -41.02 -40.35 5.36
C ASP K 297 -39.67 -40.88 5.85
N VAL K 298 -39.23 -40.41 7.02
CA VAL K 298 -37.95 -40.82 7.58
C VAL K 298 -38.03 -42.19 8.22
N PHE K 299 -39.25 -42.66 8.42
CA PHE K 299 -39.47 -44.04 8.83
C PHE K 299 -39.34 -44.97 7.64
N TYR K 300 -40.00 -44.61 6.55
CA TYR K 300 -39.84 -45.35 5.29
C TYR K 300 -38.38 -45.45 4.92
N LEU K 301 -37.66 -44.32 5.00
CA LEU K 301 -36.23 -44.29 4.68
C LEU K 301 -35.49 -45.42 5.32
N HIS K 302 -35.86 -45.79 6.54
CA HIS K 302 -35.21 -46.88 7.23
C HIS K 302 -35.87 -48.23 7.09
N SER K 303 -37.20 -48.25 7.07
CA SER K 303 -37.94 -49.52 6.95
C SER K 303 -37.58 -50.27 5.67
N ARG K 304 -37.32 -49.52 4.61
CA ARG K 304 -37.12 -50.11 3.29
C ARG K 304 -35.68 -50.54 3.08
N LEU K 305 -34.77 -50.00 3.88
CA LEU K 305 -33.38 -50.40 3.81
C LEU K 305 -33.20 -51.65 4.63
N LEU K 306 -33.96 -51.74 5.72
CA LEU K 306 -33.77 -52.83 6.64
C LEU K 306 -34.68 -54.05 6.39
N GLU K 307 -35.68 -53.93 5.51
CA GLU K 307 -36.45 -55.11 5.06
C GLU K 307 -35.59 -55.92 4.07
N ARG K 308 -34.71 -55.22 3.35
CA ARG K 308 -33.89 -55.85 2.34
C ARG K 308 -32.89 -56.83 2.96
N ALA K 309 -33.02 -57.09 4.24
CA ALA K 309 -32.23 -58.12 4.87
C ALA K 309 -33.20 -59.15 5.40
N ALA K 310 -33.03 -60.40 5.00
CA ALA K 310 -33.74 -61.55 5.61
C ALA K 310 -33.18 -62.86 5.13
N LYS K 311 -33.93 -63.90 5.42
CA LYS K 311 -33.47 -65.28 5.24
C LYS K 311 -34.29 -65.96 4.15
N MET K 312 -33.63 -66.43 3.11
CA MET K 312 -34.34 -67.06 2.00
C MET K 312 -34.63 -68.54 2.29
N ASN K 313 -35.85 -69.00 1.96
CA ASN K 313 -36.14 -70.44 1.93
C ASN K 313 -35.26 -71.15 0.89
N ASP K 314 -35.14 -72.47 0.99
CA ASP K 314 -34.18 -73.18 0.13
C ASP K 314 -34.50 -73.02 -1.34
N ALA K 315 -35.75 -72.67 -1.61
CA ALA K 315 -36.19 -72.32 -2.97
C ALA K 315 -35.36 -71.24 -3.68
N PHE K 316 -34.73 -70.36 -2.89
CA PHE K 316 -33.93 -69.26 -3.43
C PHE K 316 -32.51 -69.28 -2.87
N GLY K 317 -32.09 -70.41 -2.34
CA GLY K 317 -30.69 -70.58 -2.03
C GLY K 317 -30.42 -70.44 -0.56
N GLY K 318 -31.48 -70.32 0.21
CA GLY K 318 -31.36 -70.26 1.66
C GLY K 318 -30.24 -69.34 2.12
N GLY K 319 -29.90 -68.35 1.30
CA GLY K 319 -28.92 -67.37 1.69
C GLY K 319 -29.53 -66.39 2.67
N SER K 320 -28.72 -65.47 3.18
CA SER K 320 -29.24 -64.53 4.17
C SER K 320 -28.41 -63.26 4.19
N LEU K 321 -29.10 -62.15 4.39
CA LEU K 321 -28.48 -60.90 4.80
C LEU K 321 -28.83 -60.65 6.26
N THR K 322 -27.82 -60.54 7.13
CA THR K 322 -28.08 -60.07 8.49
C THR K 322 -27.71 -58.61 8.63
N ALA K 323 -28.49 -57.87 9.42
CA ALA K 323 -28.26 -56.44 9.55
C ALA K 323 -28.11 -55.98 10.99
N LEU K 324 -26.99 -55.33 11.28
CA LEU K 324 -26.75 -54.65 12.54
C LEU K 324 -26.62 -53.15 12.28
N PRO K 325 -27.77 -52.42 12.29
CA PRO K 325 -27.81 -50.95 12.20
C PRO K 325 -27.55 -50.33 13.57
N VAL K 326 -26.79 -49.23 13.59
CA VAL K 326 -26.47 -48.51 14.81
C VAL K 326 -27.28 -47.21 14.91
N ILE K 327 -27.65 -46.88 16.12
CA ILE K 327 -28.44 -45.69 16.40
C ILE K 327 -27.85 -45.03 17.64
N GLU K 328 -27.62 -43.72 17.56
CA GLU K 328 -27.03 -42.95 18.65
C GLU K 328 -28.08 -42.20 19.47
N THR K 329 -28.39 -42.68 20.68
CA THR K 329 -29.36 -42.00 21.53
C THR K 329 -28.71 -40.83 22.21
N GLN K 330 -29.51 -39.83 22.57
CA GLN K 330 -28.96 -38.67 23.26
C GLN K 330 -29.47 -38.74 24.66
N ALA K 331 -28.53 -38.81 25.60
CA ALA K 331 -28.84 -38.96 27.01
C ALA K 331 -29.73 -40.15 27.29
N GLY K 332 -29.46 -41.24 26.62
CA GLY K 332 -30.16 -42.49 26.91
C GLY K 332 -31.62 -42.57 26.52
N ASP K 333 -32.07 -41.56 25.77
CA ASP K 333 -33.46 -41.49 25.32
C ASP K 333 -33.76 -42.42 24.15
N VAL K 334 -34.25 -43.60 24.50
CA VAL K 334 -34.62 -44.62 23.51
C VAL K 334 -36.09 -44.54 23.26
N SER K 335 -36.67 -43.36 23.39
CA SER K 335 -38.04 -43.20 22.95
C SER K 335 -38.19 -41.87 22.24
N ALA K 336 -37.11 -41.46 21.59
CA ALA K 336 -37.17 -40.36 20.65
C ALA K 336 -37.88 -40.88 19.45
N TYR K 337 -37.95 -40.02 18.44
CA TYR K 337 -38.56 -40.37 17.20
C TYR K 337 -37.69 -41.42 16.55
N ILE K 338 -36.43 -41.09 16.27
CA ILE K 338 -35.64 -42.00 15.46
C ILE K 338 -35.29 -43.34 16.13
N PRO K 339 -34.93 -43.33 17.42
CA PRO K 339 -34.85 -44.63 18.11
C PRO K 339 -36.12 -45.48 18.09
N THR K 340 -37.30 -44.94 18.39
CA THR K 340 -38.47 -45.80 18.27
C THR K 340 -38.75 -46.28 16.84
N ASN K 341 -38.52 -45.45 15.82
CA ASN K 341 -38.71 -45.89 14.45
C ASN K 341 -37.93 -47.16 14.20
N VAL K 342 -36.61 -47.06 14.38
CA VAL K 342 -35.75 -48.16 14.05
C VAL K 342 -36.04 -49.34 14.96
N ILE K 343 -36.35 -49.10 16.24
CA ILE K 343 -36.73 -50.22 17.13
C ILE K 343 -37.90 -50.98 16.57
N SER K 344 -38.81 -50.24 15.96
CA SER K 344 -40.06 -50.78 15.44
C SER K 344 -39.89 -51.36 14.04
N ILE K 345 -38.67 -51.30 13.56
CA ILE K 345 -38.31 -52.05 12.37
C ILE K 345 -37.61 -53.38 12.77
N THR K 346 -36.44 -53.27 13.38
CA THR K 346 -35.61 -54.41 13.73
C THR K 346 -36.32 -55.44 14.60
N ASP K 347 -35.74 -56.66 14.65
CA ASP K 347 -36.26 -57.76 15.47
C ASP K 347 -35.54 -57.80 16.81
N GLY K 348 -35.44 -56.64 17.46
CA GLY K 348 -34.79 -56.56 18.76
C GLY K 348 -33.54 -55.70 18.74
N GLN K 349 -32.97 -55.42 19.92
CA GLN K 349 -31.86 -54.49 20.07
C GLN K 349 -30.98 -54.78 21.27
N ILE K 350 -29.69 -54.48 21.10
CA ILE K 350 -28.68 -54.52 22.15
C ILE K 350 -28.49 -53.10 22.70
N PHE K 351 -29.00 -52.85 23.89
CA PHE K 351 -28.95 -51.50 24.46
C PHE K 351 -27.66 -51.29 25.24
N LEU K 352 -26.92 -50.24 24.88
CA LEU K 352 -25.69 -49.91 25.59
C LEU K 352 -25.85 -48.68 26.45
N GLU K 353 -25.30 -48.77 27.65
CA GLU K 353 -25.61 -47.83 28.68
C GLU K 353 -24.40 -47.04 29.11
N THR K 354 -24.40 -45.72 28.91
CA THR K 354 -23.25 -44.94 29.37
C THR K 354 -22.89 -45.21 30.81
N GLU K 355 -23.86 -45.33 31.71
CA GLU K 355 -23.48 -45.65 33.09
C GLU K 355 -22.62 -46.88 33.24
N LEU K 356 -23.17 -48.04 32.90
CA LEU K 356 -22.46 -49.32 32.90
C LEU K 356 -21.05 -49.24 32.28
N PHE K 357 -20.94 -48.51 31.17
CA PHE K 357 -19.65 -48.35 30.52
C PHE K 357 -18.69 -47.68 31.47
N TYR K 358 -19.15 -46.59 32.07
CA TYR K 358 -18.38 -45.82 33.04
C TYR K 358 -17.91 -46.69 34.19
N LYS K 359 -18.85 -47.26 34.94
CA LYS K 359 -18.56 -48.23 36.00
C LYS K 359 -17.48 -49.25 35.61
N GLY K 360 -17.42 -49.64 34.33
CA GLY K 360 -16.41 -50.57 33.89
C GLY K 360 -16.97 -51.83 33.24
N ILE K 361 -18.24 -52.08 33.47
CA ILE K 361 -18.95 -53.11 32.74
C ILE K 361 -18.90 -52.86 31.24
N ARG K 362 -17.98 -53.51 30.54
CA ARG K 362 -17.86 -53.36 29.09
C ARG K 362 -17.57 -54.71 28.46
N PRO K 363 -18.37 -55.11 27.48
CA PRO K 363 -19.39 -54.37 26.76
C PRO K 363 -20.46 -53.85 27.69
N ALA K 364 -20.83 -52.58 27.54
CA ALA K 364 -21.84 -51.97 28.40
C ALA K 364 -23.27 -52.30 27.94
N ILE K 365 -23.61 -53.58 27.92
CA ILE K 365 -24.94 -53.99 27.51
C ILE K 365 -25.91 -53.96 28.67
N ASN K 366 -27.07 -53.37 28.46
CA ASN K 366 -28.11 -53.52 29.44
C ASN K 366 -28.84 -54.81 29.21
N VAL K 367 -28.42 -55.83 29.93
CA VAL K 367 -28.92 -57.17 29.71
C VAL K 367 -30.44 -57.23 29.90
N GLY K 368 -30.96 -56.39 30.77
CA GLY K 368 -32.39 -56.41 31.03
C GLY K 368 -33.20 -55.76 29.93
N LEU K 369 -32.63 -54.77 29.27
CA LEU K 369 -33.37 -54.03 28.28
C LEU K 369 -33.12 -54.57 26.91
N SER K 370 -31.96 -55.21 26.74
CA SER K 370 -31.61 -55.72 25.43
C SER K 370 -32.44 -56.95 25.11
N VAL K 371 -32.82 -57.12 23.85
CA VAL K 371 -33.61 -58.26 23.46
C VAL K 371 -33.33 -58.76 22.05
N SER K 372 -33.44 -60.08 21.85
CA SER K 372 -33.52 -60.60 20.51
C SER K 372 -34.73 -61.50 20.42
N ARG K 373 -35.56 -61.23 19.42
CA ARG K 373 -36.80 -61.95 19.23
C ARG K 373 -36.50 -63.21 18.46
N VAL K 374 -36.66 -63.11 17.14
CA VAL K 374 -36.40 -64.24 16.23
C VAL K 374 -35.20 -65.10 16.63
N GLY K 375 -34.04 -64.46 16.75
CA GLY K 375 -32.79 -65.17 16.93
C GLY K 375 -32.70 -66.04 18.16
N SER K 376 -33.75 -66.09 18.96
CA SER K 376 -33.75 -66.94 20.13
C SER K 376 -33.45 -68.40 19.74
N ALA K 377 -34.03 -68.81 18.61
CA ALA K 377 -34.01 -70.18 18.12
C ALA K 377 -32.80 -70.51 17.22
N ALA K 378 -31.92 -69.55 17.03
CA ALA K 378 -30.71 -69.74 16.23
C ALA K 378 -29.51 -69.88 17.13
N GLN K 379 -29.77 -70.05 18.42
CA GLN K 379 -28.71 -70.22 19.40
C GLN K 379 -28.22 -71.66 19.35
N THR K 380 -26.91 -71.84 19.31
CA THR K 380 -26.32 -73.17 19.41
C THR K 380 -26.75 -73.88 20.71
N ARG K 381 -26.79 -75.20 20.67
CA ARG K 381 -27.35 -75.96 21.79
C ARG K 381 -26.37 -75.97 22.94
N ALA K 382 -25.10 -76.10 22.58
CA ALA K 382 -24.02 -76.18 23.54
C ALA K 382 -24.18 -75.05 24.56
N MET K 383 -24.30 -73.84 24.01
CA MET K 383 -24.47 -72.62 24.78
C MET K 383 -25.74 -72.66 25.60
N LYS K 384 -26.86 -72.88 24.89
CA LYS K 384 -28.21 -72.88 25.46
C LYS K 384 -28.29 -73.51 26.84
N GLN K 385 -27.64 -74.66 27.02
CA GLN K 385 -27.56 -75.27 28.34
C GLN K 385 -27.13 -74.19 29.32
N VAL K 386 -25.83 -73.90 29.31
CA VAL K 386 -25.21 -73.00 30.30
C VAL K 386 -25.76 -71.58 30.22
N ALA K 387 -26.12 -71.18 29.01
CA ALA K 387 -26.60 -69.83 28.79
C ALA K 387 -27.91 -69.58 29.53
N GLY K 388 -28.92 -70.39 29.23
CA GLY K 388 -30.23 -70.20 29.80
C GLY K 388 -30.24 -70.13 31.33
N THR K 389 -29.26 -70.79 31.94
CA THR K 389 -29.21 -70.82 33.39
C THR K 389 -28.42 -69.63 33.92
N MET K 390 -27.79 -68.90 33.01
CA MET K 390 -27.23 -67.60 33.36
C MET K 390 -28.31 -66.52 33.25
N LYS K 391 -29.02 -66.48 32.12
CA LYS K 391 -30.12 -65.52 31.93
C LYS K 391 -30.99 -65.50 33.15
N LEU K 392 -31.09 -66.65 33.79
CA LEU K 392 -31.97 -66.87 34.93
C LEU K 392 -31.41 -66.33 36.25
N GLU K 393 -30.15 -66.62 36.54
CA GLU K 393 -29.59 -66.18 37.81
C GLU K 393 -29.35 -64.68 37.79
N LEU K 394 -29.03 -64.18 36.59
CA LEU K 394 -28.80 -62.74 36.39
C LEU K 394 -30.12 -62.05 36.53
N ALA K 395 -31.16 -62.77 36.15
CA ALA K 395 -32.52 -62.34 36.38
C ALA K 395 -32.76 -62.08 37.87
N GLN K 396 -32.59 -63.12 38.69
CA GLN K 396 -32.88 -63.00 40.11
C GLN K 396 -31.80 -62.20 40.80
N TYR K 397 -30.94 -61.57 40.01
CA TYR K 397 -29.92 -60.72 40.57
C TYR K 397 -30.35 -59.27 40.46
N ARG K 398 -31.16 -58.99 39.46
CA ARG K 398 -31.45 -57.62 39.03
C ARG K 398 -32.30 -56.81 40.00
N GLU K 399 -33.22 -57.47 40.68
CA GLU K 399 -34.02 -56.77 41.70
C GLU K 399 -33.37 -56.94 43.05
N VAL K 400 -33.05 -58.19 43.42
CA VAL K 400 -32.45 -58.41 44.71
C VAL K 400 -31.19 -57.54 44.82
N ALA K 401 -30.92 -56.77 43.76
CA ALA K 401 -29.83 -55.79 43.78
C ALA K 401 -30.31 -54.43 44.24
N LEU K 410 -28.82 -59.73 55.50
CA LEU K 410 -29.79 -60.30 54.57
C LEU K 410 -29.60 -61.80 54.51
N ASP K 411 -30.69 -62.54 54.23
CA ASP K 411 -30.66 -63.99 54.40
C ASP K 411 -29.72 -64.78 53.44
N ALA K 412 -29.36 -65.98 53.86
CA ALA K 412 -28.41 -66.82 53.12
C ALA K 412 -28.59 -66.73 51.63
N ALA K 413 -29.80 -67.03 51.18
CA ALA K 413 -30.08 -67.24 49.76
C ALA K 413 -30.16 -65.97 48.92
N THR K 414 -30.69 -64.89 49.49
CA THR K 414 -30.75 -63.64 48.73
C THR K 414 -29.39 -63.00 48.70
N GLN K 415 -28.59 -63.23 49.74
CA GLN K 415 -27.23 -62.72 49.75
C GLN K 415 -26.38 -63.59 48.86
N GLN K 416 -26.84 -64.81 48.65
CA GLN K 416 -26.20 -65.72 47.73
C GLN K 416 -26.47 -65.26 46.31
N LEU K 417 -27.74 -65.12 45.99
CA LEU K 417 -28.17 -64.68 44.67
C LEU K 417 -27.42 -63.44 44.17
N LEU K 418 -27.02 -62.59 45.11
CA LEU K 418 -26.17 -61.44 44.85
C LEU K 418 -24.76 -61.89 44.45
N SER K 419 -24.05 -62.48 45.41
CA SER K 419 -22.72 -63.03 45.17
C SER K 419 -22.63 -63.65 43.78
N ARG K 420 -23.46 -64.66 43.53
CA ARG K 420 -23.52 -65.31 42.24
C ARG K 420 -23.69 -64.30 41.10
N GLY K 421 -24.47 -63.26 41.34
CA GLY K 421 -24.71 -62.27 40.32
C GLY K 421 -23.48 -61.47 39.97
N VAL K 422 -22.89 -60.84 40.97
CA VAL K 422 -21.81 -59.91 40.71
C VAL K 422 -20.73 -60.67 40.00
N ARG K 423 -20.74 -61.99 40.19
CA ARG K 423 -19.73 -62.82 39.56
C ARG K 423 -20.06 -63.11 38.09
N LEU K 424 -21.28 -63.58 37.84
CA LEU K 424 -21.71 -63.82 36.46
C LEU K 424 -21.51 -62.58 35.63
N THR K 425 -21.61 -61.43 36.28
CA THR K 425 -21.45 -60.17 35.61
C THR K 425 -20.02 -59.96 35.17
N GLU K 426 -19.12 -60.04 36.12
CA GLU K 426 -17.71 -59.98 35.84
C GLU K 426 -17.33 -60.91 34.68
N LEU K 427 -17.91 -62.11 34.65
CA LEU K 427 -17.63 -63.08 33.59
C LEU K 427 -17.95 -62.56 32.19
N LEU K 428 -18.97 -61.72 32.06
CA LEU K 428 -19.35 -61.24 30.73
C LEU K 428 -18.62 -59.98 30.28
N LYS K 429 -17.82 -59.38 31.15
CA LYS K 429 -16.93 -58.30 30.73
C LYS K 429 -15.93 -58.91 29.76
N GLN K 430 -15.63 -58.21 28.68
CA GLN K 430 -14.76 -58.75 27.64
C GLN K 430 -14.05 -57.66 26.86
N GLY K 431 -12.78 -57.87 26.58
CA GLY K 431 -11.98 -56.86 25.93
C GLY K 431 -12.26 -56.72 24.47
N GLN K 432 -11.84 -55.58 23.94
CA GLN K 432 -11.97 -55.27 22.53
C GLN K 432 -11.00 -56.10 21.67
N TYR K 433 -11.42 -56.41 20.45
CA TYR K 433 -10.58 -57.10 19.47
C TYR K 433 -10.24 -58.54 19.85
N SER K 434 -11.14 -59.23 20.53
CA SER K 434 -10.92 -60.61 20.94
C SER K 434 -12.21 -61.42 20.97
N PRO K 435 -12.79 -61.68 19.80
CA PRO K 435 -13.98 -62.52 19.74
C PRO K 435 -13.63 -63.88 20.30
N MET K 436 -14.59 -64.55 20.93
CA MET K 436 -14.36 -65.90 21.42
C MET K 436 -15.07 -66.96 20.58
N ALA K 437 -14.40 -68.09 20.42
CA ALA K 437 -15.03 -69.26 19.86
C ALA K 437 -16.20 -69.59 20.75
N ILE K 438 -17.31 -69.99 20.15
CA ILE K 438 -18.49 -70.32 20.92
C ILE K 438 -18.25 -71.31 22.10
N GLU K 439 -17.38 -72.29 21.92
CA GLU K 439 -17.13 -73.28 22.96
C GLU K 439 -16.23 -72.70 24.05
N GLU K 440 -15.21 -71.96 23.64
CA GLU K 440 -14.40 -71.19 24.57
C GLU K 440 -15.37 -70.41 25.48
N GLN K 441 -16.47 -69.94 24.91
CA GLN K 441 -17.45 -69.18 25.68
C GLN K 441 -18.14 -70.09 26.66
N VAL K 442 -18.72 -71.15 26.12
CA VAL K 442 -19.52 -72.04 26.92
C VAL K 442 -18.65 -72.58 28.07
N ALA K 443 -17.34 -72.59 27.84
CA ALA K 443 -16.35 -73.06 28.82
C ALA K 443 -16.23 -72.12 30.02
N VAL K 444 -15.88 -70.86 29.74
CA VAL K 444 -15.68 -69.89 30.81
C VAL K 444 -16.99 -69.50 31.47
N ILE K 445 -18.10 -69.63 30.76
CA ILE K 445 -19.40 -69.44 31.40
C ILE K 445 -19.68 -70.59 32.38
N TYR K 446 -19.51 -71.82 31.90
CA TYR K 446 -19.68 -73.02 32.73
C TYR K 446 -19.03 -72.77 34.07
N ALA K 447 -17.84 -72.19 34.00
CA ALA K 447 -17.03 -71.93 35.17
C ALA K 447 -17.78 -71.17 36.24
N GLY K 448 -18.70 -70.31 35.82
CA GLY K 448 -19.37 -69.41 36.74
C GLY K 448 -20.73 -69.90 37.16
N VAL K 449 -21.44 -70.57 36.24
CA VAL K 449 -22.79 -71.03 36.50
C VAL K 449 -22.83 -72.25 37.40
N ARG K 450 -21.71 -72.95 37.50
CA ARG K 450 -21.58 -74.05 38.45
C ARG K 450 -20.93 -73.54 39.72
N GLY K 451 -20.66 -72.25 39.74
CA GLY K 451 -20.21 -71.56 40.95
C GLY K 451 -18.83 -71.93 41.50
N TYR K 452 -17.86 -72.12 40.60
CA TYR K 452 -16.49 -72.27 41.05
C TYR K 452 -15.95 -70.89 41.32
N LEU K 453 -16.57 -69.89 40.70
CA LEU K 453 -16.15 -68.50 40.87
C LEU K 453 -16.55 -67.89 42.21
N ASP K 454 -17.46 -68.53 42.92
CA ASP K 454 -18.14 -67.89 44.05
C ASP K 454 -17.27 -67.38 45.20
N LYS K 455 -16.18 -68.08 45.49
CA LYS K 455 -15.37 -67.70 46.65
C LYS K 455 -14.16 -66.83 46.29
N LEU K 456 -13.94 -66.64 44.99
CA LEU K 456 -12.97 -65.66 44.51
C LEU K 456 -13.50 -64.26 44.76
N GLU K 457 -12.67 -63.33 45.21
CA GLU K 457 -13.15 -61.95 45.19
C GLU K 457 -13.21 -61.46 43.76
N PRO K 458 -14.20 -60.62 43.45
CA PRO K 458 -14.55 -60.26 42.07
C PRO K 458 -13.46 -59.49 41.31
N SER K 459 -12.70 -58.66 42.01
CA SER K 459 -11.60 -57.99 41.36
C SER K 459 -10.76 -59.02 40.60
N LYS K 460 -10.70 -60.23 41.14
CA LYS K 460 -9.82 -61.26 40.63
C LYS K 460 -10.48 -62.11 39.55
N ILE K 461 -11.79 -62.02 39.45
CA ILE K 461 -12.51 -62.82 38.47
C ILE K 461 -12.00 -62.75 37.05
N THR K 462 -11.70 -61.56 36.55
CA THR K 462 -11.22 -61.47 35.16
C THR K 462 -9.79 -61.98 34.95
N LYS K 463 -8.94 -61.82 35.97
CA LYS K 463 -7.62 -62.48 35.97
C LYS K 463 -7.84 -63.96 35.74
N PHE K 464 -8.59 -64.55 36.66
CA PHE K 464 -8.94 -65.94 36.62
C PHE K 464 -9.45 -66.37 35.28
N GLU K 465 -10.35 -65.58 34.71
CA GLU K 465 -11.00 -65.97 33.49
C GLU K 465 -9.94 -66.08 32.42
N ASN K 466 -9.11 -65.05 32.32
CA ASN K 466 -8.17 -65.02 31.21
C ASN K 466 -7.16 -66.12 31.28
N ALA K 467 -6.76 -66.47 32.48
CA ALA K 467 -5.85 -67.59 32.66
C ALA K 467 -6.58 -68.89 32.30
N PHE K 468 -7.70 -69.12 32.96
CA PHE K 468 -8.47 -70.35 32.77
C PHE K 468 -8.79 -70.55 31.31
N LEU K 469 -9.14 -69.50 30.59
CA LEU K 469 -9.50 -69.68 29.19
C LEU K 469 -8.27 -70.03 28.37
N SER K 470 -7.26 -69.19 28.44
CA SER K 470 -6.05 -69.45 27.67
C SER K 470 -5.42 -70.81 28.04
N HIS K 471 -5.69 -71.27 29.26
CA HIS K 471 -5.24 -72.61 29.65
C HIS K 471 -5.97 -73.73 28.93
N VAL K 472 -7.29 -73.83 29.11
CA VAL K 472 -8.04 -74.87 28.42
C VAL K 472 -7.77 -74.76 26.93
N ILE K 473 -7.59 -73.54 26.44
CA ILE K 473 -7.32 -73.38 24.99
C ILE K 473 -6.00 -74.00 24.55
N SER K 474 -4.95 -73.77 25.33
CA SER K 474 -3.64 -74.36 25.05
C SER K 474 -3.60 -75.87 25.17
N GLN K 475 -3.90 -76.38 26.37
CA GLN K 475 -3.86 -77.81 26.63
C GLN K 475 -5.11 -78.55 26.15
N HIS K 476 -6.26 -78.27 26.74
CA HIS K 476 -7.47 -79.02 26.41
C HIS K 476 -8.19 -78.71 25.10
N GLN K 477 -7.45 -78.47 24.02
CA GLN K 477 -8.06 -78.35 22.71
C GLN K 477 -8.95 -79.55 22.44
N ALA K 478 -8.71 -80.61 23.19
CA ALA K 478 -9.52 -81.84 23.20
C ALA K 478 -10.97 -81.51 23.52
N LEU K 479 -11.15 -81.09 24.77
CA LEU K 479 -12.44 -80.72 25.34
C LEU K 479 -13.16 -79.70 24.49
N LEU K 480 -12.49 -78.63 24.11
CA LEU K 480 -13.12 -77.62 23.27
C LEU K 480 -13.61 -78.26 21.96
N GLY K 481 -12.68 -78.74 21.12
CA GLY K 481 -13.06 -79.47 19.94
C GLY K 481 -14.26 -80.39 20.13
N LYS K 482 -14.38 -81.04 21.29
CA LYS K 482 -15.49 -81.97 21.53
C LYS K 482 -16.82 -81.27 21.82
N ILE K 483 -16.79 -80.22 22.63
CA ILE K 483 -18.00 -79.45 22.94
C ILE K 483 -18.61 -78.84 21.68
N ARG K 484 -17.75 -78.42 20.77
CA ARG K 484 -18.19 -77.94 19.47
C ARG K 484 -18.85 -79.08 18.70
N THR K 485 -18.23 -80.26 18.77
CA THR K 485 -18.68 -81.44 18.04
C THR K 485 -20.00 -82.08 18.56
N ASP K 486 -20.01 -82.59 19.79
CA ASP K 486 -21.27 -83.02 20.39
C ASP K 486 -22.27 -81.86 20.44
N GLY K 487 -21.82 -80.67 20.01
CA GLY K 487 -22.60 -79.45 20.09
C GLY K 487 -23.38 -79.37 21.39
N LYS K 488 -22.70 -79.61 22.50
CA LYS K 488 -23.37 -79.91 23.75
C LYS K 488 -22.32 -80.22 24.82
N ILE K 489 -22.62 -79.88 26.06
CA ILE K 489 -21.72 -80.30 27.11
C ILE K 489 -22.13 -81.70 27.52
N SER K 490 -21.39 -82.66 26.93
CA SER K 490 -21.59 -84.09 27.15
C SER K 490 -21.40 -84.50 28.62
N GLU K 491 -22.05 -85.56 29.05
CA GLU K 491 -21.89 -86.01 30.42
C GLU K 491 -20.42 -86.22 30.79
N GLU K 492 -19.66 -86.73 29.82
CA GLU K 492 -18.22 -86.87 29.93
C GLU K 492 -17.59 -85.48 29.97
N SER K 493 -17.66 -84.76 28.84
CA SER K 493 -17.22 -83.35 28.74
C SER K 493 -17.40 -82.65 30.07
N ASP K 494 -18.61 -82.69 30.62
CA ASP K 494 -18.89 -81.98 31.84
C ASP K 494 -17.97 -82.42 32.96
N ALA K 495 -17.86 -83.73 33.18
CA ALA K 495 -17.08 -84.22 34.34
C ALA K 495 -15.57 -83.96 34.14
N LYS K 496 -15.19 -83.94 32.88
CA LYS K 496 -13.82 -83.65 32.48
C LYS K 496 -13.55 -82.21 32.89
N LEU K 497 -14.38 -81.34 32.35
CA LEU K 497 -14.37 -79.90 32.64
C LEU K 497 -14.45 -79.63 34.11
N LYS K 498 -15.23 -80.43 34.84
CA LYS K 498 -15.32 -80.23 36.27
C LYS K 498 -13.94 -80.33 36.85
N GLU K 499 -13.20 -81.37 36.45
CA GLU K 499 -11.91 -81.63 37.07
C GLU K 499 -10.88 -80.55 36.76
N ILE K 500 -10.75 -80.20 35.48
CA ILE K 500 -9.98 -79.02 35.07
C ILE K 500 -10.20 -77.77 35.95
N VAL K 501 -11.34 -77.11 35.82
CA VAL K 501 -11.62 -75.95 36.66
C VAL K 501 -11.34 -76.12 38.17
N THR K 502 -11.55 -77.31 38.73
CA THR K 502 -11.30 -77.52 40.15
C THR K 502 -9.83 -77.37 40.53
N ASN K 503 -9.00 -78.17 39.90
CA ASN K 503 -7.56 -78.14 40.13
C ASN K 503 -6.92 -76.86 39.58
N PHE K 504 -7.67 -76.07 38.84
CA PHE K 504 -7.13 -74.80 38.38
C PHE K 504 -7.37 -73.78 39.48
N LEU K 505 -8.59 -73.73 39.96
CA LEU K 505 -8.93 -72.83 41.05
C LEU K 505 -7.98 -72.98 42.25
N ALA K 506 -7.75 -74.22 42.71
CA ALA K 506 -7.00 -74.47 43.94
C ALA K 506 -5.53 -74.09 43.79
N GLY K 507 -5.04 -74.23 42.56
CA GLY K 507 -3.75 -73.68 42.17
C GLY K 507 -3.84 -72.20 41.85
N PHE K 508 -5.02 -71.61 42.01
CA PHE K 508 -5.14 -70.19 41.78
C PHE K 508 -4.80 -69.43 43.05
N GLU K 509 -3.95 -68.44 42.77
CA GLU K 509 -3.10 -67.72 43.71
C GLU K 509 -3.19 -66.20 43.42
N ALA K 510 -3.21 -65.38 44.48
CA ALA K 510 -3.31 -63.91 44.36
C ALA K 510 -1.93 -63.21 44.34
N ARG L 30 -68.97 -23.02 -14.55
CA ARG L 30 -67.88 -23.99 -14.80
C ARG L 30 -67.22 -24.51 -13.51
N VAL L 31 -66.45 -25.60 -13.65
CA VAL L 31 -65.53 -26.01 -12.58
C VAL L 31 -64.12 -26.01 -13.12
N LEU L 32 -63.29 -25.20 -12.49
CA LEU L 32 -61.91 -25.03 -12.89
C LEU L 32 -61.00 -26.21 -12.53
N SER L 33 -61.22 -26.77 -11.34
CA SER L 33 -60.39 -27.82 -10.74
C SER L 33 -61.03 -28.33 -9.45
N ILE L 34 -60.84 -29.60 -9.15
CA ILE L 34 -61.45 -30.17 -7.96
C ILE L 34 -60.50 -31.14 -7.33
N GLY L 35 -60.53 -31.16 -5.99
CA GLY L 35 -59.65 -31.97 -5.17
C GLY L 35 -59.90 -31.70 -3.70
N ASP L 36 -60.00 -32.78 -2.92
CA ASP L 36 -60.00 -32.70 -1.46
C ASP L 36 -61.19 -31.93 -0.89
N GLY L 37 -62.28 -31.87 -1.64
CA GLY L 37 -63.46 -31.20 -1.15
C GLY L 37 -63.39 -29.71 -1.47
N ILE L 38 -62.39 -29.33 -2.27
CA ILE L 38 -62.24 -27.94 -2.72
C ILE L 38 -62.35 -27.76 -4.23
N ALA L 39 -63.51 -27.23 -4.65
CA ALA L 39 -63.74 -26.98 -6.05
C ALA L 39 -63.49 -25.51 -6.38
N ARG L 40 -62.58 -25.27 -7.32
CA ARG L 40 -62.39 -23.94 -7.92
C ARG L 40 -63.38 -23.81 -9.07
N VAL L 41 -63.92 -22.61 -9.27
CA VAL L 41 -64.98 -22.42 -10.24
C VAL L 41 -64.77 -21.15 -11.05
N HIS L 42 -64.70 -21.28 -12.38
CA HIS L 42 -64.56 -20.14 -13.30
C HIS L 42 -65.89 -19.68 -13.88
N GLY L 43 -66.55 -18.77 -13.18
CA GLY L 43 -67.88 -18.32 -13.54
C GLY L 43 -68.59 -17.79 -12.32
N LEU L 44 -69.81 -18.26 -12.09
CA LEU L 44 -70.61 -17.79 -10.96
C LEU L 44 -70.53 -16.27 -10.67
N ARG L 45 -70.22 -15.45 -11.69
CA ARG L 45 -69.78 -14.07 -11.47
C ARG L 45 -70.63 -13.22 -10.54
N ASN L 46 -71.89 -13.61 -10.35
CA ASN L 46 -72.76 -12.85 -9.46
C ASN L 46 -73.14 -13.62 -8.21
N VAL L 47 -72.29 -14.56 -7.79
CA VAL L 47 -72.55 -15.42 -6.63
C VAL L 47 -72.24 -14.72 -5.34
N GLN L 48 -73.14 -14.84 -4.37
CA GLN L 48 -72.93 -14.28 -3.04
C GLN L 48 -71.82 -15.04 -2.30
N ALA L 49 -70.98 -14.30 -1.58
CA ALA L 49 -70.04 -14.91 -0.67
C ALA L 49 -70.85 -15.57 0.44
N GLU L 50 -70.58 -16.86 0.67
CA GLU L 50 -71.25 -17.65 1.71
C GLU L 50 -72.57 -18.20 1.20
N GLU L 51 -72.86 -17.91 -0.06
CA GLU L 51 -74.05 -18.44 -0.72
C GLU L 51 -73.75 -19.84 -1.20
N MET L 52 -74.70 -20.74 -1.00
CA MET L 52 -74.53 -22.13 -1.39
C MET L 52 -74.81 -22.34 -2.88
N VAL L 53 -73.89 -23.01 -3.57
CA VAL L 53 -74.13 -23.33 -4.97
C VAL L 53 -74.66 -24.75 -5.00
N GLU L 54 -74.97 -25.23 -6.19
CA GLU L 54 -75.34 -26.63 -6.40
C GLU L 54 -74.54 -27.21 -7.55
N PHE L 55 -74.33 -28.51 -7.51
CA PHE L 55 -73.42 -29.10 -8.46
C PHE L 55 -74.12 -29.87 -9.56
N SER L 56 -73.43 -30.01 -10.69
CA SER L 56 -73.89 -30.88 -11.76
C SER L 56 -74.62 -32.08 -11.16
N SER L 57 -73.90 -32.94 -10.45
CA SER L 57 -74.45 -34.20 -9.93
C SER L 57 -75.57 -34.05 -8.88
N GLY L 58 -75.99 -32.82 -8.63
CA GLY L 58 -77.06 -32.55 -7.67
C GLY L 58 -76.55 -32.33 -6.26
N LEU L 59 -75.28 -31.97 -6.15
CA LEU L 59 -74.57 -31.83 -4.89
C LEU L 59 -74.52 -30.38 -4.41
N LYS L 60 -75.01 -30.15 -3.20
CA LYS L 60 -74.98 -28.82 -2.62
C LYS L 60 -73.55 -28.48 -2.13
N GLY L 61 -72.99 -27.38 -2.62
CA GLY L 61 -71.66 -26.97 -2.22
C GLY L 61 -71.70 -25.70 -1.37
N MET L 62 -70.65 -24.88 -1.46
CA MET L 62 -70.68 -23.57 -0.80
C MET L 62 -69.52 -22.63 -1.13
N SER L 63 -69.87 -21.36 -1.34
CA SER L 63 -68.90 -20.34 -1.66
C SER L 63 -68.32 -19.80 -0.37
N LEU L 64 -67.00 -19.62 -0.39
CA LEU L 64 -66.27 -19.14 0.77
C LEU L 64 -65.09 -18.27 0.34
N ASN L 65 -64.51 -18.59 -0.82
CA ASN L 65 -63.48 -17.73 -1.36
C ASN L 65 -63.95 -17.02 -2.62
N LEU L 66 -64.39 -15.77 -2.51
CA LEU L 66 -64.72 -15.01 -3.70
C LEU L 66 -63.46 -14.31 -4.16
N GLU L 67 -62.78 -14.90 -5.12
CA GLU L 67 -61.55 -14.30 -5.61
C GLU L 67 -61.81 -13.78 -7.01
N PRO L 68 -60.89 -12.96 -7.52
CA PRO L 68 -61.00 -12.33 -8.83
C PRO L 68 -61.51 -13.27 -9.90
N ASP L 69 -60.83 -14.41 -10.04
CA ASP L 69 -60.99 -15.26 -11.21
C ASP L 69 -61.49 -16.62 -10.85
N ASN L 70 -62.22 -16.73 -9.74
CA ASN L 70 -62.78 -18.03 -9.40
C ASN L 70 -63.39 -18.05 -8.03
N VAL L 71 -64.36 -18.92 -7.84
CA VAL L 71 -64.92 -19.15 -6.52
C VAL L 71 -64.49 -20.51 -6.00
N GLY L 72 -63.64 -20.52 -4.97
CA GLY L 72 -63.37 -21.74 -4.25
C GLY L 72 -64.61 -22.11 -3.46
N VAL L 73 -65.03 -23.37 -3.59
CA VAL L 73 -66.29 -23.82 -2.99
C VAL L 73 -66.05 -25.08 -2.18
N VAL L 74 -66.56 -25.09 -0.95
CA VAL L 74 -66.42 -26.27 -0.10
C VAL L 74 -67.55 -27.26 -0.35
N VAL L 75 -67.22 -28.39 -0.97
CA VAL L 75 -68.22 -29.41 -1.32
C VAL L 75 -68.87 -30.05 -0.09
N PHE L 76 -70.19 -30.09 -0.02
CA PHE L 76 -70.84 -30.74 1.12
C PHE L 76 -71.05 -32.23 0.92
N GLY L 77 -70.04 -32.91 0.39
CA GLY L 77 -70.08 -34.36 0.26
C GLY L 77 -68.95 -34.95 -0.58
N ASN L 78 -69.06 -36.23 -0.91
CA ASN L 78 -68.03 -36.92 -1.68
C ASN L 78 -67.75 -36.23 -3.00
N ASP L 79 -66.57 -35.62 -3.12
CA ASP L 79 -66.19 -34.97 -4.35
C ASP L 79 -65.52 -35.92 -5.34
N LYS L 80 -66.08 -37.13 -5.47
CA LYS L 80 -65.66 -38.04 -6.53
C LYS L 80 -66.50 -37.75 -7.78
N LEU L 81 -67.78 -37.52 -7.53
CA LEU L 81 -68.77 -37.23 -8.54
C LEU L 81 -68.43 -35.99 -9.33
N ILE L 82 -67.72 -35.07 -8.68
CA ILE L 82 -67.29 -33.87 -9.37
C ILE L 82 -66.06 -34.16 -10.23
N LYS L 83 -65.94 -33.40 -11.30
CA LYS L 83 -64.91 -33.59 -12.31
C LYS L 83 -64.59 -32.19 -12.81
N GLU L 84 -63.42 -31.99 -13.40
CA GLU L 84 -63.18 -30.70 -14.02
C GLU L 84 -64.31 -30.48 -15.00
N GLY L 85 -64.71 -29.23 -15.20
CA GLY L 85 -65.72 -28.94 -16.21
C GLY L 85 -67.20 -29.10 -15.86
N ASP L 86 -67.53 -29.83 -14.80
CA ASP L 86 -68.93 -29.93 -14.36
C ASP L 86 -69.64 -28.58 -14.32
N ILE L 87 -70.91 -28.61 -13.96
CA ILE L 87 -71.66 -27.37 -13.94
C ILE L 87 -72.08 -27.01 -12.53
N VAL L 88 -71.81 -25.76 -12.16
CA VAL L 88 -72.24 -25.27 -10.86
C VAL L 88 -73.26 -24.16 -11.05
N LYS L 89 -74.37 -24.26 -10.33
CA LYS L 89 -75.50 -23.35 -10.48
C LYS L 89 -75.86 -22.68 -9.18
N ARG L 90 -76.12 -21.38 -9.20
CA ARG L 90 -76.51 -20.69 -7.97
C ARG L 90 -77.81 -21.20 -7.35
N THR L 91 -77.98 -20.87 -6.07
CA THR L 91 -79.20 -21.17 -5.34
C THR L 91 -79.79 -19.83 -4.95
N GLY L 92 -78.91 -18.84 -4.88
CA GLY L 92 -79.27 -17.51 -4.41
C GLY L 92 -79.25 -17.41 -2.90
N ALA L 93 -79.45 -18.55 -2.23
CA ALA L 93 -79.65 -18.59 -0.78
C ALA L 93 -78.36 -18.78 0.03
N ILE L 94 -78.26 -18.04 1.13
CA ILE L 94 -77.29 -18.36 2.19
C ILE L 94 -77.84 -19.60 2.90
N VAL L 95 -76.95 -20.42 3.44
CA VAL L 95 -77.34 -21.77 3.87
C VAL L 95 -78.33 -21.80 5.04
N ASP L 96 -79.26 -22.76 5.00
CA ASP L 96 -80.36 -22.78 5.96
C ASP L 96 -80.87 -24.18 6.25
N VAL L 97 -81.73 -24.32 7.26
CA VAL L 97 -82.15 -25.64 7.71
C VAL L 97 -83.52 -25.66 8.35
N PRO L 98 -84.19 -26.81 8.29
CA PRO L 98 -85.44 -27.18 8.98
C PRO L 98 -85.48 -26.75 10.44
N VAL L 99 -86.67 -26.42 10.95
CA VAL L 99 -86.80 -25.86 12.29
C VAL L 99 -88.11 -26.31 12.93
N GLY L 100 -88.26 -26.08 14.23
CA GLY L 100 -89.54 -26.30 14.88
C GLY L 100 -89.84 -27.70 15.38
N GLU L 101 -90.94 -27.81 16.12
CA GLU L 101 -91.30 -29.04 16.83
C GLU L 101 -91.36 -30.27 15.92
N GLU L 102 -91.48 -30.00 14.62
CA GLU L 102 -91.56 -31.04 13.58
C GLU L 102 -90.23 -31.79 13.49
N LEU L 103 -89.29 -31.44 14.38
CA LEU L 103 -87.96 -32.04 14.39
C LEU L 103 -87.74 -32.90 15.61
N LEU L 104 -88.39 -32.55 16.71
CA LEU L 104 -88.25 -33.32 17.94
C LEU L 104 -88.36 -34.80 17.64
N GLY L 105 -87.70 -35.62 18.46
CA GLY L 105 -87.77 -37.07 18.36
C GLY L 105 -87.04 -37.66 17.16
N ARG L 106 -86.60 -36.78 16.26
CA ARG L 106 -85.92 -37.20 15.04
C ARG L 106 -84.40 -37.27 15.19
N VAL L 107 -83.71 -37.43 14.07
CA VAL L 107 -82.26 -37.54 14.02
C VAL L 107 -81.92 -37.04 12.63
N VAL L 108 -81.34 -35.86 12.55
CA VAL L 108 -81.10 -35.34 11.22
C VAL L 108 -79.64 -35.08 11.01
N ASP L 109 -79.19 -35.23 9.77
CA ASP L 109 -77.84 -34.83 9.41
C ASP L 109 -77.67 -33.30 9.55
N ALA L 110 -76.46 -32.86 9.24
CA ALA L 110 -76.06 -31.47 9.45
C ALA L 110 -76.86 -30.46 8.61
N LEU L 111 -77.59 -30.96 7.62
CA LEU L 111 -78.39 -30.07 6.79
C LEU L 111 -79.89 -30.12 7.09
N GLY L 112 -80.28 -30.98 8.03
CA GLY L 112 -81.67 -31.10 8.43
C GLY L 112 -82.33 -32.38 7.95
N ASN L 113 -81.76 -32.97 6.89
CA ASN L 113 -82.26 -34.20 6.31
C ASN L 113 -82.39 -35.30 7.36
N ALA L 114 -83.44 -36.09 7.26
CA ALA L 114 -83.65 -37.15 8.23
C ALA L 114 -82.80 -38.34 7.85
N ILE L 115 -82.34 -39.06 8.86
CA ILE L 115 -81.46 -40.18 8.62
C ILE L 115 -81.78 -41.35 9.52
N ASP L 116 -82.89 -41.25 10.26
CA ASP L 116 -83.30 -42.36 11.11
C ASP L 116 -84.29 -43.26 10.41
N GLY L 117 -84.42 -43.03 9.10
CA GLY L 117 -85.35 -43.81 8.29
C GLY L 117 -86.74 -43.75 8.90
N LYS L 118 -87.40 -42.60 8.74
CA LYS L 118 -88.77 -42.40 9.20
C LYS L 118 -89.49 -41.41 8.29
N GLY L 119 -88.89 -41.16 7.12
CA GLY L 119 -89.47 -40.28 6.12
C GLY L 119 -89.54 -38.85 6.61
N PRO L 120 -89.20 -37.90 5.74
CA PRO L 120 -89.00 -36.47 6.01
C PRO L 120 -89.73 -35.91 7.24
N ILE L 121 -89.28 -34.74 7.67
CA ILE L 121 -89.87 -34.02 8.78
C ILE L 121 -90.85 -33.01 8.22
N GLY L 122 -91.78 -32.54 9.05
CA GLY L 122 -92.79 -31.59 8.62
C GLY L 122 -92.30 -30.14 8.60
N SER L 123 -91.23 -29.88 7.85
CA SER L 123 -90.45 -28.64 7.95
C SER L 123 -91.05 -27.39 7.29
N LYS L 124 -92.13 -26.86 7.87
CA LYS L 124 -92.69 -25.62 7.37
C LYS L 124 -91.75 -24.48 7.72
N ALA L 125 -91.19 -24.56 8.92
CA ALA L 125 -90.25 -23.55 9.40
C ALA L 125 -88.83 -23.80 8.88
N ARG L 126 -88.25 -22.77 8.26
CA ARG L 126 -86.90 -22.89 7.67
C ARG L 126 -85.97 -21.71 8.01
N ARG L 127 -85.18 -21.88 9.07
CA ARG L 127 -84.30 -20.82 9.59
C ARG L 127 -82.88 -20.87 8.99
N ARG L 128 -82.21 -19.73 8.96
CA ARG L 128 -80.87 -19.65 8.36
C ARG L 128 -79.79 -20.03 9.38
N VAL L 129 -78.74 -20.73 8.95
CA VAL L 129 -77.66 -21.07 9.89
C VAL L 129 -76.87 -19.85 10.32
N GLY L 130 -76.45 -19.05 9.34
CA GLY L 130 -75.61 -17.89 9.56
C GLY L 130 -76.23 -16.67 10.24
N LEU L 131 -76.97 -16.90 11.31
CA LEU L 131 -77.62 -15.84 12.06
C LEU L 131 -76.64 -15.29 13.09
N LYS L 132 -76.56 -13.97 13.22
CA LYS L 132 -75.75 -13.39 14.29
C LYS L 132 -76.51 -13.45 15.63
N ALA L 133 -75.79 -13.22 16.71
CA ALA L 133 -76.36 -13.43 18.03
C ALA L 133 -77.02 -12.17 18.55
N PRO L 134 -78.00 -12.35 19.45
CA PRO L 134 -78.64 -11.26 20.19
C PRO L 134 -77.64 -10.27 20.84
N GLY L 135 -77.69 -9.00 20.43
CA GLY L 135 -76.96 -7.92 21.09
C GLY L 135 -77.38 -7.67 22.55
N ILE L 136 -77.20 -6.45 23.04
CA ILE L 136 -77.35 -6.20 24.48
C ILE L 136 -78.78 -6.18 25.04
N ILE L 137 -79.68 -5.52 24.31
CA ILE L 137 -81.00 -5.18 24.83
C ILE L 137 -81.98 -6.37 24.87
N PRO L 138 -82.00 -7.18 23.81
CA PRO L 138 -82.89 -8.35 23.73
C PRO L 138 -82.79 -9.34 24.90
N ARG L 139 -82.08 -8.97 25.95
CA ARG L 139 -81.72 -9.96 26.93
C ARG L 139 -81.99 -9.53 28.37
N ILE L 140 -81.73 -10.44 29.30
CA ILE L 140 -81.89 -10.14 30.71
C ILE L 140 -81.07 -11.15 31.51
N SER L 141 -80.45 -10.67 32.58
CA SER L 141 -79.70 -11.51 33.51
C SER L 141 -80.29 -12.92 33.66
N VAL L 142 -79.42 -13.93 33.58
CA VAL L 142 -79.83 -15.32 33.68
C VAL L 142 -80.30 -15.69 35.08
N ARG L 143 -81.60 -15.96 35.21
CA ARG L 143 -82.19 -16.14 36.52
C ARG L 143 -82.82 -17.52 36.62
N GLU L 144 -82.99 -18.14 35.46
CA GLU L 144 -83.81 -19.34 35.33
C GLU L 144 -83.04 -20.66 35.54
N PRO L 145 -83.27 -21.32 36.68
CA PRO L 145 -82.61 -22.61 36.98
C PRO L 145 -82.74 -23.69 35.89
N MET L 146 -81.63 -24.01 35.23
CA MET L 146 -81.52 -25.14 34.31
C MET L 146 -80.95 -26.36 35.03
N GLN L 147 -81.82 -27.23 35.55
CA GLN L 147 -81.38 -28.34 36.41
C GLN L 147 -80.80 -29.52 35.62
N THR L 148 -79.73 -30.11 36.17
CA THR L 148 -79.02 -31.23 35.55
C THR L 148 -79.37 -32.52 36.27
N GLY L 149 -79.82 -32.39 37.51
CA GLY L 149 -80.20 -33.55 38.28
C GLY L 149 -78.95 -34.24 38.76
N ILE L 150 -77.82 -33.55 38.65
CA ILE L 150 -76.54 -34.05 39.16
C ILE L 150 -76.07 -33.28 40.40
N LYS L 151 -76.18 -33.92 41.56
CA LYS L 151 -75.86 -33.26 42.80
C LYS L 151 -74.67 -32.32 42.65
N ALA L 152 -73.55 -32.88 42.21
CA ALA L 152 -72.32 -32.14 41.97
C ALA L 152 -72.51 -30.83 41.21
N VAL L 153 -73.23 -30.87 40.09
CA VAL L 153 -73.40 -29.68 39.28
C VAL L 153 -74.40 -28.71 39.90
N ASP L 154 -75.54 -29.25 40.31
CA ASP L 154 -76.66 -28.40 40.72
C ASP L 154 -76.43 -27.68 42.04
N SER L 155 -75.41 -28.10 42.78
CA SER L 155 -75.06 -27.43 44.03
C SER L 155 -73.83 -26.53 43.91
N LEU L 156 -72.75 -27.04 43.31
CA LEU L 156 -71.44 -26.35 43.30
C LEU L 156 -71.10 -25.61 42.01
N VAL L 157 -71.65 -26.05 40.89
CA VAL L 157 -71.57 -25.25 39.66
C VAL L 157 -72.89 -25.28 38.92
N PRO L 158 -73.87 -24.52 39.40
CA PRO L 158 -75.25 -24.59 38.90
C PRO L 158 -75.39 -23.80 37.61
N ILE L 159 -76.07 -24.41 36.64
CA ILE L 159 -76.33 -23.77 35.36
C ILE L 159 -77.71 -23.11 35.41
N GLY L 160 -77.92 -22.14 34.53
CA GLY L 160 -79.22 -21.48 34.43
C GLY L 160 -79.52 -21.21 32.97
N ARG L 161 -80.80 -21.12 32.64
CA ARG L 161 -81.24 -20.95 31.25
C ARG L 161 -80.73 -19.66 30.59
N GLY L 162 -79.89 -19.83 29.57
CA GLY L 162 -79.21 -18.71 28.90
C GLY L 162 -77.70 -18.71 29.08
N GLN L 163 -77.24 -19.56 29.97
CA GLN L 163 -75.82 -19.70 30.32
C GLN L 163 -75.11 -20.57 29.29
N ARG L 164 -73.81 -20.33 29.10
CA ARG L 164 -72.96 -21.31 28.40
C ARG L 164 -72.02 -21.93 29.44
N GLU L 165 -72.23 -23.20 29.80
CA GLU L 165 -71.34 -23.86 30.75
C GLU L 165 -70.57 -24.94 30.03
N LEU L 166 -69.24 -24.78 29.95
CA LEU L 166 -68.41 -25.74 29.22
C LEU L 166 -68.12 -27.02 30.01
N ILE L 167 -68.30 -28.16 29.34
CA ILE L 167 -67.80 -29.43 29.86
C ILE L 167 -66.44 -29.75 29.19
N ILE L 168 -65.38 -29.77 29.98
CA ILE L 168 -64.03 -29.99 29.47
C ILE L 168 -63.33 -31.11 30.25
N GLY L 169 -62.53 -31.89 29.54
CA GLY L 169 -61.87 -33.03 30.15
C GLY L 169 -61.19 -33.95 29.16
N ASP L 170 -60.23 -34.73 29.66
CA ASP L 170 -59.59 -35.80 28.92
C ASP L 170 -60.68 -36.73 28.41
N ARG L 171 -60.36 -37.55 27.41
CA ARG L 171 -61.30 -38.53 26.90
C ARG L 171 -61.70 -39.51 28.01
N GLN L 172 -62.77 -40.25 27.83
CA GLN L 172 -63.31 -41.19 28.83
C GLN L 172 -63.23 -40.75 30.30
N THR L 173 -63.68 -39.53 30.57
CA THR L 173 -63.74 -38.98 31.92
C THR L 173 -65.16 -38.81 32.40
N GLY L 174 -66.09 -38.89 31.45
CA GLY L 174 -67.50 -38.74 31.76
C GLY L 174 -68.14 -37.51 31.16
N LYS L 175 -67.46 -36.90 30.19
CA LYS L 175 -67.91 -35.63 29.61
C LYS L 175 -69.31 -35.72 28.99
N THR L 176 -69.67 -36.90 28.51
CA THR L 176 -70.94 -37.06 27.83
C THR L 176 -72.02 -37.51 28.80
N SER L 177 -71.70 -38.47 29.66
CA SER L 177 -72.66 -38.90 30.65
C SER L 177 -73.07 -37.73 31.56
N ILE L 178 -72.56 -36.54 31.25
CA ILE L 178 -73.03 -35.33 31.89
C ILE L 178 -74.22 -34.91 31.06
N ALA L 179 -73.97 -34.55 29.81
CA ALA L 179 -74.98 -33.99 28.90
C ALA L 179 -76.15 -34.94 28.69
N ILE L 180 -75.90 -36.23 28.69
CA ILE L 180 -76.99 -37.22 28.61
C ILE L 180 -77.80 -37.26 29.89
N ASP L 181 -77.15 -37.43 31.04
CA ASP L 181 -77.87 -37.46 32.31
C ASP L 181 -78.73 -36.20 32.52
N THR L 182 -78.39 -35.12 31.81
CA THR L 182 -79.15 -33.87 31.95
C THR L 182 -80.45 -33.84 31.12
N ILE L 183 -80.37 -34.19 29.83
CA ILE L 183 -81.56 -34.37 29.01
C ILE L 183 -82.50 -35.39 29.63
N ILE L 184 -81.99 -36.56 29.97
CA ILE L 184 -82.77 -37.58 30.66
C ILE L 184 -83.40 -37.07 31.95
N ASN L 185 -82.93 -35.92 32.43
CA ASN L 185 -83.52 -35.29 33.61
C ASN L 185 -84.76 -34.49 33.27
N GLN L 186 -84.79 -33.95 32.05
CA GLN L 186 -85.87 -33.06 31.61
C GLN L 186 -87.21 -33.78 31.34
N LYS L 187 -87.21 -35.11 31.46
CA LYS L 187 -88.47 -35.86 31.40
C LYS L 187 -89.40 -35.18 32.37
N ARG L 188 -89.14 -35.38 33.66
CA ARG L 188 -89.90 -34.74 34.74
C ARG L 188 -90.64 -33.43 34.38
N PHE L 189 -89.98 -32.50 33.72
CA PHE L 189 -90.60 -31.20 33.45
C PHE L 189 -91.43 -31.21 32.15
N ASN L 190 -91.00 -32.02 31.19
CA ASN L 190 -91.66 -32.05 29.90
C ASN L 190 -92.87 -32.96 29.88
N ASP L 191 -93.05 -33.73 30.95
CA ASP L 191 -94.22 -34.58 31.14
C ASP L 191 -94.98 -34.06 32.33
N GLY L 192 -95.39 -32.80 32.22
CA GLY L 192 -96.16 -32.12 33.24
C GLY L 192 -96.95 -30.95 32.69
N THR L 193 -97.26 -29.99 33.57
CA THR L 193 -98.11 -28.86 33.23
C THR L 193 -97.35 -27.53 33.10
N ASP L 194 -96.51 -27.24 34.08
CA ASP L 194 -95.82 -25.96 34.17
C ASP L 194 -95.01 -25.67 32.92
N GLU L 195 -95.42 -24.64 32.19
CA GLU L 195 -94.94 -24.42 30.83
C GLU L 195 -93.63 -23.64 30.79
N LYS L 196 -93.18 -23.20 31.96
CA LYS L 196 -91.87 -22.56 32.05
C LYS L 196 -90.77 -23.62 32.31
N LYS L 197 -91.03 -24.52 33.27
CA LYS L 197 -90.10 -25.59 33.59
C LYS L 197 -89.76 -26.54 32.43
N LYS L 198 -90.39 -26.35 31.27
CA LYS L 198 -90.18 -27.24 30.14
C LYS L 198 -88.94 -26.87 29.34
N LEU L 199 -88.19 -27.89 28.91
CA LEU L 199 -86.92 -27.72 28.21
C LEU L 199 -86.76 -28.70 27.05
N TYR L 200 -86.80 -28.17 25.84
CA TYR L 200 -86.60 -28.99 24.66
C TYR L 200 -85.09 -29.08 24.39
N CYS L 201 -84.61 -30.26 23.96
CA CYS L 201 -83.17 -30.52 23.85
C CYS L 201 -82.68 -30.79 22.43
N ILE L 202 -81.71 -30.02 21.97
CA ILE L 202 -80.96 -30.38 20.78
C ILE L 202 -79.61 -30.98 21.20
N TYR L 203 -79.09 -31.92 20.41
CA TYR L 203 -77.80 -32.56 20.72
C TYR L 203 -76.95 -32.70 19.46
N VAL L 204 -76.11 -31.71 19.16
CA VAL L 204 -75.22 -31.90 18.03
C VAL L 204 -74.22 -33.01 18.38
N ALA L 205 -73.81 -33.77 17.38
CA ALA L 205 -72.81 -34.81 17.55
C ALA L 205 -71.80 -34.61 16.43
N ILE L 206 -70.75 -33.83 16.70
CA ILE L 206 -69.73 -33.58 15.68
C ILE L 206 -68.56 -34.56 15.83
N GLY L 207 -68.08 -35.07 14.70
CA GLY L 207 -66.90 -35.93 14.71
C GLY L 207 -66.99 -37.37 15.19
N GLN L 208 -67.99 -37.73 16.00
CA GLN L 208 -68.12 -39.09 16.53
C GLN L 208 -68.30 -40.21 15.49
N LYS L 209 -68.40 -41.46 15.96
CA LYS L 209 -68.70 -42.57 15.05
C LYS L 209 -70.18 -42.96 15.15
N ARG L 210 -70.79 -43.23 14.00
CA ARG L 210 -72.20 -43.59 13.97
C ARG L 210 -72.50 -44.68 14.99
N SER L 211 -71.63 -45.67 15.08
CA SER L 211 -71.82 -46.74 16.05
C SER L 211 -72.21 -46.18 17.41
N THR L 212 -71.84 -44.92 17.66
CA THR L 212 -72.03 -44.30 18.97
C THR L 212 -73.26 -43.39 19.01
N VAL L 213 -73.29 -42.38 18.11
CA VAL L 213 -74.48 -41.54 17.95
C VAL L 213 -75.68 -42.41 18.23
N ALA L 214 -75.74 -43.55 17.54
CA ALA L 214 -76.82 -44.52 17.63
C ALA L 214 -77.03 -45.10 19.02
N GLN L 215 -76.03 -45.83 19.48
CA GLN L 215 -76.01 -46.40 20.82
C GLN L 215 -76.46 -45.36 21.88
N LEU L 216 -76.40 -44.09 21.48
CA LEU L 216 -76.69 -42.97 22.36
C LEU L 216 -78.17 -42.60 22.27
N VAL L 217 -78.67 -42.56 21.05
CA VAL L 217 -80.10 -42.34 20.80
C VAL L 217 -80.89 -43.47 21.47
N LYS L 218 -80.46 -44.70 21.20
CA LYS L 218 -80.97 -45.87 21.91
C LYS L 218 -81.01 -45.65 23.42
N ARG L 219 -79.96 -45.03 23.98
CA ARG L 219 -79.93 -44.74 25.41
C ARG L 219 -81.01 -43.69 25.77
N LEU L 220 -81.07 -42.61 25.00
CA LEU L 220 -82.13 -41.61 25.19
C LEU L 220 -83.51 -42.27 25.11
N THR L 221 -83.86 -42.78 23.93
CA THR L 221 -85.07 -43.59 23.71
C THR L 221 -85.47 -44.47 24.90
N ASP L 222 -84.64 -45.45 25.25
CA ASP L 222 -84.93 -46.31 26.41
C ASP L 222 -85.46 -45.51 27.60
N ALA L 223 -84.64 -44.61 28.13
CA ALA L 223 -85.02 -43.82 29.30
C ALA L 223 -86.18 -42.88 28.99
N ASP L 224 -86.55 -42.84 27.71
CA ASP L 224 -87.69 -42.06 27.22
C ASP L 224 -87.52 -40.56 27.35
N ALA L 225 -86.74 -40.00 26.44
CA ALA L 225 -86.40 -38.61 26.50
C ALA L 225 -86.21 -38.17 25.09
N MET L 226 -86.07 -39.17 24.21
CA MET L 226 -85.85 -38.95 22.80
C MET L 226 -86.96 -38.05 22.22
N LYS L 227 -88.16 -38.19 22.79
CA LYS L 227 -89.32 -37.42 22.32
C LYS L 227 -89.12 -35.90 22.27
N TYR L 228 -88.51 -35.32 23.30
CA TYR L 228 -88.27 -33.86 23.35
C TYR L 228 -86.92 -33.39 22.83
N THR L 229 -86.34 -34.16 21.91
CA THR L 229 -84.94 -33.99 21.62
C THR L 229 -84.57 -34.12 20.14
N ILE L 230 -84.29 -32.99 19.50
CA ILE L 230 -83.57 -33.04 18.22
C ILE L 230 -82.18 -33.66 18.48
N VAL L 231 -81.62 -34.31 17.45
CA VAL L 231 -80.28 -34.91 17.52
C VAL L 231 -79.58 -34.77 16.16
N VAL L 232 -79.05 -33.59 15.87
CA VAL L 232 -78.32 -33.37 14.60
C VAL L 232 -77.02 -34.12 14.71
N SER L 233 -76.64 -34.85 13.66
CA SER L 233 -75.46 -35.70 13.71
C SER L 233 -74.60 -35.63 12.44
N ALA L 234 -73.47 -34.93 12.54
CA ALA L 234 -72.46 -34.93 11.48
C ALA L 234 -71.22 -35.70 11.94
N THR L 235 -71.04 -36.92 11.42
CA THR L 235 -70.01 -37.80 11.96
C THR L 235 -68.75 -38.02 11.10
N ALA L 236 -67.77 -38.68 11.74
CA ALA L 236 -66.52 -39.16 11.14
C ALA L 236 -66.47 -39.18 9.60
N SER L 237 -67.39 -39.94 9.03
CA SER L 237 -67.41 -40.21 7.61
C SER L 237 -68.01 -39.08 6.80
N ASP L 238 -68.82 -38.23 7.45
CA ASP L 238 -69.45 -37.04 6.83
C ASP L 238 -68.37 -36.07 6.34
N ALA L 239 -68.67 -35.34 5.27
CA ALA L 239 -67.67 -34.45 4.68
C ALA L 239 -67.20 -33.41 5.66
N ALA L 240 -66.16 -32.67 5.30
CA ALA L 240 -65.58 -31.70 6.22
C ALA L 240 -66.51 -30.52 6.56
N PRO L 241 -66.98 -29.78 5.54
CA PRO L 241 -67.85 -28.62 5.80
C PRO L 241 -69.11 -29.04 6.51
N LEU L 242 -69.42 -30.33 6.47
CA LEU L 242 -70.62 -30.81 7.17
C LEU L 242 -70.46 -30.88 8.68
N GLN L 243 -69.23 -31.04 9.15
CA GLN L 243 -68.98 -30.97 10.58
C GLN L 243 -68.74 -29.51 10.97
N TYR L 244 -68.17 -28.75 10.04
CA TYR L 244 -67.97 -27.32 10.23
C TYR L 244 -69.30 -26.70 10.62
N LEU L 245 -70.33 -27.12 9.89
CA LEU L 245 -71.62 -26.45 9.92
C LEU L 245 -72.56 -27.05 10.97
N ALA L 246 -72.39 -28.33 11.23
CA ALA L 246 -73.37 -29.03 12.08
C ALA L 246 -73.76 -28.30 13.36
N PRO L 247 -72.79 -27.74 14.08
CA PRO L 247 -73.25 -27.24 15.38
C PRO L 247 -74.02 -25.92 15.19
N TYR L 248 -73.78 -25.21 14.08
CA TYR L 248 -74.55 -24.00 13.74
C TYR L 248 -76.01 -24.35 13.45
N SER L 249 -76.21 -25.25 12.47
CA SER L 249 -77.52 -25.82 12.16
C SER L 249 -78.29 -26.17 13.42
N GLY L 250 -77.66 -26.99 14.25
CA GLY L 250 -78.26 -27.43 15.49
C GLY L 250 -78.58 -26.25 16.38
N CYS L 251 -77.95 -25.11 16.10
CA CYS L 251 -78.19 -23.90 16.88
C CYS L 251 -79.45 -23.21 16.40
N SER L 252 -79.52 -22.94 15.10
CA SER L 252 -80.69 -22.31 14.53
C SER L 252 -81.95 -23.00 15.07
N MET L 253 -81.98 -24.31 14.98
CA MET L 253 -83.11 -25.11 15.49
C MET L 253 -83.46 -24.80 16.93
N GLY L 254 -82.50 -24.31 17.68
CA GLY L 254 -82.71 -24.04 19.09
C GLY L 254 -83.00 -22.56 19.26
N GLU L 255 -82.59 -21.76 18.27
CA GLU L 255 -82.86 -20.33 18.29
C GLU L 255 -84.37 -20.10 18.18
N TYR L 256 -85.01 -20.87 17.28
CA TYR L 256 -86.46 -20.88 17.16
C TYR L 256 -87.11 -21.04 18.53
N PHE L 257 -86.91 -22.18 19.19
CA PHE L 257 -87.50 -22.41 20.50
C PHE L 257 -87.40 -21.24 21.46
N ARG L 258 -86.36 -20.42 21.33
CA ARG L 258 -86.16 -19.26 22.24
C ARG L 258 -86.87 -18.05 21.66
N ASP L 259 -86.63 -17.79 20.38
CA ASP L 259 -87.22 -16.63 19.71
C ASP L 259 -88.74 -16.71 19.66
N ASN L 260 -89.26 -17.90 20.01
CA ASN L 260 -90.70 -18.14 20.12
C ASN L 260 -91.05 -18.60 21.53
N GLY L 261 -90.52 -17.88 22.53
CA GLY L 261 -90.96 -18.01 23.92
C GLY L 261 -90.89 -19.36 24.60
N LYS L 262 -90.04 -20.26 24.10
CA LYS L 262 -89.82 -21.57 24.76
C LYS L 262 -88.34 -21.78 25.20
N HIS L 263 -88.06 -22.92 25.84
CA HIS L 263 -86.73 -23.18 26.44
C HIS L 263 -85.88 -24.32 25.86
N ALA L 264 -84.77 -23.96 25.23
CA ALA L 264 -83.91 -24.95 24.59
C ALA L 264 -82.55 -25.15 25.29
N LEU L 265 -82.05 -26.38 25.21
CA LEU L 265 -80.74 -26.79 25.73
C LEU L 265 -79.99 -27.57 24.66
N ILE L 266 -79.07 -26.92 23.97
CA ILE L 266 -78.32 -27.54 22.89
C ILE L 266 -76.96 -27.96 23.43
N ILE L 267 -76.49 -29.15 23.03
CA ILE L 267 -75.20 -29.68 23.51
C ILE L 267 -74.27 -29.99 22.36
N TYR L 268 -73.22 -29.20 22.16
CA TYR L 268 -72.29 -29.50 21.06
C TYR L 268 -71.19 -30.44 21.54
N ASP L 269 -71.11 -31.60 20.90
CA ASP L 269 -70.26 -32.69 21.38
C ASP L 269 -69.58 -33.33 20.20
N ASP L 270 -68.39 -32.83 19.88
CA ASP L 270 -67.77 -31.77 20.67
C ASP L 270 -67.14 -30.71 19.77
N LEU L 271 -66.86 -29.56 20.37
CA LEU L 271 -66.34 -28.44 19.61
C LEU L 271 -64.92 -28.71 19.18
N SER L 272 -64.27 -29.60 19.92
CA SER L 272 -62.88 -29.95 19.63
C SER L 272 -62.79 -30.52 18.23
N LYS L 273 -63.64 -31.51 17.95
CA LYS L 273 -63.66 -32.17 16.65
C LYS L 273 -64.11 -31.24 15.54
N GLN L 274 -65.04 -30.34 15.87
CA GLN L 274 -65.51 -29.34 14.92
C GLN L 274 -64.35 -28.47 14.49
N ALA L 275 -63.62 -27.96 15.48
CA ALA L 275 -62.53 -27.03 15.21
C ALA L 275 -61.58 -27.66 14.20
N VAL L 276 -61.35 -28.96 14.38
CA VAL L 276 -60.39 -29.68 13.57
C VAL L 276 -60.84 -29.65 12.13
N ALA L 277 -62.12 -29.92 11.96
CA ALA L 277 -62.80 -29.87 10.68
C ALA L 277 -62.62 -28.50 10.03
N TYR L 278 -63.02 -27.44 10.74
CA TYR L 278 -62.86 -26.08 10.21
C TYR L 278 -61.43 -25.86 9.72
N ARG L 279 -60.48 -26.38 10.49
CA ARG L 279 -59.08 -26.31 10.13
C ARG L 279 -58.82 -26.94 8.76
N GLN L 280 -59.46 -28.09 8.51
CA GLN L 280 -59.22 -28.76 7.25
C GLN L 280 -59.66 -27.88 6.09
N MET L 281 -60.93 -27.43 6.13
CA MET L 281 -61.49 -26.60 5.08
C MET L 281 -60.52 -25.47 4.82
N SER L 282 -60.18 -24.79 5.91
CA SER L 282 -59.38 -23.60 5.86
C SER L 282 -58.04 -23.87 5.20
N LEU L 283 -57.45 -25.00 5.54
CA LEU L 283 -56.13 -25.32 5.04
C LEU L 283 -56.16 -25.71 3.56
N LEU L 284 -57.21 -26.44 3.23
CA LEU L 284 -57.44 -26.86 1.87
C LEU L 284 -57.82 -25.67 1.00
N LEU L 285 -58.43 -24.67 1.62
CA LEU L 285 -58.74 -23.41 0.96
C LEU L 285 -57.52 -22.48 0.79
N ARG L 286 -56.36 -22.96 1.25
CA ARG L 286 -55.09 -22.22 1.13
C ARG L 286 -55.00 -20.97 2.01
N ARG L 287 -55.84 -20.92 3.04
CA ARG L 287 -55.75 -19.87 4.05
C ARG L 287 -54.57 -20.15 5.01
N PRO L 288 -53.45 -19.40 4.87
CA PRO L 288 -52.22 -19.57 5.64
C PRO L 288 -52.52 -19.96 7.07
N PRO L 289 -51.81 -20.98 7.59
CA PRO L 289 -52.15 -21.59 8.87
C PRO L 289 -51.47 -20.90 10.06
N GLY L 290 -52.13 -21.01 11.21
CA GLY L 290 -51.63 -20.41 12.43
C GLY L 290 -51.15 -21.41 13.46
N ARG L 291 -51.61 -21.22 14.70
CA ARG L 291 -51.12 -22.02 15.80
C ARG L 291 -51.70 -23.40 15.76
N GLU L 292 -50.84 -24.39 15.87
CA GLU L 292 -51.31 -25.75 15.81
C GLU L 292 -52.02 -25.94 14.48
N ALA L 293 -51.63 -25.12 13.50
CA ALA L 293 -52.14 -25.26 12.13
C ALA L 293 -53.53 -24.65 11.89
N TYR L 294 -54.31 -24.50 12.96
CA TYR L 294 -55.62 -23.86 12.88
C TYR L 294 -55.56 -22.51 12.15
N PRO L 295 -56.72 -21.98 11.74
CA PRO L 295 -56.68 -20.69 11.06
C PRO L 295 -56.93 -19.56 12.06
N GLY L 296 -56.62 -18.33 11.67
CA GLY L 296 -56.81 -17.18 12.56
C GLY L 296 -58.14 -17.12 13.30
N ASP L 297 -59.25 -17.17 12.56
CA ASP L 297 -60.57 -16.99 13.17
C ASP L 297 -61.09 -18.19 13.97
N VAL L 298 -60.20 -19.12 14.29
CA VAL L 298 -60.61 -20.35 14.95
C VAL L 298 -61.20 -20.01 16.31
N PHE L 299 -60.92 -18.79 16.77
CA PHE L 299 -61.58 -18.25 17.95
C PHE L 299 -62.98 -17.77 17.62
N TYR L 300 -63.05 -16.91 16.60
CA TYR L 300 -64.30 -16.35 16.13
C TYR L 300 -65.33 -17.46 15.98
N LEU L 301 -64.90 -18.54 15.31
CA LEU L 301 -65.68 -19.75 15.15
C LEU L 301 -66.47 -20.10 16.42
N HIS L 302 -65.78 -20.36 17.51
CA HIS L 302 -66.47 -20.77 18.72
C HIS L 302 -67.10 -19.61 19.47
N SER L 303 -66.49 -18.43 19.36
CA SER L 303 -67.05 -17.26 20.01
C SER L 303 -68.47 -17.06 19.48
N ARG L 304 -68.58 -16.86 18.16
CA ARG L 304 -69.85 -16.47 17.56
C ARG L 304 -70.92 -17.51 17.81
N LEU L 305 -70.67 -18.76 17.43
CA LEU L 305 -71.60 -19.85 17.74
C LEU L 305 -72.09 -19.80 19.19
N LEU L 306 -71.16 -19.57 20.11
CA LEU L 306 -71.46 -19.73 21.53
C LEU L 306 -72.22 -18.55 22.16
N GLU L 307 -72.14 -17.38 21.49
CA GLU L 307 -72.88 -16.17 21.90
C GLU L 307 -74.39 -16.30 21.63
N ARG L 308 -74.72 -17.03 20.55
CA ARG L 308 -76.09 -17.27 20.13
C ARG L 308 -76.97 -17.99 21.17
N ALA L 309 -76.39 -18.36 22.29
CA ALA L 309 -77.18 -18.85 23.39
C ALA L 309 -77.40 -17.68 24.31
N ALA L 310 -78.66 -17.39 24.62
CA ALA L 310 -78.97 -16.24 25.47
C ALA L 310 -80.22 -16.46 26.32
N LYS L 311 -80.44 -15.53 27.25
CA LYS L 311 -81.70 -15.47 27.99
C LYS L 311 -82.44 -14.23 27.52
N MET L 312 -83.35 -14.47 26.58
CA MET L 312 -84.15 -13.42 26.01
C MET L 312 -84.98 -12.73 27.11
N ASN L 313 -85.05 -11.40 27.04
CA ASN L 313 -85.88 -10.66 27.99
C ASN L 313 -87.34 -10.76 27.63
N ASP L 314 -88.21 -10.45 28.59
CA ASP L 314 -89.66 -10.61 28.40
C ASP L 314 -90.16 -10.02 27.07
N ALA L 315 -89.80 -8.75 26.84
CA ALA L 315 -90.13 -8.04 25.59
C ALA L 315 -89.73 -8.79 24.32
N PHE L 316 -89.25 -10.03 24.45
CA PHE L 316 -88.79 -10.79 23.30
C PHE L 316 -89.20 -12.25 23.35
N GLY L 317 -89.83 -12.64 24.46
CA GLY L 317 -90.39 -13.97 24.56
C GLY L 317 -90.20 -14.62 25.92
N GLY L 318 -89.16 -14.16 26.62
CA GLY L 318 -88.72 -14.78 27.86
C GLY L 318 -87.98 -16.10 27.61
N GLY L 319 -87.84 -16.45 26.33
CA GLY L 319 -87.33 -17.75 25.93
C GLY L 319 -85.83 -17.83 26.02
N SER L 320 -85.32 -19.06 26.14
CA SER L 320 -83.91 -19.25 26.41
C SER L 320 -83.21 -20.22 25.46
N LEU L 321 -81.88 -20.22 25.54
CA LEU L 321 -81.02 -21.22 24.91
C LEU L 321 -79.76 -21.47 25.75
N THR L 322 -79.86 -22.42 26.70
CA THR L 322 -78.71 -22.89 27.46
C THR L 322 -77.84 -23.77 26.56
N ALA L 323 -76.52 -23.51 26.54
CA ALA L 323 -75.61 -24.28 25.69
C ALA L 323 -74.44 -24.94 26.45
N LEU L 324 -74.37 -26.27 26.40
CA LEU L 324 -73.25 -27.01 26.96
C LEU L 324 -72.28 -27.39 25.84
N PRO L 325 -71.26 -26.57 25.60
CA PRO L 325 -70.28 -27.00 24.61
C PRO L 325 -69.43 -28.04 25.29
N VAL L 326 -68.76 -28.86 24.50
CA VAL L 326 -67.85 -29.84 25.06
C VAL L 326 -66.48 -29.80 24.41
N ILE L 327 -65.47 -29.82 25.26
CA ILE L 327 -64.07 -29.80 24.82
C ILE L 327 -63.30 -31.00 25.37
N GLU L 328 -62.35 -31.49 24.58
CA GLU L 328 -61.56 -32.66 24.95
C GLU L 328 -60.10 -32.27 24.95
N THR L 329 -59.44 -32.53 26.08
CA THR L 329 -58.07 -32.11 26.32
C THR L 329 -57.07 -33.26 26.15
N GLN L 330 -55.80 -32.91 25.94
CA GLN L 330 -54.76 -33.92 25.81
C GLN L 330 -53.87 -33.95 27.04
N ALA L 331 -53.94 -35.04 27.79
CA ALA L 331 -53.11 -35.18 28.98
C ALA L 331 -53.43 -34.11 29.99
N GLY L 332 -54.55 -33.42 29.80
CA GLY L 332 -54.97 -32.36 30.71
C GLY L 332 -54.59 -30.96 30.27
N ASP L 333 -53.72 -30.87 29.27
CA ASP L 333 -53.24 -29.59 28.74
C ASP L 333 -54.36 -28.62 28.39
N VAL L 334 -54.69 -27.70 29.31
CA VAL L 334 -55.67 -26.65 29.02
C VAL L 334 -54.99 -25.39 28.51
N SER L 335 -53.79 -25.54 27.96
CA SER L 335 -53.10 -24.43 27.31
C SER L 335 -53.33 -24.59 25.82
N ALA L 336 -53.72 -25.80 25.45
CA ALA L 336 -53.94 -26.11 24.04
C ALA L 336 -54.74 -24.96 23.44
N TYR L 337 -54.31 -24.49 22.27
CA TYR L 337 -54.98 -23.39 21.60
C TYR L 337 -56.42 -23.42 22.00
N ILE L 338 -57.13 -24.44 21.52
CA ILE L 338 -58.57 -24.48 21.66
C ILE L 338 -59.09 -24.46 23.10
N PRO L 339 -58.78 -25.47 23.92
CA PRO L 339 -59.38 -25.48 25.25
C PRO L 339 -59.26 -24.16 26.02
N THR L 340 -58.26 -23.35 25.68
CA THR L 340 -58.11 -22.06 26.33
C THR L 340 -59.08 -21.06 25.78
N ASN L 341 -59.30 -21.11 24.46
CA ASN L 341 -60.27 -20.24 23.77
C ASN L 341 -61.68 -20.44 24.30
N VAL L 342 -62.20 -21.64 24.13
CA VAL L 342 -63.54 -21.98 24.61
C VAL L 342 -63.77 -21.66 26.11
N ILE L 343 -62.74 -21.80 26.95
CA ILE L 343 -62.93 -21.46 28.36
C ILE L 343 -63.09 -19.95 28.52
N SER L 344 -62.45 -19.18 27.65
CA SER L 344 -62.49 -17.72 27.76
C SER L 344 -63.83 -17.25 27.30
N ILE L 345 -64.56 -18.14 26.65
CA ILE L 345 -65.83 -17.79 26.03
C ILE L 345 -66.99 -18.11 26.92
N THR L 346 -67.14 -19.38 27.30
CA THR L 346 -68.28 -19.79 28.11
C THR L 346 -68.38 -19.10 29.48
N ASP L 347 -69.57 -19.14 30.06
CA ASP L 347 -69.86 -18.54 31.37
C ASP L 347 -69.46 -19.48 32.52
N GLY L 348 -68.30 -20.14 32.37
CA GLY L 348 -67.78 -21.05 33.37
C GLY L 348 -67.58 -22.43 32.79
N GLN L 349 -67.21 -23.41 33.63
CA GLN L 349 -67.03 -24.79 33.15
C GLN L 349 -66.91 -25.85 34.23
N ILE L 350 -67.20 -27.09 33.83
CA ILE L 350 -66.90 -28.27 34.63
C ILE L 350 -65.67 -29.00 34.07
N PHE L 351 -64.68 -29.22 34.93
CA PHE L 351 -63.50 -30.00 34.56
C PHE L 351 -63.70 -31.46 34.93
N LEU L 352 -63.08 -32.36 34.19
CA LEU L 352 -63.33 -33.75 34.55
C LEU L 352 -62.24 -34.56 35.28
N GLU L 353 -61.07 -34.82 34.68
CA GLU L 353 -60.00 -35.52 35.45
C GLU L 353 -60.17 -37.05 35.74
N THR L 354 -59.48 -37.84 34.93
CA THR L 354 -59.42 -39.29 35.09
C THR L 354 -58.93 -39.66 36.46
N GLU L 355 -58.01 -38.87 37.01
CA GLU L 355 -57.46 -39.13 38.34
C GLU L 355 -58.57 -39.31 39.38
N LEU L 356 -59.48 -38.33 39.47
CA LEU L 356 -60.54 -38.39 40.46
C LEU L 356 -61.39 -39.57 40.08
N PHE L 357 -61.72 -39.67 38.80
CA PHE L 357 -62.54 -40.78 38.38
C PHE L 357 -62.20 -42.14 39.06
N TYR L 358 -61.01 -42.66 38.82
CA TYR L 358 -60.65 -43.99 39.29
C TYR L 358 -60.54 -43.99 40.79
N LYS L 359 -60.16 -42.84 41.33
CA LYS L 359 -60.03 -42.64 42.78
C LYS L 359 -61.37 -42.88 43.50
N GLY L 360 -62.47 -42.91 42.73
CA GLY L 360 -63.80 -43.17 43.25
C GLY L 360 -64.78 -42.02 43.11
N ILE L 361 -64.27 -40.82 42.86
CA ILE L 361 -65.09 -39.61 42.73
C ILE L 361 -65.81 -39.56 41.41
N ARG L 362 -66.79 -40.45 41.23
CA ARG L 362 -67.63 -40.46 40.03
C ARG L 362 -69.00 -39.87 40.38
N PRO L 363 -69.41 -38.80 39.68
CA PRO L 363 -68.83 -38.15 38.51
C PRO L 363 -67.60 -37.32 38.86
N ALA L 364 -66.47 -37.66 38.24
CA ALA L 364 -65.22 -36.95 38.44
C ALA L 364 -65.27 -35.47 38.00
N ILE L 365 -65.24 -34.56 38.96
CA ILE L 365 -65.55 -33.17 38.67
C ILE L 365 -64.44 -32.16 38.97
N ASN L 366 -63.76 -32.33 40.09
CA ASN L 366 -62.84 -31.32 40.57
C ASN L 366 -63.64 -30.07 40.86
N VAL L 367 -64.24 -30.06 42.04
CA VAL L 367 -64.97 -28.90 42.50
C VAL L 367 -64.12 -27.63 42.37
N GLY L 368 -63.14 -27.47 43.26
CA GLY L 368 -62.27 -26.30 43.26
C GLY L 368 -61.88 -25.70 41.92
N LEU L 369 -61.86 -26.48 40.86
CA LEU L 369 -61.48 -25.93 39.55
C LEU L 369 -62.67 -25.65 38.62
N SER L 370 -63.83 -26.20 38.98
CA SER L 370 -65.05 -25.91 38.25
C SER L 370 -65.71 -24.62 38.74
N VAL L 371 -66.03 -23.72 37.80
CA VAL L 371 -66.79 -22.51 38.14
C VAL L 371 -68.05 -22.36 37.32
N SER L 372 -69.04 -21.71 37.96
CA SER L 372 -70.29 -21.26 37.33
C SER L 372 -70.40 -19.73 37.46
N ARG L 373 -70.15 -18.99 36.37
CA ARG L 373 -70.12 -17.53 36.45
C ARG L 373 -71.51 -16.87 36.68
N VAL L 374 -72.47 -17.64 37.21
CA VAL L 374 -73.82 -17.14 37.46
C VAL L 374 -74.20 -17.48 38.90
N GLY L 375 -73.40 -18.34 39.50
CA GLY L 375 -73.53 -18.58 40.92
C GLY L 375 -74.94 -18.99 41.29
N SER L 376 -75.39 -18.51 42.45
CA SER L 376 -76.69 -18.88 43.00
C SER L 376 -77.84 -18.24 42.20
N ALA L 377 -77.52 -17.15 41.51
CA ALA L 377 -78.48 -16.49 40.64
C ALA L 377 -79.22 -17.48 39.74
N ALA L 378 -78.90 -18.77 39.85
CA ALA L 378 -79.47 -19.81 39.02
C ALA L 378 -79.81 -21.08 39.79
N GLN L 379 -80.10 -20.93 41.07
CA GLN L 379 -80.64 -22.04 41.85
C GLN L 379 -82.00 -21.69 42.42
N THR L 380 -82.65 -22.69 43.02
CA THR L 380 -83.78 -22.42 43.89
C THR L 380 -83.21 -21.85 45.18
N ARG L 381 -83.99 -21.06 45.89
CA ARG L 381 -83.59 -20.62 47.23
C ARG L 381 -83.66 -21.82 48.19
N ALA L 382 -83.84 -23.00 47.63
CA ALA L 382 -83.85 -24.23 48.42
C ALA L 382 -82.46 -24.83 48.43
N MET L 383 -81.83 -24.85 47.26
CA MET L 383 -80.45 -25.27 47.14
C MET L 383 -79.59 -24.19 47.82
N LYS L 384 -79.69 -22.97 47.33
CA LYS L 384 -78.87 -21.88 47.86
C LYS L 384 -78.64 -21.97 49.37
N GLN L 385 -79.67 -22.39 50.12
CA GLN L 385 -79.60 -22.40 51.60
C GLN L 385 -78.77 -23.56 52.16
N VAL L 386 -78.54 -24.58 51.34
CA VAL L 386 -77.75 -25.74 51.74
C VAL L 386 -76.35 -25.76 51.08
N ALA L 387 -76.09 -24.82 50.20
CA ALA L 387 -74.89 -24.89 49.38
C ALA L 387 -74.60 -23.58 48.67
N GLY L 388 -74.42 -22.50 49.41
CA GLY L 388 -74.24 -21.19 48.80
C GLY L 388 -72.91 -20.56 49.19
N THR L 389 -72.30 -21.14 50.22
CA THR L 389 -70.97 -20.78 50.69
C THR L 389 -70.18 -22.07 50.99
N MET L 390 -70.63 -23.17 50.39
CA MET L 390 -69.95 -24.46 50.50
C MET L 390 -69.11 -24.72 49.26
N LYS L 391 -69.16 -23.81 48.29
CA LYS L 391 -68.28 -23.87 47.12
C LYS L 391 -66.95 -23.17 47.40
N LEU L 392 -66.98 -22.15 48.26
CA LEU L 392 -65.76 -21.50 48.78
C LEU L 392 -65.27 -22.17 50.06
N GLU L 393 -65.95 -23.27 50.44
CA GLU L 393 -65.60 -24.12 51.59
C GLU L 393 -64.86 -25.41 51.15
N LEU L 394 -65.29 -25.95 50.01
CA LEU L 394 -64.59 -27.05 49.39
C LEU L 394 -63.59 -26.53 48.35
N ALA L 395 -62.98 -25.39 48.68
CA ALA L 395 -61.80 -24.86 48.01
C ALA L 395 -60.89 -24.31 49.11
N GLN L 396 -61.33 -24.45 50.36
CA GLN L 396 -60.52 -24.17 51.54
C GLN L 396 -60.33 -25.44 52.41
N TYR L 397 -61.39 -26.23 52.62
CA TYR L 397 -61.21 -27.56 53.23
C TYR L 397 -60.29 -28.40 52.35
N ARG L 398 -60.34 -28.12 51.05
CA ARG L 398 -59.39 -28.68 50.09
C ARG L 398 -57.96 -28.35 50.53
N GLU L 399 -57.63 -27.06 50.46
CA GLU L 399 -56.30 -26.57 50.78
C GLU L 399 -55.92 -26.82 52.23
N VAL L 400 -56.91 -27.01 53.10
CA VAL L 400 -56.64 -27.23 54.51
C VAL L 400 -56.76 -28.71 54.89
N ALA L 401 -56.30 -29.57 54.00
CA ALA L 401 -56.18 -30.99 54.26
C ALA L 401 -55.06 -31.42 53.36
N ALA L 402 -54.59 -30.46 52.58
CA ALA L 402 -53.42 -30.62 51.74
C ALA L 402 -52.23 -29.96 52.41
N PHE L 403 -52.50 -29.16 53.45
CA PHE L 403 -51.45 -28.51 54.23
C PHE L 403 -51.13 -29.38 55.43
N ALA L 404 -52.17 -29.74 56.17
CA ALA L 404 -52.02 -30.68 57.27
C ALA L 404 -52.37 -32.10 56.81
N GLN L 405 -51.65 -32.57 55.80
CA GLN L 405 -51.82 -33.94 55.33
C GLN L 405 -51.23 -34.88 56.35
N PHE L 406 -50.07 -34.49 56.89
CA PHE L 406 -49.30 -35.33 57.81
C PHE L 406 -49.86 -35.41 59.24
N GLY L 407 -49.57 -36.51 59.92
CA GLY L 407 -50.13 -36.78 61.24
C GLY L 407 -49.50 -36.03 62.40
N SER L 408 -49.93 -34.79 62.60
CA SER L 408 -49.46 -33.97 63.72
C SER L 408 -50.64 -33.32 64.46
N ASP L 409 -50.47 -32.06 64.84
CA ASP L 409 -51.50 -31.34 65.59
C ASP L 409 -51.90 -29.99 64.97
N LEU L 410 -53.19 -29.67 65.05
CA LEU L 410 -53.72 -28.42 64.51
C LEU L 410 -54.80 -27.86 65.43
N ASP L 411 -54.88 -26.54 65.52
CA ASP L 411 -55.70 -25.85 66.54
C ASP L 411 -57.20 -26.22 66.54
N ALA L 412 -57.97 -25.48 67.33
CA ALA L 412 -59.38 -25.78 67.56
C ALA L 412 -60.26 -25.48 66.34
N ALA L 413 -59.77 -24.61 65.46
CA ALA L 413 -60.52 -24.17 64.29
C ALA L 413 -60.50 -25.17 63.12
N THR L 414 -59.30 -25.62 62.76
CA THR L 414 -59.13 -26.46 61.58
C THR L 414 -59.07 -27.98 61.87
N GLN L 415 -59.63 -28.40 63.01
CA GLN L 415 -59.68 -29.82 63.31
C GLN L 415 -60.94 -30.39 62.73
N GLN L 416 -61.95 -29.53 62.65
CA GLN L 416 -63.30 -29.90 62.23
C GLN L 416 -63.48 -29.93 60.72
N LEU L 417 -63.04 -28.89 60.02
CA LEU L 417 -63.28 -28.76 58.59
C LEU L 417 -63.02 -30.11 57.88
N LEU L 418 -61.97 -30.82 58.28
CA LEU L 418 -61.67 -32.14 57.71
C LEU L 418 -62.66 -33.18 58.22
N SER L 419 -62.90 -33.11 59.52
CA SER L 419 -63.80 -34.03 60.20
C SER L 419 -65.18 -34.03 59.54
N ARG L 420 -65.36 -33.13 58.59
CA ARG L 420 -66.62 -32.96 57.89
C ARG L 420 -66.48 -33.41 56.45
N GLY L 421 -65.69 -32.64 55.69
CA GLY L 421 -65.56 -32.78 54.26
C GLY L 421 -65.57 -34.18 53.72
N VAL L 422 -64.74 -35.05 54.27
CA VAL L 422 -64.64 -36.43 53.79
C VAL L 422 -66.02 -37.06 53.60
N ARG L 423 -66.93 -36.78 54.52
CA ARG L 423 -68.31 -37.27 54.46
C ARG L 423 -69.07 -36.55 53.35
N LEU L 424 -68.96 -35.23 53.31
CA LEU L 424 -69.61 -34.40 52.31
C LEU L 424 -69.32 -34.87 50.90
N THR L 425 -68.08 -35.26 50.62
CA THR L 425 -67.72 -35.64 49.26
C THR L 425 -68.41 -36.94 48.90
N GLU L 426 -68.49 -37.84 49.86
CA GLU L 426 -69.22 -39.08 49.67
C GLU L 426 -70.67 -38.79 49.26
N LEU L 427 -71.06 -37.52 49.34
CA LEU L 427 -72.42 -37.13 48.96
C LEU L 427 -72.58 -36.85 47.48
N LEU L 428 -71.64 -36.12 46.88
CA LEU L 428 -71.73 -35.80 45.45
C LEU L 428 -71.37 -37.00 44.56
N LYS L 429 -70.90 -38.06 45.20
CA LYS L 429 -70.73 -39.36 44.56
C LYS L 429 -72.09 -39.86 44.09
N GLN L 430 -72.26 -39.93 42.76
CA GLN L 430 -73.58 -40.18 42.21
C GLN L 430 -73.57 -41.25 41.13
N GLY L 431 -74.63 -42.04 41.07
CA GLY L 431 -74.79 -43.03 40.03
C GLY L 431 -74.91 -42.39 38.66
N GLN L 432 -75.12 -43.23 37.66
CA GLN L 432 -75.17 -42.76 36.29
C GLN L 432 -76.56 -43.03 35.73
N TYR L 433 -76.96 -42.21 34.76
CA TYR L 433 -78.28 -42.33 34.15
C TYR L 433 -79.33 -42.41 35.26
N SER L 434 -79.22 -41.54 36.24
CA SER L 434 -80.17 -41.48 37.35
C SER L 434 -80.17 -40.12 38.02
N PRO L 435 -80.62 -39.09 37.28
CA PRO L 435 -80.66 -37.74 37.84
C PRO L 435 -81.45 -37.75 39.12
N MET L 436 -81.53 -36.59 39.76
CA MET L 436 -82.39 -36.41 40.92
C MET L 436 -83.17 -35.11 40.76
N ALA L 437 -84.38 -35.07 41.31
CA ALA L 437 -85.14 -33.83 41.29
C ALA L 437 -84.66 -32.94 42.42
N ILE L 438 -84.57 -31.65 42.13
CA ILE L 438 -83.97 -30.69 43.03
C ILE L 438 -84.41 -30.88 44.48
N GLU L 439 -85.66 -31.29 44.67
CA GLU L 439 -86.17 -31.48 46.03
C GLU L 439 -85.28 -32.48 46.79
N GLU L 440 -85.08 -33.66 46.20
CA GLU L 440 -84.31 -34.73 46.83
C GLU L 440 -82.87 -34.33 47.07
N GLN L 441 -82.32 -33.56 46.13
CA GLN L 441 -80.95 -33.07 46.27
C GLN L 441 -80.83 -32.21 47.50
N VAL L 442 -81.82 -31.35 47.74
CA VAL L 442 -81.81 -30.53 48.94
C VAL L 442 -81.96 -31.40 50.19
N ALA L 443 -82.58 -32.55 50.03
CA ALA L 443 -82.80 -33.47 51.15
C ALA L 443 -81.48 -33.96 51.73
N VAL L 444 -80.67 -34.61 50.89
CA VAL L 444 -79.39 -35.19 51.29
C VAL L 444 -78.36 -34.15 51.63
N ILE L 445 -78.14 -33.20 50.72
CA ILE L 445 -77.30 -32.05 51.03
C ILE L 445 -77.60 -31.52 52.45
N TYR L 446 -78.88 -31.42 52.81
CA TYR L 446 -79.25 -30.98 54.16
C TYR L 446 -78.67 -31.91 55.22
N ALA L 447 -78.83 -33.21 55.00
CA ALA L 447 -78.34 -34.22 55.93
C ALA L 447 -76.98 -33.84 56.49
N GLY L 448 -76.00 -33.70 55.60
CA GLY L 448 -74.67 -33.32 56.00
C GLY L 448 -74.54 -31.86 56.39
N VAL L 449 -74.84 -30.95 55.46
CA VAL L 449 -74.44 -29.56 55.62
C VAL L 449 -74.86 -28.97 56.97
N ARG L 450 -75.97 -29.45 57.51
CA ARG L 450 -76.42 -28.93 58.79
C ARG L 450 -75.82 -29.73 59.93
N GLY L 451 -75.08 -30.75 59.57
CA GLY L 451 -74.29 -31.51 60.52
C GLY L 451 -75.04 -32.67 61.13
N TYR L 452 -75.75 -33.43 60.30
CA TYR L 452 -76.46 -34.61 60.77
C TYR L 452 -75.73 -35.88 60.30
N LEU L 453 -74.52 -35.67 59.80
CA LEU L 453 -73.65 -36.76 59.37
C LEU L 453 -72.26 -36.59 59.99
N ASP L 454 -72.03 -35.44 60.59
CA ASP L 454 -70.72 -35.06 61.12
C ASP L 454 -70.14 -36.09 62.09
N LYS L 455 -70.85 -37.21 62.28
CA LYS L 455 -70.37 -38.31 63.10
C LYS L 455 -70.70 -39.66 62.48
N LEU L 456 -70.25 -39.88 61.24
CA LEU L 456 -70.42 -41.17 60.58
C LEU L 456 -69.23 -41.57 59.72
N GLU L 457 -68.87 -42.86 59.77
CA GLU L 457 -67.78 -43.40 58.96
C GLU L 457 -68.10 -43.35 57.48
N PRO L 458 -67.35 -42.54 56.72
CA PRO L 458 -67.59 -42.33 55.30
C PRO L 458 -67.89 -43.59 54.49
N SER L 459 -67.32 -44.74 54.87
CA SER L 459 -67.48 -45.96 54.07
C SER L 459 -68.92 -46.48 54.04
N LYS L 460 -69.83 -45.72 54.65
CA LYS L 460 -71.23 -46.11 54.75
C LYS L 460 -72.16 -45.03 54.16
N ILE L 461 -71.63 -43.81 54.03
CA ILE L 461 -72.43 -42.65 53.64
C ILE L 461 -73.12 -42.83 52.30
N THR L 462 -73.04 -44.02 51.73
CA THR L 462 -73.79 -44.31 50.51
C THR L 462 -74.96 -45.25 50.75
N LYS L 463 -74.76 -46.36 51.47
CA LYS L 463 -75.88 -47.22 51.83
C LYS L 463 -76.86 -46.40 52.64
N PHE L 464 -76.35 -45.35 53.27
CA PHE L 464 -77.18 -44.42 54.04
C PHE L 464 -78.09 -43.63 53.14
N GLU L 465 -77.51 -42.77 52.31
CA GLU L 465 -78.29 -41.95 51.40
C GLU L 465 -79.29 -42.78 50.59
N ASN L 466 -78.84 -43.90 50.04
CA ASN L 466 -79.71 -44.79 49.26
C ASN L 466 -80.93 -45.27 50.03
N ALA L 467 -80.95 -45.04 51.34
CA ALA L 467 -82.09 -45.41 52.17
C ALA L 467 -82.87 -44.16 52.61
N PHE L 468 -82.20 -43.26 53.31
CA PHE L 468 -82.82 -42.03 53.82
C PHE L 468 -83.50 -41.20 52.73
N LEU L 469 -83.35 -41.58 51.48
CA LEU L 469 -84.02 -40.83 50.43
C LEU L 469 -85.18 -41.59 49.83
N SER L 470 -85.19 -42.91 49.99
CA SER L 470 -86.34 -43.70 49.59
C SER L 470 -87.28 -43.86 50.78
N HIS L 471 -86.78 -43.45 51.94
CA HIS L 471 -87.55 -43.47 53.18
C HIS L 471 -88.33 -42.17 53.32
N VAL L 472 -87.76 -41.09 52.79
CA VAL L 472 -88.45 -39.80 52.79
C VAL L 472 -88.96 -39.46 51.39
N ILE L 473 -89.37 -40.51 50.68
CA ILE L 473 -90.22 -40.35 49.51
C ILE L 473 -91.44 -41.22 49.73
N SER L 474 -91.25 -42.31 50.48
CA SER L 474 -92.32 -43.22 50.83
C SER L 474 -93.12 -42.70 52.03
N GLN L 475 -92.48 -41.87 52.85
CA GLN L 475 -93.15 -41.30 54.01
C GLN L 475 -93.66 -39.89 53.73
N HIS L 476 -92.76 -38.96 53.45
CA HIS L 476 -93.14 -37.57 53.29
C HIS L 476 -93.07 -37.05 51.88
N GLN L 477 -93.98 -37.47 51.01
CA GLN L 477 -94.14 -36.74 49.76
C GLN L 477 -94.57 -35.33 50.15
N ALA L 478 -94.92 -35.21 51.44
CA ALA L 478 -95.30 -33.95 52.07
C ALA L 478 -94.26 -32.87 51.82
N LEU L 479 -93.17 -32.92 52.59
CA LEU L 479 -92.11 -31.92 52.52
C LEU L 479 -91.61 -31.63 51.10
N LEU L 480 -91.36 -32.68 50.33
CA LEU L 480 -90.93 -32.51 48.94
C LEU L 480 -91.92 -31.60 48.19
N GLY L 481 -93.20 -31.90 48.35
CA GLY L 481 -94.26 -31.10 47.77
C GLY L 481 -94.01 -29.61 47.88
N LYS L 482 -93.71 -29.13 49.08
CA LYS L 482 -93.54 -27.70 49.29
C LYS L 482 -92.30 -27.17 48.58
N ILE L 483 -91.16 -27.73 48.97
CA ILE L 483 -89.85 -27.25 48.52
C ILE L 483 -89.74 -27.32 47.01
N ARG L 484 -90.33 -28.37 46.45
CA ARG L 484 -90.33 -28.58 45.01
C ARG L 484 -91.06 -27.43 44.33
N THR L 485 -92.10 -26.92 44.99
CA THR L 485 -93.04 -25.99 44.37
C THR L 485 -92.67 -24.53 44.56
N ASP L 486 -92.62 -24.13 45.83
CA ASP L 486 -92.23 -22.77 46.16
C ASP L 486 -90.72 -22.62 46.02
N GLY L 487 -90.05 -23.76 45.90
CA GLY L 487 -88.61 -23.77 45.73
C GLY L 487 -87.93 -23.01 46.85
N LYS L 488 -88.23 -23.40 48.08
CA LYS L 488 -87.53 -22.83 49.24
C LYS L 488 -87.83 -23.65 50.49
N ILE L 489 -87.03 -23.45 51.53
CA ILE L 489 -87.24 -24.14 52.79
C ILE L 489 -87.59 -23.17 53.90
N SER L 490 -88.89 -22.91 54.07
CA SER L 490 -89.38 -22.06 55.15
C SER L 490 -89.09 -22.73 56.49
N GLU L 491 -89.02 -21.93 57.55
CA GLU L 491 -88.76 -22.49 58.87
C GLU L 491 -89.72 -23.64 59.13
N GLU L 492 -90.84 -23.60 58.41
CA GLU L 492 -91.81 -24.68 58.40
C GLU L 492 -91.14 -25.94 57.90
N SER L 493 -90.97 -26.01 56.58
CA SER L 493 -90.33 -27.14 55.92
C SER L 493 -89.11 -27.58 56.72
N ASP L 494 -88.25 -26.62 57.04
CA ASP L 494 -87.02 -26.86 57.79
C ASP L 494 -87.28 -27.63 59.09
N ALA L 495 -88.30 -27.20 59.82
CA ALA L 495 -88.64 -27.81 61.09
C ALA L 495 -88.92 -29.31 60.93
N LYS L 496 -89.79 -29.65 59.99
CA LYS L 496 -90.12 -31.04 59.71
C LYS L 496 -88.82 -31.84 59.50
N LEU L 497 -88.01 -31.40 58.54
CA LEU L 497 -86.70 -31.99 58.31
C LEU L 497 -85.99 -32.23 59.61
N LYS L 498 -85.83 -31.16 60.40
CA LYS L 498 -85.02 -31.21 61.62
C LYS L 498 -85.34 -32.40 62.51
N GLU L 499 -86.47 -33.04 62.27
CA GLU L 499 -86.77 -34.28 62.98
C GLU L 499 -86.65 -35.53 62.09
N ILE L 500 -87.16 -35.47 60.86
CA ILE L 500 -87.12 -36.63 59.97
C ILE L 500 -85.70 -37.20 59.87
N VAL L 501 -84.72 -36.31 59.87
CA VAL L 501 -83.33 -36.71 59.76
C VAL L 501 -82.81 -37.31 61.08
N THR L 502 -82.72 -36.50 62.13
CA THR L 502 -82.26 -36.97 63.44
C THR L 502 -83.00 -38.23 63.86
N ASN L 503 -84.17 -38.43 63.27
CA ASN L 503 -84.95 -39.64 63.46
C ASN L 503 -84.19 -40.85 62.92
N PHE L 504 -84.06 -40.92 61.60
CA PHE L 504 -83.42 -42.05 60.97
C PHE L 504 -82.01 -42.33 61.50
N LEU L 505 -81.31 -41.27 61.91
CA LEU L 505 -79.93 -41.38 62.36
C LEU L 505 -79.84 -42.31 63.57
N ALA L 506 -80.93 -42.40 64.31
CA ALA L 506 -81.02 -43.32 65.43
C ALA L 506 -81.14 -44.75 64.92
N GLY L 507 -81.75 -44.91 63.74
CA GLY L 507 -81.95 -46.23 63.15
C GLY L 507 -80.77 -46.73 62.35
N PHE L 508 -79.57 -46.32 62.78
CA PHE L 508 -78.33 -46.69 62.10
C PHE L 508 -77.18 -46.81 63.11
N GLU L 509 -76.43 -45.73 63.29
CA GLU L 509 -75.33 -45.70 64.25
C GLU L 509 -75.83 -45.97 65.67
N ALA L 510 -76.56 -45.01 66.23
CA ALA L 510 -77.10 -45.13 67.58
C ALA L 510 -78.22 -46.16 67.66
N THR M 13 -65.89 9.22 -5.60
CA THR M 13 -65.28 8.09 -6.31
C THR M 13 -66.07 6.80 -6.13
N THR M 14 -65.89 5.85 -7.06
CA THR M 14 -66.59 4.57 -6.94
C THR M 14 -65.72 3.35 -7.23
N GLY M 15 -65.94 2.29 -6.45
CA GLY M 15 -65.15 1.09 -6.55
C GLY M 15 -65.98 -0.16 -6.57
N ARG M 16 -65.32 -1.25 -6.98
CA ARG M 16 -65.94 -2.57 -7.09
C ARG M 16 -65.21 -3.64 -6.25
N ILE M 17 -66.01 -4.43 -5.52
CA ILE M 17 -65.54 -5.61 -4.79
C ILE M 17 -65.10 -6.73 -5.75
N VAL M 18 -63.82 -7.11 -5.70
CA VAL M 18 -63.29 -8.13 -6.60
C VAL M 18 -62.76 -9.40 -5.92
N ALA M 19 -62.60 -9.38 -4.59
CA ALA M 19 -62.13 -10.53 -3.82
C ALA M 19 -62.68 -10.52 -2.40
N VAL M 20 -63.40 -11.57 -2.02
CA VAL M 20 -63.91 -11.64 -0.67
C VAL M 20 -63.65 -12.96 0.06
N ILE M 21 -62.44 -13.05 0.62
CA ILE M 21 -62.07 -14.16 1.50
C ILE M 21 -62.39 -13.80 2.95
N GLY M 22 -63.36 -14.50 3.55
CA GLY M 22 -63.64 -14.39 4.98
C GLY M 22 -64.12 -13.04 5.54
N ALA M 23 -63.18 -12.16 5.89
CA ALA M 23 -63.54 -10.81 6.34
C ALA M 23 -62.43 -9.83 6.00
N VAL M 24 -61.69 -10.15 4.95
CA VAL M 24 -60.82 -9.17 4.32
C VAL M 24 -61.17 -9.06 2.83
N VAL M 25 -61.56 -7.85 2.43
CA VAL M 25 -62.09 -7.55 1.09
C VAL M 25 -61.14 -6.70 0.24
N ASP M 26 -60.88 -7.16 -0.98
CA ASP M 26 -60.03 -6.44 -1.93
C ASP M 26 -60.92 -5.65 -2.85
N VAL M 27 -60.76 -4.33 -2.87
CA VAL M 27 -61.64 -3.47 -3.67
C VAL M 27 -60.92 -2.64 -4.74
N GLN M 28 -61.49 -2.65 -5.94
CA GLN M 28 -60.87 -2.00 -7.09
C GLN M 28 -61.59 -0.72 -7.42
N PHE M 29 -60.85 0.38 -7.29
CA PHE M 29 -61.36 1.67 -7.68
C PHE M 29 -60.89 1.99 -9.08
N ASP M 30 -61.64 2.84 -9.76
CA ASP M 30 -61.38 3.12 -11.17
C ASP M 30 -60.62 4.42 -11.34
N GLU M 31 -60.79 5.35 -10.39
CA GLU M 31 -60.10 6.64 -10.50
C GLU M 31 -59.49 7.20 -9.19
N GLY M 32 -60.25 7.18 -8.09
CA GLY M 32 -59.79 7.82 -6.87
C GLY M 32 -59.51 6.89 -5.70
N LEU M 33 -58.23 6.60 -5.48
CA LEU M 33 -57.78 5.60 -4.51
C LEU M 33 -57.89 6.09 -3.07
N PRO M 34 -58.68 5.40 -2.22
CA PRO M 34 -58.82 5.91 -0.85
C PRO M 34 -57.54 5.67 -0.07
N PRO M 35 -57.05 6.69 0.67
CA PRO M 35 -55.87 6.53 1.51
C PRO M 35 -56.09 5.50 2.61
N ILE M 36 -55.02 4.82 2.99
CA ILE M 36 -55.13 3.82 4.02
C ILE M 36 -55.83 4.45 5.23
N LEU M 37 -56.71 3.66 5.86
CA LEU M 37 -57.47 4.10 7.03
C LEU M 37 -58.84 4.67 6.69
N ASN M 38 -58.95 5.22 5.47
CA ASN M 38 -60.18 5.76 4.90
C ASN M 38 -61.36 4.81 4.94
N ALA M 39 -62.44 5.17 5.64
CA ALA M 39 -63.61 4.27 5.69
C ALA M 39 -64.35 4.20 4.35
N LEU M 40 -64.65 3.00 3.89
CA LEU M 40 -65.31 2.88 2.60
C LEU M 40 -66.71 2.37 2.80
N GLU M 41 -67.56 2.57 1.79
CA GLU M 41 -68.99 2.27 1.89
C GLU M 41 -69.53 1.22 0.90
N VAL M 42 -70.02 0.13 1.46
CA VAL M 42 -70.57 -0.93 0.66
C VAL M 42 -72.00 -0.57 0.31
N GLN M 43 -72.23 -0.37 -0.98
CA GLN M 43 -73.56 -0.07 -1.47
C GLN M 43 -74.36 -1.34 -1.67
N GLY M 44 -75.48 -1.45 -0.94
CA GLY M 44 -76.46 -2.46 -1.25
C GLY M 44 -76.78 -3.42 -0.12
N ARG M 45 -76.59 -2.95 1.10
CA ARG M 45 -76.76 -3.82 2.25
C ARG M 45 -78.02 -3.50 3.04
N GLU M 46 -78.62 -4.53 3.63
CA GLU M 46 -79.77 -4.31 4.50
C GLU M 46 -79.37 -3.76 5.87
N THR M 47 -78.05 -3.65 6.08
CA THR M 47 -77.44 -3.02 7.28
C THR M 47 -76.04 -2.50 6.90
N ARG M 48 -75.65 -1.35 7.43
CA ARG M 48 -74.45 -0.65 6.96
C ARG M 48 -73.15 -1.49 7.10
N LEU M 49 -72.37 -1.50 6.03
CA LEU M 49 -71.11 -2.23 6.01
C LEU M 49 -69.97 -1.29 5.65
N VAL M 50 -69.06 -1.06 6.59
CA VAL M 50 -67.89 -0.25 6.30
C VAL M 50 -66.62 -1.08 6.14
N LEU M 51 -65.68 -0.56 5.35
CA LEU M 51 -64.45 -1.27 5.08
C LEU M 51 -63.29 -0.33 5.32
N GLU M 52 -62.72 -0.37 6.52
CA GLU M 52 -61.51 0.40 6.76
C GLU M 52 -60.39 -0.04 5.80
N VAL M 53 -59.93 0.87 4.97
CA VAL M 53 -58.86 0.56 4.04
C VAL M 53 -57.63 0.14 4.84
N ALA M 54 -56.87 -0.82 4.31
CA ALA M 54 -55.66 -1.27 5.00
C ALA M 54 -54.37 -1.26 4.16
N GLN M 55 -54.48 -1.37 2.83
CA GLN M 55 -53.26 -1.24 2.03
C GLN M 55 -53.51 -1.01 0.53
N HIS M 56 -52.48 -0.54 -0.18
CA HIS M 56 -52.58 -0.46 -1.65
C HIS M 56 -51.75 -1.55 -2.34
N LEU M 57 -52.43 -2.61 -2.76
CA LEU M 57 -51.79 -3.73 -3.44
C LEU M 57 -51.34 -3.23 -4.81
N GLY M 58 -51.87 -2.07 -5.20
CA GLY M 58 -51.51 -1.49 -6.47
C GLY M 58 -52.64 -1.66 -7.45
N GLU M 59 -52.34 -1.51 -8.75
CA GLU M 59 -53.36 -1.52 -9.80
C GLU M 59 -54.71 -1.08 -9.28
N SER M 60 -54.74 0.12 -8.70
CA SER M 60 -55.95 0.75 -8.21
C SER M 60 -56.85 -0.22 -7.42
N THR M 61 -56.22 -1.00 -6.54
CA THR M 61 -56.96 -1.90 -5.67
C THR M 61 -56.52 -1.74 -4.21
N VAL M 62 -57.47 -1.85 -3.30
CA VAL M 62 -57.15 -1.72 -1.89
C VAL M 62 -57.74 -2.82 -1.01
N ARG M 63 -56.88 -3.44 -0.21
CA ARG M 63 -57.30 -4.46 0.72
C ARG M 63 -57.87 -3.77 1.96
N THR M 64 -58.87 -4.39 2.57
CA THR M 64 -59.57 -3.75 3.68
C THR M 64 -60.16 -4.73 4.70
N ILE M 65 -60.38 -4.26 5.90
CA ILE M 65 -61.03 -5.05 6.95
C ILE M 65 -62.49 -4.61 7.04
N ALA M 66 -63.41 -5.55 7.17
CA ALA M 66 -64.83 -5.25 7.29
C ALA M 66 -65.25 -5.01 8.73
N MET M 67 -65.99 -3.94 9.02
CA MET M 67 -66.49 -3.72 10.39
C MET M 67 -67.80 -4.44 10.64
N ASP M 68 -68.08 -5.39 9.74
CA ASP M 68 -69.08 -6.44 9.95
C ASP M 68 -69.01 -7.55 8.90
N GLY M 69 -69.82 -8.59 9.07
CA GLY M 69 -69.65 -9.85 8.34
C GLY M 69 -69.92 -9.74 6.86
N THR M 70 -69.10 -10.39 6.03
CA THR M 70 -69.19 -10.21 4.57
C THR M 70 -70.11 -11.22 3.90
N GLU M 71 -70.87 -11.94 4.71
CA GLU M 71 -71.90 -12.84 4.21
C GLU M 71 -72.75 -12.06 3.21
N GLY M 72 -72.71 -12.46 1.94
CA GLY M 72 -73.58 -11.83 0.96
C GLY M 72 -72.90 -11.07 -0.15
N LEU M 73 -71.83 -10.34 0.15
CA LEU M 73 -71.12 -9.59 -0.88
C LEU M 73 -70.95 -10.38 -2.18
N VAL M 74 -70.76 -9.67 -3.28
CA VAL M 74 -70.57 -10.35 -4.54
C VAL M 74 -69.60 -9.62 -5.44
N ARG M 75 -68.74 -10.39 -6.09
CA ARG M 75 -67.70 -9.82 -6.96
C ARG M 75 -68.24 -8.74 -7.91
N GLY M 76 -67.93 -7.49 -7.61
CA GLY M 76 -68.38 -6.36 -8.41
C GLY M 76 -69.29 -5.40 -7.64
N GLN M 77 -69.81 -5.84 -6.50
CA GLN M 77 -70.67 -5.02 -5.65
C GLN M 77 -70.11 -3.59 -5.52
N LYS M 78 -71.02 -2.65 -5.29
CA LYS M 78 -70.69 -1.23 -5.37
C LYS M 78 -70.14 -0.64 -4.06
N VAL M 79 -68.94 -0.07 -4.13
CA VAL M 79 -68.30 0.52 -2.95
C VAL M 79 -67.91 1.97 -3.16
N LEU M 80 -68.22 2.81 -2.16
CA LEU M 80 -68.03 4.25 -2.26
C LEU M 80 -67.04 4.83 -1.25
N ASP M 81 -66.01 5.51 -1.78
CA ASP M 81 -64.97 6.14 -0.96
C ASP M 81 -65.53 7.23 -0.04
N SER M 82 -65.93 6.86 1.17
CA SER M 82 -66.45 7.84 2.14
C SER M 82 -65.48 9.01 2.40
N GLY M 83 -64.39 9.08 1.65
CA GLY M 83 -63.52 10.25 1.62
C GLY M 83 -62.63 10.47 2.83
N ALA M 84 -63.01 9.87 3.97
CA ALA M 84 -62.22 9.99 5.20
C ALA M 84 -62.54 8.89 6.23
N PRO M 85 -61.54 8.53 7.07
CA PRO M 85 -61.58 7.61 8.23
C PRO M 85 -62.93 7.46 8.90
N ILE M 86 -63.20 6.29 9.47
CA ILE M 86 -64.43 6.11 10.24
C ILE M 86 -64.64 7.33 11.12
N ARG M 87 -65.87 7.80 11.23
CA ARG M 87 -66.17 8.95 12.08
C ARG M 87 -67.32 8.65 13.06
N ILE M 88 -67.21 9.14 14.29
CA ILE M 88 -68.18 8.79 15.31
C ILE M 88 -68.79 9.95 16.06
N PRO M 89 -69.95 9.69 16.67
CA PRO M 89 -70.69 10.55 17.58
C PRO M 89 -69.88 10.90 18.82
N VAL M 90 -68.74 11.55 18.63
CA VAL M 90 -68.08 12.13 19.77
C VAL M 90 -68.96 13.27 20.26
N GLY M 91 -68.98 13.50 21.57
CA GLY M 91 -69.74 14.61 22.08
C GLY M 91 -70.52 14.21 23.29
N PRO M 92 -71.10 15.19 23.99
CA PRO M 92 -71.79 15.02 25.27
C PRO M 92 -73.09 14.22 25.18
N GLU M 93 -73.69 14.16 24.00
CA GLU M 93 -74.95 13.45 23.82
C GLU M 93 -74.79 11.93 23.66
N THR M 94 -73.66 11.40 24.13
CA THR M 94 -73.40 9.97 24.05
C THR M 94 -73.73 9.31 25.36
N LEU M 95 -73.64 10.07 26.44
CA LEU M 95 -73.95 9.55 27.76
C LEU M 95 -75.24 8.71 27.71
N GLY M 96 -75.40 7.78 28.64
CA GLY M 96 -76.54 6.88 28.67
C GLY M 96 -76.80 6.07 27.40
N ARG M 97 -76.03 6.34 26.34
CA ARG M 97 -76.28 5.72 25.05
C ARG M 97 -75.26 4.63 24.67
N ILE M 98 -75.76 3.50 24.17
CA ILE M 98 -74.90 2.40 23.73
C ILE M 98 -74.48 2.58 22.28
N MET M 99 -73.27 3.08 22.08
CA MET M 99 -72.76 3.23 20.73
C MET M 99 -72.24 1.90 20.14
N ASN M 100 -71.35 2.00 19.14
CA ASN M 100 -70.69 0.82 18.58
C ASN M 100 -69.54 1.14 17.66
N VAL M 101 -68.87 0.10 17.20
CA VAL M 101 -67.80 0.19 16.23
C VAL M 101 -67.80 1.45 15.33
N ILE M 102 -68.97 1.81 14.78
CA ILE M 102 -69.04 2.85 13.75
C ILE M 102 -69.93 4.05 14.09
N GLY M 103 -70.43 4.10 15.32
CA GLY M 103 -71.21 5.24 15.75
C GLY M 103 -72.63 4.82 15.96
N GLU M 104 -73.18 4.08 15.00
CA GLU M 104 -74.57 3.62 15.08
C GLU M 104 -75.01 3.18 16.48
N PRO M 105 -76.09 3.77 16.95
CA PRO M 105 -76.64 3.47 18.29
C PRO M 105 -77.32 2.12 18.30
N ILE M 106 -77.28 1.43 19.44
CA ILE M 106 -77.87 0.10 19.52
C ILE M 106 -78.44 -0.20 20.88
N ASP M 107 -79.14 0.78 21.44
CA ASP M 107 -80.04 0.59 22.58
C ASP M 107 -81.44 0.81 22.06
N GLU M 108 -81.50 1.09 20.76
CA GLU M 108 -82.75 1.41 20.07
C GLU M 108 -83.34 2.71 20.64
N ARG M 109 -82.80 3.83 20.16
CA ARG M 109 -83.19 5.15 20.62
C ARG M 109 -82.90 6.20 19.55
N GLY M 110 -82.86 5.75 18.30
CA GLY M 110 -82.74 6.65 17.17
C GLY M 110 -81.57 7.60 17.26
N PRO M 111 -80.95 7.88 16.11
CA PRO M 111 -79.70 8.63 15.96
C PRO M 111 -79.22 9.37 17.21
N ILE M 112 -77.92 9.24 17.47
CA ILE M 112 -77.25 10.07 18.45
C ILE M 112 -77.09 11.44 17.84
N LYS M 113 -77.53 12.45 18.58
CA LYS M 113 -77.76 13.78 18.02
C LYS M 113 -76.64 14.78 18.36
N THR M 114 -75.63 14.89 17.50
CA THR M 114 -74.60 15.90 17.71
C THR M 114 -74.01 16.37 16.39
N LYS M 115 -73.53 17.61 16.35
CA LYS M 115 -72.86 18.11 15.15
C LYS M 115 -71.36 18.30 15.37
N GLN M 116 -70.78 17.38 16.11
CA GLN M 116 -69.34 17.31 16.23
C GLN M 116 -68.95 15.86 16.06
N PHE M 117 -68.04 15.61 15.12
CA PHE M 117 -67.60 14.27 14.79
C PHE M 117 -66.08 14.21 14.68
N ALA M 118 -65.51 13.12 15.19
CA ALA M 118 -64.07 12.91 15.09
C ALA M 118 -63.73 11.51 14.58
N ALA M 119 -62.71 11.47 13.74
CA ALA M 119 -62.15 10.23 13.26
C ALA M 119 -61.53 9.48 14.45
N ILE M 120 -61.64 8.15 14.42
CA ILE M 120 -61.14 7.29 15.48
C ILE M 120 -59.67 6.94 15.28
N HIS M 121 -59.12 7.31 14.13
CA HIS M 121 -57.67 7.18 13.90
C HIS M 121 -56.91 8.49 14.05
N ALA M 122 -56.58 8.83 15.30
CA ALA M 122 -55.86 10.05 15.60
C ALA M 122 -54.34 9.81 15.59
N GLU M 123 -53.56 10.87 15.75
CA GLU M 123 -52.15 10.72 16.12
C GLU M 123 -52.10 10.63 17.64
N ALA M 124 -50.93 10.81 18.22
CA ALA M 124 -50.82 10.66 19.66
C ALA M 124 -50.14 11.83 20.37
N PRO M 125 -50.72 12.26 21.50
CA PRO M 125 -50.23 13.28 22.41
C PRO M 125 -48.72 13.38 22.46
N GLU M 126 -48.14 14.38 21.79
CA GLU M 126 -46.68 14.59 21.68
C GLU M 126 -45.95 14.65 23.02
N PHE M 127 -44.62 14.71 22.98
CA PHE M 127 -43.83 14.58 24.20
C PHE M 127 -44.21 15.65 25.17
N VAL M 128 -44.28 16.86 24.63
CA VAL M 128 -44.35 18.08 25.40
C VAL M 128 -45.68 18.24 26.13
N GLU M 129 -46.69 17.48 25.72
CA GLU M 129 -47.98 17.56 26.37
C GLU M 129 -48.12 16.62 27.57
N MET M 130 -47.03 15.94 27.89
CA MET M 130 -47.09 14.90 28.91
C MET M 130 -47.17 15.51 30.32
N SER M 131 -48.13 15.03 31.11
CA SER M 131 -48.25 15.46 32.51
C SER M 131 -47.46 14.58 33.46
N VAL M 132 -46.70 15.20 34.35
CA VAL M 132 -45.87 14.44 35.28
C VAL M 132 -46.43 14.39 36.69
N GLU M 133 -47.68 14.81 36.83
CA GLU M 133 -48.31 14.84 38.15
C GLU M 133 -49.06 13.56 38.42
N GLN M 134 -48.76 12.96 39.57
CA GLN M 134 -49.38 11.70 39.98
C GLN M 134 -49.78 11.74 41.46
N GLU M 135 -51.07 11.54 41.73
CA GLU M 135 -51.50 11.53 43.13
C GLU M 135 -52.46 10.40 43.44
N ILE M 136 -52.36 9.89 44.65
CA ILE M 136 -52.94 8.60 44.93
C ILE M 136 -54.45 8.53 44.87
N LEU M 137 -54.97 7.81 43.89
CA LEU M 137 -56.39 7.46 43.86
C LEU M 137 -56.67 6.25 44.75
N VAL M 138 -57.34 6.49 45.86
CA VAL M 138 -57.74 5.40 46.74
C VAL M 138 -58.94 4.68 46.15
N THR M 139 -58.98 3.35 46.28
CA THR M 139 -60.07 2.56 45.71
C THR M 139 -60.87 1.87 46.80
N GLY M 140 -60.34 1.86 48.01
CA GLY M 140 -61.00 1.20 49.12
C GLY M 140 -60.88 -0.31 49.07
N ILE M 141 -60.33 -0.84 47.98
CA ILE M 141 -59.93 -2.24 47.94
C ILE M 141 -58.55 -2.30 48.57
N LYS M 142 -58.47 -3.00 49.71
CA LYS M 142 -57.30 -3.03 50.57
C LYS M 142 -56.00 -3.40 49.85
N VAL M 143 -56.03 -4.55 49.18
CA VAL M 143 -54.84 -5.08 48.49
C VAL M 143 -54.20 -4.08 47.53
N VAL M 144 -55.01 -3.46 46.67
CA VAL M 144 -54.50 -2.48 45.71
C VAL M 144 -53.92 -1.23 46.40
N ASP M 145 -54.64 -0.73 47.40
CA ASP M 145 -54.26 0.50 48.06
C ASP M 145 -53.05 0.31 48.93
N LEU M 146 -53.02 -0.80 49.66
CA LEU M 146 -51.87 -1.06 50.52
C LEU M 146 -50.61 -1.22 49.67
N LEU M 147 -50.64 -2.17 48.75
CA LEU M 147 -49.46 -2.63 48.03
C LEU M 147 -49.21 -2.02 46.64
N ALA M 148 -50.24 -1.51 45.98
CA ALA M 148 -50.01 -0.94 44.64
C ALA M 148 -51.06 0.08 44.23
N PRO M 149 -51.23 1.13 45.02
CA PRO M 149 -52.29 2.12 44.81
C PRO M 149 -52.31 2.63 43.37
N TYR M 150 -53.51 2.83 42.79
CA TYR M 150 -53.67 3.45 41.46
C TYR M 150 -53.48 4.95 41.58
N ALA M 151 -53.16 5.62 40.49
CA ALA M 151 -52.96 7.08 40.57
C ALA M 151 -54.00 7.88 39.76
N LYS M 152 -54.64 8.85 40.41
CA LYS M 152 -55.55 9.75 39.71
C LYS M 152 -55.00 10.10 38.31
N GLY M 153 -55.73 9.65 37.29
CA GLY M 153 -55.49 10.06 35.92
C GLY M 153 -54.32 9.34 35.30
N GLY M 154 -54.14 8.08 35.70
CA GLY M 154 -53.05 7.26 35.20
C GLY M 154 -53.51 5.98 34.52
N LYS M 155 -52.64 5.43 33.68
CA LYS M 155 -52.90 4.15 33.04
C LYS M 155 -52.78 2.99 34.06
N ILE M 156 -53.91 2.32 34.32
CA ILE M 156 -53.96 1.14 35.17
C ILE M 156 -54.32 -0.08 34.30
N GLY M 157 -53.69 -1.22 34.61
CA GLY M 157 -53.96 -2.48 33.94
C GLY M 157 -54.37 -3.59 34.91
N LEU M 158 -55.38 -4.38 34.53
CA LEU M 158 -55.83 -5.52 35.35
C LEU M 158 -55.52 -6.85 34.69
N PHE M 159 -54.39 -7.45 35.04
CA PHE M 159 -53.91 -8.71 34.44
C PHE M 159 -54.59 -9.93 35.04
N GLY M 160 -54.92 -10.89 34.18
CA GLY M 160 -55.75 -12.01 34.57
C GLY M 160 -55.76 -13.09 33.53
N GLY M 161 -55.70 -14.31 34.01
CA GLY M 161 -55.95 -15.46 33.15
C GLY M 161 -57.43 -15.68 33.23
N ALA M 162 -57.96 -16.63 32.47
CA ALA M 162 -59.40 -16.76 32.39
C ALA M 162 -60.03 -17.25 33.70
N GLY M 163 -60.97 -16.48 34.22
CA GLY M 163 -61.81 -16.91 35.33
C GLY M 163 -61.33 -16.54 36.71
N VAL M 164 -60.34 -15.65 36.76
CA VAL M 164 -59.65 -15.36 38.02
C VAL M 164 -60.21 -14.15 38.73
N GLY M 165 -61.17 -13.48 38.09
CA GLY M 165 -61.86 -12.36 38.70
C GLY M 165 -61.47 -11.02 38.13
N LYS M 166 -60.99 -11.00 36.88
CA LYS M 166 -60.59 -9.78 36.16
C LYS M 166 -61.80 -8.87 35.98
N THR M 167 -62.84 -9.44 35.39
CA THR M 167 -64.02 -8.65 35.08
C THR M 167 -64.70 -8.18 36.37
N VAL M 168 -64.94 -9.08 37.31
CA VAL M 168 -65.59 -8.69 38.56
C VAL M 168 -64.87 -7.53 39.23
N LEU M 169 -63.55 -7.58 39.19
CA LEU M 169 -62.78 -6.52 39.80
C LEU M 169 -63.15 -5.20 39.17
N ILE M 170 -63.11 -5.14 37.84
CA ILE M 170 -63.42 -3.92 37.12
C ILE M 170 -64.86 -3.41 37.37
N MET M 171 -65.77 -4.31 37.76
CA MET M 171 -67.12 -3.90 38.17
C MET M 171 -66.99 -3.18 39.52
N GLU M 172 -66.65 -3.92 40.57
CA GLU M 172 -66.41 -3.29 41.87
C GLU M 172 -65.52 -2.06 41.79
N LEU M 173 -64.85 -1.86 40.65
CA LEU M 173 -64.06 -0.65 40.46
C LEU M 173 -64.95 0.46 39.96
N ILE M 174 -65.73 0.18 38.91
CA ILE M 174 -66.71 1.13 38.41
C ILE M 174 -67.82 1.40 39.43
N ASN M 175 -68.05 0.46 40.32
CA ASN M 175 -68.98 0.72 41.39
C ASN M 175 -68.41 1.76 42.36
N ASN M 176 -67.23 1.48 42.89
CA ASN M 176 -66.60 2.38 43.85
C ASN M 176 -66.11 3.66 43.20
N VAL M 177 -64.92 3.61 42.59
CA VAL M 177 -64.32 4.78 41.97
C VAL M 177 -65.24 5.65 41.06
N ALA M 178 -66.11 5.04 40.26
CA ALA M 178 -66.88 5.80 39.25
C ALA M 178 -68.26 6.33 39.69
N LYS M 179 -68.64 6.03 40.92
CA LYS M 179 -69.89 6.50 41.51
C LYS M 179 -69.65 7.78 42.31
N ALA M 180 -68.72 7.72 43.26
CA ALA M 180 -68.28 8.90 44.00
C ALA M 180 -67.42 9.81 43.11
N HIS M 181 -67.74 9.84 41.83
CA HIS M 181 -67.02 10.65 40.87
C HIS M 181 -68.00 11.53 40.11
N GLY M 182 -67.72 12.82 40.07
CA GLY M 182 -68.63 13.78 39.44
C GLY M 182 -68.22 14.17 38.04
N GLY M 183 -67.33 13.37 37.46
CA GLY M 183 -66.89 13.59 36.10
C GLY M 183 -67.54 12.60 35.16
N TYR M 184 -66.91 12.41 34.00
CA TYR M 184 -67.46 11.54 32.96
C TYR M 184 -66.73 10.18 32.85
N SER M 185 -67.51 9.10 32.71
CA SER M 185 -66.98 7.74 32.56
C SER M 185 -67.36 7.12 31.22
N VAL M 186 -66.40 6.44 30.59
CA VAL M 186 -66.61 5.77 29.31
C VAL M 186 -66.18 4.30 29.36
N PHE M 187 -67.12 3.39 29.61
CA PHE M 187 -66.83 1.95 29.65
C PHE M 187 -67.02 1.30 28.28
N ALA M 188 -65.95 0.71 27.75
CA ALA M 188 -66.00 0.11 26.42
C ALA M 188 -65.64 -1.37 26.46
N GLY M 189 -66.66 -2.22 26.30
CA GLY M 189 -66.48 -3.66 26.22
C GLY M 189 -65.99 -4.17 24.87
N VAL M 190 -64.66 -4.17 24.67
CA VAL M 190 -64.06 -4.76 23.48
C VAL M 190 -63.94 -6.29 23.56
N GLY M 191 -64.48 -6.96 22.57
CA GLY M 191 -64.33 -8.39 22.44
C GLY M 191 -64.81 -9.37 23.51
N GLU M 192 -65.34 -8.90 24.65
CA GLU M 192 -65.80 -9.91 25.61
C GLU M 192 -67.29 -10.32 25.50
N ARG M 193 -67.92 -10.63 26.62
CA ARG M 193 -69.24 -11.29 26.61
C ARG M 193 -70.44 -10.33 26.45
N THR M 194 -71.28 -10.60 25.45
CA THR M 194 -72.47 -9.77 25.25
C THR M 194 -73.38 -9.85 26.46
N ARG M 195 -73.52 -11.05 27.02
CA ARG M 195 -74.28 -11.21 28.25
C ARG M 195 -73.86 -10.19 29.33
N GLU M 196 -72.57 -9.82 29.33
CA GLU M 196 -72.03 -9.00 30.42
C GLU M 196 -72.22 -7.50 30.20
N GLY M 197 -72.57 -7.12 28.97
CA GLY M 197 -72.96 -5.75 28.67
C GLY M 197 -74.39 -5.49 29.11
N ASN M 198 -75.32 -6.22 28.51
CA ASN M 198 -76.67 -6.25 29.02
C ASN M 198 -76.62 -6.29 30.54
N ASP M 199 -75.71 -7.06 31.10
CA ASP M 199 -75.68 -7.24 32.56
C ASP M 199 -75.36 -5.93 33.31
N LEU M 200 -74.52 -5.11 32.69
CA LEU M 200 -74.02 -3.89 33.28
C LEU M 200 -74.96 -2.72 33.00
N TYR M 201 -75.47 -2.64 31.78
CA TYR M 201 -76.48 -1.65 31.44
C TYR M 201 -77.45 -1.52 32.60
N HIS M 202 -78.05 -2.64 32.99
CA HIS M 202 -79.13 -2.62 33.95
C HIS M 202 -78.67 -2.34 35.37
N GLU M 203 -77.45 -2.74 35.73
CA GLU M 203 -76.91 -2.36 37.04
C GLU M 203 -76.59 -0.87 37.02
N MET M 204 -76.27 -0.37 35.83
CA MET M 204 -75.89 1.03 35.66
C MET M 204 -77.09 1.87 35.26
N ILE M 205 -78.25 1.48 35.77
CA ILE M 205 -79.49 2.15 35.48
C ILE M 205 -80.30 1.97 36.73
N GLU M 206 -79.96 0.93 37.47
CA GLU M 206 -80.44 0.71 38.82
C GLU M 206 -79.74 1.71 39.73
N SER M 207 -78.47 1.96 39.41
CA SER M 207 -77.68 2.95 40.11
C SER M 207 -77.92 4.26 39.42
N GLY M 208 -78.30 4.15 38.15
CA GLY M 208 -78.61 5.30 37.36
C GLY M 208 -77.41 6.20 37.23
N VAL M 209 -76.28 5.63 36.86
CA VAL M 209 -75.21 6.45 36.31
C VAL M 209 -75.69 6.72 34.89
N ILE M 210 -76.51 5.79 34.40
CA ILE M 210 -77.32 5.98 33.20
C ILE M 210 -78.73 6.22 33.68
N ASN M 211 -79.31 7.35 33.27
CA ASN M 211 -80.72 7.65 33.55
C ASN M 211 -81.46 7.85 32.23
N LEU M 212 -82.48 7.02 32.03
CA LEU M 212 -83.24 6.99 30.78
C LEU M 212 -84.12 8.24 30.62
N LYS M 213 -84.47 8.86 31.75
CA LYS M 213 -85.38 9.99 31.75
C LYS M 213 -84.66 11.31 31.43
N ASP M 214 -84.05 11.90 32.47
CA ASP M 214 -83.36 13.18 32.33
C ASP M 214 -82.18 13.14 31.36
N ALA M 215 -81.14 13.92 31.68
CA ALA M 215 -79.89 13.89 30.92
C ALA M 215 -78.70 13.86 31.89
N THR M 216 -78.94 13.29 33.07
CA THR M 216 -77.93 13.16 34.12
C THR M 216 -76.99 11.95 33.95
N SER M 217 -77.00 11.34 32.76
CA SER M 217 -76.12 10.19 32.46
C SER M 217 -74.63 10.57 32.47
N LYS M 218 -73.84 9.87 33.29
CA LYS M 218 -72.40 10.14 33.41
C LYS M 218 -71.52 9.09 32.71
N VAL M 219 -72.08 8.33 31.76
CA VAL M 219 -71.41 7.13 31.26
C VAL M 219 -71.68 6.78 29.79
N ALA M 220 -70.69 7.04 28.92
CA ALA M 220 -70.74 6.61 27.52
C ALA M 220 -70.36 5.14 27.36
N LEU M 221 -71.23 4.36 26.71
CA LEU M 221 -70.94 2.95 26.42
C LEU M 221 -70.65 2.69 24.93
N VAL M 222 -69.44 2.23 24.63
CA VAL M 222 -69.12 1.66 23.32
C VAL M 222 -68.99 0.13 23.45
N TYR M 223 -69.44 -0.62 22.46
CA TYR M 223 -69.49 -2.09 22.54
C TYR M 223 -69.24 -2.83 21.22
N GLY M 224 -68.41 -3.86 21.31
CA GLY M 224 -68.13 -4.74 20.19
C GLY M 224 -67.63 -6.07 20.72
N GLN M 225 -68.56 -7.01 20.94
CA GLN M 225 -68.31 -8.25 21.68
C GLN M 225 -67.77 -9.46 20.89
N MET M 226 -67.65 -10.60 21.59
CA MET M 226 -67.01 -11.77 21.01
C MET M 226 -67.89 -12.45 19.96
N ASN M 227 -69.05 -11.84 19.68
CA ASN M 227 -69.93 -12.31 18.61
C ASN M 227 -69.73 -11.59 17.25
N GLU M 228 -69.00 -10.47 17.27
CA GLU M 228 -68.69 -9.70 16.06
C GLU M 228 -67.41 -10.19 15.41
N PRO M 229 -67.23 -9.91 14.12
CA PRO M 229 -66.02 -10.14 13.35
C PRO M 229 -64.72 -9.56 13.91
N PRO M 230 -63.61 -9.94 13.28
CA PRO M 230 -62.29 -9.43 13.62
C PRO M 230 -62.22 -7.93 13.29
N GLY M 231 -62.74 -7.53 12.15
CA GLY M 231 -62.79 -6.11 11.84
C GLY M 231 -63.31 -5.31 13.03
N ALA M 232 -64.52 -5.63 13.48
CA ALA M 232 -65.14 -4.94 14.60
C ALA M 232 -64.18 -4.87 15.77
N ARG M 233 -63.87 -6.02 16.34
CA ARG M 233 -63.10 -6.08 17.58
C ARG M 233 -61.80 -5.29 17.45
N ALA M 234 -61.18 -5.40 16.28
CA ALA M 234 -59.94 -4.69 16.00
C ALA M 234 -60.02 -3.17 16.17
N ARG M 235 -61.24 -2.64 16.22
CA ARG M 235 -61.43 -1.19 16.15
C ARG M 235 -62.40 -0.64 17.20
N VAL M 236 -63.23 -1.51 17.79
CA VAL M 236 -64.13 -1.11 18.86
C VAL M 236 -63.40 -0.31 19.93
N ALA M 237 -62.13 -0.63 20.15
CA ALA M 237 -61.35 0.04 21.19
C ALA M 237 -60.84 1.38 20.68
N LEU M 238 -60.58 1.45 19.39
CA LEU M 238 -60.23 2.72 18.76
C LEU M 238 -61.38 3.76 18.87
N THR M 239 -62.61 3.26 18.85
CA THR M 239 -63.83 4.06 19.01
C THR M 239 -64.06 4.56 20.46
N GLY M 240 -64.43 3.65 21.35
CA GLY M 240 -64.55 3.99 22.76
C GLY M 240 -63.47 4.91 23.34
N LEU M 241 -62.30 5.01 22.70
CA LEU M 241 -61.30 5.91 23.25
C LEU M 241 -61.34 7.23 22.52
N THR M 242 -61.77 7.24 21.28
CA THR M 242 -62.08 8.49 20.60
C THR M 242 -63.16 9.22 21.41
N VAL M 243 -64.12 8.44 21.92
CA VAL M 243 -65.20 8.98 22.73
C VAL M 243 -64.71 9.64 24.00
N ALA M 244 -63.78 9.00 24.68
CA ALA M 244 -63.32 9.52 25.96
C ALA M 244 -62.19 10.56 25.76
N GLU M 245 -61.69 10.62 24.54
CA GLU M 245 -60.62 11.56 24.19
C GLU M 245 -61.17 12.97 24.05
N TYR M 246 -62.42 13.03 23.59
CA TYR M 246 -63.17 14.26 23.55
C TYR M 246 -63.36 14.79 24.98
N PHE M 247 -64.11 14.06 25.80
CA PHE M 247 -64.36 14.48 27.18
C PHE M 247 -63.11 14.89 27.95
N ARG M 248 -61.94 14.56 27.42
CA ARG M 248 -60.70 14.96 28.08
C ARG M 248 -60.25 16.30 27.57
N ASP M 249 -59.92 16.32 26.29
CA ASP M 249 -59.33 17.49 25.65
C ASP M 249 -60.17 18.76 25.81
N GLN M 250 -61.49 18.61 25.76
CA GLN M 250 -62.42 19.74 25.89
C GLN M 250 -62.56 20.18 27.35
N GLU M 251 -63.43 19.48 28.07
CA GLU M 251 -63.74 19.77 29.47
C GLU M 251 -62.52 20.14 30.34
N GLY M 252 -61.36 19.56 30.03
CA GLY M 252 -60.22 19.57 30.94
C GLY M 252 -60.55 18.58 32.04
N GLN M 253 -61.61 17.82 31.78
CA GLN M 253 -62.32 17.02 32.79
C GLN M 253 -61.55 15.81 33.29
N ASP M 254 -62.15 15.13 34.26
CA ASP M 254 -61.64 13.89 34.83
C ASP M 254 -62.40 12.72 34.24
N VAL M 255 -61.92 12.24 33.10
CA VAL M 255 -62.58 11.14 32.40
C VAL M 255 -62.09 9.79 32.91
N LEU M 256 -63.06 8.96 33.32
CA LEU M 256 -62.79 7.56 33.63
C LEU M 256 -63.07 6.71 32.41
N LEU M 257 -62.02 6.12 31.82
CA LEU M 257 -62.15 5.20 30.69
C LEU M 257 -61.90 3.75 31.12
N PHE M 258 -62.93 2.93 31.17
CA PHE M 258 -62.75 1.50 31.39
C PHE M 258 -62.81 0.69 30.09
N ILE M 259 -61.82 -0.19 29.89
CA ILE M 259 -61.91 -1.17 28.82
C ILE M 259 -61.93 -2.60 29.33
N ASP M 260 -62.62 -3.47 28.61
CA ASP M 260 -62.72 -4.88 28.94
C ASP M 260 -63.16 -5.55 27.65
N ASN M 261 -62.22 -6.05 26.85
CA ASN M 261 -60.89 -6.42 27.32
C ASN M 261 -59.78 -6.07 26.30
N ILE M 262 -58.90 -5.14 26.67
CA ILE M 262 -57.93 -4.60 25.72
C ILE M 262 -57.10 -5.68 25.03
N PHE M 263 -57.28 -6.91 25.48
CA PHE M 263 -56.59 -8.01 24.85
C PHE M 263 -57.18 -8.33 23.48
N ARG M 264 -58.52 -8.38 23.46
CA ARG M 264 -59.29 -8.75 22.28
C ARG M 264 -58.92 -7.89 21.09
N PHE M 265 -58.28 -6.76 21.36
CA PHE M 265 -57.78 -5.85 20.32
C PHE M 265 -56.63 -6.46 19.55
N THR M 266 -55.68 -7.06 20.25
CA THR M 266 -54.53 -7.64 19.56
C THR M 266 -54.89 -9.02 19.00
N GLN M 267 -55.81 -9.70 19.69
CA GLN M 267 -56.32 -10.99 19.20
C GLN M 267 -57.04 -10.79 17.88
N ALA M 268 -58.06 -9.92 17.90
CA ALA M 268 -58.75 -9.48 16.68
C ALA M 268 -57.77 -9.09 15.57
N GLY M 269 -56.78 -8.28 15.90
CA GLY M 269 -55.75 -7.95 14.95
C GLY M 269 -55.09 -9.22 14.45
N SER M 270 -54.95 -10.21 15.33
CA SER M 270 -54.32 -11.48 14.94
C SER M 270 -55.10 -12.18 13.81
N GLU M 271 -56.41 -12.35 14.06
CA GLU M 271 -57.30 -13.12 13.18
C GLU M 271 -57.23 -12.73 11.70
N VAL M 272 -57.15 -11.44 11.45
CA VAL M 272 -57.05 -10.98 10.07
C VAL M 272 -55.61 -10.97 9.54
N SER M 273 -54.64 -10.75 10.42
CA SER M 273 -53.24 -10.54 10.01
C SER M 273 -52.79 -11.55 8.96
N ALA M 274 -53.21 -12.79 9.17
CA ALA M 274 -52.88 -13.88 8.28
C ALA M 274 -53.28 -13.48 6.86
N LEU M 275 -54.59 -13.26 6.71
CA LEU M 275 -55.25 -12.89 5.45
C LEU M 275 -54.79 -11.54 4.85
N LEU M 276 -53.94 -10.82 5.56
CA LEU M 276 -53.50 -9.52 5.14
C LEU M 276 -52.11 -9.57 4.51
N GLY M 277 -51.48 -10.75 4.59
CA GLY M 277 -50.19 -11.01 3.99
C GLY M 277 -48.97 -10.96 4.91
N ARG M 278 -49.13 -11.47 6.13
CA ARG M 278 -48.06 -11.39 7.13
C ARG M 278 -47.39 -12.73 7.43
N ILE M 279 -46.08 -12.82 7.20
CA ILE M 279 -45.36 -13.94 7.79
C ILE M 279 -45.66 -13.82 9.27
N PRO M 280 -45.92 -14.94 9.96
CA PRO M 280 -46.33 -14.72 11.36
C PRO M 280 -45.08 -14.58 12.19
N SER M 281 -45.18 -14.00 13.39
CA SER M 281 -44.00 -13.91 14.27
C SER M 281 -44.15 -14.86 15.45
N ALA M 282 -43.37 -14.59 16.49
CA ALA M 282 -43.36 -15.50 17.61
C ALA M 282 -44.76 -15.69 18.22
N VAL M 283 -45.02 -16.92 18.66
CA VAL M 283 -46.31 -17.33 19.21
C VAL M 283 -47.42 -17.11 18.19
N GLY M 284 -47.02 -16.68 17.00
CA GLY M 284 -47.95 -16.49 15.89
C GLY M 284 -48.87 -15.29 15.99
N TYR M 285 -48.34 -14.21 16.56
CA TYR M 285 -49.01 -12.93 16.55
C TYR M 285 -48.54 -12.16 15.30
N GLN M 286 -49.20 -11.05 15.03
CA GLN M 286 -48.86 -10.19 13.93
C GLN M 286 -47.43 -9.74 14.11
N PRO M 287 -46.73 -9.53 13.01
CA PRO M 287 -45.36 -9.03 13.10
C PRO M 287 -45.43 -7.63 13.62
N THR M 288 -46.64 -7.18 13.91
CA THR M 288 -46.85 -5.79 14.29
C THR M 288 -47.46 -5.66 15.67
N LEU M 289 -47.58 -6.76 16.40
CA LEU M 289 -48.23 -6.71 17.71
C LEU M 289 -47.74 -5.50 18.49
N ALA M 290 -46.43 -5.26 18.42
CA ALA M 290 -45.73 -4.17 19.12
C ALA M 290 -46.27 -2.74 18.88
N THR M 291 -46.11 -2.29 17.64
CA THR M 291 -46.51 -0.94 17.25
C THR M 291 -48.03 -0.76 17.19
N ASP M 292 -48.75 -1.77 16.71
CA ASP M 292 -50.23 -1.78 16.80
C ASP M 292 -50.66 -1.35 18.19
N MET M 293 -50.00 -1.91 19.21
CA MET M 293 -50.28 -1.55 20.60
C MET M 293 -49.82 -0.11 20.89
N GLY M 294 -48.59 0.23 20.49
CA GLY M 294 -48.03 1.56 20.72
C GLY M 294 -48.90 2.73 20.26
N THR M 295 -49.12 2.82 18.95
CA THR M 295 -49.98 3.87 18.40
C THR M 295 -51.43 3.59 18.76
N MET M 296 -51.69 3.44 20.05
CA MET M 296 -53.05 3.19 20.46
C MET M 296 -53.11 3.20 21.97
N GLN M 297 -52.04 2.75 22.61
CA GLN M 297 -51.94 2.95 24.05
C GLN M 297 -51.48 4.39 24.30
N GLU M 298 -50.54 4.82 23.46
CA GLU M 298 -50.03 6.19 23.45
C GLU M 298 -51.11 7.28 23.29
N ARG M 299 -52.33 6.85 23.02
CA ARG M 299 -53.44 7.77 22.94
C ARG M 299 -54.22 7.73 24.23
N ILE M 300 -54.37 6.55 24.83
CA ILE M 300 -55.11 6.45 26.09
C ILE M 300 -54.27 7.00 27.22
N THR M 301 -54.17 8.32 27.29
CA THR M 301 -53.20 8.97 28.18
C THR M 301 -53.81 10.16 28.91
N THR M 302 -52.93 10.95 29.51
CA THR M 302 -53.33 12.20 30.15
C THR M 302 -52.42 13.34 29.68
N THR M 303 -53.03 14.30 28.98
CA THR M 303 -52.32 15.49 28.53
C THR M 303 -52.43 16.61 29.57
N LYS M 304 -51.69 17.69 29.36
CA LYS M 304 -51.88 18.90 30.13
C LYS M 304 -53.34 19.33 30.05
N LYS M 305 -53.89 19.32 28.84
CA LYS M 305 -55.28 19.72 28.59
C LYS M 305 -56.34 18.99 29.41
N GLY M 306 -56.15 17.69 29.60
CA GLY M 306 -57.11 16.94 30.39
C GLY M 306 -56.48 15.71 31.01
N SER M 307 -57.28 14.97 31.77
CA SER M 307 -56.79 13.77 32.40
C SER M 307 -57.75 12.59 32.16
N ILE M 308 -57.17 11.42 31.90
CA ILE M 308 -57.95 10.20 31.78
C ILE M 308 -57.38 9.14 32.69
N THR M 309 -58.07 8.86 33.78
CA THR M 309 -57.80 7.65 34.51
C THR M 309 -58.23 6.48 33.61
N SER M 310 -57.34 5.53 33.31
CA SER M 310 -57.68 4.37 32.45
C SER M 310 -57.59 3.05 33.21
N VAL M 311 -58.65 2.24 33.14
CA VAL M 311 -58.62 0.92 33.78
C VAL M 311 -58.83 -0.20 32.77
N GLN M 312 -57.75 -0.66 32.13
CA GLN M 312 -57.85 -1.79 31.21
C GLN M 312 -57.79 -3.14 31.91
N ALA M 313 -58.43 -4.14 31.32
CA ALA M 313 -58.29 -5.50 31.81
C ALA M 313 -57.69 -6.36 30.70
N ILE M 314 -56.55 -6.99 30.98
CA ILE M 314 -55.86 -7.80 29.99
C ILE M 314 -55.98 -9.31 30.22
N TYR M 315 -56.41 -10.03 29.18
CA TYR M 315 -56.42 -11.49 29.24
C TYR M 315 -54.97 -11.89 29.11
N VAL M 316 -54.60 -12.88 29.91
CA VAL M 316 -53.29 -13.54 29.82
C VAL M 316 -53.52 -14.91 29.18
N PRO M 317 -53.17 -15.08 27.90
CA PRO M 317 -53.49 -16.32 27.20
C PRO M 317 -52.91 -17.56 27.89
N ALA M 318 -53.77 -18.29 28.59
CA ALA M 318 -53.35 -19.52 29.26
C ALA M 318 -52.59 -19.21 30.55
N ASP M 319 -52.65 -17.97 30.99
CA ASP M 319 -51.98 -17.52 32.23
C ASP M 319 -50.50 -17.22 32.00
N ASP M 320 -50.03 -17.37 30.77
CA ASP M 320 -48.63 -17.13 30.54
C ASP M 320 -48.31 -15.64 30.40
N LEU M 321 -48.06 -14.99 31.52
CA LEU M 321 -47.73 -13.59 31.54
C LEU M 321 -46.55 -13.21 30.62
N THR M 322 -46.04 -14.17 29.85
CA THR M 322 -44.94 -13.84 28.94
C THR M 322 -45.40 -13.90 27.50
N ASP M 323 -46.64 -14.39 27.32
CA ASP M 323 -47.27 -14.40 26.01
C ASP M 323 -47.25 -12.98 25.44
N PRO M 324 -46.66 -12.81 24.25
CA PRO M 324 -46.33 -11.50 23.70
C PRO M 324 -47.44 -10.45 23.86
N ALA M 325 -48.70 -10.86 24.05
CA ALA M 325 -49.78 -9.88 24.23
C ALA M 325 -49.71 -9.22 25.60
N PRO M 326 -50.08 -9.94 26.67
CA PRO M 326 -49.97 -9.29 27.98
C PRO M 326 -48.57 -8.77 28.26
N ALA M 327 -47.56 -9.42 27.68
CA ALA M 327 -46.20 -9.04 27.98
C ALA M 327 -45.91 -7.63 27.56
N THR M 328 -46.38 -7.28 26.36
CA THR M 328 -46.10 -5.98 25.75
C THR M 328 -46.94 -4.87 26.38
N THR M 329 -48.08 -5.28 26.92
CA THR M 329 -48.99 -4.39 27.62
C THR M 329 -48.35 -3.72 28.84
N PHE M 330 -47.51 -4.45 29.57
CA PHE M 330 -46.86 -3.94 30.79
C PHE M 330 -46.09 -2.61 30.68
N ALA M 331 -45.40 -2.42 29.56
CA ALA M 331 -44.66 -1.18 29.33
C ALA M 331 -45.57 0.02 29.41
N HIS M 332 -46.81 -0.17 28.96
CA HIS M 332 -47.79 0.89 28.86
C HIS M 332 -48.57 1.15 30.15
N LEU M 333 -48.06 0.73 31.29
CA LEU M 333 -48.83 0.96 32.50
C LEU M 333 -48.10 1.80 33.56
N ASP M 334 -48.87 2.29 34.55
CA ASP M 334 -48.32 3.09 35.65
C ASP M 334 -48.56 2.34 36.95
N ALA M 335 -49.50 1.43 36.89
CA ALA M 335 -49.87 0.66 38.05
C ALA M 335 -50.57 -0.57 37.52
N THR M 336 -50.04 -1.74 37.88
CA THR M 336 -50.56 -2.99 37.35
C THR M 336 -51.00 -3.87 38.52
N THR M 337 -52.25 -4.29 38.49
CA THR M 337 -52.73 -5.29 39.42
C THR M 337 -52.76 -6.61 38.66
N VAL M 338 -51.98 -7.59 39.12
CA VAL M 338 -51.91 -8.88 38.43
C VAL M 338 -52.60 -9.95 39.24
N LEU M 339 -53.50 -10.68 38.59
CA LEU M 339 -54.35 -11.67 39.24
C LEU M 339 -53.82 -13.09 39.11
N SER M 340 -53.96 -13.86 40.20
CA SER M 340 -53.35 -15.19 40.29
C SER M 340 -54.36 -16.30 40.38
N ARG M 341 -54.27 -17.28 39.49
CA ARG M 341 -55.15 -18.42 39.61
C ARG M 341 -54.91 -19.14 40.92
N ALA M 342 -53.65 -19.35 41.26
CA ALA M 342 -53.34 -20.09 42.48
C ALA M 342 -53.91 -19.41 43.73
N ILE M 343 -54.03 -18.08 43.72
CA ILE M 343 -54.62 -17.41 44.87
C ILE M 343 -56.13 -17.61 44.85
N ALA M 344 -56.73 -17.38 43.69
CA ALA M 344 -58.18 -17.52 43.54
C ALA M 344 -58.59 -18.90 43.97
N GLU M 345 -57.92 -19.90 43.41
CA GLU M 345 -58.16 -21.29 43.76
C GLU M 345 -58.18 -21.57 45.28
N LEU M 346 -57.52 -20.72 46.06
CA LEU M 346 -57.54 -20.85 47.51
C LEU M 346 -58.69 -20.09 48.12
N GLY M 347 -59.53 -19.50 47.28
CA GLY M 347 -60.70 -18.76 47.73
C GLY M 347 -60.41 -17.32 48.09
N ILE M 348 -59.14 -16.94 47.98
CA ILE M 348 -58.76 -15.57 48.31
C ILE M 348 -59.02 -14.67 47.13
N TYR M 349 -60.27 -14.26 46.99
CA TYR M 349 -60.65 -13.21 46.06
C TYR M 349 -60.63 -11.88 46.84
N PRO M 350 -60.27 -10.77 46.17
CA PRO M 350 -59.82 -10.71 44.77
C PRO M 350 -58.42 -11.29 44.60
N ALA M 351 -58.26 -12.31 43.76
CA ALA M 351 -56.97 -12.99 43.66
C ALA M 351 -55.80 -12.11 43.16
N VAL M 352 -55.46 -11.07 43.91
CA VAL M 352 -54.33 -10.21 43.55
C VAL M 352 -53.03 -10.80 44.08
N ASP M 353 -52.02 -10.91 43.21
CA ASP M 353 -50.72 -11.44 43.61
C ASP M 353 -49.98 -10.31 44.28
N PRO M 354 -49.86 -10.36 45.61
CA PRO M 354 -49.22 -9.27 46.33
C PRO M 354 -47.75 -9.15 46.00
N LEU M 355 -47.25 -9.98 45.10
CA LEU M 355 -45.84 -9.93 44.75
C LEU M 355 -45.62 -9.82 43.23
N ASP M 356 -46.68 -9.54 42.50
CA ASP M 356 -46.56 -9.33 41.05
C ASP M 356 -47.30 -8.04 40.69
N SER M 357 -47.84 -7.39 41.72
CA SER M 357 -48.60 -6.17 41.55
C SER M 357 -47.75 -4.99 41.91
N THR M 358 -47.81 -3.96 41.08
CA THR M 358 -46.86 -2.85 41.17
C THR M 358 -47.47 -1.50 40.81
N SER M 359 -47.03 -0.46 41.52
CA SER M 359 -47.48 0.91 41.29
C SER M 359 -46.27 1.79 41.14
N ARG M 360 -46.39 2.85 40.35
CA ARG M 360 -45.28 3.78 40.14
C ARG M 360 -45.14 4.70 41.37
N ILE M 361 -46.28 4.97 41.99
CA ILE M 361 -46.34 5.87 43.14
C ILE M 361 -46.19 5.13 44.47
N MET M 362 -45.60 3.94 44.45
CA MET M 362 -45.23 3.28 45.71
C MET M 362 -43.82 3.74 46.02
N ASP M 363 -43.74 5.02 46.38
CA ASP M 363 -42.50 5.73 46.72
C ASP M 363 -42.77 6.42 48.04
N PRO M 364 -41.88 6.23 49.03
CA PRO M 364 -42.09 6.77 50.36
C PRO M 364 -42.30 8.26 50.29
N ASN M 365 -41.64 8.90 49.32
CA ASN M 365 -41.83 10.32 49.04
C ASN M 365 -43.09 10.61 48.24
N ILE M 366 -44.13 9.80 48.38
CA ILE M 366 -45.35 10.00 47.62
C ILE M 366 -46.51 9.46 48.41
N VAL M 367 -46.23 8.42 49.17
CA VAL M 367 -47.25 7.73 49.96
C VAL M 367 -46.88 7.75 51.43
N GLY M 368 -45.70 8.31 51.72
CA GLY M 368 -45.27 8.45 53.10
C GLY M 368 -44.58 7.21 53.60
N SER M 369 -43.67 7.39 54.54
CA SER M 369 -42.85 6.27 54.99
C SER M 369 -43.68 5.27 55.76
N GLU M 370 -44.85 5.66 56.25
CA GLU M 370 -45.65 4.75 57.06
C GLU M 370 -46.28 3.76 56.13
N HIS M 371 -46.98 4.31 55.13
CA HIS M 371 -47.56 3.54 54.04
C HIS M 371 -46.50 2.62 53.46
N TYR M 372 -45.59 3.21 52.69
CA TYR M 372 -44.52 2.43 52.07
C TYR M 372 -43.99 1.39 53.04
N ASP M 373 -43.32 1.83 54.10
CA ASP M 373 -42.65 0.89 55.00
C ASP M 373 -43.58 -0.26 55.39
N VAL M 374 -44.87 0.02 55.49
CA VAL M 374 -45.84 -1.03 55.86
C VAL M 374 -46.16 -1.98 54.71
N ALA M 375 -46.31 -1.44 53.51
CA ALA M 375 -46.55 -2.27 52.34
C ALA M 375 -45.39 -3.23 52.23
N ARG M 376 -44.20 -2.68 52.02
CA ARG M 376 -43.01 -3.48 51.81
C ARG M 376 -42.80 -4.54 52.90
N GLY M 377 -43.24 -4.24 54.11
CA GLY M 377 -43.15 -5.18 55.22
C GLY M 377 -44.05 -6.39 55.03
N VAL M 378 -45.25 -6.15 54.50
CA VAL M 378 -46.22 -7.20 54.16
C VAL M 378 -45.70 -8.01 52.98
N GLN M 379 -45.28 -7.30 51.94
CA GLN M 379 -44.70 -7.95 50.79
C GLN M 379 -43.58 -8.89 51.26
N LYS M 380 -42.69 -8.39 52.12
CA LYS M 380 -41.58 -9.22 52.61
C LYS M 380 -42.07 -10.49 53.28
N ILE M 381 -42.84 -10.37 54.36
CA ILE M 381 -43.28 -11.56 55.11
C ILE M 381 -44.02 -12.57 54.24
N LEU M 382 -44.79 -12.10 53.27
CA LEU M 382 -45.47 -13.00 52.38
C LEU M 382 -44.44 -13.75 51.56
N GLN M 383 -43.41 -13.04 51.10
CA GLN M 383 -42.34 -13.68 50.34
C GLN M 383 -41.60 -14.69 51.17
N ASP M 384 -41.34 -14.38 52.44
CA ASP M 384 -40.60 -15.29 53.31
C ASP M 384 -41.42 -16.55 53.52
N TYR M 385 -42.72 -16.40 53.71
CA TYR M 385 -43.58 -17.55 53.92
C TYR M 385 -43.57 -18.44 52.68
N LYS M 386 -43.53 -17.83 51.50
CA LYS M 386 -43.48 -18.56 50.23
C LYS M 386 -42.21 -19.37 50.20
N SER M 387 -41.17 -18.86 50.86
CA SER M 387 -39.87 -19.54 50.91
C SER M 387 -39.89 -20.79 51.77
N LEU M 388 -40.50 -20.72 52.95
CA LEU M 388 -40.60 -21.89 53.80
C LEU M 388 -41.56 -22.93 53.25
N GLN M 389 -42.13 -22.66 52.08
CA GLN M 389 -43.33 -23.39 51.69
C GLN M 389 -43.11 -24.84 51.29
N ASP M 390 -41.94 -25.18 50.78
CA ASP M 390 -41.72 -26.57 50.43
C ASP M 390 -40.75 -27.26 51.38
N ILE M 391 -40.27 -26.52 52.37
CA ILE M 391 -39.68 -27.18 53.52
C ILE M 391 -40.85 -27.83 54.21
N ILE M 392 -41.72 -26.99 54.74
CA ILE M 392 -42.72 -27.41 55.69
C ILE M 392 -43.67 -28.49 55.20
N ALA M 393 -44.27 -28.27 54.03
CA ALA M 393 -45.34 -29.14 53.57
C ALA M 393 -44.87 -30.53 53.11
N ILE M 394 -43.56 -30.74 53.10
CA ILE M 394 -43.00 -32.07 52.83
C ILE M 394 -42.00 -32.57 53.90
N LEU M 395 -41.59 -31.71 54.84
CA LEU M 395 -40.63 -32.15 55.87
C LEU M 395 -40.94 -31.71 57.31
N GLY M 396 -42.21 -31.85 57.69
CA GLY M 396 -42.64 -31.62 59.05
C GLY M 396 -42.71 -30.16 59.47
N MET M 397 -43.93 -29.66 59.68
CA MET M 397 -44.14 -28.26 60.07
C MET M 397 -43.34 -27.81 61.29
N ASP M 398 -43.57 -28.44 62.43
CA ASP M 398 -42.99 -27.99 63.71
C ASP M 398 -41.48 -28.09 63.77
N GLU M 399 -40.87 -28.47 62.65
CA GLU M 399 -39.42 -28.50 62.50
C GLU M 399 -38.91 -27.08 62.17
N LEU M 400 -39.81 -26.10 62.25
CA LEU M 400 -39.47 -24.72 61.93
C LEU M 400 -38.87 -23.99 63.13
N SER M 401 -38.21 -22.87 62.86
CA SER M 401 -37.69 -22.02 63.93
C SER M 401 -38.84 -21.63 64.83
N GLU M 402 -38.52 -20.85 65.86
CA GLU M 402 -39.57 -20.16 66.59
C GLU M 402 -39.91 -18.93 65.77
N GLU M 403 -38.86 -18.27 65.29
CA GLU M 403 -38.99 -17.11 64.41
C GLU M 403 -39.89 -17.41 63.21
N ASP M 404 -39.85 -18.66 62.75
CA ASP M 404 -40.50 -19.00 61.48
C ASP M 404 -41.96 -19.43 61.62
N LYS M 405 -42.26 -20.27 62.60
CA LYS M 405 -43.65 -20.60 62.83
C LYS M 405 -44.41 -19.30 63.10
N LEU M 406 -43.67 -18.29 63.53
CA LEU M 406 -44.24 -16.97 63.75
C LEU M 406 -44.48 -16.24 62.43
N THR M 407 -43.48 -16.23 61.56
CA THR M 407 -43.64 -15.52 60.29
C THR M 407 -44.55 -16.30 59.36
N VAL M 408 -44.85 -17.56 59.70
CA VAL M 408 -45.87 -18.30 58.96
C VAL M 408 -47.21 -17.87 59.49
N SER M 409 -47.42 -18.06 60.79
CA SER M 409 -48.64 -17.63 61.47
C SER M 409 -49.15 -16.29 60.94
N ARG M 410 -48.35 -15.24 61.18
CA ARG M 410 -48.74 -13.90 60.80
C ARG M 410 -48.99 -13.78 59.31
N ALA M 411 -48.15 -14.43 58.52
CA ALA M 411 -48.26 -14.35 57.07
C ALA M 411 -49.63 -14.84 56.60
N ARG M 412 -50.02 -16.03 57.00
CA ARG M 412 -51.29 -16.57 56.57
C ARG M 412 -52.45 -15.67 56.99
N LYS M 413 -52.30 -15.01 58.14
CA LYS M 413 -53.29 -14.01 58.56
C LYS M 413 -53.31 -12.85 57.59
N ILE M 414 -52.18 -12.15 57.50
CA ILE M 414 -51.98 -11.10 56.51
C ILE M 414 -52.52 -11.50 55.15
N GLN M 415 -52.26 -12.75 54.77
CA GLN M 415 -52.58 -13.24 53.44
C GLN M 415 -54.07 -13.34 53.21
N ARG M 416 -54.80 -13.57 54.30
CA ARG M 416 -56.25 -13.74 54.24
C ARG M 416 -56.96 -12.41 54.47
N PHE M 417 -56.41 -11.62 55.38
CA PHE M 417 -56.95 -10.30 55.65
C PHE M 417 -56.91 -9.46 54.38
N LEU M 418 -56.16 -9.94 53.38
CA LEU M 418 -56.02 -9.28 52.09
C LEU M 418 -57.23 -9.49 51.17
N SER M 419 -58.06 -10.45 51.53
CA SER M 419 -59.27 -10.71 50.76
C SER M 419 -60.29 -9.68 51.17
N GLN M 420 -61.32 -9.51 50.33
CA GLN M 420 -62.38 -8.53 50.58
C GLN M 420 -63.68 -9.05 50.01
N PRO M 421 -64.74 -8.97 50.79
CA PRO M 421 -66.06 -9.24 50.19
C PRO M 421 -66.37 -8.07 49.28
N PHE M 422 -66.46 -8.32 47.98
CA PHE M 422 -66.76 -7.26 47.03
C PHE M 422 -68.27 -7.05 47.00
N GLN M 423 -68.69 -5.81 46.77
CA GLN M 423 -70.10 -5.47 46.72
C GLN M 423 -70.79 -6.06 45.48
N VAL M 424 -70.06 -6.18 44.39
CA VAL M 424 -70.64 -6.74 43.19
C VAL M 424 -70.54 -8.26 43.21
N ALA M 425 -69.94 -8.78 44.26
CA ALA M 425 -69.72 -10.22 44.34
C ALA M 425 -70.49 -10.89 45.46
N GLU M 426 -71.42 -10.19 46.08
CA GLU M 426 -72.20 -10.80 47.14
C GLU M 426 -72.85 -12.08 46.62
N VAL M 427 -73.26 -12.05 45.35
CA VAL M 427 -73.91 -13.17 44.69
C VAL M 427 -73.09 -14.46 44.82
N PHE M 428 -71.77 -14.31 44.80
CA PHE M 428 -70.85 -15.42 44.98
C PHE M 428 -70.40 -15.60 46.45
N THR M 429 -69.68 -14.60 46.97
CA THR M 429 -69.19 -14.64 48.34
C THR M 429 -70.25 -15.18 49.30
N GLY M 430 -71.17 -14.31 49.71
CA GLY M 430 -72.18 -14.69 50.66
C GLY M 430 -72.20 -13.70 51.81
N HIS M 431 -71.24 -12.79 51.79
CA HIS M 431 -71.11 -11.74 52.81
C HIS M 431 -71.44 -10.41 52.18
N LEU M 432 -71.97 -9.50 52.99
CA LEU M 432 -72.33 -8.19 52.47
C LEU M 432 -71.06 -7.47 52.03
N GLY M 433 -71.15 -6.71 50.94
CA GLY M 433 -70.03 -5.98 50.39
C GLY M 433 -69.17 -5.29 51.45
N LYS M 434 -68.12 -4.62 51.01
CA LYS M 434 -67.24 -3.88 51.92
C LYS M 434 -66.33 -2.92 51.20
N LEU M 435 -65.56 -2.19 51.98
CA LEU M 435 -64.78 -1.11 51.44
C LEU M 435 -64.03 -0.40 52.57
N VAL M 436 -62.71 -0.38 52.47
CA VAL M 436 -61.89 0.11 53.56
C VAL M 436 -61.12 1.36 53.13
N PRO M 437 -61.20 2.43 53.96
CA PRO M 437 -60.46 3.68 53.72
C PRO M 437 -58.96 3.48 53.94
N LEU M 438 -58.14 4.01 53.03
CA LEU M 438 -56.70 3.75 53.03
C LEU M 438 -56.07 3.64 54.42
N LYS M 439 -56.36 4.58 55.30
CA LYS M 439 -55.65 4.65 56.56
C LYS M 439 -56.02 3.54 57.55
N GLU M 440 -57.16 2.90 57.31
CA GLU M 440 -57.58 1.78 58.15
C GLU M 440 -57.02 0.47 57.63
N THR M 441 -56.52 0.54 56.40
CA THR M 441 -55.83 -0.57 55.74
C THR M 441 -54.39 -0.58 56.23
N ILE M 442 -53.70 0.52 56.00
CA ILE M 442 -52.37 0.67 56.56
C ILE M 442 -52.33 0.26 58.04
N LYS M 443 -53.28 0.77 58.81
CA LYS M 443 -53.32 0.49 60.24
C LYS M 443 -53.54 -0.99 60.49
N GLY M 444 -54.53 -1.56 59.80
CA GLY M 444 -54.86 -2.95 59.97
C GLY M 444 -53.66 -3.87 59.81
N PHE M 445 -52.94 -3.69 58.71
CA PHE M 445 -51.78 -4.53 58.45
C PHE M 445 -50.68 -4.22 59.44
N GLN M 446 -50.33 -2.96 59.56
CA GLN M 446 -49.33 -2.53 60.53
C GLN M 446 -49.48 -3.30 61.83
N GLN M 447 -50.71 -3.43 62.30
CA GLN M 447 -51.01 -4.21 63.49
C GLN M 447 -50.67 -5.69 63.32
N ILE M 448 -51.41 -6.39 62.47
CA ILE M 448 -51.16 -7.81 62.23
C ILE M 448 -49.68 -8.06 62.19
N LEU M 449 -48.96 -7.18 61.49
CA LEU M 449 -47.51 -7.27 61.30
C LEU M 449 -46.78 -7.13 62.59
N ALA M 450 -47.27 -6.23 63.44
CA ALA M 450 -46.65 -5.88 64.72
C ALA M 450 -46.80 -6.96 65.81
N GLY M 451 -47.60 -7.99 65.56
CA GLY M 451 -47.78 -9.10 66.48
C GLY M 451 -48.94 -8.96 67.45
N GLU M 452 -49.92 -8.15 67.06
CA GLU M 452 -51.01 -7.80 67.94
C GLU M 452 -52.20 -8.74 67.85
N TYR M 453 -52.20 -9.64 66.88
CA TYR M 453 -53.33 -10.56 66.78
C TYR M 453 -52.92 -12.01 66.68
N ASP M 454 -51.71 -12.31 67.11
CA ASP M 454 -51.18 -13.65 66.96
C ASP M 454 -52.02 -14.65 67.72
N HIS M 455 -53.02 -14.14 68.45
CA HIS M 455 -53.91 -14.99 69.26
C HIS M 455 -55.23 -15.37 68.55
N LEU M 456 -55.82 -14.44 67.80
CA LEU M 456 -57.02 -14.71 67.00
C LEU M 456 -56.71 -15.71 65.91
N PRO M 457 -57.63 -16.64 65.63
CA PRO M 457 -57.34 -17.71 64.67
C PRO M 457 -57.49 -17.22 63.24
N GLU M 458 -57.03 -18.04 62.29
CA GLU M 458 -56.94 -17.66 60.88
C GLU M 458 -58.18 -17.01 60.30
N GLN M 459 -59.25 -17.81 60.24
CA GLN M 459 -60.43 -17.48 59.46
C GLN M 459 -61.01 -16.09 59.75
N ALA M 460 -60.60 -15.53 60.88
CA ALA M 460 -61.18 -14.27 61.33
C ALA M 460 -60.80 -13.10 60.45
N PHE M 461 -59.75 -13.26 59.64
CA PHE M 461 -59.30 -12.19 58.74
C PHE M 461 -59.82 -12.47 57.35
N TYR M 462 -60.20 -13.72 57.12
CA TYR M 462 -60.77 -14.12 55.82
C TYR M 462 -62.07 -13.38 55.54
N MET M 463 -62.02 -12.46 54.59
CA MET M 463 -63.23 -11.85 54.08
C MET M 463 -63.92 -11.01 55.14
N VAL M 464 -63.20 -10.02 55.66
CA VAL M 464 -63.83 -8.99 56.47
C VAL M 464 -63.40 -7.65 55.89
N GLY M 465 -63.96 -6.56 56.40
CA GLY M 465 -63.65 -5.25 55.89
C GLY M 465 -62.52 -4.64 56.68
N PRO M 466 -62.83 -3.60 57.47
CA PRO M 466 -61.87 -2.94 58.36
C PRO M 466 -61.38 -3.90 59.44
N ILE M 467 -60.15 -3.69 59.88
CA ILE M 467 -59.49 -4.68 60.72
C ILE M 467 -60.36 -5.18 61.88
N GLU M 468 -61.14 -4.27 62.49
CA GLU M 468 -61.94 -4.62 63.66
C GLU M 468 -62.97 -5.71 63.35
N GLU M 469 -63.48 -5.68 62.13
CA GLU M 469 -64.50 -6.63 61.69
C GLU M 469 -63.95 -8.05 61.67
N ALA M 470 -62.66 -8.16 61.92
CA ALA M 470 -62.03 -9.44 62.09
C ALA M 470 -62.06 -9.81 63.57
N VAL M 471 -61.84 -8.83 64.44
CA VAL M 471 -61.95 -9.11 65.86
C VAL M 471 -63.38 -9.53 66.15
N ALA M 472 -64.30 -9.08 65.29
CA ALA M 472 -65.70 -9.48 65.35
C ALA M 472 -65.84 -10.96 65.08
N LYS M 473 -65.44 -11.38 63.88
CA LYS M 473 -65.44 -12.79 63.48
C LYS M 473 -64.59 -13.61 64.46
N ALA M 474 -63.82 -12.91 65.29
CA ALA M 474 -62.89 -13.54 66.23
C ALA M 474 -63.59 -14.22 67.39
N ASP M 475 -64.80 -13.78 67.66
CA ASP M 475 -65.58 -14.29 68.78
C ASP M 475 -66.76 -15.05 68.23
N LYS M 476 -67.30 -14.53 67.14
CA LYS M 476 -68.39 -15.17 66.42
C LYS M 476 -68.00 -16.60 66.04
N LEU M 477 -66.72 -16.81 65.72
CA LEU M 477 -66.21 -18.14 65.43
C LEU M 477 -65.90 -18.87 66.74
N ALA M 478 -65.53 -18.08 67.76
CA ALA M 478 -65.30 -18.62 69.10
C ALA M 478 -66.59 -19.20 69.66
N GLU M 479 -67.22 -18.45 70.55
CA GLU M 479 -68.48 -18.87 71.11
C GLU M 479 -69.58 -17.84 70.87
N THR N 13 -13.71 -11.83 -15.63
CA THR N 13 -14.68 -10.97 -16.31
C THR N 13 -15.38 -10.02 -15.33
N THR N 14 -16.57 -9.53 -15.70
CA THR N 14 -17.27 -8.47 -14.95
C THR N 14 -18.80 -8.64 -14.85
N GLY N 15 -19.39 -8.04 -13.81
CA GLY N 15 -20.81 -8.20 -13.52
C GLY N 15 -21.43 -7.08 -12.70
N ARG N 16 -22.75 -7.15 -12.54
CA ARG N 16 -23.53 -6.03 -11.99
C ARG N 16 -24.50 -6.45 -10.89
N ILE N 17 -24.74 -5.54 -9.96
CA ILE N 17 -25.54 -5.90 -8.81
C ILE N 17 -27.03 -5.77 -9.09
N VAL N 18 -27.67 -6.89 -9.35
CA VAL N 18 -29.12 -6.88 -9.60
C VAL N 18 -29.98 -6.72 -8.34
N ALA N 19 -29.52 -7.28 -7.23
CA ALA N 19 -30.22 -7.13 -5.96
C ALA N 19 -29.28 -6.94 -4.76
N VAL N 20 -29.76 -6.28 -3.71
CA VAL N 20 -29.01 -6.11 -2.46
C VAL N 20 -29.98 -6.05 -1.27
N ILE N 21 -30.11 -7.18 -0.57
CA ILE N 21 -30.91 -7.27 0.66
C ILE N 21 -29.97 -7.79 1.72
N GLY N 22 -29.85 -7.09 2.84
CA GLY N 22 -28.96 -7.53 3.89
C GLY N 22 -27.53 -7.71 3.41
N ALA N 23 -26.89 -8.80 3.84
CA ALA N 23 -25.58 -9.22 3.34
C ALA N 23 -25.72 -10.15 2.14
N VAL N 24 -26.90 -10.16 1.54
CA VAL N 24 -27.22 -11.02 0.40
C VAL N 24 -27.24 -10.20 -0.90
N VAL N 25 -26.11 -10.20 -1.59
CA VAL N 25 -26.00 -9.53 -2.88
C VAL N 25 -26.30 -10.54 -4.01
N ASP N 26 -27.29 -10.24 -4.85
CA ASP N 26 -27.50 -10.98 -6.09
C ASP N 26 -26.73 -10.24 -7.20
N VAL N 27 -25.87 -10.96 -7.91
CA VAL N 27 -24.99 -10.32 -8.89
C VAL N 27 -25.01 -11.07 -10.22
N GLN N 28 -25.29 -10.32 -11.29
CA GLN N 28 -25.49 -10.88 -12.63
C GLN N 28 -24.25 -10.66 -13.47
N PHE N 29 -23.98 -11.63 -14.33
CA PHE N 29 -22.83 -11.60 -15.21
C PHE N 29 -23.29 -11.92 -16.63
N ASP N 30 -22.89 -11.12 -17.60
CA ASP N 30 -23.13 -11.47 -19.00
C ASP N 30 -22.02 -12.43 -19.38
N GLU N 31 -20.81 -12.07 -18.98
CA GLU N 31 -19.61 -12.80 -19.35
C GLU N 31 -19.66 -14.25 -18.90
N GLY N 32 -18.69 -14.64 -18.06
CA GLY N 32 -18.60 -16.00 -17.57
C GLY N 32 -18.87 -16.11 -16.08
N LEU N 33 -19.94 -16.83 -15.75
CA LEU N 33 -20.40 -17.05 -14.36
C LEU N 33 -19.33 -17.68 -13.45
N PRO N 34 -19.16 -17.10 -12.24
CA PRO N 34 -18.20 -17.57 -11.23
C PRO N 34 -18.80 -18.78 -10.51
N PRO N 35 -18.01 -19.85 -10.36
CA PRO N 35 -18.49 -21.09 -9.75
C PRO N 35 -19.11 -20.77 -8.39
N ILE N 36 -19.83 -21.70 -7.80
CA ILE N 36 -20.13 -21.51 -6.40
C ILE N 36 -18.79 -21.33 -5.67
N LEU N 37 -18.79 -20.52 -4.61
CA LEU N 37 -17.62 -20.39 -3.74
C LEU N 37 -16.54 -19.45 -4.23
N ASN N 38 -16.86 -18.68 -5.27
CA ASN N 38 -15.88 -17.74 -5.77
C ASN N 38 -15.88 -16.38 -5.08
N ALA N 39 -14.71 -15.75 -5.05
CA ALA N 39 -14.59 -14.43 -4.47
C ALA N 39 -14.83 -13.31 -5.52
N LEU N 40 -16.02 -12.73 -5.49
CA LEU N 40 -16.29 -11.53 -6.25
C LEU N 40 -15.79 -10.34 -5.42
N GLU N 41 -15.24 -9.31 -6.06
CA GLU N 41 -14.79 -8.12 -5.34
C GLU N 41 -15.53 -6.87 -5.80
N VAL N 42 -16.64 -6.53 -5.13
CA VAL N 42 -17.40 -5.33 -5.42
C VAL N 42 -16.49 -4.12 -5.61
N GLN N 43 -16.77 -3.35 -6.66
CA GLN N 43 -15.91 -2.27 -7.09
C GLN N 43 -16.34 -0.90 -6.57
N GLY N 44 -15.33 -0.07 -6.35
CA GLY N 44 -15.57 1.31 -6.01
C GLY N 44 -15.96 1.50 -4.57
N ARG N 45 -15.08 1.07 -3.67
CA ARG N 45 -15.30 1.28 -2.25
C ARG N 45 -13.99 1.50 -1.50
N GLU N 46 -14.10 2.23 -0.40
CA GLU N 46 -12.94 2.59 0.41
C GLU N 46 -12.28 1.35 1.01
N THR N 47 -13.10 0.34 1.35
CA THR N 47 -12.59 -0.92 1.89
C THR N 47 -13.12 -2.17 1.17
N ARG N 48 -12.19 -3.05 0.82
CA ARG N 48 -12.48 -4.28 0.08
C ARG N 48 -13.73 -4.98 0.56
N LEU N 49 -14.75 -4.97 -0.27
CA LEU N 49 -15.98 -5.67 0.06
C LEU N 49 -16.05 -6.92 -0.79
N VAL N 50 -15.51 -8.03 -0.27
CA VAL N 50 -15.64 -9.31 -0.97
C VAL N 50 -17.05 -9.89 -0.83
N LEU N 51 -17.59 -10.40 -1.93
CA LEU N 51 -18.80 -11.21 -1.90
C LEU N 51 -18.39 -12.66 -2.19
N GLU N 52 -19.08 -13.62 -1.57
CA GLU N 52 -18.77 -15.02 -1.80
C GLU N 52 -19.96 -15.71 -2.39
N VAL N 53 -19.73 -16.48 -3.45
CA VAL N 53 -20.82 -17.00 -4.26
C VAL N 53 -21.54 -18.12 -3.56
N ALA N 54 -22.86 -18.01 -3.47
CA ALA N 54 -23.65 -18.96 -2.71
C ALA N 54 -24.42 -19.94 -3.59
N GLN N 55 -25.26 -19.39 -4.44
CA GLN N 55 -26.08 -20.18 -5.36
C GLN N 55 -25.90 -19.66 -6.79
N HIS N 56 -26.03 -20.53 -7.80
CA HIS N 56 -26.35 -20.06 -9.15
C HIS N 56 -27.87 -19.99 -9.33
N LEU N 57 -28.35 -18.78 -9.63
CA LEU N 57 -29.77 -18.50 -9.61
C LEU N 57 -30.43 -18.73 -10.96
N GLY N 58 -29.62 -18.64 -12.02
CA GLY N 58 -30.12 -18.70 -13.37
C GLY N 58 -30.23 -17.31 -13.96
N GLU N 59 -30.29 -17.21 -15.28
CA GLU N 59 -30.27 -15.90 -15.93
C GLU N 59 -28.94 -15.25 -15.60
N SER N 60 -27.88 -16.06 -15.69
CA SER N 60 -26.52 -15.60 -15.45
C SER N 60 -26.41 -14.79 -14.16
N THR N 61 -27.30 -15.06 -13.21
CA THR N 61 -27.25 -14.45 -11.87
C THR N 61 -26.72 -15.45 -10.81
N VAL N 62 -25.92 -14.95 -9.89
CA VAL N 62 -25.49 -15.74 -8.75
C VAL N 62 -25.95 -15.00 -7.51
N ARG N 63 -26.11 -15.72 -6.41
CA ARG N 63 -26.41 -15.11 -5.11
C ARG N 63 -25.14 -15.11 -4.28
N THR N 64 -25.05 -14.19 -3.34
CA THR N 64 -23.88 -14.19 -2.48
C THR N 64 -24.16 -13.71 -1.06
N ILE N 65 -23.25 -14.10 -0.17
CA ILE N 65 -23.16 -13.53 1.15
C ILE N 65 -21.92 -12.61 1.19
N ALA N 66 -22.05 -11.54 1.95
CA ALA N 66 -21.08 -10.48 1.96
C ALA N 66 -20.08 -10.74 3.08
N MET N 67 -18.79 -10.55 2.83
CA MET N 67 -17.83 -10.59 3.93
C MET N 67 -17.67 -9.23 4.64
N ASP N 68 -18.71 -8.40 4.55
CA ASP N 68 -18.73 -7.10 5.20
C ASP N 68 -19.98 -6.32 4.82
N GLY N 69 -20.26 -5.24 5.55
CA GLY N 69 -21.48 -4.49 5.36
C GLY N 69 -21.79 -4.10 3.93
N THR N 70 -23.07 -3.83 3.67
CA THR N 70 -23.50 -3.60 2.29
C THR N 70 -24.00 -2.18 2.05
N GLU N 71 -24.04 -1.35 3.08
CA GLU N 71 -24.55 0.01 2.90
C GLU N 71 -23.89 0.68 1.68
N GLY N 72 -24.71 1.33 0.86
CA GLY N 72 -24.20 2.14 -0.23
C GLY N 72 -23.85 1.49 -1.56
N LEU N 73 -24.17 0.20 -1.69
CA LEU N 73 -24.11 -0.46 -2.98
C LEU N 73 -25.29 0.05 -3.77
N VAL N 74 -25.07 0.31 -5.06
CA VAL N 74 -26.20 0.60 -5.94
C VAL N 74 -26.38 -0.52 -6.96
N ARG N 75 -27.64 -0.82 -7.29
CA ARG N 75 -27.92 -1.82 -8.29
C ARG N 75 -27.37 -1.32 -9.61
N GLY N 76 -26.40 -2.05 -10.14
CA GLY N 76 -25.66 -1.61 -11.30
C GLY N 76 -24.17 -1.54 -11.00
N GLN N 77 -23.84 -1.45 -9.72
CA GLN N 77 -22.44 -1.38 -9.30
C GLN N 77 -21.60 -2.51 -9.91
N LYS N 78 -20.42 -2.15 -10.41
CA LYS N 78 -19.57 -3.11 -11.09
C LYS N 78 -19.01 -4.08 -10.07
N VAL N 79 -19.10 -5.37 -10.37
CA VAL N 79 -18.49 -6.39 -9.52
C VAL N 79 -17.46 -7.19 -10.32
N LEU N 80 -16.34 -7.51 -9.69
CA LEU N 80 -15.25 -8.15 -10.41
C LEU N 80 -14.90 -9.54 -9.86
N ASP N 81 -15.19 -10.59 -10.61
CA ASP N 81 -14.87 -11.95 -10.22
C ASP N 81 -13.36 -12.16 -10.12
N SER N 82 -12.90 -12.69 -9.00
CA SER N 82 -11.45 -12.89 -8.80
C SER N 82 -10.94 -14.23 -9.33
N GLY N 83 -11.86 -15.10 -9.73
CA GLY N 83 -11.51 -16.36 -10.37
C GLY N 83 -11.03 -17.46 -9.42
N ALA N 84 -11.38 -17.33 -8.15
CA ALA N 84 -11.07 -18.32 -7.11
C ALA N 84 -11.94 -18.07 -5.89
N PRO N 85 -11.89 -18.97 -4.92
CA PRO N 85 -12.56 -18.63 -3.67
C PRO N 85 -11.68 -17.59 -2.92
N ILE N 86 -12.06 -17.26 -1.69
CA ILE N 86 -11.22 -16.37 -0.89
C ILE N 86 -9.80 -16.93 -0.77
N ARG N 87 -8.80 -16.09 -1.06
CA ARG N 87 -7.40 -16.52 -0.89
C ARG N 87 -6.62 -15.62 0.08
N ILE N 88 -5.81 -16.24 0.93
CA ILE N 88 -5.15 -15.49 1.98
C ILE N 88 -3.69 -15.89 2.04
N PRO N 89 -2.83 -14.99 2.55
CA PRO N 89 -1.39 -15.26 2.60
C PRO N 89 -1.11 -16.42 3.54
N VAL N 90 0.00 -17.10 3.38
CA VAL N 90 0.32 -18.14 4.32
C VAL N 90 1.80 -18.28 4.36
N GLY N 91 2.27 -19.04 5.34
CA GLY N 91 3.71 -19.19 5.50
C GLY N 91 4.16 -18.40 6.70
N PRO N 92 5.47 -18.39 6.97
CA PRO N 92 5.95 -17.90 8.26
C PRO N 92 5.68 -16.42 8.45
N GLU N 93 5.37 -15.72 7.37
CA GLU N 93 5.18 -14.28 7.48
C GLU N 93 3.85 -13.94 8.14
N THR N 94 3.07 -14.95 8.53
CA THR N 94 1.79 -14.71 9.21
C THR N 94 1.97 -14.74 10.71
N LEU N 95 2.88 -15.59 11.17
CA LEU N 95 3.29 -15.62 12.58
C LEU N 95 3.58 -14.22 13.17
N GLY N 96 2.81 -13.83 14.19
CA GLY N 96 3.01 -12.55 14.85
C GLY N 96 2.02 -11.55 14.28
N ARG N 97 1.51 -11.88 13.11
CA ARG N 97 0.55 -10.99 12.46
C ARG N 97 -0.89 -11.29 12.86
N ILE N 98 -1.78 -10.37 12.50
CA ILE N 98 -3.19 -10.53 12.81
C ILE N 98 -3.94 -10.24 11.54
N MET N 99 -4.36 -11.29 10.83
CA MET N 99 -5.14 -11.07 9.60
C MET N 99 -6.65 -11.26 9.81
N ASN N 100 -7.48 -10.56 9.05
CA ASN N 100 -8.93 -10.78 9.14
C ASN N 100 -9.43 -11.92 8.25
N VAL N 101 -10.74 -12.04 8.12
CA VAL N 101 -11.29 -13.23 7.45
C VAL N 101 -10.78 -13.43 6.03
N ILE N 102 -10.51 -12.32 5.30
CA ILE N 102 -10.02 -12.36 3.92
C ILE N 102 -8.55 -12.04 3.72
N GLY N 103 -7.73 -12.20 4.75
CA GLY N 103 -6.28 -12.07 4.58
C GLY N 103 -5.65 -10.71 4.76
N GLU N 104 -6.46 -9.66 4.90
CA GLU N 104 -5.93 -8.31 5.17
C GLU N 104 -5.30 -8.25 6.56
N PRO N 105 -4.09 -7.69 6.66
CA PRO N 105 -3.50 -7.58 8.00
C PRO N 105 -4.22 -6.45 8.72
N ILE N 106 -4.55 -6.67 9.98
CA ILE N 106 -5.31 -5.67 10.72
C ILE N 106 -4.60 -5.27 12.00
N ASP N 107 -3.31 -5.59 12.06
CA ASP N 107 -2.46 -5.17 13.16
C ASP N 107 -1.70 -3.88 12.84
N GLU N 108 -2.10 -3.23 11.75
CA GLU N 108 -1.54 -1.94 11.35
C GLU N 108 -0.03 -2.02 11.17
N ARG N 109 0.50 -3.22 11.03
CA ARG N 109 1.94 -3.39 10.92
C ARG N 109 2.34 -3.66 9.49
N GLY N 110 1.69 -2.97 8.57
CA GLY N 110 2.06 -3.10 7.18
C GLY N 110 1.39 -4.28 6.52
N PRO N 111 2.02 -4.83 5.49
CA PRO N 111 1.36 -5.92 4.77
C PRO N 111 2.07 -7.21 5.07
N ILE N 112 1.36 -8.31 4.85
CA ILE N 112 1.90 -9.63 5.12
C ILE N 112 2.63 -10.11 3.88
N LYS N 113 3.94 -9.87 3.85
CA LYS N 113 4.70 -10.05 2.61
C LYS N 113 5.06 -11.50 2.31
N THR N 114 4.19 -12.22 1.59
CA THR N 114 4.52 -13.60 1.21
C THR N 114 4.29 -13.90 -0.23
N LYS N 115 5.05 -14.86 -0.71
CA LYS N 115 4.87 -15.40 -2.05
C LYS N 115 3.58 -16.18 -2.12
N GLN N 116 3.44 -17.19 -1.25
CA GLN N 116 2.30 -18.11 -1.31
C GLN N 116 0.99 -17.52 -0.80
N PHE N 117 -0.10 -17.86 -1.48
CA PHE N 117 -1.45 -17.66 -0.98
C PHE N 117 -2.16 -19.01 -0.97
N ALA N 118 -3.38 -19.05 -0.46
CA ALA N 118 -4.13 -20.30 -0.47
C ALA N 118 -5.62 -20.01 -0.38
N ALA N 119 -6.41 -20.93 -0.92
CA ALA N 119 -7.85 -20.75 -0.93
C ALA N 119 -8.35 -21.25 0.41
N ILE N 120 -9.27 -20.49 1.01
CA ILE N 120 -9.71 -20.87 2.33
C ILE N 120 -10.58 -22.11 2.30
N HIS N 121 -11.43 -22.27 1.29
CA HIS N 121 -12.13 -23.54 1.12
C HIS N 121 -11.22 -24.59 0.52
N ALA N 122 -11.55 -25.85 0.75
CA ALA N 122 -10.68 -26.93 0.33
C ALA N 122 -11.20 -28.24 0.91
N GLU N 123 -10.65 -29.35 0.44
CA GLU N 123 -11.19 -30.66 0.74
C GLU N 123 -10.39 -31.46 1.75
N ALA N 124 -11.12 -32.20 2.57
CA ALA N 124 -10.55 -33.08 3.57
C ALA N 124 -9.50 -33.95 2.93
N PRO N 125 -8.41 -34.23 3.65
CA PRO N 125 -7.49 -35.26 3.19
C PRO N 125 -8.23 -36.45 2.61
N GLU N 126 -7.72 -36.99 1.50
CA GLU N 126 -8.29 -38.17 0.88
C GLU N 126 -8.06 -39.40 1.77
N PHE N 127 -8.93 -40.39 1.66
CA PHE N 127 -8.79 -41.58 2.48
C PHE N 127 -7.38 -42.17 2.50
N VAL N 128 -6.69 -42.11 1.37
CA VAL N 128 -5.40 -42.78 1.25
C VAL N 128 -4.31 -41.96 1.91
N GLU N 129 -4.64 -40.73 2.28
CA GLU N 129 -3.66 -39.82 2.85
C GLU N 129 -3.70 -39.85 4.37
N MET N 130 -4.73 -40.47 4.95
CA MET N 130 -4.89 -40.45 6.40
C MET N 130 -3.87 -41.34 7.03
N SER N 131 -3.23 -40.89 8.10
CA SER N 131 -2.42 -41.78 8.89
C SER N 131 -3.32 -42.58 9.82
N VAL N 132 -3.03 -43.87 9.98
CA VAL N 132 -3.83 -44.74 10.81
C VAL N 132 -3.28 -44.88 12.23
N GLU N 133 -2.17 -44.20 12.48
CA GLU N 133 -1.57 -44.25 13.82
C GLU N 133 -2.13 -43.18 14.75
N GLN N 134 -2.27 -43.55 16.01
CA GLN N 134 -2.67 -42.59 17.00
C GLN N 134 -1.59 -42.51 18.03
N GLU N 135 -1.00 -41.33 18.17
CA GLU N 135 0.01 -41.12 19.19
C GLU N 135 -0.23 -39.79 19.84
N ILE N 136 0.28 -39.61 21.05
CA ILE N 136 -0.03 -38.42 21.82
C ILE N 136 0.88 -37.26 21.46
N LEU N 137 0.27 -36.15 21.04
CA LEU N 137 1.02 -34.91 20.93
C LEU N 137 1.29 -34.43 22.34
N VAL N 138 2.54 -34.38 22.74
CA VAL N 138 2.80 -34.07 24.14
C VAL N 138 2.78 -32.58 24.41
N THR N 139 2.15 -32.18 25.51
CA THR N 139 2.10 -30.78 25.88
C THR N 139 3.13 -30.48 26.97
N GLY N 140 3.63 -31.52 27.63
CA GLY N 140 4.53 -31.32 28.74
C GLY N 140 3.81 -30.76 29.98
N ILE N 141 2.51 -30.58 29.87
CA ILE N 141 1.70 -30.24 31.03
C ILE N 141 1.24 -31.53 31.69
N LYS N 142 1.51 -31.67 32.99
CA LYS N 142 1.33 -32.95 33.68
C LYS N 142 -0.12 -33.45 33.69
N VAL N 143 -1.03 -32.54 34.05
CA VAL N 143 -2.45 -32.86 34.18
C VAL N 143 -3.00 -33.47 32.92
N VAL N 144 -2.77 -32.79 31.81
CA VAL N 144 -3.23 -33.21 30.50
C VAL N 144 -2.57 -34.47 29.99
N ASP N 145 -1.24 -34.48 29.93
CA ASP N 145 -0.49 -35.62 29.39
C ASP N 145 -0.76 -36.90 30.15
N LEU N 146 -0.92 -36.80 31.46
CA LEU N 146 -1.18 -38.01 32.23
C LEU N 146 -2.59 -38.57 32.09
N LEU N 147 -3.61 -37.74 32.35
CA LEU N 147 -4.99 -38.21 32.46
C LEU N 147 -5.88 -38.03 31.23
N ALA N 148 -5.64 -37.00 30.43
CA ALA N 148 -6.48 -36.75 29.27
C ALA N 148 -5.68 -36.20 28.12
N PRO N 149 -4.77 -37.02 27.57
CA PRO N 149 -3.71 -36.63 26.64
C PRO N 149 -4.26 -36.21 25.28
N TYR N 150 -3.77 -35.11 24.73
CA TYR N 150 -4.18 -34.70 23.40
C TYR N 150 -3.63 -35.66 22.34
N ALA N 151 -4.44 -36.00 21.35
CA ALA N 151 -3.98 -36.88 20.28
C ALA N 151 -3.51 -36.12 19.02
N LYS N 152 -2.39 -36.52 18.45
CA LYS N 152 -1.94 -35.83 17.25
C LYS N 152 -3.10 -35.79 16.27
N GLY N 153 -3.46 -34.57 15.87
CA GLY N 153 -4.46 -34.37 14.85
C GLY N 153 -5.86 -34.60 15.36
N GLY N 154 -6.02 -34.59 16.67
CA GLY N 154 -7.35 -34.72 17.25
C GLY N 154 -7.89 -33.35 17.59
N LYS N 155 -9.18 -33.30 17.88
CA LYS N 155 -9.82 -32.06 18.28
C LYS N 155 -10.04 -32.13 19.78
N ILE N 156 -9.83 -31.04 20.50
CA ILE N 156 -10.05 -31.04 21.95
C ILE N 156 -11.05 -29.99 22.41
N GLY N 157 -12.08 -30.42 23.14
CA GLY N 157 -13.07 -29.52 23.69
C GLY N 157 -12.53 -28.86 24.94
N LEU N 158 -12.64 -27.54 25.04
CA LEU N 158 -12.09 -26.80 26.16
C LEU N 158 -13.16 -26.03 26.90
N PHE N 159 -13.43 -26.45 28.12
CA PHE N 159 -14.58 -25.93 28.83
C PHE N 159 -14.21 -24.98 29.99
N GLY N 160 -15.22 -24.28 30.51
CA GLY N 160 -15.02 -23.26 31.52
C GLY N 160 -14.70 -21.92 30.89
N GLY N 161 -15.31 -20.86 31.41
CA GLY N 161 -15.22 -19.56 30.76
C GLY N 161 -13.98 -18.74 31.07
N ALA N 162 -14.20 -17.61 31.77
CA ALA N 162 -13.14 -16.66 32.04
C ALA N 162 -12.47 -16.97 33.36
N GLY N 163 -11.20 -16.61 33.48
CA GLY N 163 -10.52 -16.75 34.76
C GLY N 163 -10.54 -18.16 35.31
N VAL N 164 -9.83 -19.03 34.61
CA VAL N 164 -9.70 -20.42 34.98
C VAL N 164 -8.35 -20.84 34.38
N GLY N 165 -7.78 -19.93 33.59
CA GLY N 165 -6.45 -20.14 33.07
C GLY N 165 -6.48 -20.24 31.56
N LYS N 166 -7.69 -20.23 31.01
CA LYS N 166 -7.94 -20.46 29.59
C LYS N 166 -6.91 -19.75 28.68
N THR N 167 -6.72 -18.45 28.87
CA THR N 167 -5.83 -17.67 28.00
C THR N 167 -4.38 -18.14 28.18
N VAL N 168 -3.98 -18.34 29.41
CA VAL N 168 -2.67 -18.85 29.69
C VAL N 168 -2.45 -20.32 29.28
N LEU N 169 -3.44 -21.19 29.50
CA LEU N 169 -3.29 -22.59 29.12
C LEU N 169 -3.01 -22.68 27.63
N ILE N 170 -3.63 -21.77 26.87
CA ILE N 170 -3.37 -21.66 25.44
C ILE N 170 -1.95 -21.22 25.21
N MET N 171 -1.61 -20.03 25.71
CA MET N 171 -0.26 -19.56 25.54
C MET N 171 0.80 -20.60 25.88
N GLU N 172 0.65 -21.32 26.99
CA GLU N 172 1.67 -22.28 27.41
C GLU N 172 1.67 -23.46 26.47
N LEU N 173 0.51 -23.75 25.92
CA LEU N 173 0.41 -24.77 24.87
C LEU N 173 1.10 -24.30 23.58
N ILE N 174 0.78 -23.09 23.11
CA ILE N 174 1.46 -22.54 21.95
C ILE N 174 2.95 -22.66 22.15
N ASN N 175 3.38 -22.32 23.35
CA ASN N 175 4.77 -22.23 23.68
C ASN N 175 5.48 -23.57 23.64
N ASN N 176 4.90 -24.60 24.26
CA ASN N 176 5.62 -25.87 24.43
C ASN N 176 5.63 -26.68 23.14
N VAL N 177 4.45 -26.80 22.52
CA VAL N 177 4.37 -27.54 21.28
C VAL N 177 5.37 -26.92 20.31
N ALA N 178 5.56 -25.61 20.44
CA ALA N 178 6.63 -24.95 19.72
C ALA N 178 8.01 -25.44 20.22
N LYS N 179 8.33 -25.11 21.47
CA LYS N 179 9.59 -25.53 22.08
C LYS N 179 9.89 -27.00 21.77
N ALA N 180 9.08 -27.91 22.32
CA ALA N 180 9.48 -29.31 22.33
C ALA N 180 9.09 -30.11 21.11
N HIS N 181 8.69 -29.44 20.04
CA HIS N 181 8.38 -30.15 18.80
C HIS N 181 8.68 -29.36 17.54
N GLY N 182 8.64 -28.04 17.65
CA GLY N 182 8.80 -27.18 16.51
C GLY N 182 7.49 -27.16 15.77
N GLY N 183 6.45 -26.70 16.45
CA GLY N 183 5.14 -26.62 15.87
C GLY N 183 4.58 -25.23 16.08
N TYR N 184 4.42 -24.51 15.00
CA TYR N 184 3.76 -23.23 15.09
C TYR N 184 2.29 -23.46 15.42
N SER N 185 1.58 -22.39 15.68
CA SER N 185 0.19 -22.47 16.06
C SER N 185 -0.60 -21.35 15.42
N VAL N 186 -1.84 -21.64 15.05
CA VAL N 186 -2.75 -20.60 14.64
C VAL N 186 -3.90 -20.44 15.67
N PHE N 187 -4.26 -19.20 15.95
CA PHE N 187 -5.41 -18.91 16.78
C PHE N 187 -6.50 -18.30 15.92
N ALA N 188 -7.65 -18.93 15.89
CA ALA N 188 -8.74 -18.41 15.11
C ALA N 188 -9.80 -17.88 16.05
N GLY N 189 -10.00 -16.59 16.07
CA GLY N 189 -11.00 -16.01 16.94
C GLY N 189 -12.32 -15.89 16.21
N VAL N 190 -13.17 -16.89 16.33
CA VAL N 190 -14.46 -16.83 15.67
C VAL N 190 -15.47 -16.05 16.49
N GLY N 191 -15.71 -14.81 16.08
CA GLY N 191 -16.56 -13.94 16.86
C GLY N 191 -15.81 -13.36 18.05
N GLU N 192 -14.52 -13.02 17.84
CA GLU N 192 -13.73 -12.33 18.88
C GLU N 192 -14.41 -11.02 19.26
N ARG N 193 -14.34 -10.67 20.54
CA ARG N 193 -14.83 -9.35 20.96
C ARG N 193 -13.67 -8.40 20.77
N THR N 194 -13.96 -7.24 20.21
CA THR N 194 -12.90 -6.40 19.74
C THR N 194 -12.01 -6.09 20.90
N ARG N 195 -12.63 -5.82 22.06
CA ARG N 195 -11.84 -5.58 23.27
C ARG N 195 -10.88 -6.73 23.58
N GLU N 196 -11.43 -7.92 23.78
CA GLU N 196 -10.62 -9.05 24.20
C GLU N 196 -9.56 -9.36 23.15
N GLY N 197 -9.88 -9.07 21.88
CA GLY N 197 -8.95 -9.36 20.81
C GLY N 197 -7.70 -8.52 20.93
N ASN N 198 -7.91 -7.23 21.23
CA ASN N 198 -6.81 -6.34 21.54
C ASN N 198 -5.99 -6.88 22.71
N ASP N 199 -6.68 -7.20 23.79
CA ASP N 199 -6.00 -7.68 25.00
C ASP N 199 -5.25 -8.98 24.75
N LEU N 200 -5.88 -9.88 23.99
CA LEU N 200 -5.24 -11.16 23.76
C LEU N 200 -3.98 -10.91 22.98
N TYR N 201 -4.03 -9.93 22.08
CA TYR N 201 -2.87 -9.55 21.32
C TYR N 201 -1.73 -9.24 22.30
N HIS N 202 -1.93 -8.22 23.11
CA HIS N 202 -0.89 -7.75 24.00
C HIS N 202 -0.38 -8.84 24.94
N GLU N 203 -1.30 -9.62 25.49
CA GLU N 203 -0.90 -10.71 26.38
C GLU N 203 0.09 -11.64 25.72
N MET N 204 -0.14 -11.94 24.46
CA MET N 204 0.76 -12.85 23.77
C MET N 204 2.11 -12.19 23.56
N ILE N 205 2.10 -10.88 23.32
CA ILE N 205 3.36 -10.18 23.18
C ILE N 205 4.05 -10.22 24.52
N GLU N 206 3.38 -9.67 25.53
CA GLU N 206 3.90 -9.60 26.90
C GLU N 206 4.45 -10.94 27.39
N SER N 207 3.90 -12.03 26.89
CA SER N 207 4.26 -13.34 27.44
C SER N 207 5.43 -14.02 26.72
N GLY N 208 5.51 -13.80 25.41
CA GLY N 208 6.58 -14.38 24.63
C GLY N 208 6.13 -14.75 23.24
N VAL N 209 5.00 -15.44 23.15
CA VAL N 209 4.62 -16.13 21.94
C VAL N 209 4.39 -15.26 20.70
N ILE N 210 4.16 -13.96 20.89
CA ILE N 210 4.28 -13.00 19.79
C ILE N 210 5.50 -12.11 20.04
N ASN N 211 6.22 -11.75 18.98
CA ASN N 211 7.42 -10.92 19.13
C ASN N 211 7.53 -9.85 18.03
N LEU N 212 7.37 -8.60 18.41
CA LEU N 212 7.29 -7.56 17.40
C LEU N 212 8.67 -7.11 16.94
N LYS N 213 9.70 -7.73 17.51
CA LYS N 213 11.07 -7.41 17.13
C LYS N 213 11.59 -8.46 16.16
N ASP N 214 12.20 -9.51 16.68
CA ASP N 214 12.69 -10.59 15.82
C ASP N 214 11.53 -11.34 15.12
N ALA N 215 11.82 -12.46 14.48
CA ALA N 215 10.77 -13.19 13.79
C ALA N 215 10.45 -14.44 14.57
N THR N 216 10.99 -14.52 15.78
CA THR N 216 10.82 -15.69 16.63
C THR N 216 9.38 -15.86 17.10
N SER N 217 8.46 -15.13 16.46
CA SER N 217 7.02 -15.28 16.69
C SER N 217 6.50 -16.69 16.41
N LYS N 218 5.53 -17.15 17.21
CA LYS N 218 5.10 -18.56 17.18
C LYS N 218 3.61 -18.83 16.90
N VAL N 219 2.83 -17.81 16.56
CA VAL N 219 1.38 -17.94 16.44
C VAL N 219 0.75 -16.96 15.49
N ALA N 220 0.25 -17.43 14.36
CA ALA N 220 -0.47 -16.51 13.50
C ALA N 220 -1.86 -16.29 14.06
N LEU N 221 -2.35 -15.05 14.02
CA LEU N 221 -3.73 -14.76 14.48
C LEU N 221 -4.71 -14.42 13.34
N VAL N 222 -5.87 -15.07 13.36
CA VAL N 222 -6.96 -14.72 12.46
C VAL N 222 -8.17 -14.29 13.30
N TYR N 223 -8.72 -13.10 13.07
CA TYR N 223 -9.88 -12.68 13.85
C TYR N 223 -11.06 -12.41 12.97
N GLY N 224 -12.21 -12.90 13.36
CA GLY N 224 -13.45 -12.52 12.69
C GLY N 224 -14.43 -12.01 13.73
N GLN N 225 -14.38 -10.70 13.97
CA GLN N 225 -14.97 -10.15 15.17
C GLN N 225 -16.48 -10.08 15.18
N MET N 226 -17.02 -9.79 16.36
CA MET N 226 -18.45 -9.91 16.57
C MET N 226 -19.29 -8.96 15.79
N ASN N 227 -18.67 -7.91 15.29
CA ASN N 227 -19.43 -6.95 14.49
C ASN N 227 -19.27 -7.11 12.96
N GLU N 228 -18.40 -8.00 12.51
CA GLU N 228 -18.44 -8.40 11.11
C GLU N 228 -19.76 -9.12 10.84
N PRO N 229 -20.14 -9.30 9.56
CA PRO N 229 -21.42 -9.94 9.23
C PRO N 229 -21.33 -11.46 9.25
N PRO N 230 -22.50 -12.13 9.20
CA PRO N 230 -22.57 -13.58 9.28
C PRO N 230 -21.55 -14.26 8.37
N GLY N 231 -21.51 -13.85 7.10
CA GLY N 231 -20.58 -14.47 6.19
C GLY N 231 -19.18 -14.58 6.77
N ALA N 232 -18.71 -13.49 7.38
CA ALA N 232 -17.29 -13.40 7.74
C ALA N 232 -17.00 -14.24 8.96
N ARG N 233 -17.89 -14.14 9.95
CA ARG N 233 -17.76 -14.96 11.15
C ARG N 233 -17.79 -16.44 10.76
N ALA N 234 -18.68 -16.78 9.83
CA ALA N 234 -18.84 -18.16 9.39
C ALA N 234 -17.64 -18.72 8.63
N ARG N 235 -16.80 -17.87 8.08
CA ARG N 235 -15.73 -18.41 7.25
C ARG N 235 -14.38 -18.22 7.92
N VAL N 236 -14.38 -17.52 9.04
CA VAL N 236 -13.11 -17.11 9.61
C VAL N 236 -12.33 -18.32 10.11
N ALA N 237 -13.06 -19.32 10.60
CA ALA N 237 -12.40 -20.52 11.09
C ALA N 237 -11.58 -21.12 9.95
N LEU N 238 -12.17 -21.13 8.75
CA LEU N 238 -11.53 -21.74 7.59
C LEU N 238 -10.24 -21.02 7.23
N THR N 239 -10.27 -19.69 7.32
CA THR N 239 -9.03 -18.94 7.12
C THR N 239 -7.95 -19.44 8.07
N GLY N 240 -8.30 -19.49 9.36
CA GLY N 240 -7.40 -19.98 10.38
C GLY N 240 -6.89 -21.37 10.06
N LEU N 241 -7.84 -22.22 9.68
CA LEU N 241 -7.56 -23.55 9.17
C LEU N 241 -6.52 -23.52 8.04
N THR N 242 -6.81 -22.75 6.99
CA THR N 242 -5.93 -22.58 5.84
C THR N 242 -4.49 -22.22 6.21
N VAL N 243 -4.35 -21.25 7.09
CA VAL N 243 -3.02 -20.88 7.56
C VAL N 243 -2.24 -22.06 8.15
N ALA N 244 -2.96 -22.90 8.89
CA ALA N 244 -2.33 -23.98 9.62
C ALA N 244 -1.90 -25.02 8.62
N GLU N 245 -2.75 -25.18 7.61
CA GLU N 245 -2.54 -26.22 6.62
C GLU N 245 -1.20 -26.04 5.93
N TYR N 246 -0.89 -24.82 5.51
CA TYR N 246 0.44 -24.56 4.95
C TYR N 246 1.54 -25.19 5.80
N PHE N 247 1.44 -25.08 7.12
CA PHE N 247 2.50 -25.56 7.99
C PHE N 247 2.51 -27.07 8.06
N ARG N 248 1.34 -27.69 7.99
CA ARG N 248 1.31 -29.14 7.96
C ARG N 248 1.85 -29.59 6.62
N ASP N 249 1.17 -29.18 5.55
CA ASP N 249 1.35 -29.75 4.23
C ASP N 249 2.68 -29.42 3.54
N GLN N 250 3.13 -28.17 3.65
CA GLN N 250 4.32 -27.75 2.94
C GLN N 250 5.53 -27.86 3.85
N GLU N 251 5.32 -27.70 5.14
CA GLU N 251 6.45 -27.73 6.05
C GLU N 251 6.46 -28.91 7.02
N GLY N 252 5.49 -29.83 6.85
CA GLY N 252 5.47 -31.10 7.57
C GLY N 252 5.51 -31.01 9.07
N GLN N 253 4.79 -30.02 9.61
CA GLN N 253 4.82 -29.70 11.03
C GLN N 253 3.68 -30.36 11.79
N ASP N 254 3.82 -30.43 13.11
CA ASP N 254 2.68 -30.77 13.96
C ASP N 254 2.14 -29.50 14.60
N VAL N 255 1.06 -29.01 14.00
CA VAL N 255 0.57 -27.65 14.17
C VAL N 255 -0.48 -27.60 15.27
N LEU N 256 -0.75 -26.41 15.80
CA LEU N 256 -1.89 -26.19 16.70
C LEU N 256 -2.90 -25.21 16.13
N LEU N 257 -4.16 -25.62 16.09
CA LEU N 257 -5.22 -24.72 15.67
C LEU N 257 -6.19 -24.43 16.81
N PHE N 258 -6.15 -23.22 17.32
CA PHE N 258 -7.11 -22.80 18.33
C PHE N 258 -8.29 -22.13 17.70
N ILE N 259 -9.46 -22.60 18.08
CA ILE N 259 -10.72 -21.99 17.65
C ILE N 259 -11.50 -21.56 18.88
N ASP N 260 -11.68 -20.26 19.00
CA ASP N 260 -12.42 -19.69 20.10
C ASP N 260 -13.33 -18.66 19.47
N ASN N 261 -14.62 -19.00 19.38
CA ASN N 261 -15.09 -20.24 19.93
C ASN N 261 -16.13 -20.90 19.04
N ILE N 262 -15.94 -22.20 18.84
CA ILE N 262 -16.70 -23.06 17.94
C ILE N 262 -18.21 -22.91 17.97
N PHE N 263 -18.79 -22.57 19.11
CA PHE N 263 -20.22 -22.35 19.11
C PHE N 263 -20.60 -21.18 18.22
N ARG N 264 -19.71 -20.20 18.11
CA ARG N 264 -20.05 -19.04 17.33
C ARG N 264 -19.90 -19.37 15.85
N PHE N 265 -18.98 -20.29 15.58
CA PHE N 265 -18.82 -20.85 14.24
C PHE N 265 -20.10 -21.50 13.75
N THR N 266 -20.77 -22.23 14.64
CA THR N 266 -22.01 -22.90 14.28
C THR N 266 -23.10 -21.85 14.07
N GLN N 267 -23.14 -20.88 14.97
CA GLN N 267 -24.19 -19.88 14.90
C GLN N 267 -24.06 -19.05 13.64
N ALA N 268 -22.82 -18.79 13.24
CA ALA N 268 -22.58 -17.93 12.09
C ALA N 268 -23.19 -18.62 10.88
N GLY N 269 -22.85 -19.90 10.75
CA GLY N 269 -23.59 -20.77 9.86
C GLY N 269 -25.10 -20.59 10.01
N SER N 270 -25.64 -20.90 11.17
CA SER N 270 -27.09 -20.94 11.32
C SER N 270 -27.69 -19.61 10.90
N GLU N 271 -26.88 -18.56 10.95
CA GLU N 271 -27.30 -17.23 10.51
C GLU N 271 -27.26 -17.15 9.00
N VAL N 272 -26.05 -17.16 8.44
CA VAL N 272 -25.88 -17.25 7.00
C VAL N 272 -26.96 -18.10 6.32
N SER N 273 -27.28 -19.24 6.90
CA SER N 273 -28.21 -20.17 6.28
C SER N 273 -29.63 -19.63 6.34
N ALA N 274 -29.92 -18.75 7.28
CA ALA N 274 -31.29 -18.26 7.33
C ALA N 274 -31.39 -17.07 6.39
N LEU N 275 -30.25 -16.48 6.09
CA LEU N 275 -30.20 -15.35 5.19
C LEU N 275 -30.42 -15.79 3.75
N LEU N 276 -29.92 -16.97 3.39
CA LEU N 276 -30.21 -17.55 2.10
C LEU N 276 -31.60 -18.17 2.18
N GLY N 277 -32.24 -17.91 3.31
CA GLY N 277 -33.59 -18.38 3.54
C GLY N 277 -33.79 -19.87 3.33
N ARG N 278 -32.78 -20.67 3.61
CA ARG N 278 -33.02 -22.10 3.69
C ARG N 278 -33.85 -22.38 4.94
N ILE N 279 -34.94 -23.14 4.75
CA ILE N 279 -35.76 -23.59 5.86
C ILE N 279 -34.90 -24.13 7.01
N PRO N 280 -35.18 -23.67 8.22
CA PRO N 280 -34.40 -24.03 9.39
C PRO N 280 -34.79 -25.36 10.01
N SER N 281 -33.73 -26.09 10.38
CA SER N 281 -33.77 -27.42 10.97
C SER N 281 -34.31 -27.42 12.41
N ALA N 282 -34.11 -28.54 13.10
CA ALA N 282 -34.54 -28.64 14.48
C ALA N 282 -33.90 -27.60 15.38
N VAL N 283 -34.75 -27.02 16.21
CA VAL N 283 -34.34 -26.16 17.32
C VAL N 283 -33.66 -24.86 16.87
N GLY N 284 -33.55 -24.66 15.57
CA GLY N 284 -33.15 -23.38 15.04
C GLY N 284 -32.02 -23.45 14.03
N TYR N 285 -31.18 -24.48 14.17
CA TYR N 285 -29.90 -24.51 13.42
C TYR N 285 -30.10 -24.70 11.92
N GLN N 286 -29.01 -24.57 11.18
CA GLN N 286 -29.04 -24.84 9.74
C GLN N 286 -29.37 -26.29 9.40
N PRO N 287 -29.93 -26.54 8.21
CA PRO N 287 -30.13 -27.95 7.87
C PRO N 287 -28.76 -28.48 7.49
N THR N 288 -27.89 -27.53 7.24
CA THR N 288 -26.54 -27.85 6.86
C THR N 288 -25.69 -28.22 8.07
N LEU N 289 -26.29 -28.16 9.26
CA LEU N 289 -25.53 -28.18 10.51
C LEU N 289 -24.42 -29.19 10.54
N ALA N 290 -24.78 -30.43 10.24
CA ALA N 290 -23.88 -31.57 10.38
C ALA N 290 -22.70 -31.47 9.46
N THR N 291 -23.00 -31.17 8.20
CA THR N 291 -21.98 -31.19 7.16
C THR N 291 -21.16 -29.90 7.15
N ASP N 292 -21.81 -28.77 7.48
CA ASP N 292 -21.10 -27.50 7.73
C ASP N 292 -19.93 -27.75 8.68
N MET N 293 -20.24 -28.40 9.81
CA MET N 293 -19.27 -28.78 10.83
C MET N 293 -18.31 -29.85 10.28
N GLY N 294 -18.85 -30.86 9.57
CA GLY N 294 -18.04 -31.95 9.10
C GLY N 294 -16.91 -31.54 8.17
N THR N 295 -17.21 -30.64 7.24
CA THR N 295 -16.29 -30.31 6.17
C THR N 295 -15.23 -29.35 6.61
N MET N 296 -15.30 -28.97 7.88
CA MET N 296 -14.25 -28.17 8.48
C MET N 296 -13.49 -29.12 9.39
N GLN N 297 -14.22 -29.74 10.30
CA GLN N 297 -13.61 -30.61 11.27
C GLN N 297 -12.81 -31.72 10.61
N GLU N 298 -13.08 -32.00 9.35
CA GLU N 298 -12.40 -33.12 8.69
C GLU N 298 -11.05 -32.75 8.09
N ARG N 299 -10.71 -31.46 8.11
CA ARG N 299 -9.46 -30.98 7.52
C ARG N 299 -8.41 -31.03 8.58
N ILE N 300 -8.90 -31.00 9.82
CA ILE N 300 -8.05 -31.09 10.98
C ILE N 300 -7.76 -32.55 11.22
N THR N 301 -6.56 -33.00 10.89
CA THR N 301 -6.20 -34.41 11.08
C THR N 301 -4.74 -34.72 10.77
N THR N 302 -4.32 -35.96 11.04
CA THR N 302 -2.95 -36.39 10.71
C THR N 302 -2.91 -36.90 9.29
N THR N 303 -2.14 -36.21 8.43
CA THR N 303 -1.91 -36.71 7.10
C THR N 303 -0.50 -37.26 7.11
N LYS N 304 -0.09 -37.88 6.02
CA LYS N 304 1.23 -38.47 5.92
C LYS N 304 2.28 -37.40 6.11
N LYS N 305 1.99 -36.20 5.60
CA LYS N 305 2.95 -35.11 5.60
C LYS N 305 3.17 -34.51 6.99
N GLY N 306 2.16 -34.60 7.86
CA GLY N 306 2.18 -33.95 9.16
C GLY N 306 0.84 -33.98 9.87
N SER N 307 0.55 -32.95 10.69
CA SER N 307 -0.68 -32.99 11.49
C SER N 307 -1.10 -31.68 12.20
N ILE N 308 -2.32 -31.24 11.89
CA ILE N 308 -3.00 -30.20 12.67
C ILE N 308 -3.78 -30.78 13.88
N THR N 309 -3.36 -30.47 15.10
CA THR N 309 -4.14 -30.83 16.28
C THR N 309 -4.84 -29.59 16.79
N SER N 310 -6.11 -29.67 17.16
CA SER N 310 -6.84 -28.42 17.45
C SER N 310 -7.62 -28.35 18.75
N VAL N 311 -7.41 -27.30 19.51
CA VAL N 311 -8.13 -27.07 20.75
C VAL N 311 -9.24 -26.05 20.54
N GLN N 312 -10.47 -26.42 20.87
CA GLN N 312 -11.62 -25.60 20.53
C GLN N 312 -12.45 -25.31 21.75
N ALA N 313 -12.64 -24.04 22.09
CA ALA N 313 -13.49 -23.68 23.22
C ALA N 313 -14.94 -23.97 22.88
N ILE N 314 -15.71 -24.54 23.79
CA ILE N 314 -17.15 -24.75 23.51
C ILE N 314 -18.12 -24.07 24.45
N TYR N 315 -19.14 -23.44 23.89
CA TYR N 315 -20.23 -22.93 24.70
C TYR N 315 -21.31 -23.98 24.63
N VAL N 316 -21.98 -24.25 25.73
CA VAL N 316 -23.08 -25.16 25.65
C VAL N 316 -24.39 -24.44 25.90
N PRO N 317 -25.06 -24.10 24.82
CA PRO N 317 -26.36 -23.44 24.83
C PRO N 317 -27.15 -24.00 25.97
N ALA N 318 -27.64 -23.22 26.92
CA ALA N 318 -28.60 -23.75 27.89
C ALA N 318 -28.08 -24.89 28.77
N ASP N 319 -26.76 -25.04 28.83
CA ASP N 319 -26.12 -26.14 29.56
C ASP N 319 -26.83 -27.42 29.15
N ASP N 320 -26.98 -27.59 27.83
CA ASP N 320 -27.76 -28.69 27.32
C ASP N 320 -26.85 -29.45 26.43
N LEU N 321 -26.21 -30.46 26.99
CA LEU N 321 -25.25 -31.18 26.21
C LEU N 321 -25.87 -31.86 24.99
N THR N 322 -27.19 -31.83 24.92
CA THR N 322 -27.94 -32.54 23.90
C THR N 322 -28.50 -31.56 22.88
N ASP N 323 -28.44 -30.29 23.21
CA ASP N 323 -28.72 -29.27 22.21
C ASP N 323 -27.84 -29.62 20.97
N PRO N 324 -28.39 -29.42 19.75
CA PRO N 324 -27.75 -29.85 18.50
C PRO N 324 -26.37 -29.29 18.31
N ALA N 325 -26.17 -28.04 18.70
CA ALA N 325 -24.86 -27.43 18.48
C ALA N 325 -23.72 -28.22 19.15
N PRO N 326 -23.77 -28.38 20.50
CA PRO N 326 -22.71 -29.12 21.21
C PRO N 326 -22.67 -30.56 20.70
N ALA N 327 -23.85 -31.16 20.62
CA ALA N 327 -24.00 -32.53 20.20
C ALA N 327 -23.36 -32.82 18.86
N THR N 328 -23.50 -31.91 17.91
CA THR N 328 -22.85 -32.13 16.63
C THR N 328 -21.36 -31.99 16.84
N THR N 329 -20.96 -31.00 17.60
CA THR N 329 -19.55 -30.76 17.78
C THR N 329 -18.86 -31.98 18.37
N PHE N 330 -19.38 -32.47 19.49
CA PHE N 330 -18.83 -33.63 20.18
C PHE N 330 -18.47 -34.83 19.31
N ALA N 331 -19.23 -35.07 18.25
CA ALA N 331 -18.94 -36.20 17.41
C ALA N 331 -17.51 -36.14 16.92
N HIS N 332 -17.00 -34.93 16.71
CA HIS N 332 -15.66 -34.75 16.20
C HIS N 332 -14.60 -34.62 17.28
N LEU N 333 -14.99 -34.63 18.56
CA LEU N 333 -14.03 -34.40 19.64
C LEU N 333 -13.30 -35.65 20.08
N ASP N 334 -12.00 -35.49 20.36
CA ASP N 334 -11.13 -36.59 20.75
C ASP N 334 -10.63 -36.56 22.21
N ALA N 335 -11.06 -35.55 22.97
CA ALA N 335 -10.55 -35.33 24.33
C ALA N 335 -11.18 -34.08 24.92
N THR N 336 -11.23 -34.02 26.24
CA THR N 336 -11.67 -32.80 26.91
C THR N 336 -10.70 -32.29 27.93
N THR N 337 -10.71 -30.97 28.05
CA THR N 337 -9.93 -30.31 29.04
C THR N 337 -10.89 -29.36 29.69
N VAL N 338 -11.15 -29.63 30.96
CA VAL N 338 -12.15 -28.90 31.66
C VAL N 338 -11.55 -28.06 32.75
N LEU N 339 -11.63 -26.74 32.58
CA LEU N 339 -11.15 -25.81 33.59
C LEU N 339 -12.27 -25.59 34.58
N SER N 340 -11.91 -25.46 35.85
CA SER N 340 -12.89 -25.39 36.93
C SER N 340 -12.59 -24.16 37.77
N ARG N 341 -13.55 -23.25 37.89
CA ARG N 341 -13.39 -22.12 38.82
C ARG N 341 -13.20 -22.75 40.17
N ALA N 342 -14.00 -23.80 40.39
CA ALA N 342 -13.87 -24.71 41.53
C ALA N 342 -12.42 -25.03 41.89
N ILE N 343 -11.75 -25.76 41.00
CA ILE N 343 -10.36 -26.15 41.19
C ILE N 343 -9.44 -24.97 41.38
N ALA N 344 -9.65 -23.94 40.59
CA ALA N 344 -8.74 -22.79 40.62
C ALA N 344 -8.75 -22.15 41.99
N GLU N 345 -9.89 -22.27 42.67
CA GLU N 345 -10.08 -21.68 43.99
C GLU N 345 -9.18 -22.37 45.00
N LEU N 346 -9.02 -23.68 44.82
CA LEU N 346 -8.19 -24.47 45.69
C LEU N 346 -6.71 -24.27 45.33
N GLY N 347 -6.44 -23.22 44.57
CA GLY N 347 -5.08 -22.88 44.22
C GLY N 347 -4.31 -23.87 43.37
N ILE N 348 -5.00 -24.67 42.57
CA ILE N 348 -4.33 -25.62 41.66
C ILE N 348 -4.23 -25.04 40.24
N TYR N 349 -3.02 -24.93 39.72
CA TYR N 349 -2.83 -24.35 38.39
C TYR N 349 -2.06 -25.29 37.50
N PRO N 350 -2.63 -25.65 36.34
CA PRO N 350 -3.85 -25.08 35.76
C PRO N 350 -5.05 -25.76 36.34
N ALA N 351 -6.17 -25.07 36.41
CA ALA N 351 -7.35 -25.62 37.07
C ALA N 351 -8.10 -26.66 36.23
N VAL N 352 -7.41 -27.72 35.86
CA VAL N 352 -8.05 -28.81 35.17
C VAL N 352 -8.70 -29.76 36.17
N ASP N 353 -10.00 -29.96 36.03
CA ASP N 353 -10.67 -30.99 36.80
C ASP N 353 -10.18 -32.33 36.26
N PRO N 354 -9.38 -33.07 37.05
CA PRO N 354 -8.70 -34.27 36.56
C PRO N 354 -9.64 -35.46 36.43
N LEU N 355 -10.90 -35.24 36.77
CA LEU N 355 -11.88 -36.31 36.66
C LEU N 355 -12.80 -36.01 35.51
N ASP N 356 -13.31 -34.78 35.45
CA ASP N 356 -14.18 -34.31 34.37
C ASP N 356 -13.50 -34.30 32.98
N SER N 357 -12.22 -33.97 32.96
CA SER N 357 -11.42 -33.94 31.76
C SER N 357 -11.14 -35.36 31.40
N THR N 358 -11.15 -35.66 30.10
CA THR N 358 -10.96 -37.03 29.65
C THR N 358 -10.54 -37.12 28.19
N SER N 359 -9.96 -38.26 27.81
CA SER N 359 -9.44 -38.45 26.45
C SER N 359 -9.78 -39.82 25.87
N ARG N 360 -10.10 -39.85 24.60
CA ARG N 360 -10.48 -41.06 23.93
C ARG N 360 -9.26 -41.93 23.67
N ILE N 361 -8.06 -41.40 23.86
CA ILE N 361 -6.88 -42.25 23.69
C ILE N 361 -6.35 -42.80 25.03
N MET N 362 -7.19 -42.76 26.06
CA MET N 362 -6.90 -43.46 27.29
C MET N 362 -7.29 -44.90 27.12
N ASP N 363 -6.87 -45.48 26.01
CA ASP N 363 -7.01 -46.90 25.75
C ASP N 363 -5.62 -47.44 26.03
N PRO N 364 -5.51 -48.49 26.83
CA PRO N 364 -4.17 -48.99 27.12
C PRO N 364 -3.59 -49.42 25.80
N ASN N 365 -4.50 -49.87 24.95
CA ASN N 365 -4.21 -50.25 23.56
C ASN N 365 -3.44 -49.18 22.78
N ILE N 366 -3.67 -47.91 23.10
CA ILE N 366 -3.18 -46.81 22.27
C ILE N 366 -1.98 -46.04 22.84
N VAL N 367 -1.95 -45.85 24.16
CA VAL N 367 -0.78 -45.33 24.87
C VAL N 367 -0.18 -46.52 25.59
N GLY N 368 0.49 -46.29 26.72
CA GLY N 368 1.02 -47.40 27.51
C GLY N 368 0.01 -48.47 27.96
N SER N 369 0.52 -49.52 28.62
CA SER N 369 -0.29 -50.35 29.50
C SER N 369 0.14 -49.83 30.83
N GLU N 370 1.34 -49.25 30.81
CA GLU N 370 1.88 -48.54 31.95
C GLU N 370 1.13 -47.23 32.01
N HIS N 371 1.20 -46.45 30.92
CA HIS N 371 0.60 -45.13 30.89
C HIS N 371 -0.84 -45.20 31.35
N TYR N 372 -1.54 -46.18 30.81
CA TYR N 372 -2.95 -46.41 31.14
C TYR N 372 -3.16 -46.81 32.58
N ASP N 373 -2.50 -47.87 33.00
CA ASP N 373 -2.63 -48.37 34.37
C ASP N 373 -2.32 -47.28 35.41
N VAL N 374 -1.30 -46.48 35.14
CA VAL N 374 -0.96 -45.42 36.06
C VAL N 374 -2.10 -44.43 36.13
N ALA N 375 -2.50 -43.92 34.98
CA ALA N 375 -3.58 -42.95 34.91
C ALA N 375 -4.83 -43.47 35.63
N ARG N 376 -5.27 -44.68 35.28
CA ARG N 376 -6.41 -45.29 35.96
C ARG N 376 -6.22 -45.30 37.48
N GLY N 377 -4.96 -45.31 37.90
CA GLY N 377 -4.63 -45.27 39.31
C GLY N 377 -4.83 -43.91 39.95
N VAL N 378 -4.26 -42.90 39.32
CA VAL N 378 -4.43 -41.52 39.76
C VAL N 378 -5.91 -41.17 39.75
N GLN N 379 -6.64 -41.71 38.78
CA GLN N 379 -8.10 -41.52 38.75
C GLN N 379 -8.75 -42.16 39.98
N LYS N 380 -8.57 -43.48 40.12
CA LYS N 380 -9.22 -44.23 41.20
C LYS N 380 -8.99 -43.60 42.56
N ILE N 381 -7.72 -43.32 42.88
CA ILE N 381 -7.39 -42.72 44.16
C ILE N 381 -8.09 -41.38 44.38
N LEU N 382 -8.24 -40.60 43.31
CA LEU N 382 -8.85 -39.29 43.39
C LEU N 382 -10.35 -39.34 43.66
N GLN N 383 -11.06 -40.29 43.05
CA GLN N 383 -12.47 -40.47 43.36
C GLN N 383 -12.61 -41.00 44.77
N ASP N 384 -11.86 -42.07 45.06
CA ASP N 384 -11.83 -42.69 46.40
C ASP N 384 -11.73 -41.62 47.49
N TYR N 385 -10.76 -40.72 47.34
CA TYR N 385 -10.60 -39.60 48.24
C TYR N 385 -11.88 -38.75 48.33
N LYS N 386 -12.41 -38.35 47.20
CA LYS N 386 -13.57 -37.46 47.19
C LYS N 386 -14.78 -38.07 47.89
N SER N 387 -14.64 -39.31 48.37
CA SER N 387 -15.69 -40.00 49.13
C SER N 387 -15.45 -39.87 50.62
N LEU N 388 -14.23 -40.17 51.06
CA LEU N 388 -13.86 -40.00 52.45
C LEU N 388 -14.07 -38.54 52.85
N GLN N 389 -13.96 -37.67 51.86
CA GLN N 389 -14.12 -36.24 52.07
C GLN N 389 -15.50 -35.91 52.61
N ASP N 390 -16.45 -36.82 52.40
CA ASP N 390 -17.82 -36.62 52.86
C ASP N 390 -18.00 -37.22 54.24
N ILE N 391 -17.12 -38.16 54.55
CA ILE N 391 -17.07 -38.77 55.88
C ILE N 391 -16.28 -37.85 56.79
N ILE N 392 -15.01 -37.70 56.48
CA ILE N 392 -14.15 -36.77 57.19
C ILE N 392 -14.85 -35.45 57.49
N ALA N 393 -15.77 -35.06 56.63
CA ALA N 393 -16.47 -33.78 56.78
C ALA N 393 -17.47 -33.78 57.93
N ILE N 394 -18.33 -34.80 57.98
CA ILE N 394 -19.24 -34.99 59.12
C ILE N 394 -19.23 -36.44 59.61
N LEU N 395 -18.23 -36.76 60.42
CA LEU N 395 -18.13 -38.10 60.98
C LEU N 395 -16.89 -38.21 61.88
N GLY N 396 -15.77 -37.69 61.39
CA GLY N 396 -14.53 -37.76 62.13
C GLY N 396 -13.31 -37.74 61.24
N MET N 397 -12.27 -37.03 61.69
CA MET N 397 -11.06 -36.85 60.91
C MET N 397 -10.15 -38.07 61.03
N ASP N 398 -10.36 -38.83 62.11
CA ASP N 398 -9.58 -40.04 62.37
C ASP N 398 -10.45 -41.26 62.14
N GLU N 399 -11.65 -41.03 61.62
CA GLU N 399 -12.63 -42.09 61.39
C GLU N 399 -12.23 -43.07 60.28
N LEU N 400 -11.05 -42.87 59.70
CA LEU N 400 -10.59 -43.73 58.62
C LEU N 400 -9.51 -44.67 59.14
N SER N 401 -9.48 -45.89 58.62
CA SER N 401 -8.42 -46.84 58.98
C SER N 401 -7.04 -46.24 58.70
N GLU N 402 -5.98 -46.94 59.11
CA GLU N 402 -4.61 -46.52 58.78
C GLU N 402 -4.34 -46.79 57.30
N GLU N 403 -5.37 -47.34 56.65
CA GLU N 403 -5.35 -47.60 55.22
C GLU N 403 -5.88 -46.36 54.48
N ASP N 404 -7.10 -45.95 54.81
CA ASP N 404 -7.69 -44.74 54.26
C ASP N 404 -6.88 -43.53 54.69
N LYS N 405 -6.46 -43.53 55.95
CA LYS N 405 -5.55 -42.53 56.45
C LYS N 405 -4.51 -42.27 55.37
N LEU N 406 -4.02 -43.34 54.77
CA LEU N 406 -2.97 -43.22 53.76
C LEU N 406 -3.53 -42.73 52.43
N THR N 407 -4.56 -43.37 51.89
CA THR N 407 -5.11 -42.96 50.60
C THR N 407 -5.30 -41.45 50.59
N VAL N 408 -5.86 -40.92 51.68
CA VAL N 408 -6.04 -39.48 51.83
C VAL N 408 -4.72 -38.68 51.73
N SER N 409 -3.59 -39.30 52.03
CA SER N 409 -2.35 -38.57 51.87
C SER N 409 -1.81 -38.81 50.45
N ARG N 410 -1.67 -40.08 50.08
CA ARG N 410 -1.26 -40.45 48.73
C ARG N 410 -2.00 -39.66 47.63
N ALA N 411 -3.21 -39.21 47.96
CA ALA N 411 -4.00 -38.46 46.99
C ALA N 411 -3.71 -36.97 47.08
N ARG N 412 -3.76 -36.42 48.29
CA ARG N 412 -3.52 -34.99 48.47
C ARG N 412 -2.15 -34.61 47.93
N LYS N 413 -1.24 -35.59 47.93
CA LYS N 413 0.09 -35.39 47.36
C LYS N 413 -0.02 -35.48 45.85
N ILE N 414 -0.84 -36.40 45.39
CA ILE N 414 -1.12 -36.53 43.97
C ILE N 414 -1.77 -35.28 43.37
N GLN N 415 -2.81 -34.76 43.98
CA GLN N 415 -3.53 -33.64 43.37
C GLN N 415 -2.76 -32.33 43.46
N ARG N 416 -1.46 -32.42 43.72
CA ARG N 416 -0.61 -31.25 43.89
C ARG N 416 0.57 -31.34 42.93
N PHE N 417 1.14 -32.53 42.82
CA PHE N 417 2.14 -32.82 41.81
C PHE N 417 1.46 -32.72 40.45
N LEU N 418 0.27 -32.13 40.45
CA LEU N 418 -0.56 -32.00 39.27
C LEU N 418 -0.62 -30.55 38.85
N SER N 419 -0.55 -29.66 39.82
CA SER N 419 -0.29 -28.28 39.49
C SER N 419 1.14 -28.18 38.98
N GLN N 420 1.42 -27.11 38.24
CA GLN N 420 2.78 -26.86 37.78
C GLN N 420 2.86 -25.45 37.21
N PRO N 421 4.08 -24.90 37.16
CA PRO N 421 4.43 -23.52 36.79
C PRO N 421 4.51 -23.32 35.30
N PHE N 422 3.83 -22.32 34.74
CA PHE N 422 3.99 -22.07 33.30
C PHE N 422 5.02 -21.01 32.96
N GLN N 423 5.86 -21.36 32.00
CA GLN N 423 6.85 -20.47 31.40
C GLN N 423 6.21 -19.22 30.84
N VAL N 424 4.97 -19.35 30.40
CA VAL N 424 4.27 -18.22 29.83
C VAL N 424 4.07 -17.20 30.93
N ALA N 425 3.98 -17.69 32.16
CA ALA N 425 3.89 -16.80 33.31
C ALA N 425 4.99 -17.02 34.38
N GLU N 426 6.25 -16.94 33.95
CA GLU N 426 7.36 -16.68 34.85
C GLU N 426 7.35 -15.17 34.96
N VAL N 427 7.54 -14.54 33.81
CA VAL N 427 7.24 -13.13 33.60
C VAL N 427 6.69 -12.48 34.87
N PHE N 428 5.43 -12.77 35.19
CA PHE N 428 4.69 -12.12 36.27
C PHE N 428 4.93 -12.75 37.65
N THR N 429 5.13 -14.07 37.69
CA THR N 429 5.33 -14.74 38.99
C THR N 429 6.76 -14.61 39.51
N GLY N 430 7.71 -15.13 38.75
CA GLY N 430 9.09 -15.21 39.20
C GLY N 430 9.38 -16.68 39.38
N HIS N 431 8.28 -17.43 39.50
CA HIS N 431 8.32 -18.89 39.43
C HIS N 431 8.78 -19.31 38.03
N LEU N 432 10.03 -19.71 37.93
CA LEU N 432 10.54 -20.37 36.74
C LEU N 432 9.54 -21.45 36.36
N GLY N 433 9.38 -21.68 35.06
CA GLY N 433 8.36 -22.61 34.59
C GLY N 433 8.95 -23.86 33.99
N LYS N 434 8.29 -24.99 34.26
CA LYS N 434 8.76 -26.30 33.81
C LYS N 434 7.91 -26.96 32.70
N LEU N 435 8.48 -27.94 32.03
CA LEU N 435 7.81 -28.65 30.94
C LEU N 435 8.16 -30.14 31.02
N VAL N 436 7.46 -30.85 31.88
CA VAL N 436 7.80 -32.24 32.12
C VAL N 436 7.57 -33.14 30.93
N PRO N 437 8.65 -33.75 30.42
CA PRO N 437 8.52 -34.85 29.46
C PRO N 437 7.74 -35.96 30.14
N LEU N 438 6.87 -36.64 29.40
CA LEU N 438 5.90 -37.50 30.05
C LEU N 438 6.45 -38.86 30.50
N LYS N 439 7.65 -39.21 30.05
CA LYS N 439 8.34 -40.35 30.64
C LYS N 439 8.45 -40.08 32.14
N GLU N 440 8.88 -38.86 32.47
CA GLU N 440 8.97 -38.39 33.86
C GLU N 440 7.59 -38.38 34.49
N THR N 441 6.64 -37.71 33.84
CA THR N 441 5.30 -37.57 34.38
C THR N 441 4.76 -38.94 34.84
N ILE N 442 4.94 -39.97 34.03
CA ILE N 442 4.40 -41.26 34.43
C ILE N 442 5.03 -41.85 35.67
N LYS N 443 6.36 -41.85 35.74
CA LYS N 443 7.04 -42.41 36.91
C LYS N 443 6.71 -41.59 38.16
N GLY N 444 6.87 -40.28 38.07
CA GLY N 444 6.56 -39.40 39.18
C GLY N 444 5.25 -39.79 39.85
N PHE N 445 4.23 -40.09 39.06
CA PHE N 445 2.94 -40.46 39.60
C PHE N 445 2.82 -41.93 40.02
N GLN N 446 3.53 -42.81 39.30
CA GLN N 446 3.55 -44.26 39.60
C GLN N 446 4.20 -44.47 40.96
N GLN N 447 4.98 -43.47 41.37
CA GLN N 447 5.74 -43.49 42.61
C GLN N 447 4.93 -42.97 43.77
N ILE N 448 4.17 -41.91 43.55
CA ILE N 448 3.35 -41.38 44.60
C ILE N 448 2.11 -42.28 44.83
N LEU N 449 1.96 -43.32 44.01
CA LEU N 449 0.97 -44.35 44.27
C LEU N 449 1.62 -45.53 44.96
N ALA N 450 2.92 -45.69 44.74
CA ALA N 450 3.69 -46.77 45.36
C ALA N 450 3.52 -46.76 46.87
N GLY N 451 3.58 -45.58 47.46
CA GLY N 451 3.74 -45.41 48.90
C GLY N 451 5.19 -45.02 49.07
N GLU N 452 5.76 -44.62 47.94
CA GLU N 452 7.18 -44.36 47.79
C GLU N 452 7.55 -42.93 48.20
N TYR N 453 6.66 -42.24 48.89
CA TYR N 453 6.95 -40.89 49.37
C TYR N 453 5.99 -40.54 50.49
N ASP N 454 5.24 -41.52 50.97
CA ASP N 454 4.23 -41.30 52.01
C ASP N 454 4.78 -40.43 53.18
N HIS N 455 6.10 -40.40 53.29
CA HIS N 455 6.79 -39.73 54.39
C HIS N 455 7.04 -38.24 54.12
N LEU N 456 7.20 -37.91 52.84
CA LEU N 456 7.45 -36.52 52.43
C LEU N 456 6.31 -35.57 52.80
N PRO N 457 6.60 -34.27 52.91
CA PRO N 457 5.57 -33.31 53.33
C PRO N 457 4.58 -33.04 52.21
N GLU N 458 3.39 -32.63 52.58
CA GLU N 458 2.34 -32.44 51.61
C GLU N 458 2.76 -31.41 50.60
N GLN N 459 2.59 -30.14 50.97
CA GLN N 459 2.83 -29.05 50.04
C GLN N 459 4.32 -28.88 49.69
N ALA N 460 4.97 -29.99 49.37
CA ALA N 460 6.29 -29.97 48.79
C ALA N 460 6.11 -30.43 47.37
N PHE N 461 4.91 -30.91 47.10
CA PHE N 461 4.54 -31.41 45.79
C PHE N 461 3.82 -30.33 44.99
N TYR N 462 3.51 -29.23 45.67
CA TYR N 462 2.88 -28.10 45.04
C TYR N 462 3.84 -27.42 44.08
N MET N 463 3.42 -27.27 42.83
CA MET N 463 4.15 -26.44 41.88
C MET N 463 5.57 -26.88 41.57
N VAL N 464 5.71 -27.94 40.81
CA VAL N 464 7.03 -28.38 40.36
C VAL N 464 6.97 -29.29 39.15
N GLY N 465 8.03 -29.24 38.36
CA GLY N 465 8.19 -30.14 37.24
C GLY N 465 8.34 -31.55 37.74
N PRO N 466 9.52 -32.15 37.49
CA PRO N 466 9.74 -33.60 37.62
C PRO N 466 9.59 -34.02 39.04
N ILE N 467 9.52 -35.32 39.31
CA ILE N 467 9.29 -35.76 40.68
C ILE N 467 10.41 -35.28 41.61
N GLU N 468 11.62 -35.17 41.06
CA GLU N 468 12.79 -34.79 41.83
C GLU N 468 12.71 -33.37 42.39
N GLU N 469 12.38 -32.39 41.54
CA GLU N 469 12.22 -31.02 42.03
C GLU N 469 11.37 -31.00 43.32
N ALA N 470 10.47 -31.98 43.48
CA ALA N 470 9.62 -32.03 44.66
C ALA N 470 10.29 -32.79 45.77
N VAL N 471 11.03 -33.85 45.42
CA VAL N 471 11.93 -34.49 46.37
C VAL N 471 12.82 -33.41 46.98
N ALA N 472 13.56 -32.72 46.11
CA ALA N 472 14.48 -31.67 46.52
C ALA N 472 13.78 -30.42 47.06
N LYS N 473 12.46 -30.47 47.17
CA LYS N 473 11.73 -29.36 47.78
C LYS N 473 11.42 -29.68 49.25
N ALA N 474 12.00 -30.76 49.75
CA ALA N 474 11.97 -31.08 51.19
C ALA N 474 13.38 -30.93 51.78
N ASP N 475 14.37 -30.92 50.88
CA ASP N 475 15.75 -30.64 51.26
C ASP N 475 15.89 -29.15 51.56
N LYS N 476 15.02 -28.33 50.99
CA LYS N 476 14.92 -26.91 51.37
C LYS N 476 13.73 -26.69 52.29
N LEU N 477 13.21 -27.79 52.83
CA LEU N 477 12.23 -27.77 53.92
C LEU N 477 12.89 -28.25 55.22
N ALA N 478 13.70 -27.38 55.81
CA ALA N 478 14.49 -27.68 57.00
C ALA N 478 15.25 -26.42 57.38
N THR O 13 -59.89 -44.03 -23.60
CA THR O 13 -58.99 -43.03 -24.19
C THR O 13 -57.62 -43.03 -23.53
N THR O 14 -56.64 -42.39 -24.18
CA THR O 14 -55.23 -42.44 -23.75
C THR O 14 -54.66 -41.09 -23.28
N GLY O 15 -53.88 -41.12 -22.21
CA GLY O 15 -53.25 -39.92 -21.69
C GLY O 15 -51.78 -40.08 -21.42
N ARG O 16 -51.06 -38.95 -21.35
CA ARG O 16 -49.61 -38.96 -21.14
C ARG O 16 -49.19 -38.40 -19.76
N ILE O 17 -48.07 -38.91 -19.24
CA ILE O 17 -47.50 -38.43 -17.98
C ILE O 17 -46.61 -37.21 -18.23
N VAL O 18 -46.94 -36.11 -17.54
CA VAL O 18 -46.16 -34.88 -17.61
C VAL O 18 -45.18 -34.77 -16.44
N ALA O 19 -45.65 -35.21 -15.26
CA ALA O 19 -44.88 -35.07 -14.02
C ALA O 19 -44.84 -36.31 -13.13
N VAL O 20 -43.63 -36.65 -12.67
CA VAL O 20 -43.51 -37.53 -11.50
C VAL O 20 -42.60 -36.99 -10.42
N ILE O 21 -43.00 -37.28 -9.19
CA ILE O 21 -42.15 -37.15 -8.01
C ILE O 21 -42.57 -38.27 -7.06
N GLY O 22 -41.61 -39.09 -6.65
CA GLY O 22 -41.92 -40.20 -5.76
C GLY O 22 -43.21 -40.91 -6.15
N ALA O 23 -44.17 -41.01 -5.23
CA ALA O 23 -45.36 -41.80 -5.46
C ALA O 23 -46.51 -40.96 -5.97
N VAL O 24 -46.21 -39.74 -6.40
CA VAL O 24 -47.22 -38.86 -6.97
C VAL O 24 -46.97 -38.66 -8.46
N VAL O 25 -47.98 -39.00 -9.26
CA VAL O 25 -47.90 -38.88 -10.71
C VAL O 25 -48.95 -37.90 -11.25
N ASP O 26 -48.52 -37.13 -12.25
CA ASP O 26 -49.38 -36.13 -12.87
C ASP O 26 -49.60 -36.53 -14.33
N VAL O 27 -50.83 -36.88 -14.68
CA VAL O 27 -51.16 -37.28 -16.06
C VAL O 27 -52.12 -36.34 -16.79
N GLN O 28 -51.81 -36.12 -18.07
CA GLN O 28 -52.61 -35.28 -18.94
C GLN O 28 -53.50 -36.12 -19.88
N PHE O 29 -54.71 -35.62 -20.05
CA PHE O 29 -55.71 -36.27 -20.86
C PHE O 29 -56.29 -35.30 -21.87
N ASP O 30 -56.06 -35.56 -23.15
CA ASP O 30 -56.57 -34.70 -24.18
C ASP O 30 -58.08 -34.70 -24.13
N GLU O 31 -58.66 -35.90 -24.13
CA GLU O 31 -60.11 -36.05 -24.02
C GLU O 31 -60.48 -37.03 -22.91
N GLY O 32 -61.60 -36.74 -22.23
CA GLY O 32 -62.15 -37.63 -21.22
C GLY O 32 -61.26 -37.85 -20.00
N LEU O 33 -61.41 -36.98 -19.00
CA LEU O 33 -60.69 -37.11 -17.73
C LEU O 33 -61.44 -38.09 -16.83
N PRO O 34 -60.69 -38.98 -16.14
CA PRO O 34 -61.21 -40.02 -15.23
C PRO O 34 -61.73 -39.42 -13.94
N PRO O 35 -62.84 -39.95 -13.42
CA PRO O 35 -63.35 -39.46 -12.13
C PRO O 35 -62.26 -39.56 -11.08
N ILE O 36 -62.34 -38.73 -10.06
CA ILE O 36 -61.43 -38.90 -8.93
C ILE O 36 -61.69 -40.26 -8.25
N LEU O 37 -60.71 -41.15 -8.35
CA LEU O 37 -60.78 -42.48 -7.73
C LEU O 37 -60.56 -43.61 -8.72
N ASN O 38 -60.43 -43.24 -9.99
CA ASN O 38 -60.28 -44.22 -11.07
C ASN O 38 -58.88 -44.77 -11.10
N ALA O 39 -58.75 -46.08 -10.89
CA ALA O 39 -57.46 -46.73 -11.07
C ALA O 39 -56.97 -46.55 -12.51
N LEU O 40 -55.84 -45.90 -12.72
CA LEU O 40 -55.27 -45.83 -14.06
C LEU O 40 -54.35 -47.02 -14.25
N GLU O 41 -53.87 -47.22 -15.48
CA GLU O 41 -52.99 -48.34 -15.77
C GLU O 41 -51.84 -47.87 -16.63
N VAL O 42 -50.62 -47.94 -16.09
CA VAL O 42 -49.46 -47.49 -16.84
C VAL O 42 -49.12 -48.52 -17.90
N GLN O 43 -48.85 -48.00 -19.08
CA GLN O 43 -48.56 -48.82 -20.23
C GLN O 43 -47.09 -48.65 -20.56
N GLY O 44 -46.28 -49.62 -20.15
CA GLY O 44 -44.90 -49.59 -20.57
C GLY O 44 -43.95 -50.28 -19.65
N ARG O 45 -44.49 -51.05 -18.69
CA ARG O 45 -43.62 -51.73 -17.73
C ARG O 45 -44.02 -53.17 -17.50
N GLU O 46 -43.03 -53.96 -17.11
CA GLU O 46 -43.21 -55.38 -16.90
C GLU O 46 -43.97 -55.61 -15.63
N THR O 47 -44.64 -54.59 -15.11
CA THR O 47 -45.22 -54.68 -13.77
C THR O 47 -46.46 -53.82 -13.61
N ARG O 48 -47.60 -54.43 -13.28
CA ARG O 48 -48.85 -53.68 -13.20
C ARG O 48 -48.68 -52.45 -12.29
N LEU O 49 -48.64 -51.28 -12.90
CA LEU O 49 -48.41 -50.06 -12.16
C LEU O 49 -49.66 -49.23 -12.08
N VAL O 50 -50.58 -49.62 -11.20
CA VAL O 50 -51.80 -48.84 -11.03
C VAL O 50 -51.50 -47.42 -10.52
N LEU O 51 -52.06 -46.39 -11.15
CA LEU O 51 -52.12 -45.09 -10.47
C LEU O 51 -53.54 -44.97 -9.97
N GLU O 52 -53.78 -43.97 -9.15
CA GLU O 52 -55.12 -43.75 -8.65
C GLU O 52 -55.39 -42.26 -8.59
N VAL O 53 -56.30 -41.83 -9.44
CA VAL O 53 -56.58 -40.42 -9.54
C VAL O 53 -57.02 -39.98 -8.16
N ALA O 54 -56.49 -38.84 -7.71
CA ALA O 54 -56.98 -38.21 -6.48
C ALA O 54 -57.32 -36.72 -6.66
N GLN O 55 -56.79 -36.11 -7.72
CA GLN O 55 -57.09 -34.71 -8.02
C GLN O 55 -57.28 -34.33 -9.51
N HIS O 56 -58.16 -33.36 -9.80
CA HIS O 56 -58.18 -32.70 -11.11
C HIS O 56 -57.51 -31.33 -11.02
N LEU O 57 -56.31 -31.20 -11.57
CA LEU O 57 -55.56 -29.96 -11.46
C LEU O 57 -56.12 -28.91 -12.40
N GLY O 58 -56.97 -29.36 -13.31
CA GLY O 58 -57.44 -28.52 -14.40
C GLY O 58 -56.54 -28.69 -15.60
N GLU O 59 -56.66 -27.79 -16.57
CA GLU O 59 -55.94 -27.92 -17.85
C GLU O 59 -55.86 -29.40 -18.31
N SER O 60 -56.97 -30.10 -18.07
CA SER O 60 -57.13 -31.51 -18.38
C SER O 60 -55.89 -32.30 -17.99
N THR O 61 -55.56 -32.18 -16.70
CA THR O 61 -54.54 -32.98 -16.05
C THR O 61 -55.11 -33.45 -14.72
N VAL O 62 -54.69 -34.63 -14.32
CA VAL O 62 -55.12 -35.17 -13.04
C VAL O 62 -53.90 -35.52 -12.23
N ARG O 63 -54.10 -35.59 -10.91
CA ARG O 63 -53.05 -36.01 -10.00
C ARG O 63 -53.39 -37.31 -9.30
N THR O 64 -52.42 -38.21 -9.36
CA THR O 64 -52.58 -39.60 -8.94
C THR O 64 -51.53 -40.07 -7.93
N ILE O 65 -51.94 -41.01 -7.09
CA ILE O 65 -51.04 -41.69 -6.17
C ILE O 65 -50.67 -43.08 -6.71
N ALA O 66 -49.39 -43.33 -6.98
CA ALA O 66 -48.98 -44.67 -7.45
C ALA O 66 -49.39 -45.78 -6.47
N MET O 67 -49.22 -47.03 -6.88
CA MET O 67 -49.40 -48.17 -5.96
C MET O 67 -48.18 -49.07 -6.04
N ASP O 68 -47.11 -48.50 -6.60
CA ASP O 68 -45.79 -49.13 -6.59
C ASP O 68 -44.68 -48.19 -7.07
N GLY O 69 -43.47 -48.72 -7.02
CA GLY O 69 -42.28 -47.95 -7.34
C GLY O 69 -42.52 -47.24 -8.65
N THR O 70 -41.93 -46.06 -8.81
CA THR O 70 -42.09 -45.29 -10.02
C THR O 70 -40.74 -45.02 -10.67
N GLU O 71 -39.70 -45.71 -10.25
CA GLU O 71 -38.44 -45.59 -10.98
C GLU O 71 -38.83 -45.97 -12.39
N GLY O 72 -38.19 -45.36 -13.39
CA GLY O 72 -38.49 -45.70 -14.78
C GLY O 72 -39.47 -44.79 -15.53
N LEU O 73 -40.66 -44.53 -14.97
CA LEU O 73 -41.63 -43.64 -15.61
C LEU O 73 -40.93 -42.51 -16.33
N VAL O 74 -41.51 -42.08 -17.45
CA VAL O 74 -40.98 -40.93 -18.16
C VAL O 74 -42.05 -39.93 -18.59
N ARG O 75 -41.62 -38.67 -18.68
CA ARG O 75 -42.43 -37.61 -19.23
C ARG O 75 -42.65 -38.04 -20.66
N GLY O 76 -43.91 -38.38 -20.95
CA GLY O 76 -44.26 -39.13 -22.14
C GLY O 76 -45.18 -40.27 -21.72
N GLN O 77 -44.69 -41.50 -21.90
CA GLN O 77 -45.33 -42.69 -21.33
C GLN O 77 -46.88 -42.66 -21.21
N LYS O 78 -47.54 -43.63 -21.85
CA LYS O 78 -49.01 -43.62 -21.92
C LYS O 78 -49.69 -44.21 -20.70
N VAL O 79 -50.93 -43.81 -20.47
CA VAL O 79 -51.71 -44.35 -19.36
C VAL O 79 -53.15 -44.55 -19.80
N LEU O 80 -53.73 -45.71 -19.47
CA LEU O 80 -55.10 -46.02 -19.86
C LEU O 80 -56.04 -45.92 -18.68
N ASP O 81 -57.14 -45.20 -18.84
CA ASP O 81 -58.16 -45.19 -17.80
C ASP O 81 -58.75 -46.59 -17.66
N SER O 82 -59.05 -47.04 -16.44
CA SER O 82 -59.70 -48.34 -16.24
C SER O 82 -61.21 -48.16 -16.10
N GLY O 83 -61.66 -46.90 -16.11
CA GLY O 83 -63.07 -46.58 -16.00
C GLY O 83 -63.67 -46.97 -14.66
N ALA O 84 -62.84 -47.51 -13.78
CA ALA O 84 -63.27 -47.84 -12.43
C ALA O 84 -62.18 -47.57 -11.41
N PRO O 85 -62.58 -47.53 -10.12
CA PRO O 85 -61.75 -47.66 -8.92
C PRO O 85 -60.77 -48.83 -9.01
N ILE O 86 -59.82 -48.91 -8.08
CA ILE O 86 -59.10 -50.16 -7.89
C ILE O 86 -60.10 -51.17 -7.36
N ARG O 87 -60.26 -52.27 -8.10
CA ARG O 87 -61.19 -53.35 -7.76
C ARG O 87 -60.38 -54.64 -7.59
N ILE O 88 -60.82 -55.46 -6.64
CA ILE O 88 -60.11 -56.67 -6.24
C ILE O 88 -61.08 -57.85 -6.11
N PRO O 89 -60.54 -59.07 -6.13
CA PRO O 89 -61.26 -60.31 -5.81
C PRO O 89 -61.96 -60.23 -4.47
N VAL O 90 -63.21 -60.65 -4.38
CA VAL O 90 -63.85 -60.86 -3.09
C VAL O 90 -64.66 -62.15 -3.20
N GLY O 91 -65.12 -62.67 -2.08
CA GLY O 91 -65.86 -63.91 -2.14
C GLY O 91 -65.09 -64.96 -1.38
N PRO O 92 -65.55 -66.23 -1.40
CA PRO O 92 -64.91 -67.28 -0.62
C PRO O 92 -63.67 -67.86 -1.29
N GLU O 93 -63.49 -67.59 -2.58
CA GLU O 93 -62.27 -68.04 -3.24
C GLU O 93 -61.05 -67.15 -2.88
N THR O 94 -61.17 -66.37 -1.80
CA THR O 94 -60.05 -65.63 -1.22
C THR O 94 -59.48 -66.34 0.01
N LEU O 95 -60.34 -66.88 0.87
CA LEU O 95 -59.89 -67.61 2.06
C LEU O 95 -58.72 -68.56 1.78
N GLY O 96 -57.60 -68.33 2.46
CA GLY O 96 -56.44 -69.19 2.31
C GLY O 96 -55.38 -68.58 1.41
N ARG O 97 -55.77 -67.55 0.68
CA ARG O 97 -54.86 -66.89 -0.26
C ARG O 97 -54.29 -65.59 0.31
N ILE O 98 -53.06 -65.29 -0.06
CA ILE O 98 -52.47 -64.02 0.33
C ILE O 98 -52.64 -63.17 -0.90
N MET O 99 -53.27 -62.02 -0.73
CA MET O 99 -53.34 -61.08 -1.84
C MET O 99 -52.79 -59.69 -1.46
N ASN O 100 -52.23 -59.00 -2.44
CA ASN O 100 -51.69 -57.66 -2.23
C ASN O 100 -52.73 -56.57 -2.36
N VAL O 101 -52.26 -55.33 -2.39
CA VAL O 101 -53.14 -54.15 -2.33
C VAL O 101 -54.11 -54.00 -3.49
N ILE O 102 -53.72 -54.43 -4.70
CA ILE O 102 -54.61 -54.35 -5.87
C ILE O 102 -55.35 -55.65 -6.23
N GLY O 103 -55.34 -56.63 -5.33
CA GLY O 103 -56.00 -57.90 -5.58
C GLY O 103 -55.07 -58.98 -6.10
N GLU O 104 -54.05 -58.61 -6.88
CA GLU O 104 -53.06 -59.61 -7.34
C GLU O 104 -52.70 -60.61 -6.23
N PRO O 105 -52.49 -61.88 -6.62
CA PRO O 105 -52.19 -62.79 -5.51
C PRO O 105 -50.69 -62.88 -5.34
N ILE O 106 -50.24 -63.22 -4.14
CA ILE O 106 -48.82 -63.23 -3.84
C ILE O 106 -48.39 -64.44 -3.01
N ASP O 107 -49.23 -65.47 -2.97
CA ASP O 107 -48.79 -66.73 -2.37
C ASP O 107 -48.29 -67.69 -3.44
N GLU O 108 -47.99 -67.15 -4.61
CA GLU O 108 -47.55 -67.94 -5.76
C GLU O 108 -48.41 -69.18 -6.06
N ARG O 109 -49.70 -69.08 -5.75
CA ARG O 109 -50.65 -70.16 -6.01
C ARG O 109 -51.63 -69.70 -7.06
N GLY O 110 -51.12 -69.43 -8.26
CA GLY O 110 -51.96 -69.12 -9.40
C GLY O 110 -52.81 -67.90 -9.18
N PRO O 111 -53.92 -67.78 -9.92
CA PRO O 111 -54.79 -66.61 -9.79
C PRO O 111 -55.91 -66.93 -8.83
N ILE O 112 -56.69 -65.91 -8.50
CA ILE O 112 -57.79 -66.07 -7.58
C ILE O 112 -59.05 -65.96 -8.41
N LYS O 113 -59.42 -67.08 -9.02
CA LYS O 113 -60.63 -67.16 -9.81
C LYS O 113 -61.79 -66.92 -8.86
N THR O 114 -62.54 -65.87 -9.11
CA THR O 114 -63.65 -65.50 -8.25
C THR O 114 -64.77 -64.89 -9.05
N LYS O 115 -66.00 -65.15 -8.63
CA LYS O 115 -67.17 -64.64 -9.32
C LYS O 115 -67.08 -63.14 -9.47
N GLN O 116 -67.21 -62.44 -8.34
CA GLN O 116 -67.42 -61.00 -8.30
C GLN O 116 -66.17 -60.22 -7.97
N PHE O 117 -66.33 -58.90 -8.02
CA PHE O 117 -65.30 -57.98 -7.58
C PHE O 117 -65.92 -56.90 -6.73
N ALA O 118 -65.06 -56.19 -5.98
CA ALA O 118 -65.45 -54.98 -5.25
C ALA O 118 -64.36 -53.89 -5.42
N ALA O 119 -64.72 -52.64 -5.15
CA ALA O 119 -63.72 -51.58 -5.15
C ALA O 119 -63.26 -51.42 -3.72
N ILE O 120 -62.04 -50.91 -3.55
CA ILE O 120 -61.45 -50.69 -2.24
C ILE O 120 -62.09 -49.51 -1.48
N HIS O 121 -62.47 -48.45 -2.21
CA HIS O 121 -63.25 -47.36 -1.63
C HIS O 121 -64.75 -47.71 -1.67
N ALA O 122 -65.52 -47.05 -0.83
CA ALA O 122 -66.93 -47.40 -0.67
C ALA O 122 -67.53 -46.53 0.42
N GLU O 123 -68.76 -46.05 0.22
CA GLU O 123 -69.41 -45.22 1.23
C GLU O 123 -69.65 -46.07 2.50
N ALA O 124 -69.93 -45.41 3.61
CA ALA O 124 -70.01 -46.14 4.86
C ALA O 124 -71.44 -46.31 5.36
N PRO O 125 -71.74 -47.48 5.97
CA PRO O 125 -72.99 -47.87 6.63
C PRO O 125 -73.83 -46.76 7.27
N GLU O 126 -74.90 -46.35 6.59
CA GLU O 126 -75.85 -45.32 7.06
C GLU O 126 -76.37 -45.55 8.49
N PHE O 127 -76.92 -44.51 9.10
CA PHE O 127 -77.17 -44.52 10.55
C PHE O 127 -78.19 -45.56 10.94
N VAL O 128 -79.12 -45.81 10.04
CA VAL O 128 -80.19 -46.78 10.25
C VAL O 128 -79.67 -48.21 10.37
N GLU O 129 -78.52 -48.47 9.76
CA GLU O 129 -77.91 -49.80 9.70
C GLU O 129 -77.12 -50.14 10.95
N MET O 130 -76.85 -49.14 11.79
CA MET O 130 -76.09 -49.40 13.01
C MET O 130 -76.83 -50.37 13.91
N SER O 131 -76.09 -51.05 14.78
CA SER O 131 -76.67 -52.00 15.71
C SER O 131 -76.08 -51.74 17.09
N VAL O 132 -76.94 -51.74 18.11
CA VAL O 132 -76.49 -51.47 19.48
C VAL O 132 -76.29 -52.75 20.30
N GLU O 133 -76.03 -53.84 19.59
CA GLU O 133 -75.86 -55.15 20.23
C GLU O 133 -74.54 -55.23 21.02
N GLN O 134 -74.64 -55.07 22.33
CA GLN O 134 -73.45 -55.16 23.15
C GLN O 134 -73.43 -56.44 23.99
N GLU O 135 -72.68 -57.42 23.51
CA GLU O 135 -72.42 -58.62 24.29
C GLU O 135 -70.91 -58.82 24.50
N ILE O 136 -70.54 -59.15 25.73
CA ILE O 136 -69.12 -59.33 26.11
C ILE O 136 -68.39 -60.44 25.36
N LEU O 137 -67.16 -60.16 24.96
CA LEU O 137 -66.28 -61.15 24.33
C LEU O 137 -65.08 -61.47 25.24
N VAL O 138 -65.12 -62.60 25.92
CA VAL O 138 -64.03 -62.95 26.82
C VAL O 138 -62.75 -63.40 26.10
N THR O 139 -61.59 -62.87 26.54
CA THR O 139 -60.29 -63.15 25.92
C THR O 139 -59.46 -64.15 26.71
N GLY O 140 -59.75 -64.24 28.00
CA GLY O 140 -58.97 -65.09 28.88
C GLY O 140 -57.67 -64.38 29.22
N ILE O 141 -57.63 -63.09 28.93
CA ILE O 141 -56.51 -62.28 29.39
C ILE O 141 -56.98 -61.44 30.56
N LYS O 142 -56.41 -61.68 31.74
CA LYS O 142 -56.94 -61.11 32.98
C LYS O 142 -57.26 -59.62 32.96
N VAL O 143 -56.30 -58.77 32.60
CA VAL O 143 -56.48 -57.30 32.55
C VAL O 143 -57.58 -56.89 31.62
N VAL O 144 -57.59 -57.45 30.40
CA VAL O 144 -58.59 -57.09 29.43
C VAL O 144 -60.00 -57.41 29.96
N ASP O 145 -60.20 -58.66 30.35
CA ASP O 145 -61.49 -59.10 30.86
C ASP O 145 -61.90 -58.31 32.08
N LEU O 146 -61.09 -58.35 33.14
CA LEU O 146 -61.45 -57.67 34.40
C LEU O 146 -61.68 -56.16 34.31
N LEU O 147 -60.90 -55.44 33.51
CA LEU O 147 -60.98 -53.98 33.55
C LEU O 147 -61.58 -53.27 32.36
N ALA O 148 -61.48 -53.86 31.17
CA ALA O 148 -62.00 -53.19 29.99
C ALA O 148 -62.30 -54.20 28.91
N PRO O 149 -63.41 -54.93 29.07
CA PRO O 149 -63.61 -56.15 28.28
C PRO O 149 -63.89 -55.83 26.83
N TYR O 150 -63.45 -56.72 25.94
CA TYR O 150 -63.75 -56.57 24.51
C TYR O 150 -65.23 -56.88 24.26
N ALA O 151 -65.81 -56.31 23.21
CA ALA O 151 -67.22 -56.54 22.94
C ALA O 151 -67.39 -57.23 21.59
N LYS O 152 -68.12 -58.34 21.56
CA LYS O 152 -68.41 -59.04 20.30
C LYS O 152 -68.87 -58.09 19.20
N GLY O 153 -68.25 -58.18 18.02
CA GLY O 153 -68.60 -57.29 16.91
C GLY O 153 -68.25 -55.82 17.16
N GLY O 154 -67.43 -55.59 18.19
CA GLY O 154 -66.95 -54.27 18.54
C GLY O 154 -65.66 -53.86 17.84
N LYS O 155 -65.35 -52.58 17.86
CA LYS O 155 -64.04 -52.13 17.43
C LYS O 155 -63.10 -52.17 18.63
N ILE O 156 -61.93 -52.77 18.44
CA ILE O 156 -60.93 -52.89 19.50
C ILE O 156 -59.63 -52.26 19.04
N GLY O 157 -58.95 -51.58 19.97
CA GLY O 157 -57.70 -50.91 19.65
C GLY O 157 -56.58 -51.27 20.62
N LEU O 158 -55.40 -51.54 20.05
CA LEU O 158 -54.23 -51.88 20.83
C LEU O 158 -53.20 -50.78 20.65
N PHE O 159 -53.04 -49.92 21.65
CA PHE O 159 -52.08 -48.82 21.52
C PHE O 159 -50.74 -49.19 22.11
N GLY O 160 -49.67 -48.93 21.38
CA GLY O 160 -48.34 -49.20 21.91
C GLY O 160 -47.23 -48.47 21.19
N GLY O 161 -46.21 -48.10 21.95
CA GLY O 161 -45.01 -47.55 21.36
C GLY O 161 -44.09 -48.64 20.86
N ALA O 162 -43.02 -48.27 20.17
CA ALA O 162 -42.19 -49.29 19.58
C ALA O 162 -41.77 -50.31 20.65
N GLY O 163 -42.18 -51.56 20.50
CA GLY O 163 -41.69 -52.66 21.33
C GLY O 163 -42.39 -53.02 22.63
N VAL O 164 -43.62 -52.57 22.82
CA VAL O 164 -44.22 -52.80 24.11
C VAL O 164 -45.17 -53.98 24.05
N GLY O 165 -45.37 -54.48 22.84
CA GLY O 165 -46.00 -55.78 22.70
C GLY O 165 -47.38 -55.78 22.13
N LYS O 166 -47.62 -54.88 21.18
CA LYS O 166 -48.86 -54.92 20.43
C LYS O 166 -48.94 -56.24 19.67
N THR O 167 -48.02 -56.44 18.75
CA THR O 167 -48.05 -57.61 17.90
C THR O 167 -48.20 -58.92 18.66
N VAL O 168 -47.46 -59.11 19.76
CA VAL O 168 -47.69 -60.30 20.59
C VAL O 168 -49.13 -60.41 21.05
N LEU O 169 -49.68 -59.29 21.50
CA LEU O 169 -51.01 -59.27 22.03
C LEU O 169 -52.05 -59.56 20.96
N ILE O 170 -51.83 -59.04 19.76
CA ILE O 170 -52.79 -59.31 18.72
C ILE O 170 -52.75 -60.79 18.40
N MET O 171 -51.56 -61.35 18.45
CA MET O 171 -51.36 -62.78 18.20
C MET O 171 -52.05 -63.66 19.22
N GLU O 172 -51.85 -63.37 20.49
CA GLU O 172 -52.50 -64.11 21.56
C GLU O 172 -53.99 -64.05 21.38
N LEU O 173 -54.50 -62.91 20.91
CA LEU O 173 -55.94 -62.76 20.71
C LEU O 173 -56.39 -63.63 19.56
N ILE O 174 -55.66 -63.55 18.47
CA ILE O 174 -55.87 -64.42 17.32
C ILE O 174 -55.89 -65.90 17.75
N ASN O 175 -55.14 -66.24 18.78
CA ASN O 175 -55.09 -67.61 19.25
C ASN O 175 -56.22 -67.98 20.20
N ASN O 176 -56.43 -67.16 21.23
CA ASN O 176 -57.49 -67.42 22.21
C ASN O 176 -58.89 -67.13 21.68
N VAL O 177 -58.94 -66.69 20.42
CA VAL O 177 -60.19 -66.25 19.82
C VAL O 177 -60.47 -66.95 18.47
N ALA O 178 -59.65 -66.71 17.46
CA ALA O 178 -59.97 -67.14 16.09
C ALA O 178 -59.62 -68.59 15.74
N LYS O 179 -59.22 -69.36 16.76
CA LYS O 179 -58.88 -70.77 16.57
C LYS O 179 -60.13 -71.63 16.75
N ALA O 180 -60.84 -71.41 17.85
CA ALA O 180 -62.16 -72.01 18.06
C ALA O 180 -63.27 -71.01 17.71
N HIS O 181 -63.43 -70.72 16.42
CA HIS O 181 -64.37 -69.71 15.98
C HIS O 181 -64.98 -70.11 14.66
N GLY O 182 -66.24 -70.55 14.72
CA GLY O 182 -66.99 -70.82 13.52
C GLY O 182 -67.28 -69.49 12.83
N GLY O 183 -66.47 -69.19 11.83
CA GLY O 183 -66.65 -67.95 11.09
C GLY O 183 -65.39 -67.44 10.44
N TYR O 184 -65.57 -66.60 9.45
CA TYR O 184 -64.47 -66.08 8.67
C TYR O 184 -63.65 -65.01 9.41
N SER O 185 -62.33 -65.02 9.21
CA SER O 185 -61.44 -64.00 9.75
C SER O 185 -60.58 -63.44 8.64
N VAL O 186 -60.43 -62.11 8.63
CA VAL O 186 -59.53 -61.47 7.67
C VAL O 186 -58.37 -60.78 8.39
N PHE O 187 -57.15 -60.98 7.90
CA PHE O 187 -55.99 -60.32 8.49
C PHE O 187 -55.28 -59.40 7.50
N ALA O 188 -55.41 -58.10 7.76
CA ALA O 188 -54.72 -57.10 6.98
C ALA O 188 -53.45 -56.67 7.71
N GLY O 189 -52.31 -57.07 7.16
CA GLY O 189 -51.02 -56.50 7.52
C GLY O 189 -50.73 -55.20 6.78
N VAL O 190 -50.95 -54.07 7.45
CA VAL O 190 -50.65 -52.76 6.89
C VAL O 190 -49.30 -52.23 7.37
N GLY O 191 -48.41 -51.93 6.41
CA GLY O 191 -47.03 -51.52 6.66
C GLY O 191 -46.29 -51.99 7.90
N GLU O 192 -46.32 -53.27 8.27
CA GLU O 192 -45.39 -53.74 9.31
C GLU O 192 -44.33 -54.67 8.72
N ARG O 193 -43.89 -55.66 9.48
CA ARG O 193 -42.73 -56.44 9.08
C ARG O 193 -43.07 -57.55 8.09
N THR O 194 -42.37 -57.61 6.97
CA THR O 194 -42.70 -58.65 5.98
C THR O 194 -42.44 -60.05 6.55
N ARG O 195 -41.34 -60.20 7.29
CA ARG O 195 -41.11 -61.48 7.97
C ARG O 195 -42.22 -61.88 8.96
N GLU O 196 -43.07 -60.94 9.35
CA GLU O 196 -44.09 -61.24 10.32
C GLU O 196 -45.22 -61.91 9.56
N GLY O 197 -45.15 -61.78 8.24
CA GLY O 197 -46.20 -62.30 7.40
C GLY O 197 -45.86 -63.72 7.07
N ASN O 198 -44.69 -63.89 6.49
CA ASN O 198 -44.14 -65.21 6.30
C ASN O 198 -44.42 -66.03 7.56
N ASP O 199 -44.21 -65.41 8.71
CA ASP O 199 -44.41 -66.08 9.99
C ASP O 199 -45.86 -66.45 10.25
N LEU O 200 -46.76 -65.55 9.92
CA LEU O 200 -48.16 -65.80 10.16
C LEU O 200 -48.60 -66.95 9.26
N TYR O 201 -48.39 -66.75 7.96
CA TYR O 201 -48.70 -67.75 6.95
C TYR O 201 -48.38 -69.15 7.46
N HIS O 202 -47.10 -69.46 7.59
CA HIS O 202 -46.69 -70.75 8.11
C HIS O 202 -47.42 -71.14 9.41
N GLU O 203 -47.49 -70.23 10.37
CA GLU O 203 -48.10 -70.54 11.67
C GLU O 203 -49.59 -70.93 11.55
N MET O 204 -50.23 -70.47 10.48
CA MET O 204 -51.66 -70.70 10.24
C MET O 204 -51.93 -71.87 9.29
N ILE O 205 -50.87 -72.38 8.68
CA ILE O 205 -50.96 -73.53 7.83
C ILE O 205 -50.76 -74.74 8.72
N GLU O 206 -49.70 -74.70 9.51
CA GLU O 206 -49.48 -75.73 10.52
C GLU O 206 -50.74 -75.90 11.37
N SER O 207 -51.20 -74.81 11.98
CA SER O 207 -52.36 -74.90 12.86
C SER O 207 -53.59 -75.24 12.06
N GLY O 208 -53.53 -74.97 10.76
CA GLY O 208 -54.58 -75.33 9.81
C GLY O 208 -55.80 -74.44 9.77
N VAL O 209 -55.61 -73.14 9.89
CA VAL O 209 -56.72 -72.23 9.65
C VAL O 209 -56.72 -71.99 8.15
N ILE O 210 -55.52 -71.95 7.58
CA ILE O 210 -55.36 -71.94 6.14
C ILE O 210 -55.11 -73.39 5.74
N ASN O 211 -55.72 -73.82 4.65
CA ASN O 211 -55.45 -75.13 4.09
C ASN O 211 -55.18 -75.09 2.59
N LEU O 212 -53.97 -75.49 2.22
CA LEU O 212 -53.58 -75.43 0.83
C LEU O 212 -54.34 -76.48 0.05
N LYS O 213 -54.67 -77.58 0.72
CA LYS O 213 -55.34 -78.71 0.09
C LYS O 213 -56.79 -78.38 -0.33
N ASP O 214 -57.54 -77.73 0.56
CA ASP O 214 -58.98 -77.58 0.39
C ASP O 214 -59.45 -76.19 0.02
N ALA O 215 -60.70 -75.97 0.38
CA ALA O 215 -61.31 -74.65 0.48
C ALA O 215 -61.96 -74.60 1.87
N THR O 216 -61.39 -75.39 2.79
CA THR O 216 -61.81 -75.40 4.20
C THR O 216 -61.17 -74.27 4.99
N SER O 217 -60.46 -73.39 4.28
CA SER O 217 -59.74 -72.27 4.90
C SER O 217 -60.69 -71.21 5.45
N LYS O 218 -60.36 -70.71 6.63
CA LYS O 218 -61.23 -69.82 7.39
C LYS O 218 -60.71 -68.39 7.48
N VAL O 219 -59.66 -68.06 6.73
CA VAL O 219 -59.02 -66.76 6.88
C VAL O 219 -58.54 -66.23 5.55
N ALA O 220 -58.65 -64.93 5.35
CA ALA O 220 -58.11 -64.29 4.15
C ALA O 220 -56.97 -63.40 4.60
N LEU O 221 -55.93 -63.31 3.77
CA LEU O 221 -54.75 -62.49 4.09
C LEU O 221 -54.53 -61.40 3.05
N VAL O 222 -54.46 -60.16 3.54
CA VAL O 222 -54.15 -59.00 2.69
C VAL O 222 -52.94 -58.35 3.26
N TYR O 223 -51.89 -58.19 2.46
CA TYR O 223 -50.60 -57.69 2.96
C TYR O 223 -50.01 -56.58 2.11
N GLY O 224 -49.70 -55.45 2.75
CA GLY O 224 -48.90 -54.40 2.15
C GLY O 224 -47.94 -53.81 3.19
N GLN O 225 -46.72 -54.33 3.26
CA GLN O 225 -45.82 -54.08 4.40
C GLN O 225 -44.89 -52.86 4.31
N MET O 226 -44.04 -52.72 5.32
CA MET O 226 -43.22 -51.52 5.48
C MET O 226 -42.08 -51.40 4.48
N ASN O 227 -42.17 -52.13 3.37
CA ASN O 227 -41.17 -52.01 2.32
C ASN O 227 -41.76 -51.41 1.05
N GLU O 228 -43.08 -51.35 1.01
CA GLU O 228 -43.77 -50.83 -0.15
C GLU O 228 -43.99 -49.33 0.00
N PRO O 229 -44.01 -48.65 -1.14
CA PRO O 229 -44.33 -47.22 -1.31
C PRO O 229 -45.51 -46.68 -0.49
N PRO O 230 -45.57 -45.35 -0.33
CA PRO O 230 -46.61 -44.70 0.47
C PRO O 230 -47.97 -45.14 -0.04
N GLY O 231 -48.20 -44.89 -1.33
CA GLY O 231 -49.45 -45.24 -1.96
C GLY O 231 -49.94 -46.61 -1.51
N ALA O 232 -49.10 -47.61 -1.70
CA ALA O 232 -49.45 -48.99 -1.35
C ALA O 232 -49.87 -49.15 0.12
N ARG O 233 -49.07 -48.59 1.02
CA ARG O 233 -49.35 -48.65 2.44
C ARG O 233 -50.60 -47.82 2.70
N ALA O 234 -50.66 -46.70 2.00
CA ALA O 234 -51.81 -45.81 2.05
C ALA O 234 -53.13 -46.53 1.85
N ARG O 235 -53.13 -47.53 0.96
CA ARG O 235 -54.38 -48.10 0.46
C ARG O 235 -54.71 -49.47 1.00
N VAL O 236 -53.72 -50.36 0.94
CA VAL O 236 -53.87 -51.74 1.35
C VAL O 236 -54.74 -51.87 2.59
N ALA O 237 -54.73 -50.85 3.45
CA ALA O 237 -55.55 -50.92 4.64
C ALA O 237 -57.00 -51.16 4.22
N LEU O 238 -57.34 -50.65 3.03
CA LEU O 238 -58.71 -50.71 2.48
C LEU O 238 -59.00 -52.01 1.73
N THR O 239 -58.04 -52.45 0.91
CA THR O 239 -58.15 -53.75 0.27
C THR O 239 -58.70 -54.69 1.32
N GLY O 240 -57.87 -55.06 2.30
CA GLY O 240 -58.28 -55.94 3.37
C GLY O 240 -59.59 -55.52 4.02
N LEU O 241 -59.85 -54.23 3.99
CA LEU O 241 -61.12 -53.74 4.45
C LEU O 241 -62.26 -54.33 3.60
N THR O 242 -62.25 -54.03 2.31
CA THR O 242 -63.24 -54.50 1.34
C THR O 242 -63.59 -55.98 1.49
N VAL O 243 -62.55 -56.81 1.59
CA VAL O 243 -62.71 -58.24 1.84
C VAL O 243 -63.59 -58.57 3.05
N ALA O 244 -63.22 -58.09 4.21
CA ALA O 244 -64.05 -58.31 5.38
C ALA O 244 -65.46 -57.85 5.12
N GLU O 245 -65.58 -56.76 4.35
CA GLU O 245 -66.89 -56.13 4.11
C GLU O 245 -67.85 -57.12 3.47
N TYR O 246 -67.41 -57.73 2.37
CA TYR O 246 -68.16 -58.79 1.70
C TYR O 246 -68.64 -59.89 2.66
N PHE O 247 -67.72 -60.63 3.27
CA PHE O 247 -68.08 -61.66 4.23
C PHE O 247 -69.15 -61.25 5.26
N ARG O 248 -69.29 -59.94 5.48
CA ARG O 248 -70.27 -59.44 6.42
C ARG O 248 -71.61 -59.35 5.73
N ASP O 249 -71.60 -58.64 4.61
CA ASP O 249 -72.81 -58.30 3.87
C ASP O 249 -73.37 -59.45 3.01
N GLN O 250 -72.72 -59.76 1.89
CA GLN O 250 -73.11 -60.91 1.07
C GLN O 250 -72.72 -62.23 1.74
N GLU O 251 -73.21 -62.44 2.96
CA GLU O 251 -73.00 -63.69 3.68
C GLU O 251 -73.59 -63.59 5.08
N GLY O 252 -74.02 -62.38 5.45
CA GLY O 252 -74.51 -62.10 6.79
C GLY O 252 -73.81 -63.01 7.77
N GLN O 253 -72.49 -62.85 7.87
CA GLN O 253 -71.63 -63.81 8.59
C GLN O 253 -70.91 -63.15 9.77
N ASP O 254 -70.23 -63.96 10.59
CA ASP O 254 -69.44 -63.46 11.70
C ASP O 254 -68.01 -63.21 11.26
N VAL O 255 -67.66 -61.95 10.99
CA VAL O 255 -66.32 -61.64 10.50
C VAL O 255 -65.36 -61.16 11.60
N LEU O 256 -64.13 -61.66 11.57
CA LEU O 256 -63.05 -61.19 12.44
C LEU O 256 -61.99 -60.45 11.62
N LEU O 257 -61.89 -59.14 11.83
CA LEU O 257 -60.90 -58.35 11.10
C LEU O 257 -59.78 -57.98 12.05
N PHE O 258 -58.58 -58.44 11.73
CA PHE O 258 -57.37 -58.04 12.44
C PHE O 258 -56.50 -57.18 11.55
N ILE O 259 -56.17 -55.97 12.02
CA ILE O 259 -55.20 -55.17 11.31
C ILE O 259 -53.97 -54.90 12.20
N ASP O 260 -52.82 -54.84 11.55
CA ASP O 260 -51.54 -54.57 12.19
C ASP O 260 -50.61 -54.04 11.08
N ASN O 261 -50.42 -52.73 10.96
CA ASN O 261 -50.73 -51.70 11.98
C ASN O 261 -51.47 -50.50 11.41
N ILE O 262 -52.69 -50.29 11.89
CA ILE O 262 -53.56 -49.26 11.32
C ILE O 262 -52.89 -47.88 11.28
N PHE O 263 -51.91 -47.66 12.16
CA PHE O 263 -51.16 -46.41 12.19
C PHE O 263 -50.47 -46.20 10.87
N ARG O 264 -49.93 -47.26 10.31
CA ARG O 264 -49.06 -47.08 9.17
C ARG O 264 -49.82 -46.47 8.03
N PHE O 265 -51.15 -46.50 8.15
CA PHE O 265 -52.09 -45.96 7.16
C PHE O 265 -52.11 -44.46 7.14
N THR O 266 -52.21 -43.88 8.34
CA THR O 266 -52.15 -42.44 8.51
C THR O 266 -50.73 -41.93 8.21
N GLN O 267 -49.74 -42.74 8.57
CA GLN O 267 -48.34 -42.38 8.36
C GLN O 267 -48.08 -42.27 6.88
N ALA O 268 -48.42 -43.33 6.15
CA ALA O 268 -48.26 -43.32 4.71
C ALA O 268 -49.00 -42.11 4.10
N GLY O 269 -50.23 -41.88 4.54
CA GLY O 269 -50.93 -40.65 4.19
C GLY O 269 -49.96 -39.48 4.20
N SER O 270 -49.48 -39.19 5.41
CA SER O 270 -48.51 -38.13 5.62
C SER O 270 -47.37 -38.06 4.58
N GLU O 271 -46.83 -39.21 4.18
CA GLU O 271 -45.68 -39.21 3.28
C GLU O 271 -46.05 -38.65 1.90
N VAL O 272 -47.33 -38.76 1.55
CA VAL O 272 -47.79 -38.37 0.22
C VAL O 272 -48.40 -36.99 0.23
N SER O 273 -49.11 -36.66 1.32
CA SER O 273 -49.83 -35.39 1.45
C SER O 273 -48.92 -34.22 1.11
N ALA O 274 -47.63 -34.43 1.36
CA ALA O 274 -46.59 -33.44 1.06
C ALA O 274 -46.57 -33.04 -0.44
N LEU O 275 -46.53 -34.04 -1.32
CA LEU O 275 -46.37 -33.80 -2.76
C LEU O 275 -47.68 -33.75 -3.54
N LEU O 276 -48.74 -34.34 -2.99
CA LEU O 276 -50.08 -34.03 -3.44
C LEU O 276 -50.28 -32.51 -3.45
N GLY O 277 -49.55 -31.81 -2.58
CA GLY O 277 -49.58 -30.35 -2.56
C GLY O 277 -50.51 -29.71 -1.52
N ARG O 278 -51.07 -30.50 -0.61
CA ARG O 278 -51.75 -29.92 0.55
C ARG O 278 -50.77 -29.03 1.39
N ILE O 279 -51.31 -28.09 2.16
CA ILE O 279 -50.53 -27.41 3.19
C ILE O 279 -50.53 -28.23 4.47
N PRO O 280 -49.34 -28.45 5.03
CA PRO O 280 -49.03 -29.23 6.23
C PRO O 280 -49.88 -28.84 7.41
N SER O 281 -50.31 -29.80 8.22
CA SER O 281 -51.10 -29.50 9.41
C SER O 281 -50.26 -29.66 10.68
N ALA O 282 -50.94 -29.87 11.80
CA ALA O 282 -50.23 -29.98 13.08
C ALA O 282 -49.19 -31.08 13.01
N VAL O 283 -47.99 -30.76 13.48
CA VAL O 283 -46.95 -31.77 13.61
C VAL O 283 -46.49 -32.30 12.24
N GLY O 284 -46.91 -31.64 11.18
CA GLY O 284 -46.47 -32.05 9.85
C GLY O 284 -47.40 -33.03 9.14
N TYR O 285 -48.43 -33.49 9.84
CA TYR O 285 -49.37 -34.43 9.26
C TYR O 285 -50.18 -33.84 8.11
N GLN O 286 -50.87 -34.69 7.37
CA GLN O 286 -51.77 -34.24 6.32
C GLN O 286 -52.95 -33.47 6.93
N PRO O 287 -53.45 -32.47 6.20
CA PRO O 287 -54.59 -31.64 6.60
C PRO O 287 -55.81 -32.48 6.87
N THR O 288 -55.84 -33.63 6.23
CA THR O 288 -57.04 -34.44 6.21
C THR O 288 -56.93 -35.68 7.07
N LEU O 289 -56.32 -35.56 8.24
CA LEU O 289 -56.02 -36.76 9.00
C LEU O 289 -57.28 -37.39 9.62
N ALA O 290 -58.24 -36.53 9.94
CA ALA O 290 -59.40 -36.96 10.73
C ALA O 290 -60.45 -37.70 9.88
N THR O 291 -60.56 -37.28 8.63
CA THR O 291 -61.55 -37.80 7.71
C THR O 291 -60.95 -38.91 6.83
N ASP O 292 -59.86 -38.61 6.11
CA ASP O 292 -58.99 -39.66 5.58
C ASP O 292 -59.14 -40.90 6.47
N MET O 293 -58.98 -40.73 7.78
CA MET O 293 -59.16 -41.84 8.71
C MET O 293 -60.65 -42.23 8.83
N GLY O 294 -61.42 -41.45 9.59
CA GLY O 294 -62.85 -41.65 9.72
C GLY O 294 -63.71 -42.22 8.58
N THR O 295 -63.37 -41.92 7.32
CA THR O 295 -64.05 -42.62 6.22
C THR O 295 -63.66 -44.10 6.35
N MET O 296 -62.44 -44.42 5.91
CA MET O 296 -61.85 -45.71 6.15
C MET O 296 -62.32 -46.37 7.48
N GLN O 297 -62.28 -45.63 8.57
CA GLN O 297 -62.50 -46.27 9.85
C GLN O 297 -63.94 -46.71 10.01
N GLU O 298 -64.87 -45.87 9.56
CA GLU O 298 -66.28 -46.09 9.81
C GLU O 298 -66.87 -47.23 8.97
N ARG O 299 -66.07 -47.72 8.01
CA ARG O 299 -66.46 -48.89 7.23
C ARG O 299 -66.25 -50.16 8.03
N ILE O 300 -65.20 -50.16 8.82
CA ILE O 300 -64.96 -51.24 9.77
C ILE O 300 -66.04 -51.13 10.80
N THR O 301 -67.14 -51.85 10.64
CA THR O 301 -68.19 -51.83 11.65
C THR O 301 -69.16 -53.00 11.56
N THR O 302 -69.82 -53.27 12.68
CA THR O 302 -70.87 -54.27 12.71
C THR O 302 -72.19 -53.61 12.36
N THR O 303 -72.86 -54.12 11.32
CA THR O 303 -74.18 -53.60 10.94
C THR O 303 -75.28 -54.61 11.26
N LYS O 304 -76.50 -54.25 10.89
CA LYS O 304 -77.65 -55.13 11.09
C LYS O 304 -77.41 -56.43 10.35
N LYS O 305 -76.94 -56.31 9.11
CA LYS O 305 -76.70 -57.46 8.23
C LYS O 305 -75.65 -58.41 8.81
N GLY O 306 -74.38 -58.13 8.56
CA GLY O 306 -73.29 -58.92 9.11
C GLY O 306 -72.74 -58.39 10.44
N SER O 307 -71.52 -58.82 10.79
CA SER O 307 -70.96 -58.51 12.10
C SER O 307 -69.43 -58.66 12.15
N ILE O 308 -68.76 -57.53 12.25
CA ILE O 308 -67.31 -57.54 12.33
C ILE O 308 -66.80 -57.18 13.74
N THR O 309 -66.13 -58.14 14.35
CA THR O 309 -65.32 -57.86 15.51
C THR O 309 -63.92 -57.45 15.01
N SER O 310 -63.59 -56.17 15.16
CA SER O 310 -62.30 -55.64 14.70
C SER O 310 -61.29 -55.50 15.85
N VAL O 311 -60.01 -55.79 15.56
CA VAL O 311 -58.89 -55.62 16.49
C VAL O 311 -57.71 -54.96 15.78
N GLN O 312 -57.54 -53.66 16.00
CA GLN O 312 -56.46 -52.92 15.34
C GLN O 312 -55.33 -52.51 16.26
N ALA O 313 -54.12 -52.93 15.90
CA ALA O 313 -52.93 -52.50 16.58
C ALA O 313 -52.56 -51.12 16.07
N ILE O 314 -52.32 -50.22 17.02
CA ILE O 314 -52.07 -48.83 16.73
C ILE O 314 -50.72 -48.42 17.29
N TYR O 315 -49.80 -48.07 16.40
CA TYR O 315 -48.46 -47.65 16.83
C TYR O 315 -48.51 -46.22 17.32
N VAL O 316 -47.67 -45.88 18.29
CA VAL O 316 -47.66 -44.54 18.88
C VAL O 316 -46.28 -43.93 18.77
N PRO O 317 -46.12 -42.94 17.89
CA PRO O 317 -44.77 -42.45 17.60
C PRO O 317 -44.12 -41.77 18.83
N ALA O 318 -42.89 -42.14 19.10
CA ALA O 318 -42.15 -41.54 20.19
C ALA O 318 -42.95 -41.63 21.47
N ASP O 319 -43.80 -42.63 21.53
CA ASP O 319 -44.58 -42.87 22.74
C ASP O 319 -45.52 -41.73 23.04
N ASP O 320 -45.77 -40.88 22.06
CA ASP O 320 -46.60 -39.70 22.29
C ASP O 320 -48.08 -39.98 22.07
N LEU O 321 -48.78 -40.26 23.15
CA LEU O 321 -50.17 -40.63 23.02
C LEU O 321 -51.02 -39.47 22.51
N THR O 322 -50.39 -38.32 22.33
CA THR O 322 -51.13 -37.16 21.87
C THR O 322 -50.83 -36.89 20.41
N ASP O 323 -49.85 -37.57 19.87
CA ASP O 323 -49.57 -37.39 18.46
C ASP O 323 -50.92 -37.62 17.78
N PRO O 324 -51.30 -36.69 16.88
CA PRO O 324 -52.54 -36.74 16.09
C PRO O 324 -52.95 -38.17 15.75
N ALA O 325 -52.07 -38.94 15.13
CA ALA O 325 -52.38 -40.32 14.74
C ALA O 325 -53.05 -41.13 15.86
N PRO O 326 -52.31 -41.48 16.92
CA PRO O 326 -52.99 -42.24 17.96
C PRO O 326 -54.14 -41.42 18.48
N ALA O 327 -53.85 -40.14 18.72
CA ALA O 327 -54.82 -39.22 19.32
C ALA O 327 -56.22 -39.24 18.71
N THR O 328 -56.29 -39.14 17.39
CA THR O 328 -57.55 -39.13 16.67
C THR O 328 -58.29 -40.46 16.73
N THR O 329 -57.53 -41.53 16.47
CA THR O 329 -58.01 -42.91 16.44
C THR O 329 -58.86 -43.35 17.64
N PHE O 330 -58.65 -42.76 18.81
CA PHE O 330 -59.33 -43.18 20.05
C PHE O 330 -60.81 -43.06 19.91
N ALA O 331 -61.21 -42.00 19.23
CA ALA O 331 -62.61 -41.74 18.90
C ALA O 331 -63.33 -42.99 18.41
N HIS O 332 -62.61 -43.83 17.66
CA HIS O 332 -63.23 -44.87 16.87
C HIS O 332 -63.35 -46.20 17.54
N LEU O 333 -63.11 -46.31 18.82
CA LEU O 333 -63.03 -47.63 19.42
C LEU O 333 -64.07 -47.80 20.49
N ASP O 334 -64.35 -49.06 20.83
CA ASP O 334 -65.38 -49.36 21.81
C ASP O 334 -64.68 -49.91 23.03
N ALA O 335 -63.53 -50.51 22.79
CA ALA O 335 -62.67 -50.97 23.86
C ALA O 335 -61.25 -50.64 23.43
N THR O 336 -60.47 -50.09 24.36
CA THR O 336 -59.06 -49.83 24.08
C THR O 336 -58.12 -50.47 25.09
N THR O 337 -57.00 -50.97 24.58
CA THR O 337 -55.95 -51.44 25.45
C THR O 337 -54.67 -50.66 25.14
N VAL O 338 -54.16 -49.96 26.16
CA VAL O 338 -53.01 -49.10 26.01
C VAL O 338 -51.81 -49.69 26.73
N LEU O 339 -50.70 -49.79 25.99
CA LEU O 339 -49.49 -50.43 26.49
C LEU O 339 -48.42 -49.39 26.79
N SER O 340 -47.84 -49.46 27.98
CA SER O 340 -46.83 -48.48 28.36
C SER O 340 -45.46 -49.09 28.42
N ARG O 341 -44.48 -48.40 27.86
CA ARG O 341 -43.10 -48.87 27.99
C ARG O 341 -42.80 -48.99 29.49
N ALA O 342 -43.24 -47.98 30.23
CA ALA O 342 -43.00 -47.92 31.67
C ALA O 342 -43.28 -49.25 32.37
N ILE O 343 -44.42 -49.83 32.05
CA ILE O 343 -44.84 -51.08 32.65
C ILE O 343 -43.99 -52.21 32.09
N ALA O 344 -43.96 -52.36 30.77
CA ALA O 344 -43.16 -53.42 30.17
C ALA O 344 -41.74 -53.47 30.72
N GLU O 345 -41.15 -52.29 30.95
CA GLU O 345 -39.78 -52.22 31.50
C GLU O 345 -39.71 -52.77 32.95
N LEU O 346 -40.84 -52.98 33.58
CA LEU O 346 -40.86 -53.62 34.87
C LEU O 346 -41.25 -55.06 34.69
N GLY O 347 -41.07 -55.57 33.48
CA GLY O 347 -41.38 -56.96 33.20
C GLY O 347 -42.83 -57.34 33.46
N ILE O 348 -43.71 -56.35 33.62
CA ILE O 348 -45.15 -56.61 33.72
C ILE O 348 -45.79 -56.76 32.35
N TYR O 349 -45.77 -57.98 31.81
CA TYR O 349 -46.47 -58.29 30.57
C TYR O 349 -47.79 -59.02 30.86
N PRO O 350 -48.84 -58.77 30.03
CA PRO O 350 -48.84 -57.85 28.90
C PRO O 350 -48.83 -56.44 29.46
N ALA O 351 -48.12 -55.53 28.81
CA ALA O 351 -47.88 -54.21 29.37
C ALA O 351 -49.09 -53.28 29.47
N VAL O 352 -50.19 -53.73 30.04
CA VAL O 352 -51.41 -52.93 29.95
C VAL O 352 -51.52 -51.87 31.03
N ASP O 353 -51.78 -50.63 30.64
CA ASP O 353 -52.01 -49.54 31.59
C ASP O 353 -53.42 -49.68 32.14
N PRO O 354 -53.55 -50.06 33.42
CA PRO O 354 -54.87 -50.36 33.97
C PRO O 354 -55.70 -49.12 34.14
N LEU O 355 -55.06 -47.96 34.16
CA LEU O 355 -55.80 -46.73 34.35
C LEU O 355 -55.86 -45.95 33.07
N ASP O 356 -55.69 -46.62 31.94
CA ASP O 356 -55.74 -45.90 30.68
C ASP O 356 -56.40 -46.73 29.60
N SER O 357 -56.60 -48.00 29.90
CA SER O 357 -57.36 -48.85 29.01
C SER O 357 -58.79 -48.80 29.48
N THR O 358 -59.71 -48.66 28.53
CA THR O 358 -61.14 -48.50 28.81
C THR O 358 -62.04 -49.31 27.87
N SER O 359 -63.25 -49.65 28.31
CA SER O 359 -64.28 -50.18 27.40
C SER O 359 -65.65 -49.54 27.61
N ARG O 360 -66.32 -49.26 26.50
CA ARG O 360 -67.68 -48.70 26.56
C ARG O 360 -68.72 -49.73 27.00
N ILE O 361 -68.31 -50.75 27.75
CA ILE O 361 -69.26 -51.72 28.30
C ILE O 361 -68.89 -52.12 29.71
N MET O 362 -67.90 -51.42 30.27
CA MET O 362 -67.67 -51.58 31.69
C MET O 362 -68.84 -50.84 32.37
N ASP O 363 -69.86 -51.61 32.71
CA ASP O 363 -71.18 -51.11 33.06
C ASP O 363 -71.95 -52.25 33.73
N PRO O 364 -72.43 -52.03 34.97
CA PRO O 364 -72.95 -53.14 35.78
C PRO O 364 -74.10 -53.81 35.05
N ASN O 365 -74.93 -53.01 34.40
CA ASN O 365 -76.07 -53.49 33.63
C ASN O 365 -75.65 -54.42 32.50
N ILE O 366 -74.38 -54.34 32.10
CA ILE O 366 -73.87 -55.20 31.04
C ILE O 366 -72.93 -56.30 31.53
N VAL O 367 -72.19 -56.04 32.61
CA VAL O 367 -71.20 -57.00 33.06
C VAL O 367 -71.53 -57.55 34.44
N GLY O 368 -72.56 -57.00 35.05
CA GLY O 368 -73.05 -57.50 36.32
C GLY O 368 -72.23 -56.96 37.47
N SER O 369 -72.85 -56.11 38.27
CA SER O 369 -72.15 -55.34 39.30
C SER O 369 -71.40 -56.16 40.37
N GLU O 370 -70.92 -57.36 40.03
CA GLU O 370 -69.85 -57.96 40.82
C GLU O 370 -68.58 -57.67 40.05
N HIS O 371 -68.65 -57.87 38.74
CA HIS O 371 -67.59 -57.52 37.81
C HIS O 371 -67.30 -56.04 37.95
N TYR O 372 -68.32 -55.20 37.74
CA TYR O 372 -68.10 -53.77 37.79
C TYR O 372 -67.52 -53.33 39.12
N ASP O 373 -67.79 -54.09 40.17
CA ASP O 373 -67.37 -53.66 41.51
C ASP O 373 -65.94 -54.06 41.83
N VAL O 374 -65.52 -55.25 41.39
CA VAL O 374 -64.15 -55.71 41.57
C VAL O 374 -63.23 -54.91 40.67
N ALA O 375 -63.68 -54.67 39.44
CA ALA O 375 -62.97 -53.78 38.55
C ALA O 375 -62.65 -52.45 39.25
N ARG O 376 -63.65 -51.58 39.37
CA ARG O 376 -63.40 -50.25 39.93
C ARG O 376 -62.74 -50.27 41.30
N GLY O 377 -62.75 -51.43 41.94
CA GLY O 377 -62.06 -51.60 43.20
C GLY O 377 -60.55 -51.74 43.01
N VAL O 378 -60.17 -52.59 42.05
CA VAL O 378 -58.80 -52.63 41.58
C VAL O 378 -58.41 -51.26 41.06
N GLN O 379 -59.13 -50.79 40.05
CA GLN O 379 -58.84 -49.49 39.46
C GLN O 379 -58.69 -48.39 40.51
N LYS O 380 -59.23 -48.62 41.70
CA LYS O 380 -59.13 -47.61 42.73
C LYS O 380 -57.82 -47.72 43.53
N ILE O 381 -57.62 -48.87 44.17
CA ILE O 381 -56.40 -49.12 44.90
C ILE O 381 -55.18 -48.80 44.03
N LEU O 382 -55.19 -49.24 42.77
CA LEU O 382 -54.12 -48.88 41.86
C LEU O 382 -53.90 -47.39 41.82
N GLN O 383 -54.93 -46.63 41.45
CA GLN O 383 -54.85 -45.16 41.38
C GLN O 383 -54.69 -44.43 42.73
N ASP O 384 -54.70 -45.20 43.81
CA ASP O 384 -54.41 -44.65 45.12
C ASP O 384 -52.93 -44.85 45.34
N TYR O 385 -52.46 -46.04 44.98
CA TYR O 385 -51.03 -46.32 44.98
C TYR O 385 -50.35 -45.23 44.17
N LYS O 386 -50.82 -45.02 42.94
CA LYS O 386 -50.20 -44.11 41.98
C LYS O 386 -50.06 -42.70 42.52
N SER O 387 -50.92 -42.31 43.46
CA SER O 387 -50.84 -40.98 44.06
C SER O 387 -49.69 -40.87 45.08
N LEU O 388 -49.52 -41.90 45.90
CA LEU O 388 -48.39 -41.99 46.81
C LEU O 388 -47.05 -42.08 46.04
N GLN O 389 -47.13 -42.43 44.76
CA GLN O 389 -45.96 -42.71 43.93
C GLN O 389 -44.86 -41.68 44.11
N ASP O 390 -45.23 -40.46 44.46
CA ASP O 390 -44.29 -39.35 44.54
C ASP O 390 -43.54 -39.23 45.87
N ILE O 391 -44.27 -39.40 46.95
CA ILE O 391 -43.71 -39.35 48.30
C ILE O 391 -42.82 -40.57 48.58
N ILE O 392 -43.16 -41.68 47.94
CA ILE O 392 -42.40 -42.93 48.11
C ILE O 392 -41.06 -42.80 47.41
N ALA O 393 -40.99 -41.87 46.45
CA ALA O 393 -39.81 -41.71 45.62
C ALA O 393 -38.81 -40.75 46.23
N ILE O 394 -39.31 -39.83 47.04
CA ILE O 394 -38.44 -38.84 47.67
C ILE O 394 -38.07 -39.12 49.12
N LEU O 395 -39.02 -39.61 49.92
CA LEU O 395 -38.81 -39.84 51.35
C LEU O 395 -38.67 -41.31 51.73
N GLY O 396 -39.30 -42.18 50.96
CA GLY O 396 -39.11 -43.59 51.17
C GLY O 396 -40.34 -44.20 51.76
N MET O 397 -40.39 -45.52 51.75
CA MET O 397 -41.57 -46.26 52.15
C MET O 397 -41.96 -45.96 53.57
N ASP O 398 -40.96 -45.79 54.41
CA ASP O 398 -41.16 -45.64 55.84
C ASP O 398 -42.02 -44.46 56.23
N GLU O 399 -41.89 -43.34 55.54
CA GLU O 399 -42.68 -42.16 55.88
C GLU O 399 -44.15 -42.36 55.55
N LEU O 400 -44.46 -43.51 54.95
CA LEU O 400 -45.85 -43.85 54.64
C LEU O 400 -46.65 -44.24 55.90
N SER O 401 -47.79 -43.58 56.09
CA SER O 401 -48.72 -43.94 57.16
C SER O 401 -49.01 -45.43 57.13
N GLU O 402 -49.50 -45.96 58.24
CA GLU O 402 -49.71 -47.39 58.36
C GLU O 402 -50.78 -47.86 57.37
N GLU O 403 -51.88 -47.13 57.35
CA GLU O 403 -52.93 -47.47 56.43
C GLU O 403 -52.32 -47.56 55.04
N ASP O 404 -51.52 -46.54 54.70
CA ASP O 404 -50.97 -46.39 53.36
C ASP O 404 -49.95 -47.45 52.99
N LYS O 405 -49.09 -47.82 53.94
CA LYS O 405 -48.21 -48.94 53.66
C LYS O 405 -49.13 -50.02 53.10
N LEU O 406 -50.17 -50.31 53.89
CA LEU O 406 -51.09 -51.39 53.57
C LEU O 406 -51.67 -51.31 52.16
N THR O 407 -52.09 -50.13 51.73
CA THR O 407 -52.68 -49.98 50.38
C THR O 407 -51.68 -50.17 49.25
N VAL O 408 -50.46 -49.69 49.44
CA VAL O 408 -49.38 -49.95 48.50
C VAL O 408 -49.13 -51.42 48.34
N SER O 409 -48.83 -52.08 49.46
CA SER O 409 -48.38 -53.48 49.45
C SER O 409 -49.38 -54.43 48.80
N ARG O 410 -50.63 -53.99 48.74
CA ARG O 410 -51.68 -54.79 48.16
C ARG O 410 -51.89 -54.40 46.71
N ALA O 411 -51.84 -53.09 46.47
CA ALA O 411 -51.89 -52.58 45.10
C ALA O 411 -50.86 -53.32 44.28
N ARG O 412 -49.69 -53.51 44.88
CA ARG O 412 -48.57 -54.13 44.20
C ARG O 412 -48.91 -55.55 43.82
N LYS O 413 -49.42 -56.29 44.81
CA LYS O 413 -49.83 -57.67 44.59
C LYS O 413 -50.79 -57.71 43.41
N ILE O 414 -51.58 -56.66 43.26
CA ILE O 414 -52.54 -56.54 42.16
C ILE O 414 -51.84 -56.22 40.86
N GLN O 415 -50.93 -55.26 40.94
CA GLN O 415 -50.23 -54.78 39.77
C GLN O 415 -49.61 -55.96 39.05
N ARG O 416 -49.30 -57.00 39.82
CA ARG O 416 -48.54 -58.16 39.35
C ARG O 416 -49.44 -59.32 38.95
N PHE O 417 -50.64 -59.34 39.51
CA PHE O 417 -51.57 -60.40 39.16
C PHE O 417 -52.01 -60.14 37.75
N LEU O 418 -52.09 -58.87 37.37
CA LEU O 418 -52.62 -58.48 36.08
C LEU O 418 -51.81 -59.07 34.94
N SER O 419 -50.62 -59.58 35.28
CA SER O 419 -49.69 -60.22 34.32
C SER O 419 -50.01 -61.68 34.03
N GLN O 420 -49.54 -62.18 32.91
CA GLN O 420 -50.02 -63.47 32.43
C GLN O 420 -49.10 -64.13 31.39
N PRO O 421 -48.71 -65.37 31.64
CA PRO O 421 -47.89 -66.00 30.61
C PRO O 421 -48.71 -66.20 29.37
N PHE O 422 -48.42 -65.48 28.29
CA PHE O 422 -49.11 -65.80 27.06
C PHE O 422 -48.45 -67.00 26.45
N GLN O 423 -49.27 -67.87 25.87
CA GLN O 423 -48.80 -69.02 25.11
C GLN O 423 -48.08 -68.57 23.85
N VAL O 424 -48.45 -67.41 23.35
CA VAL O 424 -47.90 -66.94 22.10
C VAL O 424 -46.50 -66.36 22.31
N ALA O 425 -46.13 -66.23 23.57
CA ALA O 425 -44.82 -65.71 23.91
C ALA O 425 -44.22 -66.58 24.99
N GLU O 426 -44.08 -67.86 24.70
CA GLU O 426 -43.45 -68.75 25.66
C GLU O 426 -41.94 -68.50 25.67
N VAL O 427 -41.36 -68.41 24.48
CA VAL O 427 -39.92 -68.14 24.36
C VAL O 427 -39.43 -67.20 25.46
N PHE O 428 -40.22 -66.17 25.72
CA PHE O 428 -39.77 -65.03 26.53
C PHE O 428 -40.10 -65.17 28.02
N THR O 429 -41.20 -65.86 28.34
CA THR O 429 -41.55 -66.07 29.74
C THR O 429 -40.81 -67.30 30.28
N GLY O 430 -40.70 -68.32 29.43
CA GLY O 430 -40.22 -69.62 29.82
C GLY O 430 -41.42 -70.45 30.20
N HIS O 431 -42.35 -69.77 30.88
CA HIS O 431 -43.61 -70.36 31.31
C HIS O 431 -44.58 -70.60 30.14
N LEU O 432 -45.37 -71.67 30.29
CA LEU O 432 -46.40 -72.01 29.31
C LEU O 432 -47.68 -71.17 29.49
N GLY O 433 -48.38 -70.98 28.37
CA GLY O 433 -49.56 -70.14 28.28
C GLY O 433 -50.69 -70.43 29.26
N LYS O 434 -51.34 -69.37 29.67
CA LYS O 434 -52.50 -69.48 30.53
C LYS O 434 -53.70 -68.82 29.88
N LEU O 435 -54.86 -69.32 30.26
CA LEU O 435 -56.13 -68.73 29.87
C LEU O 435 -56.97 -68.71 31.12
N VAL O 436 -57.17 -67.54 31.72
CA VAL O 436 -58.09 -67.48 32.84
C VAL O 436 -59.48 -66.98 32.44
N PRO O 437 -60.51 -67.73 32.84
CA PRO O 437 -61.89 -67.46 32.45
C PRO O 437 -62.43 -66.33 33.32
N LEU O 438 -63.39 -65.59 32.78
CA LEU O 438 -63.81 -64.38 33.45
C LEU O 438 -64.17 -64.61 34.92
N LYS O 439 -64.79 -65.74 35.21
CA LYS O 439 -65.34 -65.99 36.55
C LYS O 439 -64.24 -66.28 37.58
N GLU O 440 -63.05 -66.60 37.09
CA GLU O 440 -61.90 -66.82 37.96
C GLU O 440 -61.00 -65.57 38.05
N THR O 441 -61.04 -64.73 37.02
CA THR O 441 -60.34 -63.45 37.06
C THR O 441 -60.97 -62.58 38.11
N ILE O 442 -62.30 -62.61 38.17
CA ILE O 442 -63.01 -61.78 39.12
C ILE O 442 -62.62 -62.28 40.50
N LYS O 443 -62.72 -63.59 40.62
CA LYS O 443 -62.51 -64.26 41.90
C LYS O 443 -61.20 -63.79 42.47
N GLY O 444 -60.14 -63.99 41.70
CA GLY O 444 -58.79 -63.71 42.15
C GLY O 444 -58.71 -62.37 42.85
N PHE O 445 -59.09 -61.31 42.12
CA PHE O 445 -58.94 -59.96 42.63
C PHE O 445 -59.87 -59.71 43.80
N GLN O 446 -61.14 -60.12 43.67
CA GLN O 446 -62.09 -59.93 44.76
C GLN O 446 -61.36 -60.27 46.04
N GLN O 447 -60.60 -61.37 45.99
CA GLN O 447 -59.89 -61.92 47.13
C GLN O 447 -58.68 -61.07 47.53
N ILE O 448 -57.85 -60.78 46.55
CA ILE O 448 -56.63 -60.02 46.78
C ILE O 448 -56.99 -58.74 47.54
N LEU O 449 -58.08 -58.14 47.10
CA LEU O 449 -58.61 -56.90 47.66
C LEU O 449 -59.21 -57.16 49.05
N ALA O 450 -59.57 -58.41 49.31
CA ALA O 450 -60.15 -58.78 50.59
C ALA O 450 -59.08 -58.89 51.67
N GLY O 451 -57.83 -59.00 51.22
CA GLY O 451 -56.72 -59.18 52.13
C GLY O 451 -56.55 -60.65 52.46
N GLU O 452 -57.31 -61.48 51.76
CA GLU O 452 -57.22 -62.92 51.97
C GLU O 452 -55.79 -63.39 51.72
N TYR O 453 -54.97 -62.52 51.13
CA TYR O 453 -53.63 -62.90 50.73
C TYR O 453 -52.56 -61.94 51.21
N ASP O 454 -52.95 -60.98 52.03
CA ASP O 454 -52.00 -60.06 52.62
C ASP O 454 -50.73 -60.74 53.22
N HIS O 455 -50.89 -61.95 53.73
CA HIS O 455 -49.77 -62.65 54.36
C HIS O 455 -48.76 -63.13 53.33
N LEU O 456 -49.22 -63.33 52.09
CA LEU O 456 -48.41 -63.79 50.94
C LEU O 456 -47.30 -62.84 50.47
N PRO O 457 -46.49 -63.32 49.50
CA PRO O 457 -45.36 -62.52 49.02
C PRO O 457 -45.54 -62.06 47.57
N GLU O 458 -45.33 -60.77 47.33
CA GLU O 458 -45.52 -60.14 46.03
C GLU O 458 -45.25 -61.04 44.85
N GLN O 459 -44.03 -61.54 44.77
CA GLN O 459 -43.59 -62.25 43.60
C GLN O 459 -44.46 -63.48 43.32
N ALA O 460 -45.29 -63.83 44.29
CA ALA O 460 -46.17 -64.99 44.17
C ALA O 460 -47.22 -64.79 43.09
N PHE O 461 -47.68 -63.54 42.95
CA PHE O 461 -48.75 -63.23 42.01
C PHE O 461 -48.23 -62.85 40.62
N TYR O 462 -46.93 -62.57 40.54
CA TYR O 462 -46.33 -62.16 39.28
C TYR O 462 -46.25 -63.31 38.30
N MET O 463 -46.89 -63.14 37.15
CA MET O 463 -46.81 -64.13 36.09
C MET O 463 -47.30 -65.56 36.43
N VAL O 464 -48.57 -65.63 36.85
CA VAL O 464 -49.29 -66.88 37.09
C VAL O 464 -50.49 -66.83 36.18
N GLY O 465 -51.60 -67.42 36.60
CA GLY O 465 -52.82 -67.33 35.84
C GLY O 465 -53.98 -67.27 36.81
N PRO O 466 -54.66 -68.41 36.99
CA PRO O 466 -55.71 -68.61 38.00
C PRO O 466 -55.20 -68.26 39.37
N ILE O 467 -56.02 -67.57 40.15
CA ILE O 467 -55.63 -67.09 41.49
C ILE O 467 -54.86 -68.12 42.33
N GLU O 468 -55.06 -69.41 42.05
CA GLU O 468 -54.43 -70.47 42.84
C GLU O 468 -52.92 -70.70 42.60
N GLU O 469 -52.52 -70.70 41.33
CA GLU O 469 -51.11 -70.88 40.96
C GLU O 469 -50.24 -69.91 41.74
N ALA O 470 -50.88 -68.84 42.20
CA ALA O 470 -50.25 -67.85 43.05
C ALA O 470 -50.04 -68.38 44.46
N VAL O 471 -51.01 -69.13 44.99
CA VAL O 471 -50.88 -69.69 46.33
C VAL O 471 -49.87 -70.82 46.35
N ALA O 472 -49.89 -71.63 45.29
CA ALA O 472 -48.83 -72.59 45.00
C ALA O 472 -47.44 -71.93 45.00
N LYS O 473 -47.26 -70.98 44.08
CA LYS O 473 -46.00 -70.26 43.90
C LYS O 473 -45.53 -69.62 45.21
N ALA O 474 -46.45 -69.33 46.11
CA ALA O 474 -46.07 -68.70 47.36
C ALA O 474 -45.56 -69.77 48.29
N ASP O 475 -45.88 -71.01 47.96
CA ASP O 475 -45.38 -72.16 48.69
C ASP O 475 -44.00 -72.55 48.19
N LYS O 476 -43.88 -72.88 46.90
CA LYS O 476 -42.60 -73.29 46.36
C LYS O 476 -41.56 -72.22 46.62
N LEU O 477 -42.01 -70.99 46.88
CA LEU O 477 -41.15 -69.94 47.43
C LEU O 477 -41.13 -70.04 48.95
N ALA O 478 -41.07 -71.29 49.44
CA ALA O 478 -40.91 -71.62 50.85
C ALA O 478 -40.34 -73.04 50.99
N ALA P 1 -46.56 -31.51 30.27
CA ALA P 1 -45.18 -31.06 30.44
C ALA P 1 -45.00 -29.65 29.89
N THR P 2 -45.32 -28.64 30.69
CA THR P 2 -44.99 -27.27 30.28
C THR P 2 -43.64 -26.86 30.80
N LEU P 3 -42.90 -26.09 30.02
CA LEU P 3 -41.67 -25.54 30.56
C LEU P 3 -41.95 -24.99 31.93
N LYS P 4 -42.88 -24.04 32.01
CA LYS P 4 -43.25 -23.44 33.28
C LYS P 4 -43.33 -24.46 34.42
N ASP P 5 -43.92 -25.64 34.17
CA ASP P 5 -44.16 -26.61 35.24
C ASP P 5 -42.91 -27.36 35.61
N ILE P 6 -42.30 -28.00 34.63
CA ILE P 6 -41.00 -28.57 34.84
C ILE P 6 -40.21 -27.60 35.70
N THR P 7 -40.17 -26.32 35.34
CA THR P 7 -39.35 -25.39 36.12
C THR P 7 -39.81 -25.31 37.54
N ARG P 8 -41.13 -25.23 37.74
CA ARG P 8 -41.69 -25.24 39.09
C ARG P 8 -41.21 -26.47 39.86
N ARG P 9 -41.66 -27.65 39.44
CA ARG P 9 -41.25 -28.88 40.12
C ARG P 9 -39.74 -28.95 40.33
N LEU P 10 -38.97 -28.50 39.36
CA LEU P 10 -37.53 -28.52 39.50
C LEU P 10 -37.14 -27.78 40.75
N LYS P 11 -37.56 -26.53 40.87
CA LYS P 11 -37.19 -25.70 42.03
C LYS P 11 -37.62 -26.36 43.34
N SER P 12 -38.84 -26.85 43.40
CA SER P 12 -39.31 -27.60 44.57
C SER P 12 -38.34 -28.70 44.97
N ILE P 13 -38.06 -29.62 44.06
CA ILE P 13 -37.17 -30.72 44.38
C ILE P 13 -35.76 -30.26 44.71
N LYS P 14 -35.25 -29.27 44.00
CA LYS P 14 -33.88 -28.78 44.22
C LYS P 14 -33.70 -28.30 45.65
N ASN P 15 -34.78 -27.92 46.31
CA ASN P 15 -34.71 -27.48 47.69
C ASN P 15 -34.77 -28.67 48.63
N ILE P 16 -35.79 -29.49 48.45
CA ILE P 16 -35.90 -30.73 49.19
C ILE P 16 -34.54 -31.41 49.24
N GLN P 17 -33.77 -31.25 48.18
CA GLN P 17 -32.48 -31.86 48.09
C GLN P 17 -31.49 -31.22 49.04
N LYS P 18 -31.53 -29.89 49.10
CA LYS P 18 -30.62 -29.11 49.91
C LYS P 18 -30.97 -29.24 51.38
N ILE P 19 -32.27 -29.14 51.67
CA ILE P 19 -32.75 -29.29 53.03
C ILE P 19 -32.39 -30.66 53.58
N THR P 20 -32.54 -31.66 52.75
CA THR P 20 -32.20 -33.01 53.13
C THR P 20 -30.70 -33.15 53.34
N LYS P 21 -29.91 -32.80 52.33
CA LYS P 21 -28.46 -32.90 52.50
C LYS P 21 -28.01 -32.17 53.74
N SER P 22 -28.67 -31.07 54.04
CA SER P 22 -28.27 -30.25 55.20
C SER P 22 -28.60 -30.99 56.48
N MET P 23 -29.87 -31.33 56.61
CA MET P 23 -30.40 -32.06 57.74
C MET P 23 -29.66 -33.37 57.95
N LYS P 24 -29.13 -33.96 56.89
CA LYS P 24 -28.37 -35.19 57.01
C LYS P 24 -27.16 -34.93 57.85
N MET P 25 -26.52 -33.80 57.59
CA MET P 25 -25.25 -33.52 58.23
C MET P 25 -25.41 -32.93 59.62
N VAL P 26 -26.63 -32.51 59.95
CA VAL P 26 -26.98 -32.25 61.34
C VAL P 26 -27.02 -33.58 62.09
N ALA P 27 -27.99 -34.42 61.76
CA ALA P 27 -28.05 -35.75 62.35
C ALA P 27 -26.66 -36.39 62.36
N ALA P 28 -25.87 -36.16 61.33
CA ALA P 28 -24.55 -36.81 61.25
C ALA P 28 -23.68 -36.53 62.47
N ALA P 29 -23.47 -35.27 62.78
CA ALA P 29 -22.71 -34.93 63.97
C ALA P 29 -23.50 -35.33 65.20
N LYS P 30 -24.77 -34.98 65.26
CA LYS P 30 -25.59 -35.40 66.39
C LYS P 30 -25.39 -36.88 66.75
N TYR P 31 -25.28 -37.72 65.72
CA TYR P 31 -25.07 -39.12 65.97
C TYR P 31 -23.65 -39.36 66.47
N ALA P 32 -22.68 -38.65 65.89
CA ALA P 32 -21.27 -38.92 66.19
C ALA P 32 -20.88 -38.58 67.64
N ARG P 33 -21.74 -37.83 68.31
CA ARG P 33 -21.54 -37.56 69.73
C ARG P 33 -22.34 -38.57 70.53
N ALA P 34 -23.63 -38.73 70.22
CA ALA P 34 -24.45 -39.69 70.94
C ALA P 34 -23.86 -41.11 70.91
N GLU P 35 -22.79 -41.26 70.13
CA GLU P 35 -22.06 -42.53 70.10
C GLU P 35 -20.86 -42.47 71.04
N ARG P 36 -20.08 -41.39 70.98
CA ARG P 36 -19.03 -41.17 71.98
C ARG P 36 -19.63 -41.23 73.41
N GLU P 37 -20.66 -40.44 73.66
CA GLU P 37 -21.36 -40.51 74.94
C GLU P 37 -22.02 -41.88 75.16
N LEU P 38 -21.81 -42.84 74.26
CA LEU P 38 -22.40 -44.17 74.43
C LEU P 38 -21.42 -45.20 74.91
N LYS P 39 -20.18 -45.11 74.42
CA LYS P 39 -19.12 -46.04 74.80
C LYS P 39 -19.17 -46.34 76.31
N PRO P 40 -19.05 -45.30 77.15
CA PRO P 40 -19.42 -45.45 78.56
C PRO P 40 -20.81 -46.03 78.71
N ALA P 41 -21.84 -45.21 78.57
CA ALA P 41 -23.23 -45.59 78.88
C ALA P 41 -23.64 -47.03 78.54
N ARG P 42 -22.83 -47.71 77.74
CA ARG P 42 -23.02 -49.14 77.47
C ARG P 42 -22.37 -49.97 78.58
N VAL P 43 -21.04 -49.99 78.62
CA VAL P 43 -20.30 -50.69 79.67
C VAL P 43 -21.13 -50.65 80.92
N TYR P 44 -21.42 -49.44 81.38
CA TYR P 44 -22.35 -49.21 82.48
C TYR P 44 -23.69 -49.95 82.30
N GLY P 45 -24.56 -49.42 81.45
CA GLY P 45 -25.88 -49.98 81.28
C GLY P 45 -25.89 -51.49 81.21
N VAL P 46 -24.86 -52.06 80.60
CA VAL P 46 -24.72 -53.51 80.45
C VAL P 46 -24.59 -54.21 81.80
N GLY P 47 -23.59 -53.80 82.58
CA GLY P 47 -23.35 -54.37 83.90
C GLY P 47 -24.58 -54.32 84.79
N SER P 48 -25.45 -53.35 84.55
CA SER P 48 -26.72 -53.27 85.26
C SER P 48 -27.53 -54.53 85.01
N LEU P 49 -27.13 -55.28 84.00
CA LEU P 49 -27.80 -56.50 83.61
C LEU P 49 -27.01 -57.73 84.07
N ALA P 50 -25.72 -57.54 84.34
CA ALA P 50 -24.87 -58.63 84.80
C ALA P 50 -25.61 -59.52 85.78
N LEU P 51 -26.37 -58.90 86.69
CA LEU P 51 -27.22 -59.62 87.62
C LEU P 51 -28.28 -60.41 86.88
N TYR P 52 -29.45 -59.82 86.72
CA TYR P 52 -30.58 -60.47 86.04
C TYR P 52 -30.16 -61.60 85.08
N GLU P 53 -29.17 -61.31 84.23
CA GLU P 53 -28.71 -62.27 83.22
C GLU P 53 -27.64 -63.23 83.75
N LYS P 54 -27.94 -63.82 84.90
CA LYS P 54 -27.18 -64.91 85.51
C LYS P 54 -28.11 -65.56 86.53
N ALA P 55 -29.38 -65.66 86.13
CA ALA P 55 -30.45 -66.17 86.98
C ALA P 55 -31.78 -65.75 86.38
N ASP P 56 -32.14 -66.37 85.27
CA ASP P 56 -33.40 -66.08 84.59
C ASP P 56 -34.57 -66.08 85.57
N ILE P 57 -35.70 -65.51 85.17
CA ILE P 57 -36.85 -65.45 86.06
C ILE P 57 -38.18 -65.44 85.31
N LYS P 58 -39.01 -66.46 85.54
CA LYS P 58 -40.38 -66.47 85.02
C LYS P 58 -41.29 -65.67 85.94
N THR P 59 -42.59 -65.96 85.88
CA THR P 59 -43.60 -65.26 86.67
C THR P 59 -44.95 -65.97 86.57
N PRO P 60 -45.33 -66.72 87.62
CA PRO P 60 -46.61 -67.42 87.61
C PRO P 60 -47.80 -66.56 87.12
N GLU P 61 -47.80 -65.27 87.46
CA GLU P 61 -48.88 -64.37 87.08
C GLU P 61 -48.92 -64.15 85.57
N GLY P 70 -41.59 -49.22 75.27
CA GLY P 70 -41.52 -48.38 74.08
C GLY P 70 -40.61 -47.16 74.19
N VAL P 71 -39.52 -47.17 73.44
CA VAL P 71 -38.51 -46.11 73.51
C VAL P 71 -38.03 -45.63 72.14
N SER P 72 -38.04 -44.30 71.97
CA SER P 72 -37.62 -43.67 70.70
C SER P 72 -37.40 -42.16 70.83
N SER P 73 -38.37 -41.39 70.32
CA SER P 73 -38.27 -39.93 70.23
C SER P 73 -39.56 -39.27 69.74
N ASP P 74 -39.47 -37.98 69.45
CA ASP P 74 -40.59 -37.18 68.95
C ASP P 74 -40.39 -36.82 67.48
N ARG P 75 -39.15 -36.47 67.14
CA ARG P 75 -38.76 -36.17 65.77
C ARG P 75 -38.79 -37.46 64.92
N GLY P 76 -39.61 -37.47 63.87
CA GLY P 76 -39.71 -38.62 63.00
C GLY P 76 -38.61 -38.63 61.94
N LEU P 77 -38.98 -38.76 60.68
CA LEU P 77 -38.04 -38.57 59.59
C LEU P 77 -36.72 -39.32 59.82
N CYS P 78 -36.82 -40.53 60.34
CA CYS P 78 -35.65 -41.39 60.49
C CYS P 78 -35.98 -42.76 59.95
N GLY P 79 -37.20 -42.87 59.45
CA GLY P 79 -37.63 -44.06 58.74
C GLY P 79 -37.94 -45.25 59.64
N ALA P 80 -37.05 -46.22 59.60
CA ALA P 80 -37.28 -47.53 60.21
C ALA P 80 -37.53 -47.53 61.73
N ILE P 81 -36.87 -46.61 62.45
CA ILE P 81 -36.91 -46.54 63.92
C ILE P 81 -38.26 -46.75 64.59
N HIS P 82 -39.22 -45.88 64.30
CA HIS P 82 -40.48 -45.81 65.06
C HIS P 82 -41.46 -46.92 64.75
N SER P 83 -41.36 -47.52 63.58
CA SER P 83 -42.22 -48.66 63.30
C SER P 83 -41.78 -49.86 64.14
N SER P 84 -40.47 -50.09 64.21
CA SER P 84 -39.91 -51.30 64.83
C SER P 84 -40.18 -51.49 66.34
N VAL P 85 -40.68 -50.45 67.01
CA VAL P 85 -41.18 -50.64 68.38
C VAL P 85 -42.70 -50.72 68.38
N ALA P 86 -43.28 -50.91 67.20
CA ALA P 86 -44.71 -51.19 67.07
C ALA P 86 -44.89 -52.59 66.51
N LYS P 87 -43.88 -53.08 65.80
CA LYS P 87 -43.80 -54.46 65.35
C LYS P 87 -43.39 -55.29 66.55
N GLN P 88 -43.75 -54.80 67.72
CA GLN P 88 -43.38 -55.42 68.98
C GLN P 88 -44.14 -54.71 70.08
N MET P 89 -45.25 -54.08 69.71
CA MET P 89 -46.14 -53.46 70.70
C MET P 89 -47.62 -53.71 70.41
N LYS P 90 -48.04 -53.54 69.16
CA LYS P 90 -49.37 -53.99 68.76
C LYS P 90 -49.30 -55.51 68.55
N SER P 91 -48.08 -55.99 68.38
CA SER P 91 -47.80 -57.42 68.20
C SER P 91 -47.45 -58.07 69.55
N GLU P 92 -47.42 -57.26 70.60
CA GLU P 92 -47.29 -57.78 71.97
C GLU P 92 -48.42 -57.24 72.85
N ALA P 93 -49.41 -56.61 72.21
CA ALA P 93 -50.62 -56.17 72.89
C ALA P 93 -51.73 -57.20 72.66
N ALA P 94 -51.47 -58.13 71.75
CA ALA P 94 -52.39 -59.23 71.45
C ALA P 94 -51.85 -60.57 71.94
N ASN P 95 -50.54 -60.63 72.16
CA ASN P 95 -49.91 -61.82 72.75
C ASN P 95 -50.18 -61.90 74.26
N LEU P 96 -49.97 -60.78 74.94
CA LEU P 96 -50.18 -60.69 76.39
C LEU P 96 -51.66 -60.47 76.73
N LYS P 101 -53.17 -61.52 80.58
CA LYS P 101 -52.86 -60.49 81.56
C LYS P 101 -53.32 -59.13 81.06
N GLU P 102 -52.73 -58.05 81.59
CA GLU P 102 -53.07 -56.70 81.15
C GLU P 102 -52.11 -55.61 81.63
N VAL P 103 -51.05 -55.34 80.86
CA VAL P 103 -50.18 -54.19 81.09
C VAL P 103 -50.77 -52.99 80.35
N LYS P 104 -50.54 -51.79 80.86
CA LYS P 104 -51.04 -50.57 80.21
C LYS P 104 -49.94 -49.82 79.49
N ILE P 105 -50.33 -48.87 78.64
CA ILE P 105 -49.40 -48.16 77.76
C ILE P 105 -48.39 -47.30 78.51
N ILE P 106 -47.14 -47.77 78.60
CA ILE P 106 -46.05 -46.94 79.11
C ILE P 106 -44.81 -46.96 78.23
N GLY P 107 -44.68 -45.88 77.48
CA GLY P 107 -43.56 -45.69 76.58
C GLY P 107 -43.22 -44.22 76.49
N VAL P 108 -41.95 -43.95 76.23
CA VAL P 108 -41.48 -42.60 76.04
C VAL P 108 -41.45 -42.34 74.54
N GLY P 109 -41.62 -41.08 74.15
CA GLY P 109 -41.61 -40.71 72.74
C GLY P 109 -42.97 -40.35 72.21
N ASP P 110 -43.23 -39.06 72.11
CA ASP P 110 -44.50 -38.56 71.64
C ASP P 110 -44.88 -39.25 70.34
N LYS P 111 -43.88 -39.61 69.56
CA LYS P 111 -44.12 -40.25 68.26
C LYS P 111 -44.80 -41.61 68.44
N ILE P 112 -44.96 -42.03 69.68
CA ILE P 112 -45.74 -43.24 69.94
C ILE P 112 -47.19 -42.85 70.18
N ARG P 113 -47.41 -41.67 70.76
CA ARG P 113 -48.75 -41.12 70.89
C ARG P 113 -49.37 -41.01 69.51
N SER P 114 -48.55 -40.67 68.52
CA SER P 114 -49.02 -40.55 67.13
C SER P 114 -49.32 -41.92 66.50
N ILE P 115 -48.34 -42.81 66.48
CA ILE P 115 -48.50 -44.10 65.82
C ILE P 115 -49.15 -45.14 66.75
N LEU P 116 -49.76 -44.65 67.83
CA LEU P 116 -50.48 -45.52 68.75
C LEU P 116 -51.47 -44.74 69.62
N HIS P 117 -52.53 -44.23 68.98
CA HIS P 117 -53.60 -43.49 69.67
C HIS P 117 -54.93 -43.65 68.91
N ARG P 118 -54.84 -43.89 67.61
CA ARG P 118 -56.03 -44.19 66.81
C ARG P 118 -56.37 -45.67 66.88
N THR P 119 -55.45 -46.46 67.43
CA THR P 119 -55.59 -47.92 67.45
C THR P 119 -55.52 -48.53 68.86
N HIS P 120 -54.83 -47.85 69.79
CA HIS P 120 -54.79 -48.27 71.19
C HIS P 120 -54.91 -47.05 72.10
N SER P 121 -56.06 -46.39 72.05
CA SER P 121 -56.25 -45.09 72.72
C SER P 121 -56.65 -45.20 74.20
N ASP P 122 -56.93 -46.42 74.66
CA ASP P 122 -57.46 -46.63 76.00
C ASP P 122 -56.39 -46.93 77.05
N GLN P 123 -55.65 -48.02 76.85
CA GLN P 123 -54.66 -48.49 77.83
C GLN P 123 -53.62 -47.44 78.21
N PHE P 124 -53.70 -46.27 77.59
CA PHE P 124 -52.77 -45.16 77.87
C PHE P 124 -52.47 -45.05 79.36
N LEU P 125 -51.21 -44.73 79.68
CA LEU P 125 -50.80 -44.58 81.07
C LEU P 125 -50.00 -43.30 81.29
N VAL P 126 -48.80 -43.23 80.71
CA VAL P 126 -47.95 -42.04 80.81
C VAL P 126 -46.96 -41.90 79.63
N THR P 127 -47.14 -40.85 78.83
CA THR P 127 -46.27 -40.58 77.68
C THR P 127 -45.33 -39.43 77.99
N PHE P 128 -44.28 -39.28 77.19
CA PHE P 128 -43.27 -38.26 77.42
C PHE P 128 -42.99 -37.44 76.16
N LYS P 129 -42.24 -36.36 76.32
CA LYS P 129 -41.95 -35.44 75.22
C LYS P 129 -40.54 -34.88 75.36
N GLU P 130 -40.10 -34.11 74.37
CA GLU P 130 -38.74 -33.55 74.33
C GLU P 130 -37.66 -34.63 74.38
N VAL P 131 -38.01 -35.80 73.88
CA VAL P 131 -37.07 -36.91 73.77
C VAL P 131 -36.37 -36.82 72.44
N GLY P 132 -35.05 -36.72 72.48
CA GLY P 132 -34.26 -36.76 71.26
C GLY P 132 -33.67 -35.42 70.87
N ARG P 133 -34.41 -34.35 71.17
CA ARG P 133 -33.92 -33.02 70.90
C ARG P 133 -32.53 -32.88 71.51
N ARG P 134 -32.49 -32.95 72.83
CA ARG P 134 -31.23 -32.90 73.57
C ARG P 134 -30.84 -34.31 74.05
N PRO P 135 -29.54 -34.66 73.92
CA PRO P 135 -28.99 -35.99 74.19
C PRO P 135 -29.34 -36.48 75.58
N PRO P 136 -30.17 -37.55 75.72
CA PRO P 136 -30.64 -37.94 77.04
C PRO P 136 -29.46 -38.36 77.88
N THR P 137 -29.40 -37.89 79.13
CA THR P 137 -28.48 -38.43 80.13
C THR P 137 -29.23 -38.81 81.39
N PHE P 138 -28.51 -39.48 82.29
CA PHE P 138 -29.12 -40.26 83.36
C PHE P 138 -30.43 -39.69 83.90
N GLY P 139 -30.38 -38.45 84.37
CA GLY P 139 -31.54 -37.80 84.93
C GLY P 139 -32.76 -38.12 84.08
N ASP P 140 -32.61 -37.94 82.77
CA ASP P 140 -33.68 -38.25 81.84
C ASP P 140 -34.32 -39.60 82.16
N ALA P 141 -33.48 -40.61 82.38
CA ALA P 141 -33.96 -41.96 82.65
C ALA P 141 -34.72 -42.01 83.95
N SER P 142 -33.99 -41.75 85.04
CA SER P 142 -34.56 -41.80 86.37
C SER P 142 -35.93 -41.12 86.40
N VAL P 143 -36.02 -39.94 85.81
CA VAL P 143 -37.26 -39.15 85.86
C VAL P 143 -38.45 -39.88 85.22
N ILE P 144 -38.18 -41.05 84.65
CA ILE P 144 -39.24 -41.88 84.12
C ILE P 144 -39.53 -42.99 85.12
N ALA P 145 -38.49 -43.46 85.78
CA ALA P 145 -38.64 -44.46 86.83
C ALA P 145 -39.25 -43.80 88.07
N LEU P 146 -38.78 -42.60 88.38
CA LEU P 146 -39.29 -41.80 89.49
C LEU P 146 -40.78 -41.55 89.34
N GLU P 147 -41.28 -41.71 88.11
CA GLU P 147 -42.69 -41.45 87.81
C GLU P 147 -43.46 -42.74 87.54
N LEU P 148 -42.79 -43.88 87.69
CA LEU P 148 -43.45 -45.18 87.60
C LEU P 148 -43.72 -45.73 89.00
N LEU P 149 -43.16 -45.06 90.01
CA LEU P 149 -43.44 -45.33 91.41
C LEU P 149 -44.41 -44.26 91.95
N ASN P 150 -44.04 -43.00 91.81
CA ASN P 150 -44.94 -41.89 92.16
C ASN P 150 -46.35 -42.20 91.66
N SER P 151 -46.55 -42.11 90.34
CA SER P 151 -47.81 -42.54 89.75
C SER P 151 -47.98 -44.03 90.00
N GLY P 152 -48.41 -44.36 91.21
CA GLY P 152 -48.50 -45.74 91.63
C GLY P 152 -49.30 -46.58 90.68
N TYR P 153 -48.61 -47.32 89.80
CA TYR P 153 -49.27 -48.35 89.04
C TYR P 153 -48.92 -49.70 89.64
N GLU P 154 -49.89 -50.61 89.64
CA GLU P 154 -49.67 -51.95 90.17
C GLU P 154 -48.68 -52.72 89.30
N PHE P 155 -47.41 -52.73 89.69
CA PHE P 155 -46.36 -53.38 88.91
C PHE P 155 -46.33 -54.90 89.09
N ASP P 156 -46.08 -55.63 87.99
CA ASP P 156 -45.97 -57.10 88.04
C ASP P 156 -44.71 -57.61 87.32
N GLU P 157 -44.64 -57.40 86.01
CA GLU P 157 -43.44 -57.75 85.23
C GLU P 157 -43.22 -56.77 84.08
N GLY P 158 -42.01 -56.77 83.52
CA GLY P 158 -41.59 -55.71 82.62
C GLY P 158 -41.42 -55.96 81.13
N SER P 159 -41.94 -55.02 80.35
CA SER P 159 -41.81 -55.00 78.89
C SER P 159 -41.30 -53.63 78.41
N ILE P 160 -39.98 -53.50 78.23
CA ILE P 160 -39.41 -52.27 77.67
C ILE P 160 -38.45 -52.55 76.49
N ILE P 161 -38.87 -52.08 75.31
CA ILE P 161 -38.17 -52.30 74.06
C ILE P 161 -37.52 -51.02 73.51
N PHE P 162 -36.47 -51.19 72.72
CA PHE P 162 -35.68 -50.07 72.24
C PHE P 162 -34.79 -50.59 71.13
N ASN P 163 -34.05 -49.72 70.46
CA ASN P 163 -33.29 -50.14 69.29
C ASN P 163 -31.80 -50.17 69.52
N ARG P 164 -31.29 -51.35 69.84
CA ARG P 164 -29.87 -51.51 70.05
C ARG P 164 -29.17 -51.03 68.80
N PHE P 165 -28.00 -50.44 68.97
CA PHE P 165 -27.26 -49.89 67.86
C PHE P 165 -26.21 -50.90 67.42
N ARG P 166 -26.26 -51.34 66.16
CA ARG P 166 -25.17 -52.16 65.62
C ARG P 166 -24.24 -51.27 64.78
N SER P 167 -24.77 -50.70 63.70
CA SER P 167 -23.98 -49.86 62.79
C SER P 167 -24.74 -48.60 62.45
N VAL P 168 -24.03 -47.63 61.86
CA VAL P 168 -24.66 -46.41 61.39
C VAL P 168 -25.72 -46.74 60.37
N ILE P 169 -25.50 -47.82 59.62
CA ILE P 169 -26.42 -48.24 58.57
C ILE P 169 -27.45 -49.28 59.02
N SER P 170 -27.32 -49.73 60.27
CA SER P 170 -28.22 -50.75 60.81
C SER P 170 -28.20 -50.87 62.32
N TYR P 171 -29.33 -51.26 62.89
CA TYR P 171 -29.41 -51.36 64.34
C TYR P 171 -29.92 -52.68 64.92
N LYS P 172 -31.24 -52.83 65.04
CA LYS P 172 -31.90 -54.02 65.58
C LYS P 172 -32.75 -53.72 66.80
N THR P 173 -34.06 -53.89 66.67
CA THR P 173 -34.96 -53.74 67.79
C THR P 173 -34.57 -54.77 68.85
N GLU P 174 -35.04 -54.56 70.09
CA GLU P 174 -34.75 -55.51 71.18
C GLU P 174 -35.80 -55.51 72.28
N GLU P 175 -36.19 -56.70 72.71
CA GLU P 175 -37.05 -56.86 73.88
C GLU P 175 -36.19 -57.25 75.08
N LYS P 176 -36.24 -56.43 76.11
CA LYS P 176 -35.64 -56.76 77.38
C LYS P 176 -36.74 -56.75 78.43
N PRO P 177 -36.64 -57.65 79.42
CA PRO P 177 -37.60 -57.73 80.52
C PRO P 177 -36.96 -57.24 81.82
N ILE P 178 -37.62 -56.32 82.52
CA ILE P 178 -37.24 -55.97 83.89
C ILE P 178 -38.42 -56.22 84.81
N PHE P 179 -38.15 -56.83 85.95
CA PHE P 179 -39.21 -57.33 86.82
C PHE P 179 -39.74 -56.23 87.74
N SER P 180 -40.85 -55.66 87.31
CA SER P 180 -41.39 -54.43 87.87
C SER P 180 -41.84 -54.54 89.33
N LEU P 181 -42.20 -55.76 89.75
CA LEU P 181 -42.59 -55.99 91.13
C LEU P 181 -41.47 -56.75 91.86
N ASP P 182 -40.97 -56.18 92.94
CA ASP P 182 -39.91 -56.81 93.73
C ASP P 182 -40.39 -58.18 94.22
N THR P 183 -41.70 -58.35 94.29
CA THR P 183 -42.32 -59.63 94.62
C THR P 183 -41.81 -60.70 93.64
N ILE P 184 -42.09 -60.47 92.36
CA ILE P 184 -41.65 -61.37 91.31
C ILE P 184 -40.13 -61.39 91.24
N SER P 185 -39.50 -60.29 91.62
CA SER P 185 -38.05 -60.17 91.56
C SER P 185 -37.34 -61.15 92.51
N SER P 186 -37.71 -61.12 93.78
CA SER P 186 -37.16 -62.06 94.74
C SER P 186 -37.84 -63.42 94.58
N ALA P 187 -37.76 -63.97 93.37
CA ALA P 187 -38.34 -65.28 93.09
C ALA P 187 -37.50 -66.35 93.75
N GLU P 188 -37.61 -67.58 93.24
CA GLU P 188 -36.89 -68.69 93.84
C GLU P 188 -35.40 -68.72 93.50
N SER P 189 -35.07 -68.93 92.23
CA SER P 189 -33.68 -69.08 91.81
C SER P 189 -32.78 -67.97 92.35
N MET P 190 -33.39 -66.90 92.84
CA MET P 190 -32.66 -65.84 93.51
C MET P 190 -32.66 -66.08 95.02
N SER P 191 -31.84 -67.05 95.44
CA SER P 191 -31.65 -67.35 96.84
C SER P 191 -30.15 -67.58 97.03
N ILE P 192 -29.46 -67.71 95.90
CA ILE P 192 -28.01 -67.86 95.87
C ILE P 192 -27.35 -66.67 96.55
N TYR P 193 -28.17 -65.71 96.97
CA TYR P 193 -27.69 -64.45 97.52
C TYR P 193 -28.17 -64.18 98.95
N ASP P 194 -27.39 -63.38 99.68
CA ASP P 194 -27.62 -63.10 101.11
C ASP P 194 -28.40 -61.83 101.37
N ASP P 195 -28.51 -61.48 102.64
CA ASP P 195 -29.14 -60.24 103.09
C ASP P 195 -30.27 -59.79 102.19
N ILE P 196 -31.19 -60.70 101.90
CA ILE P 196 -32.33 -60.42 101.03
C ILE P 196 -33.39 -59.57 101.73
N ASP P 197 -32.94 -58.47 102.34
CA ASP P 197 -33.84 -57.54 103.03
C ASP P 197 -34.82 -56.91 102.03
N ALA P 198 -36.10 -56.97 102.34
CA ALA P 198 -37.10 -56.38 101.45
C ALA P 198 -36.88 -54.88 101.28
N ASP P 199 -35.83 -54.36 101.91
CA ASP P 199 -35.51 -52.94 101.86
C ASP P 199 -34.14 -52.60 101.29
N VAL P 200 -33.29 -53.59 101.06
CA VAL P 200 -32.06 -53.36 100.31
C VAL P 200 -32.26 -53.86 98.88
N LEU P 201 -33.43 -54.47 98.65
CA LEU P 201 -33.87 -54.84 97.31
C LEU P 201 -34.84 -53.79 96.79
N ARG P 202 -35.69 -53.29 97.68
CA ARG P 202 -36.53 -52.13 97.34
C ARG P 202 -35.60 -51.02 96.87
N ASN P 203 -34.33 -51.10 97.28
CA ASN P 203 -33.29 -50.17 96.84
C ASN P 203 -32.24 -50.82 95.96
N TYR P 204 -32.69 -51.47 94.89
CA TYR P 204 -31.80 -52.09 93.92
C TYR P 204 -32.58 -52.57 92.70
N GLN P 205 -33.82 -53.01 92.94
CA GLN P 205 -34.76 -53.25 91.86
C GLN P 205 -35.27 -51.90 91.40
N GLU P 206 -35.16 -50.91 92.27
CA GLU P 206 -35.52 -49.54 91.92
C GLU P 206 -34.40 -48.82 91.17
N TYR P 207 -33.14 -49.10 91.51
CA TYR P 207 -32.01 -48.44 90.87
C TYR P 207 -31.54 -49.20 89.63
N SER P 208 -32.06 -50.40 89.45
CA SER P 208 -31.79 -51.15 88.23
C SER P 208 -32.81 -50.75 87.16
N LEU P 209 -33.99 -50.31 87.57
CA LEU P 209 -34.99 -49.85 86.60
C LEU P 209 -34.52 -48.58 85.92
N ALA P 210 -34.21 -47.57 86.71
CA ALA P 210 -33.61 -46.36 86.18
C ALA P 210 -32.14 -46.64 85.95
N ASN P 211 -31.87 -47.84 85.46
CA ASN P 211 -30.54 -48.22 85.02
C ASN P 211 -30.66 -49.02 83.73
N ILE P 212 -31.85 -49.59 83.53
CA ILE P 212 -32.19 -50.22 82.26
C ILE P 212 -32.67 -49.10 81.37
N ILE P 213 -33.78 -48.47 81.78
CA ILE P 213 -34.32 -47.31 81.10
C ILE P 213 -33.20 -46.40 80.60
N TYR P 214 -32.25 -46.07 81.47
CA TYR P 214 -31.13 -45.26 81.02
C TYR P 214 -30.32 -45.93 79.92
N TYR P 215 -30.06 -47.24 80.05
CA TYR P 215 -29.35 -47.95 78.98
C TYR P 215 -30.19 -47.99 77.68
N SER P 216 -31.49 -48.23 77.81
CA SER P 216 -32.36 -48.26 76.64
C SER P 216 -32.33 -46.92 75.90
N LEU P 217 -32.46 -45.82 76.62
CA LEU P 217 -32.39 -44.52 75.98
C LEU P 217 -31.08 -44.33 75.22
N LYS P 218 -29.96 -44.36 75.92
CA LYS P 218 -28.68 -44.05 75.30
C LYS P 218 -28.29 -44.97 74.13
N GLU P 219 -29.10 -46.00 73.86
CA GLU P 219 -28.98 -46.76 72.60
C GLU P 219 -29.92 -46.12 71.59
N SER P 220 -31.22 -46.25 71.86
CA SER P 220 -32.29 -45.68 71.02
C SER P 220 -31.93 -44.39 70.29
N THR P 221 -31.32 -43.42 70.97
CA THR P 221 -31.02 -42.18 70.27
C THR P 221 -29.59 -42.14 69.73
N THR P 222 -28.96 -43.31 69.59
CA THR P 222 -27.77 -43.39 68.76
C THR P 222 -28.25 -44.10 67.53
N SER P 223 -29.12 -45.06 67.75
CA SER P 223 -29.72 -45.83 66.68
C SER P 223 -30.81 -45.03 65.99
N GLU P 224 -31.02 -43.79 66.41
CA GLU P 224 -32.00 -42.94 65.76
C GLU P 224 -31.28 -41.83 65.04
N GLN P 225 -30.27 -41.26 65.68
CA GLN P 225 -29.45 -40.27 65.02
C GLN P 225 -28.84 -40.92 63.78
N SER P 226 -28.05 -41.97 63.98
CA SER P 226 -27.46 -42.75 62.90
C SER P 226 -28.51 -43.10 61.86
N ALA P 227 -29.72 -43.41 62.31
CA ALA P 227 -30.79 -43.88 61.44
C ALA P 227 -31.22 -42.82 60.44
N ARG P 228 -31.40 -41.60 60.93
CA ARG P 228 -31.89 -40.49 60.11
C ARG P 228 -30.79 -39.76 59.35
N MET P 229 -29.59 -39.80 59.90
CA MET P 229 -28.44 -39.36 59.13
C MET P 229 -28.46 -40.14 57.82
N THR P 230 -28.85 -41.39 57.91
CA THR P 230 -28.88 -42.22 56.74
C THR P 230 -30.09 -41.95 55.84
N ALA P 231 -31.28 -41.96 56.41
CA ALA P 231 -32.50 -41.73 55.62
C ALA P 231 -32.42 -40.39 54.90
N MET P 232 -31.70 -39.44 55.49
CA MET P 232 -31.56 -38.15 54.86
C MET P 232 -30.58 -38.28 53.74
N ASP P 233 -29.40 -38.81 54.00
CA ASP P 233 -28.45 -39.06 52.93
C ASP P 233 -29.21 -39.59 51.72
N ASN P 234 -30.00 -40.64 51.94
CA ASN P 234 -30.82 -41.24 50.88
C ASN P 234 -31.79 -40.28 50.21
N ALA P 235 -32.72 -39.77 50.99
CA ALA P 235 -33.69 -38.81 50.50
C ALA P 235 -33.06 -37.78 49.56
N SER P 236 -31.87 -37.31 49.90
CA SER P 236 -31.27 -36.28 49.07
C SER P 236 -30.63 -36.87 47.81
N LYS P 237 -30.16 -38.10 47.88
CA LYS P 237 -29.68 -38.77 46.66
C LYS P 237 -30.82 -38.97 45.68
N ASN P 238 -31.91 -39.57 46.15
CA ASN P 238 -33.15 -39.60 45.38
C ASN P 238 -33.52 -38.24 44.83
N ALA P 239 -33.56 -37.26 45.71
CA ALA P 239 -33.88 -35.91 45.29
C ALA P 239 -33.00 -35.56 44.12
N SER P 240 -31.72 -35.81 44.26
CA SER P 240 -30.74 -35.42 43.26
C SER P 240 -30.88 -36.17 41.94
N GLU P 241 -31.54 -37.32 41.97
CA GLU P 241 -31.75 -38.00 40.70
C GLU P 241 -32.98 -37.44 40.02
N MET P 242 -34.09 -37.41 40.73
CA MET P 242 -35.25 -36.72 40.23
C MET P 242 -34.75 -35.48 39.49
N ILE P 243 -33.93 -34.67 40.14
CA ILE P 243 -33.44 -33.42 39.56
C ILE P 243 -32.84 -33.59 38.18
N ASP P 244 -31.95 -34.56 38.04
CA ASP P 244 -31.24 -34.81 36.78
C ASP P 244 -32.20 -35.33 35.73
N LYS P 245 -33.07 -36.25 36.15
CA LYS P 245 -34.03 -36.86 35.24
C LYS P 245 -35.00 -35.79 34.79
N LEU P 246 -35.28 -34.85 35.66
CA LEU P 246 -36.27 -33.82 35.40
C LEU P 246 -35.67 -32.72 34.56
N THR P 247 -34.48 -32.30 34.93
CA THR P 247 -33.73 -31.38 34.11
C THR P 247 -33.61 -31.93 32.71
N LEU P 248 -33.82 -33.22 32.55
CA LEU P 248 -33.57 -33.82 31.27
C LEU P 248 -34.77 -33.65 30.38
N THR P 249 -35.94 -33.94 30.93
CA THR P 249 -37.13 -33.73 30.15
C THR P 249 -37.28 -32.23 29.93
N PHE P 250 -36.81 -31.44 30.88
CA PHE P 250 -36.95 -30.01 30.70
C PHE P 250 -36.36 -29.62 29.37
N ASN P 251 -35.10 -29.98 29.16
CA ASN P 251 -34.47 -29.72 27.90
C ASN P 251 -35.19 -30.34 26.70
N ARG P 252 -35.63 -31.59 26.81
CA ARG P 252 -36.35 -32.11 25.68
C ARG P 252 -37.53 -31.17 25.44
N THR P 253 -38.34 -30.91 26.46
CA THR P 253 -39.45 -29.97 26.28
C THR P 253 -38.98 -28.64 25.71
N ARG P 254 -37.83 -28.15 26.17
CA ARG P 254 -37.24 -26.90 25.68
C ARG P 254 -36.99 -26.86 24.17
N GLN P 255 -36.23 -27.84 23.67
CA GLN P 255 -35.96 -27.96 22.24
C GLN P 255 -37.24 -28.06 21.41
N ALA P 256 -38.15 -28.89 21.89
CA ALA P 256 -39.37 -29.18 21.19
C ALA P 256 -40.13 -27.90 20.93
N VAL P 257 -40.19 -27.08 21.97
CA VAL P 257 -40.98 -25.89 21.91
C VAL P 257 -40.33 -24.93 20.94
N ILE P 258 -39.02 -24.77 21.00
CA ILE P 258 -38.35 -23.89 20.07
C ILE P 258 -38.79 -24.23 18.66
N THR P 259 -38.73 -25.51 18.34
CA THR P 259 -39.03 -26.00 17.00
C THR P 259 -40.50 -25.83 16.62
N LYS P 260 -41.39 -26.32 17.47
CA LYS P 260 -42.81 -26.24 17.21
C LYS P 260 -43.24 -24.82 16.83
N GLU P 261 -42.58 -23.82 17.41
CA GLU P 261 -42.87 -22.42 17.13
C GLU P 261 -42.24 -21.98 15.81
N LEU P 262 -41.04 -22.48 15.55
CA LEU P 262 -40.36 -22.14 14.32
C LEU P 262 -41.08 -22.82 13.14
N ILE P 263 -41.68 -23.98 13.38
CA ILE P 263 -42.37 -24.72 12.31
C ILE P 263 -43.70 -24.00 12.01
N GLU P 264 -44.31 -23.40 13.01
CA GLU P 264 -45.55 -22.67 12.80
C GLU P 264 -45.26 -21.41 11.99
N ILE P 265 -44.16 -20.74 12.31
CA ILE P 265 -43.76 -19.56 11.56
C ILE P 265 -43.54 -19.93 10.11
N ILE P 266 -42.48 -20.67 9.84
CA ILE P 266 -42.15 -21.11 8.50
C ILE P 266 -43.36 -21.51 7.69
N SER P 267 -44.27 -22.23 8.33
CA SER P 267 -45.41 -22.81 7.66
C SER P 267 -46.35 -21.74 7.10
N GLY P 268 -46.86 -20.87 7.98
CA GLY P 268 -47.70 -19.77 7.57
C GLY P 268 -46.99 -18.73 6.72
N ALA P 269 -45.68 -18.86 6.54
CA ALA P 269 -44.91 -17.87 5.78
C ALA P 269 -44.78 -18.39 4.39
N ALA P 270 -44.89 -19.69 4.27
CA ALA P 270 -44.82 -20.34 2.98
C ALA P 270 -46.17 -20.16 2.31
N ALA P 271 -47.23 -20.20 3.13
CA ALA P 271 -48.60 -20.06 2.68
C ALA P 271 -48.94 -18.65 2.20
N LEU P 272 -48.02 -18.05 1.46
CA LEU P 272 -48.18 -16.71 0.92
C LEU P 272 -47.63 -16.66 -0.51
N GLN Q 15 -8.67 -62.01 93.64
CA GLN Q 15 -8.60 -62.21 92.19
C GLN Q 15 -9.97 -62.11 91.53
N MET Q 16 -10.16 -61.08 90.71
CA MET Q 16 -11.43 -60.87 90.01
C MET Q 16 -11.33 -59.76 88.96
N SER Q 17 -12.15 -59.86 87.91
CA SER Q 17 -12.22 -58.80 86.91
C SER Q 17 -13.17 -57.70 87.38
N PHE Q 18 -12.63 -56.50 87.54
CA PHE Q 18 -13.39 -55.39 88.10
C PHE Q 18 -13.80 -54.36 87.06
N THR Q 19 -15.06 -53.97 87.07
CA THR Q 19 -15.57 -52.99 86.13
C THR Q 19 -16.31 -51.88 86.88
N PHE Q 20 -15.85 -50.65 86.72
CA PHE Q 20 -16.50 -49.52 87.38
C PHE Q 20 -16.51 -48.28 86.53
N ALA Q 21 -17.71 -47.77 86.26
CA ALA Q 21 -17.88 -46.56 85.45
C ALA Q 21 -19.22 -45.91 85.77
N SER Q 22 -19.50 -44.82 85.07
CA SER Q 22 -20.70 -44.04 85.31
C SER Q 22 -21.27 -43.68 83.96
N PRO Q 23 -22.54 -43.26 83.94
CA PRO Q 23 -23.16 -42.86 82.67
C PRO Q 23 -22.23 -41.98 81.82
N THR Q 24 -21.41 -41.16 82.48
CA THR Q 24 -20.55 -40.20 81.80
C THR Q 24 -19.20 -40.76 81.37
N GLN Q 25 -18.61 -41.63 82.18
CA GLN Q 25 -17.26 -42.10 81.90
C GLN Q 25 -16.92 -43.45 82.52
N VAL Q 26 -15.94 -44.11 81.91
CA VAL Q 26 -15.51 -45.43 82.33
C VAL Q 26 -14.12 -45.34 82.95
N PHE Q 27 -14.02 -45.74 84.23
CA PHE Q 27 -12.78 -45.59 85.00
C PHE Q 27 -11.89 -46.86 84.99
N PHE Q 28 -12.47 -48.02 85.26
CA PHE Q 28 -11.72 -49.28 85.17
C PHE Q 28 -12.53 -50.40 84.52
N ASN Q 29 -12.11 -50.83 83.34
CA ASN Q 29 -12.85 -51.83 82.56
C ASN Q 29 -12.33 -53.24 82.71
N SER Q 30 -13.19 -54.13 83.21
CA SER Q 30 -12.84 -55.54 83.42
C SER Q 30 -11.35 -55.72 83.72
N ALA Q 31 -10.89 -55.08 84.78
CA ALA Q 31 -9.46 -55.06 85.13
C ALA Q 31 -9.13 -55.95 86.33
N ASN Q 32 -7.90 -56.47 86.35
CA ASN Q 32 -7.43 -57.34 87.42
C ASN Q 32 -7.34 -56.62 88.76
N VAL Q 33 -8.28 -56.91 89.66
CA VAL Q 33 -8.31 -56.27 90.97
C VAL Q 33 -8.40 -57.29 92.11
N ARG Q 34 -7.57 -57.11 93.12
CA ARG Q 34 -7.57 -58.01 94.27
C ARG Q 34 -8.67 -57.66 95.27
N GLN Q 35 -8.90 -56.36 95.48
CA GLN Q 35 -9.97 -55.90 96.36
C GLN Q 35 -10.30 -54.43 96.13
N VAL Q 36 -11.51 -54.03 96.49
CA VAL Q 36 -11.93 -52.64 96.37
C VAL Q 36 -12.72 -52.21 97.60
N ASP Q 37 -13.10 -50.93 97.65
CA ASP Q 37 -13.66 -50.38 98.88
C ASP Q 37 -14.82 -49.42 98.62
N VAL Q 38 -15.97 -49.71 99.22
CA VAL Q 38 -17.21 -49.04 98.89
C VAL Q 38 -18.02 -48.55 100.09
N PRO Q 39 -18.61 -47.35 99.96
CA PRO Q 39 -19.62 -46.83 100.88
C PRO Q 39 -20.95 -47.51 100.66
N THR Q 40 -21.40 -48.29 101.64
CA THR Q 40 -22.67 -49.00 101.55
C THR Q 40 -23.73 -48.35 102.44
N GLN Q 41 -24.99 -48.74 102.25
CA GLN Q 41 -26.06 -48.30 103.13
C GLN Q 41 -25.98 -49.04 104.46
N THR Q 42 -24.76 -49.42 104.83
CA THR Q 42 -24.46 -50.03 106.13
C THR Q 42 -22.94 -49.96 106.36
N GLY Q 43 -22.46 -48.78 106.74
CA GLY Q 43 -21.04 -48.57 106.99
C GLY Q 43 -20.19 -48.70 105.73
N ALA Q 44 -19.04 -49.36 105.87
CA ALA Q 44 -18.20 -49.68 104.72
C ALA Q 44 -18.34 -51.17 104.41
N PHE Q 45 -17.73 -51.62 103.32
CA PHE Q 45 -17.88 -53.01 102.89
C PHE Q 45 -16.83 -53.40 101.85
N GLY Q 46 -15.65 -53.79 102.31
CA GLY Q 46 -14.59 -54.23 101.41
C GLY Q 46 -15.06 -55.35 100.50
N ILE Q 47 -14.15 -55.81 99.63
CA ILE Q 47 -14.50 -56.85 98.66
C ILE Q 47 -13.48 -57.99 98.66
N LEU Q 48 -13.84 -59.09 99.31
CA LEU Q 48 -12.95 -60.25 99.41
C LEU Q 48 -12.58 -60.74 98.01
N ALA Q 49 -11.29 -61.02 97.81
CA ALA Q 49 -10.80 -61.51 96.52
C ALA Q 49 -11.49 -62.81 96.11
N ALA Q 50 -12.49 -63.20 96.88
CA ALA Q 50 -13.34 -64.34 96.59
C ALA Q 50 -14.50 -64.29 97.57
N HIS Q 51 -15.31 -63.26 97.46
CA HIS Q 51 -16.31 -62.96 98.48
C HIS Q 51 -17.62 -63.71 98.26
N VAL Q 52 -18.46 -63.70 99.28
CA VAL Q 52 -19.79 -64.29 99.20
C VAL Q 52 -20.69 -63.43 98.33
N PRO Q 53 -21.60 -64.07 97.58
CA PRO Q 53 -22.55 -63.34 96.73
C PRO Q 53 -23.50 -62.46 97.54
N THR Q 54 -23.56 -61.17 97.22
CA THR Q 54 -24.49 -60.24 97.88
C THR Q 54 -24.84 -59.04 97.00
N LEU Q 55 -25.91 -58.34 97.36
CA LEU Q 55 -26.38 -57.18 96.60
C LEU Q 55 -26.84 -56.05 97.51
N GLN Q 56 -26.05 -54.98 97.57
CA GLN Q 56 -26.39 -53.84 98.40
C GLN Q 56 -26.18 -52.53 97.65
N VAL Q 57 -26.94 -51.50 98.02
CA VAL Q 57 -26.92 -50.20 97.34
C VAL Q 57 -25.70 -49.36 97.72
N LEU Q 58 -25.87 -48.04 97.67
CA LEU Q 58 -24.78 -47.12 98.03
C LEU Q 58 -25.27 -45.91 98.85
N ARG Q 59 -24.38 -45.40 99.70
CA ARG Q 59 -24.63 -44.19 100.49
C ARG Q 59 -23.42 -43.27 100.35
N PRO Q 60 -23.66 -42.00 99.97
CA PRO Q 60 -22.63 -41.06 99.54
C PRO Q 60 -21.31 -41.21 100.29
N GLY Q 61 -20.20 -41.32 99.57
CA GLY Q 61 -18.91 -41.55 100.20
C GLY Q 61 -17.78 -41.86 99.23
N LEU Q 62 -16.57 -42.03 99.76
CA LEU Q 62 -15.38 -42.23 98.93
C LEU Q 62 -15.15 -43.68 98.57
N VAL Q 63 -14.14 -43.92 97.74
CA VAL Q 63 -13.81 -45.26 97.27
C VAL Q 63 -12.35 -45.38 96.90
N VAL Q 64 -11.78 -46.55 97.16
CA VAL Q 64 -10.40 -46.82 96.79
C VAL Q 64 -10.24 -48.25 96.28
N VAL Q 65 -9.33 -48.43 95.33
CA VAL Q 65 -9.10 -49.74 94.73
C VAL Q 65 -7.68 -50.23 95.03
N HIS Q 66 -7.54 -51.55 95.16
CA HIS Q 66 -6.24 -52.16 95.40
C HIS Q 66 -5.70 -52.79 94.13
N ALA Q 67 -4.68 -52.14 93.56
CA ALA Q 67 -4.21 -52.43 92.21
C ALA Q 67 -3.63 -53.84 92.01
N GLU Q 68 -3.13 -54.06 90.80
CA GLU Q 68 -2.42 -55.28 90.44
C GLU Q 68 -0.93 -55.01 90.58
N ASP Q 69 -0.59 -53.73 90.78
CA ASP Q 69 0.79 -53.34 91.03
C ASP Q 69 0.92 -52.74 92.43
N GLY Q 70 -0.21 -52.61 93.12
CA GLY Q 70 -0.23 -52.15 94.49
C GLY Q 70 -0.56 -50.68 94.63
N THR Q 71 -1.03 -50.06 93.56
CA THR Q 71 -1.36 -48.65 93.57
C THR Q 71 -2.73 -48.41 94.19
N THR Q 72 -2.86 -47.30 94.92
CA THR Q 72 -4.13 -46.93 95.53
C THR Q 72 -4.41 -45.44 95.35
N SER Q 73 -5.14 -45.11 94.29
CA SER Q 73 -5.60 -43.74 94.07
C SER Q 73 -7.07 -43.66 94.49
N LYS Q 74 -7.44 -42.56 95.13
CA LYS Q 74 -8.77 -42.41 95.68
C LYS Q 74 -9.77 -41.89 94.66
N TYR Q 75 -11.02 -42.32 94.81
CA TYR Q 75 -12.10 -41.86 93.95
C TYR Q 75 -13.28 -41.54 94.84
N PHE Q 76 -14.43 -41.24 94.25
CA PHE Q 76 -15.57 -40.81 95.03
C PHE Q 76 -16.89 -41.13 94.34
N VAL Q 77 -17.88 -41.55 95.11
CA VAL Q 77 -19.20 -41.91 94.56
C VAL Q 77 -20.34 -41.14 95.18
N SER Q 78 -21.36 -40.85 94.38
CA SER Q 78 -22.53 -40.15 94.86
C SER Q 78 -23.54 -41.13 95.42
N SER Q 79 -23.85 -42.16 94.65
CA SER Q 79 -24.89 -43.11 95.00
C SER Q 79 -25.23 -43.95 93.79
N GLY Q 80 -24.83 -45.22 93.81
CA GLY Q 80 -25.07 -46.09 92.67
C GLY Q 80 -25.29 -47.54 93.07
N SER Q 81 -25.02 -48.45 92.15
CA SER Q 81 -25.17 -49.88 92.44
C SER Q 81 -23.84 -50.62 92.45
N VAL Q 82 -23.66 -51.46 93.46
CA VAL Q 82 -22.53 -52.35 93.52
C VAL Q 82 -23.07 -53.77 93.45
N THR Q 83 -22.37 -54.63 92.71
CA THR Q 83 -22.84 -55.99 92.49
C THR Q 83 -21.71 -57.00 92.37
N VAL Q 84 -21.60 -57.86 93.38
CA VAL Q 84 -20.66 -58.97 93.39
C VAL Q 84 -21.31 -60.24 92.85
N ASN Q 85 -20.99 -60.60 91.61
CA ASN Q 85 -21.55 -61.79 90.98
C ASN Q 85 -20.90 -63.06 91.47
N ALA Q 86 -21.65 -64.17 91.40
CA ALA Q 86 -21.16 -65.47 91.84
C ALA Q 86 -19.69 -65.68 91.48
N ASP Q 87 -19.40 -65.78 90.19
CA ASP Q 87 -18.04 -65.97 89.71
C ASP Q 87 -17.10 -64.85 90.16
N SER Q 88 -15.97 -64.73 89.47
CA SER Q 88 -14.97 -63.71 89.81
C SER Q 88 -15.18 -62.43 89.01
N SER Q 89 -16.29 -61.75 89.26
CA SER Q 89 -16.61 -60.51 88.56
C SER Q 89 -17.42 -59.56 89.42
N VAL Q 90 -16.95 -58.34 89.59
CA VAL Q 90 -17.65 -57.34 90.37
C VAL Q 90 -17.56 -55.98 89.71
N GLN Q 91 -18.65 -55.23 89.76
CA GLN Q 91 -18.69 -53.92 89.13
C GLN Q 91 -19.39 -52.87 89.99
N LEU Q 92 -19.05 -51.61 89.75
CA LEU Q 92 -19.69 -50.51 90.46
C LEU Q 92 -20.32 -49.54 89.48
N LEU Q 93 -21.59 -49.22 89.71
CA LEU Q 93 -22.35 -48.36 88.82
C LEU Q 93 -22.75 -47.03 89.47
N ALA Q 94 -21.92 -46.01 89.27
CA ALA Q 94 -22.12 -44.72 89.93
C ALA Q 94 -23.00 -43.76 89.14
N GLU Q 95 -23.81 -42.97 89.87
CA GLU Q 95 -24.54 -41.86 89.28
C GLU Q 95 -23.58 -40.75 88.90
N GLU Q 96 -22.49 -40.63 89.66
CA GLU Q 96 -21.38 -39.70 89.35
C GLU Q 96 -20.09 -40.21 89.99
N ALA Q 97 -18.94 -39.73 89.52
CA ALA Q 97 -17.66 -40.20 90.06
C ALA Q 97 -16.47 -39.25 89.83
N VAL Q 98 -16.21 -38.38 90.80
CA VAL Q 98 -15.14 -37.37 90.72
C VAL Q 98 -13.79 -37.88 91.25
N THR Q 99 -12.70 -37.53 90.56
CA THR Q 99 -11.36 -38.00 90.93
C THR Q 99 -10.24 -37.04 90.48
N LEU Q 100 -9.02 -37.32 90.95
CA LEU Q 100 -7.81 -36.62 90.51
C LEU Q 100 -7.65 -35.17 90.97
N ASP Q 101 -8.60 -34.31 90.61
CA ASP Q 101 -8.49 -32.89 90.94
C ASP Q 101 -9.80 -32.11 90.86
N MET Q 102 -10.72 -32.57 90.01
CA MET Q 102 -11.96 -31.80 89.70
C MET Q 102 -12.71 -31.27 90.93
N LEU Q 103 -12.64 -32.00 92.04
CA LEU Q 103 -13.09 -31.47 93.31
C LEU Q 103 -12.18 -30.30 93.70
N ASP Q 104 -12.75 -29.11 93.83
CA ASP Q 104 -11.98 -27.89 94.10
C ASP Q 104 -11.96 -27.52 95.60
N LEU Q 105 -11.11 -28.20 96.36
CA LEU Q 105 -11.03 -28.03 97.81
C LEU Q 105 -12.40 -27.80 98.46
N GLY Q 106 -12.40 -27.18 99.64
CA GLY Q 106 -13.63 -26.98 100.37
C GLY Q 106 -14.66 -26.09 99.71
N ALA Q 107 -14.55 -25.88 98.41
CA ALA Q 107 -15.45 -24.98 97.68
C ALA Q 107 -16.92 -25.31 97.91
N ALA Q 108 -17.21 -26.56 98.28
CA ALA Q 108 -18.59 -27.00 98.47
C ALA Q 108 -18.91 -27.30 99.92
N LYS Q 109 -17.93 -27.15 100.80
CA LYS Q 109 -18.18 -27.28 102.22
C LYS Q 109 -19.13 -26.17 102.65
N ALA Q 110 -19.39 -25.26 101.72
CA ALA Q 110 -20.36 -24.18 101.91
C ALA Q 110 -21.77 -24.67 101.57
N ASN Q 111 -21.87 -25.51 100.53
CA ASN Q 111 -23.14 -26.15 100.18
C ASN Q 111 -23.61 -27.00 101.34
N LEU Q 112 -22.68 -27.23 102.27
CA LEU Q 112 -22.97 -27.95 103.49
C LEU Q 112 -23.86 -27.09 104.37
N GLU Q 113 -23.72 -25.77 104.25
CA GLU Q 113 -24.55 -24.83 105.01
C GLU Q 113 -25.94 -24.62 104.40
N LYS Q 114 -26.00 -24.25 103.12
CA LYS Q 114 -27.28 -24.06 102.43
C LYS Q 114 -28.04 -25.38 102.35
N ALA Q 115 -27.74 -26.26 103.30
CA ALA Q 115 -28.39 -27.57 103.40
C ALA Q 115 -28.91 -27.77 104.82
N GLN Q 116 -28.01 -27.65 105.79
CA GLN Q 116 -28.41 -27.72 107.20
C GLN Q 116 -29.41 -26.62 107.48
N SER Q 117 -29.08 -25.42 107.02
CA SER Q 117 -29.95 -24.26 107.17
C SER Q 117 -31.35 -24.57 106.68
N GLU Q 118 -31.44 -25.16 105.49
CA GLU Q 118 -32.72 -25.46 104.86
C GLU Q 118 -33.58 -26.45 105.68
N LEU Q 119 -32.93 -27.44 106.30
CA LEU Q 119 -33.62 -28.39 107.16
C LEU Q 119 -34.72 -27.71 107.95
N LEU Q 120 -34.40 -26.54 108.48
CA LEU Q 120 -35.32 -25.76 109.29
C LEU Q 120 -36.42 -25.14 108.43
N GLY Q 121 -36.01 -24.43 107.39
CA GLY Q 121 -36.93 -23.68 106.54
C GLY Q 121 -37.99 -24.48 105.79
N ALA Q 122 -38.30 -25.67 106.30
CA ALA Q 122 -39.35 -26.49 105.72
C ALA Q 122 -40.05 -27.31 106.81
N ALA Q 123 -41.17 -26.80 107.29
CA ALA Q 123 -41.96 -27.50 108.29
C ALA Q 123 -42.74 -28.64 107.64
N ASP Q 124 -42.34 -28.99 106.42
CA ASP Q 124 -42.97 -30.08 105.67
C ASP Q 124 -42.32 -31.43 105.97
N GLU Q 125 -42.58 -32.41 105.11
CA GLU Q 125 -42.02 -33.75 105.24
C GLU Q 125 -41.50 -34.21 103.87
N ALA Q 126 -42.26 -33.88 102.84
CA ALA Q 126 -41.82 -34.07 101.47
C ALA Q 126 -40.52 -33.31 101.29
N THR Q 127 -40.62 -31.98 101.13
CA THR Q 127 -39.45 -31.12 101.03
C THR Q 127 -38.73 -31.02 102.37
N ARG Q 128 -38.58 -32.17 103.03
CA ARG Q 128 -37.83 -32.28 104.27
C ARG Q 128 -36.96 -33.54 104.26
N ALA Q 129 -37.59 -34.70 104.14
CA ALA Q 129 -36.86 -35.94 104.00
C ALA Q 129 -35.77 -35.76 102.97
N GLU Q 130 -36.14 -35.18 101.82
CA GLU Q 130 -35.20 -34.88 100.75
C GLU Q 130 -34.00 -34.10 101.25
N ILE Q 131 -34.26 -33.05 102.02
CA ILE Q 131 -33.20 -32.14 102.45
C ILE Q 131 -32.14 -32.85 103.28
N GLN Q 132 -32.55 -33.48 104.37
CA GLN Q 132 -31.60 -34.15 105.26
C GLN Q 132 -30.60 -34.99 104.49
N ILE Q 133 -31.07 -35.67 103.45
CA ILE Q 133 -30.20 -36.47 102.62
C ILE Q 133 -29.02 -35.63 102.17
N ARG Q 134 -29.34 -34.46 101.61
CA ARG Q 134 -28.31 -33.56 101.10
C ARG Q 134 -27.36 -33.20 102.21
N ILE Q 135 -27.83 -33.26 103.44
CA ILE Q 135 -26.97 -32.99 104.58
C ILE Q 135 -25.87 -34.03 104.69
N GLU Q 136 -26.24 -35.28 104.94
CA GLU Q 136 -25.24 -36.33 105.06
C GLU Q 136 -24.47 -36.46 103.76
N ALA Q 137 -25.17 -36.23 102.66
CA ALA Q 137 -24.53 -36.21 101.35
C ALA Q 137 -23.40 -35.22 101.40
N ASN Q 138 -23.73 -33.96 101.22
CA ASN Q 138 -22.73 -32.90 101.31
C ASN Q 138 -21.73 -33.12 102.45
N GLU Q 139 -22.24 -33.39 103.65
CA GLU Q 139 -21.38 -33.55 104.82
C GLU Q 139 -20.29 -34.58 104.58
N ALA Q 140 -20.70 -35.79 104.23
CA ALA Q 140 -19.76 -36.86 103.95
C ALA Q 140 -18.65 -36.35 103.02
N LEU Q 141 -19.01 -35.45 102.12
CA LEU Q 141 -18.06 -34.92 101.14
C LEU Q 141 -16.84 -34.28 101.81
N VAL Q 142 -17.05 -33.59 102.93
CA VAL Q 142 -15.96 -32.92 103.63
C VAL Q 142 -14.81 -33.89 103.91
N LYS Q 143 -15.11 -35.18 103.80
CA LYS Q 143 -14.11 -36.23 103.97
C LYS Q 143 -13.27 -36.41 102.70
N ALA Q 144 -12.92 -35.29 102.07
CA ALA Q 144 -12.06 -35.31 100.89
C ALA Q 144 -10.76 -34.58 101.20
N LEU Q 145 -10.69 -33.31 100.82
CA LEU Q 145 -9.58 -32.43 101.18
C LEU Q 145 -10.06 -31.31 102.10
N VAL R 1 -37.72 -49.02 106.74
CA VAL R 1 -37.78 -47.57 106.55
C VAL R 1 -36.56 -46.89 107.19
N ALA R 2 -36.01 -45.90 106.49
CA ALA R 2 -34.83 -45.18 106.97
C ALA R 2 -35.06 -43.67 107.03
N TYR R 3 -33.97 -42.90 107.06
CA TYR R 3 -34.08 -41.46 107.33
C TYR R 3 -34.40 -40.61 106.11
N TRP R 4 -34.85 -41.25 105.04
CA TRP R 4 -35.32 -40.52 103.87
C TRP R 4 -36.60 -41.14 103.31
N ARG R 5 -36.81 -42.42 103.62
CA ARG R 5 -38.07 -43.09 103.30
C ARG R 5 -39.15 -42.50 104.18
N GLN R 6 -40.07 -43.36 104.61
CA GLN R 6 -41.11 -42.96 105.54
C GLN R 6 -42.20 -42.14 104.85
N ALA R 7 -41.81 -41.02 104.25
CA ALA R 7 -42.76 -40.13 103.61
C ALA R 7 -43.30 -40.67 102.29
N GLY R 8 -42.47 -41.45 101.60
CA GLY R 8 -42.80 -41.96 100.28
C GLY R 8 -41.86 -41.41 99.24
N LEU R 9 -40.57 -41.60 99.47
CA LEU R 9 -39.52 -41.01 98.63
C LEU R 9 -38.56 -42.09 98.13
N SER R 10 -38.63 -42.39 96.83
CA SER R 10 -37.87 -43.48 96.25
C SER R 10 -36.37 -43.26 96.28
N TYR R 11 -35.61 -44.35 96.41
CA TYR R 11 -34.16 -44.29 96.42
C TYR R 11 -33.68 -43.38 95.29
N ILE R 12 -34.38 -43.44 94.16
CA ILE R 12 -34.08 -42.59 93.02
C ILE R 12 -33.74 -41.20 93.57
N ARG R 13 -34.75 -40.51 94.09
CA ARG R 13 -34.58 -39.15 94.58
C ARG R 13 -33.38 -39.04 95.51
N TYR R 14 -33.17 -40.06 96.33
CA TYR R 14 -31.98 -40.10 97.17
C TYR R 14 -30.76 -39.97 96.29
N SER R 15 -30.48 -41.02 95.52
CA SER R 15 -29.35 -41.01 94.61
C SER R 15 -29.24 -39.69 93.87
N GLN R 16 -30.39 -39.11 93.53
CA GLN R 16 -30.42 -37.88 92.76
C GLN R 16 -29.80 -36.71 93.53
N ILE R 17 -30.43 -36.29 94.63
CA ILE R 17 -29.97 -35.11 95.36
C ILE R 17 -28.50 -35.22 95.76
N CYS R 18 -28.01 -36.45 95.79
CA CYS R 18 -26.59 -36.73 96.04
C CYS R 18 -25.74 -36.00 95.02
N ALA R 19 -25.88 -36.40 93.77
CA ALA R 19 -25.20 -35.75 92.67
C ALA R 19 -25.23 -34.24 92.82
N LYS R 20 -26.40 -33.70 93.20
CA LYS R 20 -26.58 -32.24 93.29
C LYS R 20 -25.57 -31.56 94.20
N ALA R 21 -24.73 -32.37 94.84
CA ALA R 21 -23.68 -31.84 95.72
C ALA R 21 -22.28 -32.09 95.16
N VAL R 22 -22.11 -33.24 94.51
CA VAL R 22 -20.83 -33.58 93.89
C VAL R 22 -20.54 -32.63 92.74
N ARG R 23 -21.59 -32.27 92.00
CA ARG R 23 -21.48 -31.31 90.90
C ARG R 23 -21.24 -29.90 91.44
N ASP R 24 -21.84 -29.59 92.58
CA ASP R 24 -21.64 -28.30 93.22
C ASP R 24 -20.21 -28.22 93.74
N ALA R 25 -19.62 -29.39 93.97
CA ALA R 25 -18.26 -29.49 94.48
C ALA R 25 -17.24 -29.61 93.35
N LEU R 26 -17.17 -28.62 92.47
CA LEU R 26 -16.21 -28.61 91.38
C LEU R 26 -15.79 -27.18 91.03
N LYS R 27 -14.89 -27.04 90.05
CA LYS R 27 -14.41 -25.72 89.63
C LYS R 27 -14.62 -25.46 88.14
N THR R 28 -13.76 -24.64 87.57
CA THR R 28 -13.90 -24.24 86.18
C THR R 28 -13.04 -25.10 85.23
N GLU R 29 -11.97 -25.70 85.75
CA GLU R 29 -11.09 -26.53 84.94
C GLU R 29 -11.74 -27.87 84.62
N PHE R 30 -12.59 -28.34 85.55
CA PHE R 30 -13.34 -29.57 85.35
C PHE R 30 -14.79 -29.35 85.79
N LYS R 31 -15.66 -29.20 84.80
CA LYS R 31 -17.07 -28.89 85.04
C LYS R 31 -17.80 -28.86 83.69
N ALA R 32 -17.04 -28.76 82.61
CA ALA R 32 -17.60 -28.66 81.25
C ALA R 32 -18.37 -29.91 80.81
N ASN R 33 -18.41 -30.91 81.68
CA ASN R 33 -19.11 -32.15 81.38
C ASN R 33 -20.24 -32.43 82.36
N ALA R 34 -20.27 -31.70 83.46
CA ALA R 34 -21.27 -31.93 84.52
C ALA R 34 -22.44 -31.01 84.35
N MET R 35 -22.22 -29.90 83.65
CA MET R 35 -23.30 -29.02 83.30
C MET R 35 -24.01 -29.66 82.11
N LYS R 36 -23.23 -30.02 81.09
CA LYS R 36 -23.76 -30.68 79.89
C LYS R 36 -24.62 -31.88 80.26
N THR R 37 -24.06 -32.78 81.08
CA THR R 37 -24.80 -33.93 81.59
C THR R 37 -25.84 -33.46 82.62
N SER R 38 -26.73 -34.37 83.03
CA SER R 38 -27.78 -34.06 83.99
C SER R 38 -28.86 -33.17 83.38
N GLY R 39 -30.10 -33.42 83.78
CA GLY R 39 -31.20 -32.62 83.29
C GLY R 39 -32.42 -33.48 83.10
N SER R 40 -33.60 -32.86 83.19
CA SER R 40 -34.88 -33.56 83.05
C SER R 40 -35.57 -33.15 81.76
N THR R 41 -34.85 -33.27 80.65
CA THR R 41 -35.32 -32.82 79.36
C THR R 41 -36.57 -33.57 78.89
N ILE R 42 -37.24 -34.26 79.81
CA ILE R 42 -38.48 -34.95 79.48
C ILE R 42 -39.69 -34.10 79.89
N LYS R 43 -40.85 -34.41 79.34
CA LYS R 43 -42.09 -33.76 79.74
C LYS R 43 -43.00 -34.79 80.38
N ILE R 44 -44.15 -34.35 80.85
CA ILE R 44 -45.06 -35.23 81.58
C ILE R 44 -46.45 -35.18 80.97
N VAL R 45 -46.65 -35.84 79.84
CA VAL R 45 -47.91 -35.72 79.10
C VAL R 45 -49.06 -36.62 79.55
N LYS R 46 -50.18 -35.97 79.87
CA LYS R 46 -51.44 -36.64 80.19
C LYS R 46 -52.62 -35.99 79.45
N VAL R 47 -52.31 -35.22 78.40
CA VAL R 47 -53.29 -34.45 77.62
C VAL R 47 -54.60 -35.20 77.41
N PHE S 1 46.53 17.52 25.50
CA PHE S 1 46.01 18.07 26.75
C PHE S 1 47.10 18.61 27.70
N ALA S 2 47.96 17.72 28.21
CA ALA S 2 49.06 18.11 29.10
C ALA S 2 49.72 19.42 28.65
N LYS S 3 50.11 20.26 29.60
CA LYS S 3 50.90 21.45 29.27
C LYS S 3 52.33 21.03 28.97
N LEU S 4 53.08 21.90 28.31
CA LEU S 4 54.40 21.54 27.79
C LEU S 4 55.52 22.51 28.10
N VAL S 5 56.60 21.97 28.67
CA VAL S 5 57.79 22.75 28.98
C VAL S 5 58.58 23.05 27.72
N ARG S 6 58.20 24.14 27.05
CA ARG S 6 58.92 24.60 25.90
C ARG S 6 60.06 25.44 26.40
N PRO S 7 61.28 24.88 26.37
CA PRO S 7 62.43 25.64 26.84
C PRO S 7 63.01 26.52 25.73
N PRO S 8 63.17 27.84 26.00
CA PRO S 8 63.57 28.88 25.04
C PRO S 8 64.78 28.57 24.16
N VAL S 9 64.72 27.42 23.49
CA VAL S 9 65.65 27.08 22.43
C VAL S 9 64.79 26.66 21.24
N GLN S 10 63.68 25.99 21.55
CA GLN S 10 62.64 25.66 20.58
C GLN S 10 63.11 24.76 19.43
N ILE S 11 64.19 25.16 18.76
CA ILE S 11 64.82 24.39 17.68
C ILE S 11 63.98 24.32 16.41
N TYR S 12 63.28 23.21 16.24
CA TYR S 12 62.70 22.80 14.97
C TYR S 12 61.46 23.55 14.50
N GLY S 13 60.48 22.74 14.15
CA GLY S 13 59.23 23.16 13.53
C GLY S 13 58.54 22.01 12.78
N ILE S 14 59.34 21.03 12.34
CA ILE S 14 58.81 19.88 11.58
C ILE S 14 59.29 18.46 12.00
N GLU S 15 60.57 18.26 12.34
CA GLU S 15 61.11 16.86 12.41
C GLU S 15 61.73 16.29 13.71
N GLY S 16 62.69 16.99 14.31
CA GLY S 16 63.27 16.57 15.58
C GLY S 16 62.27 16.92 16.65
N ARG S 17 61.07 16.37 16.49
CA ARG S 17 59.92 16.70 17.31
C ARG S 17 59.91 15.91 18.61
N TYR S 18 60.66 14.81 18.62
CA TYR S 18 60.81 14.00 19.83
C TYR S 18 61.64 14.77 20.83
N ALA S 19 62.72 15.36 20.32
CA ALA S 19 63.59 16.16 21.15
C ALA S 19 62.80 17.17 21.98
N THR S 20 62.03 18.03 21.30
CA THR S 20 61.26 19.09 21.97
C THR S 20 60.31 18.50 23.01
N ALA S 21 60.26 17.17 23.07
CA ALA S 21 59.39 16.48 24.02
C ALA S 21 60.04 16.28 25.37
N LEU S 22 61.28 15.81 25.35
CA LEU S 22 61.95 15.36 26.56
C LEU S 22 62.60 16.47 27.36
N TYR S 23 62.52 17.71 26.89
CA TYR S 23 62.91 18.85 27.73
C TYR S 23 61.70 19.18 28.56
N SER S 24 60.58 18.56 28.20
CA SER S 24 59.33 18.72 28.95
C SER S 24 58.97 17.45 29.68
N ALA S 25 59.39 16.31 29.15
CA ALA S 25 59.17 15.02 29.81
C ALA S 25 60.15 14.88 30.95
N ALA S 26 61.36 15.39 30.72
CA ALA S 26 62.40 15.36 31.73
C ALA S 26 62.12 16.37 32.84
N SER S 27 61.85 17.61 32.45
CA SER S 27 61.62 18.68 33.42
C SER S 27 60.44 18.39 34.36
N LYS S 28 60.06 17.12 34.44
CA LYS S 28 59.21 16.63 35.51
C LYS S 28 59.88 15.39 36.11
N GLN S 29 60.65 15.64 37.18
CA GLN S 29 61.56 14.67 37.83
C GLN S 29 62.99 15.18 37.71
N ASN S 30 63.13 16.38 37.15
CA ASN S 30 64.42 17.03 36.93
C ASN S 30 65.55 16.09 36.56
N LYS S 31 65.24 15.10 35.74
CA LYS S 31 66.24 14.13 35.27
C LYS S 31 66.79 14.56 33.91
N LEU S 32 66.85 15.86 33.67
CA LEU S 32 67.39 16.39 32.43
C LEU S 32 68.76 15.78 32.17
N GLU S 33 69.58 15.78 33.22
CA GLU S 33 70.99 15.45 33.14
C GLU S 33 71.20 13.93 33.08
N GLN S 34 70.34 13.19 33.77
CA GLN S 34 70.35 11.72 33.73
C GLN S 34 70.33 11.23 32.29
N VAL S 35 69.73 12.01 31.40
CA VAL S 35 69.60 11.60 30.01
C VAL S 35 70.60 12.34 29.14
N GLU S 36 70.93 13.57 29.51
CA GLU S 36 71.90 14.33 28.75
C GLU S 36 73.12 13.46 28.49
N LYS S 37 73.33 12.49 29.37
CA LYS S 37 74.45 11.56 29.25
C LYS S 37 73.99 10.20 28.74
N GLU S 38 72.78 9.80 29.12
CA GLU S 38 72.23 8.53 28.66
C GLU S 38 72.24 8.43 27.13
N LEU S 39 71.80 9.51 26.48
CA LEU S 39 71.76 9.54 25.02
C LEU S 39 73.15 9.48 24.39
N LEU S 40 74.09 10.25 24.94
CA LEU S 40 75.46 10.24 24.44
C LEU S 40 75.93 8.81 24.21
N ARG S 41 75.55 7.93 25.14
CA ARG S 41 75.98 6.53 25.12
C ARG S 41 75.26 5.69 24.05
N VAL S 42 73.95 5.84 23.93
CA VAL S 42 73.18 5.10 22.94
C VAL S 42 73.58 5.50 21.51
N GLY S 43 74.05 6.74 21.37
CA GLY S 43 74.51 7.24 20.09
C GLY S 43 75.59 6.36 19.48
N GLN S 44 76.17 5.48 20.29
CA GLN S 44 77.24 4.59 19.83
C GLN S 44 76.95 3.12 20.11
N ILE S 45 75.87 2.83 20.84
CA ILE S 45 75.42 1.45 21.00
C ILE S 45 74.91 0.99 19.64
N LEU S 46 74.63 1.94 18.77
CA LEU S 46 74.05 1.68 17.46
C LEU S 46 75.05 1.85 16.32
N LYS S 47 76.13 2.58 16.57
CA LYS S 47 77.18 2.76 15.55
C LYS S 47 78.22 1.66 15.64
N GLU S 48 77.79 0.52 16.15
CA GLU S 48 78.64 -0.65 16.23
C GLU S 48 78.68 -1.39 14.92
N PRO S 49 79.69 -2.26 14.75
CA PRO S 49 79.72 -3.28 13.68
C PRO S 49 78.75 -4.43 13.96
N LYS S 50 77.78 -4.22 14.86
CA LYS S 50 76.90 -5.28 15.31
C LYS S 50 75.45 -4.81 15.40
N MSE S 51 75.25 -3.52 15.14
CA MSE S 51 73.93 -2.91 15.27
C MSE S 51 73.43 -2.24 13.99
O MSE S 51 72.39 -1.71 13.98
CB MSE S 51 73.90 -1.92 16.45
CG MSE S 51 73.34 -2.40 17.81
SE MSE S 51 71.45 -2.91 17.91
CE MSE S 51 70.52 -1.82 19.25
N ALA S 52 74.24 -2.28 12.94
CA ALA S 52 73.87 -1.64 11.68
C ALA S 52 73.04 -2.56 10.79
N ALA S 53 73.00 -3.84 11.14
CA ALA S 53 72.18 -4.80 10.42
C ALA S 53 70.74 -4.79 10.95
N SER S 54 70.32 -3.59 11.35
CA SER S 54 68.94 -3.33 11.75
C SER S 54 68.75 -1.82 11.76
N LEU S 55 69.80 -1.12 12.19
CA LEU S 55 69.82 0.35 12.20
C LEU S 55 69.16 0.90 10.94
N LEU S 56 69.63 0.42 9.79
CA LEU S 56 69.05 0.81 8.51
C LEU S 56 68.62 -0.45 7.78
N ASN S 57 67.68 -1.16 8.38
CA ASN S 57 67.23 -2.43 7.85
C ASN S 57 65.71 -2.56 7.92
N PRO S 58 65.01 -2.23 6.82
CA PRO S 58 63.57 -2.52 6.77
C PRO S 58 63.30 -4.03 6.60
N TYR S 59 64.11 -4.87 7.26
CA TYR S 59 64.07 -6.32 7.07
C TYR S 59 63.44 -7.04 8.26
N VAL S 60 63.72 -6.52 9.45
CA VAL S 60 63.23 -7.13 10.66
C VAL S 60 61.90 -6.47 11.06
N LYS S 61 61.87 -5.14 11.01
CA LYS S 61 60.66 -4.33 11.24
C LYS S 61 60.31 -4.17 12.73
N ARG S 62 59.11 -3.68 13.00
CA ARG S 62 58.71 -3.38 14.36
C ARG S 62 58.48 -4.63 15.23
N SER S 63 58.92 -5.79 14.75
CA SER S 63 58.80 -7.01 15.55
C SER S 63 60.01 -7.20 16.45
N VAL S 64 61.00 -7.95 15.98
CA VAL S 64 62.23 -8.10 16.73
C VAL S 64 63.16 -6.92 16.43
N LYS S 65 62.72 -5.73 16.85
CA LYS S 65 63.54 -4.55 16.80
C LYS S 65 63.20 -3.69 18.01
N VAL S 66 61.98 -3.85 18.51
CA VAL S 66 61.55 -3.15 19.72
C VAL S 66 61.83 -4.01 20.95
N LYS S 67 61.51 -5.30 20.86
CA LYS S 67 61.77 -6.24 21.95
C LYS S 67 63.20 -6.79 21.90
N SER S 68 63.97 -6.32 20.93
CA SER S 68 65.40 -6.51 20.91
C SER S 68 66.03 -5.17 21.29
N LEU S 69 65.16 -4.24 21.67
CA LEU S 69 65.58 -2.99 22.29
C LEU S 69 65.01 -2.87 23.69
N SER S 70 64.68 -4.02 24.28
CA SER S 70 64.43 -4.11 25.71
C SER S 70 65.76 -4.53 26.32
N ASP S 71 66.71 -4.84 25.43
CA ASP S 71 68.04 -5.24 25.82
C ASP S 71 68.91 -3.99 25.96
N MSE S 72 69.23 -3.35 24.84
CA MSE S 72 70.03 -2.13 24.84
C MSE S 72 69.42 -0.97 25.63
O MSE S 72 69.83 0.14 25.50
CB MSE S 72 70.72 -1.72 23.52
CG MSE S 72 71.11 -2.87 22.58
SE MSE S 72 72.97 -3.51 22.55
CE MSE S 72 73.61 -4.05 24.32
N THR S 73 68.41 -1.29 26.43
CA THR S 73 67.88 -0.40 27.46
C THR S 73 68.04 -1.03 28.85
N ALA S 74 67.19 -2.01 29.16
CA ALA S 74 67.22 -2.69 30.46
C ALA S 74 68.64 -3.05 30.90
N LYS S 75 69.31 -3.87 30.10
CA LYS S 75 70.71 -4.23 30.33
C LYS S 75 71.48 -3.01 30.81
N GLU S 76 71.92 -2.19 29.87
CA GLU S 76 72.89 -1.14 30.14
C GLU S 76 72.49 -0.11 31.18
N LYS S 77 73.19 1.02 31.12
CA LYS S 77 73.12 2.08 32.13
C LYS S 77 71.79 2.82 32.10
N PHE S 78 70.86 2.32 31.29
CA PHE S 78 69.58 2.97 31.12
C PHE S 78 68.49 2.31 31.96
N SER S 79 67.47 1.83 31.26
CA SER S 79 66.25 1.32 31.87
C SER S 79 65.48 2.31 32.77
N PRO S 80 65.50 3.63 32.44
CA PRO S 80 64.65 4.55 33.19
C PRO S 80 63.35 4.94 32.46
N LEU S 81 63.05 6.24 32.49
CA LEU S 81 61.94 6.82 31.75
C LEU S 81 62.50 7.49 30.50
N THR S 82 63.50 6.85 29.92
CA THR S 82 64.20 7.34 28.73
C THR S 82 64.66 6.16 27.90
N SER S 83 64.28 4.96 28.36
CA SER S 83 64.46 3.77 27.55
C SER S 83 63.34 3.78 26.54
N ASN S 84 62.50 4.81 26.64
CA ASN S 84 61.28 4.89 25.86
C ASN S 84 61.37 5.76 24.61
N LEU S 85 62.15 6.84 24.65
CA LEU S 85 62.34 7.66 23.47
C LEU S 85 62.87 6.77 22.37
N ILE S 86 63.42 5.63 22.78
CA ILE S 86 63.80 4.57 21.86
C ILE S 86 62.57 3.74 21.48
N ASN S 87 61.92 3.17 22.50
CA ASN S 87 60.71 2.37 22.30
C ASN S 87 59.63 3.07 21.48
N LEU S 88 59.83 4.35 21.22
CA LEU S 88 58.97 5.13 20.34
C LEU S 88 59.53 5.10 18.93
N LEU S 89 60.74 5.66 18.79
CA LEU S 89 61.45 5.61 17.53
C LEU S 89 61.51 4.18 17.02
N ALA S 90 61.36 3.23 17.95
CA ALA S 90 61.33 1.82 17.61
C ALA S 90 60.06 1.51 16.86
N GLU S 91 58.93 1.84 17.46
CA GLU S 91 57.63 1.61 16.84
C GLU S 91 57.38 2.59 15.71
N ASN S 92 57.43 3.88 16.00
CA ASN S 92 57.18 4.90 15.00
C ASN S 92 58.21 4.91 13.87
N GLY S 93 58.85 3.77 13.64
CA GLY S 93 59.77 3.57 12.53
C GLY S 93 60.79 4.67 12.24
N ARG S 94 61.42 5.20 13.29
CA ARG S 94 62.39 6.26 13.07
C ARG S 94 63.65 6.09 13.91
N LEU S 95 64.09 4.85 14.02
CA LEU S 95 65.37 4.50 14.63
C LEU S 95 66.48 5.07 13.76
N THR S 96 66.22 5.06 12.45
CA THR S 96 67.13 5.61 11.46
C THR S 96 67.31 7.12 11.66
N ASN S 97 66.78 7.63 12.76
CA ASN S 97 66.66 9.07 12.95
C ASN S 97 67.25 9.57 14.27
N THR S 98 67.38 8.67 15.24
CA THR S 98 67.75 9.06 16.60
C THR S 98 68.97 9.98 16.73
N PRO S 99 70.03 9.74 15.93
CA PRO S 99 71.21 10.60 16.01
C PRO S 99 70.83 12.07 16.01
N ALA S 100 69.93 12.44 15.10
CA ALA S 100 69.45 13.82 15.00
C ALA S 100 68.62 14.21 16.21
N VAL S 101 67.97 13.23 16.83
CA VAL S 101 67.12 13.48 18.00
C VAL S 101 67.96 13.71 19.24
N ILE S 102 69.13 13.08 19.30
CA ILE S 102 70.10 13.33 20.36
C ILE S 102 70.81 14.67 20.14
N SER S 103 71.32 14.88 18.93
CA SER S 103 71.93 16.16 18.54
C SER S 103 71.17 17.36 19.11
N ALA S 104 69.88 17.39 18.87
CA ALA S 104 69.04 18.52 19.27
C ALA S 104 68.78 18.52 20.77
N PHE S 105 68.80 17.34 21.38
CA PHE S 105 68.66 17.23 22.84
C PHE S 105 69.71 18.13 23.48
N SER S 106 70.91 18.10 22.90
CA SER S 106 72.02 18.90 23.36
C SER S 106 71.75 20.38 23.17
N THR S 107 71.71 20.81 21.91
CA THR S 107 71.59 22.22 21.56
C THR S 107 70.44 22.90 22.31
N MSE S 108 69.62 22.09 22.96
CA MSE S 108 68.54 22.61 23.79
C MSE S 108 68.94 22.53 25.27
O MSE S 108 68.42 23.26 26.07
CB MSE S 108 67.19 21.91 23.47
CG MSE S 108 65.92 22.75 23.19
SE MSE S 108 64.70 23.14 24.69
CE MSE S 108 65.61 22.64 26.34
N MSE S 109 69.86 21.63 25.60
CA MSE S 109 70.36 21.50 26.96
C MSE S 109 71.32 22.64 27.30
O MSE S 109 71.26 23.24 28.33
CB MSE S 109 71.09 20.16 27.16
CG MSE S 109 70.28 19.01 27.76
SE MSE S 109 69.45 19.31 29.52
CE MSE S 109 69.53 21.17 30.07
N SER S 110 72.23 22.87 26.38
CA SER S 110 73.23 23.92 26.51
C SER S 110 72.69 25.26 26.03
N VAL S 111 71.46 25.55 26.42
CA VAL S 111 70.89 26.88 26.28
C VAL S 111 70.08 27.11 27.55
N HIS S 112 70.09 26.09 28.41
CA HIS S 112 69.69 26.25 29.81
C HIS S 112 70.95 26.48 30.61
N ARG S 113 72.05 26.00 30.06
CA ARG S 113 73.38 26.20 30.63
C ARG S 113 74.21 27.20 29.82
N GLY S 114 75.11 26.67 29.00
CA GLY S 114 76.04 27.50 28.25
C GLY S 114 75.40 28.48 27.29
N GLU S 115 76.23 29.31 26.67
CA GLU S 115 75.84 30.10 25.51
C GLU S 115 76.78 29.67 24.39
N VAL S 116 76.42 29.87 23.14
CA VAL S 116 77.17 29.22 22.07
C VAL S 116 78.03 30.10 21.14
N PRO S 117 77.99 31.43 21.32
CA PRO S 117 78.78 32.24 20.39
C PRO S 117 80.25 31.80 20.31
N CYS S 118 80.83 31.87 19.11
CA CYS S 118 82.19 31.39 18.87
C CYS S 118 83.15 32.48 18.44
N THR S 119 84.42 32.23 18.70
CA THR S 119 85.46 33.17 18.32
C THR S 119 85.60 33.18 16.81
N VAL S 120 86.55 33.98 16.34
CA VAL S 120 86.93 34.00 14.95
C VAL S 120 88.34 33.41 14.87
N THR S 121 88.43 32.19 14.33
CA THR S 121 89.67 31.43 14.06
C THR S 121 89.74 30.08 14.81
N THR S 122 89.19 30.01 16.02
CA THR S 122 89.09 28.71 16.72
C THR S 122 87.88 28.54 17.67
N ALA S 123 88.09 27.82 18.76
CA ALA S 123 87.04 27.15 19.53
C ALA S 123 85.95 27.96 20.26
N SER S 124 85.13 27.21 21.00
CA SER S 124 83.88 27.69 21.57
C SER S 124 84.07 28.45 22.88
N ALA S 125 83.51 29.64 22.92
CA ALA S 125 83.66 30.51 24.08
C ALA S 125 82.90 30.01 25.30
N LEU S 126 82.02 29.02 25.11
CA LEU S 126 81.11 28.57 26.18
C LEU S 126 80.96 29.63 27.30
N ASP S 127 80.21 30.69 27.00
CA ASP S 127 80.01 31.82 27.92
C ASP S 127 78.87 31.60 28.90
N GLU S 128 78.85 30.44 29.54
CA GLU S 128 77.78 30.04 30.44
C GLU S 128 77.48 31.09 31.51
N THR S 129 76.78 32.16 31.11
CA THR S 129 76.54 33.28 32.03
C THR S 129 75.13 33.83 31.91
N THR S 130 74.80 34.75 32.82
CA THR S 130 73.51 35.44 32.81
C THR S 130 73.52 36.64 31.87
N LEU S 131 74.68 36.93 31.29
CA LEU S 131 74.79 38.07 30.38
C LEU S 131 75.68 37.83 29.15
N THR S 132 75.11 38.14 27.98
CA THR S 132 75.78 37.98 26.69
C THR S 132 76.73 39.15 26.40
N GLU S 133 77.93 38.82 25.92
CA GLU S 133 79.00 39.80 25.71
C GLU S 133 79.33 40.59 26.97
N LEU S 134 79.14 39.95 28.12
CA LEU S 134 79.76 40.44 29.33
C LEU S 134 81.10 39.74 29.40
N LYS S 135 81.05 38.42 29.53
CA LYS S 135 82.25 37.63 29.70
C LYS S 135 82.90 37.29 28.36
N THR S 136 82.56 38.05 27.32
CA THR S 136 83.15 37.85 26.00
C THR S 136 84.52 38.48 25.89
N VAL S 137 84.80 39.42 26.78
CA VAL S 137 86.09 40.08 26.81
C VAL S 137 86.98 39.39 27.83
N LEU S 138 86.51 39.35 29.09
CA LEU S 138 87.29 38.82 30.21
C LEU S 138 87.60 37.32 30.11
N LYS S 139 87.17 36.69 29.01
CA LYS S 139 87.47 35.28 28.75
C LYS S 139 88.37 35.11 27.52
N SER S 140 88.52 36.21 26.77
CA SER S 140 89.48 36.25 25.67
C SER S 140 90.75 37.00 26.07
N PHE S 141 90.90 37.24 27.38
CA PHE S 141 92.17 37.75 27.92
C PHE S 141 93.03 36.56 28.27
N LEU S 142 92.38 35.39 28.29
CA LEU S 142 93.07 34.12 28.31
C LEU S 142 93.25 33.69 26.85
N SER S 143 93.44 34.68 25.98
CA SER S 143 93.70 34.46 24.55
C SER S 143 95.01 35.16 24.13
N LYS S 144 95.27 36.33 24.71
CA LYS S 144 96.61 36.87 24.65
C LYS S 144 97.46 35.86 25.40
N GLY S 145 97.24 35.81 26.71
CA GLY S 145 97.88 34.82 27.58
C GLY S 145 97.25 33.46 27.37
N GLN S 146 98.01 32.56 26.76
CA GLN S 146 97.47 31.32 26.22
C GLN S 146 97.80 30.07 27.03
N LYS S 169 88.25 59.06 -1.50
CA LYS S 169 88.82 57.74 -1.81
C LYS S 169 88.05 57.07 -2.94
N TYR S 170 88.79 56.72 -4.02
CA TYR S 170 88.23 56.57 -5.38
C TYR S 170 87.41 55.29 -5.71
N VAL S 171 86.15 55.51 -6.12
CA VAL S 171 85.15 54.46 -6.37
C VAL S 171 85.75 53.17 -6.89
N ASP S 172 85.96 52.23 -5.98
CA ASP S 172 86.66 50.97 -6.19
C ASP S 172 87.57 50.72 -4.98
N MSE S 173 88.46 51.67 -4.72
CA MSE S 173 89.28 51.61 -3.51
C MSE S 173 88.36 51.60 -2.30
O MSE S 173 88.69 51.11 -1.27
CB MSE S 173 90.29 52.78 -3.45
CG MSE S 173 91.74 52.53 -3.90
SE MSE S 173 93.01 51.66 -2.66
CE MSE S 173 94.39 52.95 -2.17
N SER S 174 87.19 52.19 -2.47
CA SER S 174 86.16 52.13 -1.45
C SER S 174 85.83 50.66 -1.19
N ALA S 175 85.42 49.95 -2.23
CA ALA S 175 85.03 48.55 -2.09
C ALA S 175 86.21 47.63 -1.80
N LYS S 176 87.42 48.10 -2.13
CA LYS S 176 88.62 47.29 -2.00
C LYS S 176 89.39 47.50 -0.69
N THR S 177 88.78 48.19 0.28
CA THR S 177 89.44 48.46 1.56
C THR S 177 88.74 47.73 2.69
N LYS S 178 87.41 47.78 2.66
CA LYS S 178 86.58 46.95 3.50
C LYS S 178 86.84 45.52 3.08
N ILE S 179 87.53 45.37 1.96
CA ILE S 179 87.74 44.07 1.36
C ILE S 179 88.91 43.35 2.02
N GLN S 180 89.61 44.01 2.94
CA GLN S 180 90.68 43.35 3.67
C GLN S 180 90.43 43.43 5.16
N LYS S 181 89.85 44.55 5.59
CA LYS S 181 89.61 44.79 7.00
C LYS S 181 89.08 43.54 7.73
N LEU S 182 87.76 43.47 7.90
CA LEU S 182 87.11 42.22 8.28
C LEU S 182 86.71 41.52 6.98
N SER S 183 87.67 40.85 6.34
CA SER S 183 87.48 40.47 4.94
C SER S 183 88.29 39.29 4.32
N ARG S 184 87.52 38.41 3.67
CA ARG S 184 87.96 37.51 2.59
C ARG S 184 88.62 36.15 2.94
N ALA S 185 89.73 35.83 2.28
CA ALA S 185 90.37 34.52 2.40
C ALA S 185 91.69 34.59 3.16
N MSE S 186 92.09 35.81 3.50
CA MSE S 186 93.34 36.06 4.22
C MSE S 186 93.45 35.29 5.54
O MSE S 186 93.41 34.10 5.58
CB MSE S 186 93.69 37.55 4.43
CG MSE S 186 92.75 38.64 3.87
SE MSE S 186 93.57 40.19 2.98
CE MSE S 186 93.05 40.22 1.10
N ARG S 187 93.58 36.06 6.61
CA ARG S 187 93.76 35.52 7.95
C ARG S 187 92.69 34.49 8.33
N GLU S 188 91.73 34.26 7.43
CA GLU S 188 90.72 33.23 7.63
C GLU S 188 91.35 31.86 7.86
N ILE S 189 92.33 31.51 7.03
CA ILE S 189 92.96 30.20 7.19
C ILE S 189 93.68 30.12 8.54
N HIS T 24 50.34 74.69 -64.94
CA HIS T 24 51.70 74.57 -64.42
C HIS T 24 51.70 74.27 -62.92
N TYR T 25 50.54 73.86 -62.40
CA TYR T 25 50.44 73.44 -61.00
C TYR T 25 51.11 72.08 -60.81
N LEU T 26 50.86 71.16 -61.73
CA LEU T 26 51.52 69.87 -61.74
C LEU T 26 52.99 70.07 -62.11
N PHE T 27 53.36 71.31 -62.41
CA PHE T 27 54.70 71.65 -62.89
C PHE T 27 55.50 72.53 -61.92
N ASP T 28 54.92 72.82 -60.76
CA ASP T 28 55.59 73.67 -59.77
C ASP T 28 55.88 72.96 -58.45
N VAL T 29 55.15 71.88 -58.17
CA VAL T 29 55.48 71.02 -57.03
C VAL T 29 56.91 70.51 -57.24
N GLN T 30 57.30 70.41 -58.51
CA GLN T 30 58.63 69.95 -58.88
C GLN T 30 59.64 71.10 -58.89
N ARG T 31 59.14 72.34 -58.95
CA ARG T 31 60.01 73.51 -58.90
C ARG T 31 60.16 74.03 -57.48
N ASN T 32 59.33 73.51 -56.58
CA ASN T 32 59.55 73.69 -55.15
C ASN T 32 59.90 72.35 -54.50
N ASN T 33 60.32 71.40 -55.34
CA ASN T 33 60.94 70.16 -54.88
C ASN T 33 62.45 70.23 -55.06
N ILE T 34 62.88 70.77 -56.20
CA ILE T 34 64.31 70.96 -56.47
C ILE T 34 64.86 72.11 -55.63
N ALA T 35 64.03 73.12 -55.39
CA ALA T 35 64.41 74.25 -54.52
C ALA T 35 64.32 73.83 -53.06
N MSE T 36 64.14 72.54 -52.84
CA MSE T 36 64.00 71.96 -51.51
C MSE T 36 64.80 70.65 -51.39
O MSE T 36 65.00 70.17 -50.33
CB MSE T 36 62.51 71.73 -51.18
CG MSE T 36 62.10 71.27 -49.76
SE MSE T 36 60.19 70.94 -49.44
CE MSE T 36 59.44 69.94 -50.93
N ALA T 37 65.21 70.10 -52.54
CA ALA T 37 66.02 68.89 -52.57
C ALA T 37 67.50 69.26 -52.64
N LEU T 38 67.76 70.56 -52.62
CA LEU T 38 69.12 71.08 -52.58
C LEU T 38 69.31 71.83 -51.27
N GLU T 39 68.19 72.25 -50.68
CA GLU T 39 68.20 72.85 -49.35
C GLU T 39 68.57 71.80 -48.32
N VAL T 40 68.38 70.54 -48.68
CA VAL T 40 68.58 69.41 -47.78
C VAL T 40 69.96 68.76 -47.94
N THR T 41 70.58 68.94 -49.11
CA THR T 41 71.90 68.40 -49.34
C THR T 41 72.98 69.42 -48.97
N TYR T 42 72.63 70.71 -49.06
CA TYR T 42 73.57 71.77 -48.71
C TYR T 42 73.56 72.04 -47.21
N ARG T 43 72.57 71.49 -46.52
CA ARG T 43 72.57 71.51 -45.07
C ARG T 43 73.36 70.32 -44.54
N GLU T 44 73.35 69.23 -45.30
CA GLU T 44 74.04 68.00 -44.89
C GLU T 44 75.56 68.16 -44.93
N ARG T 45 76.06 68.86 -45.95
CA ARG T 45 77.49 69.08 -46.10
C ARG T 45 78.04 70.06 -45.05
N LEU T 46 77.13 70.78 -44.39
CA LEU T 46 77.50 71.76 -43.37
C LEU T 46 77.59 71.12 -41.98
N HIS T 47 77.05 69.92 -41.84
CA HIS T 47 77.16 69.16 -40.60
C HIS T 47 78.08 67.96 -40.79
N ARG T 48 78.62 67.83 -42.01
CA ARG T 48 79.63 66.82 -42.31
C ARG T 48 80.91 67.15 -41.55
N VAL T 49 81.42 68.36 -41.78
CA VAL T 49 82.68 68.81 -41.18
C VAL T 49 82.65 68.71 -39.66
N TYR T 50 81.47 68.94 -39.07
CA TYR T 50 81.33 68.78 -37.63
C TYR T 50 81.52 67.32 -37.25
N ARG T 51 80.78 66.45 -37.94
CA ARG T 51 80.82 65.03 -37.65
C ARG T 51 82.15 64.38 -38.02
N GLU T 52 82.99 65.13 -38.73
CA GLU T 52 84.35 64.67 -39.03
C GLU T 52 85.36 65.36 -38.11
N VAL T 53 85.32 66.69 -38.06
CA VAL T 53 86.31 67.46 -37.31
C VAL T 53 86.23 67.23 -35.80
N LYS T 54 85.07 67.50 -35.21
CA LYS T 54 84.91 67.30 -33.77
C LYS T 54 85.15 65.84 -33.40
N ASN T 55 85.21 64.98 -34.41
CA ASN T 55 85.42 63.56 -34.18
C ASN T 55 86.91 63.20 -34.14
N ARG T 56 87.68 63.78 -35.06
CA ARG T 56 89.11 63.49 -35.16
C ARG T 56 89.87 63.85 -33.88
N LEU T 57 89.18 64.44 -32.91
CA LEU T 57 89.77 64.76 -31.62
C LEU T 57 88.95 64.26 -30.42
N ASP T 58 87.63 64.17 -30.58
CA ASP T 58 86.79 63.53 -29.55
C ASP T 58 87.23 62.08 -29.41
N TYR T 59 88.05 61.66 -30.36
CA TYR T 59 88.76 60.38 -30.33
C TYR T 59 89.68 60.38 -29.12
N HIS T 60 90.61 61.33 -29.09
CA HIS T 60 91.58 61.42 -27.99
C HIS T 60 90.87 61.70 -26.65
N ILE T 61 89.64 62.18 -26.73
CA ILE T 61 88.81 62.34 -25.54
C ILE T 61 88.60 60.96 -24.91
N SER T 62 88.91 59.92 -25.69
CA SER T 62 88.71 58.55 -25.25
C SER T 62 90.03 57.78 -25.14
N VAL T 63 91.00 58.12 -25.98
CA VAL T 63 92.32 57.47 -25.96
C VAL T 63 93.10 57.91 -24.72
N GLN T 64 92.49 58.79 -23.94
CA GLN T 64 93.05 59.28 -22.70
C GLN T 64 92.13 58.83 -21.56
N ASN T 65 90.88 58.56 -21.91
CA ASN T 65 89.88 58.10 -20.95
C ASN T 65 90.12 56.69 -20.46
N MSE T 66 90.34 55.78 -21.40
CA MSE T 66 90.65 54.39 -21.04
C MSE T 66 92.03 54.35 -20.39
O MSE T 66 92.35 53.40 -19.74
CB MSE T 66 90.58 53.43 -22.25
CG MSE T 66 91.79 52.51 -22.51
SE MSE T 66 92.21 51.95 -24.35
CE MSE T 66 93.86 52.77 -24.95
N MSE T 67 92.82 55.39 -20.60
CA MSE T 67 94.20 55.39 -20.14
C MSE T 67 94.36 55.81 -18.69
O MSE T 67 95.16 55.28 -17.99
CB MSE T 67 95.12 56.25 -21.05
CG MSE T 67 95.72 55.60 -22.30
SE MSE T 67 96.33 53.75 -22.14
CE MSE T 67 96.69 53.23 -20.30
N ARG T 68 93.58 56.80 -18.28
CA ARG T 68 93.68 57.30 -16.92
C ARG T 68 92.96 56.36 -15.97
N GLN T 69 91.97 55.64 -16.51
CA GLN T 69 91.23 54.68 -15.71
C GLN T 69 92.00 53.39 -15.57
N LYS T 70 92.26 52.74 -16.70
CA LYS T 70 92.97 51.46 -16.71
C LYS T 70 94.22 51.52 -15.83
N GLU T 71 95.05 52.53 -16.06
CA GLU T 71 96.23 52.71 -15.23
C GLU T 71 95.84 52.78 -13.77
N GLN T 72 94.84 53.61 -13.47
CA GLN T 72 94.39 53.79 -12.10
C GLN T 72 93.65 52.56 -11.57
N GLU T 73 93.41 51.58 -12.44
CA GLU T 73 92.95 50.28 -11.98
C GLU T 73 94.15 49.56 -11.39
N HIS T 74 95.11 49.27 -12.25
CA HIS T 74 96.35 48.62 -11.86
C HIS T 74 96.99 49.38 -10.70
N MSE T 75 96.65 50.67 -10.60
CA MSE T 75 97.25 51.52 -9.58
C MSE T 75 96.64 51.29 -8.19
O MSE T 75 97.33 51.17 -7.23
CB MSE T 75 97.18 53.01 -10.00
CG MSE T 75 98.06 54.02 -9.25
SE MSE T 75 98.49 55.73 -10.13
CE MSE T 75 97.08 57.04 -9.83
N ILE T 76 95.31 51.30 -8.13
CA ILE T 76 94.62 51.09 -6.86
C ILE T 76 94.56 49.61 -6.54
N ASN T 77 94.61 48.79 -7.58
CA ASN T 77 94.64 47.36 -7.39
C ASN T 77 96.02 46.95 -6.88
N TRP T 78 97.06 47.59 -7.41
CA TRP T 78 98.42 47.32 -6.96
C TRP T 78 98.47 47.51 -5.45
N VAL T 79 97.59 48.36 -4.95
CA VAL T 79 97.47 48.56 -3.52
C VAL T 79 97.19 47.24 -2.83
N GLU T 80 96.26 46.47 -3.38
CA GLU T 80 95.87 45.20 -2.77
C GLU T 80 97.08 44.33 -2.47
N LYS T 81 97.81 43.97 -3.52
CA LYS T 81 98.89 42.99 -3.40
C LYS T 81 100.07 43.48 -2.56
N ARG T 82 100.17 44.77 -2.34
CA ARG T 82 101.22 45.29 -1.45
C ARG T 82 100.74 45.36 0.00
N VAL T 83 99.43 45.25 0.20
CA VAL T 83 98.89 45.24 1.55
C VAL T 83 98.65 43.81 2.02
N VAL T 84 98.45 42.89 1.08
CA VAL T 84 98.38 41.47 1.40
C VAL T 84 99.79 40.98 1.69
N GLN T 85 100.77 41.74 1.24
CA GLN T 85 102.17 41.47 1.55
C GLN T 85 102.56 42.11 2.88
N SER T 86 101.82 43.13 3.29
CA SER T 86 102.12 43.86 4.52
C SER T 86 101.66 43.12 5.78
N ILE T 87 100.53 42.43 5.68
CA ILE T 87 100.01 41.69 6.82
C ILE T 87 100.53 40.26 6.87
N SER T 88 100.54 39.60 5.70
CA SER T 88 101.05 38.23 5.62
C SER T 88 102.50 38.21 6.07
N ALA T 89 103.30 39.13 5.53
CA ALA T 89 104.65 39.32 6.02
C ALA T 89 104.59 40.05 7.35
N GLN T 90 105.50 41.00 7.55
CA GLN T 90 105.54 41.79 8.77
C GLN T 90 104.82 41.09 9.92
N GLN T 91 105.55 40.27 10.67
CA GLN T 91 105.03 39.67 11.88
C GLN T 91 104.65 40.77 12.86
N GLU T 92 105.15 41.98 12.60
CA GLU T 92 104.80 43.19 13.35
C GLU T 92 103.53 43.82 12.79
N LYS T 93 102.88 43.11 11.87
CA LYS T 93 101.54 43.48 11.41
C LYS T 93 100.55 42.39 11.81
N GLU T 94 100.92 41.67 12.88
CA GLU T 94 100.07 40.70 13.54
C GLU T 94 99.85 41.21 14.97
N THR T 95 100.69 42.16 15.36
CA THR T 95 100.52 42.89 16.61
C THR T 95 99.48 43.98 16.43
N ILE T 96 99.55 44.69 15.30
CA ILE T 96 98.53 45.69 14.97
C ILE T 96 97.23 44.98 14.59
N ALA T 97 97.19 43.69 14.90
CA ALA T 97 95.98 42.89 14.76
C ALA T 97 95.21 42.90 16.06
N LYS T 98 95.69 42.13 17.05
CA LYS T 98 95.05 42.08 18.37
C LYS T 98 94.70 43.49 18.85
N CYS T 99 95.45 44.47 18.36
CA CYS T 99 95.27 45.88 18.72
C CYS T 99 93.88 46.40 18.40
N ILE T 100 93.77 47.03 17.23
CA ILE T 100 92.55 47.65 16.75
C ILE T 100 91.29 46.81 17.01
N ALA T 101 91.46 45.49 17.09
CA ALA T 101 90.32 44.57 17.22
C ALA T 101 89.76 44.48 18.64
N ASP T 102 90.62 44.50 19.64
CA ASP T 102 90.15 44.49 21.03
C ASP T 102 89.44 45.80 21.36
N LEU T 103 89.58 46.76 20.45
CA LEU T 103 88.89 48.04 20.55
C LEU T 103 87.50 47.93 19.92
N LYS T 104 87.04 46.69 19.79
CA LYS T 104 85.70 46.41 19.28
C LYS T 104 84.78 46.06 20.44
N LEU T 105 85.04 44.92 21.08
CA LEU T 105 84.30 44.45 22.24
C LEU T 105 83.86 45.62 23.11
N LEU T 106 84.84 46.46 23.46
CA LEU T 106 84.63 47.61 24.31
C LEU T 106 83.51 48.51 23.82
N SER T 107 83.85 49.38 22.86
CA SER T 107 82.91 50.36 22.30
C SER T 107 81.47 49.86 22.24
N LYS T 108 81.26 48.76 21.51
CA LYS T 108 79.91 48.20 21.35
C LYS T 108 79.12 48.23 22.67
N LYS T 109 79.66 47.57 23.70
CA LYS T 109 79.00 47.56 25.00
C LYS T 109 78.78 48.97 25.52
N LEU U 30 54.59 61.36 -55.42
CA LEU U 30 54.78 62.59 -56.20
C LEU U 30 54.61 63.82 -55.32
N LYS U 31 53.65 63.77 -54.41
CA LYS U 31 53.43 64.83 -53.42
C LYS U 31 53.98 64.36 -52.07
N SER U 32 54.17 63.04 -51.94
CA SER U 32 54.72 62.43 -50.73
C SER U 32 56.22 62.74 -50.62
N TRP U 33 56.81 63.11 -51.74
CA TRP U 33 58.21 63.51 -51.81
C TRP U 33 58.29 65.03 -51.60
N ASN U 34 57.18 65.59 -51.11
CA ASN U 34 57.07 67.03 -50.86
C ASN U 34 56.81 67.32 -49.38
N GLU U 35 56.55 66.26 -48.62
CA GLU U 35 56.16 66.39 -47.22
C GLU U 35 57.18 65.75 -46.26
N THR U 36 58.13 65.01 -46.82
CA THR U 36 59.22 64.47 -46.02
C THR U 36 60.30 65.54 -45.85
N LEU U 37 60.45 66.38 -46.87
CA LEU U 37 61.53 67.38 -46.93
C LEU U 37 61.27 68.63 -46.08
N THR U 38 60.01 68.85 -45.71
CA THR U 38 59.61 70.07 -45.01
C THR U 38 59.88 69.99 -43.50
N SER U 39 60.49 68.90 -43.05
CA SER U 39 60.51 68.55 -41.63
C SER U 39 61.88 68.61 -40.93
N ARG U 40 62.96 68.65 -41.69
CA ARG U 40 64.30 68.58 -41.11
C ARG U 40 64.52 69.63 -40.04
N LEU U 65 97.80 70.65 -30.54
CA LEU U 65 97.33 70.04 -31.78
C LEU U 65 95.91 70.48 -32.13
N VAL U 66 95.21 71.04 -31.14
CA VAL U 66 93.88 71.58 -31.36
C VAL U 66 93.97 72.94 -32.09
N ASP U 67 95.19 73.41 -32.29
CA ASP U 67 95.42 74.64 -33.04
C ASP U 67 95.90 74.36 -34.47
N ASP U 68 95.90 73.07 -34.84
CA ASP U 68 96.12 72.68 -36.24
C ASP U 68 94.77 72.28 -36.82
N PHE U 69 93.74 72.31 -35.98
CA PHE U 69 92.36 72.04 -36.39
C PHE U 69 91.48 73.30 -36.29
N GLU U 70 91.92 74.27 -35.50
CA GLU U 70 91.18 75.52 -35.33
C GLU U 70 91.61 76.56 -36.35
N LYS U 71 92.81 76.39 -36.90
CA LYS U 71 93.32 77.27 -37.95
C LYS U 71 93.03 76.69 -39.34
N LYS U 72 92.74 75.39 -39.39
CA LYS U 72 92.37 74.72 -40.63
C LYS U 72 90.85 74.52 -40.71
N PHE U 73 90.14 74.98 -39.69
CA PHE U 73 88.69 74.92 -39.65
C PHE U 73 88.14 76.16 -40.38
N ASN U 74 88.85 77.27 -40.21
CA ASN U 74 88.47 78.53 -40.83
C ASN U 74 89.32 78.81 -42.07
N TYR U 85 69.87 70.50 -62.72
CA TYR U 85 68.65 70.02 -62.08
C TYR U 85 67.43 70.82 -62.53
N THR U 86 67.34 71.08 -63.83
CA THR U 86 66.24 71.88 -64.37
C THR U 86 65.80 71.47 -65.78
N ALA U 87 65.46 70.20 -65.95
CA ALA U 87 64.78 69.75 -67.17
C ALA U 87 63.29 69.80 -66.89
N GLN U 88 62.93 70.57 -65.87
CA GLN U 88 61.53 70.79 -65.50
C GLN U 88 61.12 72.26 -65.77
N VAL U 89 62.04 73.01 -66.36
CA VAL U 89 61.67 74.22 -67.10
C VAL U 89 61.73 73.82 -68.58
N ASP U 90 61.70 72.51 -68.80
CA ASP U 90 61.66 71.88 -70.13
C ASP U 90 60.48 70.91 -70.24
N ALA U 91 60.67 69.70 -69.73
CA ALA U 91 59.62 68.67 -69.75
C ALA U 91 58.39 69.10 -68.96
N LEU V 4 85.16 54.39 16.12
CA LEU V 4 85.31 55.66 15.43
C LEU V 4 86.64 56.33 15.79
N ASP V 5 87.38 55.70 16.69
CA ASP V 5 88.71 56.16 17.09
C ASP V 5 89.80 55.10 16.83
N PRO V 6 89.43 53.80 16.77
CA PRO V 6 90.35 52.78 16.25
C PRO V 6 90.06 52.36 14.80
N VAL V 7 89.68 53.32 13.95
CA VAL V 7 89.43 53.04 12.53
C VAL V 7 89.89 54.18 11.58
N GLN V 8 90.10 55.38 12.12
CA GLN V 8 90.48 56.56 11.31
C GLN V 8 91.96 56.55 10.87
N LYS V 9 92.71 55.55 11.30
CA LYS V 9 94.11 55.42 10.94
C LYS V 9 94.42 54.11 10.20
N LEU V 10 93.44 53.22 10.12
CA LEU V 10 93.57 52.03 9.27
C LEU V 10 93.27 52.42 7.85
N PHE V 11 92.61 53.57 7.68
CA PHE V 11 92.31 54.12 6.36
C PHE V 11 93.54 54.88 5.84
N VAL V 12 94.67 54.60 6.48
CA VAL V 12 95.96 55.21 6.13
C VAL V 12 96.95 54.16 5.59
N ASP V 13 96.58 52.88 5.70
CA ASP V 13 97.35 51.80 5.08
C ASP V 13 97.17 51.84 3.58
N LYS V 14 96.50 52.91 3.13
CA LYS V 14 96.00 53.01 1.77
C LYS V 14 96.56 54.19 0.98
N ILE V 15 97.39 55.00 1.61
CA ILE V 15 98.12 56.04 0.89
C ILE V 15 99.60 56.09 1.32
N ARG V 16 100.04 55.04 2.03
CA ARG V 16 101.47 54.75 2.20
C ARG V 16 101.88 53.86 1.04
N GLU V 17 100.88 53.48 0.23
CA GLU V 17 101.09 52.71 -0.97
C GLU V 17 100.67 53.57 -2.16
N TYR V 18 99.49 54.17 -2.05
CA TYR V 18 99.03 55.15 -3.03
C TYR V 18 100.18 56.13 -3.29
N ARG V 19 101.08 56.24 -2.31
CA ARG V 19 102.24 57.12 -2.39
C ARG V 19 103.36 56.52 -3.23
N THR V 20 103.80 55.32 -2.86
CA THR V 20 104.92 54.67 -3.55
C THR V 20 104.51 54.15 -4.93
N LYS V 21 103.37 54.65 -5.41
CA LYS V 21 102.87 54.30 -6.74
C LYS V 21 102.77 55.54 -7.65
N ARG V 22 101.99 56.55 -7.23
CA ARG V 22 101.83 57.77 -8.02
C ARG V 22 103.09 58.63 -7.97
N GLN V 23 104.23 57.96 -7.75
CA GLN V 23 105.55 58.59 -7.80
C GLN V 23 106.58 57.68 -8.48
N THR V 24 106.41 56.36 -8.35
CA THR V 24 107.31 55.41 -9.01
C THR V 24 107.18 55.47 -10.53
N SER V 25 107.93 56.39 -11.14
CA SER V 25 108.00 56.49 -12.60
C SER V 25 108.95 55.42 -13.13
N GLY V 26 108.89 55.17 -14.44
CA GLY V 26 109.69 54.13 -15.06
C GLY V 26 108.80 53.14 -15.79
N GLY V 27 107.51 53.44 -15.82
CA GLY V 27 106.52 52.59 -16.46
C GLY V 27 105.45 52.11 -15.47
N PRO V 28 104.24 51.84 -15.97
CA PRO V 28 103.21 51.25 -15.12
C PRO V 28 103.79 50.08 -14.33
N VAL V 29 103.75 50.17 -13.01
CA VAL V 29 104.54 49.32 -12.13
C VAL V 29 104.37 47.80 -12.30
N ASP V 30 105.50 47.10 -12.38
CA ASP V 30 105.56 45.62 -12.34
C ASP V 30 104.69 44.89 -13.38
N ALA V 31 104.18 45.64 -14.35
CA ALA V 31 103.17 45.17 -15.30
C ALA V 31 103.13 43.67 -15.62
N GLY V 32 104.25 43.13 -16.10
CA GLY V 32 104.21 41.82 -16.71
C GLY V 32 103.61 41.99 -18.10
N PRO V 33 103.49 40.91 -18.88
CA PRO V 33 103.01 41.03 -20.26
C PRO V 33 101.60 41.60 -20.36
N GLU V 34 100.67 41.04 -19.57
CA GLU V 34 99.26 41.40 -19.62
C GLU V 34 99.02 42.87 -19.96
N TYR V 35 99.61 43.75 -19.17
CA TYR V 35 99.38 45.18 -19.27
C TYR V 35 99.33 45.73 -20.70
N GLN V 36 100.18 45.21 -21.59
CA GLN V 36 100.26 45.79 -22.93
C GLN V 36 99.18 45.26 -23.88
N GLN V 37 99.10 43.95 -24.03
CA GLN V 37 98.15 43.35 -24.97
C GLN V 37 96.78 44.00 -24.90
N ASP V 38 96.17 43.98 -23.73
CA ASP V 38 94.84 44.53 -23.56
C ASP V 38 94.76 46.01 -23.95
N LEU V 39 95.83 46.74 -23.71
CA LEU V 39 95.89 48.14 -24.09
C LEU V 39 96.10 48.30 -25.59
N ASP V 40 95.67 47.29 -26.33
CA ASP V 40 95.75 47.30 -27.78
C ASP V 40 94.43 46.85 -28.36
N ARG V 41 93.80 45.89 -27.71
CA ARG V 41 92.47 45.45 -28.10
C ARG V 41 91.52 46.62 -27.95
N GLU V 42 91.55 47.28 -26.80
CA GLU V 42 90.72 48.47 -26.58
C GLU V 42 91.27 49.65 -27.38
N LEU V 43 92.31 49.41 -28.17
CA LEU V 43 92.89 50.44 -29.01
C LEU V 43 92.40 50.23 -30.45
N PHE V 44 91.83 49.06 -30.69
CA PHE V 44 91.19 48.72 -31.97
C PHE V 44 89.74 49.20 -31.93
N LYS V 45 88.96 48.68 -30.98
CA LYS V 45 87.53 48.99 -30.88
C LYS V 45 87.25 50.48 -30.64
N LEU V 46 88.18 51.15 -29.97
CA LEU V 46 88.07 52.59 -29.77
C LEU V 46 88.51 53.32 -31.03
N LYS V 47 89.11 52.58 -31.94
CA LYS V 47 89.48 53.14 -33.23
C LYS V 47 88.44 52.72 -34.26
N GLN V 48 87.25 52.34 -33.80
CA GLN V 48 86.21 51.80 -34.69
C GLN V 48 85.02 52.73 -34.96
N MSE V 49 84.27 53.09 -33.91
CA MSE V 49 83.07 53.94 -34.09
C MSE V 49 83.37 55.19 -34.91
O MSE V 49 82.50 55.80 -35.45
CB MSE V 49 82.37 54.39 -32.77
CG MSE V 49 81.09 55.27 -32.91
SE MSE V 49 80.61 56.65 -31.57
CE MSE V 49 79.94 58.27 -32.44
N TYR V 50 84.64 55.54 -34.99
CA TYR V 50 85.04 56.81 -35.57
C TYR V 50 85.44 56.64 -37.03
N GLY V 51 86.35 55.70 -37.27
CA GLY V 51 86.85 55.44 -38.61
C GLY V 51 88.24 54.82 -38.55
N LYS V 52 88.96 54.86 -39.66
CA LYS V 52 90.27 54.23 -39.74
C LYS V 52 91.32 55.17 -40.33
N ALA V 53 90.91 56.40 -40.64
CA ALA V 53 91.79 57.40 -41.24
C ALA V 53 92.73 58.04 -40.23
N ASP V 54 93.37 59.13 -40.62
CA ASP V 54 94.35 59.82 -39.77
C ASP V 54 93.64 60.70 -38.74
N MSE V 55 93.85 60.43 -37.45
CA MSE V 55 93.19 61.18 -36.37
C MSE V 55 93.96 62.43 -35.96
O MSE V 55 93.49 63.20 -35.19
CB MSE V 55 92.93 60.33 -35.11
CG MSE V 55 92.62 58.83 -35.28
SE MSE V 55 90.87 58.39 -36.04
CE MSE V 55 90.74 56.47 -36.36
N ASN V 56 95.16 62.60 -36.51
CA ASN V 56 96.00 63.74 -36.20
C ASN V 56 95.84 64.86 -37.22
N THR V 57 95.40 64.50 -38.42
CA THR V 57 95.23 65.45 -39.51
C THR V 57 93.77 65.88 -39.68
N PHE V 58 93.56 67.00 -40.39
CA PHE V 58 92.23 67.47 -40.73
C PHE V 58 91.78 66.77 -42.00
N PRO V 59 90.63 66.10 -41.96
CA PRO V 59 90.13 65.29 -43.10
C PRO V 59 89.80 66.15 -44.31
N ASN V 60 90.24 65.71 -45.49
CA ASN V 60 89.82 66.36 -46.73
C ASN V 60 88.33 66.11 -46.92
N PHE V 61 87.79 66.50 -48.07
CA PHE V 61 86.34 66.39 -48.25
C PHE V 61 85.87 65.98 -49.64
N THR V 62 85.44 64.72 -49.75
CA THR V 62 84.70 64.25 -50.91
C THR V 62 83.24 64.60 -50.70
N PHE V 63 82.58 65.05 -51.75
CA PHE V 63 81.18 65.47 -51.64
C PHE V 63 80.31 64.68 -52.62
N GLU V 64 79.00 64.71 -52.40
CA GLU V 64 78.08 63.92 -53.23
C GLU V 64 76.80 64.69 -53.61
N ASP V 65 76.31 64.42 -54.83
CA ASP V 65 75.09 65.04 -55.35
C ASP V 65 73.84 64.60 -54.58
N PRO V 66 72.72 65.32 -54.76
CA PRO V 66 71.44 64.98 -54.12
C PRO V 66 70.63 63.94 -54.90
N LYS V 67 70.34 62.80 -54.26
CA LYS V 67 69.55 61.73 -54.88
C LYS V 67 68.11 62.16 -55.13
N PHE V 68 67.28 61.21 -55.58
CA PHE V 68 65.87 61.49 -55.85
C PHE V 68 64.98 60.23 -55.72
N GLU V 69 63.82 60.39 -55.07
CA GLU V 69 62.82 59.32 -54.94
C GLU V 69 61.63 59.57 -55.87
N PHE W 1 -48.35 6.93 -12.45
CA PHE W 1 -49.46 7.36 -11.59
C PHE W 1 -50.78 7.24 -12.34
N ALA W 2 -50.71 7.31 -13.67
CA ALA W 2 -51.86 7.57 -14.54
C ALA W 2 -52.74 6.36 -14.83
N LYS W 3 -53.98 6.39 -14.33
CA LYS W 3 -54.95 5.32 -14.59
C LYS W 3 -55.17 5.11 -16.08
N LEU W 4 -55.92 4.07 -16.41
CA LEU W 4 -56.06 3.70 -17.81
C LEU W 4 -57.37 2.97 -18.11
N VAL W 5 -57.36 2.25 -19.23
CA VAL W 5 -58.57 1.85 -19.95
C VAL W 5 -59.10 0.47 -19.63
N ARG W 6 -60.05 0.42 -18.70
CA ARG W 6 -60.68 -0.81 -18.26
C ARG W 6 -61.31 -1.63 -19.39
N PRO W 7 -60.71 -2.79 -19.72
CA PRO W 7 -61.29 -3.77 -20.63
C PRO W 7 -62.62 -4.30 -20.11
N PRO W 8 -63.40 -5.00 -20.95
CA PRO W 8 -64.75 -5.50 -20.62
C PRO W 8 -64.82 -6.85 -19.88
N VAL W 9 -64.02 -7.83 -20.29
CA VAL W 9 -64.04 -9.14 -19.64
C VAL W 9 -63.19 -9.16 -18.37
N GLN W 10 -62.10 -8.37 -18.37
CA GLN W 10 -61.11 -8.30 -17.29
C GLN W 10 -60.14 -9.50 -17.27
N ILE W 11 -60.64 -10.64 -17.74
CA ILE W 11 -59.87 -11.90 -17.88
C ILE W 11 -58.59 -12.08 -17.06
N TYR W 12 -58.78 -12.83 -15.96
CA TYR W 12 -57.70 -13.44 -15.17
C TYR W 12 -57.12 -12.62 -14.04
N GLY W 13 -55.81 -12.75 -13.96
CA GLY W 13 -54.92 -12.00 -13.09
C GLY W 13 -53.55 -12.19 -13.69
N ILE W 14 -52.52 -11.67 -13.02
CA ILE W 14 -51.11 -11.80 -13.43
C ILE W 14 -50.84 -12.95 -14.45
N GLU W 15 -50.58 -12.57 -15.70
CA GLU W 15 -50.45 -13.49 -16.85
C GLU W 15 -51.08 -12.84 -18.07
N GLY W 16 -52.33 -13.19 -18.34
CA GLY W 16 -53.17 -12.43 -19.23
C GLY W 16 -53.40 -11.07 -18.57
N ARG W 17 -52.30 -10.39 -18.28
CA ARG W 17 -52.35 -9.07 -17.69
C ARG W 17 -51.24 -8.26 -18.35
N TYR W 18 -50.48 -8.92 -19.20
CA TYR W 18 -49.68 -8.24 -20.20
C TYR W 18 -50.61 -7.74 -21.32
N ALA W 19 -51.71 -8.47 -21.51
CA ALA W 19 -52.71 -8.09 -22.51
C ALA W 19 -53.79 -7.15 -21.94
N THR W 20 -54.19 -7.35 -20.68
CA THR W 20 -55.08 -6.39 -20.01
C THR W 20 -54.47 -4.99 -20.16
N ALA W 21 -53.25 -4.93 -20.68
CA ALA W 21 -52.55 -3.67 -20.88
C ALA W 21 -52.96 -3.01 -22.18
N LEU W 22 -52.96 -3.80 -23.24
CA LEU W 22 -53.07 -3.25 -24.58
C LEU W 22 -54.49 -2.98 -25.04
N TYR W 23 -55.47 -3.27 -24.18
CA TYR W 23 -56.82 -2.82 -24.47
C TYR W 23 -56.92 -1.42 -23.90
N SER W 24 -55.87 -1.04 -23.19
CA SER W 24 -55.77 0.31 -22.63
C SER W 24 -54.66 1.13 -23.31
N ALA W 25 -53.64 0.44 -23.81
CA ALA W 25 -52.57 1.09 -24.54
C ALA W 25 -53.05 1.38 -25.95
N ALA W 26 -53.86 0.48 -26.48
CA ALA W 26 -54.44 0.65 -27.80
C ALA W 26 -55.54 1.70 -27.78
N SER W 27 -56.49 1.57 -26.84
CA SER W 27 -57.61 2.49 -26.75
C SER W 27 -57.17 3.95 -26.54
N LYS W 28 -55.92 4.24 -26.86
CA LYS W 28 -55.45 5.60 -27.05
C LYS W 28 -54.71 5.65 -28.38
N GLN W 29 -55.45 6.05 -29.42
CA GLN W 29 -55.04 5.98 -30.84
C GLN W 29 -55.97 5.03 -31.58
N ASN W 30 -56.96 4.52 -30.86
CA ASN W 30 -57.94 3.58 -31.39
C ASN W 30 -57.37 2.60 -32.41
N LYS W 31 -56.16 2.11 -32.15
CA LYS W 31 -55.53 1.13 -33.01
C LYS W 31 -55.76 -0.28 -32.47
N LEU W 32 -56.89 -0.49 -31.81
CA LEU W 32 -57.26 -1.81 -31.32
C LEU W 32 -57.13 -2.86 -32.42
N GLU W 33 -57.68 -2.52 -33.58
CA GLU W 33 -57.83 -3.45 -34.70
C GLU W 33 -56.52 -3.64 -35.46
N GLN W 34 -55.71 -2.58 -35.52
CA GLN W 34 -54.37 -2.63 -36.12
C GLN W 34 -53.54 -3.77 -35.52
N VAL W 35 -53.84 -4.12 -34.27
CA VAL W 35 -53.09 -5.14 -33.58
C VAL W 35 -53.88 -6.44 -33.50
N GLU W 36 -55.20 -6.32 -33.41
CA GLU W 36 -56.05 -7.51 -33.38
C GLU W 36 -55.62 -8.46 -34.48
N LYS W 37 -55.05 -7.89 -35.53
CA LYS W 37 -54.55 -8.66 -36.66
C LYS W 37 -53.03 -8.80 -36.61
N GLU W 38 -52.34 -7.78 -36.12
CA GLU W 38 -50.89 -7.84 -36.02
C GLU W 38 -50.44 -9.07 -35.23
N LEU W 39 -51.10 -9.31 -34.10
CA LEU W 39 -50.75 -10.43 -33.25
C LEU W 39 -51.00 -11.78 -33.93
N LEU W 40 -52.15 -11.90 -34.59
CA LEU W 40 -52.50 -13.14 -35.29
C LEU W 40 -51.31 -13.62 -36.10
N ARG W 41 -50.60 -12.67 -36.71
CA ARG W 41 -49.48 -12.96 -37.59
C ARG W 41 -48.24 -13.41 -36.84
N VAL W 42 -47.89 -12.69 -35.77
CA VAL W 42 -46.71 -13.03 -34.99
C VAL W 42 -46.86 -14.39 -34.33
N GLY W 43 -48.11 -14.77 -34.07
CA GLY W 43 -48.41 -16.07 -33.49
C GLY W 43 -47.83 -17.22 -34.29
N GLN W 44 -47.41 -16.92 -35.52
CA GLN W 44 -46.86 -17.95 -36.40
C GLN W 44 -45.49 -17.58 -36.97
N ILE W 45 -45.05 -16.35 -36.71
CA ILE W 45 -43.68 -15.97 -37.05
C ILE W 45 -42.74 -16.75 -36.14
N LEU W 46 -43.31 -17.26 -35.05
CA LEU W 46 -42.54 -17.95 -34.03
C LEU W 46 -42.76 -19.47 -34.04
N LYS W 47 -43.87 -19.90 -34.64
CA LYS W 47 -44.16 -21.33 -34.76
C LYS W 47 -43.53 -21.91 -36.02
N GLU W 48 -42.46 -21.27 -36.46
CA GLU W 48 -41.69 -21.73 -37.61
C GLU W 48 -40.71 -22.82 -37.22
N PRO W 49 -40.23 -23.57 -38.23
CA PRO W 49 -39.07 -24.45 -38.09
C PRO W 49 -37.76 -23.66 -38.03
N LYS W 50 -37.85 -22.36 -37.75
CA LYS W 50 -36.69 -21.47 -37.82
C LYS W 50 -36.65 -20.53 -36.63
N MSE W 51 -37.67 -20.59 -35.79
CA MSE W 51 -37.81 -19.68 -34.67
C MSE W 51 -37.94 -20.39 -33.32
O MSE W 51 -38.08 -19.76 -32.32
CB MSE W 51 -39.01 -18.71 -34.88
CG MSE W 51 -38.71 -17.30 -35.43
SE MSE W 51 -37.65 -16.12 -34.28
CE MSE W 51 -38.60 -14.45 -33.95
N ALA W 52 -37.92 -21.72 -33.33
CA ALA W 52 -38.07 -22.49 -32.10
C ALA W 52 -36.73 -22.72 -31.40
N ALA W 53 -35.63 -22.43 -32.12
CA ALA W 53 -34.30 -22.51 -31.52
C ALA W 53 -33.96 -21.22 -30.78
N SER W 54 -34.99 -20.63 -30.18
CA SER W 54 -34.85 -19.48 -29.31
C SER W 54 -36.16 -19.33 -28.55
N LEU W 55 -37.27 -19.58 -29.25
CA LEU W 55 -38.61 -19.58 -28.65
C LEU W 55 -38.56 -20.19 -27.24
N LEU W 56 -38.01 -21.39 -27.15
CA LEU W 56 -37.84 -22.08 -25.88
C LEU W 56 -36.37 -22.41 -25.69
N ASN W 57 -35.55 -21.37 -25.63
CA ASN W 57 -34.12 -21.53 -25.53
C ASN W 57 -33.50 -20.55 -24.54
N PRO W 58 -33.29 -21.00 -23.30
CA PRO W 58 -32.52 -20.18 -22.37
C PRO W 58 -31.03 -20.16 -22.71
N TYR W 59 -30.70 -20.16 -24.00
CA TYR W 59 -29.32 -20.29 -24.47
C TYR W 59 -28.76 -18.97 -24.98
N VAL W 60 -29.61 -18.19 -25.62
CA VAL W 60 -29.18 -16.94 -26.20
C VAL W 60 -29.41 -15.81 -25.18
N LYS W 61 -30.60 -15.81 -24.57
CA LYS W 61 -30.98 -14.88 -23.50
C LYS W 61 -31.40 -13.49 -24.00
N ARG W 62 -31.49 -12.53 -23.08
CA ARG W 62 -31.95 -11.20 -23.42
C ARG W 62 -30.96 -10.38 -24.26
N SER W 63 -29.93 -11.04 -24.79
CA SER W 63 -28.96 -10.36 -25.67
C SER W 63 -29.43 -10.38 -27.12
N VAL W 64 -28.97 -11.36 -27.90
CA VAL W 64 -29.45 -11.53 -29.27
C VAL W 64 -30.77 -12.31 -29.26
N LYS W 65 -31.79 -11.70 -28.69
CA LYS W 65 -33.15 -12.21 -28.75
C LYS W 65 -34.10 -11.02 -28.81
N VAL W 66 -33.66 -9.89 -28.26
CA VAL W 66 -34.44 -8.67 -28.34
C VAL W 66 -34.06 -7.86 -29.58
N LYS W 67 -32.75 -7.76 -29.85
CA LYS W 67 -32.26 -7.05 -31.04
C LYS W 67 -32.23 -7.97 -32.26
N SER W 68 -32.69 -9.20 -32.06
CA SER W 68 -33.02 -10.09 -33.16
C SER W 68 -34.53 -10.16 -33.25
N LEU W 69 -35.18 -9.32 -32.45
CA LEU W 69 -36.61 -9.06 -32.57
C LEU W 69 -36.86 -7.58 -32.88
N SER W 70 -35.85 -6.93 -33.47
CA SER W 70 -36.02 -5.63 -34.12
C SER W 70 -36.24 -5.95 -35.58
N ASP W 71 -36.06 -7.23 -35.91
CA ASP W 71 -36.26 -7.75 -37.25
C ASP W 71 -37.73 -8.14 -37.44
N MSE W 72 -38.16 -9.22 -36.79
CA MSE W 72 -39.55 -9.69 -36.86
C MSE W 72 -40.58 -8.68 -36.35
O MSE W 72 -41.70 -9.01 -36.11
CB MSE W 72 -39.82 -11.16 -36.46
CG MSE W 72 -38.67 -12.18 -36.69
SE MSE W 72 -38.67 -13.35 -38.27
CE MSE W 72 -38.87 -12.32 -39.91
N THR W 73 -40.13 -7.44 -36.19
CA THR W 73 -41.01 -6.29 -36.01
C THR W 73 -40.81 -5.29 -37.16
N ALA W 74 -39.71 -4.54 -37.13
CA ALA W 74 -39.41 -3.53 -38.16
C ALA W 74 -39.68 -4.04 -39.57
N LYS W 75 -38.99 -5.10 -39.94
CA LYS W 75 -39.19 -5.77 -41.22
C LYS W 75 -40.67 -5.84 -41.54
N GLU W 76 -41.33 -6.85 -40.99
CA GLU W 76 -42.70 -7.20 -41.40
C GLU W 76 -43.77 -6.11 -41.24
N LYS W 77 -45.01 -6.58 -41.24
CA LYS W 77 -46.18 -5.71 -41.31
C LYS W 77 -46.40 -4.92 -40.04
N PHE W 78 -45.43 -5.02 -39.12
CA PHE W 78 -45.55 -4.35 -37.82
C PHE W 78 -44.78 -3.04 -37.79
N SER W 79 -43.83 -2.97 -36.87
CA SER W 79 -43.09 -1.76 -36.55
C SER W 79 -43.94 -0.57 -36.06
N PRO W 80 -45.06 -0.83 -35.34
CA PRO W 80 -45.79 0.30 -34.76
C PRO W 80 -45.50 0.52 -33.26
N LEU W 81 -46.58 0.72 -32.52
CA LEU W 81 -46.56 0.83 -31.07
C LEU W 81 -47.06 -0.52 -30.51
N THR W 82 -46.67 -1.59 -31.18
CA THR W 82 -47.08 -2.94 -30.80
C THR W 82 -45.96 -3.90 -31.19
N SER W 83 -44.86 -3.32 -31.67
CA SER W 83 -43.62 -4.08 -31.84
C SER W 83 -42.99 -4.24 -30.47
N ASN W 84 -43.66 -3.64 -29.48
CA ASN W 84 -43.10 -3.52 -28.14
C ASN W 84 -43.63 -4.55 -27.15
N LEU W 85 -44.89 -4.95 -27.27
CA LEU W 85 -45.43 -5.99 -26.40
C LEU W 85 -44.53 -7.20 -26.55
N ILE W 86 -43.80 -7.24 -27.66
CA ILE W 86 -42.73 -8.21 -27.87
C ILE W 86 -41.48 -7.76 -27.14
N ASN W 87 -40.99 -6.56 -27.47
CA ASN W 87 -39.80 -6.01 -26.84
C ASN W 87 -39.85 -6.02 -25.31
N LEU W 88 -41.03 -6.32 -24.76
CA LEU W 88 -41.22 -6.48 -23.33
C LEU W 88 -41.04 -7.94 -22.97
N LEU W 89 -41.94 -8.77 -23.51
CA LEU W 89 -41.83 -10.21 -23.35
C LEU W 89 -40.43 -10.67 -23.72
N ALA W 90 -39.73 -9.85 -24.51
CA ALA W 90 -38.36 -10.12 -24.90
C ALA W 90 -37.43 -9.95 -23.71
N GLU W 91 -37.49 -8.78 -23.09
CA GLU W 91 -36.68 -8.51 -21.90
C GLU W 91 -37.21 -9.25 -20.68
N ASN W 92 -38.46 -9.01 -20.32
CA ASN W 92 -39.06 -9.67 -19.15
C ASN W 92 -39.16 -11.19 -19.29
N GLY W 93 -38.28 -11.78 -20.10
CA GLY W 93 -38.15 -13.22 -20.25
C GLY W 93 -39.43 -14.03 -20.36
N ARG W 94 -40.37 -13.58 -21.16
CA ARG W 94 -41.63 -14.32 -21.29
C ARG W 94 -42.12 -14.43 -22.73
N LEU W 95 -41.16 -14.61 -23.64
CA LEU W 95 -41.43 -14.91 -25.03
C LEU W 95 -42.12 -16.26 -25.10
N THR W 96 -41.71 -17.14 -24.19
CA THR W 96 -42.27 -18.48 -24.07
C THR W 96 -43.74 -18.42 -23.67
N ASN W 97 -44.29 -17.20 -23.66
CA ASN W 97 -45.62 -16.97 -23.09
C ASN W 97 -46.59 -16.27 -24.03
N THR W 98 -46.06 -15.57 -25.03
CA THR W 98 -46.87 -14.71 -25.91
C THR W 98 -48.15 -15.34 -26.45
N PRO W 99 -48.11 -16.63 -26.86
CA PRO W 99 -49.31 -17.29 -27.40
C PRO W 99 -50.52 -17.05 -26.52
N ALA W 100 -50.32 -17.21 -25.22
CA ALA W 100 -51.38 -16.98 -24.25
C ALA W 100 -51.77 -15.50 -24.14
N VAL W 101 -50.81 -14.60 -24.37
CA VAL W 101 -51.11 -13.17 -24.31
C VAL W 101 -52.02 -12.83 -25.46
N ILE W 102 -51.76 -13.47 -26.59
CA ILE W 102 -52.43 -13.19 -27.84
C ILE W 102 -53.86 -13.71 -27.86
N SER W 103 -54.06 -14.98 -27.49
CA SER W 103 -55.41 -15.53 -27.38
C SER W 103 -56.17 -14.88 -26.23
N ALA W 104 -55.47 -14.05 -25.48
CA ALA W 104 -56.05 -13.24 -24.42
C ALA W 104 -56.62 -11.98 -25.06
N PHE W 105 -55.76 -11.26 -25.76
CA PHE W 105 -56.21 -10.14 -26.56
C PHE W 105 -57.49 -10.58 -27.23
N SER W 106 -57.38 -11.68 -27.95
CA SER W 106 -58.49 -12.29 -28.66
C SER W 106 -59.76 -12.26 -27.83
N THR W 107 -59.96 -13.29 -27.00
CA THR W 107 -61.19 -13.44 -26.22
C THR W 107 -61.51 -12.20 -25.37
N MSE W 108 -60.73 -11.14 -25.58
CA MSE W 108 -60.95 -9.90 -24.90
C MSE W 108 -61.38 -8.82 -25.89
O MSE W 108 -62.21 -8.02 -25.64
CB MSE W 108 -59.63 -9.49 -24.20
CG MSE W 108 -59.63 -9.34 -22.66
SE MSE W 108 -59.91 -7.54 -21.94
CE MSE W 108 -60.44 -6.37 -23.42
N MSE W 109 -60.72 -8.83 -27.06
CA MSE W 109 -61.00 -7.88 -28.12
C MSE W 109 -62.40 -8.11 -28.71
O MSE W 109 -63.11 -7.22 -29.00
CB MSE W 109 -59.98 -8.05 -29.26
CG MSE W 109 -58.96 -6.92 -29.50
SE MSE W 109 -59.63 -5.17 -30.06
CE MSE W 109 -61.58 -5.04 -29.92
N SER W 110 -62.72 -9.39 -28.90
CA SER W 110 -63.99 -9.78 -29.47
C SER W 110 -65.10 -9.64 -28.43
N VAL W 111 -64.82 -8.87 -27.40
CA VAL W 111 -65.85 -8.50 -26.46
C VAL W 111 -65.95 -6.98 -26.41
N HIS W 112 -64.88 -6.29 -26.82
CA HIS W 112 -64.93 -4.83 -26.98
C HIS W 112 -65.86 -4.49 -28.14
N ARG W 113 -66.25 -5.53 -28.89
CA ARG W 113 -67.35 -5.45 -29.86
C ARG W 113 -68.56 -6.21 -29.31
N GLY W 114 -69.23 -5.56 -28.38
CA GLY W 114 -70.30 -6.13 -27.57
C GLY W 114 -70.96 -7.44 -27.96
N GLU W 115 -70.34 -8.55 -27.56
CA GLU W 115 -70.98 -9.88 -27.54
C GLU W 115 -70.23 -11.05 -28.18
N VAL W 116 -70.51 -12.22 -27.62
CA VAL W 116 -69.89 -13.49 -27.98
C VAL W 116 -70.66 -14.69 -27.36
N PRO W 117 -71.80 -14.44 -26.68
CA PRO W 117 -72.50 -15.61 -26.08
C PRO W 117 -72.62 -16.77 -27.07
N CYS W 118 -72.80 -18.00 -26.58
CA CYS W 118 -72.74 -19.17 -27.47
C CYS W 118 -73.94 -20.13 -27.38
N THR W 119 -73.84 -21.25 -28.08
CA THR W 119 -75.00 -22.14 -28.30
C THR W 119 -74.92 -23.54 -27.66
N VAL W 120 -75.81 -24.44 -28.14
CA VAL W 120 -75.88 -25.84 -27.72
C VAL W 120 -75.66 -26.76 -28.93
N THR W 121 -75.21 -28.00 -28.69
CA THR W 121 -74.77 -28.96 -29.73
C THR W 121 -74.22 -28.34 -31.04
N THR W 122 -72.92 -28.57 -31.28
CA THR W 122 -72.14 -27.81 -32.27
C THR W 122 -72.28 -26.30 -32.02
N ALA W 123 -71.39 -25.79 -31.17
CA ALA W 123 -71.48 -24.43 -30.64
C ALA W 123 -71.08 -23.36 -31.65
N SER W 124 -71.81 -22.25 -31.61
CA SER W 124 -71.59 -21.13 -32.51
C SER W 124 -72.74 -20.15 -32.39
N ALA W 125 -72.41 -18.89 -32.09
CA ALA W 125 -73.41 -17.83 -32.07
C ALA W 125 -72.75 -16.51 -31.72
N LEU W 126 -71.75 -16.12 -32.51
CA LEU W 126 -71.26 -14.75 -32.46
C LEU W 126 -72.49 -13.85 -32.54
N ASP W 127 -72.72 -13.04 -31.50
CA ASP W 127 -73.98 -12.30 -31.38
C ASP W 127 -73.82 -10.78 -31.19
N GLU W 128 -73.11 -10.10 -32.10
CA GLU W 128 -72.98 -8.65 -32.04
C GLU W 128 -74.29 -7.88 -31.91
N THR W 129 -74.72 -7.58 -30.67
CA THR W 129 -75.88 -6.68 -30.46
C THR W 129 -75.57 -5.55 -29.47
N THR W 130 -76.64 -4.85 -29.07
CA THR W 130 -76.55 -3.82 -28.03
C THR W 130 -77.26 -4.29 -26.77
N LEU W 131 -78.17 -5.26 -26.94
CA LEU W 131 -78.89 -5.87 -25.82
C LEU W 131 -78.70 -7.39 -25.77
N THR W 132 -79.66 -8.07 -25.14
CA THR W 132 -79.58 -9.50 -24.90
C THR W 132 -80.91 -10.18 -25.18
N GLU W 133 -80.83 -11.42 -25.67
CA GLU W 133 -82.01 -12.16 -26.10
C GLU W 133 -82.86 -11.36 -27.08
N LEU W 134 -82.22 -10.37 -27.72
CA LEU W 134 -82.79 -9.66 -28.86
C LEU W 134 -82.79 -10.63 -30.04
N LYS W 135 -81.65 -11.28 -30.23
CA LYS W 135 -81.47 -12.24 -31.30
C LYS W 135 -80.94 -13.57 -30.75
N THR W 136 -81.68 -14.15 -29.82
CA THR W 136 -81.41 -15.52 -29.38
C THR W 136 -82.47 -16.42 -29.97
N VAL W 137 -83.46 -15.80 -30.59
CA VAL W 137 -84.57 -16.51 -31.22
C VAL W 137 -84.46 -16.48 -32.74
N LEU W 138 -83.85 -15.43 -33.29
CA LEU W 138 -83.71 -15.26 -34.75
C LEU W 138 -82.89 -16.35 -35.43
N LYS W 139 -81.69 -16.63 -34.92
CA LYS W 139 -80.87 -17.70 -35.48
C LYS W 139 -81.05 -19.02 -34.71
N SER W 140 -82.19 -19.14 -34.03
CA SER W 140 -82.79 -20.43 -33.71
C SER W 140 -83.98 -20.63 -34.66
N PHE W 141 -83.99 -19.84 -35.73
CA PHE W 141 -84.94 -19.96 -36.85
C PHE W 141 -84.22 -20.60 -38.02
N LEU W 142 -83.00 -20.15 -38.26
CA LEU W 142 -82.13 -20.74 -39.28
C LEU W 142 -82.17 -22.26 -39.14
N SER W 143 -82.17 -22.74 -37.89
CA SER W 143 -82.07 -24.17 -37.58
C SER W 143 -83.41 -24.88 -37.39
N LYS W 144 -84.50 -24.12 -37.31
CA LYS W 144 -85.83 -24.71 -37.22
C LYS W 144 -85.99 -25.75 -38.33
N GLY W 145 -85.16 -25.61 -39.35
CA GLY W 145 -85.05 -26.62 -40.38
C GLY W 145 -83.63 -27.17 -40.47
N GLN W 146 -82.90 -26.71 -41.48
CA GLN W 146 -81.53 -27.15 -41.76
C GLN W 146 -81.17 -28.47 -41.08
N VAL X 63 -91.48 -60.68 2.60
CA VAL X 63 -91.51 -61.46 1.38
C VAL X 63 -92.49 -60.83 0.37
N GLN X 64 -93.14 -59.76 0.80
CA GLN X 64 -94.07 -59.04 -0.04
C GLN X 64 -93.52 -57.63 -0.22
N ASN X 65 -92.65 -57.23 0.70
CA ASN X 65 -92.03 -55.92 0.67
C ASN X 65 -91.00 -55.79 -0.44
N MSE X 66 -90.10 -56.77 -0.52
CA MSE X 66 -89.10 -56.78 -1.58
C MSE X 66 -89.80 -57.04 -2.92
O MSE X 66 -89.24 -56.79 -3.94
CB MSE X 66 -87.98 -57.81 -1.34
CG MSE X 66 -87.66 -58.81 -2.47
SE MSE X 66 -87.00 -60.59 -2.00
CE MSE X 66 -88.30 -61.96 -2.49
N MSE X 67 -91.01 -57.56 -2.85
CA MSE X 67 -91.72 -57.98 -4.06
C MSE X 67 -92.47 -56.83 -4.76
O MSE X 67 -92.50 -56.77 -5.94
CB MSE X 67 -92.67 -59.17 -3.81
CG MSE X 67 -92.08 -60.60 -3.89
SE MSE X 67 -90.74 -60.99 -5.28
CE MSE X 67 -90.87 -59.73 -6.76
N ARG X 68 -93.08 -55.96 -3.97
CA ARG X 68 -93.83 -54.85 -4.52
C ARG X 68 -92.88 -53.75 -4.98
N GLN X 69 -91.71 -53.69 -4.35
CA GLN X 69 -90.71 -52.71 -4.72
C GLN X 69 -89.94 -53.17 -5.96
N LYS X 70 -89.24 -54.31 -5.84
CA LYS X 70 -88.45 -54.84 -6.94
C LYS X 70 -89.22 -54.83 -8.26
N GLU X 71 -90.42 -55.40 -8.22
CA GLU X 71 -91.29 -55.38 -9.40
C GLU X 71 -91.47 -53.95 -9.88
N GLN X 72 -91.82 -53.06 -8.95
CA GLN X 72 -92.05 -51.66 -9.29
C GLN X 72 -90.77 -50.92 -9.65
N GLU X 73 -89.63 -51.58 -9.48
CA GLU X 73 -88.37 -51.09 -10.02
C GLU X 73 -88.40 -51.35 -11.52
N HIS X 74 -88.38 -52.63 -11.86
CA HIS X 74 -88.45 -53.08 -13.24
C HIS X 74 -89.63 -52.42 -13.94
N MSE X 75 -90.63 -52.01 -13.16
CA MSE X 75 -91.85 -51.44 -13.72
C MSE X 75 -91.68 -49.98 -14.14
O MSE X 75 -92.08 -49.60 -15.19
CB MSE X 75 -93.04 -51.60 -12.74
CG MSE X 75 -94.47 -51.43 -13.28
SE MSE X 75 -95.98 -52.21 -12.27
CE MSE X 75 -96.55 -51.03 -10.83
N ILE X 76 -91.12 -49.17 -13.25
CA ILE X 76 -90.89 -47.76 -13.55
C ILE X 76 -89.64 -47.61 -14.39
N ASN X 77 -88.72 -48.57 -14.27
CA ASN X 77 -87.52 -48.58 -15.09
C ASN X 77 -87.86 -48.98 -16.52
N TRP X 78 -88.77 -49.95 -16.64
CA TRP X 78 -89.25 -50.38 -17.95
C TRP X 78 -89.76 -49.16 -18.71
N VAL X 79 -90.20 -48.16 -17.96
CA VAL X 79 -90.61 -46.90 -18.54
C VAL X 79 -89.48 -46.29 -19.35
N GLU X 80 -88.28 -46.28 -18.77
CA GLU X 80 -87.12 -45.69 -19.44
C GLU X 80 -86.94 -46.23 -20.85
N LYS X 81 -86.72 -47.54 -20.96
CA LYS X 81 -86.38 -48.15 -22.25
C LYS X 81 -87.49 -48.10 -23.31
N ARG X 82 -88.72 -47.84 -22.88
CA ARG X 82 -89.81 -47.66 -23.83
C ARG X 82 -89.98 -46.19 -24.24
N VAL X 83 -89.35 -45.29 -23.50
CA VAL X 83 -89.38 -43.87 -23.84
C VAL X 83 -88.11 -43.48 -24.62
N VAL X 84 -87.03 -44.23 -24.42
CA VAL X 84 -85.82 -44.08 -25.22
C VAL X 84 -86.07 -44.68 -26.60
N GLN X 85 -87.08 -45.55 -26.66
CA GLN X 85 -87.52 -46.12 -27.94
C GLN X 85 -88.53 -45.19 -28.62
N SER X 86 -89.18 -44.34 -27.83
CA SER X 86 -90.20 -43.43 -28.36
C SER X 86 -89.62 -42.21 -29.06
N ILE X 87 -88.50 -41.72 -28.55
CA ILE X 87 -87.84 -40.56 -29.14
C ILE X 87 -86.83 -40.97 -30.22
N SER X 88 -86.02 -41.97 -29.93
CA SER X 88 -85.03 -42.46 -30.90
C SER X 88 -85.73 -42.97 -32.17
N THR X 95 -90.30 -33.97 -34.04
CA THR X 95 -91.12 -32.79 -34.24
C THR X 95 -91.57 -32.23 -32.89
N ILE X 96 -91.99 -33.12 -31.99
CA ILE X 96 -92.35 -32.72 -30.64
C ILE X 96 -91.08 -32.34 -29.86
N ALA X 97 -90.00 -32.17 -30.61
CA ALA X 97 -88.74 -31.67 -30.07
C ALA X 97 -88.68 -30.16 -30.24
N LYS X 98 -88.41 -29.71 -31.46
CA LYS X 98 -88.37 -28.28 -31.77
C LYS X 98 -89.55 -27.56 -31.11
N CYS X 99 -90.65 -28.29 -30.90
CA CYS X 99 -91.87 -27.76 -30.30
C CYS X 99 -91.64 -27.19 -28.90
N ILE X 100 -91.90 -28.03 -27.91
CA ILE X 100 -91.81 -27.66 -26.51
C ILE X 100 -90.59 -26.81 -26.17
N ALA X 101 -89.52 -26.96 -26.96
CA ALA X 101 -88.25 -26.29 -26.68
C ALA X 101 -88.21 -24.82 -27.09
N ASP X 102 -88.81 -24.48 -28.22
CA ASP X 102 -88.88 -23.09 -28.65
C ASP X 102 -89.77 -22.29 -27.71
N LEU X 103 -90.50 -23.01 -26.87
CA LEU X 103 -91.33 -22.41 -25.83
C LEU X 103 -90.49 -22.14 -24.58
N LYS X 104 -89.17 -22.11 -24.77
CA LYS X 104 -88.22 -21.79 -23.70
C LYS X 104 -87.76 -20.35 -23.85
N LEU X 105 -87.00 -20.10 -24.91
CA LEU X 105 -86.52 -18.76 -25.25
C LEU X 105 -87.53 -17.70 -24.85
N LEU X 106 -88.75 -17.90 -25.32
CA LEU X 106 -89.85 -16.97 -25.11
C LEU X 106 -90.04 -16.65 -23.63
N SER X 107 -90.75 -17.53 -22.93
CA SER X 107 -91.09 -17.36 -21.53
C SER X 107 -89.99 -16.64 -20.73
N LYS X 108 -88.79 -17.21 -20.73
CA LYS X 108 -87.68 -16.64 -19.97
C LYS X 108 -87.64 -15.11 -20.12
N LYS X 109 -87.50 -14.63 -21.36
CA LYS X 109 -87.47 -13.20 -21.60
C LYS X 109 -88.72 -12.52 -21.04
N ARG Y 16 -100.97 -42.46 -20.26
CA ARG Y 16 -100.46 -43.63 -20.95
C ARG Y 16 -99.15 -44.08 -20.29
N GLU Y 17 -98.61 -43.22 -19.44
CA GLU Y 17 -97.44 -43.53 -18.62
C GLU Y 17 -97.87 -44.49 -17.51
N TYR Y 18 -98.62 -43.95 -16.55
CA TYR Y 18 -99.13 -44.73 -15.42
C TYR Y 18 -100.35 -45.58 -15.81
N ARG Y 19 -100.56 -45.78 -17.11
CA ARG Y 19 -101.78 -46.42 -17.58
C ARG Y 19 -101.67 -47.91 -17.96
N THR Y 20 -101.04 -48.22 -19.09
CA THR Y 20 -100.89 -49.61 -19.52
C THR Y 20 -99.97 -50.36 -18.57
N LYS Y 21 -99.72 -49.75 -17.42
CA LYS Y 21 -98.83 -50.31 -16.40
C LYS Y 21 -99.59 -51.16 -15.39
N ARG Y 22 -100.88 -50.89 -15.25
CA ARG Y 22 -101.70 -51.62 -14.28
C ARG Y 22 -102.55 -52.69 -14.96
N GLN Y 23 -102.44 -52.77 -16.27
CA GLN Y 23 -103.14 -53.80 -17.02
C GLN Y 23 -102.58 -55.19 -16.70
N LEU Y 39 -83.45 -62.66 -9.46
CA LEU Y 39 -84.75 -62.64 -8.82
C LEU Y 39 -84.63 -63.13 -7.37
N ASP Y 40 -83.52 -63.79 -7.06
CA ASP Y 40 -83.35 -64.45 -5.77
C ASP Y 40 -82.27 -63.81 -4.89
N ARG Y 41 -81.65 -62.73 -5.37
CA ARG Y 41 -80.53 -62.12 -4.65
C ARG Y 41 -80.90 -61.35 -3.38
N GLU Y 42 -81.99 -61.75 -2.73
CA GLU Y 42 -82.39 -61.23 -1.42
C GLU Y 42 -83.22 -62.24 -0.63
N LEU Y 43 -83.15 -63.50 -1.04
CA LEU Y 43 -83.90 -64.58 -0.39
C LEU Y 43 -83.00 -65.38 0.55
N PHE Y 44 -81.89 -64.77 0.97
CA PHE Y 44 -80.90 -65.44 1.82
C PHE Y 44 -80.49 -64.56 3.00
N LYS Y 45 -80.05 -63.33 2.71
CA LYS Y 45 -79.61 -62.39 3.74
C LYS Y 45 -80.80 -61.80 4.51
N LEU Y 46 -81.96 -62.46 4.38
CA LEU Y 46 -83.15 -62.16 5.19
C LEU Y 46 -83.58 -63.40 5.97
N LYS Y 47 -83.23 -64.58 5.45
CA LYS Y 47 -83.50 -65.84 6.12
C LYS Y 47 -82.95 -65.84 7.56
PG ANP Z . 15.78 28.57 -9.15
O1G ANP Z . 15.96 29.91 -8.59
O2G ANP Z . 15.11 27.60 -7.97
O3G ANP Z . 17.22 27.96 -9.73
PB ANP Z . 13.94 27.15 -10.64
O1B ANP Z . 14.75 26.23 -11.73
O2B ANP Z . 13.87 26.53 -9.32
N3B ANP Z . 14.72 28.66 -10.48
PA ANP Z . 11.33 28.21 -10.38
O1A ANP Z . 11.92 28.81 -9.19
O2A ANP Z . 10.13 27.16 -9.95
O3A ANP Z . 12.43 27.35 -11.25
O5' ANP Z . 10.72 29.36 -11.38
C5' ANP Z . 10.80 30.70 -10.99
C4' ANP Z . 9.64 31.57 -11.49
O4' ANP Z . 8.94 31.14 -12.69
C3' ANP Z . 8.58 31.97 -10.46
O3' ANP Z . 8.58 33.24 -9.91
C2' ANP Z . 7.23 31.53 -11.04
O2' ANP Z . 6.13 32.28 -10.59
C1' ANP Z . 7.55 31.39 -12.52
N9 ANP Z . 6.81 30.25 -13.08
C8 ANP Z . 7.02 28.91 -12.78
N7 ANP Z . 6.12 28.17 -13.49
C5 ANP Z . 5.31 29.04 -14.25
C6 ANP Z . 4.22 28.78 -15.14
N6 ANP Z . 3.79 27.39 -15.37
N1 ANP Z . 3.58 29.86 -15.78
C2 ANP Z . 4.02 31.18 -15.51
N3 ANP Z . 5.08 31.44 -14.64
C4 ANP Z . 5.74 30.33 -14.00
MG MG AA . 14.59 25.53 -7.73
PG ANP BA . 44.14 1.74 -38.23
O1G ANP BA . 44.48 3.00 -37.53
O2G ANP BA . 45.43 0.69 -38.23
O3G ANP BA . 42.81 1.05 -37.49
PB ANP BA . 44.94 2.84 -40.78
O1B ANP BA . 44.74 4.45 -40.83
O2B ANP BA . 46.27 2.52 -40.28
N3B ANP BA . 43.71 2.12 -39.85
PA ANP BA . 44.54 0.60 -42.58
O1A ANP BA . 44.84 0.26 -43.97
O2A ANP BA . 45.52 -0.33 -41.64
O3A ANP BA . 44.79 2.23 -42.32
O5' ANP BA . 42.95 0.23 -42.20
C5' ANP BA . 41.84 0.53 -43.01
C4' ANP BA . 41.67 -0.24 -44.33
O4' ANP BA . 41.14 0.52 -45.46
C3' ANP BA . 40.88 -1.57 -44.52
O3' ANP BA . 40.92 -2.66 -43.65
C2' ANP BA . 40.98 -1.82 -46.03
O2' ANP BA . 40.09 -2.76 -46.57
C1' ANP BA . 41.03 -0.39 -46.56
N9 ANP BA . 42.17 -0.07 -47.44
C8 ANP BA . 43.44 0.32 -47.01
N7 ANP BA . 44.20 0.61 -48.11
C5 ANP BA . 43.39 0.40 -49.25
C6 ANP BA . 43.68 0.57 -50.65
N6 ANP BA . 45.02 1.01 -51.07
N1 ANP BA . 42.66 0.30 -51.58
C2 ANP BA . 41.36 -0.13 -51.16
N3 ANP BA . 41.09 -0.28 -49.79
C4 ANP BA . 42.13 0.00 -48.82
MG MG CA . 47.57 1.52 -38.43
PG ANP DA . 54.28 46.94 -27.55
O1G ANP DA . 53.19 46.23 -26.89
O2G ANP DA . 55.10 47.81 -26.41
O3G ANP DA . 55.24 45.85 -28.37
PB ANP DA . 52.26 48.77 -28.14
O1B ANP DA . 50.94 47.79 -28.03
O2B ANP DA . 52.60 49.37 -26.86
N3B ANP DA . 53.61 47.94 -28.76
PA ANP DA . 53.09 51.01 -29.54
O1A ANP DA . 52.97 52.17 -28.65
O2A ANP DA . 54.56 50.29 -29.25
O3A ANP DA . 51.89 49.93 -29.25
O5' ANP DA . 52.93 51.44 -31.13
C5' ANP DA . 53.04 50.45 -32.12
C4' ANP DA . 53.41 51.02 -33.49
O4' ANP DA . 52.33 51.72 -34.15
C3' ANP DA . 54.65 51.95 -33.58
O3' ANP DA . 55.93 51.49 -33.87
C2' ANP DA . 54.16 53.32 -34.10
O2' ANP DA . 55.05 54.10 -34.88
C1' ANP DA . 52.75 53.02 -34.57
N9 ANP DA . 51.76 54.03 -34.11
C8 ANP DA . 51.36 54.30 -32.81
N7 ANP DA . 50.44 55.32 -32.85
C5 ANP DA . 50.26 55.69 -34.19
C6 ANP DA . 49.43 56.68 -34.82
N6 ANP DA . 48.55 57.52 -34.00
N1 ANP DA . 49.45 56.83 -36.21
C2 ANP DA . 50.29 56.01 -37.01
N3 ANP DA . 51.09 55.05 -36.40
C4 ANP DA . 51.07 54.89 -34.98
MG MG EA . 54.06 49.42 -25.08
PB ADP FA . 30.48 48.73 -12.22
O1B ADP FA . 29.30 47.95 -12.52
O2B ADP FA . 30.54 49.32 -10.68
O3B ADP FA . 31.82 47.77 -12.34
PA ADP FA . 29.85 51.39 -13.01
O1A ADP FA . 30.82 52.00 -12.10
O2A ADP FA . 28.39 51.29 -12.27
O3A ADP FA . 30.35 49.87 -13.41
O5' ADP FA . 29.62 52.35 -14.32
C5' ADP FA . 30.54 52.31 -15.35
C4' ADP FA . 30.11 53.12 -16.55
O4' ADP FA . 28.86 52.79 -17.18
C3' ADP FA . 29.96 54.61 -16.23
O3' ADP FA . 31.12 55.31 -15.89
C2' ADP FA . 29.11 55.12 -17.38
O2' ADP FA . 29.79 55.78 -18.42
C1' ADP FA . 28.21 53.95 -17.66
N9 ADP FA . 26.95 54.11 -16.96
C8 ADP FA . 26.66 53.51 -15.73
N7 ADP FA . 25.44 53.87 -15.37
C5 ADP FA . 24.93 54.68 -16.35
C6 ADP FA . 23.73 55.32 -16.45
N6 ADP FA . 22.76 55.16 -15.38
N1 ADP FA . 23.44 56.11 -17.55
C2 ADP FA . 24.38 56.25 -18.55
N3 ADP FA . 25.57 55.62 -18.45
C4 ADP FA . 25.88 54.81 -17.32
MG MG GA . 31.82 49.89 -9.02
PG ANP HA . 60.02 22.98 -39.13
O1G ANP HA . 59.58 21.60 -39.30
O2G ANP HA . 61.50 23.17 -39.86
O3G ANP HA . 60.25 23.35 -37.52
PB ANP HA . 59.75 25.07 -40.90
O1B ANP HA . 59.51 26.60 -40.41
O2B ANP HA . 61.18 24.80 -40.69
N3B ANP HA . 58.89 24.01 -39.88
PA ANP HA . 60.44 24.73 -43.64
O1A ANP HA . 61.37 23.68 -43.26
O2A ANP HA . 61.22 26.16 -43.85
O3A ANP HA . 59.28 24.91 -42.47
O5' ANP HA . 59.77 24.33 -45.08
C5' ANP HA . 58.61 23.57 -45.02
C4' ANP HA . 58.16 22.95 -46.34
O4' ANP HA . 57.06 23.60 -47.06
C3' ANP HA . 59.27 22.79 -47.38
O3' ANP HA . 60.15 21.72 -47.22
C2' ANP HA . 58.56 23.08 -48.73
O2' ANP HA . 58.20 21.98 -49.52
C1' ANP HA . 57.48 24.05 -48.34
N9 ANP HA . 57.99 25.42 -48.22
C8 ANP HA . 58.53 25.97 -47.04
N7 ANP HA . 58.94 27.25 -47.29
C5 ANP HA . 58.64 27.53 -48.62
C6 ANP HA . 58.87 28.71 -49.36
N6 ANP HA . 59.45 29.84 -48.67
N1 ANP HA . 58.50 28.77 -50.70
C2 ANP HA . 57.89 27.64 -51.29
N3 ANP HA . 57.66 26.48 -50.57
C4 ANP HA . 58.05 26.42 -49.20
MG MG IA . 63.04 24.32 -38.88
PG ANP JA . -39.68 -1.60 33.66
O1G ANP JA . -40.49 -0.40 33.79
O2G ANP JA . -38.34 -1.29 32.73
O3G ANP JA . -40.61 -2.82 33.01
PB ANP JA . -37.51 -2.04 35.44
O1B ANP JA . -36.71 -3.46 35.21
O2B ANP JA . -36.96 -0.97 34.60
N3B ANP JA . -39.20 -2.16 35.20
PA ANP JA . -37.68 -0.22 37.56
O1A ANP JA . -38.76 0.30 36.72
O2A ANP JA . -36.26 0.61 37.42
O3A ANP JA . -37.38 -1.76 37.05
O5' ANP JA . -38.19 -0.28 39.13
C5' ANP JA . -39.48 -0.75 39.40
C4' ANP JA . -39.92 -0.49 40.84
O4' ANP JA . -38.91 -0.77 41.88
C3' ANP JA . -40.37 0.96 41.15
O3' ANP JA . -41.51 1.17 41.94
C2' ANP JA . -38.98 1.51 41.53
O2' ANP JA . -38.71 2.89 41.62
C1' ANP JA . -38.52 0.45 42.50
N9 ANP JA . -37.07 0.48 42.80
C8 ANP JA . -36.04 0.59 41.87
N7 ANP JA . -34.84 0.61 42.53
C5 ANP JA . -35.11 0.52 43.90
C6 ANP JA . -34.23 0.50 45.04
N6 ANP JA . -32.78 0.54 44.83
N1 ANP JA . -34.75 0.41 46.33
C2 ANP JA . -36.15 0.32 46.50
N3 ANP JA . -37.01 0.34 45.38
C4 ANP JA . -36.47 0.43 44.06
MG MG KA . -37.75 0.76 32.90
PG ANP LA . -18.65 -43.45 18.90
O1G ANP LA . -20.05 -43.17 18.54
O2G ANP LA . -17.88 -44.29 17.69
O3G ANP LA . -17.84 -42.00 19.16
PB ANP LA . -19.44 -45.87 20.02
O1B ANP LA . -20.91 -45.93 20.70
O2B ANP LA . -19.60 -46.05 18.56
N3B ANP LA . -18.65 -44.40 20.32
PA ANP LA . -16.96 -47.33 20.15
O1A ANP LA . -16.79 -48.63 19.52
O2A ANP LA . -16.45 -46.15 19.10
O3A ANP LA . -18.54 -47.11 20.62
O5' ANP LA . -16.03 -47.31 21.54
C5' ANP LA . -15.92 -46.15 22.30
C4' ANP LA . -14.52 -45.93 22.89
O4' ANP LA . -14.31 -46.44 24.24
C3' ANP LA . -13.33 -46.44 22.04
O3' ANP LA . -12.86 -45.71 20.94
C2' ANP LA . -12.36 -47.13 23.04
O2' ANP LA . -11.08 -46.56 23.26
C1' ANP LA . -13.27 -47.43 24.22
N9 ANP LA . -13.81 -48.81 24.23
C8 ANP LA . -14.67 -49.37 23.25
N7 ANP LA . -14.95 -50.67 23.60
C5 ANP LA . -14.28 -50.95 24.81
C6 ANP LA . -14.21 -52.15 25.61
N6 ANP LA . -14.95 -53.33 25.16
N1 ANP LA . -13.45 -52.17 26.78
C2 ANP LA . -12.74 -51.01 27.18
N3 ANP LA . -12.80 -49.85 26.41
C4 ANP LA . -13.57 -49.81 25.19
MG MG MA . -18.82 -45.62 16.27
PG ANP NA . -65.42 -39.72 24.92
O1G ANP NA . -64.95 -40.95 24.31
O2G ANP NA . -66.75 -39.15 24.09
O3G ANP NA . -64.16 -38.61 24.84
PB ANP NA . -66.50 -38.73 27.34
O1B ANP NA . -65.46 -37.47 27.47
O2B ANP NA . -67.64 -38.33 26.52
N3B ANP NA . -65.84 -40.09 26.53
PA ANP NA . -67.88 -40.53 29.04
O1A ANP NA . -67.69 -41.34 27.83
O2A ANP NA . -69.47 -40.13 29.23
O3A ANP NA . -66.91 -39.20 28.89
O5' ANP NA . -67.50 -41.50 30.31
C5' ANP NA . -67.04 -42.74 29.86
C4' ANP NA . -67.38 -43.94 30.73
O4' ANP NA . -67.64 -43.62 32.10
C3' ANP NA . -68.49 -44.91 30.28
O3' ANP NA . -68.10 -46.16 29.80
C2' ANP NA . -69.61 -44.74 31.33
O2' ANP NA . -70.47 -45.84 31.52
C1' ANP NA . -68.86 -44.18 32.53
N9 ANP NA . -69.49 -43.09 33.29
C8 ANP NA . -69.73 -41.75 32.90
N7 ANP NA . -70.22 -41.06 33.98
C5 ANP NA . -70.28 -41.98 35.07
C6 ANP NA . -70.69 -41.83 36.43
N6 ANP NA . -71.17 -40.53 36.91
N1 ANP NA . -70.63 -42.94 37.29
C2 ANP NA . -70.16 -44.19 36.84
N3 ANP NA . -69.75 -44.34 35.52
C4 ANP NA . -69.80 -43.21 34.63
MG MG OA . -68.87 -38.57 24.37
PB ADP PA . -62.60 -12.88 33.87
O1B ADP PA . -61.32 -12.27 34.18
O2B ADP PA . -63.69 -11.66 33.54
O3B ADP PA . -62.49 -13.93 32.57
PA ADP PA . -64.40 -13.11 36.07
O1A ADP PA . -65.53 -12.99 35.15
O2A ADP PA . -64.00 -11.65 36.71
O3A ADP PA . -63.11 -13.69 35.22
O5' ADP PA . -64.80 -14.02 37.35
C5' ADP PA . -65.86 -14.92 37.27
C4' ADP PA . -65.85 -15.83 38.47
O4' ADP PA . -64.80 -15.49 39.37
C3' ADP PA . -67.11 -15.89 39.37
O3' ADP PA . -68.19 -16.69 38.94
C2' ADP PA . -66.60 -15.96 40.82
O2' ADP PA . -66.82 -17.15 41.54
C1' ADP PA . -65.20 -15.45 40.72
N9 ADP PA . -64.86 -14.15 41.32
C8 ADP PA . -64.16 -13.10 40.68
N7 ADP PA . -63.98 -12.09 41.51
C5 ADP PA . -64.56 -12.46 42.70
C6 ADP PA . -64.68 -11.78 43.90
N6 ADP PA . -64.16 -10.43 43.98
N1 ADP PA . -65.30 -12.38 44.99
C2 ADP PA . -65.83 -13.69 44.86
N3 ADP PA . -65.73 -14.37 43.69
C4 ADP PA . -65.09 -13.74 42.58
MG MG QA . -64.52 -11.19 31.73
PG ANP RA . -43.37 -53.11 17.08
O1G ANP RA . -42.02 -52.93 16.58
O2G ANP RA . -44.47 -53.16 15.83
O3G ANP RA . -43.78 -51.89 18.12
PB ANP RA . -44.66 -54.43 19.08
O1B ANP RA . -45.15 -52.95 19.54
O2B ANP RA . -45.68 -55.08 18.25
N3B ANP RA . -43.29 -54.47 18.08
PA ANP RA . -44.01 -56.80 20.16
O1A ANP RA . -43.52 -56.90 18.79
O2A ANP RA . -45.42 -57.63 20.37
O3A ANP RA . -44.28 -55.23 20.46
O5' ANP RA . -42.96 -57.44 21.23
C5' ANP RA . -41.67 -56.98 21.45
C4' ANP RA . -41.17 -57.67 22.72
O4' ANP RA . -42.02 -57.53 23.90
C3' ANP RA . -41.01 -59.20 22.61
O3' ANP RA . -40.04 -59.66 21.75
C2' ANP RA . -40.98 -59.66 24.07
O2' ANP RA . -39.70 -59.82 24.63
C1' ANP RA . -41.92 -58.68 24.73
N9 ANP RA . -43.28 -59.18 24.97
C8 ANP RA . -44.42 -58.80 24.26
N7 ANP RA . -45.49 -59.47 24.80
C5 ANP RA . -45.01 -60.26 25.86
C6 ANP RA . -45.68 -61.15 26.76
N6 ANP RA . -47.11 -61.39 26.68
N1 ANP RA . -44.98 -61.83 27.74
C2 ANP RA . -43.58 -61.61 27.84
N3 ANP RA . -42.92 -60.75 26.96
C4 ANP RA . -43.66 -60.06 25.96
MG MG SA . -45.73 -54.90 15.51
#